data_5GJJ
#
_entry.id   5GJJ
#
_entity_poly.entity_id   1
_entity_poly.type   'polypeptide(L)'
_entity_poly.pdbx_seq_one_letter_code
;SENVQDLLLLDVAPLSLGLETAGGVMTALIKRNSTIPTKQTQIFTTYSDNQPGVLIQVYEGERAMTKDNNLLGRFELSGI
PPAPRGVPQIEVTFDIDANGILNVTATDKSTGKANKITITNDKGRLSKEEIERMVQEAEKYKAEDEVQRERVSAKNALES
YAFNMKSAVEDEGLKGKISEADKKKVLDK(SMC)QEVISWLDANTLAEKDEFEHKRKELEQV(SMC)NPIISGLYQGAGG
PGPGGFGAQGPKGGSGSGPTIEEVD
;
_entity_poly.pdbx_strand_id   A
#
# COMPACT_ATOMS: atom_id res chain seq x y z
N SER A 1 -21.49 8.95 26.00
CA SER A 1 -20.49 8.65 27.00
C SER A 1 -19.35 7.87 26.36
N GLU A 2 -19.64 6.65 25.94
CA GLU A 2 -18.72 5.86 25.15
C GLU A 2 -18.58 6.53 23.79
N ASN A 3 -19.69 7.04 23.33
CA ASN A 3 -19.76 7.85 22.14
C ASN A 3 -19.69 9.30 22.56
N VAL A 4 -18.80 10.01 21.94
CA VAL A 4 -18.64 11.44 22.13
C VAL A 4 -18.39 12.03 20.77
N GLN A 5 -19.39 12.64 20.21
CA GLN A 5 -19.29 13.21 18.90
C GLN A 5 -20.08 14.49 18.80
N ASP A 6 -19.64 15.36 17.95
CA ASP A 6 -20.29 16.63 17.76
C ASP A 6 -20.04 17.10 16.34
N LEU A 7 -18.84 17.57 16.11
CA LEU A 7 -18.35 17.96 14.81
C LEU A 7 -16.94 18.44 15.04
N LEU A 8 -16.13 18.49 13.97
CA LEU A 8 -14.72 18.86 14.05
C LEU A 8 -14.00 17.86 14.97
N LEU A 9 -12.80 18.22 15.40
CA LEU A 9 -11.99 17.43 16.35
C LEU A 9 -11.34 16.23 15.66
N LEU A 10 -12.15 15.42 15.01
CA LEU A 10 -11.67 14.30 14.27
C LEU A 10 -11.28 14.85 12.89
N ASP A 11 -10.24 15.63 12.90
CA ASP A 11 -9.65 16.26 11.74
C ASP A 11 -8.24 15.74 11.69
N VAL A 12 -8.13 14.48 11.98
CA VAL A 12 -6.88 13.81 12.08
C VAL A 12 -6.87 12.63 11.14
N ALA A 13 -5.75 11.96 11.10
CA ALA A 13 -5.61 10.76 10.32
C ALA A 13 -6.21 9.62 11.14
N PRO A 14 -7.23 8.93 10.62
CA PRO A 14 -7.88 7.82 11.33
C PRO A 14 -7.03 6.54 11.31
N LEU A 15 -6.19 6.44 10.33
CA LEU A 15 -5.33 5.30 10.12
C LEU A 15 -3.90 5.72 10.17
N SER A 16 -3.04 4.78 10.39
CA SER A 16 -1.66 4.99 10.27
C SER A 16 -1.27 4.58 8.86
N LEU A 17 -0.88 5.54 8.09
CA LEU A 17 -0.56 5.31 6.71
C LEU A 17 0.89 5.01 6.60
N GLY A 18 1.20 3.98 5.89
CA GLY A 18 2.55 3.57 5.77
C GLY A 18 2.85 3.01 4.42
N LEU A 19 4.08 2.65 4.25
CA LEU A 19 4.55 2.10 3.01
C LEU A 19 5.22 0.78 3.26
N GLU A 20 5.33 0.00 2.22
CA GLU A 20 6.12 -1.20 2.26
C GLU A 20 7.50 -0.67 1.98
N THR A 21 8.38 -0.81 2.89
CA THR A 21 9.66 -0.24 2.76
C THR A 21 10.71 -1.30 2.56
N ALA A 22 11.40 -1.67 3.61
CA ALA A 22 12.38 -2.71 3.48
C ALA A 22 11.67 -4.03 3.60
N GLY A 23 12.34 -5.09 3.18
CA GLY A 23 11.74 -6.41 3.15
C GLY A 23 11.34 -6.90 4.51
N GLY A 24 10.11 -6.63 4.84
CA GLY A 24 9.56 -7.05 6.10
C GLY A 24 9.44 -5.89 7.07
N VAL A 25 9.45 -4.68 6.56
CA VAL A 25 9.36 -3.51 7.40
C VAL A 25 8.29 -2.57 6.89
N MET A 26 7.26 -2.39 7.68
CA MET A 26 6.25 -1.42 7.36
C MET A 26 6.57 -0.12 8.07
N THR A 27 6.85 0.90 7.33
CA THR A 27 7.12 2.19 7.90
C THR A 27 5.86 3.04 7.78
N ALA A 28 5.26 3.36 8.92
CA ALA A 28 4.07 4.19 8.95
C ALA A 28 4.47 5.63 9.16
N LEU A 29 4.45 6.39 8.09
CA LEU A 29 4.90 7.77 8.12
C LEU A 29 3.88 8.66 8.84
N ILE A 30 2.63 8.55 8.47
CA ILE A 30 1.63 9.37 9.10
C ILE A 30 0.80 8.49 9.96
N LYS A 31 1.01 8.59 11.24
CA LYS A 31 0.33 7.77 12.17
C LYS A 31 -1.01 8.39 12.55
N ARG A 32 -1.96 7.57 12.96
CA ARG A 32 -3.30 8.01 13.35
C ARG A 32 -3.27 9.02 14.49
N ASN A 33 -4.35 9.77 14.60
CA ASN A 33 -4.57 10.78 15.64
C ASN A 33 -3.72 12.01 15.42
N SER A 34 -3.03 12.06 14.30
CA SER A 34 -2.25 13.21 13.94
C SER A 34 -3.12 14.13 13.10
N THR A 35 -3.23 15.39 13.50
CA THR A 35 -4.08 16.33 12.81
C THR A 35 -3.56 16.68 11.43
N ILE A 36 -4.46 16.68 10.48
CA ILE A 36 -4.14 16.97 9.12
C ILE A 36 -4.40 18.46 8.86
N PRO A 37 -3.73 19.10 7.88
CA PRO A 37 -2.75 18.47 6.98
C PRO A 37 -1.50 17.94 7.70
N THR A 38 -1.12 16.75 7.36
CA THR A 38 0.05 16.09 7.86
C THR A 38 1.07 15.99 6.77
N LYS A 39 2.31 15.75 7.13
CA LYS A 39 3.34 15.49 6.14
C LYS A 39 4.57 14.93 6.80
N GLN A 40 5.24 14.11 6.06
CA GLN A 40 6.46 13.43 6.45
C GLN A 40 7.31 13.26 5.20
N THR A 41 8.46 13.83 5.17
CA THR A 41 9.35 13.64 4.07
C THR A 41 10.54 12.83 4.55
N GLN A 42 10.70 11.65 4.00
CA GLN A 42 11.78 10.79 4.41
C GLN A 42 12.54 10.32 3.19
N ILE A 43 13.84 10.23 3.30
CA ILE A 43 14.67 9.76 2.22
C ILE A 43 14.96 8.29 2.42
N PHE A 44 14.65 7.52 1.43
CA PHE A 44 14.88 6.11 1.46
C PHE A 44 15.97 5.75 0.47
N THR A 45 16.53 4.61 0.67
CA THR A 45 17.55 4.06 -0.18
C THR A 45 17.16 2.63 -0.51
N THR A 46 17.84 1.97 -1.39
CA THR A 46 17.49 0.58 -1.63
C THR A 46 18.63 -0.34 -1.18
N TYR A 47 18.30 -1.47 -0.54
CA TYR A 47 19.33 -2.48 -0.27
C TYR A 47 19.46 -3.27 -1.54
N SER A 48 18.32 -3.50 -2.15
CA SER A 48 18.22 -4.09 -3.44
C SER A 48 18.86 -3.16 -4.50
N ASP A 49 20.10 -3.48 -4.83
CA ASP A 49 20.89 -2.73 -5.79
C ASP A 49 20.50 -3.06 -7.20
N ASN A 50 20.87 -2.16 -8.11
CA ASN A 50 20.64 -2.33 -9.56
C ASN A 50 19.18 -2.40 -9.96
N GLN A 51 18.29 -1.89 -9.16
CA GLN A 51 16.89 -1.88 -9.51
C GLN A 51 16.53 -0.55 -10.17
N PRO A 52 16.16 -0.54 -11.48
CA PRO A 52 15.83 0.70 -12.21
C PRO A 52 14.41 1.20 -11.93
N GLY A 53 13.66 0.39 -11.22
CA GLY A 53 12.31 0.73 -10.89
C GLY A 53 11.93 0.15 -9.57
N VAL A 54 11.44 0.98 -8.70
CA VAL A 54 11.05 0.58 -7.37
C VAL A 54 9.54 0.71 -7.21
N LEU A 55 9.00 0.01 -6.23
CA LEU A 55 7.58 -0.01 -6.01
C LEU A 55 7.21 0.69 -4.72
N ILE A 56 6.43 1.75 -4.83
CA ILE A 56 5.93 2.45 -3.69
C ILE A 56 4.48 2.06 -3.53
N GLN A 57 4.17 1.45 -2.43
CA GLN A 57 2.84 0.96 -2.16
C GLN A 57 2.39 1.38 -0.77
N VAL A 58 1.20 1.95 -0.69
CA VAL A 58 0.67 2.53 0.54
C VAL A 58 -0.28 1.56 1.24
N TYR A 59 -0.03 1.33 2.50
CA TYR A 59 -0.81 0.44 3.33
C TYR A 59 -1.32 1.17 4.57
N GLU A 60 -2.43 0.72 5.11
CA GLU A 60 -3.01 1.33 6.31
C GLU A 60 -3.02 0.35 7.42
N GLY A 61 -2.67 0.83 8.59
CA GLY A 61 -2.65 0.01 9.75
C GLY A 61 -1.26 -0.06 10.28
N GLU A 62 -0.96 -1.09 10.99
CA GLU A 62 0.37 -1.35 11.49
C GLU A 62 0.59 -2.81 11.67
N ARG A 63 1.67 -3.27 11.14
CA ARG A 63 2.17 -4.60 11.37
C ARG A 63 3.66 -4.44 11.29
N ALA A 64 4.39 -5.39 11.77
CA ALA A 64 5.83 -5.36 11.69
C ALA A 64 6.25 -5.46 10.25
N MET A 65 5.71 -6.44 9.61
CA MET A 65 5.97 -6.71 8.23
C MET A 65 4.74 -6.38 7.47
N THR A 66 4.92 -5.70 6.38
CA THR A 66 3.85 -5.21 5.59
C THR A 66 3.01 -6.34 4.97
N LYS A 67 1.90 -6.64 5.61
CA LYS A 67 0.90 -7.60 5.17
C LYS A 67 -0.21 -7.51 6.19
N ASP A 68 -1.35 -8.14 5.93
CA ASP A 68 -2.51 -8.20 6.87
C ASP A 68 -3.14 -6.83 7.08
N ASN A 69 -2.75 -5.89 6.26
CA ASN A 69 -3.24 -4.55 6.35
C ASN A 69 -3.96 -4.17 5.09
N ASN A 70 -4.46 -2.96 5.05
CA ASN A 70 -5.20 -2.49 3.89
C ASN A 70 -4.25 -1.84 2.91
N LEU A 71 -4.59 -1.87 1.64
CA LEU A 71 -3.76 -1.33 0.60
C LEU A 71 -4.57 -0.21 -0.09
N LEU A 72 -4.02 1.00 -0.08
CA LEU A 72 -4.70 2.13 -0.69
C LEU A 72 -4.42 2.22 -2.18
N GLY A 73 -3.17 2.11 -2.53
CA GLY A 73 -2.78 2.19 -3.89
C GLY A 73 -1.29 2.02 -4.02
N ARG A 74 -0.80 1.90 -5.22
CA ARG A 74 0.60 1.71 -5.45
C ARG A 74 1.01 2.46 -6.72
N PHE A 75 2.29 2.68 -6.89
CA PHE A 75 2.84 3.22 -8.11
C PHE A 75 4.29 2.79 -8.24
N GLU A 76 4.71 2.50 -9.44
CA GLU A 76 6.06 2.06 -9.68
C GLU A 76 6.89 3.20 -10.25
N LEU A 77 7.89 3.58 -9.52
CA LEU A 77 8.79 4.66 -9.89
C LEU A 77 9.97 4.08 -10.65
N SER A 78 10.06 4.38 -11.90
CA SER A 78 11.16 3.95 -12.70
C SER A 78 12.07 5.13 -13.01
N GLY A 79 13.30 4.88 -13.27
CA GLY A 79 14.22 5.94 -13.56
C GLY A 79 15.43 5.85 -12.70
N ILE A 80 15.33 5.05 -11.65
CA ILE A 80 16.40 4.89 -10.68
C ILE A 80 17.65 4.32 -11.37
N PRO A 81 18.81 5.01 -11.24
CA PRO A 81 20.05 4.53 -11.80
C PRO A 81 20.46 3.24 -11.12
N PRO A 82 20.73 2.17 -11.88
CA PRO A 82 21.21 0.92 -11.34
C PRO A 82 22.56 1.09 -10.64
N ALA A 83 22.49 1.37 -9.38
CA ALA A 83 23.60 1.66 -8.56
C ALA A 83 23.62 0.70 -7.37
N PRO A 84 24.75 0.64 -6.62
CA PRO A 84 24.89 -0.20 -5.41
C PRO A 84 23.87 0.11 -4.30
N ARG A 85 24.01 -0.63 -3.22
CA ARG A 85 23.08 -0.59 -2.10
C ARG A 85 23.29 0.71 -1.34
N GLY A 86 22.21 1.42 -1.09
CA GLY A 86 22.31 2.64 -0.33
C GLY A 86 22.66 3.85 -1.16
N VAL A 87 22.76 3.68 -2.45
CA VAL A 87 23.12 4.77 -3.34
C VAL A 87 21.88 5.55 -3.88
N PRO A 88 20.81 4.88 -4.42
CA PRO A 88 19.61 5.60 -4.89
C PRO A 88 18.91 6.31 -3.74
N GLN A 89 18.79 7.61 -3.85
CA GLN A 89 18.16 8.41 -2.83
C GLN A 89 16.76 8.77 -3.24
N ILE A 90 15.79 8.14 -2.63
CA ILE A 90 14.41 8.41 -2.96
C ILE A 90 13.82 9.30 -1.89
N GLU A 91 13.41 10.48 -2.27
CA GLU A 91 12.77 11.38 -1.34
C GLU A 91 11.29 11.12 -1.41
N VAL A 92 10.71 10.72 -0.34
CA VAL A 92 9.31 10.46 -0.31
C VAL A 92 8.62 11.49 0.54
N THR A 93 7.82 12.30 -0.09
CA THR A 93 7.03 13.27 0.57
C THR A 93 5.63 12.71 0.71
N PHE A 94 5.26 12.42 1.90
CA PHE A 94 4.03 11.77 2.21
C PHE A 94 3.21 12.76 3.06
N ASP A 95 2.17 13.32 2.49
CA ASP A 95 1.37 14.37 3.17
C ASP A 95 -0.10 14.19 2.89
N ILE A 96 -0.92 14.59 3.84
CA ILE A 96 -2.36 14.57 3.70
C ILE A 96 -2.83 16.01 3.79
N ASP A 97 -3.80 16.38 2.99
CA ASP A 97 -4.28 17.76 2.97
C ASP A 97 -5.44 17.92 3.97
N ALA A 98 -6.16 19.04 3.88
CA ALA A 98 -7.27 19.32 4.80
C ALA A 98 -8.54 18.49 4.47
N ASN A 99 -8.63 17.96 3.25
CA ASN A 99 -9.80 17.14 2.87
C ASN A 99 -9.61 15.74 3.37
N GLY A 100 -8.36 15.36 3.46
CA GLY A 100 -8.03 14.04 3.84
C GLY A 100 -7.50 13.28 2.67
N ILE A 101 -6.85 13.99 1.78
CA ILE A 101 -6.26 13.40 0.63
C ILE A 101 -4.77 13.22 0.85
N LEU A 102 -4.34 12.00 0.75
CA LEU A 102 -2.98 11.62 0.88
C LEU A 102 -2.29 11.71 -0.46
N ASN A 103 -1.28 12.50 -0.52
CA ASN A 103 -0.46 12.62 -1.68
C ASN A 103 0.91 12.08 -1.35
N VAL A 104 1.33 11.12 -2.12
CA VAL A 104 2.62 10.50 -1.91
C VAL A 104 3.47 10.77 -3.12
N THR A 105 4.52 11.52 -2.93
CA THR A 105 5.40 11.83 -4.01
C THR A 105 6.75 11.15 -3.79
N ALA A 106 7.16 10.36 -4.75
CA ALA A 106 8.44 9.74 -4.69
C ALA A 106 9.34 10.42 -5.70
N THR A 107 10.38 11.03 -5.23
CA THR A 107 11.29 11.76 -6.06
C THR A 107 12.67 11.14 -5.97
N ASP A 108 13.14 10.59 -7.05
CA ASP A 108 14.49 10.07 -7.08
C ASP A 108 15.45 11.21 -7.19
N LYS A 109 16.21 11.43 -6.15
CA LYS A 109 17.18 12.51 -6.09
C LYS A 109 18.32 12.30 -7.08
N SER A 110 18.54 11.06 -7.41
CA SER A 110 19.61 10.68 -8.29
C SER A 110 19.36 11.26 -9.70
N THR A 111 18.21 10.97 -10.28
CA THR A 111 17.85 11.47 -11.60
C THR A 111 17.10 12.80 -11.53
N GLY A 112 16.15 12.89 -10.63
CA GLY A 112 15.31 14.05 -10.53
C GLY A 112 13.89 13.77 -10.97
N LYS A 113 13.61 12.50 -11.23
CA LYS A 113 12.34 12.09 -11.66
C LYS A 113 11.43 11.84 -10.46
N ALA A 114 10.22 12.30 -10.58
CA ALA A 114 9.26 12.20 -9.51
C ALA A 114 7.93 11.68 -10.03
N ASN A 115 7.32 10.85 -9.24
CA ASN A 115 6.00 10.31 -9.53
C ASN A 115 5.20 10.35 -8.26
N LYS A 116 3.98 10.86 -8.34
CA LYS A 116 3.15 10.94 -7.18
C LYS A 116 1.81 10.26 -7.38
N ILE A 117 1.11 10.05 -6.30
CA ILE A 117 -0.23 9.50 -6.36
C ILE A 117 -1.11 10.35 -5.41
N THR A 118 -2.34 10.53 -5.79
CA THR A 118 -3.29 11.31 -5.04
C THR A 118 -4.45 10.39 -4.60
N ILE A 119 -4.56 10.16 -3.31
CA ILE A 119 -5.57 9.24 -2.77
C ILE A 119 -6.41 9.92 -1.69
N THR A 120 -7.70 10.01 -1.91
CA THR A 120 -8.58 10.54 -0.89
C THR A 120 -8.85 9.44 0.15
N ASN A 121 -8.73 9.76 1.43
CA ASN A 121 -9.00 8.80 2.50
C ASN A 121 -10.43 8.91 2.97
N ASP A 122 -11.21 9.70 2.24
CA ASP A 122 -12.64 9.85 2.53
C ASP A 122 -13.36 8.55 2.22
N LYS A 123 -12.91 7.92 1.15
CA LYS A 123 -13.41 6.64 0.73
C LYS A 123 -12.33 5.62 0.99
N GLY A 124 -12.69 4.40 1.18
CA GLY A 124 -11.69 3.41 1.47
C GLY A 124 -12.08 2.04 1.07
N ARG A 125 -11.27 1.09 1.45
CA ARG A 125 -11.52 -0.31 1.18
C ARG A 125 -12.27 -0.89 2.35
N LEU A 126 -12.63 -2.19 2.26
CA LEU A 126 -13.42 -2.86 3.31
C LEU A 126 -14.73 -2.08 3.48
N SER A 127 -15.39 -2.25 4.57
CA SER A 127 -16.48 -1.37 4.86
C SER A 127 -15.93 -0.25 5.73
N LYS A 128 -15.39 -0.66 6.90
CA LYS A 128 -14.73 0.22 7.87
C LYS A 128 -14.55 -0.56 9.16
N GLU A 129 -15.52 -1.40 9.45
CA GLU A 129 -15.58 -2.20 10.67
C GLU A 129 -14.34 -3.12 10.78
N GLU A 130 -13.93 -3.65 9.64
CA GLU A 130 -12.79 -4.53 9.55
C GLU A 130 -11.51 -3.73 9.78
N ILE A 131 -11.52 -2.50 9.30
CA ILE A 131 -10.37 -1.61 9.41
C ILE A 131 -10.17 -1.23 10.87
N GLU A 132 -11.27 -0.95 11.56
CA GLU A 132 -11.24 -0.64 12.97
C GLU A 132 -10.65 -1.82 13.75
N ARG A 133 -11.05 -3.03 13.37
CA ARG A 133 -10.51 -4.26 13.97
C ARG A 133 -9.01 -4.36 13.71
N MET A 134 -8.62 -4.03 12.50
CA MET A 134 -7.23 -4.04 12.06
C MET A 134 -6.39 -3.11 12.93
N VAL A 135 -6.90 -1.91 13.19
CA VAL A 135 -6.21 -0.94 14.05
C VAL A 135 -6.09 -1.50 15.46
N GLN A 136 -7.20 -2.04 15.97
CA GLN A 136 -7.24 -2.63 17.29
C GLN A 136 -6.23 -3.77 17.44
N GLU A 137 -6.15 -4.63 16.42
CA GLU A 137 -5.19 -5.75 16.41
C GLU A 137 -3.75 -5.21 16.40
N ALA A 138 -3.54 -4.11 15.71
CA ALA A 138 -2.24 -3.47 15.60
C ALA A 138 -1.79 -2.88 16.92
N GLU A 139 -2.75 -2.47 17.74
CA GLU A 139 -2.46 -1.97 19.08
C GLU A 139 -2.23 -3.17 20.01
N LYS A 140 -3.09 -4.13 19.86
CA LYS A 140 -3.14 -5.35 20.66
C LYS A 140 -1.87 -6.18 20.55
N TYR A 141 -1.40 -6.40 19.36
CA TYR A 141 -0.18 -7.18 19.14
C TYR A 141 0.99 -6.27 18.84
N LYS A 142 0.86 -4.99 19.18
CA LYS A 142 1.85 -3.99 18.87
C LYS A 142 3.23 -4.38 19.37
N ALA A 143 3.30 -4.82 20.61
CA ALA A 143 4.57 -5.20 21.24
C ALA A 143 5.32 -6.24 20.41
N GLU A 144 4.58 -7.19 19.91
CA GLU A 144 5.12 -8.27 19.11
C GLU A 144 5.62 -7.72 17.80
N ASP A 145 4.81 -6.89 17.17
CA ASP A 145 5.16 -6.31 15.90
C ASP A 145 6.32 -5.35 16.01
N GLU A 146 6.38 -4.58 17.09
CA GLU A 146 7.48 -3.65 17.30
C GLU A 146 8.82 -4.36 17.30
N VAL A 147 8.91 -5.43 18.08
CA VAL A 147 10.16 -6.18 18.16
C VAL A 147 10.51 -6.78 16.80
N GLN A 148 9.54 -7.40 16.15
CA GLN A 148 9.70 -7.97 14.83
C GLN A 148 10.18 -6.93 13.81
N ARG A 149 9.54 -5.77 13.83
CA ARG A 149 9.82 -4.70 12.88
C ARG A 149 11.22 -4.17 13.10
N GLU A 150 11.55 -3.89 14.34
CA GLU A 150 12.83 -3.30 14.69
C GLU A 150 13.97 -4.30 14.60
N ARG A 151 13.65 -5.58 14.40
CA ARG A 151 14.68 -6.57 14.18
C ARG A 151 15.26 -6.43 12.80
N VAL A 152 14.54 -5.79 11.91
CA VAL A 152 15.05 -5.51 10.61
C VAL A 152 15.36 -4.02 10.56
N SER A 153 16.50 -3.68 11.07
CA SER A 153 16.92 -2.32 11.17
C SER A 153 18.34 -2.13 10.67
N ALA A 154 18.56 -1.07 9.94
CA ALA A 154 19.86 -0.74 9.38
C ALA A 154 19.84 0.67 8.85
N LYS A 155 18.89 0.94 7.98
CA LYS A 155 18.78 2.23 7.31
C LYS A 155 17.44 2.24 6.60
N ASN A 156 16.82 3.40 6.44
CA ASN A 156 15.55 3.48 5.72
C ASN A 156 15.75 3.10 4.28
N ALA A 157 15.10 2.06 3.87
CA ALA A 157 15.25 1.53 2.56
C ALA A 157 13.95 1.00 2.05
N LEU A 158 13.86 0.83 0.74
CA LEU A 158 12.73 0.19 0.11
C LEU A 158 13.27 -1.00 -0.64
N GLU A 159 12.60 -2.10 -0.55
CA GLU A 159 13.04 -3.31 -1.16
C GLU A 159 12.16 -3.76 -2.29
N SER A 160 12.80 -4.05 -3.39
CA SER A 160 12.15 -4.64 -4.51
C SER A 160 12.42 -6.14 -4.43
N TYR A 161 11.44 -6.96 -4.84
CA TYR A 161 11.53 -8.43 -4.80
C TYR A 161 11.67 -8.92 -3.36
N ALA A 162 11.02 -8.20 -2.45
CA ALA A 162 11.09 -8.42 -1.01
C ALA A 162 10.26 -9.62 -0.53
N PHE A 163 10.07 -10.56 -1.40
CA PHE A 163 9.35 -11.76 -1.11
C PHE A 163 9.99 -12.89 -1.91
N ASN A 164 10.64 -13.78 -1.22
CA ASN A 164 11.30 -14.88 -1.85
C ASN A 164 10.43 -16.10 -1.83
N MET A 165 9.60 -16.20 -2.82
CA MET A 165 8.77 -17.36 -2.99
C MET A 165 9.63 -18.44 -3.59
N LYS A 166 10.55 -18.02 -4.42
CA LYS A 166 11.51 -18.87 -5.03
C LYS A 166 12.81 -18.07 -5.04
N SER A 167 13.76 -18.50 -4.24
CA SER A 167 15.01 -17.81 -4.08
C SER A 167 15.93 -18.04 -5.29
N ALA A 168 16.84 -17.12 -5.52
CA ALA A 168 17.78 -17.23 -6.63
C ALA A 168 18.79 -18.34 -6.37
N VAL A 169 19.61 -18.17 -5.37
CA VAL A 169 20.62 -19.15 -5.01
C VAL A 169 20.54 -19.43 -3.50
N GLU A 170 20.71 -20.68 -3.13
CA GLU A 170 20.69 -21.10 -1.73
C GLU A 170 21.33 -22.49 -1.58
N ASP A 171 22.41 -22.71 -2.31
CA ASP A 171 23.22 -23.94 -2.17
C ASP A 171 24.55 -23.70 -2.83
N GLU A 172 25.45 -23.12 -2.08
CA GLU A 172 26.77 -22.81 -2.60
C GLU A 172 27.81 -23.54 -1.76
N GLY A 173 27.33 -24.39 -0.87
CA GLY A 173 28.18 -25.09 0.05
C GLY A 173 29.17 -26.02 -0.61
N LEU A 174 30.20 -26.37 0.12
CA LEU A 174 31.21 -27.27 -0.33
C LEU A 174 30.65 -28.67 -0.12
N LYS A 175 30.47 -29.40 -1.19
CA LYS A 175 29.76 -30.66 -1.13
C LYS A 175 30.42 -31.66 -2.10
N GLY A 176 29.97 -31.62 -3.34
CA GLY A 176 30.59 -32.40 -4.37
C GLY A 176 31.61 -31.55 -5.02
N LYS A 177 31.21 -30.32 -5.26
CA LYS A 177 32.11 -29.32 -5.72
C LYS A 177 32.90 -28.87 -4.49
N ILE A 178 34.19 -29.19 -4.48
CA ILE A 178 35.07 -28.97 -3.35
C ILE A 178 34.55 -29.77 -2.14
N SER A 179 34.98 -30.99 -2.06
CA SER A 179 34.51 -31.90 -1.05
C SER A 179 35.29 -31.75 0.25
N GLU A 180 36.25 -30.85 0.27
CA GLU A 180 37.01 -30.59 1.45
C GLU A 180 36.52 -29.32 2.12
N ALA A 181 35.68 -29.50 3.08
CA ALA A 181 35.12 -28.40 3.80
C ALA A 181 35.62 -28.38 5.22
N ASP A 182 35.51 -29.54 5.88
CA ASP A 182 35.81 -29.75 7.32
C ASP A 182 34.84 -28.92 8.15
N LYS A 183 35.05 -27.62 8.15
CA LYS A 183 34.19 -26.66 8.79
C LYS A 183 34.59 -25.26 8.33
N LYS A 184 33.70 -24.61 7.61
CA LYS A 184 33.97 -23.25 7.16
C LYS A 184 32.97 -22.31 7.80
N LYS A 185 32.07 -22.90 8.52
CA LYS A 185 31.08 -22.22 9.26
C LYS A 185 31.26 -22.65 10.70
N VAL A 186 31.56 -21.72 11.56
CA VAL A 186 31.88 -22.06 12.93
C VAL A 186 30.79 -21.64 13.92
N LEU A 187 30.04 -20.60 13.60
CA LEU A 187 29.11 -20.06 14.55
C LEU A 187 27.67 -20.10 14.10
N ASP A 188 26.79 -19.96 15.07
CA ASP A 188 25.34 -19.83 14.90
C ASP A 188 24.83 -18.92 15.96
N LYS A 189 25.21 -19.25 17.18
CA LYS A 189 24.77 -18.57 18.41
C LYS A 189 25.70 -17.40 18.73
N SMC A 190 26.28 -16.84 17.70
CA SMC A 190 27.23 -15.77 17.82
CB SMC A 190 28.65 -16.38 17.88
SG SMC A 190 30.01 -15.20 18.10
C SMC A 190 27.03 -14.89 16.59
O SMC A 190 26.20 -15.24 15.73
H SMC A 190 26.01 -17.12 16.80
HA SMC A 190 27.02 -15.22 18.71
HB2 SMC A 190 28.83 -16.90 16.95
HB3 SMC A 190 28.71 -17.08 18.69
N GLN A 191 27.72 -13.74 16.55
CA GLN A 191 27.65 -12.76 15.44
C GLN A 191 26.42 -11.86 15.59
N GLU A 192 25.28 -12.47 15.76
CA GLU A 192 24.06 -11.76 15.98
C GLU A 192 23.86 -11.65 17.49
N VAL A 193 23.58 -10.45 17.98
CA VAL A 193 23.43 -10.19 19.40
C VAL A 193 22.31 -11.06 20.04
N ILE A 194 22.56 -11.50 21.25
CA ILE A 194 21.63 -12.35 21.98
C ILE A 194 20.63 -11.48 22.75
N SER A 195 19.37 -11.80 22.67
CA SER A 195 18.35 -11.07 23.42
C SER A 195 17.81 -11.95 24.54
N TRP A 196 17.43 -11.36 25.64
CA TRP A 196 16.94 -12.09 26.77
C TRP A 196 15.42 -12.10 26.75
N LEU A 197 14.83 -13.26 26.96
CA LEU A 197 13.38 -13.39 26.98
C LEU A 197 12.86 -12.90 28.32
N ASP A 198 11.73 -12.25 28.33
CA ASP A 198 11.21 -11.70 29.56
C ASP A 198 10.60 -12.77 30.42
N ALA A 199 11.23 -13.03 31.55
CA ALA A 199 10.78 -14.02 32.48
C ALA A 199 9.69 -13.45 33.37
N ASN A 200 8.49 -14.00 33.28
CA ASN A 200 7.38 -13.57 34.11
C ASN A 200 7.34 -14.37 35.38
N THR A 201 8.05 -13.90 36.36
CA THR A 201 8.18 -14.60 37.60
C THR A 201 7.06 -14.23 38.58
N LEU A 202 5.96 -14.95 38.48
CA LEU A 202 4.83 -14.82 39.38
C LEU A 202 4.26 -16.19 39.61
N ALA A 203 3.93 -16.49 40.83
CA ALA A 203 3.39 -17.78 41.17
C ALA A 203 1.91 -17.66 41.49
N GLU A 204 1.23 -18.78 41.55
CA GLU A 204 -0.19 -18.82 41.84
C GLU A 204 -0.43 -19.00 43.32
N LYS A 205 -1.69 -18.97 43.70
CA LYS A 205 -2.10 -19.15 45.05
C LYS A 205 -3.44 -19.85 45.02
N ASP A 206 -3.59 -20.87 45.82
CA ASP A 206 -4.76 -21.73 45.77
C ASP A 206 -5.74 -21.45 46.90
N GLU A 207 -6.94 -22.01 46.74
CA GLU A 207 -8.02 -21.99 47.72
C GLU A 207 -8.78 -23.31 47.64
N PHE A 208 -9.20 -23.82 48.77
CA PHE A 208 -9.94 -25.05 48.83
C PHE A 208 -11.14 -24.87 49.76
N GLU A 209 -12.09 -25.75 49.63
CA GLU A 209 -13.23 -25.77 50.52
C GLU A 209 -13.77 -27.18 50.52
N HIS A 210 -14.17 -27.65 51.66
CA HIS A 210 -14.67 -28.99 51.81
C HIS A 210 -15.47 -29.04 53.09
N LYS A 211 -16.77 -28.91 52.98
CA LYS A 211 -17.60 -28.86 54.16
C LYS A 211 -18.98 -29.45 53.87
N ARG A 212 -19.17 -30.71 54.26
CA ARG A 212 -20.43 -31.49 54.16
C ARG A 212 -20.21 -32.88 54.70
N LYS A 213 -21.17 -33.41 55.43
CA LYS A 213 -21.08 -34.74 55.97
C LYS A 213 -22.34 -35.52 55.70
N GLU A 214 -22.23 -36.83 55.75
CA GLU A 214 -23.36 -37.71 55.52
C GLU A 214 -23.65 -38.54 56.78
N LEU A 215 -22.60 -38.85 57.52
CA LEU A 215 -22.76 -39.59 58.75
C LEU A 215 -23.22 -38.65 59.84
N GLU A 216 -24.49 -38.74 60.16
CA GLU A 216 -25.13 -37.88 61.11
C GLU A 216 -24.95 -38.42 62.53
N GLN A 217 -25.09 -39.70 62.67
CA GLN A 217 -24.98 -40.34 63.94
C GLN A 217 -23.88 -41.36 63.94
N VAL A 218 -23.34 -41.59 65.09
CA VAL A 218 -22.35 -42.60 65.29
C VAL A 218 -22.96 -43.71 66.14
N SMC A 219 -23.46 -44.71 65.49
CA SMC A 219 -24.11 -45.79 66.17
CB SMC A 219 -25.18 -46.42 65.28
SG SMC A 219 -26.47 -45.26 64.77
C SMC A 219 -23.11 -46.81 66.64
O SMC A 219 -22.39 -47.42 65.83
H SMC A 219 -23.38 -44.74 64.51
HA SMC A 219 -24.60 -45.36 67.03
HB2 SMC A 219 -25.66 -47.23 65.81
HB3 SMC A 219 -24.72 -46.81 64.39
N ASN A 220 -23.02 -46.97 67.93
CA ASN A 220 -22.13 -47.92 68.56
C ASN A 220 -22.96 -48.96 69.27
N PRO A 221 -23.12 -50.15 68.66
CA PRO A 221 -23.93 -51.22 69.22
C PRO A 221 -23.31 -51.78 70.49
N ILE A 222 -24.07 -51.81 71.54
CA ILE A 222 -23.60 -52.34 72.79
C ILE A 222 -24.32 -53.64 73.06
N ILE A 223 -23.65 -54.56 73.70
CA ILE A 223 -24.24 -55.84 73.98
C ILE A 223 -25.29 -55.72 75.08
N SER A 224 -26.48 -56.15 74.78
CA SER A 224 -27.56 -56.15 75.71
C SER A 224 -28.39 -57.40 75.53
N GLY A 225 -28.05 -58.42 76.27
CA GLY A 225 -28.76 -59.65 76.17
C GLY A 225 -28.39 -60.55 77.30
N LEU A 226 -29.35 -61.26 77.80
CA LEU A 226 -29.15 -62.17 78.90
C LEU A 226 -29.56 -63.55 78.46
N TYR A 227 -29.30 -64.53 79.27
CA TYR A 227 -29.66 -65.89 78.98
C TYR A 227 -29.71 -66.67 80.26
N GLN A 228 -30.17 -67.88 80.18
CA GLN A 228 -30.26 -68.74 81.32
C GLN A 228 -29.88 -70.14 80.91
N GLY A 229 -28.96 -70.72 81.64
CA GLY A 229 -28.55 -72.07 81.37
C GLY A 229 -29.40 -73.05 82.11
N ALA A 230 -30.03 -73.95 81.40
CA ALA A 230 -30.90 -74.93 82.00
C ALA A 230 -30.17 -76.24 82.22
N GLY A 231 -30.55 -76.93 83.27
CA GLY A 231 -29.98 -78.20 83.59
C GLY A 231 -31.06 -79.19 83.96
N GLY A 232 -30.75 -80.46 83.92
CA GLY A 232 -31.72 -81.46 84.22
C GLY A 232 -31.09 -82.63 84.93
N PRO A 233 -31.87 -83.62 85.35
CA PRO A 233 -31.37 -84.79 86.05
C PRO A 233 -31.14 -85.98 85.09
N GLY A 234 -30.82 -87.12 85.66
CA GLY A 234 -30.65 -88.33 84.93
C GLY A 234 -31.13 -89.48 85.78
N PRO A 235 -31.80 -90.50 85.22
CA PRO A 235 -32.34 -91.62 86.00
C PRO A 235 -31.25 -92.59 86.45
N GLY A 236 -30.87 -92.49 87.70
CA GLY A 236 -29.82 -93.33 88.22
C GLY A 236 -30.38 -94.49 89.01
N GLY A 237 -30.97 -95.43 88.32
CA GLY A 237 -31.52 -96.59 88.95
C GLY A 237 -30.81 -97.84 88.50
N PHE A 238 -29.79 -98.24 89.24
CA PHE A 238 -29.00 -99.41 88.89
C PHE A 238 -28.77 -100.26 90.12
N GLY A 239 -28.82 -101.55 89.93
CA GLY A 239 -28.62 -102.48 91.01
C GLY A 239 -28.63 -103.90 90.47
N ALA A 240 -27.57 -104.63 90.69
CA ALA A 240 -27.46 -105.98 90.17
C ALA A 240 -27.83 -107.00 91.23
N GLN A 241 -28.91 -107.71 91.03
CA GLN A 241 -29.36 -108.72 91.98
C GLN A 241 -28.63 -110.03 91.77
N GLY A 242 -28.49 -110.78 92.83
CA GLY A 242 -27.85 -112.06 92.77
C GLY A 242 -28.35 -112.96 93.89
N PRO A 243 -29.53 -113.55 93.74
CA PRO A 243 -30.13 -114.42 94.74
C PRO A 243 -29.39 -115.76 94.84
N LYS A 244 -29.01 -116.12 96.04
CA LYS A 244 -28.26 -117.33 96.28
C LYS A 244 -28.57 -117.83 97.68
N GLY A 245 -28.34 -119.10 97.91
CA GLY A 245 -28.59 -119.66 99.21
C GLY A 245 -29.35 -120.96 99.10
N GLY A 246 -28.64 -122.01 98.79
CA GLY A 246 -29.25 -123.33 98.73
C GLY A 246 -29.11 -124.00 97.38
N SER A 247 -27.95 -123.88 96.78
CA SER A 247 -27.69 -124.47 95.50
C SER A 247 -26.20 -124.78 95.40
N GLY A 248 -25.86 -125.86 94.73
CA GLY A 248 -24.48 -126.23 94.56
C GLY A 248 -24.34 -127.71 94.38
N SER A 249 -23.19 -128.23 94.73
CA SER A 249 -22.94 -129.64 94.64
C SER A 249 -23.53 -130.32 95.88
N GLY A 250 -24.60 -131.04 95.67
CA GLY A 250 -25.26 -131.67 96.77
C GLY A 250 -25.31 -133.17 96.65
N PRO A 251 -24.38 -133.90 97.27
CA PRO A 251 -24.40 -135.35 97.30
C PRO A 251 -25.39 -135.82 98.38
N THR A 252 -25.39 -137.10 98.67
CA THR A 252 -26.29 -137.66 99.64
C THR A 252 -25.73 -137.58 101.08
N ILE A 253 -24.74 -136.69 101.25
CA ILE A 253 -24.03 -136.47 102.52
C ILE A 253 -23.08 -137.60 102.84
N GLU A 254 -23.58 -138.80 103.09
CA GLU A 254 -22.70 -139.92 103.23
C GLU A 254 -22.59 -140.63 101.88
N GLU A 255 -21.38 -140.95 101.52
CA GLU A 255 -21.04 -141.48 100.19
C GLU A 255 -21.69 -142.85 99.89
N VAL A 256 -21.96 -143.06 98.60
CA VAL A 256 -22.56 -144.27 98.02
C VAL A 256 -24.01 -144.47 98.46
N ASP A 257 -24.20 -145.04 99.61
CA ASP A 257 -25.51 -145.37 100.13
C ASP A 257 -25.52 -145.20 101.61
N SER A 1 -23.36 32.20 15.12
CA SER A 1 -24.15 31.98 16.30
C SER A 1 -23.99 30.52 16.71
N GLU A 2 -24.55 30.18 17.87
CA GLU A 2 -24.60 28.82 18.44
C GLU A 2 -23.20 28.39 18.89
N ASN A 3 -22.39 27.95 17.92
CA ASN A 3 -20.95 27.60 18.06
C ASN A 3 -20.60 26.72 19.27
N VAL A 4 -21.52 25.91 19.73
CA VAL A 4 -21.22 25.03 20.85
C VAL A 4 -20.47 23.78 20.40
N GLN A 5 -19.21 23.98 20.13
CA GLN A 5 -18.33 22.96 19.66
C GLN A 5 -16.97 23.19 20.27
N ASP A 6 -16.62 22.37 21.23
CA ASP A 6 -15.34 22.45 21.91
C ASP A 6 -14.73 21.10 21.91
N LEU A 7 -13.53 21.00 21.32
CA LEU A 7 -12.81 19.74 21.16
C LEU A 7 -13.53 18.86 20.15
N LEU A 8 -13.18 17.59 20.11
CA LEU A 8 -13.71 16.65 19.12
C LEU A 8 -13.21 17.13 17.77
N LEU A 9 -11.93 16.93 17.58
CA LEU A 9 -11.24 17.37 16.39
C LEU A 9 -11.55 16.44 15.23
N LEU A 10 -11.04 15.22 15.33
CA LEU A 10 -11.23 14.16 14.31
C LEU A 10 -10.62 14.46 12.95
N ASP A 11 -9.83 15.49 12.93
CA ASP A 11 -9.06 15.89 11.76
C ASP A 11 -7.71 15.28 11.88
N VAL A 12 -7.67 13.98 11.86
CA VAL A 12 -6.46 13.24 12.05
C VAL A 12 -6.44 12.08 11.09
N ALA A 13 -5.35 11.38 11.06
CA ALA A 13 -5.23 10.19 10.28
C ALA A 13 -5.74 9.03 11.12
N PRO A 14 -6.77 8.32 10.66
CA PRO A 14 -7.37 7.21 11.41
C PRO A 14 -6.37 6.06 11.69
N LEU A 15 -5.59 5.70 10.70
CA LEU A 15 -4.58 4.68 10.84
C LEU A 15 -3.23 5.24 10.48
N SER A 16 -2.20 4.48 10.66
CA SER A 16 -0.90 4.91 10.32
C SER A 16 -0.61 4.56 8.87
N LEU A 17 -0.20 5.55 8.14
CA LEU A 17 0.07 5.37 6.75
C LEU A 17 1.51 5.04 6.59
N GLY A 18 1.75 4.01 5.85
CA GLY A 18 3.09 3.60 5.64
C GLY A 18 3.28 2.88 4.35
N LEU A 19 4.45 2.33 4.21
CA LEU A 19 4.85 1.64 3.03
C LEU A 19 5.40 0.29 3.38
N GLU A 20 5.47 -0.56 2.39
CA GLU A 20 6.22 -1.76 2.49
C GLU A 20 7.64 -1.37 2.15
N THR A 21 8.56 -1.98 2.77
CA THR A 21 9.92 -1.66 2.63
C THR A 21 10.76 -2.91 2.28
N ALA A 22 11.33 -3.56 3.26
CA ALA A 22 12.19 -4.67 2.98
C ALA A 22 11.60 -5.99 3.45
N GLY A 23 11.15 -6.79 2.51
CA GLY A 23 10.69 -8.13 2.82
C GLY A 23 9.27 -8.18 3.33
N GLY A 24 9.04 -7.53 4.43
CA GLY A 24 7.75 -7.51 5.05
C GLY A 24 7.79 -6.62 6.24
N VAL A 25 8.18 -5.40 6.01
CA VAL A 25 8.36 -4.44 7.07
C VAL A 25 7.48 -3.26 6.80
N MET A 26 6.53 -3.05 7.67
CA MET A 26 5.63 -1.96 7.49
C MET A 26 6.26 -0.75 8.12
N THR A 27 6.57 0.21 7.31
CA THR A 27 7.16 1.41 7.79
C THR A 27 6.13 2.52 7.74
N ALA A 28 5.71 2.98 8.88
CA ALA A 28 4.71 4.01 8.97
C ALA A 28 5.38 5.36 9.04
N LEU A 29 4.91 6.27 8.24
CA LEU A 29 5.46 7.60 8.21
C LEU A 29 4.53 8.55 8.92
N ILE A 30 3.27 8.50 8.56
CA ILE A 30 2.30 9.30 9.23
C ILE A 30 1.59 8.39 10.17
N LYS A 31 1.92 8.48 11.43
CA LYS A 31 1.28 7.66 12.40
C LYS A 31 -0.11 8.20 12.68
N ARG A 32 -0.99 7.34 13.07
CA ARG A 32 -2.37 7.73 13.32
C ARG A 32 -2.51 8.75 14.43
N ASN A 33 -3.65 9.42 14.42
CA ASN A 33 -4.02 10.44 15.40
C ASN A 33 -3.27 11.73 15.17
N SER A 34 -2.48 11.77 14.10
CA SER A 34 -1.79 12.97 13.71
C SER A 34 -2.77 13.89 13.00
N THR A 35 -2.95 15.07 13.53
CA THR A 35 -3.85 16.02 12.96
C THR A 35 -3.38 16.49 11.59
N ILE A 36 -4.31 16.53 10.68
CA ILE A 36 -4.08 16.92 9.32
C ILE A 36 -4.49 18.38 9.16
N PRO A 37 -3.94 19.13 8.19
CA PRO A 37 -3.01 18.62 7.15
C PRO A 37 -1.61 18.23 7.67
N THR A 38 -1.08 17.19 7.06
CA THR A 38 0.22 16.67 7.33
C THR A 38 1.04 16.69 6.06
N LYS A 39 2.33 16.63 6.20
CA LYS A 39 3.22 16.49 5.10
C LYS A 39 4.58 16.09 5.65
N GLN A 40 4.87 14.82 5.55
CA GLN A 40 6.09 14.26 6.10
C GLN A 40 6.96 13.67 5.02
N THR A 41 8.22 14.01 5.03
CA THR A 41 9.17 13.59 4.05
C THR A 41 10.25 12.69 4.68
N GLN A 42 10.39 11.48 4.18
CA GLN A 42 11.40 10.56 4.67
C GLN A 42 12.21 9.99 3.51
N ILE A 43 13.46 9.70 3.77
CA ILE A 43 14.37 9.22 2.74
C ILE A 43 14.44 7.69 2.77
N PHE A 44 14.11 7.09 1.67
CA PHE A 44 14.16 5.66 1.51
C PHE A 44 15.29 5.29 0.59
N THR A 45 15.93 4.22 0.88
CA THR A 45 17.04 3.73 0.10
C THR A 45 16.71 2.36 -0.44
N THR A 46 17.53 1.83 -1.31
CA THR A 46 17.36 0.46 -1.72
C THR A 46 18.56 -0.36 -1.22
N TYR A 47 18.33 -1.58 -0.78
CA TYR A 47 19.44 -2.45 -0.48
C TYR A 47 19.79 -3.16 -1.74
N SER A 48 18.77 -3.54 -2.44
CA SER A 48 18.89 -4.14 -3.71
C SER A 48 19.28 -3.10 -4.77
N ASP A 49 20.28 -3.42 -5.52
CA ASP A 49 20.77 -2.57 -6.58
C ASP A 49 20.36 -3.15 -7.90
N ASN A 50 20.48 -2.36 -8.97
CA ASN A 50 20.11 -2.77 -10.35
C ASN A 50 18.61 -2.97 -10.50
N GLN A 51 17.86 -2.31 -9.65
CA GLN A 51 16.42 -2.36 -9.77
C GLN A 51 16.00 -1.36 -10.83
N PRO A 52 15.12 -1.73 -11.77
CA PRO A 52 14.62 -0.77 -12.77
C PRO A 52 13.80 0.34 -12.08
N GLY A 53 13.03 -0.06 -11.11
CA GLY A 53 12.20 0.85 -10.41
C GLY A 53 11.86 0.31 -9.05
N VAL A 54 11.33 1.15 -8.21
CA VAL A 54 10.93 0.75 -6.89
C VAL A 54 9.43 0.66 -6.78
N LEU A 55 8.98 -0.40 -6.18
CA LEU A 55 7.57 -0.60 -5.95
C LEU A 55 7.17 0.10 -4.69
N ILE A 56 6.45 1.18 -4.84
CA ILE A 56 5.98 1.93 -3.73
C ILE A 56 4.58 1.50 -3.44
N GLN A 57 4.42 0.92 -2.31
CA GLN A 57 3.20 0.27 -1.92
C GLN A 57 2.68 0.88 -0.62
N VAL A 58 1.57 1.59 -0.73
CA VAL A 58 0.99 2.35 0.39
C VAL A 58 -0.02 1.51 1.17
N TYR A 59 0.18 1.44 2.47
CA TYR A 59 -0.70 0.68 3.34
C TYR A 59 -1.09 1.45 4.59
N GLU A 60 -2.22 1.07 5.14
CA GLU A 60 -2.64 1.46 6.47
C GLU A 60 -2.56 0.17 7.23
N GLY A 61 -2.16 0.20 8.43
CA GLY A 61 -2.13 -1.01 9.16
C GLY A 61 -1.07 -0.99 10.16
N GLU A 62 -1.47 -0.98 11.37
CA GLU A 62 -0.58 -0.89 12.47
C GLU A 62 0.01 -2.29 12.72
N ARG A 63 1.09 -2.60 12.02
CA ARG A 63 1.73 -3.90 12.11
C ARG A 63 3.23 -3.74 11.96
N ALA A 64 3.97 -4.57 12.65
CA ALA A 64 5.42 -4.64 12.48
C ALA A 64 5.76 -5.15 11.11
N MET A 65 5.14 -6.24 10.78
CA MET A 65 5.34 -6.91 9.53
C MET A 65 4.09 -6.79 8.72
N THR A 66 4.25 -6.39 7.50
CA THR A 66 3.15 -6.21 6.60
C THR A 66 2.53 -7.57 6.27
N LYS A 67 1.41 -7.86 6.91
CA LYS A 67 0.73 -9.13 6.71
C LYS A 67 0.02 -9.09 5.38
N ASP A 68 -0.74 -8.07 5.26
CA ASP A 68 -1.50 -7.74 4.07
C ASP A 68 -1.66 -6.28 4.15
N ASN A 69 -2.19 -5.88 5.30
CA ASN A 69 -2.51 -4.51 5.64
C ASN A 69 -3.54 -3.92 4.68
N ASN A 70 -3.87 -2.67 4.83
CA ASN A 70 -4.87 -2.07 3.97
C ASN A 70 -4.20 -1.36 2.82
N LEU A 71 -4.39 -1.89 1.64
CA LEU A 71 -3.79 -1.35 0.43
C LEU A 71 -4.59 -0.12 -0.01
N LEU A 72 -3.98 1.03 0.04
CA LEU A 72 -4.64 2.26 -0.40
C LEU A 72 -4.33 2.53 -1.86
N GLY A 73 -3.14 2.18 -2.27
CA GLY A 73 -2.73 2.38 -3.64
C GLY A 73 -1.26 2.14 -3.78
N ARG A 74 -0.76 2.21 -4.99
CA ARG A 74 0.64 2.00 -5.24
C ARG A 74 1.06 2.74 -6.49
N PHE A 75 2.35 2.79 -6.71
CA PHE A 75 2.93 3.30 -7.94
C PHE A 75 4.36 2.85 -8.01
N GLU A 76 4.88 2.77 -9.18
CA GLU A 76 6.23 2.32 -9.36
C GLU A 76 7.08 3.43 -9.90
N LEU A 77 8.08 3.79 -9.15
CA LEU A 77 8.98 4.85 -9.55
C LEU A 77 10.19 4.23 -10.21
N SER A 78 10.28 4.39 -11.49
CA SER A 78 11.32 3.81 -12.28
C SER A 78 12.43 4.82 -12.52
N GLY A 79 13.64 4.32 -12.66
CA GLY A 79 14.77 5.19 -12.88
C GLY A 79 15.86 4.96 -11.85
N ILE A 80 15.87 3.79 -11.28
CA ILE A 80 16.82 3.45 -10.24
C ILE A 80 18.15 3.03 -10.87
N PRO A 81 19.25 3.68 -10.48
CA PRO A 81 20.58 3.36 -11.01
C PRO A 81 21.15 2.04 -10.41
N PRO A 82 22.18 1.45 -11.04
CA PRO A 82 22.81 0.20 -10.58
C PRO A 82 23.84 0.48 -9.46
N ALA A 83 23.48 1.38 -8.59
CA ALA A 83 24.34 1.82 -7.53
C ALA A 83 24.24 0.89 -6.33
N PRO A 84 25.37 0.34 -5.85
CA PRO A 84 25.38 -0.65 -4.77
C PRO A 84 24.94 -0.13 -3.40
N ARG A 85 23.68 -0.43 -3.06
CA ARG A 85 23.05 -0.29 -1.72
C ARG A 85 23.14 1.12 -1.09
N GLY A 86 22.01 1.76 -0.92
CA GLY A 86 21.97 3.02 -0.19
C GLY A 86 22.17 4.25 -1.07
N VAL A 87 22.75 4.06 -2.22
CA VAL A 87 22.99 5.18 -3.12
C VAL A 87 21.67 5.64 -3.80
N PRO A 88 20.81 4.72 -4.34
CA PRO A 88 19.51 5.12 -4.84
C PRO A 88 18.63 5.48 -3.67
N GLN A 89 18.28 6.73 -3.58
CA GLN A 89 17.48 7.21 -2.50
C GLN A 89 16.31 8.03 -2.96
N ILE A 90 15.17 7.64 -2.46
CA ILE A 90 13.92 8.19 -2.84
C ILE A 90 13.41 9.05 -1.70
N GLU A 91 13.08 10.26 -2.00
CA GLU A 91 12.51 11.16 -1.06
C GLU A 91 11.01 11.01 -1.16
N VAL A 92 10.42 10.41 -0.16
CA VAL A 92 9.01 10.14 -0.17
C VAL A 92 8.30 11.03 0.82
N THR A 93 7.39 11.80 0.31
CA THR A 93 6.61 12.71 1.08
C THR A 93 5.15 12.28 1.07
N PHE A 94 4.61 12.11 2.24
CA PHE A 94 3.21 11.80 2.45
C PHE A 94 2.53 13.04 2.96
N ASP A 95 1.64 13.60 2.19
CA ASP A 95 0.91 14.77 2.63
C ASP A 95 -0.57 14.50 2.58
N ILE A 96 -1.29 14.95 3.58
CA ILE A 96 -2.74 14.80 3.63
C ILE A 96 -3.31 16.17 3.85
N ASP A 97 -4.41 16.48 3.22
CA ASP A 97 -5.05 17.78 3.38
C ASP A 97 -6.28 17.64 4.28
N ALA A 98 -7.11 18.68 4.37
CA ALA A 98 -8.30 18.65 5.21
C ALA A 98 -9.44 17.79 4.64
N ASN A 99 -9.33 17.37 3.37
CA ASN A 99 -10.33 16.48 2.76
C ASN A 99 -10.03 15.05 3.09
N GLY A 100 -8.76 14.78 3.30
CA GLY A 100 -8.33 13.44 3.53
C GLY A 100 -7.66 12.89 2.30
N ILE A 101 -7.19 13.79 1.47
CA ILE A 101 -6.50 13.46 0.28
C ILE A 101 -5.01 13.34 0.56
N LEU A 102 -4.52 12.17 0.34
CA LEU A 102 -3.15 11.84 0.50
C LEU A 102 -2.44 11.94 -0.83
N ASN A 103 -1.36 12.64 -0.85
CA ASN A 103 -0.53 12.68 -2.02
C ASN A 103 0.82 12.12 -1.68
N VAL A 104 1.09 10.96 -2.19
CA VAL A 104 2.37 10.34 -1.98
C VAL A 104 3.28 10.81 -3.09
N THR A 105 4.26 11.56 -2.71
CA THR A 105 5.18 12.15 -3.64
C THR A 105 6.56 11.50 -3.48
N ALA A 106 7.00 10.80 -4.48
CA ALA A 106 8.29 10.16 -4.41
C ALA A 106 9.22 10.71 -5.45
N THR A 107 10.34 11.20 -5.00
CA THR A 107 11.33 11.75 -5.86
C THR A 107 12.63 10.96 -5.77
N ASP A 108 13.07 10.40 -6.86
CA ASP A 108 14.37 9.77 -6.91
C ASP A 108 15.40 10.84 -6.98
N LYS A 109 16.05 11.05 -5.87
CA LYS A 109 17.06 12.09 -5.74
C LYS A 109 18.28 11.75 -6.59
N SER A 110 18.41 10.48 -6.96
CA SER A 110 19.54 9.98 -7.70
C SER A 110 19.58 10.55 -9.13
N THR A 111 18.56 10.25 -9.90
CA THR A 111 18.49 10.70 -11.27
C THR A 111 17.61 11.95 -11.39
N GLY A 112 16.53 11.99 -10.64
CA GLY A 112 15.66 13.14 -10.71
C GLY A 112 14.21 12.81 -11.00
N LYS A 113 13.90 11.54 -11.20
CA LYS A 113 12.53 11.12 -11.49
C LYS A 113 11.59 11.33 -10.32
N ALA A 114 10.43 11.83 -10.59
CA ALA A 114 9.45 12.07 -9.56
C ALA A 114 8.07 11.73 -10.03
N ASN A 115 7.33 11.06 -9.16
CA ASN A 115 5.94 10.69 -9.42
C ASN A 115 5.16 10.89 -8.15
N LYS A 116 3.95 11.39 -8.26
CA LYS A 116 3.11 11.54 -7.12
C LYS A 116 1.68 11.12 -7.45
N ILE A 117 1.04 10.49 -6.52
CA ILE A 117 -0.33 10.06 -6.73
C ILE A 117 -1.26 10.70 -5.73
N THR A 118 -2.45 10.92 -6.15
CA THR A 118 -3.48 11.54 -5.36
C THR A 118 -4.50 10.49 -4.95
N ILE A 119 -4.57 10.20 -3.68
CA ILE A 119 -5.48 9.20 -3.16
C ILE A 119 -6.28 9.79 -2.02
N THR A 120 -7.56 9.89 -2.19
CA THR A 120 -8.42 10.19 -1.07
C THR A 120 -8.42 8.89 -0.26
N ASN A 121 -8.11 8.96 1.05
CA ASN A 121 -7.87 7.74 1.92
C ASN A 121 -8.89 6.63 1.61
N ASP A 122 -10.17 6.99 1.67
CA ASP A 122 -11.28 6.12 1.23
C ASP A 122 -11.33 4.81 2.07
N LYS A 123 -11.77 3.72 1.47
CA LYS A 123 -11.91 2.45 2.18
C LYS A 123 -10.64 1.61 2.05
N GLY A 124 -10.22 1.35 0.83
CA GLY A 124 -9.08 0.51 0.60
C GLY A 124 -9.50 -0.90 0.26
N ARG A 125 -8.90 -1.84 0.94
CA ARG A 125 -9.17 -3.26 0.78
C ARG A 125 -9.74 -3.77 2.09
N LEU A 126 -9.77 -5.10 2.24
CA LEU A 126 -10.16 -5.79 3.49
C LEU A 126 -11.60 -5.47 3.90
N SER A 127 -11.96 -5.91 5.07
CA SER A 127 -13.21 -5.53 5.67
C SER A 127 -12.90 -4.55 6.81
N LYS A 128 -13.88 -3.78 7.22
CA LYS A 128 -13.71 -2.76 8.25
C LYS A 128 -13.32 -3.41 9.59
N GLU A 129 -13.78 -4.63 9.80
CA GLU A 129 -13.42 -5.42 10.98
C GLU A 129 -11.91 -5.65 11.01
N GLU A 130 -11.34 -5.96 9.85
CA GLU A 130 -9.91 -6.21 9.72
C GLU A 130 -9.12 -4.93 9.93
N ILE A 131 -9.74 -3.81 9.59
CA ILE A 131 -9.16 -2.49 9.83
C ILE A 131 -8.98 -2.32 11.35
N GLU A 132 -10.02 -2.69 12.10
CA GLU A 132 -9.98 -2.62 13.54
C GLU A 132 -9.05 -3.65 14.16
N ARG A 133 -8.81 -4.75 13.47
CA ARG A 133 -7.86 -5.76 13.94
C ARG A 133 -6.49 -5.12 14.06
N MET A 134 -6.13 -4.35 13.05
CA MET A 134 -4.87 -3.63 13.01
C MET A 134 -4.85 -2.68 14.20
N VAL A 135 -5.97 -2.01 14.40
CA VAL A 135 -6.14 -1.03 15.46
C VAL A 135 -5.96 -1.62 16.87
N GLN A 136 -6.75 -2.63 17.18
CA GLN A 136 -6.81 -3.18 18.53
C GLN A 136 -5.55 -3.96 18.89
N GLU A 137 -5.12 -4.83 18.00
CA GLU A 137 -3.96 -5.68 18.27
C GLU A 137 -2.70 -4.85 18.44
N ALA A 138 -2.57 -3.80 17.64
CA ALA A 138 -1.43 -2.92 17.76
C ALA A 138 -1.46 -2.14 19.06
N GLU A 139 -2.61 -1.67 19.48
CA GLU A 139 -2.68 -0.93 20.74
C GLU A 139 -2.16 -1.77 21.91
N LYS A 140 -2.39 -3.05 21.82
CA LYS A 140 -1.90 -3.96 22.82
C LYS A 140 -0.39 -4.27 22.66
N TYR A 141 0.09 -4.39 21.42
CA TYR A 141 1.47 -4.88 21.20
C TYR A 141 2.38 -3.98 20.34
N LYS A 142 2.01 -2.73 20.13
CA LYS A 142 2.80 -1.80 19.27
C LYS A 142 4.22 -1.60 19.73
N ALA A 143 4.47 -1.74 21.02
CA ALA A 143 5.83 -1.64 21.54
C ALA A 143 6.64 -2.80 20.99
N GLU A 144 6.02 -3.96 20.95
CA GLU A 144 6.64 -5.16 20.42
C GLU A 144 6.77 -5.04 18.92
N ASP A 145 5.69 -4.57 18.28
CA ASP A 145 5.69 -4.39 16.82
C ASP A 145 6.80 -3.46 16.35
N GLU A 146 6.99 -2.33 17.03
CA GLU A 146 8.07 -1.42 16.65
C GLU A 146 9.43 -2.09 16.76
N VAL A 147 9.62 -2.89 17.80
CA VAL A 147 10.87 -3.64 17.95
C VAL A 147 11.01 -4.66 16.79
N GLN A 148 9.95 -5.41 16.55
CA GLN A 148 9.89 -6.43 15.48
C GLN A 148 10.22 -5.84 14.13
N ARG A 149 9.61 -4.69 13.85
CA ARG A 149 9.78 -3.96 12.61
C ARG A 149 11.26 -3.70 12.34
N GLU A 150 11.96 -3.17 13.32
CA GLU A 150 13.36 -2.82 13.12
C GLU A 150 14.31 -3.99 13.31
N ARG A 151 13.79 -5.14 13.71
CA ARG A 151 14.61 -6.33 13.80
C ARG A 151 14.85 -6.88 12.42
N VAL A 152 13.84 -6.74 11.58
CA VAL A 152 13.96 -7.17 10.22
C VAL A 152 14.77 -6.14 9.44
N SER A 153 14.34 -4.89 9.49
CA SER A 153 15.04 -3.80 8.85
C SER A 153 14.81 -2.51 9.64
N ALA A 154 15.87 -1.82 9.97
CA ALA A 154 15.77 -0.59 10.74
C ALA A 154 15.84 0.62 9.84
N LYS A 155 16.67 0.54 8.82
CA LYS A 155 16.83 1.61 7.87
C LYS A 155 15.69 1.54 6.87
N ASN A 156 15.25 2.69 6.43
CA ASN A 156 14.15 2.77 5.47
C ASN A 156 14.64 2.44 4.08
N ALA A 157 14.41 1.22 3.68
CA ALA A 157 14.81 0.77 2.38
C ALA A 157 13.67 0.00 1.74
N LEU A 158 13.39 0.32 0.49
CA LEU A 158 12.30 -0.34 -0.21
C LEU A 158 12.89 -1.40 -1.11
N GLU A 159 12.60 -2.63 -0.84
CA GLU A 159 13.06 -3.70 -1.64
C GLU A 159 11.97 -4.12 -2.58
N SER A 160 12.22 -4.01 -3.84
CA SER A 160 11.26 -4.43 -4.81
C SER A 160 11.48 -5.92 -5.04
N TYR A 161 10.36 -6.69 -5.00
CA TYR A 161 10.36 -8.16 -5.03
C TYR A 161 10.69 -8.69 -3.63
N ALA A 162 11.81 -8.20 -3.08
CA ALA A 162 12.28 -8.51 -1.74
C ALA A 162 12.55 -10.00 -1.54
N PHE A 163 13.77 -10.39 -1.77
CA PHE A 163 14.13 -11.78 -1.67
C PHE A 163 14.58 -12.15 -0.27
N ASN A 164 13.63 -12.70 0.49
CA ASN A 164 13.84 -13.32 1.82
C ASN A 164 14.69 -12.50 2.81
N MET A 165 14.02 -11.77 3.64
CA MET A 165 14.66 -11.02 4.68
C MET A 165 14.44 -11.75 5.98
N LYS A 166 15.48 -12.35 6.52
CA LYS A 166 15.34 -13.14 7.73
C LYS A 166 16.48 -12.88 8.67
N SER A 167 16.26 -13.23 9.89
CA SER A 167 17.23 -13.20 10.92
C SER A 167 16.89 -14.41 11.78
N ALA A 168 17.35 -15.54 11.33
CA ALA A 168 16.98 -16.79 11.91
C ALA A 168 18.08 -17.36 12.78
N VAL A 169 17.72 -18.35 13.53
CA VAL A 169 18.62 -19.10 14.35
C VAL A 169 18.91 -20.43 13.64
N GLU A 170 19.55 -21.35 14.31
CA GLU A 170 19.78 -22.65 13.72
C GLU A 170 18.61 -23.56 13.96
N ASP A 171 17.99 -23.99 12.89
CA ASP A 171 16.86 -24.90 12.98
C ASP A 171 17.33 -26.31 13.21
N GLU A 172 18.49 -26.61 12.68
CA GLU A 172 19.04 -27.93 12.78
C GLU A 172 19.71 -28.16 14.14
N GLY A 173 19.75 -29.41 14.55
CA GLY A 173 20.38 -29.79 15.80
C GLY A 173 21.84 -30.07 15.59
N LEU A 174 22.60 -29.05 15.25
CA LEU A 174 23.99 -29.23 14.95
C LEU A 174 24.82 -29.15 16.23
N LYS A 175 24.77 -30.25 16.97
CA LYS A 175 25.57 -30.54 18.17
C LYS A 175 24.90 -31.68 18.89
N GLY A 176 23.76 -31.37 19.48
CA GLY A 176 23.08 -32.33 20.30
C GLY A 176 23.70 -32.41 21.68
N LYS A 177 22.93 -32.06 22.69
CA LYS A 177 23.41 -32.18 24.05
C LYS A 177 23.28 -33.61 24.49
N ILE A 178 22.26 -34.25 23.99
CA ILE A 178 22.01 -35.63 24.27
C ILE A 178 21.33 -36.28 23.06
N SER A 179 22.13 -36.65 22.11
CA SER A 179 21.68 -37.35 20.96
C SER A 179 21.87 -38.83 21.20
N GLU A 180 20.80 -39.58 20.95
CA GLU A 180 20.72 -41.01 21.16
C GLU A 180 21.96 -41.79 20.68
N ALA A 181 22.76 -42.21 21.61
CA ALA A 181 23.90 -43.04 21.34
C ALA A 181 23.41 -44.47 21.33
N ASP A 182 23.26 -45.00 20.15
CA ASP A 182 22.64 -46.30 19.92
C ASP A 182 23.42 -47.44 20.54
N LYS A 183 24.74 -47.39 20.47
CA LYS A 183 25.50 -48.52 20.95
C LYS A 183 25.92 -48.41 22.41
N LYS A 184 26.28 -47.20 22.86
CA LYS A 184 26.71 -46.93 24.27
C LYS A 184 27.24 -45.50 24.38
N LYS A 185 27.85 -45.08 23.33
CA LYS A 185 28.41 -43.77 23.14
C LYS A 185 28.58 -43.74 21.65
N VAL A 186 29.22 -42.73 21.09
CA VAL A 186 29.51 -42.70 19.67
C VAL A 186 30.28 -43.99 19.23
N LEU A 187 31.28 -44.41 20.03
CA LEU A 187 32.06 -45.59 19.68
C LEU A 187 32.34 -46.46 20.90
N ASP A 188 33.25 -46.00 21.71
CA ASP A 188 33.75 -46.74 22.88
C ASP A 188 32.87 -46.47 24.08
N LYS A 189 33.30 -46.96 25.22
CA LYS A 189 32.59 -46.74 26.45
C LYS A 189 33.60 -46.19 27.47
N SMC A 190 34.50 -47.04 27.93
CA SMC A 190 35.52 -46.66 28.88
CB SMC A 190 35.07 -46.86 30.34
SG SMC A 190 33.68 -45.83 30.87
C SMC A 190 36.82 -47.40 28.62
O SMC A 190 37.21 -48.31 29.36
H SMC A 190 34.49 -47.98 27.62
HA SMC A 190 35.71 -45.60 28.72
HB2 SMC A 190 35.90 -46.65 30.99
HB3 SMC A 190 34.77 -47.89 30.47
N GLN A 191 37.47 -47.08 27.53
CA GLN A 191 38.76 -47.68 27.20
C GLN A 191 39.86 -47.06 28.04
N GLU A 192 39.67 -45.80 28.33
CA GLU A 192 40.66 -44.94 29.00
C GLU A 192 40.98 -45.40 30.43
N VAL A 193 40.21 -46.35 30.95
CA VAL A 193 40.48 -46.92 32.27
C VAL A 193 41.84 -47.59 32.27
N ILE A 194 42.10 -48.33 31.21
CA ILE A 194 43.35 -49.03 31.07
C ILE A 194 44.19 -48.39 29.97
N SER A 195 43.53 -47.87 28.95
CA SER A 195 44.20 -47.30 27.81
C SER A 195 44.69 -45.86 28.06
N TRP A 196 45.43 -45.69 29.13
CA TRP A 196 46.13 -44.45 29.32
C TRP A 196 47.51 -44.67 28.71
N LEU A 197 47.85 -45.94 28.65
CA LEU A 197 49.02 -46.44 27.98
C LEU A 197 48.52 -47.05 26.69
N ASP A 198 49.32 -47.03 25.67
CA ASP A 198 48.87 -47.50 24.37
C ASP A 198 49.36 -48.91 24.07
N ALA A 199 50.51 -49.25 24.59
CA ALA A 199 51.12 -50.55 24.36
C ALA A 199 51.41 -51.23 25.70
N ASN A 200 52.07 -52.38 25.67
CA ASN A 200 52.45 -53.08 26.89
C ASN A 200 53.78 -53.75 26.71
N THR A 201 54.55 -53.80 27.77
CA THR A 201 55.85 -54.41 27.75
C THR A 201 55.72 -55.93 27.87
N LEU A 202 55.12 -56.34 28.94
CA LEU A 202 54.78 -57.72 29.21
C LEU A 202 53.32 -57.70 29.60
N ALA A 203 53.03 -56.84 30.55
CA ALA A 203 51.69 -56.51 30.95
C ALA A 203 51.73 -55.05 31.39
N GLU A 204 52.66 -54.79 32.30
CA GLU A 204 52.92 -53.44 32.78
C GLU A 204 54.39 -53.36 33.23
N LYS A 205 54.74 -54.25 34.13
CA LYS A 205 56.07 -54.39 34.70
C LYS A 205 56.00 -55.62 35.57
N ASP A 206 55.18 -55.50 36.58
CA ASP A 206 54.83 -56.55 37.48
C ASP A 206 53.63 -56.06 38.26
N GLU A 207 52.66 -56.89 38.41
CA GLU A 207 51.42 -56.53 39.06
C GLU A 207 51.27 -57.25 40.37
N PHE A 208 51.03 -56.49 41.41
CA PHE A 208 50.96 -57.00 42.76
C PHE A 208 49.56 -57.54 43.06
N GLU A 209 48.56 -56.90 42.49
CA GLU A 209 47.20 -57.28 42.73
C GLU A 209 46.40 -57.20 41.43
N HIS A 210 45.80 -58.29 41.06
CA HIS A 210 45.00 -58.35 39.87
C HIS A 210 43.56 -58.66 40.25
N LYS A 211 43.39 -59.65 41.09
CA LYS A 211 42.09 -60.06 41.57
C LYS A 211 42.23 -60.49 42.99
N ARG A 212 41.45 -59.91 43.86
CA ARG A 212 41.48 -60.30 45.23
C ARG A 212 40.60 -61.49 45.46
N LYS A 213 41.17 -62.64 45.39
CA LYS A 213 40.45 -63.85 45.70
C LYS A 213 40.47 -64.09 47.20
N GLU A 214 39.60 -63.38 47.84
CA GLU A 214 39.48 -63.35 49.27
C GLU A 214 38.60 -64.50 49.75
N LEU A 215 38.45 -64.61 51.07
CA LEU A 215 37.77 -65.73 51.75
C LEU A 215 38.71 -66.93 51.76
N GLU A 216 38.59 -67.76 52.75
CA GLU A 216 39.43 -68.94 52.85
C GLU A 216 39.12 -69.89 51.68
N GLN A 217 40.17 -70.38 51.04
CA GLN A 217 40.03 -71.38 49.98
C GLN A 217 39.52 -72.68 50.57
N VAL A 218 38.24 -72.83 50.47
CA VAL A 218 37.53 -73.97 50.95
C VAL A 218 36.12 -73.94 50.38
N SMC A 219 35.78 -74.91 49.61
CA SMC A 219 34.47 -74.93 49.02
CB SMC A 219 34.52 -75.48 47.57
SG SMC A 219 32.91 -75.48 46.73
C SMC A 219 33.50 -75.72 49.89
O SMC A 219 32.82 -75.13 50.75
H SMC A 219 36.43 -75.62 49.42
HA SMC A 219 34.13 -73.91 48.99
HB2 SMC A 219 34.88 -76.49 47.59
HB3 SMC A 219 35.19 -74.87 46.98
N ASN A 220 33.52 -77.04 49.75
CA ASN A 220 32.61 -77.93 50.45
C ASN A 220 32.87 -79.33 49.95
N PRO A 221 32.95 -80.36 50.83
CA PRO A 221 32.97 -81.74 50.39
C PRO A 221 31.61 -82.05 49.77
N ILE A 222 31.58 -82.05 48.44
CA ILE A 222 30.35 -82.10 47.66
C ILE A 222 29.44 -83.27 48.00
N ILE A 223 29.93 -84.50 47.80
CA ILE A 223 29.14 -85.72 47.97
C ILE A 223 27.90 -85.69 47.05
N SER A 224 27.98 -86.32 45.92
CA SER A 224 26.87 -86.31 45.00
C SER A 224 25.82 -87.33 45.44
N GLY A 225 24.87 -86.88 46.21
CA GLY A 225 23.82 -87.75 46.67
C GLY A 225 22.68 -87.77 45.69
N LEU A 226 22.66 -88.79 44.86
CA LEU A 226 21.66 -88.96 43.80
C LEU A 226 21.79 -87.83 42.79
N TYR A 227 22.74 -87.99 41.92
CA TYR A 227 23.06 -87.00 40.92
C TYR A 227 22.11 -87.16 39.74
N GLN A 228 21.88 -88.40 39.37
CA GLN A 228 20.98 -88.75 38.28
C GLN A 228 20.21 -90.00 38.65
N GLY A 229 18.95 -89.84 38.89
CA GLY A 229 18.11 -90.95 39.25
C GLY A 229 17.10 -91.21 38.18
N ALA A 230 17.50 -91.95 37.18
CA ALA A 230 16.64 -92.30 36.07
C ALA A 230 15.62 -93.33 36.53
N GLY A 231 14.37 -92.94 36.55
CA GLY A 231 13.32 -93.81 36.99
C GLY A 231 11.99 -93.42 36.40
N GLY A 232 11.98 -93.22 35.11
CA GLY A 232 10.77 -92.87 34.42
C GLY A 232 10.14 -94.12 33.84
N PRO A 233 9.00 -94.58 34.39
CA PRO A 233 8.34 -95.83 33.95
C PRO A 233 7.93 -95.77 32.48
N GLY A 234 8.68 -96.48 31.66
CA GLY A 234 8.39 -96.53 30.26
C GLY A 234 8.52 -97.93 29.74
N PRO A 235 7.39 -98.65 29.53
CA PRO A 235 7.40 -100.02 29.01
C PRO A 235 7.61 -100.08 27.49
N GLY A 236 7.73 -98.92 26.86
CA GLY A 236 7.94 -98.85 25.45
C GLY A 236 9.34 -99.26 25.07
N GLY A 237 9.50 -99.79 23.89
CA GLY A 237 10.77 -100.28 23.46
C GLY A 237 10.76 -101.79 23.51
N PHE A 238 10.42 -102.38 22.35
CA PHE A 238 10.31 -103.84 22.17
C PHE A 238 9.10 -104.38 22.94
N GLY A 239 8.09 -104.78 22.21
CA GLY A 239 6.88 -105.23 22.85
C GLY A 239 6.60 -106.68 22.56
N ALA A 240 5.36 -106.99 22.34
CA ALA A 240 4.94 -108.34 22.07
C ALA A 240 4.72 -108.50 20.58
N GLN A 241 5.19 -109.58 20.04
CA GLN A 241 5.08 -109.84 18.63
C GLN A 241 3.86 -110.69 18.35
N GLY A 242 3.39 -110.63 17.15
CA GLY A 242 2.29 -111.44 16.76
C GLY A 242 2.78 -112.68 16.06
N PRO A 243 2.36 -113.88 16.49
CA PRO A 243 2.73 -115.12 15.82
C PRO A 243 2.14 -115.14 14.41
N LYS A 244 3.02 -115.04 13.43
CA LYS A 244 2.65 -114.92 12.03
C LYS A 244 1.92 -116.18 11.56
N GLY A 245 0.64 -116.03 11.32
CA GLY A 245 -0.16 -117.13 10.88
C GLY A 245 -1.60 -116.92 11.21
N GLY A 246 -2.04 -117.54 12.29
CA GLY A 246 -3.43 -117.52 12.68
C GLY A 246 -3.82 -116.29 13.47
N SER A 247 -3.60 -115.13 12.89
CA SER A 247 -3.98 -113.90 13.50
C SER A 247 -5.49 -113.67 13.31
N GLY A 248 -6.16 -113.30 14.38
CA GLY A 248 -7.58 -113.10 14.32
C GLY A 248 -7.93 -111.63 14.26
N SER A 249 -9.05 -111.26 14.82
CA SER A 249 -9.50 -109.88 14.82
C SER A 249 -9.24 -109.22 16.17
N GLY A 250 -8.28 -109.76 16.89
CA GLY A 250 -7.94 -109.21 18.17
C GLY A 250 -6.56 -109.62 18.60
N PRO A 251 -5.54 -108.78 18.41
CA PRO A 251 -4.20 -109.05 18.88
C PRO A 251 -4.10 -108.61 20.32
N THR A 252 -4.67 -109.43 21.19
CA THR A 252 -4.92 -109.12 22.56
C THR A 252 -6.02 -108.05 22.62
N ILE A 253 -7.23 -108.50 22.87
CA ILE A 253 -8.42 -107.64 22.96
C ILE A 253 -8.22 -106.52 23.98
N GLU A 254 -8.99 -105.49 23.86
CA GLU A 254 -8.87 -104.35 24.73
C GLU A 254 -9.49 -104.67 26.08
N GLU A 255 -8.66 -105.19 26.95
CA GLU A 255 -9.11 -105.59 28.24
C GLU A 255 -9.11 -104.41 29.19
N VAL A 256 -10.18 -103.69 29.10
CA VAL A 256 -10.51 -102.61 29.97
C VAL A 256 -11.95 -102.85 30.32
N ASP A 257 -12.18 -103.40 31.45
CA ASP A 257 -13.51 -103.78 31.82
C ASP A 257 -13.77 -103.38 33.23
N SER A 1 -35.04 16.36 11.24
CA SER A 1 -33.86 16.95 10.65
C SER A 1 -32.74 16.91 11.66
N GLU A 2 -31.63 16.31 11.29
CA GLU A 2 -30.49 16.33 12.16
C GLU A 2 -29.75 17.63 11.92
N ASN A 3 -30.04 18.60 12.73
CA ASN A 3 -29.39 19.88 12.62
C ASN A 3 -28.12 19.82 13.42
N VAL A 4 -27.04 19.62 12.71
CA VAL A 4 -25.76 19.48 13.32
C VAL A 4 -24.85 20.59 12.87
N GLN A 5 -23.87 20.91 13.68
CA GLN A 5 -22.86 21.88 13.33
C GLN A 5 -22.06 21.35 12.16
N ASP A 6 -21.88 22.20 11.15
CA ASP A 6 -21.26 21.85 9.86
C ASP A 6 -19.90 21.21 10.00
N LEU A 7 -19.19 21.57 11.02
CA LEU A 7 -17.87 21.05 11.23
C LEU A 7 -17.87 19.66 11.85
N LEU A 8 -18.07 18.65 11.03
CA LEU A 8 -17.88 17.28 11.46
C LEU A 8 -16.58 16.85 10.85
N LEU A 9 -15.50 17.36 11.36
CA LEU A 9 -14.22 17.10 10.76
C LEU A 9 -13.26 16.53 11.76
N LEU A 10 -13.02 15.25 11.65
CA LEU A 10 -12.04 14.62 12.46
C LEU A 10 -10.75 14.69 11.67
N ASP A 11 -10.03 15.77 11.87
CA ASP A 11 -8.83 16.09 11.10
C ASP A 11 -7.63 15.33 11.57
N VAL A 12 -7.72 14.04 11.56
CA VAL A 12 -6.61 13.21 11.94
C VAL A 12 -6.51 12.06 10.96
N ALA A 13 -5.42 11.35 11.02
CA ALA A 13 -5.22 10.18 10.19
C ALA A 13 -5.90 8.98 10.86
N PRO A 14 -6.78 8.26 10.15
CA PRO A 14 -7.49 7.09 10.72
C PRO A 14 -6.53 5.98 11.15
N LEU A 15 -5.61 5.65 10.26
CA LEU A 15 -4.61 4.65 10.53
C LEU A 15 -3.25 5.25 10.35
N SER A 16 -2.26 4.49 10.76
CA SER A 16 -0.92 4.85 10.55
C SER A 16 -0.60 4.53 9.09
N LEU A 17 -0.04 5.49 8.41
CA LEU A 17 0.25 5.36 7.02
C LEU A 17 1.67 4.91 6.85
N GLY A 18 1.86 3.92 6.02
CA GLY A 18 3.15 3.38 5.83
C GLY A 18 3.35 2.83 4.46
N LEU A 19 4.54 2.36 4.22
CA LEU A 19 4.93 1.84 2.94
C LEU A 19 5.43 0.44 3.08
N GLU A 20 5.51 -0.23 1.96
CA GLU A 20 6.07 -1.55 1.90
C GLU A 20 7.59 -1.36 1.78
N THR A 21 8.28 -1.69 2.81
CA THR A 21 9.69 -1.60 2.84
C THR A 21 10.32 -2.97 2.58
N ALA A 22 11.43 -2.95 1.84
CA ALA A 22 12.11 -4.13 1.34
C ALA A 22 12.28 -5.20 2.37
N GLY A 23 11.62 -6.30 2.12
CA GLY A 23 11.65 -7.41 3.01
C GLY A 23 10.27 -7.78 3.44
N GLY A 24 9.32 -6.93 3.13
CA GLY A 24 7.96 -7.17 3.49
C GLY A 24 7.72 -6.72 4.90
N VAL A 25 8.11 -5.51 5.15
CA VAL A 25 8.00 -4.91 6.45
C VAL A 25 7.21 -3.64 6.27
N MET A 26 6.26 -3.39 7.13
CA MET A 26 5.49 -2.19 6.98
C MET A 26 6.05 -1.08 7.84
N THR A 27 6.76 -0.20 7.21
CA THR A 27 7.32 0.92 7.90
C THR A 27 6.39 2.11 7.76
N ALA A 28 5.90 2.61 8.87
CA ALA A 28 4.97 3.70 8.87
C ALA A 28 5.70 5.02 8.98
N LEU A 29 5.18 6.01 8.31
CA LEU A 29 5.75 7.34 8.33
C LEU A 29 4.95 8.22 9.25
N ILE A 30 3.64 8.14 9.13
CA ILE A 30 2.74 8.91 9.96
C ILE A 30 1.87 7.96 10.72
N LYS A 31 1.78 8.12 12.02
CA LYS A 31 0.92 7.26 12.81
C LYS A 31 -0.49 7.84 12.81
N ARG A 32 -1.45 7.06 13.26
CA ARG A 32 -2.82 7.49 13.31
C ARG A 32 -3.02 8.58 14.35
N ASN A 33 -4.16 9.25 14.27
CA ASN A 33 -4.58 10.31 15.20
C ASN A 33 -3.72 11.57 15.08
N SER A 34 -2.89 11.61 14.07
CA SER A 34 -2.09 12.77 13.79
C SER A 34 -2.94 13.78 13.03
N THR A 35 -3.12 14.94 13.61
CA THR A 35 -3.92 15.99 13.05
C THR A 35 -3.35 16.53 11.72
N ILE A 36 -4.22 16.55 10.74
CA ILE A 36 -3.92 17.02 9.41
C ILE A 36 -4.27 18.52 9.35
N PRO A 37 -3.80 19.29 8.33
CA PRO A 37 -2.98 18.81 7.21
C PRO A 37 -1.57 18.38 7.62
N THR A 38 -1.25 17.17 7.32
CA THR A 38 0.05 16.61 7.60
C THR A 38 0.94 16.72 6.37
N LYS A 39 2.22 16.70 6.58
CA LYS A 39 3.20 16.68 5.53
C LYS A 39 4.50 16.17 6.12
N GLN A 40 4.82 14.94 5.85
CA GLN A 40 5.99 14.30 6.43
C GLN A 40 6.81 13.65 5.30
N THR A 41 8.04 14.09 5.18
CA THR A 41 8.96 13.60 4.16
C THR A 41 10.03 12.70 4.79
N GLN A 42 10.40 11.64 4.08
CA GLN A 42 11.50 10.76 4.50
C GLN A 42 12.36 10.43 3.31
N ILE A 43 13.55 9.96 3.59
CA ILE A 43 14.48 9.55 2.57
C ILE A 43 14.59 8.04 2.60
N PHE A 44 14.31 7.44 1.49
CA PHE A 44 14.33 6.02 1.39
C PHE A 44 15.50 5.52 0.61
N THR A 45 15.96 4.39 1.02
CA THR A 45 17.06 3.68 0.45
C THR A 45 16.56 2.38 -0.16
N THR A 46 17.39 1.66 -0.85
CA THR A 46 16.96 0.40 -1.40
C THR A 46 17.67 -0.80 -0.74
N TYR A 47 17.01 -1.95 -0.72
CA TYR A 47 17.67 -3.23 -0.41
C TYR A 47 17.78 -4.07 -1.64
N SER A 48 17.43 -3.47 -2.73
CA SER A 48 17.51 -4.08 -4.00
C SER A 48 18.88 -3.80 -4.62
N ASP A 49 19.28 -4.62 -5.54
CA ASP A 49 20.56 -4.48 -6.18
C ASP A 49 20.34 -4.23 -7.65
N ASN A 50 20.71 -3.05 -8.11
CA ASN A 50 20.51 -2.63 -9.49
C ASN A 50 19.05 -2.56 -9.85
N GLN A 51 18.42 -1.55 -9.33
CA GLN A 51 17.02 -1.31 -9.51
C GLN A 51 16.74 -0.22 -10.54
N PRO A 52 16.00 -0.53 -11.61
CA PRO A 52 15.61 0.47 -12.61
C PRO A 52 14.34 1.23 -12.15
N GLY A 53 13.69 0.67 -11.17
CA GLY A 53 12.51 1.23 -10.62
C GLY A 53 12.26 0.64 -9.26
N VAL A 54 11.63 1.40 -8.39
CA VAL A 54 11.30 0.94 -7.06
C VAL A 54 9.79 0.95 -6.88
N LEU A 55 9.30 0.21 -5.93
CA LEU A 55 7.87 0.07 -5.75
C LEU A 55 7.40 0.80 -4.50
N ILE A 56 6.42 1.65 -4.66
CA ILE A 56 5.84 2.38 -3.57
C ILE A 56 4.41 1.91 -3.36
N GLN A 57 4.20 1.14 -2.33
CA GLN A 57 2.87 0.70 -1.99
C GLN A 57 2.48 1.32 -0.66
N VAL A 58 1.37 2.02 -0.67
CA VAL A 58 0.89 2.75 0.50
C VAL A 58 -0.14 1.90 1.25
N TYR A 59 0.17 1.61 2.48
CA TYR A 59 -0.70 0.79 3.31
C TYR A 59 -1.09 1.54 4.58
N GLU A 60 -2.21 1.13 5.15
CA GLU A 60 -2.65 1.62 6.44
C GLU A 60 -2.55 0.52 7.46
N GLY A 61 -2.32 0.93 8.67
CA GLY A 61 -2.27 0.02 9.77
C GLY A 61 -0.91 -0.01 10.35
N GLU A 62 -0.66 -1.00 11.17
CA GLU A 62 0.64 -1.24 11.74
C GLU A 62 0.84 -2.69 11.96
N ARG A 63 1.53 -3.29 11.05
CA ARG A 63 1.86 -4.67 11.15
C ARG A 63 3.32 -4.87 10.91
N ALA A 64 3.83 -5.92 11.48
CA ALA A 64 5.23 -6.23 11.47
C ALA A 64 5.69 -6.54 10.07
N MET A 65 4.86 -7.23 9.39
CA MET A 65 5.09 -7.60 8.03
C MET A 65 3.89 -7.22 7.25
N THR A 66 4.12 -6.63 6.12
CA THR A 66 3.08 -6.21 5.24
C THR A 66 2.36 -7.46 4.70
N LYS A 67 1.13 -7.66 5.15
CA LYS A 67 0.37 -8.84 4.77
C LYS A 67 -1.14 -8.60 4.88
N ASP A 68 -1.58 -7.99 5.97
CA ASP A 68 -2.98 -7.71 6.19
C ASP A 68 -3.12 -6.27 6.53
N ASN A 69 -3.14 -5.47 5.52
CA ASN A 69 -3.19 -4.02 5.69
C ASN A 69 -4.02 -3.43 4.59
N ASN A 70 -4.33 -2.16 4.68
CA ASN A 70 -5.14 -1.53 3.63
C ASN A 70 -4.26 -0.96 2.57
N LEU A 71 -4.38 -1.46 1.36
CA LEU A 71 -3.64 -0.92 0.25
C LEU A 71 -4.43 0.25 -0.33
N LEU A 72 -3.94 1.45 -0.11
CA LEU A 72 -4.62 2.64 -0.60
C LEU A 72 -4.30 2.85 -2.07
N GLY A 73 -3.05 2.65 -2.40
CA GLY A 73 -2.61 2.84 -3.73
C GLY A 73 -1.20 2.37 -3.90
N ARG A 74 -0.80 2.17 -5.12
CA ARG A 74 0.52 1.70 -5.42
C ARG A 74 1.02 2.29 -6.73
N PHE A 75 2.29 2.51 -6.82
CA PHE A 75 2.92 2.99 -8.03
C PHE A 75 4.38 2.64 -8.00
N GLU A 76 5.00 2.57 -9.14
CA GLU A 76 6.39 2.31 -9.21
C GLU A 76 7.09 3.57 -9.61
N LEU A 77 8.17 3.87 -8.96
CA LEU A 77 8.97 4.99 -9.36
C LEU A 77 10.09 4.43 -10.20
N SER A 78 9.98 4.62 -11.46
CA SER A 78 10.93 4.09 -12.39
C SER A 78 11.86 5.18 -12.86
N GLY A 79 13.05 4.78 -13.26
CA GLY A 79 14.04 5.72 -13.69
C GLY A 79 15.14 5.83 -12.68
N ILE A 80 15.11 4.91 -11.73
CA ILE A 80 16.10 4.83 -10.68
C ILE A 80 17.39 4.33 -11.32
N PRO A 81 18.52 4.93 -10.99
CA PRO A 81 19.80 4.47 -11.47
C PRO A 81 20.19 3.16 -10.77
N PRO A 82 20.29 2.03 -11.53
CA PRO A 82 20.66 0.73 -10.98
C PRO A 82 21.99 0.78 -10.24
N ALA A 83 21.90 0.80 -8.94
CA ALA A 83 23.05 0.92 -8.09
C ALA A 83 22.96 -0.12 -6.96
N PRO A 84 24.02 -0.26 -6.12
CA PRO A 84 23.98 -1.14 -4.94
C PRO A 84 22.87 -0.74 -3.94
N ARG A 85 22.67 -1.60 -2.96
CA ARG A 85 21.64 -1.42 -1.94
C ARG A 85 21.90 -0.15 -1.13
N GLY A 86 20.98 0.78 -1.20
CA GLY A 86 21.05 1.96 -0.37
C GLY A 86 21.83 3.08 -0.97
N VAL A 87 22.01 3.05 -2.25
CA VAL A 87 22.71 4.13 -2.93
C VAL A 87 21.73 5.23 -3.42
N PRO A 88 20.67 4.91 -4.24
CA PRO A 88 19.70 5.92 -4.69
C PRO A 88 19.01 6.64 -3.53
N GLN A 89 18.86 7.93 -3.64
CA GLN A 89 18.25 8.75 -2.61
C GLN A 89 16.82 9.12 -2.97
N ILE A 90 15.90 8.35 -2.44
CA ILE A 90 14.50 8.53 -2.74
C ILE A 90 13.88 9.45 -1.68
N GLU A 91 13.15 10.42 -2.09
CA GLU A 91 12.46 11.31 -1.20
C GLU A 91 10.98 11.07 -1.34
N VAL A 92 10.33 10.66 -0.28
CA VAL A 92 8.90 10.39 -0.32
C VAL A 92 8.19 11.29 0.68
N THR A 93 7.18 11.97 0.22
CA THR A 93 6.41 12.86 1.05
C THR A 93 4.95 12.42 1.11
N PHE A 94 4.47 12.29 2.33
CA PHE A 94 3.08 12.03 2.62
C PHE A 94 2.46 13.30 3.15
N ASP A 95 1.56 13.87 2.40
CA ASP A 95 0.86 15.06 2.86
C ASP A 95 -0.62 14.90 2.63
N ILE A 96 -1.41 15.37 3.56
CA ILE A 96 -2.85 15.24 3.49
C ILE A 96 -3.48 16.59 3.68
N ASP A 97 -4.32 17.00 2.76
CA ASP A 97 -5.00 18.28 2.89
C ASP A 97 -6.33 18.10 3.63
N ALA A 98 -7.04 19.20 3.82
CA ALA A 98 -8.28 19.25 4.61
C ALA A 98 -9.42 18.37 4.06
N ASN A 99 -9.39 18.01 2.77
CA ASN A 99 -10.46 17.19 2.18
C ASN A 99 -10.22 15.73 2.54
N GLY A 100 -9.02 15.44 2.96
CA GLY A 100 -8.65 14.09 3.27
C GLY A 100 -7.96 13.44 2.11
N ILE A 101 -7.30 14.24 1.31
CA ILE A 101 -6.58 13.77 0.18
C ILE A 101 -5.12 13.55 0.54
N LEU A 102 -4.69 12.33 0.44
CA LEU A 102 -3.33 11.95 0.73
C LEU A 102 -2.51 11.96 -0.54
N ASN A 103 -1.57 12.83 -0.62
CA ASN A 103 -0.68 12.89 -1.74
C ASN A 103 0.64 12.30 -1.37
N VAL A 104 1.02 11.29 -2.08
CA VAL A 104 2.28 10.63 -1.86
C VAL A 104 3.13 10.86 -3.09
N THR A 105 4.20 11.58 -2.91
CA THR A 105 5.09 11.87 -4.01
C THR A 105 6.46 11.28 -3.72
N ALA A 106 6.97 10.49 -4.65
CA ALA A 106 8.27 9.90 -4.51
C ALA A 106 9.19 10.47 -5.58
N THR A 107 10.29 11.00 -5.17
CA THR A 107 11.23 11.59 -6.07
C THR A 107 12.63 11.00 -5.84
N ASP A 108 13.18 10.41 -6.88
CA ASP A 108 14.55 9.94 -6.84
C ASP A 108 15.44 11.11 -7.03
N LYS A 109 15.96 11.61 -5.95
CA LYS A 109 16.85 12.74 -5.97
C LYS A 109 18.21 12.44 -6.59
N SER A 110 18.45 11.19 -6.93
CA SER A 110 19.68 10.80 -7.57
C SER A 110 19.67 11.36 -9.00
N THR A 111 18.58 11.09 -9.71
CA THR A 111 18.39 11.57 -11.06
C THR A 111 17.54 12.84 -11.08
N GLY A 112 16.50 12.84 -10.31
CA GLY A 112 15.56 13.91 -10.30
C GLY A 112 14.25 13.49 -10.93
N LYS A 113 13.97 12.21 -10.89
CA LYS A 113 12.73 11.70 -11.44
C LYS A 113 11.70 11.52 -10.35
N ALA A 114 10.47 11.81 -10.67
CA ALA A 114 9.41 11.80 -9.69
C ALA A 114 8.16 11.13 -10.22
N ASN A 115 7.43 10.52 -9.31
CA ASN A 115 6.14 9.88 -9.56
C ASN A 115 5.29 10.09 -8.31
N LYS A 116 4.04 10.47 -8.49
CA LYS A 116 3.16 10.70 -7.36
C LYS A 116 1.88 9.87 -7.47
N ILE A 117 1.16 9.80 -6.38
CA ILE A 117 -0.18 9.28 -6.38
C ILE A 117 -1.03 10.15 -5.45
N THR A 118 -2.22 10.39 -5.86
CA THR A 118 -3.14 11.22 -5.12
C THR A 118 -4.35 10.38 -4.66
N ILE A 119 -4.48 10.21 -3.37
CA ILE A 119 -5.57 9.43 -2.79
C ILE A 119 -6.68 10.39 -2.34
N THR A 120 -7.71 10.48 -3.13
CA THR A 120 -8.83 11.34 -2.85
C THR A 120 -9.92 10.61 -2.07
N ASN A 121 -9.97 10.88 -0.76
CA ASN A 121 -11.05 10.40 0.16
C ASN A 121 -10.89 8.93 0.55
N ASP A 122 -11.35 8.62 1.75
CA ASP A 122 -11.30 7.26 2.33
C ASP A 122 -12.24 6.34 1.55
N LYS A 123 -13.41 6.85 1.27
CA LYS A 123 -14.44 6.11 0.57
C LYS A 123 -14.22 6.15 -0.94
N GLY A 124 -13.16 6.83 -1.34
CA GLY A 124 -12.84 6.93 -2.73
C GLY A 124 -11.95 5.79 -3.16
N ARG A 125 -11.44 5.06 -2.19
CA ARG A 125 -10.58 3.91 -2.45
C ARG A 125 -11.12 2.65 -1.82
N LEU A 126 -11.54 2.77 -0.59
CA LEU A 126 -12.02 1.64 0.18
C LEU A 126 -13.47 1.84 0.55
N SER A 127 -14.01 0.93 1.33
CA SER A 127 -15.36 1.06 1.82
C SER A 127 -15.32 2.05 2.99
N LYS A 128 -14.84 1.53 4.12
CA LYS A 128 -14.57 2.19 5.38
C LYS A 128 -14.60 1.12 6.45
N GLU A 129 -15.35 0.08 6.17
CA GLU A 129 -15.49 -1.07 7.06
C GLU A 129 -14.10 -1.68 7.33
N GLU A 130 -13.34 -1.92 6.25
CA GLU A 130 -11.97 -2.44 6.35
C GLU A 130 -11.06 -1.49 7.09
N ILE A 131 -11.32 -0.21 6.94
CA ILE A 131 -10.56 0.82 7.63
C ILE A 131 -10.77 0.67 9.14
N GLU A 132 -12.02 0.62 9.55
CA GLU A 132 -12.37 0.42 10.96
C GLU A 132 -11.84 -0.93 11.49
N ARG A 133 -11.93 -1.97 10.64
CA ARG A 133 -11.42 -3.31 10.97
C ARG A 133 -9.92 -3.28 11.18
N MET A 134 -9.24 -2.54 10.33
CA MET A 134 -7.79 -2.37 10.38
C MET A 134 -7.38 -1.68 11.69
N VAL A 135 -8.17 -0.69 12.11
CA VAL A 135 -7.93 0.02 13.38
C VAL A 135 -7.87 -0.96 14.53
N GLN A 136 -8.89 -1.80 14.61
CA GLN A 136 -9.02 -2.78 15.68
C GLN A 136 -7.81 -3.71 15.72
N GLU A 137 -7.53 -4.34 14.60
CA GLU A 137 -6.44 -5.31 14.52
C GLU A 137 -5.07 -4.66 14.79
N ALA A 138 -4.85 -3.49 14.21
CA ALA A 138 -3.58 -2.80 14.33
C ALA A 138 -3.28 -2.40 15.75
N GLU A 139 -4.30 -1.97 16.49
CA GLU A 139 -4.11 -1.55 17.87
C GLU A 139 -3.98 -2.72 18.81
N LYS A 140 -4.74 -3.78 18.56
CA LYS A 140 -4.70 -4.97 19.39
C LYS A 140 -3.34 -5.65 19.36
N TYR A 141 -2.76 -5.70 18.20
CA TYR A 141 -1.48 -6.38 18.03
C TYR A 141 -0.36 -5.40 17.72
N LYS A 142 -0.60 -4.13 18.03
CA LYS A 142 0.34 -3.04 17.82
C LYS A 142 1.69 -3.36 18.43
N ALA A 143 1.68 -3.64 19.74
CA ALA A 143 2.90 -3.93 20.47
C ALA A 143 3.55 -5.22 19.96
N GLU A 144 2.73 -6.20 19.63
CA GLU A 144 3.23 -7.48 19.12
C GLU A 144 3.96 -7.27 17.80
N ASP A 145 3.30 -6.60 16.89
CA ASP A 145 3.84 -6.36 15.58
C ASP A 145 5.01 -5.39 15.59
N GLU A 146 4.96 -4.34 16.38
CA GLU A 146 6.07 -3.40 16.37
C GLU A 146 7.35 -4.02 16.92
N VAL A 147 7.21 -4.92 17.88
CA VAL A 147 8.36 -5.65 18.39
C VAL A 147 8.93 -6.52 17.29
N GLN A 148 8.07 -7.22 16.56
CA GLN A 148 8.52 -8.06 15.45
C GLN A 148 9.13 -7.19 14.35
N ARG A 149 8.54 -6.04 14.13
CA ARG A 149 9.00 -5.07 13.13
C ARG A 149 10.41 -4.56 13.42
N GLU A 150 10.78 -4.49 14.69
CA GLU A 150 12.15 -4.11 15.04
C GLU A 150 13.06 -5.34 15.14
N ARG A 151 12.46 -6.52 15.33
CA ARG A 151 13.22 -7.78 15.36
C ARG A 151 13.74 -8.07 13.97
N VAL A 152 12.89 -7.84 12.99
CA VAL A 152 13.26 -7.96 11.61
C VAL A 152 14.19 -6.79 11.28
N SER A 153 15.23 -7.06 10.57
CA SER A 153 16.17 -6.05 10.19
C SER A 153 15.57 -5.10 9.16
N ALA A 154 14.88 -4.10 9.65
CA ALA A 154 14.22 -3.14 8.85
C ALA A 154 15.04 -1.87 8.75
N LYS A 155 14.65 -1.03 7.84
CA LYS A 155 15.30 0.20 7.55
C LYS A 155 14.37 0.91 6.60
N ASN A 156 14.53 2.20 6.40
CA ASN A 156 13.67 2.91 5.46
C ASN A 156 14.16 2.66 4.05
N ALA A 157 13.89 1.49 3.58
CA ALA A 157 14.29 1.05 2.29
C ALA A 157 13.14 0.35 1.63
N LEU A 158 12.79 0.74 0.44
CA LEU A 158 11.64 0.16 -0.24
C LEU A 158 12.09 -0.93 -1.19
N GLU A 159 11.21 -1.88 -1.44
CA GLU A 159 11.50 -2.95 -2.37
C GLU A 159 11.32 -2.41 -3.80
N SER A 160 11.68 -3.17 -4.78
CA SER A 160 11.59 -2.73 -6.12
C SER A 160 10.55 -3.51 -6.91
N TYR A 161 10.25 -4.75 -6.50
CA TYR A 161 9.21 -5.50 -7.18
C TYR A 161 8.66 -6.59 -6.26
N ALA A 162 7.71 -6.22 -5.44
CA ALA A 162 7.08 -7.15 -4.53
C ALA A 162 5.61 -6.81 -4.37
N PHE A 163 4.79 -7.41 -5.17
CA PHE A 163 3.37 -7.17 -5.10
C PHE A 163 2.70 -8.21 -4.23
N ASN A 164 2.86 -8.02 -2.94
CA ASN A 164 2.30 -8.93 -1.94
C ASN A 164 0.79 -8.84 -1.93
N MET A 165 0.28 -7.64 -2.11
CA MET A 165 -1.13 -7.43 -2.16
C MET A 165 -1.50 -6.66 -3.40
N LYS A 166 -2.46 -7.19 -4.12
CA LYS A 166 -3.06 -6.52 -5.25
C LYS A 166 -4.55 -6.40 -4.97
N SER A 167 -5.21 -7.55 -4.85
CA SER A 167 -6.62 -7.71 -4.42
C SER A 167 -7.70 -7.10 -5.33
N ALA A 168 -7.48 -5.91 -5.82
CA ALA A 168 -8.47 -5.24 -6.59
C ALA A 168 -8.05 -5.11 -8.03
N VAL A 169 -9.03 -5.11 -8.91
CA VAL A 169 -8.79 -4.83 -10.32
C VAL A 169 -8.77 -3.32 -10.49
N GLU A 170 -9.53 -2.67 -9.59
CA GLU A 170 -9.59 -1.21 -9.43
C GLU A 170 -10.24 -0.52 -10.63
N ASP A 171 -11.49 -0.19 -10.48
CA ASP A 171 -12.23 0.54 -11.51
C ASP A 171 -12.25 1.99 -11.15
N GLU A 172 -11.62 2.78 -11.98
CA GLU A 172 -11.50 4.19 -11.78
C GLU A 172 -12.86 4.87 -11.95
N GLY A 173 -13.44 5.26 -10.84
CA GLY A 173 -14.70 5.95 -10.84
C GLY A 173 -14.58 7.27 -10.15
N LEU A 174 -14.93 8.32 -10.86
CA LEU A 174 -14.88 9.66 -10.33
C LEU A 174 -16.19 10.37 -10.60
N LYS A 175 -17.16 10.15 -9.74
CA LYS A 175 -18.45 10.78 -9.84
C LYS A 175 -19.06 10.94 -8.46
N GLY A 176 -19.02 12.13 -7.96
CA GLY A 176 -19.59 12.44 -6.69
C GLY A 176 -20.48 13.65 -6.82
N LYS A 177 -21.76 13.45 -6.76
CA LYS A 177 -22.71 14.51 -6.99
C LYS A 177 -23.00 15.28 -5.71
N ILE A 178 -23.02 14.54 -4.60
CA ILE A 178 -23.37 15.06 -3.28
C ILE A 178 -24.80 15.62 -3.30
N SER A 179 -25.72 14.79 -2.93
CA SER A 179 -27.12 15.10 -2.92
C SER A 179 -27.47 16.16 -1.83
N GLU A 180 -28.72 16.68 -1.92
CA GLU A 180 -29.26 17.74 -1.03
C GLU A 180 -28.80 19.13 -1.46
N ALA A 181 -29.51 20.16 -1.04
CA ALA A 181 -29.26 21.52 -1.51
C ALA A 181 -28.51 22.37 -0.49
N ASP A 182 -28.13 21.76 0.62
CA ASP A 182 -27.36 22.48 1.61
C ASP A 182 -25.92 22.65 1.20
N LYS A 183 -25.44 23.85 1.38
CA LYS A 183 -24.06 24.22 1.17
C LYS A 183 -23.78 25.50 1.92
N LYS A 184 -24.57 25.74 2.98
CA LYS A 184 -24.50 27.02 3.72
C LYS A 184 -24.85 26.91 5.22
N LYS A 185 -25.81 26.05 5.57
CA LYS A 185 -26.44 26.05 6.91
C LYS A 185 -27.14 27.36 7.20
N VAL A 186 -28.25 27.59 6.48
CA VAL A 186 -29.08 28.79 6.62
C VAL A 186 -28.38 30.06 6.11
N LEU A 187 -29.00 30.72 5.17
CA LEU A 187 -28.42 31.94 4.66
C LEU A 187 -28.94 33.12 5.44
N ASP A 188 -28.26 33.47 6.49
CA ASP A 188 -28.62 34.62 7.28
C ASP A 188 -27.43 35.51 7.45
N LYS A 189 -27.50 36.66 6.86
CA LYS A 189 -26.44 37.65 6.95
C LYS A 189 -26.98 38.86 7.68
N SMC A 190 -27.87 38.61 8.61
CA SMC A 190 -28.55 39.66 9.31
CB SMC A 190 -30.02 39.29 9.48
SG SMC A 190 -31.02 40.53 10.32
C SMC A 190 -27.90 39.94 10.66
O SMC A 190 -27.66 39.02 11.46
H SMC A 190 -28.06 37.69 8.88
HA SMC A 190 -28.49 40.54 8.70
HB2 SMC A 190 -30.08 38.37 10.05
HB3 SMC A 190 -30.45 39.14 8.50
N GLN A 191 -27.58 41.20 10.88
CA GLN A 191 -27.11 41.69 12.17
C GLN A 191 -28.06 42.77 12.59
N GLU A 192 -28.60 42.65 13.76
CA GLU A 192 -29.60 43.57 14.24
C GLU A 192 -28.99 44.89 14.70
N VAL A 193 -29.29 45.92 13.97
CA VAL A 193 -28.91 47.28 14.29
C VAL A 193 -30.16 48.15 14.17
N ILE A 194 -30.40 49.00 15.14
CA ILE A 194 -31.64 49.76 15.14
C ILE A 194 -31.45 51.19 15.68
N SER A 195 -30.85 51.33 16.83
CA SER A 195 -30.71 52.62 17.44
C SER A 195 -29.49 53.38 16.93
N TRP A 196 -29.70 54.13 15.89
CA TRP A 196 -28.66 54.96 15.33
C TRP A 196 -28.72 56.32 15.97
N LEU A 197 -29.92 56.74 16.26
CA LEU A 197 -30.16 57.98 16.91
C LEU A 197 -31.33 57.74 17.87
N ASP A 198 -32.53 57.62 17.30
CA ASP A 198 -33.78 57.35 18.03
C ASP A 198 -34.91 57.54 17.03
N ALA A 199 -36.13 57.35 17.46
CA ALA A 199 -37.29 57.59 16.62
C ALA A 199 -37.69 59.04 16.81
N ASN A 200 -37.43 59.54 17.99
CA ASN A 200 -37.64 60.92 18.37
C ASN A 200 -36.77 61.19 19.56
N THR A 201 -35.66 61.85 19.35
CA THR A 201 -34.73 62.09 20.42
C THR A 201 -35.34 62.96 21.51
N LEU A 202 -35.36 62.42 22.69
CA LEU A 202 -35.90 63.06 23.84
C LEU A 202 -35.06 62.71 25.04
N ALA A 203 -33.94 63.35 25.14
CA ALA A 203 -33.02 63.12 26.23
C ALA A 203 -32.95 64.33 27.11
N GLU A 204 -33.39 65.43 26.58
CA GLU A 204 -33.32 66.69 27.29
C GLU A 204 -34.59 66.95 28.03
N LYS A 205 -34.51 66.87 29.33
CA LYS A 205 -35.58 67.17 30.21
C LYS A 205 -35.10 68.37 31.01
N ASP A 206 -35.90 69.38 31.11
CA ASP A 206 -35.48 70.60 31.76
C ASP A 206 -35.77 70.56 33.24
N GLU A 207 -34.73 70.42 34.02
CA GLU A 207 -34.82 70.42 35.45
C GLU A 207 -34.56 71.83 35.91
N PHE A 208 -35.60 72.49 36.33
CA PHE A 208 -35.50 73.85 36.75
C PHE A 208 -36.50 74.08 37.87
N GLU A 209 -36.09 74.79 38.87
CA GLU A 209 -36.95 75.08 39.98
C GLU A 209 -37.72 76.32 39.63
N HIS A 210 -38.99 76.18 39.43
CA HIS A 210 -39.83 77.27 39.01
C HIS A 210 -41.09 77.34 39.86
N LYS A 211 -41.14 76.55 40.87
CA LYS A 211 -42.32 76.51 41.67
C LYS A 211 -41.97 76.96 43.06
N ARG A 212 -42.00 78.25 43.24
CA ARG A 212 -41.59 78.89 44.48
C ARG A 212 -42.61 78.58 45.57
N LYS A 213 -42.14 78.28 46.75
CA LYS A 213 -42.99 77.98 47.87
C LYS A 213 -42.30 78.35 49.15
N GLU A 214 -43.06 78.71 50.13
CA GLU A 214 -42.55 79.02 51.43
C GLU A 214 -43.55 78.55 52.44
N LEU A 215 -43.13 77.76 53.37
CA LEU A 215 -44.02 77.21 54.34
C LEU A 215 -43.64 77.64 55.74
N GLU A 216 -44.40 78.55 56.28
CA GLU A 216 -44.22 78.99 57.64
C GLU A 216 -45.61 79.13 58.21
N GLN A 217 -45.84 78.59 59.39
CA GLN A 217 -47.16 78.57 59.96
C GLN A 217 -47.09 78.49 61.49
N VAL A 218 -45.93 78.77 62.08
CA VAL A 218 -45.83 78.66 63.52
C VAL A 218 -46.25 79.95 64.24
N SMC A 219 -47.54 80.11 64.36
CA SMC A 219 -48.17 81.25 64.99
CB SMC A 219 -48.62 82.24 63.90
SG SMC A 219 -49.27 83.83 64.50
C SMC A 219 -49.38 80.72 65.77
O SMC A 219 -50.38 81.40 65.98
H SMC A 219 -48.12 79.41 63.95
HA SMC A 219 -47.47 81.71 65.67
HB2 SMC A 219 -49.40 81.78 63.30
HB3 SMC A 219 -47.78 82.47 63.27
N ASN A 220 -49.25 79.48 66.22
CA ASN A 220 -50.33 78.74 66.87
C ASN A 220 -50.74 79.28 68.27
N PRO A 221 -49.81 79.46 69.25
CA PRO A 221 -50.17 79.91 70.59
C PRO A 221 -50.69 81.36 70.64
N ILE A 222 -51.98 81.49 70.81
CA ILE A 222 -52.61 82.78 70.94
C ILE A 222 -53.04 83.01 72.37
N ILE A 223 -53.09 84.24 72.81
CA ILE A 223 -53.44 84.54 74.18
C ILE A 223 -54.80 85.20 74.25
N SER A 224 -55.66 84.68 75.06
CA SER A 224 -56.93 85.27 75.32
C SER A 224 -56.90 85.72 76.78
N GLY A 225 -57.47 86.88 77.05
CA GLY A 225 -57.47 87.41 78.38
C GLY A 225 -58.20 86.53 79.38
N LEU A 226 -57.53 86.14 80.41
CA LEU A 226 -58.09 85.31 81.43
C LEU A 226 -58.69 86.23 82.51
N TYR A 227 -59.96 86.55 82.37
CA TYR A 227 -60.64 87.42 83.34
C TYR A 227 -61.54 86.57 84.20
N GLN A 228 -61.59 85.31 83.83
CA GLN A 228 -62.43 84.31 84.47
C GLN A 228 -61.97 84.06 85.89
N GLY A 229 -62.83 84.37 86.83
CA GLY A 229 -62.54 84.19 88.21
C GLY A 229 -63.75 84.45 89.05
N ALA A 230 -64.34 83.40 89.55
CA ALA A 230 -65.53 83.48 90.38
C ALA A 230 -65.33 82.61 91.61
N GLY A 231 -66.36 82.46 92.40
CA GLY A 231 -66.24 81.67 93.60
C GLY A 231 -67.49 81.74 94.42
N GLY A 232 -67.46 81.11 95.57
CA GLY A 232 -68.60 81.05 96.42
C GLY A 232 -69.01 79.63 96.62
N PRO A 233 -69.15 79.17 97.88
CA PRO A 233 -69.56 77.79 98.16
C PRO A 233 -71.01 77.51 97.71
N GLY A 234 -71.82 78.54 97.76
CA GLY A 234 -73.19 78.40 97.39
C GLY A 234 -74.05 78.32 98.62
N PRO A 235 -75.35 78.22 98.48
CA PRO A 235 -76.26 78.12 99.62
C PRO A 235 -76.17 76.74 100.30
N GLY A 236 -75.87 76.74 101.59
CA GLY A 236 -75.75 75.50 102.32
C GLY A 236 -76.42 75.56 103.67
N GLY A 237 -77.15 76.63 103.90
CA GLY A 237 -77.80 76.82 105.16
C GLY A 237 -79.30 76.80 105.03
N PHE A 238 -79.82 75.67 104.61
CA PHE A 238 -81.26 75.53 104.49
C PHE A 238 -81.80 74.92 105.75
N GLY A 239 -81.46 73.70 105.98
CA GLY A 239 -81.93 72.99 107.12
C GLY A 239 -82.62 71.74 106.73
N ALA A 240 -82.13 70.64 107.21
CA ALA A 240 -82.69 69.36 106.91
C ALA A 240 -83.02 68.67 108.21
N GLN A 241 -83.92 67.74 108.16
CA GLN A 241 -84.28 67.02 109.34
C GLN A 241 -83.85 65.58 109.21
N GLY A 242 -82.96 65.17 110.06
CA GLY A 242 -82.51 63.81 110.09
C GLY A 242 -81.69 63.53 111.33
N PRO A 243 -82.29 63.59 112.52
CA PRO A 243 -81.58 63.35 113.75
C PRO A 243 -81.58 61.86 114.09
N LYS A 244 -80.53 61.40 114.72
CA LYS A 244 -80.45 60.03 115.08
C LYS A 244 -81.28 59.78 116.35
N GLY A 245 -82.54 59.55 116.11
CA GLY A 245 -83.48 59.24 117.16
C GLY A 245 -84.31 58.07 116.75
N GLY A 246 -83.64 57.09 116.19
CA GLY A 246 -84.30 55.93 115.71
C GLY A 246 -83.58 54.71 116.13
N SER A 247 -83.65 54.41 117.40
CA SER A 247 -83.06 53.22 117.90
C SER A 247 -84.10 52.12 117.73
N GLY A 248 -83.78 51.16 116.91
CA GLY A 248 -84.74 50.17 116.54
C GLY A 248 -84.74 48.96 117.42
N SER A 249 -85.62 48.07 117.10
CA SER A 249 -85.85 46.87 117.80
C SER A 249 -86.51 45.94 116.78
N GLY A 250 -86.75 44.70 117.14
CA GLY A 250 -87.42 43.83 116.21
C GLY A 250 -88.92 44.02 116.29
N PRO A 251 -89.66 43.76 115.18
CA PRO A 251 -91.13 43.77 115.20
C PRO A 251 -91.65 42.84 116.31
N THR A 252 -91.03 41.69 116.40
CA THR A 252 -91.24 40.79 117.48
C THR A 252 -90.06 40.99 118.43
N ILE A 253 -90.32 41.53 119.61
CA ILE A 253 -89.25 41.78 120.53
C ILE A 253 -88.80 40.53 121.21
N GLU A 254 -87.54 40.46 121.43
CA GLU A 254 -86.95 39.35 122.08
C GLU A 254 -86.59 39.73 123.49
N GLU A 255 -86.87 38.83 124.39
CA GLU A 255 -86.68 39.04 125.80
C GLU A 255 -85.20 39.10 126.13
N VAL A 256 -84.40 38.23 125.53
CA VAL A 256 -82.99 38.24 125.75
C VAL A 256 -82.27 39.19 124.79
N ASP A 257 -82.39 40.45 125.09
CA ASP A 257 -81.77 41.51 124.34
C ASP A 257 -81.55 42.65 125.28
N SER A 1 -19.51 29.75 19.78
CA SER A 1 -19.24 28.95 18.61
C SER A 1 -20.58 28.51 18.04
N GLU A 2 -20.63 28.34 16.74
CA GLU A 2 -21.83 27.95 16.06
C GLU A 2 -21.56 26.70 15.25
N ASN A 3 -22.25 25.66 15.56
CA ASN A 3 -22.14 24.39 14.85
C ASN A 3 -22.90 24.54 13.54
N VAL A 4 -22.21 24.50 12.42
CA VAL A 4 -22.87 24.77 11.15
C VAL A 4 -22.41 23.87 9.98
N GLN A 5 -21.13 23.82 9.73
CA GLN A 5 -20.61 23.06 8.61
C GLN A 5 -19.53 22.15 9.14
N ASP A 6 -19.67 21.84 10.39
CA ASP A 6 -18.73 21.05 11.13
C ASP A 6 -19.46 19.97 11.89
N LEU A 7 -18.89 18.80 11.91
CA LEU A 7 -19.39 17.64 12.67
C LEU A 7 -18.26 16.65 12.79
N LEU A 8 -17.76 16.51 14.02
CA LEU A 8 -16.66 15.62 14.39
C LEU A 8 -15.32 16.13 13.87
N LEU A 9 -14.30 15.95 14.63
CA LEU A 9 -12.98 16.33 14.20
C LEU A 9 -12.24 15.08 13.77
N LEU A 10 -12.52 14.67 12.55
CA LEU A 10 -11.94 13.48 11.98
C LEU A 10 -10.92 13.90 10.93
N ASP A 11 -10.47 15.11 11.05
CA ASP A 11 -9.47 15.64 10.16
C ASP A 11 -8.11 15.46 10.78
N VAL A 12 -7.80 14.21 10.95
CA VAL A 12 -6.56 13.72 11.48
C VAL A 12 -6.28 12.45 10.72
N ALA A 13 -5.21 11.80 11.02
CA ALA A 13 -4.95 10.52 10.45
C ALA A 13 -5.56 9.47 11.39
N PRO A 14 -6.60 8.75 10.97
CA PRO A 14 -7.22 7.73 11.81
C PRO A 14 -6.44 6.41 11.77
N LEU A 15 -5.57 6.31 10.81
CA LEU A 15 -4.77 5.15 10.56
C LEU A 15 -3.36 5.57 10.31
N SER A 16 -2.47 4.63 10.35
CA SER A 16 -1.11 4.89 10.04
C SER A 16 -0.80 4.37 8.65
N LEU A 17 -0.48 5.27 7.76
CA LEU A 17 -0.18 4.94 6.38
C LEU A 17 1.31 4.71 6.26
N GLY A 18 1.68 3.63 5.65
CA GLY A 18 3.06 3.30 5.53
C GLY A 18 3.42 2.64 4.22
N LEU A 19 4.67 2.28 4.10
CA LEU A 19 5.21 1.72 2.87
C LEU A 19 5.87 0.38 3.13
N GLU A 20 6.12 -0.33 2.03
CA GLU A 20 6.88 -1.57 2.05
C GLU A 20 8.36 -1.30 2.03
N THR A 21 8.97 -1.56 3.13
CA THR A 21 10.36 -1.36 3.32
C THR A 21 11.12 -2.68 3.52
N ALA A 22 12.42 -2.64 3.22
CA ALA A 22 13.29 -3.80 3.18
C ALA A 22 13.32 -4.57 4.49
N GLY A 23 12.92 -5.81 4.41
CA GLY A 23 12.91 -6.66 5.55
C GLY A 23 11.50 -6.99 5.97
N GLY A 24 10.54 -6.53 5.18
CA GLY A 24 9.15 -6.73 5.50
C GLY A 24 8.74 -5.77 6.58
N VAL A 25 9.25 -4.59 6.46
CA VAL A 25 9.01 -3.54 7.40
C VAL A 25 7.94 -2.63 6.85
N MET A 26 7.11 -2.16 7.71
CA MET A 26 6.07 -1.26 7.36
C MET A 26 6.46 0.05 7.95
N THR A 27 6.93 0.93 7.14
CA THR A 27 7.35 2.21 7.63
C THR A 27 6.18 3.15 7.52
N ALA A 28 5.64 3.54 8.65
CA ALA A 28 4.48 4.39 8.70
C ALA A 28 4.89 5.84 8.78
N LEU A 29 4.56 6.59 7.75
CA LEU A 29 4.91 8.00 7.70
C LEU A 29 3.77 8.82 8.29
N ILE A 30 2.57 8.56 7.85
CA ILE A 30 1.43 9.28 8.38
C ILE A 30 0.81 8.43 9.45
N LYS A 31 1.25 8.61 10.65
CA LYS A 31 0.80 7.84 11.77
C LYS A 31 -0.47 8.43 12.36
N ARG A 32 -1.31 7.57 12.89
CA ARG A 32 -2.59 7.96 13.46
C ARG A 32 -2.50 9.00 14.59
N ASN A 33 -3.57 9.80 14.69
CA ASN A 33 -3.77 10.89 15.67
C ASN A 33 -2.97 12.12 15.34
N SER A 34 -2.44 12.15 14.14
CA SER A 34 -1.74 13.30 13.65
C SER A 34 -2.73 14.12 12.85
N THR A 35 -3.02 15.28 13.36
CA THR A 35 -3.92 16.20 12.78
C THR A 35 -3.37 16.71 11.44
N ILE A 36 -4.25 16.91 10.49
CA ILE A 36 -3.86 17.39 9.18
C ILE A 36 -4.05 18.91 9.14
N PRO A 37 -3.44 19.64 8.18
CA PRO A 37 -2.56 19.09 7.13
C PRO A 37 -1.24 18.55 7.66
N THR A 38 -0.90 17.36 7.23
CA THR A 38 0.32 16.69 7.58
C THR A 38 1.35 16.81 6.49
N LYS A 39 2.60 16.71 6.85
CA LYS A 39 3.67 16.74 5.89
C LYS A 39 4.82 15.89 6.43
N GLN A 40 4.93 14.69 5.93
CA GLN A 40 5.95 13.77 6.41
C GLN A 40 6.82 13.31 5.24
N THR A 41 8.11 13.28 5.44
CA THR A 41 9.04 12.87 4.42
C THR A 41 10.09 11.93 5.01
N GLN A 42 10.41 10.89 4.28
CA GLN A 42 11.44 9.95 4.67
C GLN A 42 12.35 9.68 3.51
N ILE A 43 13.60 9.46 3.79
CA ILE A 43 14.60 9.15 2.80
C ILE A 43 14.89 7.67 2.87
N PHE A 44 14.70 7.01 1.77
CA PHE A 44 14.96 5.60 1.68
C PHE A 44 16.11 5.37 0.70
N THR A 45 16.78 4.28 0.85
CA THR A 45 17.90 3.91 0.01
C THR A 45 17.58 2.58 -0.66
N THR A 46 18.37 2.15 -1.59
CA THR A 46 18.19 0.82 -2.08
C THR A 46 19.19 -0.14 -1.41
N TYR A 47 18.71 -1.31 -1.00
CA TYR A 47 19.59 -2.37 -0.49
C TYR A 47 19.84 -3.38 -1.59
N SER A 48 19.04 -3.27 -2.59
CA SER A 48 19.12 -4.09 -3.74
C SER A 48 19.92 -3.36 -4.84
N ASP A 49 21.08 -3.92 -5.16
CA ASP A 49 21.96 -3.32 -6.16
C ASP A 49 21.43 -3.59 -7.55
N ASN A 50 21.53 -2.58 -8.41
CA ASN A 50 21.10 -2.67 -9.82
C ASN A 50 19.60 -2.94 -9.97
N GLN A 51 18.81 -2.09 -9.39
CA GLN A 51 17.37 -2.18 -9.54
C GLN A 51 16.87 -1.17 -10.54
N PRO A 52 15.96 -1.59 -11.42
CA PRO A 52 15.37 -0.68 -12.42
C PRO A 52 14.40 0.30 -11.79
N GLY A 53 13.84 -0.08 -10.67
CA GLY A 53 12.91 0.74 -10.02
C GLY A 53 12.55 0.20 -8.67
N VAL A 54 11.89 1.00 -7.89
CA VAL A 54 11.48 0.63 -6.58
C VAL A 54 9.97 0.53 -6.54
N LEU A 55 9.46 -0.47 -5.88
CA LEU A 55 8.04 -0.66 -5.79
C LEU A 55 7.50 0.06 -4.57
N ILE A 56 6.87 1.17 -4.80
CA ILE A 56 6.33 1.94 -3.74
C ILE A 56 4.92 1.52 -3.53
N GLN A 57 4.68 1.01 -2.39
CA GLN A 57 3.43 0.40 -2.08
C GLN A 57 2.98 0.87 -0.71
N VAL A 58 1.83 1.52 -0.69
CA VAL A 58 1.28 2.12 0.51
C VAL A 58 0.28 1.19 1.17
N TYR A 59 0.54 0.88 2.40
CA TYR A 59 -0.31 0.03 3.20
C TYR A 59 -0.77 0.77 4.41
N GLU A 60 -1.94 0.45 4.90
CA GLU A 60 -2.45 1.05 6.10
C GLU A 60 -2.67 -0.03 7.12
N GLY A 61 -2.71 0.32 8.38
CA GLY A 61 -3.18 -0.63 9.39
C GLY A 61 -2.13 -1.29 10.26
N GLU A 62 -0.93 -0.76 10.30
CA GLU A 62 0.14 -1.39 11.08
C GLU A 62 1.04 -0.38 11.71
N ARG A 63 2.02 -0.88 12.42
CA ARG A 63 3.00 -0.04 13.03
C ARG A 63 4.40 -0.34 12.55
N ALA A 64 4.97 -1.48 12.96
CA ALA A 64 6.35 -1.80 12.62
C ALA A 64 6.49 -2.61 11.37
N MET A 65 5.75 -3.67 11.27
CA MET A 65 5.90 -4.59 10.16
C MET A 65 4.60 -4.88 9.47
N THR A 66 4.68 -5.06 8.17
CA THR A 66 3.55 -5.23 7.31
C THR A 66 2.88 -6.61 7.50
N LYS A 67 1.72 -6.62 8.13
CA LYS A 67 0.95 -7.82 8.36
C LYS A 67 -0.55 -7.59 8.10
N ASP A 68 -1.25 -6.93 9.02
CA ASP A 68 -2.66 -6.66 8.81
C ASP A 68 -2.85 -5.34 8.17
N ASN A 69 -2.56 -5.33 6.94
CA ASN A 69 -2.62 -4.13 6.15
C ASN A 69 -3.53 -4.25 4.97
N ASN A 70 -4.07 -3.15 4.56
CA ASN A 70 -4.77 -3.05 3.30
C ASN A 70 -3.97 -2.21 2.35
N LEU A 71 -3.95 -2.61 1.12
CA LEU A 71 -3.25 -1.89 0.08
C LEU A 71 -4.14 -0.79 -0.43
N LEU A 72 -3.69 0.43 -0.30
CA LEU A 72 -4.46 1.54 -0.81
C LEU A 72 -3.95 1.94 -2.17
N GLY A 73 -2.74 2.42 -2.23
CA GLY A 73 -2.18 2.85 -3.47
C GLY A 73 -0.78 2.35 -3.65
N ARG A 74 -0.37 2.22 -4.87
CA ARG A 74 0.97 1.78 -5.18
C ARG A 74 1.37 2.33 -6.53
N PHE A 75 2.67 2.43 -6.76
CA PHE A 75 3.21 2.85 -8.04
C PHE A 75 4.66 2.42 -8.12
N GLU A 76 5.11 2.12 -9.31
CA GLU A 76 6.47 1.72 -9.51
C GLU A 76 7.27 2.93 -9.89
N LEU A 77 8.17 3.34 -9.05
CA LEU A 77 9.03 4.41 -9.43
C LEU A 77 10.20 3.76 -10.11
N SER A 78 10.23 3.83 -11.40
CA SER A 78 11.22 3.17 -12.16
C SER A 78 12.05 4.16 -12.95
N GLY A 79 13.16 3.70 -13.46
CA GLY A 79 14.05 4.55 -14.18
C GLY A 79 15.25 4.86 -13.34
N ILE A 80 15.47 4.05 -12.33
CA ILE A 80 16.62 4.18 -11.46
C ILE A 80 17.82 3.59 -12.20
N PRO A 81 18.94 4.32 -12.26
CA PRO A 81 20.15 3.85 -12.94
C PRO A 81 20.79 2.66 -12.22
N PRO A 82 21.53 1.82 -12.95
CA PRO A 82 22.26 0.72 -12.36
C PRO A 82 23.34 1.23 -11.40
N ALA A 83 22.97 1.34 -10.14
CA ALA A 83 23.82 1.85 -9.11
C ALA A 83 23.77 0.90 -7.92
N PRO A 84 24.82 0.91 -7.08
CA PRO A 84 24.87 0.06 -5.90
C PRO A 84 24.08 0.62 -4.71
N ARG A 85 24.05 -0.17 -3.64
CA ARG A 85 23.42 0.15 -2.36
C ARG A 85 23.74 1.55 -1.86
N GLY A 86 22.72 2.27 -1.47
CA GLY A 86 22.89 3.56 -0.85
C GLY A 86 22.91 4.73 -1.82
N VAL A 87 23.19 4.47 -3.08
CA VAL A 87 23.29 5.55 -4.06
C VAL A 87 21.90 6.12 -4.46
N PRO A 88 20.92 5.29 -4.92
CA PRO A 88 19.61 5.78 -5.26
C PRO A 88 18.78 6.05 -4.00
N GLN A 89 18.65 7.30 -3.68
CA GLN A 89 17.87 7.72 -2.55
C GLN A 89 16.50 8.12 -3.02
N ILE A 90 15.51 7.62 -2.37
CA ILE A 90 14.15 7.89 -2.72
C ILE A 90 13.53 8.72 -1.60
N GLU A 91 13.10 9.90 -1.95
CA GLU A 91 12.47 10.79 -1.01
C GLU A 91 10.98 10.65 -1.16
N VAL A 92 10.33 10.08 -0.20
CA VAL A 92 8.90 9.92 -0.28
C VAL A 92 8.22 10.88 0.69
N THR A 93 7.36 11.69 0.16
CA THR A 93 6.63 12.66 0.93
C THR A 93 5.14 12.32 0.95
N PHE A 94 4.60 12.27 2.13
CA PHE A 94 3.19 12.07 2.36
C PHE A 94 2.61 13.36 2.92
N ASP A 95 1.65 13.91 2.25
CA ASP A 95 0.97 15.10 2.73
C ASP A 95 -0.50 15.01 2.51
N ILE A 96 -1.24 15.43 3.50
CA ILE A 96 -2.67 15.43 3.45
C ILE A 96 -3.14 16.85 3.68
N ASP A 97 -3.91 17.36 2.76
CA ASP A 97 -4.39 18.75 2.83
C ASP A 97 -5.69 18.86 3.61
N ALA A 98 -6.30 20.04 3.58
CA ALA A 98 -7.55 20.31 4.27
C ALA A 98 -8.75 19.59 3.63
N ASN A 99 -8.58 19.10 2.42
CA ASN A 99 -9.67 18.38 1.75
C ASN A 99 -9.64 16.95 2.21
N GLY A 100 -8.48 16.54 2.66
CA GLY A 100 -8.28 15.19 3.05
C GLY A 100 -7.62 14.45 1.92
N ILE A 101 -6.97 15.19 1.05
CA ILE A 101 -6.28 14.62 -0.05
C ILE A 101 -4.84 14.32 0.34
N LEU A 102 -4.52 13.07 0.29
CA LEU A 102 -3.22 12.56 0.55
C LEU A 102 -2.49 12.37 -0.74
N ASN A 103 -1.38 13.02 -0.85
CA ASN A 103 -0.53 12.84 -1.97
C ASN A 103 0.77 12.28 -1.56
N VAL A 104 1.07 11.16 -2.10
CA VAL A 104 2.34 10.53 -1.88
C VAL A 104 3.20 10.85 -3.09
N THR A 105 4.23 11.61 -2.88
CA THR A 105 5.12 11.97 -3.96
C THR A 105 6.48 11.38 -3.67
N ALA A 106 7.00 10.65 -4.61
CA ALA A 106 8.29 10.06 -4.47
C ALA A 106 9.25 10.67 -5.44
N THR A 107 10.32 11.19 -4.93
CA THR A 107 11.31 11.83 -5.72
C THR A 107 12.60 10.98 -5.75
N ASP A 108 13.06 10.75 -6.95
CA ASP A 108 14.27 10.02 -7.25
C ASP A 108 15.44 10.99 -7.17
N LYS A 109 16.23 10.88 -6.12
CA LYS A 109 17.37 11.79 -5.90
C LYS A 109 18.50 11.64 -6.92
N SER A 110 18.53 10.55 -7.63
CA SER A 110 19.62 10.30 -8.52
C SER A 110 19.40 10.93 -9.90
N THR A 111 18.18 10.93 -10.35
CA THR A 111 17.87 11.49 -11.66
C THR A 111 17.03 12.78 -11.57
N GLY A 112 16.23 12.91 -10.53
CA GLY A 112 15.41 14.08 -10.37
C GLY A 112 14.00 13.89 -10.88
N LYS A 113 13.53 12.66 -10.96
CA LYS A 113 12.15 12.40 -11.40
C LYS A 113 11.25 12.33 -10.17
N ALA A 114 9.94 12.47 -10.38
CA ALA A 114 9.00 12.40 -9.28
C ALA A 114 7.64 11.96 -9.77
N ASN A 115 7.01 11.08 -9.03
CA ASN A 115 5.67 10.58 -9.33
C ASN A 115 4.84 10.72 -8.07
N LYS A 116 3.58 11.07 -8.21
CA LYS A 116 2.72 11.16 -7.07
C LYS A 116 1.43 10.39 -7.30
N ILE A 117 0.80 9.99 -6.22
CA ILE A 117 -0.52 9.37 -6.26
C ILE A 117 -1.45 10.21 -5.41
N THR A 118 -2.72 10.12 -5.65
CA THR A 118 -3.67 10.99 -5.01
C THR A 118 -4.83 10.19 -4.38
N ILE A 119 -4.89 10.22 -3.09
CA ILE A 119 -5.93 9.54 -2.33
C ILE A 119 -6.75 10.63 -1.62
N THR A 120 -8.03 10.46 -1.52
CA THR A 120 -8.86 11.43 -0.85
C THR A 120 -9.52 10.74 0.37
N ASN A 121 -10.12 11.52 1.28
CA ASN A 121 -10.81 10.94 2.46
C ASN A 121 -12.22 10.46 2.08
N ASP A 122 -12.47 10.34 0.77
CA ASP A 122 -13.75 9.90 0.23
C ASP A 122 -14.01 8.45 0.62
N LYS A 123 -12.91 7.73 0.93
CA LYS A 123 -12.93 6.36 1.36
C LYS A 123 -13.40 5.46 0.21
N GLY A 124 -12.44 5.03 -0.58
CA GLY A 124 -12.74 4.22 -1.73
C GLY A 124 -12.69 2.75 -1.43
N ARG A 125 -12.19 2.42 -0.27
CA ARG A 125 -12.10 1.05 0.20
C ARG A 125 -12.40 1.01 1.68
N LEU A 126 -12.83 -0.14 2.15
CA LEU A 126 -13.03 -0.44 3.57
C LEU A 126 -14.20 0.34 4.19
N SER A 127 -14.44 0.05 5.44
CA SER A 127 -15.41 0.72 6.24
C SER A 127 -14.71 1.17 7.52
N LYS A 128 -15.43 1.74 8.47
CA LYS A 128 -14.79 2.20 9.69
C LYS A 128 -14.46 1.03 10.65
N GLU A 129 -15.07 -0.13 10.41
CA GLU A 129 -14.80 -1.31 11.22
C GLU A 129 -13.33 -1.69 11.12
N GLU A 130 -12.80 -1.67 9.90
CA GLU A 130 -11.40 -1.98 9.65
C GLU A 130 -10.50 -0.97 10.32
N ILE A 131 -10.96 0.26 10.35
CA ILE A 131 -10.23 1.35 10.97
C ILE A 131 -10.03 1.05 12.46
N GLU A 132 -11.11 0.70 13.15
CA GLU A 132 -11.01 0.39 14.56
C GLU A 132 -10.37 -0.97 14.79
N ARG A 133 -10.47 -1.86 13.82
CA ARG A 133 -9.77 -3.15 13.88
C ARG A 133 -8.27 -2.93 13.89
N MET A 134 -7.78 -1.92 13.14
CA MET A 134 -6.36 -1.57 13.20
C MET A 134 -6.03 -1.17 14.61
N VAL A 135 -6.83 -0.27 15.17
CA VAL A 135 -6.63 0.25 16.52
C VAL A 135 -6.49 -0.89 17.51
N GLN A 136 -7.48 -1.79 17.51
CA GLN A 136 -7.52 -2.95 18.41
C GLN A 136 -6.27 -3.81 18.29
N GLU A 137 -5.86 -4.11 17.09
CA GLU A 137 -4.71 -4.97 16.91
C GLU A 137 -3.40 -4.23 17.21
N ALA A 138 -3.31 -2.98 16.79
CA ALA A 138 -2.11 -2.17 16.97
C ALA A 138 -1.85 -1.86 18.44
N GLU A 139 -2.90 -1.81 19.26
CA GLU A 139 -2.72 -1.63 20.69
C GLU A 139 -2.24 -2.91 21.33
N LYS A 140 -2.81 -4.01 20.92
CA LYS A 140 -2.39 -5.35 21.36
C LYS A 140 -0.91 -5.58 21.04
N TYR A 141 -0.53 -5.29 19.83
CA TYR A 141 0.83 -5.53 19.38
C TYR A 141 1.70 -4.27 19.53
N LYS A 142 1.27 -3.38 20.41
CA LYS A 142 1.92 -2.13 20.65
C LYS A 142 3.37 -2.32 21.12
N ALA A 143 3.60 -3.26 22.02
CA ALA A 143 4.92 -3.50 22.59
C ALA A 143 5.84 -4.18 21.60
N GLU A 144 5.38 -5.25 20.98
CA GLU A 144 6.18 -6.00 20.01
C GLU A 144 6.53 -5.18 18.79
N ASP A 145 5.56 -4.49 18.22
CA ASP A 145 5.83 -3.64 17.06
C ASP A 145 6.71 -2.48 17.44
N GLU A 146 6.66 -2.06 18.69
CA GLU A 146 7.49 -0.99 19.17
C GLU A 146 8.95 -1.44 19.11
N VAL A 147 9.18 -2.70 19.45
CA VAL A 147 10.51 -3.30 19.40
C VAL A 147 10.94 -3.49 17.95
N GLN A 148 10.05 -4.08 17.15
CA GLN A 148 10.28 -4.36 15.73
C GLN A 148 10.65 -3.13 14.93
N ARG A 149 10.02 -2.00 15.22
CA ARG A 149 10.34 -0.78 14.48
C ARG A 149 11.71 -0.23 14.83
N GLU A 150 12.11 -0.44 16.07
CA GLU A 150 13.46 -0.05 16.53
C GLU A 150 14.53 -1.02 16.03
N ARG A 151 14.09 -2.11 15.43
CA ARG A 151 14.98 -3.09 14.80
C ARG A 151 15.37 -2.61 13.40
N VAL A 152 14.87 -1.45 13.04
CA VAL A 152 15.16 -0.85 11.77
C VAL A 152 15.96 0.42 12.03
N SER A 153 17.19 0.43 11.61
CA SER A 153 18.04 1.58 11.77
C SER A 153 17.69 2.63 10.69
N ALA A 154 17.93 3.91 10.97
CA ALA A 154 17.58 4.99 10.06
C ALA A 154 18.54 5.10 8.88
N LYS A 155 18.49 4.11 8.06
CA LYS A 155 19.21 4.01 6.80
C LYS A 155 18.34 3.11 5.95
N ASN A 156 17.05 3.28 6.20
CA ASN A 156 15.97 2.45 5.70
C ASN A 156 15.92 2.41 4.18
N ALA A 157 15.32 1.39 3.67
CA ALA A 157 15.26 1.14 2.27
C ALA A 157 13.90 0.61 1.94
N LEU A 158 13.46 0.79 0.72
CA LEU A 158 12.19 0.26 0.31
C LEU A 158 12.49 -1.08 -0.27
N GLU A 159 11.63 -2.03 -0.05
CA GLU A 159 11.94 -3.33 -0.54
C GLU A 159 11.53 -3.38 -1.99
N SER A 160 12.49 -3.60 -2.83
CA SER A 160 12.26 -3.54 -4.22
C SER A 160 12.18 -4.93 -4.80
N TYR A 161 11.01 -5.50 -4.76
CA TYR A 161 10.79 -6.79 -5.31
C TYR A 161 10.09 -6.74 -6.65
N ALA A 162 10.89 -6.79 -7.69
CA ALA A 162 10.39 -6.81 -9.04
C ALA A 162 9.86 -8.19 -9.32
N PHE A 163 8.76 -8.26 -10.00
CA PHE A 163 8.11 -9.52 -10.25
C PHE A 163 8.71 -10.20 -11.46
N ASN A 164 9.06 -9.42 -12.45
CA ASN A 164 9.62 -9.94 -13.67
C ASN A 164 10.85 -9.15 -14.07
N MET A 165 12.01 -9.83 -14.00
CA MET A 165 13.31 -9.29 -14.47
C MET A 165 13.79 -8.10 -13.64
N LYS A 166 14.91 -7.59 -14.05
CA LYS A 166 15.43 -6.33 -13.61
C LYS A 166 15.64 -5.54 -14.86
N SER A 167 14.63 -4.81 -15.24
CA SER A 167 14.61 -4.05 -16.49
C SER A 167 15.53 -2.82 -16.46
N ALA A 168 16.80 -3.07 -16.28
CA ALA A 168 17.80 -2.06 -16.29
C ALA A 168 18.98 -2.56 -17.10
N VAL A 169 18.89 -2.35 -18.39
CA VAL A 169 19.95 -2.73 -19.32
C VAL A 169 19.93 -1.74 -20.50
N GLU A 170 19.12 -0.70 -20.35
CA GLU A 170 18.92 0.29 -21.38
C GLU A 170 20.12 1.24 -21.40
N ASP A 171 21.11 0.89 -22.19
CA ASP A 171 22.38 1.61 -22.33
C ASP A 171 23.11 1.73 -21.00
N GLU A 172 23.88 0.73 -20.69
CA GLU A 172 24.67 0.72 -19.48
C GLU A 172 26.07 1.23 -19.80
N GLY A 173 26.91 1.34 -18.81
CA GLY A 173 28.25 1.84 -19.02
C GLY A 173 29.20 0.77 -19.54
N LEU A 174 28.99 0.35 -20.76
CA LEU A 174 29.81 -0.67 -21.39
C LEU A 174 31.11 -0.07 -21.89
N LYS A 175 31.12 1.25 -22.07
CA LYS A 175 32.33 1.97 -22.44
C LYS A 175 33.38 1.80 -21.36
N GLY A 176 32.96 1.90 -20.12
CA GLY A 176 33.87 1.75 -19.04
C GLY A 176 34.57 3.05 -18.70
N LYS A 177 35.06 3.12 -17.51
CA LYS A 177 35.81 4.25 -17.04
C LYS A 177 37.30 3.84 -17.10
N ILE A 178 37.54 2.53 -17.21
CA ILE A 178 38.87 1.91 -17.33
C ILE A 178 39.53 1.68 -15.97
N SER A 179 39.36 2.59 -15.04
CA SER A 179 39.99 2.48 -13.73
C SER A 179 39.09 3.15 -12.67
N GLU A 180 39.61 3.29 -11.43
CA GLU A 180 38.91 3.92 -10.31
C GLU A 180 37.60 3.21 -10.01
N ALA A 181 37.71 1.88 -9.89
CA ALA A 181 36.59 0.98 -9.67
C ALA A 181 35.62 1.05 -10.83
N ASP A 182 35.98 0.39 -11.90
CA ASP A 182 35.21 0.42 -13.12
C ASP A 182 34.27 -0.77 -13.18
N LYS A 183 33.20 -0.63 -13.90
CA LYS A 183 32.15 -1.62 -13.91
C LYS A 183 32.08 -2.31 -15.26
N LYS A 184 31.31 -3.40 -15.31
CA LYS A 184 31.06 -4.21 -16.54
C LYS A 184 32.28 -5.01 -16.99
N LYS A 185 33.26 -5.12 -16.14
CA LYS A 185 34.42 -5.94 -16.45
C LYS A 185 34.13 -7.34 -15.99
N VAL A 186 33.71 -7.46 -14.76
CA VAL A 186 33.37 -8.74 -14.20
C VAL A 186 31.89 -8.80 -13.89
N LEU A 187 31.37 -9.97 -13.78
CA LEU A 187 29.99 -10.15 -13.46
C LEU A 187 29.87 -10.48 -11.98
N ASP A 188 29.19 -9.63 -11.27
CA ASP A 188 29.02 -9.81 -9.84
C ASP A 188 27.92 -10.81 -9.57
N LYS A 189 28.33 -11.98 -9.22
CA LYS A 189 27.44 -13.07 -8.81
C LYS A 189 27.37 -13.03 -7.28
N SMC A 190 28.21 -12.18 -6.76
CA SMC A 190 28.40 -11.81 -5.40
CB SMC A 190 29.04 -12.97 -4.60
SG SMC A 190 30.67 -13.47 -5.21
C SMC A 190 29.34 -10.63 -5.50
O SMC A 190 29.86 -10.41 -6.61
H SMC A 190 28.82 -11.69 -7.37
HA SMC A 190 27.45 -11.50 -4.96
HB2 SMC A 190 28.39 -13.82 -4.64
HB3 SMC A 190 29.16 -12.67 -3.57
N GLN A 191 29.56 -9.86 -4.45
CA GLN A 191 30.50 -8.75 -4.58
C GLN A 191 31.97 -9.25 -4.53
N GLU A 192 32.40 -9.77 -5.65
CA GLU A 192 33.73 -10.32 -5.84
C GLU A 192 33.95 -10.50 -7.32
N VAL A 193 35.16 -10.21 -7.77
CA VAL A 193 35.51 -10.31 -9.18
C VAL A 193 35.47 -11.75 -9.69
N ILE A 194 35.79 -12.72 -8.79
CA ILE A 194 35.92 -14.20 -9.04
C ILE A 194 36.89 -14.56 -10.19
N SER A 195 36.65 -14.05 -11.34
CA SER A 195 37.47 -14.29 -12.47
C SER A 195 38.54 -13.20 -12.56
N TRP A 196 39.60 -13.37 -11.77
CA TRP A 196 40.72 -12.43 -11.80
C TRP A 196 41.62 -12.67 -13.01
N LEU A 197 41.33 -13.74 -13.69
CA LEU A 197 41.88 -14.08 -14.96
C LEU A 197 40.72 -14.71 -15.69
N ASP A 198 40.66 -14.56 -16.97
CA ASP A 198 39.54 -15.11 -17.71
C ASP A 198 39.99 -16.33 -18.46
N ALA A 199 40.87 -16.09 -19.45
CA ALA A 199 41.47 -17.12 -20.31
C ALA A 199 40.45 -17.75 -21.27
N ASN A 200 40.91 -18.20 -22.39
CA ASN A 200 40.06 -18.85 -23.36
C ASN A 200 40.89 -19.78 -24.22
N THR A 201 40.70 -21.04 -24.02
CA THR A 201 41.40 -22.06 -24.75
C THR A 201 40.45 -22.69 -25.78
N LEU A 202 39.32 -22.01 -25.96
CA LEU A 202 38.26 -22.37 -26.89
C LEU A 202 37.42 -23.52 -26.39
N ALA A 203 36.35 -23.18 -25.71
CA ALA A 203 35.43 -24.14 -25.15
C ALA A 203 34.06 -23.49 -25.03
N GLU A 204 33.04 -24.26 -25.29
CA GLU A 204 31.67 -23.81 -25.21
C GLU A 204 31.19 -23.89 -23.77
N LYS A 205 31.71 -24.86 -23.07
CA LYS A 205 31.38 -25.07 -21.67
C LYS A 205 32.37 -24.29 -20.81
N ASP A 206 32.19 -24.32 -19.51
CA ASP A 206 33.09 -23.64 -18.59
C ASP A 206 34.45 -24.29 -18.57
N GLU A 207 35.40 -23.66 -19.23
CA GLU A 207 36.79 -24.12 -19.23
C GLU A 207 37.50 -23.56 -18.01
N PHE A 208 37.06 -22.41 -17.58
CA PHE A 208 37.62 -21.75 -16.45
C PHE A 208 36.61 -21.71 -15.35
N GLU A 209 37.07 -21.98 -14.18
CA GLU A 209 36.28 -21.95 -12.99
C GLU A 209 37.25 -21.76 -11.86
N HIS A 210 36.72 -21.70 -10.66
CA HIS A 210 37.45 -21.72 -9.38
C HIS A 210 36.53 -21.31 -8.29
N LYS A 211 35.60 -22.17 -8.01
CA LYS A 211 34.61 -21.95 -6.99
C LYS A 211 35.29 -22.07 -5.65
N ARG A 212 36.13 -23.09 -5.57
CA ARG A 212 37.05 -23.31 -4.49
C ARG A 212 37.88 -24.53 -4.79
N LYS A 213 38.98 -24.30 -5.45
CA LYS A 213 39.86 -25.37 -5.81
C LYS A 213 41.20 -25.16 -5.13
N GLU A 214 41.45 -25.96 -4.12
CA GLU A 214 42.66 -25.89 -3.36
C GLU A 214 43.12 -27.32 -3.09
N LEU A 215 43.64 -27.94 -4.12
CA LEU A 215 44.14 -29.30 -4.02
C LEU A 215 45.56 -29.35 -4.56
N GLU A 216 45.85 -28.43 -5.47
CA GLU A 216 47.15 -28.30 -6.07
C GLU A 216 48.06 -27.57 -5.08
N GLN A 217 48.44 -28.26 -4.06
CA GLN A 217 49.22 -27.70 -2.97
C GLN A 217 50.71 -27.71 -3.30
N VAL A 218 51.01 -27.19 -4.45
CA VAL A 218 52.35 -27.12 -4.95
C VAL A 218 53.09 -25.91 -4.35
N SMC A 219 53.66 -26.15 -3.21
CA SMC A 219 54.35 -25.13 -2.48
CB SMC A 219 54.09 -25.27 -0.97
SG SMC A 219 52.33 -25.25 -0.53
C SMC A 219 55.83 -25.20 -2.77
O SMC A 219 56.59 -25.93 -2.12
H SMC A 219 53.63 -27.05 -2.84
HA SMC A 219 53.98 -24.17 -2.81
HB2 SMC A 219 54.57 -24.46 -0.45
HB3 SMC A 219 54.50 -26.21 -0.63
N ASN A 220 56.24 -24.51 -3.80
CA ASN A 220 57.62 -24.47 -4.20
C ASN A 220 58.24 -23.14 -3.80
N PRO A 221 59.58 -23.06 -3.65
CA PRO A 221 60.30 -21.82 -3.29
C PRO A 221 60.27 -20.76 -4.42
N ILE A 222 59.07 -20.49 -4.92
CA ILE A 222 58.86 -19.51 -5.98
C ILE A 222 58.95 -18.10 -5.39
N ILE A 223 58.57 -17.98 -4.14
CA ILE A 223 58.64 -16.73 -3.44
C ILE A 223 60.01 -16.60 -2.80
N SER A 224 60.41 -15.40 -2.53
CA SER A 224 61.69 -15.17 -1.95
C SER A 224 61.63 -13.93 -1.06
N GLY A 225 60.96 -12.92 -1.53
CA GLY A 225 60.88 -11.69 -0.82
C GLY A 225 61.97 -10.79 -1.30
N LEU A 226 62.84 -10.37 -0.38
CA LEU A 226 64.00 -9.52 -0.66
C LEU A 226 63.62 -8.13 -1.12
N TYR A 227 63.73 -7.19 -0.23
CA TYR A 227 63.43 -5.82 -0.55
C TYR A 227 64.63 -5.15 -1.22
N GLN A 228 64.35 -4.16 -2.00
CA GLN A 228 65.35 -3.44 -2.76
C GLN A 228 65.92 -2.32 -1.89
N GLY A 229 65.05 -1.70 -1.13
CA GLY A 229 65.41 -0.65 -0.25
C GLY A 229 64.17 0.05 0.25
N ALA A 230 64.14 1.35 0.09
CA ALA A 230 62.99 2.14 0.45
C ALA A 230 62.43 2.75 -0.81
N GLY A 231 61.36 2.16 -1.30
CA GLY A 231 60.77 2.63 -2.53
C GLY A 231 59.96 3.88 -2.33
N GLY A 232 59.20 3.91 -1.28
CA GLY A 232 58.38 5.03 -0.98
C GLY A 232 56.92 4.67 -1.04
N PRO A 233 56.03 5.61 -0.73
CA PRO A 233 54.59 5.35 -0.72
C PRO A 233 53.94 5.56 -2.09
N GLY A 234 54.75 5.59 -3.12
CA GLY A 234 54.25 5.86 -4.45
C GLY A 234 54.02 7.33 -4.61
N PRO A 235 52.79 7.78 -4.90
CA PRO A 235 52.47 9.20 -4.94
C PRO A 235 52.45 9.76 -3.53
N GLY A 236 53.48 10.50 -3.19
CA GLY A 236 53.60 11.01 -1.85
C GLY A 236 53.31 12.48 -1.79
N GLY A 237 53.37 13.02 -0.60
CA GLY A 237 53.11 14.43 -0.42
C GLY A 237 54.32 15.13 0.12
N PHE A 238 54.69 14.80 1.33
CA PHE A 238 55.82 15.43 1.94
C PHE A 238 56.93 14.42 2.17
N GLY A 239 58.02 14.61 1.47
CA GLY A 239 59.18 13.79 1.66
C GLY A 239 60.26 14.58 2.36
N ALA A 240 60.58 15.70 1.79
CA ALA A 240 61.56 16.61 2.32
C ALA A 240 61.17 18.02 1.95
N GLN A 241 60.93 18.22 0.66
CA GLN A 241 60.48 19.48 0.08
C GLN A 241 61.48 20.62 0.30
N GLY A 242 62.37 20.77 -0.65
CA GLY A 242 63.33 21.83 -0.58
C GLY A 242 63.26 22.68 -1.81
N PRO A 243 63.99 22.31 -2.87
CA PRO A 243 63.96 23.05 -4.11
C PRO A 243 62.64 22.82 -4.87
N LYS A 244 62.21 23.83 -5.58
CA LYS A 244 61.00 23.78 -6.34
C LYS A 244 61.31 24.23 -7.75
N GLY A 245 60.93 23.44 -8.72
CA GLY A 245 61.17 23.77 -10.10
C GLY A 245 60.18 24.80 -10.58
N GLY A 246 60.46 26.04 -10.28
CA GLY A 246 59.60 27.10 -10.66
C GLY A 246 58.49 27.26 -9.66
N SER A 247 57.28 27.29 -10.13
CA SER A 247 56.14 27.39 -9.29
C SER A 247 55.03 26.53 -9.86
N GLY A 248 54.85 25.38 -9.29
CA GLY A 248 53.81 24.48 -9.71
C GLY A 248 52.49 24.83 -9.08
N SER A 249 51.91 25.91 -9.54
CA SER A 249 50.64 26.36 -9.04
C SER A 249 49.53 25.39 -9.48
N GLY A 250 48.75 24.95 -8.53
CA GLY A 250 47.70 24.01 -8.80
C GLY A 250 46.62 24.12 -7.75
N PRO A 251 45.53 23.35 -7.86
CA PRO A 251 44.42 23.41 -6.91
C PRO A 251 44.80 22.88 -5.54
N THR A 252 45.63 21.84 -5.55
CA THR A 252 46.05 21.12 -4.38
C THR A 252 44.83 20.38 -3.79
N ILE A 253 44.47 19.29 -4.44
CA ILE A 253 43.33 18.51 -4.02
C ILE A 253 43.62 17.70 -2.77
N GLU A 254 42.86 17.99 -1.74
CA GLU A 254 42.97 17.32 -0.48
C GLU A 254 42.15 16.04 -0.52
N GLU A 255 40.95 16.14 -1.06
CA GLU A 255 40.11 14.99 -1.19
C GLU A 255 40.44 14.26 -2.49
N VAL A 256 40.79 13.00 -2.37
CA VAL A 256 41.18 12.16 -3.50
C VAL A 256 41.55 10.77 -2.97
N ASP A 257 42.21 10.75 -1.84
CA ASP A 257 42.60 9.55 -1.17
C ASP A 257 42.54 9.82 0.30
N SER A 1 -27.37 20.93 25.11
CA SER A 1 -26.00 21.08 24.69
C SER A 1 -25.10 20.52 25.77
N GLU A 2 -24.73 19.29 25.59
CA GLU A 2 -23.96 18.60 26.57
C GLU A 2 -22.51 18.64 26.16
N ASN A 3 -21.71 19.28 26.96
CA ASN A 3 -20.28 19.35 26.69
C ASN A 3 -19.60 18.10 27.23
N VAL A 4 -19.80 17.01 26.53
CA VAL A 4 -19.33 15.70 26.95
C VAL A 4 -18.50 15.01 25.88
N GLN A 5 -18.00 15.76 24.90
CA GLN A 5 -17.21 15.14 23.86
C GLN A 5 -15.78 14.90 24.30
N ASP A 6 -15.59 13.85 25.07
CA ASP A 6 -14.26 13.43 25.48
C ASP A 6 -13.66 12.73 24.29
N LEU A 7 -14.50 11.96 23.63
CA LEU A 7 -14.14 11.33 22.41
C LEU A 7 -14.73 12.12 21.26
N LEU A 8 -13.99 13.09 20.84
CA LEU A 8 -14.38 13.95 19.75
C LEU A 8 -13.95 13.25 18.46
N LEU A 9 -12.68 12.88 18.43
CA LEU A 9 -12.04 12.12 17.34
C LEU A 9 -12.24 12.75 15.95
N LEU A 10 -11.49 13.80 15.68
CA LEU A 10 -11.49 14.49 14.39
C LEU A 10 -10.16 15.17 14.18
N ASP A 11 -9.86 15.44 12.92
CA ASP A 11 -8.65 16.19 12.48
C ASP A 11 -7.42 15.35 12.56
N VAL A 12 -7.60 14.08 12.67
CA VAL A 12 -6.45 13.20 12.81
C VAL A 12 -6.52 12.02 11.86
N ALA A 13 -5.47 11.26 11.89
CA ALA A 13 -5.32 10.05 11.15
C ALA A 13 -5.51 8.88 12.12
N PRO A 14 -6.58 8.08 11.93
CA PRO A 14 -6.84 6.93 12.80
C PRO A 14 -5.78 5.86 12.67
N LEU A 15 -5.35 5.60 11.44
CA LEU A 15 -4.35 4.60 11.20
C LEU A 15 -3.13 5.23 10.61
N SER A 16 -1.98 4.70 10.97
CA SER A 16 -0.71 5.16 10.48
C SER A 16 -0.58 4.86 9.00
N LEU A 17 -0.07 5.81 8.26
CA LEU A 17 0.07 5.67 6.83
C LEU A 17 1.52 5.45 6.49
N GLY A 18 1.76 4.47 5.67
CA GLY A 18 3.11 4.16 5.29
C GLY A 18 3.20 3.32 4.06
N LEU A 19 4.32 2.65 3.93
CA LEU A 19 4.64 1.85 2.77
C LEU A 19 5.19 0.53 3.22
N GLU A 20 5.26 -0.41 2.32
CA GLU A 20 6.00 -1.61 2.57
C GLU A 20 7.41 -1.32 2.11
N THR A 21 8.34 -1.41 3.00
CA THR A 21 9.68 -1.02 2.74
C THR A 21 10.57 -2.16 2.23
N ALA A 22 11.44 -2.64 3.07
CA ALA A 22 12.35 -3.67 2.67
C ALA A 22 12.04 -4.97 3.37
N GLY A 23 12.27 -6.07 2.69
CA GLY A 23 12.03 -7.38 3.27
C GLY A 23 10.59 -7.79 3.18
N GLY A 24 9.73 -6.99 3.74
CA GLY A 24 8.32 -7.23 3.74
C GLY A 24 7.71 -6.68 4.98
N VAL A 25 8.16 -5.51 5.36
CA VAL A 25 7.71 -4.87 6.57
C VAL A 25 7.18 -3.48 6.24
N MET A 26 6.12 -3.12 6.91
CA MET A 26 5.47 -1.85 6.72
C MET A 26 6.15 -0.81 7.59
N THR A 27 6.41 0.32 7.02
CA THR A 27 7.01 1.43 7.73
C THR A 27 6.11 2.66 7.52
N ALA A 28 5.81 3.36 8.59
CA ALA A 28 4.89 4.47 8.55
C ALA A 28 5.61 5.79 8.56
N LEU A 29 5.09 6.72 7.80
CA LEU A 29 5.62 8.06 7.79
C LEU A 29 4.75 8.92 8.67
N ILE A 30 3.46 8.82 8.46
CA ILE A 30 2.51 9.51 9.28
C ILE A 30 1.96 8.49 10.23
N LYS A 31 2.26 8.65 11.48
CA LYS A 31 1.85 7.69 12.45
C LYS A 31 0.43 8.02 12.92
N ARG A 32 -0.23 7.04 13.46
CA ARG A 32 -1.58 7.15 13.98
C ARG A 32 -1.64 8.22 15.07
N ASN A 33 -2.81 8.84 15.22
CA ASN A 33 -3.08 9.89 16.24
C ASN A 33 -2.45 11.23 15.81
N SER A 34 -2.01 11.30 14.57
CA SER A 34 -1.42 12.49 14.02
C SER A 34 -2.49 13.37 13.45
N THR A 35 -2.52 14.58 13.92
CA THR A 35 -3.39 15.60 13.47
C THR A 35 -2.97 16.02 12.05
N ILE A 36 -3.93 16.19 11.20
CA ILE A 36 -3.73 16.57 9.82
C ILE A 36 -4.07 18.07 9.66
N PRO A 37 -3.59 18.77 8.60
CA PRO A 37 -2.70 18.23 7.55
C PRO A 37 -1.35 17.86 8.08
N THR A 38 -0.81 16.79 7.61
CA THR A 38 0.43 16.36 8.12
C THR A 38 1.64 16.77 7.24
N LYS A 39 1.86 16.03 6.15
CA LYS A 39 3.03 16.14 5.30
C LYS A 39 4.30 15.68 6.04
N GLN A 40 4.70 14.47 5.76
CA GLN A 40 5.86 13.87 6.37
C GLN A 40 6.76 13.35 5.26
N THR A 41 8.01 13.67 5.33
CA THR A 41 8.98 13.26 4.35
C THR A 41 9.98 12.29 4.97
N GLN A 42 10.18 11.17 4.34
CA GLN A 42 11.20 10.21 4.71
C GLN A 42 11.94 9.79 3.47
N ILE A 43 13.22 9.63 3.58
CA ILE A 43 14.03 9.27 2.45
C ILE A 43 14.42 7.81 2.53
N PHE A 44 14.02 7.08 1.53
CA PHE A 44 14.31 5.68 1.45
C PHE A 44 15.36 5.47 0.39
N THR A 45 16.32 4.66 0.66
CA THR A 45 17.40 4.44 -0.26
C THR A 45 17.32 3.03 -0.82
N THR A 46 17.99 2.77 -1.90
CA THR A 46 18.00 1.46 -2.44
C THR A 46 19.18 0.67 -1.86
N TYR A 47 18.95 -0.57 -1.46
CA TYR A 47 20.07 -1.40 -1.03
C TYR A 47 20.29 -2.56 -1.95
N SER A 48 19.39 -2.72 -2.88
CA SER A 48 19.56 -3.71 -3.92
C SER A 48 20.11 -2.99 -5.16
N ASP A 49 21.28 -3.40 -5.60
CA ASP A 49 21.93 -2.74 -6.73
C ASP A 49 21.29 -3.19 -8.05
N ASN A 50 21.54 -2.42 -9.11
CA ASN A 50 21.03 -2.68 -10.49
C ASN A 50 19.52 -2.66 -10.57
N GLN A 51 18.88 -1.98 -9.65
CA GLN A 51 17.49 -1.85 -9.61
C GLN A 51 17.06 -0.68 -10.52
N PRO A 52 16.24 -0.93 -11.54
CA PRO A 52 15.75 0.11 -12.46
C PRO A 52 14.61 0.97 -11.86
N GLY A 53 14.00 0.49 -10.79
CA GLY A 53 12.93 1.24 -10.19
C GLY A 53 12.44 0.66 -8.90
N VAL A 54 11.80 1.48 -8.11
CA VAL A 54 11.25 1.07 -6.84
C VAL A 54 9.75 0.90 -6.96
N LEU A 55 9.13 0.38 -5.94
CA LEU A 55 7.72 0.16 -5.95
C LEU A 55 7.17 0.79 -4.68
N ILE A 56 6.32 1.76 -4.82
CA ILE A 56 5.73 2.44 -3.70
C ILE A 56 4.33 1.89 -3.49
N GLN A 57 4.13 1.19 -2.40
CA GLN A 57 2.83 0.63 -2.09
C GLN A 57 2.40 1.06 -0.70
N VAL A 58 1.31 1.78 -0.66
CA VAL A 58 0.80 2.43 0.56
C VAL A 58 -0.03 1.47 1.40
N TYR A 59 0.25 1.45 2.68
CA TYR A 59 -0.45 0.63 3.64
C TYR A 59 -0.81 1.43 4.87
N GLU A 60 -1.86 1.00 5.54
CA GLU A 60 -2.28 1.61 6.80
C GLU A 60 -2.11 0.64 7.93
N GLY A 61 -1.89 1.18 9.09
CA GLY A 61 -1.80 0.37 10.27
C GLY A 61 -0.38 -0.06 10.53
N GLU A 62 -0.05 -0.29 11.75
CA GLU A 62 1.28 -0.69 12.08
C GLU A 62 1.27 -2.08 12.64
N ARG A 63 1.99 -2.93 11.99
CA ARG A 63 2.08 -4.33 12.32
C ARG A 63 3.52 -4.71 12.12
N ALA A 64 3.92 -5.81 12.67
CA ALA A 64 5.27 -6.30 12.54
C ALA A 64 5.56 -6.70 11.11
N MET A 65 4.57 -7.28 10.47
CA MET A 65 4.67 -7.72 9.10
C MET A 65 3.45 -7.28 8.34
N THR A 66 3.67 -6.86 7.12
CA THR A 66 2.65 -6.31 6.28
C THR A 66 1.67 -7.41 5.81
N LYS A 67 0.42 -7.31 6.26
CA LYS A 67 -0.63 -8.27 5.89
C LYS A 67 -2.01 -7.83 6.38
N ASP A 68 -2.07 -7.34 7.61
CA ASP A 68 -3.34 -6.88 8.20
C ASP A 68 -3.62 -5.48 7.74
N ASN A 69 -2.60 -4.88 7.21
CA ASN A 69 -2.57 -3.49 6.81
C ASN A 69 -3.50 -3.25 5.63
N ASN A 70 -3.99 -2.03 5.52
CA ASN A 70 -4.88 -1.69 4.41
C ASN A 70 -4.05 -1.23 3.26
N LEU A 71 -4.17 -1.89 2.15
CA LEU A 71 -3.45 -1.53 0.96
C LEU A 71 -4.25 -0.41 0.31
N LEU A 72 -3.68 0.76 0.23
CA LEU A 72 -4.40 1.89 -0.34
C LEU A 72 -4.12 2.07 -1.82
N GLY A 73 -2.90 1.81 -2.24
CA GLY A 73 -2.56 1.95 -3.62
C GLY A 73 -1.09 1.73 -3.85
N ARG A 74 -0.69 1.67 -5.09
CA ARG A 74 0.71 1.47 -5.44
C ARG A 74 1.04 2.14 -6.75
N PHE A 75 2.32 2.38 -6.94
CA PHE A 75 2.85 2.87 -8.18
C PHE A 75 4.33 2.54 -8.22
N GLU A 76 4.87 2.42 -9.37
CA GLU A 76 6.27 2.10 -9.53
C GLU A 76 7.01 3.29 -10.06
N LEU A 77 8.12 3.59 -9.45
CA LEU A 77 8.94 4.69 -9.88
C LEU A 77 10.17 4.12 -10.53
N SER A 78 10.20 4.17 -11.82
CA SER A 78 11.31 3.68 -12.59
C SER A 78 12.16 4.83 -13.09
N GLY A 79 13.39 4.56 -13.43
CA GLY A 79 14.27 5.59 -13.93
C GLY A 79 15.59 5.54 -13.24
N ILE A 80 15.63 4.81 -12.15
CA ILE A 80 16.83 4.65 -11.33
C ILE A 80 17.91 3.95 -12.16
N PRO A 81 19.05 4.60 -12.37
CA PRO A 81 20.15 4.04 -13.13
C PRO A 81 21.04 3.16 -12.22
N PRO A 82 21.94 2.34 -12.80
CA PRO A 82 22.89 1.56 -12.02
C PRO A 82 23.85 2.49 -11.26
N ALA A 83 23.53 2.72 -10.02
CA ALA A 83 24.30 3.58 -9.19
C ALA A 83 24.54 2.88 -7.87
N PRO A 84 25.66 3.19 -7.18
CA PRO A 84 25.96 2.63 -5.86
C PRO A 84 24.79 2.79 -4.90
N ARG A 85 24.47 1.71 -4.20
CA ARG A 85 23.34 1.69 -3.31
C ARG A 85 23.47 2.72 -2.19
N GLY A 86 22.54 3.62 -2.15
CA GLY A 86 22.61 4.72 -1.21
C GLY A 86 22.57 6.03 -1.96
N VAL A 87 23.03 5.99 -3.20
CA VAL A 87 22.99 7.15 -4.07
C VAL A 87 21.55 7.44 -4.56
N PRO A 88 20.78 6.42 -5.07
CA PRO A 88 19.37 6.62 -5.39
C PRO A 88 18.57 6.77 -4.10
N GLN A 89 18.18 7.98 -3.84
CA GLN A 89 17.47 8.33 -2.65
C GLN A 89 16.09 8.73 -3.02
N ILE A 90 15.13 7.99 -2.59
CA ILE A 90 13.79 8.30 -2.87
C ILE A 90 13.22 9.09 -1.72
N GLU A 91 12.94 10.32 -1.97
CA GLU A 91 12.40 11.22 -1.01
C GLU A 91 10.89 11.13 -1.11
N VAL A 92 10.29 10.45 -0.17
CA VAL A 92 8.88 10.20 -0.18
C VAL A 92 8.19 11.09 0.82
N THR A 93 7.21 11.79 0.37
CA THR A 93 6.44 12.65 1.20
C THR A 93 4.96 12.28 1.16
N PHE A 94 4.42 12.00 2.32
CA PHE A 94 3.02 11.72 2.51
C PHE A 94 2.34 12.95 3.01
N ASP A 95 1.49 13.52 2.22
CA ASP A 95 0.74 14.70 2.62
C ASP A 95 -0.72 14.37 2.75
N ILE A 96 -1.37 14.97 3.71
CA ILE A 96 -2.78 14.80 3.93
C ILE A 96 -3.28 16.19 4.08
N ASP A 97 -4.27 16.56 3.34
CA ASP A 97 -4.80 17.90 3.44
C ASP A 97 -6.04 17.87 4.34
N ALA A 98 -6.77 18.97 4.41
CA ALA A 98 -7.98 19.05 5.22
C ALA A 98 -9.13 18.18 4.65
N ASN A 99 -9.09 17.91 3.35
CA ASN A 99 -10.13 17.09 2.71
C ASN A 99 -9.90 15.63 3.02
N GLY A 100 -8.65 15.29 3.19
CA GLY A 100 -8.29 13.92 3.45
C GLY A 100 -7.65 13.31 2.24
N ILE A 101 -7.06 14.13 1.43
CA ILE A 101 -6.38 13.70 0.27
C ILE A 101 -4.97 13.31 0.67
N LEU A 102 -4.63 12.07 0.44
CA LEU A 102 -3.33 11.57 0.73
C LEU A 102 -2.50 11.61 -0.53
N ASN A 103 -1.58 12.51 -0.57
CA ASN A 103 -0.72 12.62 -1.71
C ASN A 103 0.61 12.03 -1.35
N VAL A 104 1.06 11.11 -2.14
CA VAL A 104 2.34 10.52 -1.92
C VAL A 104 3.25 10.96 -3.03
N THR A 105 4.23 11.74 -2.70
CA THR A 105 5.18 12.23 -3.65
C THR A 105 6.50 11.50 -3.45
N ALA A 106 6.92 10.76 -4.44
CA ALA A 106 8.20 10.10 -4.38
C ALA A 106 9.13 10.78 -5.37
N THR A 107 10.19 11.35 -4.86
CA THR A 107 11.14 12.03 -5.68
C THR A 107 12.47 11.31 -5.66
N ASP A 108 12.94 10.91 -6.81
CA ASP A 108 14.26 10.34 -6.89
C ASP A 108 15.27 11.43 -6.93
N LYS A 109 16.01 11.54 -5.87
CA LYS A 109 17.02 12.54 -5.73
C LYS A 109 18.19 12.34 -6.69
N SER A 110 18.35 11.13 -7.24
CA SER A 110 19.46 10.91 -8.13
C SER A 110 19.20 11.43 -9.56
N THR A 111 18.13 10.98 -10.20
CA THR A 111 17.78 11.48 -11.53
C THR A 111 17.15 12.87 -11.43
N GLY A 112 16.44 13.10 -10.32
CA GLY A 112 15.84 14.39 -10.06
C GLY A 112 14.36 14.45 -10.33
N LYS A 113 13.81 13.41 -10.93
CA LYS A 113 12.40 13.45 -11.29
C LYS A 113 11.53 12.79 -10.21
N ALA A 114 10.25 13.11 -10.22
CA ALA A 114 9.35 12.66 -9.18
C ALA A 114 8.11 11.98 -9.75
N ASN A 115 7.59 11.05 -9.04
CA ASN A 115 6.39 10.34 -9.42
C ASN A 115 5.48 10.34 -8.21
N LYS A 116 4.23 10.68 -8.39
CA LYS A 116 3.34 10.77 -7.28
C LYS A 116 2.00 10.13 -7.56
N ILE A 117 1.31 9.77 -6.50
CA ILE A 117 -0.03 9.25 -6.58
C ILE A 117 -0.88 10.08 -5.63
N THR A 118 -2.10 10.30 -5.95
CA THR A 118 -2.94 11.10 -5.13
C THR A 118 -4.20 10.33 -4.77
N ILE A 119 -4.31 9.99 -3.53
CA ILE A 119 -5.46 9.28 -3.07
C ILE A 119 -6.37 10.27 -2.39
N THR A 120 -7.29 10.77 -3.15
CA THR A 120 -8.26 11.69 -2.66
C THR A 120 -9.35 10.89 -1.99
N ASN A 121 -9.37 10.95 -0.69
CA ASN A 121 -10.27 10.15 0.08
C ASN A 121 -11.44 10.96 0.58
N ASP A 122 -12.61 10.59 0.13
CA ASP A 122 -13.84 11.15 0.63
C ASP A 122 -14.74 10.01 1.02
N LYS A 123 -14.64 9.63 2.30
CA LYS A 123 -15.46 8.57 2.89
C LYS A 123 -15.16 7.19 2.25
N GLY A 124 -15.91 6.16 2.63
CA GLY A 124 -15.71 4.81 2.08
C GLY A 124 -14.37 4.23 2.47
N ARG A 125 -14.21 3.85 3.70
CA ARG A 125 -12.95 3.39 4.20
C ARG A 125 -13.03 1.92 4.57
N LEU A 126 -13.54 1.67 5.73
CA LEU A 126 -13.72 0.34 6.25
C LEU A 126 -15.11 0.33 6.87
N SER A 127 -15.40 -0.66 7.67
CA SER A 127 -16.64 -0.70 8.38
C SER A 127 -16.64 0.38 9.50
N LYS A 128 -15.92 0.06 10.53
CA LYS A 128 -15.66 0.90 11.70
C LYS A 128 -14.86 0.06 12.63
N GLU A 129 -15.39 -1.13 12.88
CA GLU A 129 -14.77 -2.12 13.74
C GLU A 129 -13.41 -2.54 13.23
N GLU A 130 -13.25 -2.55 11.92
CA GLU A 130 -12.00 -2.92 11.31
C GLU A 130 -10.90 -1.93 11.70
N ILE A 131 -11.25 -0.65 11.72
CA ILE A 131 -10.30 0.40 12.05
C ILE A 131 -9.86 0.25 13.50
N GLU A 132 -10.83 0.13 14.39
CA GLU A 132 -10.54 -0.02 15.80
C GLU A 132 -9.79 -1.32 16.09
N ARG A 133 -10.04 -2.38 15.32
CA ARG A 133 -9.29 -3.63 15.46
C ARG A 133 -7.82 -3.40 15.20
N MET A 134 -7.52 -2.70 14.12
CA MET A 134 -6.13 -2.39 13.73
C MET A 134 -5.46 -1.59 14.82
N VAL A 135 -6.21 -0.61 15.35
CA VAL A 135 -5.74 0.23 16.44
C VAL A 135 -5.41 -0.63 17.65
N GLN A 136 -6.37 -1.48 18.06
CA GLN A 136 -6.20 -2.36 19.22
C GLN A 136 -4.98 -3.25 19.08
N GLU A 137 -4.82 -3.87 17.93
CA GLU A 137 -3.69 -4.75 17.69
C GLU A 137 -2.37 -3.98 17.73
N ALA A 138 -2.36 -2.81 17.15
CA ALA A 138 -1.16 -1.98 17.14
C ALA A 138 -0.81 -1.46 18.54
N GLU A 139 -1.82 -1.19 19.35
CA GLU A 139 -1.65 -0.72 20.73
C GLU A 139 -1.27 -1.85 21.70
N LYS A 140 -2.00 -2.94 21.61
CA LYS A 140 -1.87 -4.07 22.54
C LYS A 140 -0.62 -4.90 22.22
N TYR A 141 -0.15 -4.81 21.01
CA TYR A 141 1.05 -5.52 20.59
C TYR A 141 2.08 -4.53 20.11
N LYS A 142 1.99 -3.31 20.63
CA LYS A 142 2.84 -2.21 20.27
C LYS A 142 4.30 -2.54 20.46
N ALA A 143 4.60 -3.20 21.55
CA ALA A 143 5.95 -3.54 21.87
C ALA A 143 6.50 -4.61 20.96
N GLU A 144 5.81 -5.71 20.84
CA GLU A 144 6.34 -6.83 20.08
C GLU A 144 6.27 -6.61 18.57
N ASP A 145 5.19 -6.04 18.07
CA ASP A 145 5.09 -5.79 16.65
C ASP A 145 6.03 -4.71 16.20
N GLU A 146 6.02 -3.56 16.89
CA GLU A 146 6.88 -2.47 16.48
C GLU A 146 8.37 -2.80 16.68
N VAL A 147 8.74 -3.55 17.73
CA VAL A 147 10.16 -3.91 17.90
C VAL A 147 10.65 -4.76 16.73
N GLN A 148 9.93 -5.82 16.38
CA GLN A 148 10.35 -6.69 15.28
C GLN A 148 10.36 -5.95 13.96
N ARG A 149 9.39 -5.09 13.79
CA ARG A 149 9.25 -4.25 12.62
C ARG A 149 10.50 -3.38 12.42
N GLU A 150 10.90 -2.66 13.47
CA GLU A 150 12.04 -1.76 13.39
C GLU A 150 13.37 -2.55 13.33
N ARG A 151 13.35 -3.80 13.74
CA ARG A 151 14.53 -4.66 13.66
C ARG A 151 14.82 -5.01 12.20
N VAL A 152 13.78 -5.05 11.40
CA VAL A 152 13.91 -5.34 10.00
C VAL A 152 14.14 -4.05 9.24
N SER A 153 13.20 -3.14 9.34
CA SER A 153 13.29 -1.88 8.65
C SER A 153 14.02 -0.83 9.49
N ALA A 154 15.27 -1.12 9.80
CA ALA A 154 16.08 -0.19 10.56
C ALA A 154 16.64 0.85 9.63
N LYS A 155 16.89 0.45 8.42
CA LYS A 155 17.37 1.33 7.40
C LYS A 155 16.25 1.58 6.42
N ASN A 156 16.01 2.81 6.11
CA ASN A 156 14.93 3.19 5.22
C ASN A 156 15.24 2.84 3.79
N ALA A 157 14.64 1.77 3.32
CA ALA A 157 14.81 1.29 1.98
C ALA A 157 13.51 0.74 1.51
N LEU A 158 13.33 0.60 0.22
CA LEU A 158 12.14 -0.03 -0.31
C LEU A 158 12.58 -1.11 -1.26
N GLU A 159 11.90 -2.21 -1.23
CA GLU A 159 12.20 -3.31 -2.11
C GLU A 159 11.30 -3.32 -3.31
N SER A 160 11.90 -3.50 -4.45
CA SER A 160 11.17 -3.62 -5.66
C SER A 160 10.79 -5.08 -5.83
N TYR A 161 9.51 -5.33 -6.00
CA TYR A 161 9.03 -6.69 -6.18
C TYR A 161 8.91 -7.03 -7.64
N ALA A 162 9.43 -6.17 -8.45
CA ALA A 162 9.46 -6.34 -9.85
C ALA A 162 10.79 -5.88 -10.35
N PHE A 163 11.40 -6.68 -11.17
CA PHE A 163 12.67 -6.34 -11.78
C PHE A 163 12.55 -6.51 -13.26
N ASN A 164 12.05 -7.68 -13.67
CA ASN A 164 11.85 -8.08 -15.07
C ASN A 164 13.16 -8.38 -15.76
N MET A 165 13.99 -7.37 -15.90
CA MET A 165 15.27 -7.45 -16.57
C MET A 165 15.87 -6.06 -16.50
N LYS A 166 17.19 -5.94 -16.64
CA LYS A 166 17.81 -4.62 -16.76
C LYS A 166 17.32 -4.04 -18.08
N SER A 167 16.31 -3.21 -17.98
CA SER A 167 15.53 -2.79 -19.09
C SER A 167 16.23 -1.78 -20.00
N ALA A 168 16.02 -1.99 -21.30
CA ALA A 168 16.50 -1.14 -22.38
C ALA A 168 18.02 -1.17 -22.58
N VAL A 169 18.43 -1.60 -23.74
CA VAL A 169 19.84 -1.60 -24.12
C VAL A 169 20.12 -0.41 -25.02
N GLU A 170 19.17 0.50 -25.05
CA GLU A 170 19.25 1.68 -25.87
C GLU A 170 19.91 2.82 -25.12
N ASP A 171 20.17 3.88 -25.83
CA ASP A 171 20.75 5.09 -25.29
C ASP A 171 20.20 6.25 -26.09
N GLU A 172 20.56 7.44 -25.71
CA GLU A 172 20.19 8.60 -26.44
C GLU A 172 21.28 9.65 -26.21
N GLY A 173 22.50 9.26 -26.55
CA GLY A 173 23.63 10.15 -26.43
C GLY A 173 24.28 10.35 -27.77
N LEU A 174 23.55 10.01 -28.80
CA LEU A 174 24.03 10.05 -30.19
C LEU A 174 24.04 11.47 -30.79
N LYS A 175 24.39 12.44 -29.98
CA LYS A 175 24.49 13.82 -30.41
C LYS A 175 25.95 14.20 -30.42
N GLY A 176 26.32 15.14 -31.25
CA GLY A 176 27.68 15.58 -31.31
C GLY A 176 27.95 16.32 -32.56
N LYS A 177 29.23 16.62 -32.80
CA LYS A 177 29.71 17.34 -33.98
C LYS A 177 29.26 18.81 -34.00
N ILE A 178 30.22 19.70 -33.85
CA ILE A 178 29.98 21.13 -33.92
C ILE A 178 29.45 21.48 -35.32
N SER A 179 28.35 22.19 -35.37
CA SER A 179 27.78 22.58 -36.62
C SER A 179 28.44 23.86 -37.12
N GLU A 180 29.17 23.74 -38.20
CA GLU A 180 29.82 24.88 -38.78
C GLU A 180 29.03 25.31 -40.01
N ALA A 181 29.03 26.60 -40.28
CA ALA A 181 28.22 27.12 -41.37
C ALA A 181 29.04 27.85 -42.43
N ASP A 182 29.96 28.70 -42.01
CA ASP A 182 30.69 29.54 -42.97
C ASP A 182 32.15 29.72 -42.57
N LYS A 183 33.03 29.79 -43.56
CA LYS A 183 34.46 30.04 -43.34
C LYS A 183 34.95 31.12 -44.32
N LYS A 184 34.00 31.77 -44.98
CA LYS A 184 34.28 32.69 -46.09
C LYS A 184 35.03 32.00 -47.22
N LYS A 185 34.30 31.33 -48.09
CA LYS A 185 34.89 30.71 -49.27
C LYS A 185 35.15 31.79 -50.30
N VAL A 186 34.40 32.85 -50.19
CA VAL A 186 34.57 34.03 -50.98
C VAL A 186 34.38 35.21 -50.05
N LEU A 187 35.19 36.22 -50.19
CA LEU A 187 35.12 37.37 -49.33
C LEU A 187 35.56 38.61 -50.06
N ASP A 188 34.78 39.67 -49.88
CA ASP A 188 35.06 41.01 -50.42
C ASP A 188 34.98 41.01 -51.97
N LYS A 189 35.15 42.15 -52.58
CA LYS A 189 35.13 42.31 -54.02
C LYS A 189 36.20 43.34 -54.37
N SMC A 190 36.32 43.68 -55.63
CA SMC A 190 37.17 44.78 -56.00
CB SMC A 190 37.65 44.65 -57.46
SG SMC A 190 38.63 43.19 -57.78
C SMC A 190 36.34 46.03 -55.82
O SMC A 190 35.14 46.00 -56.07
H SMC A 190 35.84 43.18 -56.33
HA SMC A 190 38.00 44.80 -55.33
HB2 SMC A 190 38.24 45.51 -57.70
HB3 SMC A 190 36.78 44.63 -58.11
N GLN A 191 36.95 47.10 -55.36
CA GLN A 191 36.18 48.29 -55.07
C GLN A 191 35.73 49.00 -56.34
N GLU A 192 36.48 48.79 -57.41
CA GLU A 192 36.13 49.31 -58.72
C GLU A 192 34.87 48.61 -59.21
N VAL A 193 33.74 49.23 -58.99
CA VAL A 193 32.46 48.63 -59.33
C VAL A 193 31.71 49.40 -60.40
N ILE A 194 32.10 50.64 -60.64
CA ILE A 194 31.42 51.46 -61.61
C ILE A 194 32.29 52.64 -62.04
N SER A 195 32.22 52.96 -63.32
CA SER A 195 32.89 54.10 -63.95
C SER A 195 34.40 53.89 -64.05
N TRP A 196 35.06 54.89 -64.61
CA TRP A 196 36.49 54.94 -64.84
C TRP A 196 36.90 53.89 -65.87
N LEU A 197 36.70 54.24 -67.12
CA LEU A 197 37.01 53.37 -68.23
C LEU A 197 37.72 54.19 -69.31
N ASP A 198 38.76 53.59 -69.89
CA ASP A 198 39.61 54.17 -70.95
C ASP A 198 40.54 55.23 -70.41
N ALA A 199 41.81 54.96 -70.47
CA ALA A 199 42.79 55.85 -69.89
C ALA A 199 43.50 56.69 -70.93
N ASN A 200 43.78 56.12 -72.10
CA ASN A 200 44.56 56.85 -73.10
C ASN A 200 44.20 56.39 -74.51
N THR A 201 43.87 57.32 -75.37
CA THR A 201 43.59 57.01 -76.75
C THR A 201 44.92 56.91 -77.50
N LEU A 202 45.16 55.78 -78.08
CA LEU A 202 46.41 55.51 -78.73
C LEU A 202 46.29 55.80 -80.25
N ALA A 203 47.24 56.55 -80.78
CA ALA A 203 47.26 56.83 -82.19
C ALA A 203 48.38 56.05 -82.89
N GLU A 204 49.63 56.44 -82.64
CA GLU A 204 50.83 55.87 -83.28
C GLU A 204 50.85 56.06 -84.80
N LYS A 205 51.55 57.08 -85.25
CA LYS A 205 51.73 57.31 -86.66
C LYS A 205 53.25 57.36 -86.90
N ASP A 206 53.70 56.66 -87.92
CA ASP A 206 55.13 56.51 -88.24
C ASP A 206 55.75 57.79 -88.85
N GLU A 207 57.04 57.77 -88.96
CA GLU A 207 57.79 58.76 -89.69
C GLU A 207 59.07 58.07 -90.18
N PHE A 208 58.91 56.80 -90.47
CA PHE A 208 60.02 55.97 -90.84
C PHE A 208 59.75 55.12 -92.06
N GLU A 209 58.52 55.04 -92.50
CA GLU A 209 58.19 54.28 -93.68
C GLU A 209 58.44 55.11 -94.94
N HIS A 210 59.67 55.54 -95.11
CA HIS A 210 60.05 56.33 -96.26
C HIS A 210 60.44 55.42 -97.39
N LYS A 211 61.18 54.35 -97.02
CA LYS A 211 61.61 53.28 -97.93
C LYS A 211 62.62 53.78 -98.98
N ARG A 212 63.24 52.86 -99.67
CA ARG A 212 64.15 53.23 -100.73
C ARG A 212 63.44 53.39 -102.06
N LYS A 213 62.75 54.51 -102.18
CA LYS A 213 61.97 54.83 -103.38
C LYS A 213 62.80 54.84 -104.65
N GLU A 214 63.82 55.67 -104.71
CA GLU A 214 64.67 55.79 -105.89
C GLU A 214 65.90 56.59 -105.53
N LEU A 215 67.02 56.16 -106.03
CA LEU A 215 68.26 56.87 -105.88
C LEU A 215 68.81 57.08 -107.26
N GLU A 216 69.21 56.00 -107.88
CA GLU A 216 69.73 56.01 -109.23
C GLU A 216 68.61 55.64 -110.19
N GLN A 217 68.77 55.96 -111.45
CA GLN A 217 67.75 55.66 -112.43
C GLN A 217 68.35 55.53 -113.82
N VAL A 218 68.93 56.59 -114.32
CA VAL A 218 69.46 56.60 -115.67
C VAL A 218 70.97 56.34 -115.71
N SMC A 219 71.31 55.12 -116.01
CA SMC A 219 72.69 54.70 -116.11
CB SMC A 219 72.81 53.25 -115.65
SG SMC A 219 72.27 52.96 -113.95
C SMC A 219 73.17 54.84 -117.55
O SMC A 219 72.34 54.89 -118.47
H SMC A 219 70.61 54.46 -116.20
HA SMC A 219 73.28 55.34 -115.47
HB2 SMC A 219 73.84 52.93 -115.73
HB3 SMC A 219 72.20 52.63 -116.30
N ASN A 220 74.47 54.94 -117.74
CA ASN A 220 75.04 55.07 -119.09
C ASN A 220 75.81 53.81 -119.44
N PRO A 221 75.20 52.89 -120.19
CA PRO A 221 75.83 51.66 -120.60
C PRO A 221 76.54 51.77 -121.95
N ILE A 222 77.85 51.59 -121.97
CA ILE A 222 78.62 51.60 -123.21
C ILE A 222 79.64 50.49 -123.20
N ILE A 223 79.86 49.89 -124.33
CA ILE A 223 80.94 48.94 -124.47
C ILE A 223 82.02 49.56 -125.36
N SER A 224 83.21 49.59 -124.85
CA SER A 224 84.32 50.15 -125.55
C SER A 224 85.19 49.06 -126.18
N GLY A 225 85.45 49.20 -127.46
CA GLY A 225 86.29 48.28 -128.15
C GLY A 225 87.72 48.70 -128.04
N LEU A 226 88.52 47.87 -127.46
CA LEU A 226 89.90 48.22 -127.25
C LEU A 226 90.75 47.67 -128.36
N TYR A 227 90.74 48.37 -129.47
CA TYR A 227 91.51 47.99 -130.62
C TYR A 227 92.88 48.58 -130.45
N GLN A 228 93.87 47.75 -130.45
CA GLN A 228 95.22 48.18 -130.15
C GLN A 228 96.13 47.99 -131.34
N GLY A 229 97.21 48.70 -131.35
CA GLY A 229 98.16 48.63 -132.40
C GLY A 229 98.81 49.95 -132.61
N ALA A 230 99.63 50.05 -133.60
CA ALA A 230 100.32 51.28 -133.90
C ALA A 230 99.83 51.85 -135.21
N GLY A 231 98.68 51.38 -135.64
CA GLY A 231 98.12 51.78 -136.91
C GLY A 231 97.33 53.07 -136.82
N GLY A 232 97.16 53.58 -135.62
CA GLY A 232 96.43 54.80 -135.44
C GLY A 232 97.30 55.86 -134.80
N PRO A 233 98.02 56.67 -135.60
CA PRO A 233 98.89 57.73 -135.06
C PRO A 233 98.08 58.86 -134.40
N GLY A 234 96.98 59.23 -135.04
CA GLY A 234 96.17 60.31 -134.54
C GLY A 234 96.51 61.61 -135.23
N PRO A 235 95.52 62.32 -135.77
CA PRO A 235 95.75 63.61 -136.41
C PRO A 235 96.03 64.71 -135.38
N GLY A 236 97.18 65.29 -135.47
CA GLY A 236 97.56 66.32 -134.57
C GLY A 236 98.59 67.20 -135.17
N GLY A 237 99.11 68.11 -134.41
CA GLY A 237 100.10 69.02 -134.89
C GLY A 237 100.23 70.21 -134.00
N PHE A 238 100.14 71.37 -134.57
CA PHE A 238 100.22 72.61 -133.85
C PHE A 238 99.30 73.58 -134.56
N GLY A 239 98.45 74.26 -133.84
CA GLY A 239 97.50 75.13 -134.48
C GLY A 239 97.31 76.41 -133.74
N ALA A 240 98.38 77.09 -133.45
CA ALA A 240 98.33 78.34 -132.74
C ALA A 240 99.30 79.31 -133.36
N GLN A 241 98.83 80.47 -133.71
CA GLN A 241 99.69 81.51 -134.22
C GLN A 241 100.06 82.43 -133.09
N GLY A 242 100.99 83.31 -133.35
CA GLY A 242 101.41 84.25 -132.35
C GLY A 242 100.96 85.64 -132.73
N PRO A 243 99.86 86.14 -132.15
CA PRO A 243 99.33 87.47 -132.47
C PRO A 243 100.13 88.59 -131.77
N LYS A 244 99.71 89.83 -132.02
CA LYS A 244 100.29 91.09 -131.48
C LYS A 244 101.64 91.43 -132.12
N GLY A 245 102.55 90.51 -132.12
CA GLY A 245 103.82 90.73 -132.76
C GLY A 245 103.72 90.34 -134.21
N GLY A 246 103.83 91.31 -135.08
CA GLY A 246 103.71 91.06 -136.50
C GLY A 246 102.26 91.17 -136.92
N SER A 247 101.48 90.25 -136.45
CA SER A 247 100.06 90.25 -136.67
C SER A 247 99.44 91.25 -135.70
N GLY A 248 99.09 92.40 -136.20
CA GLY A 248 98.61 93.45 -135.33
C GLY A 248 99.61 94.57 -135.25
N SER A 249 100.43 94.69 -136.28
CA SER A 249 101.45 95.72 -136.37
C SER A 249 100.86 97.05 -136.84
N GLY A 250 99.63 96.99 -137.30
CA GLY A 250 98.94 98.16 -137.74
C GLY A 250 97.47 97.92 -137.60
N PRO A 251 96.67 98.24 -138.61
CA PRO A 251 95.26 97.98 -138.57
C PRO A 251 94.99 96.55 -139.01
N THR A 252 95.17 95.62 -138.12
CA THR A 252 94.97 94.26 -138.45
C THR A 252 93.52 93.86 -138.14
N ILE A 253 92.71 94.14 -139.11
CA ILE A 253 91.31 93.88 -139.08
C ILE A 253 91.01 92.88 -140.16
N GLU A 254 89.87 92.30 -140.12
CA GLU A 254 89.50 91.31 -141.09
C GLU A 254 88.32 91.81 -141.88
N GLU A 255 88.61 92.33 -143.03
CA GLU A 255 87.61 92.87 -143.93
C GLU A 255 86.79 91.75 -144.54
N VAL A 256 85.57 92.05 -144.90
CA VAL A 256 84.73 91.08 -145.55
C VAL A 256 85.03 91.11 -147.03
N ASP A 257 85.89 90.23 -147.45
CA ASP A 257 86.29 90.15 -148.83
C ASP A 257 86.32 88.72 -149.25
N SER A 1 -15.77 3.03 27.98
CA SER A 1 -14.73 3.90 28.51
C SER A 1 -15.19 5.34 28.36
N GLU A 2 -14.60 6.25 29.13
CA GLU A 2 -14.97 7.65 29.01
C GLU A 2 -14.41 8.26 27.74
N ASN A 3 -13.26 7.78 27.30
CA ASN A 3 -12.75 8.21 26.00
C ASN A 3 -13.51 7.40 24.96
N VAL A 4 -14.03 8.06 23.98
CA VAL A 4 -14.80 7.40 22.97
C VAL A 4 -14.30 7.85 21.62
N GLN A 5 -13.43 7.08 21.03
CA GLN A 5 -12.95 7.41 19.72
C GLN A 5 -13.74 6.56 18.74
N ASP A 6 -14.97 6.92 18.57
CA ASP A 6 -15.86 6.20 17.71
C ASP A 6 -16.23 7.10 16.56
N LEU A 7 -16.82 8.21 16.89
CA LEU A 7 -17.14 9.25 15.96
C LEU A 7 -16.72 10.58 16.52
N LEU A 8 -15.44 10.80 16.51
CA LEU A 8 -14.87 12.02 17.00
C LEU A 8 -13.92 12.55 15.95
N LEU A 9 -14.38 13.53 15.22
CA LEU A 9 -13.61 14.10 14.13
C LEU A 9 -12.54 15.05 14.63
N LEU A 10 -11.55 14.47 15.22
CA LEU A 10 -10.40 15.14 15.74
C LEU A 10 -9.43 15.21 14.57
N ASP A 11 -8.61 16.23 14.51
CA ASP A 11 -7.72 16.46 13.38
C ASP A 11 -6.51 15.54 13.39
N VAL A 12 -6.74 14.25 13.43
CA VAL A 12 -5.65 13.30 13.38
C VAL A 12 -5.99 12.16 12.45
N ALA A 13 -5.02 11.34 12.20
CA ALA A 13 -5.16 10.17 11.40
C ALA A 13 -5.55 9.01 12.30
N PRO A 14 -6.60 8.26 11.97
CA PRO A 14 -7.04 7.12 12.79
C PRO A 14 -6.12 5.90 12.64
N LEU A 15 -5.55 5.75 11.46
CA LEU A 15 -4.64 4.66 11.15
C LEU A 15 -3.38 5.27 10.60
N SER A 16 -2.30 4.54 10.68
CA SER A 16 -1.03 5.03 10.21
C SER A 16 -0.87 4.74 8.72
N LEU A 17 -0.35 5.69 7.99
CA LEU A 17 -0.13 5.55 6.58
C LEU A 17 1.32 5.27 6.35
N GLY A 18 1.61 4.27 5.56
CA GLY A 18 2.96 3.87 5.36
C GLY A 18 3.17 3.12 4.07
N LEU A 19 4.35 2.59 3.92
CA LEU A 19 4.75 1.90 2.72
C LEU A 19 5.27 0.53 3.06
N GLU A 20 5.48 -0.28 2.04
CA GLU A 20 6.11 -1.54 2.23
C GLU A 20 7.60 -1.35 1.99
N THR A 21 8.31 -1.42 3.06
CA THR A 21 9.73 -1.32 3.06
C THR A 21 10.36 -2.70 2.97
N ALA A 22 11.66 -2.71 2.69
CA ALA A 22 12.45 -3.93 2.51
C ALA A 22 12.24 -4.93 3.64
N GLY A 23 11.65 -6.05 3.30
CA GLY A 23 11.44 -7.09 4.26
C GLY A 23 9.98 -7.36 4.50
N GLY A 24 9.14 -6.58 3.84
CA GLY A 24 7.70 -6.74 3.98
C GLY A 24 7.20 -6.08 5.24
N VAL A 25 8.01 -5.19 5.76
CA VAL A 25 7.73 -4.51 6.99
C VAL A 25 6.96 -3.23 6.66
N MET A 26 6.07 -2.85 7.54
CA MET A 26 5.27 -1.67 7.35
C MET A 26 5.95 -0.50 8.02
N THR A 27 6.33 0.47 7.25
CA THR A 27 6.93 1.64 7.79
C THR A 27 6.02 2.81 7.53
N ALA A 28 5.46 3.34 8.60
CA ALA A 28 4.52 4.43 8.52
C ALA A 28 5.22 5.76 8.67
N LEU A 29 4.87 6.70 7.82
CA LEU A 29 5.41 8.03 7.91
C LEU A 29 4.47 8.88 8.73
N ILE A 30 3.18 8.70 8.49
CA ILE A 30 2.18 9.39 9.25
C ILE A 30 1.50 8.37 10.12
N LYS A 31 1.66 8.49 11.39
CA LYS A 31 1.06 7.52 12.28
C LYS A 31 -0.33 7.93 12.72
N ARG A 32 -1.00 6.98 13.30
CA ARG A 32 -2.26 7.19 13.96
C ARG A 32 -2.07 8.16 15.11
N ASN A 33 -3.04 9.03 15.29
CA ASN A 33 -3.06 10.07 16.33
C ASN A 33 -2.18 11.25 15.95
N SER A 34 -1.57 11.19 14.78
CA SER A 34 -0.81 12.30 14.27
C SER A 34 -1.76 13.30 13.61
N THR A 35 -1.63 14.55 13.98
CA THR A 35 -2.47 15.62 13.52
C THR A 35 -2.37 15.90 12.02
N ILE A 36 -3.53 15.98 11.39
CA ILE A 36 -3.65 16.28 9.99
C ILE A 36 -4.19 17.71 9.85
N PRO A 37 -3.83 18.46 8.79
CA PRO A 37 -2.95 18.03 7.69
C PRO A 37 -1.55 17.67 8.14
N THR A 38 -1.07 16.56 7.69
CA THR A 38 0.23 16.15 8.05
C THR A 38 1.16 16.23 6.86
N LYS A 39 2.37 16.62 7.13
CA LYS A 39 3.39 16.75 6.13
C LYS A 39 4.60 15.97 6.65
N GLN A 40 4.90 14.85 6.04
CA GLN A 40 6.02 14.03 6.46
C GLN A 40 6.90 13.71 5.27
N THR A 41 8.19 13.69 5.47
CA THR A 41 9.13 13.39 4.42
C THR A 41 10.26 12.50 4.96
N GLN A 42 10.62 11.47 4.22
CA GLN A 42 11.73 10.58 4.59
C GLN A 42 12.51 10.18 3.34
N ILE A 43 13.80 10.03 3.48
CA ILE A 43 14.66 9.57 2.38
C ILE A 43 14.79 8.06 2.43
N PHE A 44 14.28 7.41 1.44
CA PHE A 44 14.37 5.97 1.33
C PHE A 44 15.48 5.60 0.37
N THR A 45 16.10 4.49 0.64
CA THR A 45 17.24 4.02 -0.11
C THR A 45 17.10 2.52 -0.38
N THR A 46 17.94 1.98 -1.21
CA THR A 46 17.93 0.56 -1.45
C THR A 46 19.10 -0.13 -0.71
N TYR A 47 18.86 -1.29 -0.11
CA TYR A 47 19.96 -2.07 0.46
C TYR A 47 20.11 -3.34 -0.32
N SER A 48 19.32 -3.42 -1.35
CA SER A 48 19.31 -4.48 -2.27
C SER A 48 20.38 -4.27 -3.34
N ASP A 49 20.56 -5.22 -4.22
CA ASP A 49 21.63 -5.10 -5.19
C ASP A 49 21.14 -4.56 -6.52
N ASN A 50 21.68 -3.39 -6.87
CA ASN A 50 21.51 -2.69 -8.17
C ASN A 50 20.11 -2.81 -8.76
N GLN A 51 19.21 -1.98 -8.30
CA GLN A 51 17.85 -2.02 -8.81
C GLN A 51 17.62 -0.90 -9.79
N PRO A 52 16.89 -1.17 -10.88
CA PRO A 52 16.53 -0.16 -11.86
C PRO A 52 15.24 0.59 -11.47
N GLY A 53 14.67 0.21 -10.34
CA GLY A 53 13.47 0.82 -9.86
C GLY A 53 13.15 0.37 -8.47
N VAL A 54 12.10 0.93 -7.89
CA VAL A 54 11.62 0.57 -6.57
C VAL A 54 10.09 0.53 -6.60
N LEU A 55 9.51 -0.27 -5.75
CA LEU A 55 8.07 -0.40 -5.69
C LEU A 55 7.53 0.41 -4.51
N ILE A 56 6.67 1.36 -4.80
CA ILE A 56 6.04 2.11 -3.74
C ILE A 56 4.63 1.60 -3.60
N GLN A 57 4.40 0.86 -2.57
CA GLN A 57 3.11 0.29 -2.31
C GLN A 57 2.63 0.84 -0.97
N VAL A 58 1.52 1.56 -0.99
CA VAL A 58 1.01 2.29 0.17
C VAL A 58 -0.02 1.48 0.93
N TYR A 59 0.12 1.47 2.24
CA TYR A 59 -0.77 0.74 3.13
C TYR A 59 -1.24 1.63 4.24
N GLU A 60 -2.41 1.34 4.75
CA GLU A 60 -2.93 2.01 5.91
C GLU A 60 -3.09 0.99 7.02
N GLY A 61 -2.77 1.37 8.23
CA GLY A 61 -2.88 0.50 9.35
C GLY A 61 -1.67 0.60 10.22
N GLU A 62 -0.96 -0.52 10.34
CA GLU A 62 0.31 -0.66 11.06
C GLU A 62 0.79 -2.08 11.04
N ARG A 63 0.56 -2.80 12.16
CA ARG A 63 1.03 -4.17 12.33
C ARG A 63 2.56 -4.24 12.15
N ALA A 64 3.11 -5.40 12.24
CA ALA A 64 4.51 -5.56 11.99
C ALA A 64 4.76 -5.89 10.54
N MET A 65 4.03 -6.87 10.06
CA MET A 65 4.15 -7.34 8.70
C MET A 65 3.09 -6.70 7.85
N THR A 66 3.50 -6.09 6.78
CA THR A 66 2.56 -5.48 5.90
C THR A 66 1.91 -6.53 4.96
N LYS A 67 0.86 -7.12 5.50
CA LYS A 67 0.01 -8.14 4.88
C LYS A 67 -1.33 -7.99 5.51
N ASP A 68 -1.29 -7.86 6.83
CA ASP A 68 -2.46 -7.65 7.71
C ASP A 68 -3.02 -6.22 7.53
N ASN A 69 -2.50 -5.49 6.58
CA ASN A 69 -2.83 -4.10 6.37
C ASN A 69 -3.64 -3.91 5.13
N ASN A 70 -4.27 -2.77 5.03
CA ASN A 70 -5.08 -2.46 3.87
C ASN A 70 -4.20 -1.75 2.85
N LEU A 71 -4.33 -2.14 1.62
CA LEU A 71 -3.53 -1.60 0.55
C LEU A 71 -4.31 -0.49 -0.14
N LEU A 72 -3.73 0.69 -0.18
CA LEU A 72 -4.40 1.85 -0.76
C LEU A 72 -4.11 1.97 -2.25
N GLY A 73 -2.85 1.80 -2.60
CA GLY A 73 -2.46 1.91 -3.97
C GLY A 73 -0.98 1.68 -4.11
N ARG A 74 -0.50 1.66 -5.32
CA ARG A 74 0.90 1.44 -5.58
C ARG A 74 1.30 2.18 -6.83
N PHE A 75 2.57 2.46 -6.93
CA PHE A 75 3.15 3.00 -8.12
C PHE A 75 4.59 2.54 -8.21
N GLU A 76 4.99 2.21 -9.38
CA GLU A 76 6.31 1.69 -9.62
C GLU A 76 7.20 2.82 -10.10
N LEU A 77 8.25 3.09 -9.38
CA LEU A 77 9.17 4.12 -9.78
C LEU A 77 10.38 3.45 -10.38
N SER A 78 10.46 3.49 -11.67
CA SER A 78 11.57 2.90 -12.36
C SER A 78 12.45 3.98 -12.96
N GLY A 79 13.57 3.59 -13.51
CA GLY A 79 14.47 4.56 -14.06
C GLY A 79 15.42 5.04 -12.99
N ILE A 80 15.56 4.22 -11.98
CA ILE A 80 16.46 4.48 -10.90
C ILE A 80 17.80 3.85 -11.26
N PRO A 81 18.91 4.56 -11.05
CA PRO A 81 20.24 4.06 -11.36
C PRO A 81 20.61 2.82 -10.55
N PRO A 82 20.83 1.66 -11.22
CA PRO A 82 21.24 0.46 -10.55
C PRO A 82 22.71 0.57 -10.16
N ALA A 83 22.93 1.04 -8.97
CA ALA A 83 24.24 1.28 -8.45
C ALA A 83 24.39 0.56 -7.09
N PRO A 84 25.64 0.46 -6.54
CA PRO A 84 25.89 -0.15 -5.23
C PRO A 84 25.06 0.47 -4.10
N ARG A 85 24.00 -0.25 -3.75
CA ARG A 85 23.04 0.14 -2.72
C ARG A 85 22.35 1.47 -3.06
N GLY A 86 21.78 2.12 -2.05
CA GLY A 86 21.05 3.33 -2.21
C GLY A 86 21.86 4.56 -2.53
N VAL A 87 22.51 4.54 -3.66
CA VAL A 87 23.10 5.73 -4.21
C VAL A 87 21.94 6.68 -4.58
N PRO A 88 20.88 6.16 -5.30
CA PRO A 88 19.64 6.91 -5.49
C PRO A 88 18.99 7.24 -4.16
N GLN A 89 18.64 8.48 -3.98
CA GLN A 89 18.00 8.94 -2.79
C GLN A 89 16.56 9.23 -3.13
N ILE A 90 15.67 8.42 -2.62
CA ILE A 90 14.28 8.59 -2.92
C ILE A 90 13.62 9.40 -1.80
N GLU A 91 13.18 10.58 -2.14
CA GLU A 91 12.51 11.43 -1.19
C GLU A 91 11.04 11.13 -1.27
N VAL A 92 10.48 10.59 -0.22
CA VAL A 92 9.09 10.31 -0.21
C VAL A 92 8.37 11.27 0.74
N THR A 93 7.42 11.97 0.19
CA THR A 93 6.64 12.89 0.93
C THR A 93 5.22 12.34 1.10
N PHE A 94 4.74 12.35 2.32
CA PHE A 94 3.39 12.02 2.66
C PHE A 94 2.70 13.28 3.11
N ASP A 95 1.84 13.76 2.28
CA ASP A 95 1.11 14.98 2.51
C ASP A 95 -0.39 14.71 2.54
N ILE A 96 -0.98 14.88 3.70
CA ILE A 96 -2.42 14.72 3.89
C ILE A 96 -3.03 16.08 4.19
N ASP A 97 -4.16 16.39 3.57
CA ASP A 97 -4.83 17.68 3.80
C ASP A 97 -6.02 17.46 4.79
N ALA A 98 -6.89 18.47 4.93
CA ALA A 98 -8.05 18.40 5.83
C ALA A 98 -9.20 17.53 5.26
N ASN A 99 -9.12 17.09 4.02
CA ASN A 99 -10.17 16.24 3.43
C ASN A 99 -9.74 14.80 3.58
N GLY A 100 -8.46 14.60 3.57
CA GLY A 100 -7.92 13.29 3.63
C GLY A 100 -7.25 12.94 2.33
N ILE A 101 -6.84 13.97 1.60
CA ILE A 101 -6.12 13.79 0.37
C ILE A 101 -4.68 13.55 0.71
N LEU A 102 -4.22 12.39 0.41
CA LEU A 102 -2.88 12.01 0.63
C LEU A 102 -2.12 11.99 -0.68
N ASN A 103 -1.19 12.87 -0.81
CA ASN A 103 -0.32 12.89 -1.93
C ASN A 103 0.94 12.19 -1.56
N VAL A 104 1.09 10.97 -2.03
CA VAL A 104 2.30 10.24 -1.82
C VAL A 104 3.21 10.56 -2.97
N THR A 105 4.29 11.23 -2.70
CA THR A 105 5.20 11.63 -3.74
C THR A 105 6.56 11.01 -3.49
N ALA A 106 7.02 10.20 -4.42
CA ALA A 106 8.33 9.61 -4.33
C ALA A 106 9.20 10.21 -5.42
N THR A 107 10.25 10.86 -5.02
CA THR A 107 11.11 11.53 -5.93
C THR A 107 12.53 10.98 -5.88
N ASP A 108 12.99 10.46 -6.99
CA ASP A 108 14.37 10.04 -7.12
C ASP A 108 15.22 11.26 -7.33
N LYS A 109 16.01 11.58 -6.35
CA LYS A 109 16.90 12.72 -6.39
C LYS A 109 18.01 12.56 -7.44
N SER A 110 18.27 11.33 -7.84
CA SER A 110 19.33 11.05 -8.77
C SER A 110 18.97 11.56 -10.17
N THR A 111 17.82 11.16 -10.66
CA THR A 111 17.39 11.57 -11.97
C THR A 111 16.48 12.80 -11.92
N GLY A 112 15.75 12.94 -10.83
CA GLY A 112 14.85 14.05 -10.68
C GLY A 112 13.44 13.67 -11.04
N LYS A 113 13.16 12.38 -11.02
CA LYS A 113 11.83 11.89 -11.32
C LYS A 113 10.98 11.78 -10.11
N ALA A 114 9.81 12.31 -10.21
CA ALA A 114 8.87 12.27 -9.14
C ALA A 114 7.60 11.66 -9.61
N ASN A 115 7.09 10.78 -8.82
CA ASN A 115 5.85 10.11 -9.11
C ASN A 115 5.00 10.24 -7.90
N LYS A 116 3.80 10.69 -8.09
CA LYS A 116 2.91 10.89 -7.00
C LYS A 116 1.58 10.23 -7.26
N ILE A 117 0.90 9.88 -6.22
CA ILE A 117 -0.45 9.39 -6.29
C ILE A 117 -1.31 10.20 -5.38
N THR A 118 -2.47 10.50 -5.82
CA THR A 118 -3.39 11.26 -5.05
C THR A 118 -4.43 10.32 -4.48
N ILE A 119 -4.41 10.16 -3.20
CA ILE A 119 -5.31 9.26 -2.55
C ILE A 119 -6.29 10.05 -1.71
N THR A 120 -7.49 10.19 -2.18
CA THR A 120 -8.53 10.70 -1.33
C THR A 120 -8.92 9.52 -0.47
N ASN A 121 -8.46 9.52 0.76
CA ASN A 121 -8.65 8.34 1.55
C ASN A 121 -10.07 8.21 2.05
N ASP A 122 -10.46 6.99 2.29
CA ASP A 122 -11.81 6.59 2.62
C ASP A 122 -12.80 6.83 1.49
N LYS A 123 -12.78 5.89 0.59
CA LYS A 123 -13.69 5.78 -0.51
C LYS A 123 -14.39 4.45 -0.36
N GLY A 124 -14.47 4.01 0.89
CA GLY A 124 -14.97 2.72 1.18
C GLY A 124 -13.82 1.73 1.24
N ARG A 125 -12.67 2.22 1.74
CA ARG A 125 -11.44 1.41 1.86
C ARG A 125 -11.73 0.28 2.82
N LEU A 126 -12.13 0.68 3.99
CA LEU A 126 -12.53 -0.20 5.06
C LEU A 126 -13.75 0.44 5.66
N SER A 127 -14.70 -0.36 6.01
CA SER A 127 -15.87 0.13 6.65
C SER A 127 -15.63 0.24 8.17
N LYS A 128 -16.57 0.88 8.88
CA LYS A 128 -16.46 1.19 10.31
C LYS A 128 -15.90 0.03 11.13
N GLU A 129 -16.56 -1.10 11.04
CA GLU A 129 -16.23 -2.26 11.83
C GLU A 129 -14.89 -2.84 11.43
N GLU A 130 -14.58 -2.82 10.14
CA GLU A 130 -13.29 -3.32 9.68
C GLU A 130 -12.20 -2.45 10.26
N ILE A 131 -12.44 -1.15 10.23
CA ILE A 131 -11.53 -0.17 10.79
C ILE A 131 -11.31 -0.44 12.27
N GLU A 132 -12.40 -0.54 13.04
CA GLU A 132 -12.25 -0.74 14.47
C GLU A 132 -11.70 -2.10 14.84
N ARG A 133 -12.01 -3.16 14.07
CA ARG A 133 -11.38 -4.45 14.33
C ARG A 133 -9.90 -4.37 14.09
N MET A 134 -9.53 -3.70 13.02
CA MET A 134 -8.13 -3.56 12.64
C MET A 134 -7.37 -2.68 13.64
N VAL A 135 -8.02 -1.65 14.14
CA VAL A 135 -7.42 -0.81 15.18
C VAL A 135 -7.14 -1.65 16.41
N GLN A 136 -8.12 -2.46 16.80
CA GLN A 136 -7.96 -3.35 17.96
C GLN A 136 -6.86 -4.38 17.73
N GLU A 137 -6.68 -4.81 16.47
CA GLU A 137 -5.56 -5.71 16.11
C GLU A 137 -4.24 -5.03 16.48
N ALA A 138 -4.08 -3.81 15.98
CA ALA A 138 -2.86 -3.04 16.18
C ALA A 138 -2.66 -2.64 17.64
N GLU A 139 -3.75 -2.48 18.38
CA GLU A 139 -3.67 -2.15 19.81
C GLU A 139 -3.37 -3.38 20.66
N LYS A 140 -4.08 -4.44 20.42
CA LYS A 140 -4.00 -5.65 21.22
C LYS A 140 -2.69 -6.38 20.97
N TYR A 141 -2.23 -6.35 19.75
CA TYR A 141 -0.99 -6.99 19.38
C TYR A 141 0.14 -5.96 19.27
N LYS A 142 -0.12 -4.72 19.71
CA LYS A 142 0.82 -3.60 19.59
C LYS A 142 2.22 -3.97 20.05
N ALA A 143 2.32 -4.48 21.27
CA ALA A 143 3.63 -4.82 21.86
C ALA A 143 4.36 -5.87 21.02
N GLU A 144 3.60 -6.75 20.44
CA GLU A 144 4.14 -7.83 19.63
C GLU A 144 4.64 -7.27 18.33
N ASP A 145 3.80 -6.49 17.68
CA ASP A 145 4.13 -5.93 16.39
C ASP A 145 5.25 -4.91 16.50
N GLU A 146 5.25 -4.10 17.55
CA GLU A 146 6.31 -3.10 17.74
C GLU A 146 7.69 -3.76 17.86
N VAL A 147 7.80 -4.82 18.66
CA VAL A 147 9.09 -5.51 18.82
C VAL A 147 9.54 -6.16 17.50
N GLN A 148 8.60 -6.61 16.71
CA GLN A 148 8.93 -7.18 15.42
C GLN A 148 9.31 -6.10 14.41
N ARG A 149 8.46 -5.12 14.28
CA ARG A 149 8.59 -4.09 13.25
C ARG A 149 9.76 -3.14 13.50
N GLU A 150 9.82 -2.57 14.68
CA GLU A 150 10.77 -1.49 14.95
C GLU A 150 12.19 -2.01 15.19
N ARG A 151 12.31 -3.31 15.35
CA ARG A 151 13.63 -3.91 15.49
C ARG A 151 14.19 -4.32 14.15
N VAL A 152 13.41 -4.11 13.11
CA VAL A 152 13.84 -4.39 11.76
C VAL A 152 13.91 -3.10 10.99
N SER A 153 12.78 -2.41 10.92
CA SER A 153 12.72 -1.21 10.17
C SER A 153 13.06 0.00 11.02
N ALA A 154 14.32 0.26 11.09
CA ALA A 154 14.87 1.46 11.68
C ALA A 154 15.70 2.12 10.60
N LYS A 155 15.41 1.69 9.41
CA LYS A 155 16.12 2.04 8.21
C LYS A 155 15.11 2.31 7.11
N ASN A 156 15.33 3.34 6.35
CA ASN A 156 14.38 3.72 5.33
C ASN A 156 14.80 3.11 4.01
N ALA A 157 14.19 2.00 3.68
CA ALA A 157 14.53 1.29 2.47
C ALA A 157 13.34 0.67 1.81
N LEU A 158 13.15 0.94 0.54
CA LEU A 158 12.11 0.28 -0.22
C LEU A 158 12.82 -0.47 -1.33
N GLU A 159 12.31 -1.59 -1.72
CA GLU A 159 12.94 -2.36 -2.76
C GLU A 159 11.94 -2.82 -3.82
N SER A 160 12.43 -3.42 -4.88
CA SER A 160 11.56 -3.73 -6.00
C SER A 160 11.32 -5.25 -6.14
N TYR A 161 11.63 -6.01 -5.13
CA TYR A 161 11.37 -7.43 -5.20
C TYR A 161 10.15 -7.74 -4.35
N ALA A 162 10.20 -7.27 -3.10
CA ALA A 162 9.12 -7.33 -2.10
C ALA A 162 8.76 -8.76 -1.65
N PHE A 163 8.41 -9.58 -2.60
CA PHE A 163 8.00 -10.95 -2.41
C PHE A 163 7.97 -11.60 -3.78
N ASN A 164 7.35 -10.89 -4.71
CA ASN A 164 7.27 -11.27 -6.11
C ASN A 164 6.62 -10.15 -6.89
N MET A 165 7.44 -9.27 -7.41
CA MET A 165 6.95 -8.18 -8.25
C MET A 165 7.06 -8.61 -9.70
N LYS A 166 8.17 -9.22 -10.02
CA LYS A 166 8.43 -9.79 -11.30
C LYS A 166 8.93 -11.20 -11.11
N SER A 167 8.25 -12.14 -11.69
CA SER A 167 8.65 -13.52 -11.62
C SER A 167 9.72 -13.78 -12.69
N ALA A 168 9.68 -12.98 -13.71
CA ALA A 168 10.63 -13.02 -14.77
C ALA A 168 11.09 -11.61 -15.01
N VAL A 169 12.35 -11.41 -15.26
CA VAL A 169 12.85 -10.10 -15.52
C VAL A 169 13.04 -9.90 -17.03
N GLU A 170 12.59 -8.75 -17.51
CA GLU A 170 12.63 -8.38 -18.93
C GLU A 170 14.01 -8.53 -19.55
N ASP A 171 14.09 -9.35 -20.56
CA ASP A 171 15.32 -9.52 -21.32
C ASP A 171 15.46 -8.38 -22.26
N GLU A 172 16.48 -7.60 -22.08
CA GLU A 172 16.72 -6.47 -22.92
C GLU A 172 18.11 -6.61 -23.53
N GLY A 173 18.29 -6.07 -24.72
CA GLY A 173 19.54 -6.23 -25.43
C GLY A 173 19.61 -7.56 -26.17
N LEU A 174 18.51 -8.28 -26.15
CA LEU A 174 18.41 -9.57 -26.79
C LEU A 174 17.85 -9.36 -28.19
N LYS A 175 18.76 -9.27 -29.17
CA LYS A 175 18.44 -9.03 -30.61
C LYS A 175 17.96 -7.60 -30.89
N GLY A 176 17.25 -7.02 -29.94
CA GLY A 176 16.92 -5.63 -30.02
C GLY A 176 18.19 -4.87 -29.73
N LYS A 177 18.76 -4.31 -30.80
CA LYS A 177 20.08 -3.68 -30.83
C LYS A 177 21.15 -4.77 -31.09
N ILE A 178 21.18 -5.24 -32.33
CA ILE A 178 22.21 -6.18 -32.75
C ILE A 178 23.51 -5.43 -33.03
N SER A 179 23.35 -4.28 -33.60
CA SER A 179 24.41 -3.34 -33.88
C SER A 179 23.72 -2.01 -34.09
N GLU A 180 23.04 -1.91 -35.22
CA GLU A 180 22.23 -0.77 -35.58
C GLU A 180 21.01 -1.32 -36.30
N ALA A 181 20.19 -0.47 -36.84
CA ALA A 181 19.00 -0.91 -37.54
C ALA A 181 19.36 -1.28 -38.97
N ASP A 182 19.52 -2.59 -39.21
CA ASP A 182 19.83 -3.16 -40.53
C ASP A 182 21.24 -2.65 -40.96
N LYS A 183 21.53 -2.61 -42.24
CA LYS A 183 22.83 -2.20 -42.72
C LYS A 183 22.68 -1.45 -44.04
N LYS A 184 23.12 -0.22 -44.07
CA LYS A 184 22.94 0.60 -45.25
C LYS A 184 24.28 1.04 -45.80
N LYS A 185 24.94 1.89 -45.05
CA LYS A 185 26.22 2.46 -45.44
C LYS A 185 27.33 1.60 -44.91
N VAL A 186 28.14 1.09 -45.80
CA VAL A 186 29.27 0.27 -45.42
C VAL A 186 30.47 0.75 -46.21
N LEU A 187 31.10 1.82 -45.71
CA LEU A 187 32.27 2.45 -46.34
C LEU A 187 31.93 2.91 -47.76
N ASP A 188 31.07 3.87 -47.85
CA ASP A 188 30.64 4.39 -49.15
C ASP A 188 31.31 5.71 -49.48
N LYS A 189 32.04 6.24 -48.50
CA LYS A 189 32.80 7.50 -48.62
C LYS A 189 31.86 8.72 -48.74
N SMC A 190 31.73 9.43 -47.66
CA SMC A 190 30.85 10.57 -47.58
CB SMC A 190 30.33 10.74 -46.16
SG SMC A 190 29.47 9.29 -45.51
C SMC A 190 31.55 11.84 -48.08
O SMC A 190 32.78 11.85 -48.26
H SMC A 190 32.27 9.20 -46.86
HA SMC A 190 30.01 10.37 -48.24
HB2 SMC A 190 29.65 11.58 -46.14
HB3 SMC A 190 31.17 10.94 -45.50
N GLN A 191 30.75 12.90 -48.31
CA GLN A 191 31.17 14.21 -48.82
C GLN A 191 31.59 14.11 -50.27
N GLU A 192 32.66 13.42 -50.50
CA GLU A 192 33.15 13.21 -51.82
C GLU A 192 32.59 11.92 -52.32
N VAL A 193 31.42 11.98 -52.85
CA VAL A 193 30.81 10.81 -53.41
C VAL A 193 31.19 10.78 -54.88
N ILE A 194 31.70 9.66 -55.33
CA ILE A 194 32.09 9.54 -56.71
C ILE A 194 30.88 9.14 -57.54
N SER A 195 30.00 10.11 -57.69
CA SER A 195 28.78 10.03 -58.44
C SER A 195 28.39 11.45 -58.81
N TRP A 196 28.48 11.78 -60.06
CA TRP A 196 28.26 13.14 -60.51
C TRP A 196 26.77 13.38 -60.83
N LEU A 197 26.15 12.42 -61.54
CA LEU A 197 24.73 12.47 -61.95
C LEU A 197 24.42 13.66 -62.87
N ASP A 198 25.41 14.07 -63.66
CA ASP A 198 25.31 15.21 -64.64
C ASP A 198 25.25 16.58 -63.97
N ALA A 199 24.40 16.69 -62.94
CA ALA A 199 24.12 17.91 -62.19
C ALA A 199 23.34 18.89 -63.07
N ASN A 200 24.03 19.55 -63.96
CA ASN A 200 23.45 20.48 -64.92
C ASN A 200 24.16 20.26 -66.21
N THR A 201 23.47 20.31 -67.32
CA THR A 201 24.11 20.09 -68.59
C THR A 201 24.78 21.38 -69.11
N LEU A 202 25.88 21.70 -68.43
CA LEU A 202 26.80 22.80 -68.70
C LEU A 202 27.53 23.00 -67.40
N ALA A 203 28.58 22.26 -67.21
CA ALA A 203 29.32 22.37 -65.99
C ALA A 203 30.77 22.53 -66.27
N GLU A 204 31.42 23.37 -65.52
CA GLU A 204 32.83 23.55 -65.64
C GLU A 204 33.50 22.57 -64.72
N LYS A 205 34.72 22.24 -65.00
CA LYS A 205 35.43 21.31 -64.18
C LYS A 205 36.08 22.06 -63.04
N ASP A 206 35.36 22.16 -61.96
CA ASP A 206 35.88 22.75 -60.74
C ASP A 206 35.09 22.29 -59.52
N GLU A 207 34.16 23.12 -58.99
CA GLU A 207 33.38 22.84 -57.77
C GLU A 207 34.32 22.83 -56.56
N PHE A 208 35.11 21.81 -56.51
CA PHE A 208 36.17 21.61 -55.60
C PHE A 208 37.12 20.77 -56.37
N GLU A 209 38.30 21.31 -56.66
CA GLU A 209 39.30 20.67 -57.53
C GLU A 209 39.41 19.16 -57.26
N HIS A 210 39.04 18.40 -58.25
CA HIS A 210 39.06 16.97 -58.13
C HIS A 210 39.76 16.30 -59.27
N LYS A 211 41.04 16.16 -59.11
CA LYS A 211 41.80 15.33 -59.98
C LYS A 211 41.74 13.98 -59.33
N ARG A 212 41.10 13.03 -59.99
CA ARG A 212 40.91 11.73 -59.38
C ARG A 212 42.24 11.01 -59.24
N LYS A 213 42.67 10.87 -58.02
CA LYS A 213 43.93 10.30 -57.69
C LYS A 213 43.85 8.79 -57.76
N GLU A 214 44.61 8.25 -58.65
CA GLU A 214 44.61 6.85 -58.91
C GLU A 214 45.92 6.26 -58.44
N LEU A 215 46.11 4.99 -58.62
CA LEU A 215 47.31 4.36 -58.11
C LEU A 215 48.27 4.00 -59.23
N GLU A 216 49.31 4.79 -59.35
CA GLU A 216 50.36 4.50 -60.31
C GLU A 216 51.33 3.57 -59.64
N GLN A 217 51.35 2.35 -60.06
CA GLN A 217 52.24 1.40 -59.48
C GLN A 217 53.53 1.42 -60.26
N VAL A 218 54.63 1.61 -59.56
CA VAL A 218 55.94 1.70 -60.20
C VAL A 218 56.56 0.33 -60.36
N SMC A 219 55.88 -0.65 -59.84
CA SMC A 219 56.29 -2.02 -59.91
CB SMC A 219 57.14 -2.38 -58.70
SG SMC A 219 56.37 -2.09 -57.09
C SMC A 219 55.05 -2.88 -59.98
O SMC A 219 54.12 -2.72 -59.20
H SMC A 219 55.01 -0.46 -59.39
HA SMC A 219 56.86 -2.14 -60.81
HB2 SMC A 219 58.06 -1.80 -58.72
HB3 SMC A 219 57.39 -3.43 -58.74
N ASN A 220 55.01 -3.74 -60.95
CA ASN A 220 53.92 -4.66 -61.09
C ASN A 220 54.41 -6.06 -60.76
N PRO A 221 53.97 -6.60 -59.61
CA PRO A 221 54.42 -7.91 -59.15
C PRO A 221 53.82 -9.07 -59.93
N ILE A 222 54.65 -10.04 -60.25
CA ILE A 222 54.23 -11.23 -60.94
C ILE A 222 55.20 -12.37 -60.66
N ILE A 223 54.67 -13.47 -60.20
CA ILE A 223 55.44 -14.66 -59.93
C ILE A 223 54.48 -15.79 -59.57
N SER A 224 54.68 -16.95 -60.14
CA SER A 224 53.83 -18.08 -59.86
C SER A 224 54.15 -18.67 -58.48
N GLY A 225 55.37 -18.45 -58.02
CA GLY A 225 55.79 -18.86 -56.69
C GLY A 225 56.52 -20.16 -56.76
N LEU A 226 55.96 -21.05 -57.50
CA LEU A 226 56.45 -22.36 -57.75
C LEU A 226 55.56 -22.90 -58.85
N TYR A 227 55.96 -23.96 -59.50
CA TYR A 227 55.13 -24.54 -60.56
C TYR A 227 54.24 -25.64 -60.00
N GLN A 228 54.09 -25.59 -58.72
CA GLN A 228 53.21 -26.41 -57.93
C GLN A 228 52.72 -25.53 -56.83
N GLY A 229 51.70 -25.95 -56.15
CA GLY A 229 51.21 -25.20 -55.03
C GLY A 229 52.18 -25.26 -53.89
N ALA A 230 52.84 -24.17 -53.63
CA ALA A 230 53.81 -24.10 -52.55
C ALA A 230 53.10 -23.88 -51.24
N GLY A 231 51.98 -23.20 -51.32
CA GLY A 231 51.22 -22.93 -50.15
C GLY A 231 51.37 -21.50 -49.72
N GLY A 232 50.80 -21.18 -48.60
CA GLY A 232 50.85 -19.84 -48.10
C GLY A 232 49.49 -19.20 -48.17
N PRO A 233 49.18 -18.41 -49.23
CA PRO A 233 47.88 -17.79 -49.38
C PRO A 233 46.77 -18.84 -49.54
N GLY A 234 46.02 -19.04 -48.48
CA GLY A 234 44.97 -20.05 -48.48
C GLY A 234 43.61 -19.41 -48.37
N PRO A 235 43.14 -19.07 -47.13
CA PRO A 235 41.83 -18.42 -46.93
C PRO A 235 41.81 -17.03 -47.56
N GLY A 236 42.97 -16.44 -47.65
CA GLY A 236 43.15 -15.19 -48.30
C GLY A 236 44.24 -15.31 -49.32
N GLY A 237 43.85 -15.55 -50.56
CA GLY A 237 44.82 -15.66 -51.64
C GLY A 237 45.42 -14.31 -51.95
N PHE A 238 44.58 -13.31 -51.96
CA PHE A 238 45.00 -11.96 -52.17
C PHE A 238 44.30 -11.08 -51.14
N GLY A 239 43.04 -11.33 -50.94
CA GLY A 239 42.28 -10.59 -49.98
C GLY A 239 41.04 -10.00 -50.58
N ALA A 240 40.19 -9.48 -49.75
CA ALA A 240 38.98 -8.83 -50.19
C ALA A 240 39.27 -7.35 -50.36
N GLN A 241 38.55 -6.69 -51.24
CA GLN A 241 38.78 -5.27 -51.47
C GLN A 241 38.05 -4.43 -50.42
N GLY A 242 37.04 -5.02 -49.83
CA GLY A 242 36.26 -4.39 -48.80
C GLY A 242 35.15 -5.30 -48.34
N PRO A 243 35.37 -6.09 -47.25
CA PRO A 243 34.35 -7.00 -46.72
C PRO A 243 33.10 -6.24 -46.27
N LYS A 244 32.07 -6.33 -47.08
CA LYS A 244 30.86 -5.58 -46.85
C LYS A 244 29.88 -6.38 -45.97
N GLY A 245 30.17 -7.64 -45.79
CA GLY A 245 29.34 -8.46 -44.96
C GLY A 245 28.48 -9.39 -45.76
N GLY A 246 27.58 -10.07 -45.09
CA GLY A 246 26.71 -11.02 -45.74
C GLY A 246 25.31 -10.90 -45.21
N SER A 247 24.53 -11.97 -45.39
CA SER A 247 23.11 -12.09 -44.99
C SER A 247 22.20 -11.10 -45.75
N GLY A 248 22.41 -9.82 -45.51
CA GLY A 248 21.63 -8.81 -46.13
C GLY A 248 22.41 -8.14 -47.22
N SER A 249 22.94 -8.93 -48.12
CA SER A 249 23.63 -8.40 -49.27
C SER A 249 22.60 -8.03 -50.32
N GLY A 250 21.62 -8.89 -50.44
CA GLY A 250 20.48 -8.66 -51.28
C GLY A 250 19.25 -8.94 -50.47
N PRO A 251 18.81 -7.98 -49.63
CA PRO A 251 17.69 -8.17 -48.72
C PRO A 251 16.35 -8.16 -49.44
N THR A 252 15.41 -8.90 -48.88
CA THR A 252 14.05 -9.00 -49.38
C THR A 252 14.00 -9.75 -50.73
N ILE A 253 13.74 -11.03 -50.65
CA ILE A 253 13.63 -11.88 -51.80
C ILE A 253 12.25 -12.48 -51.85
N GLU A 254 11.98 -13.20 -52.90
CA GLU A 254 10.68 -13.77 -53.15
C GLU A 254 10.38 -14.85 -52.12
N GLU A 255 9.21 -14.79 -51.53
CA GLU A 255 8.83 -15.74 -50.53
C GLU A 255 8.08 -16.90 -51.12
N VAL A 256 8.44 -18.10 -50.73
CA VAL A 256 7.68 -19.24 -51.14
C VAL A 256 6.55 -19.35 -50.16
N ASP A 257 5.46 -18.74 -50.52
CA ASP A 257 4.33 -18.58 -49.66
C ASP A 257 3.29 -19.60 -50.03
N SER A 1 -32.25 20.94 11.79
CA SER A 1 -30.88 20.74 11.34
C SER A 1 -30.86 19.57 10.38
N GLU A 2 -30.97 19.87 9.11
CA GLU A 2 -31.13 18.86 8.09
C GLU A 2 -29.78 18.51 7.50
N ASN A 3 -29.12 19.48 6.91
CA ASN A 3 -27.82 19.26 6.30
C ASN A 3 -26.75 19.41 7.34
N VAL A 4 -26.23 18.30 7.77
CA VAL A 4 -25.18 18.26 8.75
C VAL A 4 -24.12 17.25 8.28
N GLN A 5 -23.09 17.78 7.66
CA GLN A 5 -22.06 16.95 7.07
C GLN A 5 -21.02 16.51 8.09
N ASP A 6 -20.81 17.32 9.09
CA ASP A 6 -19.76 17.06 10.06
C ASP A 6 -20.30 16.94 11.46
N LEU A 7 -19.89 15.90 12.12
CA LEU A 7 -20.25 15.62 13.49
C LEU A 7 -18.96 15.57 14.30
N LEU A 8 -18.02 16.41 13.86
CA LEU A 8 -16.68 16.52 14.40
C LEU A 8 -15.76 15.41 13.95
N LEU A 9 -15.14 15.64 12.83
CA LEU A 9 -14.10 14.78 12.34
C LEU A 9 -12.81 15.40 12.84
N LEU A 10 -12.14 14.74 13.77
CA LEU A 10 -10.92 15.26 14.36
C LEU A 10 -9.82 15.39 13.29
N ASP A 11 -9.14 16.52 13.28
CA ASP A 11 -8.12 16.84 12.26
C ASP A 11 -6.81 16.09 12.47
N VAL A 12 -6.90 14.81 12.57
CA VAL A 12 -5.77 13.93 12.71
C VAL A 12 -6.03 12.74 11.84
N ALA A 13 -5.07 11.88 11.75
CA ALA A 13 -5.21 10.67 11.02
C ALA A 13 -5.72 9.58 11.95
N PRO A 14 -6.95 9.09 11.74
CA PRO A 14 -7.51 8.00 12.55
C PRO A 14 -6.77 6.70 12.23
N LEU A 15 -6.37 6.58 11.00
CA LEU A 15 -5.65 5.45 10.51
C LEU A 15 -4.21 5.83 10.27
N SER A 16 -3.41 4.87 9.92
CA SER A 16 -2.01 5.09 9.71
C SER A 16 -1.64 4.75 8.30
N LEU A 17 -0.85 5.59 7.70
CA LEU A 17 -0.45 5.41 6.32
C LEU A 17 1.04 5.19 6.25
N GLY A 18 1.45 4.18 5.53
CA GLY A 18 2.84 3.86 5.44
C GLY A 18 3.20 3.10 4.20
N LEU A 19 4.47 2.83 4.06
CA LEU A 19 5.02 2.16 2.89
C LEU A 19 5.52 0.80 3.28
N GLU A 20 5.59 -0.09 2.32
CA GLU A 20 6.20 -1.38 2.54
C GLU A 20 7.70 -1.30 2.20
N THR A 21 8.54 -1.36 3.19
CA THR A 21 9.95 -1.29 2.96
C THR A 21 10.57 -2.69 2.82
N ALA A 22 11.86 -2.73 2.47
CA ALA A 22 12.58 -3.95 2.20
C ALA A 22 12.56 -4.90 3.38
N GLY A 23 11.99 -6.05 3.17
CA GLY A 23 11.90 -7.04 4.20
C GLY A 23 10.50 -7.17 4.70
N GLY A 24 9.59 -6.48 4.04
CA GLY A 24 8.20 -6.52 4.42
C GLY A 24 7.97 -5.81 5.72
N VAL A 25 8.64 -4.69 5.88
CA VAL A 25 8.52 -3.88 7.08
C VAL A 25 7.57 -2.75 6.77
N MET A 26 6.62 -2.54 7.62
CA MET A 26 5.69 -1.47 7.42
C MET A 26 6.23 -0.24 8.08
N THR A 27 6.48 0.77 7.29
CA THR A 27 6.99 2.00 7.81
C THR A 27 5.94 3.09 7.63
N ALA A 28 5.38 3.56 8.73
CA ALA A 28 4.30 4.52 8.69
C ALA A 28 4.83 5.92 8.85
N LEU A 29 4.54 6.77 7.89
CA LEU A 29 4.97 8.15 7.95
C LEU A 29 3.94 8.96 8.71
N ILE A 30 2.69 8.65 8.50
CA ILE A 30 1.64 9.27 9.26
C ILE A 30 1.00 8.18 10.06
N LYS A 31 1.31 8.14 11.32
CA LYS A 31 0.76 7.15 12.18
C LYS A 31 -0.50 7.67 12.81
N ARG A 32 -1.30 6.79 13.31
CA ARG A 32 -2.57 7.11 13.91
C ARG A 32 -2.45 8.15 15.03
N ASN A 33 -3.35 9.13 14.98
CA ASN A 33 -3.45 10.29 15.90
C ASN A 33 -2.48 11.41 15.56
N SER A 34 -1.86 11.35 14.40
CA SER A 34 -1.00 12.44 13.97
C SER A 34 -1.85 13.49 13.26
N THR A 35 -1.65 14.73 13.63
CA THR A 35 -2.39 15.86 13.12
C THR A 35 -2.21 16.04 11.62
N ILE A 36 -3.28 16.39 10.95
CA ILE A 36 -3.23 16.62 9.53
C ILE A 36 -3.51 18.10 9.24
N PRO A 37 -2.88 18.69 8.20
CA PRO A 37 -1.89 18.00 7.37
C PRO A 37 -0.63 17.63 8.11
N THR A 38 -0.10 16.50 7.82
CA THR A 38 1.10 16.11 8.44
C THR A 38 2.30 16.53 7.59
N LYS A 39 2.46 15.85 6.45
CA LYS A 39 3.59 15.99 5.54
C LYS A 39 4.86 15.50 6.22
N GLN A 40 5.25 14.31 5.88
CA GLN A 40 6.49 13.77 6.36
C GLN A 40 7.20 13.22 5.16
N THR A 41 8.47 13.39 5.13
CA THR A 41 9.27 12.99 4.01
C THR A 41 10.56 12.39 4.51
N GLN A 42 10.95 11.28 3.96
CA GLN A 42 12.19 10.64 4.35
C GLN A 42 13.00 10.31 3.14
N ILE A 43 14.28 10.17 3.35
CA ILE A 43 15.15 9.71 2.33
C ILE A 43 15.22 8.21 2.42
N PHE A 44 14.74 7.59 1.42
CA PHE A 44 14.75 6.17 1.32
C PHE A 44 15.92 5.78 0.45
N THR A 45 16.47 4.67 0.72
CA THR A 45 17.63 4.18 0.02
C THR A 45 17.33 2.83 -0.59
N THR A 46 18.21 2.33 -1.40
CA THR A 46 18.05 1.02 -1.94
C THR A 46 19.05 0.00 -1.34
N TYR A 47 18.56 -1.20 -1.02
CA TYR A 47 19.44 -2.33 -0.73
C TYR A 47 19.66 -3.06 -2.03
N SER A 48 18.68 -2.98 -2.88
CA SER A 48 18.71 -3.59 -4.15
C SER A 48 19.33 -2.65 -5.19
N ASP A 49 20.60 -2.79 -5.35
CA ASP A 49 21.36 -2.06 -6.34
C ASP A 49 21.08 -2.63 -7.70
N ASN A 50 21.36 -1.85 -8.73
CA ASN A 50 21.12 -2.23 -10.14
C ASN A 50 19.65 -2.29 -10.49
N GLN A 51 18.81 -1.86 -9.58
CA GLN A 51 17.39 -1.79 -9.84
C GLN A 51 17.08 -0.49 -10.53
N PRO A 52 16.32 -0.54 -11.62
CA PRO A 52 15.93 0.66 -12.36
C PRO A 52 14.73 1.37 -11.72
N GLY A 53 14.33 0.92 -10.56
CA GLY A 53 13.23 1.51 -9.87
C GLY A 53 12.94 0.79 -8.59
N VAL A 54 12.00 1.31 -7.82
CA VAL A 54 11.54 0.68 -6.57
C VAL A 54 10.04 0.65 -6.54
N LEU A 55 9.51 -0.04 -5.57
CA LEU A 55 8.10 -0.19 -5.41
C LEU A 55 7.59 0.55 -4.18
N ILE A 56 6.58 1.38 -4.37
CA ILE A 56 5.95 2.11 -3.28
C ILE A 56 4.53 1.59 -3.11
N GLN A 57 4.25 1.01 -1.98
CA GLN A 57 2.93 0.51 -1.68
C GLN A 57 2.46 1.14 -0.40
N VAL A 58 1.27 1.72 -0.46
CA VAL A 58 0.69 2.43 0.64
C VAL A 58 -0.31 1.56 1.37
N TYR A 59 -0.01 1.23 2.58
CA TYR A 59 -0.88 0.44 3.41
C TYR A 59 -1.46 1.28 4.49
N GLU A 60 -2.63 0.93 4.89
CA GLU A 60 -3.33 1.58 5.94
C GLU A 60 -3.41 0.61 7.11
N GLY A 61 -2.88 1.03 8.21
CA GLY A 61 -2.81 0.24 9.39
C GLY A 61 -1.44 0.39 9.97
N GLU A 62 -1.10 -0.39 10.97
CA GLU A 62 0.24 -0.29 11.57
C GLU A 62 0.87 -1.60 11.91
N ARG A 63 0.39 -2.69 11.36
CA ARG A 63 1.03 -3.96 11.63
C ARG A 63 2.43 -3.98 11.08
N ALA A 64 3.33 -4.41 11.94
CA ALA A 64 4.77 -4.34 11.80
C ALA A 64 5.28 -4.91 10.52
N MET A 65 4.86 -6.08 10.24
CA MET A 65 5.20 -6.72 9.01
C MET A 65 4.08 -6.47 8.07
N THR A 66 4.41 -6.00 6.90
CA THR A 66 3.46 -5.53 5.96
C THR A 66 2.57 -6.61 5.37
N LYS A 67 1.52 -6.89 6.07
CA LYS A 67 0.46 -7.75 5.71
C LYS A 67 -0.62 -7.50 6.70
N ASP A 68 -1.80 -8.00 6.43
CA ASP A 68 -3.00 -7.85 7.29
C ASP A 68 -3.59 -6.45 7.11
N ASN A 69 -2.70 -5.45 7.15
CA ASN A 69 -3.03 -4.05 6.89
C ASN A 69 -3.68 -3.94 5.53
N ASN A 70 -4.57 -3.03 5.35
CA ASN A 70 -5.28 -2.93 4.10
C ASN A 70 -4.56 -2.01 3.13
N LEU A 71 -4.53 -2.41 1.88
CA LEU A 71 -3.80 -1.70 0.85
C LEU A 71 -4.71 -0.66 0.21
N LEU A 72 -4.22 0.54 0.05
CA LEU A 72 -5.01 1.60 -0.57
C LEU A 72 -4.52 1.88 -1.99
N GLY A 73 -3.23 1.91 -2.18
CA GLY A 73 -2.69 2.19 -3.48
C GLY A 73 -1.24 1.84 -3.57
N ARG A 74 -0.71 1.83 -4.77
CA ARG A 74 0.69 1.51 -5.01
C ARG A 74 1.12 2.28 -6.24
N PHE A 75 2.41 2.35 -6.45
CA PHE A 75 3.00 2.86 -7.68
C PHE A 75 4.48 2.57 -7.66
N GLU A 76 5.03 2.26 -8.80
CA GLU A 76 6.44 2.02 -8.90
C GLU A 76 7.12 3.31 -9.29
N LEU A 77 8.32 3.51 -8.83
CA LEU A 77 9.09 4.67 -9.20
C LEU A 77 10.34 4.20 -9.91
N SER A 78 10.38 4.35 -11.19
CA SER A 78 11.51 3.98 -11.98
C SER A 78 12.43 5.19 -12.20
N GLY A 79 13.61 4.95 -12.72
CA GLY A 79 14.55 6.00 -12.98
C GLY A 79 15.86 5.73 -12.28
N ILE A 80 15.78 4.97 -11.21
CA ILE A 80 16.91 4.63 -10.36
C ILE A 80 18.05 4.02 -11.16
N PRO A 81 19.21 4.67 -11.13
CA PRO A 81 20.36 4.22 -11.89
C PRO A 81 21.13 3.07 -11.20
N PRO A 82 21.79 2.22 -11.99
CA PRO A 82 22.63 1.16 -11.45
C PRO A 82 23.91 1.73 -10.83
N ALA A 83 23.79 2.06 -9.58
CA ALA A 83 24.86 2.62 -8.82
C ALA A 83 24.91 1.85 -7.50
N PRO A 84 26.01 1.98 -6.70
CA PRO A 84 26.12 1.34 -5.39
C PRO A 84 24.86 1.60 -4.53
N ARG A 85 24.46 0.60 -3.79
CA ARG A 85 23.24 0.68 -3.02
C ARG A 85 23.35 1.74 -1.94
N GLY A 86 22.42 2.65 -1.94
CA GLY A 86 22.45 3.73 -1.00
C GLY A 86 22.72 5.04 -1.69
N VAL A 87 23.40 4.97 -2.83
CA VAL A 87 23.68 6.15 -3.64
C VAL A 87 22.38 6.78 -4.21
N PRO A 88 21.46 5.99 -4.87
CA PRO A 88 20.18 6.54 -5.31
C PRO A 88 19.30 6.84 -4.11
N GLN A 89 18.90 8.08 -3.99
CA GLN A 89 18.11 8.53 -2.87
C GLN A 89 16.69 8.78 -3.31
N ILE A 90 15.76 8.14 -2.65
CA ILE A 90 14.37 8.30 -2.98
C ILE A 90 13.68 9.10 -1.88
N GLU A 91 13.32 10.29 -2.20
CA GLU A 91 12.70 11.17 -1.25
C GLU A 91 11.19 11.05 -1.41
N VAL A 92 10.54 10.44 -0.45
CA VAL A 92 9.10 10.22 -0.54
C VAL A 92 8.37 11.08 0.48
N THR A 93 7.42 11.84 -0.01
CA THR A 93 6.61 12.69 0.79
C THR A 93 5.20 12.12 0.92
N PHE A 94 4.77 11.98 2.14
CA PHE A 94 3.41 11.62 2.46
C PHE A 94 2.75 12.83 3.11
N ASP A 95 1.88 13.46 2.41
CA ASP A 95 1.20 14.65 2.89
C ASP A 95 -0.29 14.47 2.79
N ILE A 96 -0.99 14.64 3.87
CA ILE A 96 -2.43 14.50 3.88
C ILE A 96 -2.99 15.88 4.01
N ASP A 97 -3.85 16.29 3.13
CA ASP A 97 -4.38 17.64 3.18
C ASP A 97 -5.62 17.70 4.09
N ALA A 98 -6.22 18.88 4.20
CA ALA A 98 -7.39 19.12 5.04
C ALA A 98 -8.62 18.30 4.59
N ASN A 99 -8.66 17.88 3.33
CA ASN A 99 -9.76 17.04 2.83
C ASN A 99 -9.56 15.63 3.28
N GLY A 100 -8.33 15.28 3.55
CA GLY A 100 -8.01 13.95 3.93
C GLY A 100 -7.58 13.15 2.73
N ILE A 101 -6.97 13.83 1.78
CA ILE A 101 -6.44 13.20 0.62
C ILE A 101 -4.95 12.98 0.86
N LEU A 102 -4.52 11.78 0.66
CA LEU A 102 -3.15 11.42 0.84
C LEU A 102 -2.39 11.67 -0.44
N ASN A 103 -1.54 12.63 -0.39
CA ASN A 103 -0.68 12.96 -1.49
C ASN A 103 0.68 12.39 -1.26
N VAL A 104 1.04 11.46 -2.08
CA VAL A 104 2.33 10.84 -2.00
C VAL A 104 3.14 11.28 -3.19
N THR A 105 4.28 11.82 -2.94
CA THR A 105 5.17 12.26 -3.98
C THR A 105 6.51 11.54 -3.79
N ALA A 106 6.93 10.77 -4.76
CA ALA A 106 8.19 10.08 -4.66
C ALA A 106 9.16 10.68 -5.65
N THR A 107 10.21 11.24 -5.15
CA THR A 107 11.18 11.90 -5.95
C THR A 107 12.51 11.16 -5.94
N ASP A 108 12.95 10.75 -7.11
CA ASP A 108 14.26 10.17 -7.25
C ASP A 108 15.26 11.29 -7.32
N LYS A 109 16.00 11.46 -6.25
CA LYS A 109 16.96 12.54 -6.12
C LYS A 109 18.12 12.35 -7.10
N SER A 110 18.28 11.12 -7.57
CA SER A 110 19.34 10.77 -8.47
C SER A 110 19.11 11.48 -9.83
N THR A 111 17.99 11.16 -10.47
CA THR A 111 17.65 11.74 -11.75
C THR A 111 17.06 13.15 -11.59
N GLY A 112 16.34 13.36 -10.50
CA GLY A 112 15.76 14.66 -10.22
C GLY A 112 14.28 14.74 -10.61
N LYS A 113 13.69 13.61 -10.91
CA LYS A 113 12.30 13.57 -11.32
C LYS A 113 11.43 12.92 -10.25
N ALA A 114 10.13 13.15 -10.34
CA ALA A 114 9.21 12.66 -9.31
C ALA A 114 7.90 12.18 -9.93
N ASN A 115 7.30 11.20 -9.28
CA ASN A 115 5.99 10.67 -9.66
C ASN A 115 5.16 10.67 -8.42
N LYS A 116 3.89 10.90 -8.56
CA LYS A 116 3.05 11.02 -7.41
C LYS A 116 1.80 10.17 -7.52
N ILE A 117 1.15 9.98 -6.40
CA ILE A 117 -0.14 9.34 -6.36
C ILE A 117 -1.00 10.15 -5.39
N THR A 118 -2.25 10.25 -5.69
CA THR A 118 -3.16 11.01 -4.93
C THR A 118 -4.33 10.12 -4.52
N ILE A 119 -4.46 9.86 -3.24
CA ILE A 119 -5.49 8.98 -2.75
C ILE A 119 -6.48 9.74 -1.87
N THR A 120 -7.64 10.02 -2.41
CA THR A 120 -8.72 10.65 -1.69
C THR A 120 -9.36 9.58 -0.76
N ASN A 121 -9.94 10.00 0.37
CA ASN A 121 -10.62 9.05 1.26
C ASN A 121 -11.93 8.57 0.64
N ASP A 122 -11.79 7.65 -0.27
CA ASP A 122 -12.87 7.09 -1.03
C ASP A 122 -12.96 5.60 -0.79
N LYS A 123 -14.15 5.14 -0.51
CA LYS A 123 -14.39 3.75 -0.24
C LYS A 123 -14.62 3.02 -1.56
N GLY A 124 -13.53 2.64 -2.19
CA GLY A 124 -13.61 2.00 -3.47
C GLY A 124 -13.76 0.51 -3.35
N ARG A 125 -12.73 -0.14 -2.85
CA ARG A 125 -12.75 -1.58 -2.72
C ARG A 125 -12.91 -2.00 -1.27
N LEU A 126 -12.89 -1.05 -0.39
CA LEU A 126 -13.05 -1.31 1.01
C LEU A 126 -14.21 -0.49 1.52
N SER A 127 -14.86 -0.98 2.55
CA SER A 127 -15.92 -0.24 3.12
C SER A 127 -15.45 0.56 4.31
N LYS A 128 -15.26 -0.09 5.46
CA LYS A 128 -14.83 0.59 6.68
C LYS A 128 -14.74 -0.40 7.81
N GLU A 129 -15.61 -1.39 7.77
CA GLU A 129 -15.69 -2.41 8.83
C GLU A 129 -14.42 -3.26 8.88
N GLU A 130 -13.81 -3.47 7.73
CA GLU A 130 -12.59 -4.23 7.64
C GLU A 130 -11.48 -3.40 8.23
N ILE A 131 -11.55 -2.13 7.92
CA ILE A 131 -10.57 -1.15 8.34
C ILE A 131 -10.61 -0.96 9.86
N GLU A 132 -11.82 -0.92 10.43
CA GLU A 132 -11.95 -0.76 11.86
C GLU A 132 -11.46 -2.00 12.59
N ARG A 133 -11.54 -3.17 11.93
CA ARG A 133 -10.98 -4.40 12.47
C ARG A 133 -9.47 -4.25 12.63
N MET A 134 -8.85 -3.62 11.62
CA MET A 134 -7.40 -3.39 11.62
C MET A 134 -7.04 -2.48 12.78
N VAL A 135 -7.91 -1.50 13.04
CA VAL A 135 -7.75 -0.56 14.15
C VAL A 135 -7.72 -1.33 15.48
N GLN A 136 -8.69 -2.23 15.64
CA GLN A 136 -8.81 -3.04 16.86
C GLN A 136 -7.58 -3.92 17.04
N GLU A 137 -7.19 -4.60 15.96
CA GLU A 137 -6.02 -5.47 16.00
C GLU A 137 -4.75 -4.68 16.25
N ALA A 138 -4.69 -3.46 15.75
CA ALA A 138 -3.53 -2.60 15.96
C ALA A 138 -3.36 -2.23 17.43
N GLU A 139 -4.47 -2.12 18.16
CA GLU A 139 -4.41 -1.89 19.59
C GLU A 139 -4.10 -3.18 20.33
N LYS A 140 -4.65 -4.26 19.84
CA LYS A 140 -4.51 -5.56 20.46
C LYS A 140 -3.08 -6.08 20.35
N TYR A 141 -2.51 -5.95 19.18
CA TYR A 141 -1.15 -6.41 18.92
C TYR A 141 -0.18 -5.25 18.92
N LYS A 142 -0.58 -4.17 19.55
CA LYS A 142 0.14 -2.91 19.61
C LYS A 142 1.62 -3.10 20.04
N ALA A 143 1.84 -3.65 21.23
CA ALA A 143 3.20 -3.85 21.73
C ALA A 143 3.93 -4.90 20.92
N GLU A 144 3.16 -5.86 20.45
CA GLU A 144 3.66 -6.95 19.62
C GLU A 144 4.24 -6.38 18.30
N ASP A 145 3.46 -5.59 17.60
CA ASP A 145 3.86 -5.00 16.34
C ASP A 145 4.98 -3.99 16.51
N GLU A 146 4.95 -3.21 17.58
CA GLU A 146 6.02 -2.25 17.83
C GLU A 146 7.36 -2.97 17.95
N VAL A 147 7.36 -4.14 18.58
CA VAL A 147 8.56 -4.94 18.72
C VAL A 147 8.94 -5.57 17.36
N GLN A 148 7.97 -6.16 16.68
CA GLN A 148 8.21 -6.81 15.38
C GLN A 148 8.82 -5.83 14.36
N ARG A 149 8.34 -4.60 14.37
CA ARG A 149 8.78 -3.61 13.42
C ARG A 149 10.26 -3.24 13.67
N GLU A 150 10.68 -3.26 14.93
CA GLU A 150 12.08 -2.95 15.24
C GLU A 150 12.97 -4.20 15.22
N ARG A 151 12.36 -5.37 15.13
CA ARG A 151 13.10 -6.63 15.07
C ARG A 151 13.93 -6.71 13.81
N VAL A 152 13.39 -6.18 12.74
CA VAL A 152 14.09 -6.14 11.51
C VAL A 152 14.98 -4.91 11.51
N SER A 153 16.25 -5.14 11.74
CA SER A 153 17.22 -4.10 11.73
C SER A 153 17.53 -3.74 10.30
N ALA A 154 17.06 -2.59 9.87
CA ALA A 154 17.21 -2.24 8.50
C ALA A 154 17.44 -0.77 8.30
N LYS A 155 18.09 -0.48 7.23
CA LYS A 155 18.29 0.83 6.74
C LYS A 155 17.00 1.18 6.00
N ASN A 156 16.60 2.42 5.99
CA ASN A 156 15.34 2.81 5.35
C ASN A 156 15.44 2.62 3.83
N ALA A 157 15.00 1.47 3.38
CA ALA A 157 15.09 1.08 2.00
C ALA A 157 13.85 0.34 1.59
N LEU A 158 13.43 0.46 0.35
CA LEU A 158 12.25 -0.24 -0.12
C LEU A 158 12.70 -1.35 -1.03
N GLU A 159 11.94 -2.42 -1.10
CA GLU A 159 12.27 -3.49 -2.00
C GLU A 159 11.75 -3.19 -3.40
N SER A 160 12.18 -3.95 -4.36
CA SER A 160 11.89 -3.61 -5.72
C SER A 160 11.37 -4.80 -6.54
N TYR A 161 10.08 -4.73 -6.87
CA TYR A 161 9.40 -5.66 -7.76
C TYR A 161 8.24 -4.93 -8.43
N ALA A 162 8.39 -4.65 -9.70
CA ALA A 162 7.41 -3.87 -10.45
C ALA A 162 6.31 -4.74 -11.04
N PHE A 163 5.10 -4.53 -10.57
CA PHE A 163 3.93 -5.26 -11.06
C PHE A 163 2.87 -4.23 -11.40
N ASN A 164 1.91 -4.59 -12.18
CA ASN A 164 0.88 -3.65 -12.54
C ASN A 164 -0.43 -4.06 -11.89
N MET A 165 -1.13 -3.11 -11.33
CA MET A 165 -2.42 -3.38 -10.73
C MET A 165 -3.44 -2.47 -11.33
N LYS A 166 -4.59 -3.01 -11.62
CA LYS A 166 -5.61 -2.29 -12.34
C LYS A 166 -6.56 -1.61 -11.36
N SER A 167 -6.05 -0.63 -10.69
CA SER A 167 -6.79 0.11 -9.72
C SER A 167 -7.58 1.25 -10.36
N ALA A 168 -8.84 1.00 -10.64
CA ALA A 168 -9.70 1.99 -11.25
C ALA A 168 -10.51 2.67 -10.17
N VAL A 169 -11.08 3.80 -10.49
CA VAL A 169 -11.84 4.56 -9.54
C VAL A 169 -13.33 4.60 -9.88
N GLU A 170 -13.67 5.07 -11.10
CA GLU A 170 -15.05 5.20 -11.60
C GLU A 170 -15.83 6.31 -10.88
N ASP A 171 -17.01 6.62 -11.40
CA ASP A 171 -17.90 7.64 -10.83
C ASP A 171 -19.31 7.38 -11.34
N GLU A 172 -20.30 8.01 -10.74
CA GLU A 172 -21.67 7.85 -11.15
C GLU A 172 -21.92 8.58 -12.47
N GLY A 173 -21.25 9.70 -12.64
CA GLY A 173 -21.30 10.45 -13.88
C GLY A 173 -22.53 11.30 -14.11
N LEU A 174 -23.69 10.68 -14.21
CA LEU A 174 -24.92 11.37 -14.58
C LEU A 174 -25.51 12.23 -13.46
N LYS A 175 -26.02 11.56 -12.43
CA LYS A 175 -26.70 12.15 -11.27
C LYS A 175 -28.09 12.69 -11.67
N GLY A 176 -28.10 13.78 -12.43
CA GLY A 176 -29.34 14.39 -12.91
C GLY A 176 -30.18 14.98 -11.79
N LYS A 177 -31.28 14.30 -11.48
CA LYS A 177 -32.24 14.64 -10.41
C LYS A 177 -33.13 15.83 -10.80
N ILE A 178 -34.40 15.71 -10.48
CA ILE A 178 -35.40 16.72 -10.79
C ILE A 178 -36.55 16.54 -9.79
N SER A 179 -37.04 17.63 -9.25
CA SER A 179 -38.10 17.54 -8.29
C SER A 179 -39.39 18.16 -8.85
N GLU A 180 -39.32 19.46 -9.18
CA GLU A 180 -40.45 20.26 -9.70
C GLU A 180 -41.51 20.47 -8.58
N ALA A 181 -42.27 21.50 -8.69
CA ALA A 181 -43.26 21.79 -7.71
C ALA A 181 -44.65 21.58 -8.27
N ASP A 182 -45.57 21.21 -7.43
CA ASP A 182 -46.95 21.01 -7.82
C ASP A 182 -47.81 21.48 -6.62
N LYS A 183 -49.03 20.94 -6.48
CA LYS A 183 -49.95 21.22 -5.36
C LYS A 183 -50.59 22.63 -5.51
N LYS A 184 -50.40 23.22 -6.66
CA LYS A 184 -50.92 24.52 -6.96
C LYS A 184 -50.76 24.74 -8.46
N LYS A 185 -51.61 25.54 -9.06
CA LYS A 185 -51.46 25.85 -10.47
C LYS A 185 -50.73 27.16 -10.64
N VAL A 186 -50.89 28.03 -9.64
CA VAL A 186 -50.26 29.36 -9.58
C VAL A 186 -50.91 30.32 -10.57
N LEU A 187 -50.75 30.05 -11.84
CA LEU A 187 -51.27 30.88 -12.87
C LEU A 187 -51.49 30.04 -14.11
N ASP A 188 -52.61 30.24 -14.75
CA ASP A 188 -52.89 29.59 -16.01
C ASP A 188 -52.23 30.33 -17.12
N LYS A 189 -51.76 29.62 -18.11
CA LYS A 189 -51.13 30.26 -19.25
C LYS A 189 -52.09 30.12 -20.44
N SMC A 190 -53.31 29.79 -20.13
CA SMC A 190 -54.35 29.62 -21.11
CB SMC A 190 -54.87 28.18 -21.05
SG SMC A 190 -56.02 27.74 -22.37
C SMC A 190 -55.46 30.62 -20.79
O SMC A 190 -56.66 30.32 -20.86
H SMC A 190 -53.53 29.67 -19.18
HA SMC A 190 -53.94 29.82 -22.10
HB2 SMC A 190 -55.38 28.03 -20.10
HB3 SMC A 190 -54.04 27.51 -21.11
N GLN A 191 -55.05 31.82 -20.43
CA GLN A 191 -55.98 32.85 -20.10
C GLN A 191 -56.38 33.57 -21.36
N GLU A 192 -57.65 33.48 -21.67
CA GLU A 192 -58.20 34.09 -22.85
C GLU A 192 -58.12 35.60 -22.74
N VAL A 193 -58.57 36.08 -21.58
CA VAL A 193 -58.62 37.50 -21.26
C VAL A 193 -59.46 38.25 -22.28
N ILE A 194 -60.72 38.32 -22.02
CA ILE A 194 -61.61 38.94 -22.93
C ILE A 194 -62.24 40.17 -22.32
N SER A 195 -62.24 41.22 -23.07
CA SER A 195 -62.94 42.41 -22.69
C SER A 195 -64.37 42.20 -23.10
N TRP A 196 -65.13 41.61 -22.22
CA TRP A 196 -66.46 41.22 -22.52
C TRP A 196 -67.45 42.02 -21.72
N LEU A 197 -67.99 43.01 -22.35
CA LEU A 197 -69.03 43.81 -21.79
C LEU A 197 -70.26 43.53 -22.61
N ASP A 198 -70.98 42.50 -22.23
CA ASP A 198 -72.17 42.10 -22.95
C ASP A 198 -73.28 43.08 -22.64
N ALA A 199 -73.26 43.54 -21.42
CA ALA A 199 -74.14 44.56 -20.98
C ALA A 199 -73.28 45.68 -20.43
N ASN A 200 -73.03 46.67 -21.25
CA ASN A 200 -72.24 47.81 -20.82
C ASN A 200 -73.09 48.69 -19.93
N THR A 201 -72.75 48.75 -18.68
CA THR A 201 -73.49 49.54 -17.75
C THR A 201 -73.21 51.02 -17.97
N LEU A 202 -74.11 51.66 -18.68
CA LEU A 202 -73.98 53.06 -19.07
C LEU A 202 -75.36 53.59 -19.50
N ALA A 203 -76.39 52.86 -19.16
CA ALA A 203 -77.75 53.19 -19.56
C ALA A 203 -78.62 53.43 -18.35
N GLU A 204 -77.98 53.64 -17.21
CA GLU A 204 -78.70 53.86 -15.96
C GLU A 204 -79.42 55.19 -16.00
N LYS A 205 -80.71 55.15 -15.95
CA LYS A 205 -81.53 56.34 -16.05
C LYS A 205 -82.47 56.46 -14.87
N ASP A 206 -83.02 57.64 -14.72
CA ASP A 206 -84.05 57.92 -13.73
C ASP A 206 -85.34 57.33 -14.23
N GLU A 207 -86.28 57.08 -13.35
CA GLU A 207 -87.50 56.52 -13.80
C GLU A 207 -88.51 57.61 -14.18
N PHE A 208 -88.23 58.19 -15.34
CA PHE A 208 -89.10 59.14 -16.05
C PHE A 208 -89.49 60.39 -15.24
N GLU A 209 -88.64 60.80 -14.29
CA GLU A 209 -88.83 62.02 -13.45
C GLU A 209 -90.09 62.03 -12.52
N HIS A 210 -91.21 61.56 -13.02
CA HIS A 210 -92.51 61.64 -12.34
C HIS A 210 -92.62 60.73 -11.11
N LYS A 211 -91.77 59.72 -11.00
CA LYS A 211 -91.80 58.85 -9.84
C LYS A 211 -91.35 59.56 -8.58
N ARG A 212 -91.84 59.06 -7.43
CA ARG A 212 -91.54 59.58 -6.10
C ARG A 212 -92.16 60.99 -5.96
N LYS A 213 -91.80 61.73 -4.91
CA LYS A 213 -92.34 63.08 -4.63
C LYS A 213 -93.78 63.02 -4.15
N GLU A 214 -94.33 64.20 -3.93
CA GLU A 214 -95.73 64.44 -3.58
C GLU A 214 -96.13 63.93 -2.19
N LEU A 215 -96.53 64.86 -1.36
CA LEU A 215 -96.97 64.58 0.00
C LEU A 215 -98.48 64.47 0.03
N GLU A 216 -99.03 64.07 -1.07
CA GLU A 216 -100.45 63.87 -1.18
C GLU A 216 -100.73 62.39 -1.13
N GLN A 217 -101.96 61.99 -1.38
CA GLN A 217 -102.32 60.59 -1.30
C GLN A 217 -101.94 59.84 -2.55
N VAL A 218 -100.67 59.59 -2.65
CA VAL A 218 -100.08 58.81 -3.70
C VAL A 218 -99.34 57.70 -3.02
N SMC A 219 -99.82 56.51 -3.18
CA SMC A 219 -99.25 55.37 -2.50
CB SMC A 219 -100.27 54.21 -2.38
SG SMC A 219 -101.01 53.70 -3.96
C SMC A 219 -97.93 54.91 -3.13
O SMC A 219 -97.91 54.14 -4.10
H SMC A 219 -100.60 56.37 -3.75
HA SMC A 219 -99.02 55.70 -1.50
HB2 SMC A 219 -101.07 54.52 -1.73
HB3 SMC A 219 -99.78 53.35 -1.97
N ASN A 220 -96.85 55.45 -2.60
CA ASN A 220 -95.52 55.02 -2.97
C ASN A 220 -95.30 53.71 -2.23
N PRO A 221 -95.03 52.62 -2.94
CA PRO A 221 -94.87 51.32 -2.31
C PRO A 221 -93.59 51.26 -1.50
N ILE A 222 -93.71 51.49 -0.21
CA ILE A 222 -92.58 51.40 0.67
C ILE A 222 -92.38 49.94 1.02
N ILE A 223 -91.77 49.26 0.09
CA ILE A 223 -91.51 47.86 0.20
C ILE A 223 -90.38 47.50 -0.76
N SER A 224 -89.31 47.04 -0.21
CA SER A 224 -88.18 46.65 -0.96
C SER A 224 -87.50 45.50 -0.23
N GLY A 225 -87.17 44.46 -0.94
CA GLY A 225 -86.54 43.32 -0.34
C GLY A 225 -85.05 43.46 -0.35
N LEU A 226 -84.56 44.46 0.33
CA LEU A 226 -83.14 44.69 0.43
C LEU A 226 -82.60 43.90 1.60
N TYR A 227 -81.77 42.94 1.32
CA TYR A 227 -81.19 42.13 2.35
C TYR A 227 -79.69 42.24 2.27
N GLN A 228 -79.14 42.97 3.20
CA GLN A 228 -77.74 43.29 3.20
C GLN A 228 -76.98 42.26 4.03
N GLY A 229 -76.01 41.65 3.42
CA GLY A 229 -75.18 40.70 4.10
C GLY A 229 -74.07 40.26 3.22
N ALA A 230 -73.10 39.60 3.78
CA ALA A 230 -71.97 39.11 3.01
C ALA A 230 -72.34 37.83 2.31
N GLY A 231 -71.81 37.65 1.13
CA GLY A 231 -72.06 36.45 0.39
C GLY A 231 -70.76 35.85 -0.07
N GLY A 232 -70.02 36.60 -0.83
CA GLY A 232 -68.74 36.17 -1.31
C GLY A 232 -68.85 35.65 -2.73
N PRO A 233 -67.88 35.90 -3.61
CA PRO A 233 -67.91 35.43 -5.00
C PRO A 233 -67.52 33.95 -5.11
N GLY A 234 -67.23 33.35 -3.98
CA GLY A 234 -66.82 31.99 -3.94
C GLY A 234 -65.33 31.90 -4.08
N PRO A 235 -64.80 30.75 -4.49
CA PRO A 235 -63.38 30.59 -4.70
C PRO A 235 -62.90 31.42 -5.90
N GLY A 236 -62.00 32.33 -5.64
CA GLY A 236 -61.46 33.16 -6.69
C GLY A 236 -60.37 32.43 -7.44
N GLY A 237 -60.78 31.51 -8.28
CA GLY A 237 -59.86 30.74 -9.04
C GLY A 237 -60.13 29.26 -8.91
N PHE A 238 -59.38 28.47 -9.62
CA PHE A 238 -59.54 27.04 -9.60
C PHE A 238 -58.16 26.40 -9.73
N GLY A 239 -57.92 25.37 -8.94
CA GLY A 239 -56.64 24.71 -8.97
C GLY A 239 -56.71 23.35 -9.64
N ALA A 240 -55.88 22.43 -9.16
CA ALA A 240 -55.78 21.04 -9.65
C ALA A 240 -55.20 20.94 -11.08
N GLN A 241 -54.00 20.37 -11.17
CA GLN A 241 -53.25 20.15 -12.40
C GLN A 241 -52.63 21.43 -12.94
N GLY A 242 -51.36 21.59 -12.68
CA GLY A 242 -50.64 22.73 -13.15
C GLY A 242 -49.34 22.31 -13.81
N PRO A 243 -48.75 23.16 -14.68
CA PRO A 243 -47.45 22.83 -15.31
C PRO A 243 -46.29 22.99 -14.31
N LYS A 244 -46.51 23.83 -13.33
CA LYS A 244 -45.60 24.09 -12.25
C LYS A 244 -46.39 24.62 -11.09
N GLY A 245 -46.16 24.08 -9.94
CA GLY A 245 -46.86 24.51 -8.77
C GLY A 245 -46.05 25.47 -7.97
N GLY A 246 -46.40 25.61 -6.73
CA GLY A 246 -45.73 26.53 -5.86
C GLY A 246 -46.35 26.50 -4.51
N SER A 247 -45.96 27.41 -3.67
CA SER A 247 -46.48 27.49 -2.34
C SER A 247 -47.72 28.38 -2.30
N GLY A 248 -48.66 28.03 -1.48
CA GLY A 248 -49.86 28.82 -1.35
C GLY A 248 -51.10 27.99 -1.43
N SER A 249 -51.43 27.32 -0.36
CA SER A 249 -52.64 26.54 -0.31
C SER A 249 -53.76 27.46 0.22
N GLY A 250 -54.95 26.95 0.36
CA GLY A 250 -56.02 27.77 0.83
C GLY A 250 -56.89 27.11 1.88
N PRO A 251 -56.38 26.97 3.13
CA PRO A 251 -57.15 26.40 4.22
C PRO A 251 -57.96 27.51 4.91
N THR A 252 -59.25 27.55 4.63
CA THR A 252 -60.13 28.57 5.19
C THR A 252 -61.58 28.06 5.10
N ILE A 253 -62.34 28.20 6.17
CA ILE A 253 -63.75 27.87 6.12
C ILE A 253 -64.52 29.08 5.62
N GLU A 254 -65.60 28.86 4.93
CA GLU A 254 -66.38 29.94 4.37
C GLU A 254 -67.71 30.12 5.08
N GLU A 255 -67.79 31.14 5.91
CA GLU A 255 -69.01 31.45 6.59
C GLU A 255 -69.74 32.54 5.82
N VAL A 256 -71.03 32.41 5.73
CA VAL A 256 -71.85 33.39 5.06
C VAL A 256 -72.63 34.18 6.15
N ASP A 257 -72.12 34.08 7.34
CA ASP A 257 -72.70 34.71 8.49
C ASP A 257 -71.72 35.69 9.05
N SER A 1 -14.89 25.18 12.66
CA SER A 1 -15.42 25.53 11.38
C SER A 1 -16.45 26.63 11.52
N GLU A 2 -16.15 27.82 11.02
CA GLU A 2 -17.08 28.93 11.08
C GLU A 2 -17.81 29.07 9.76
N ASN A 3 -17.52 28.17 8.85
CA ASN A 3 -18.17 28.12 7.56
C ASN A 3 -19.30 27.11 7.66
N VAL A 4 -20.35 27.31 6.88
CA VAL A 4 -21.48 26.39 6.89
C VAL A 4 -21.12 25.06 6.25
N GLN A 5 -20.20 25.09 5.30
CA GLN A 5 -19.80 23.88 4.61
C GLN A 5 -18.30 23.73 4.45
N ASP A 6 -17.76 22.91 5.30
CA ASP A 6 -16.41 22.43 5.26
C ASP A 6 -16.42 21.18 6.09
N LEU A 7 -15.29 20.58 6.35
CA LEU A 7 -15.30 19.36 7.11
C LEU A 7 -15.29 19.71 8.59
N LEU A 8 -16.41 19.52 9.22
CA LEU A 8 -16.62 19.89 10.60
C LEU A 8 -16.15 18.80 11.56
N LEU A 9 -15.10 19.12 12.29
CA LEU A 9 -14.53 18.29 13.35
C LEU A 9 -14.01 16.93 12.89
N LEU A 10 -12.79 16.95 12.40
CA LEU A 10 -12.03 15.77 12.01
C LEU A 10 -10.76 16.31 11.44
N ASP A 11 -9.83 16.56 12.31
CA ASP A 11 -8.57 17.14 11.90
C ASP A 11 -7.45 16.29 12.39
N VAL A 12 -7.73 15.04 12.54
CA VAL A 12 -6.73 14.07 12.92
C VAL A 12 -6.83 12.83 12.04
N ALA A 13 -5.70 12.34 11.62
CA ALA A 13 -5.61 11.10 10.86
C ALA A 13 -6.06 9.94 11.76
N PRO A 14 -7.15 9.25 11.43
CA PRO A 14 -7.65 8.16 12.26
C PRO A 14 -6.74 6.93 12.19
N LEU A 15 -6.18 6.69 11.03
CA LEU A 15 -5.29 5.56 10.83
C LEU A 15 -3.88 6.01 10.45
N SER A 16 -2.97 5.07 10.51
CA SER A 16 -1.57 5.27 10.23
C SER A 16 -1.27 4.85 8.78
N LEU A 17 -0.28 5.50 8.18
CA LEU A 17 0.06 5.26 6.79
C LEU A 17 1.55 4.93 6.64
N GLY A 18 1.83 3.89 5.89
CA GLY A 18 3.20 3.48 5.67
C GLY A 18 3.38 2.80 4.33
N LEU A 19 4.61 2.43 4.02
CA LEU A 19 4.91 1.78 2.75
C LEU A 19 5.44 0.39 2.97
N GLU A 20 5.50 -0.35 1.88
CA GLU A 20 6.05 -1.68 1.84
C GLU A 20 7.57 -1.56 1.67
N THR A 21 8.30 -1.86 2.69
CA THR A 21 9.72 -1.82 2.63
C THR A 21 10.31 -3.23 2.45
N ALA A 22 11.57 -3.28 2.02
CA ALA A 22 12.30 -4.50 1.65
C ALA A 22 12.19 -5.61 2.70
N GLY A 23 11.60 -6.70 2.32
CA GLY A 23 11.46 -7.83 3.20
C GLY A 23 10.05 -7.94 3.68
N GLY A 24 9.23 -7.03 3.23
CA GLY A 24 7.85 -6.99 3.62
C GLY A 24 7.70 -6.29 4.93
N VAL A 25 8.65 -5.45 5.24
CA VAL A 25 8.65 -4.72 6.49
C VAL A 25 7.77 -3.49 6.36
N MET A 26 7.06 -3.15 7.41
CA MET A 26 6.18 -2.00 7.38
C MET A 26 6.94 -0.79 7.91
N THR A 27 6.95 0.28 7.16
CA THR A 27 7.59 1.51 7.59
C THR A 27 6.59 2.66 7.46
N ALA A 28 6.21 3.26 8.59
CA ALA A 28 5.18 4.29 8.63
C ALA A 28 5.75 5.69 8.48
N LEU A 29 4.98 6.56 7.86
CA LEU A 29 5.35 7.96 7.71
C LEU A 29 4.35 8.84 8.44
N ILE A 30 3.09 8.63 8.20
CA ILE A 30 2.10 9.39 8.89
C ILE A 30 1.50 8.55 9.97
N LYS A 31 1.70 8.99 11.17
CA LYS A 31 1.21 8.28 12.30
C LYS A 31 -0.20 8.72 12.59
N ARG A 32 -0.91 7.88 13.25
CA ARG A 32 -2.31 8.13 13.57
C ARG A 32 -2.45 9.13 14.69
N ASN A 33 -3.64 9.73 14.79
CA ASN A 33 -4.01 10.71 15.82
C ASN A 33 -3.26 12.03 15.60
N SER A 34 -2.72 12.19 14.40
CA SER A 34 -1.97 13.36 14.04
C SER A 34 -2.87 14.42 13.47
N THR A 35 -2.67 15.64 13.88
CA THR A 35 -3.43 16.74 13.42
C THR A 35 -3.07 17.11 11.99
N ILE A 36 -4.01 16.92 11.14
CA ILE A 36 -3.89 17.18 9.75
C ILE A 36 -4.42 18.57 9.44
N PRO A 37 -4.02 19.22 8.34
CA PRO A 37 -3.12 18.66 7.31
C PRO A 37 -1.71 18.31 7.82
N THR A 38 -1.27 17.13 7.48
CA THR A 38 0.04 16.64 7.78
C THR A 38 0.91 16.71 6.55
N LYS A 39 2.20 16.56 6.74
CA LYS A 39 3.17 16.51 5.67
C LYS A 39 4.53 16.17 6.28
N GLN A 40 4.97 14.95 6.05
CA GLN A 40 6.23 14.49 6.59
C GLN A 40 7.04 13.84 5.47
N THR A 41 8.34 14.01 5.51
CA THR A 41 9.20 13.48 4.48
C THR A 41 10.09 12.36 5.05
N GLN A 42 10.19 11.27 4.33
CA GLN A 42 11.10 10.19 4.68
C GLN A 42 11.92 9.83 3.47
N ILE A 43 13.19 9.67 3.66
CA ILE A 43 14.10 9.34 2.59
C ILE A 43 14.35 7.84 2.64
N PHE A 44 14.21 7.16 1.52
CA PHE A 44 14.45 5.73 1.44
C PHE A 44 15.51 5.48 0.38
N THR A 45 16.04 4.27 0.33
CA THR A 45 17.08 3.92 -0.62
C THR A 45 16.79 2.56 -1.27
N THR A 46 17.56 2.22 -2.28
CA THR A 46 17.48 0.93 -2.93
C THR A 46 18.31 -0.10 -2.13
N TYR A 47 18.29 -1.37 -2.53
CA TYR A 47 19.11 -2.39 -1.85
C TYR A 47 20.52 -2.31 -2.38
N SER A 48 20.61 -2.25 -3.68
CA SER A 48 21.84 -2.28 -4.36
C SER A 48 21.81 -1.38 -5.58
N ASP A 49 22.85 -1.46 -6.36
CA ASP A 49 22.97 -0.74 -7.59
C ASP A 49 22.30 -1.51 -8.70
N ASN A 50 22.02 -0.82 -9.79
CA ASN A 50 21.35 -1.40 -10.97
C ASN A 50 19.89 -1.71 -10.75
N GLN A 51 19.36 -1.35 -9.61
CA GLN A 51 17.98 -1.46 -9.38
C GLN A 51 17.34 -0.16 -9.84
N PRO A 52 16.53 -0.20 -10.91
CA PRO A 52 15.98 1.00 -11.51
C PRO A 52 14.54 1.30 -11.12
N GLY A 53 13.88 0.39 -10.46
CA GLY A 53 12.51 0.60 -10.16
C GLY A 53 12.09 -0.05 -8.89
N VAL A 54 11.36 0.69 -8.11
CA VAL A 54 10.84 0.22 -6.85
C VAL A 54 9.32 0.26 -6.93
N LEU A 55 8.65 -0.47 -6.06
CA LEU A 55 7.21 -0.51 -6.07
C LEU A 55 6.66 0.19 -4.82
N ILE A 56 6.08 1.34 -5.02
CA ILE A 56 5.56 2.15 -3.95
C ILE A 56 4.19 1.65 -3.58
N GLN A 57 4.11 0.87 -2.54
CA GLN A 57 2.85 0.34 -2.08
C GLN A 57 2.48 1.03 -0.78
N VAL A 58 1.36 1.70 -0.78
CA VAL A 58 0.91 2.47 0.36
C VAL A 58 -0.13 1.68 1.15
N TYR A 59 0.13 1.51 2.43
CA TYR A 59 -0.75 0.77 3.30
C TYR A 59 -1.21 1.60 4.48
N GLU A 60 -2.42 1.33 4.90
CA GLU A 60 -3.06 1.96 6.03
C GLU A 60 -3.22 0.92 7.13
N GLY A 61 -2.61 1.21 8.25
CA GLY A 61 -2.57 0.32 9.38
C GLY A 61 -1.17 0.29 9.93
N GLU A 62 -0.87 -0.66 10.79
CA GLU A 62 0.46 -0.87 11.36
C GLU A 62 0.65 -2.32 11.75
N ARG A 63 1.80 -2.88 11.39
CA ARG A 63 2.26 -4.21 11.82
C ARG A 63 3.77 -4.27 11.68
N ALA A 64 4.35 -5.44 11.95
CA ALA A 64 5.75 -5.70 11.74
C ALA A 64 6.04 -5.72 10.27
N MET A 65 5.16 -6.39 9.59
CA MET A 65 5.19 -6.51 8.16
C MET A 65 4.12 -5.62 7.62
N THR A 66 4.18 -5.31 6.37
CA THR A 66 3.17 -4.49 5.74
C THR A 66 1.98 -5.37 5.32
N LYS A 67 1.93 -6.57 5.87
CA LYS A 67 0.90 -7.51 5.58
C LYS A 67 -0.28 -7.28 6.45
N ASP A 68 -1.43 -7.71 5.94
CA ASP A 68 -2.76 -7.58 6.58
C ASP A 68 -3.33 -6.22 6.35
N ASN A 69 -2.45 -5.23 6.28
CA ASN A 69 -2.83 -3.84 6.19
C ASN A 69 -3.57 -3.50 4.90
N ASN A 70 -4.15 -2.33 4.88
CA ASN A 70 -5.00 -1.91 3.78
C ASN A 70 -4.20 -1.22 2.70
N LEU A 71 -4.20 -1.80 1.52
CA LEU A 71 -3.56 -1.22 0.37
C LEU A 71 -4.52 -0.21 -0.23
N LEU A 72 -4.08 1.03 -0.34
CA LEU A 72 -4.92 2.08 -0.90
C LEU A 72 -4.61 2.23 -2.36
N GLY A 73 -3.34 2.36 -2.65
CA GLY A 73 -2.90 2.52 -3.99
C GLY A 73 -1.44 2.23 -4.07
N ARG A 74 -0.96 1.99 -5.24
CA ARG A 74 0.43 1.70 -5.45
C ARG A 74 0.83 2.12 -6.84
N PHE A 75 2.10 2.34 -7.03
CA PHE A 75 2.65 2.71 -8.32
C PHE A 75 4.12 2.38 -8.31
N GLU A 76 4.73 2.33 -9.45
CA GLU A 76 6.14 2.06 -9.51
C GLU A 76 6.87 3.31 -9.83
N LEU A 77 8.02 3.46 -9.24
CA LEU A 77 8.87 4.53 -9.63
C LEU A 77 10.00 3.83 -10.35
N SER A 78 9.99 3.93 -11.64
CA SER A 78 10.96 3.27 -12.44
C SER A 78 11.73 4.27 -13.26
N GLY A 79 12.96 4.47 -12.89
CA GLY A 79 13.80 5.40 -13.55
C GLY A 79 15.03 5.75 -12.74
N ILE A 80 15.35 4.91 -11.77
CA ILE A 80 16.52 5.12 -10.93
C ILE A 80 17.79 4.72 -11.71
N PRO A 81 18.79 5.62 -11.78
CA PRO A 81 20.06 5.34 -12.44
C PRO A 81 20.89 4.30 -11.68
N PRO A 82 21.76 3.56 -12.36
CA PRO A 82 22.63 2.58 -11.72
C PRO A 82 23.65 3.23 -10.78
N ALA A 83 23.26 3.40 -9.55
CA ALA A 83 24.12 3.91 -8.54
C ALA A 83 24.01 3.02 -7.30
N PRO A 84 25.10 2.81 -6.55
CA PRO A 84 25.08 2.02 -5.31
C PRO A 84 24.10 2.61 -4.30
N ARG A 85 23.51 1.74 -3.48
CA ARG A 85 22.46 2.16 -2.53
C ARG A 85 22.97 3.27 -1.62
N GLY A 86 22.19 4.29 -1.48
CA GLY A 86 22.58 5.40 -0.68
C GLY A 86 22.70 6.62 -1.52
N VAL A 87 23.14 6.41 -2.75
CA VAL A 87 23.20 7.48 -3.70
C VAL A 87 21.78 7.78 -4.22
N PRO A 88 21.03 6.78 -4.80
CA PRO A 88 19.65 7.00 -5.18
C PRO A 88 18.75 7.09 -3.95
N GLN A 89 18.56 8.28 -3.51
CA GLN A 89 17.72 8.55 -2.39
C GLN A 89 16.37 8.90 -2.87
N ILE A 90 15.40 8.20 -2.41
CA ILE A 90 14.07 8.47 -2.79
C ILE A 90 13.42 9.27 -1.69
N GLU A 91 13.03 10.45 -2.01
CA GLU A 91 12.39 11.32 -1.08
C GLU A 91 10.90 11.08 -1.16
N VAL A 92 10.37 10.43 -0.18
CA VAL A 92 8.97 10.12 -0.14
C VAL A 92 8.27 11.09 0.80
N THR A 93 7.42 11.88 0.25
CA THR A 93 6.68 12.85 1.00
C THR A 93 5.21 12.43 1.09
N PHE A 94 4.71 12.36 2.31
CA PHE A 94 3.33 12.00 2.59
C PHE A 94 2.62 13.18 3.21
N ASP A 95 1.56 13.64 2.58
CA ASP A 95 0.76 14.72 3.14
C ASP A 95 -0.71 14.49 2.94
N ILE A 96 -1.46 14.77 3.98
CA ILE A 96 -2.91 14.67 3.96
C ILE A 96 -3.47 16.07 4.07
N ASP A 97 -4.45 16.41 3.27
CA ASP A 97 -5.06 17.73 3.33
C ASP A 97 -6.26 17.69 4.30
N ALA A 98 -7.09 18.72 4.32
CA ALA A 98 -8.25 18.77 5.19
C ALA A 98 -9.34 17.75 4.78
N ASN A 99 -9.36 17.35 3.51
CA ASN A 99 -10.38 16.41 3.03
C ASN A 99 -10.01 14.99 3.38
N GLY A 100 -8.73 14.76 3.46
CA GLY A 100 -8.22 13.45 3.70
C GLY A 100 -7.54 12.91 2.46
N ILE A 101 -7.07 13.80 1.63
CA ILE A 101 -6.36 13.45 0.43
C ILE A 101 -4.89 13.33 0.74
N LEU A 102 -4.39 12.16 0.57
CA LEU A 102 -3.03 11.83 0.80
C LEU A 102 -2.26 11.93 -0.50
N ASN A 103 -1.31 12.79 -0.56
CA ASN A 103 -0.47 12.86 -1.70
C ASN A 103 0.85 12.23 -1.41
N VAL A 104 1.11 11.18 -2.13
CA VAL A 104 2.33 10.44 -2.00
C VAL A 104 3.22 10.83 -3.13
N THR A 105 4.32 11.44 -2.82
CA THR A 105 5.27 11.84 -3.84
C THR A 105 6.62 11.21 -3.56
N ALA A 106 7.10 10.44 -4.49
CA ALA A 106 8.40 9.82 -4.37
C ALA A 106 9.33 10.45 -5.40
N THR A 107 10.37 11.09 -4.93
CA THR A 107 11.28 11.80 -5.79
C THR A 107 12.70 11.19 -5.74
N ASP A 108 13.21 10.83 -6.89
CA ASP A 108 14.58 10.36 -7.06
C ASP A 108 15.56 11.50 -6.99
N LYS A 109 16.36 11.49 -5.97
CA LYS A 109 17.39 12.49 -5.79
C LYS A 109 18.51 12.43 -6.84
N SER A 110 18.57 11.38 -7.61
CA SER A 110 19.58 11.23 -8.61
C SER A 110 19.25 12.05 -9.87
N THR A 111 18.15 11.72 -10.52
CA THR A 111 17.75 12.41 -11.75
C THR A 111 16.76 13.54 -11.49
N GLY A 112 15.96 13.39 -10.46
CA GLY A 112 14.96 14.38 -10.17
C GLY A 112 13.60 13.89 -10.55
N LYS A 113 13.53 12.64 -10.98
CA LYS A 113 12.27 12.02 -11.33
C LYS A 113 11.39 11.87 -10.15
N ALA A 114 10.19 12.26 -10.32
CA ALA A 114 9.24 12.21 -9.26
C ALA A 114 7.97 11.64 -9.76
N ASN A 115 7.42 10.77 -8.98
CA ASN A 115 6.17 10.16 -9.28
C ASN A 115 5.29 10.27 -8.08
N LYS A 116 4.11 10.77 -8.28
CA LYS A 116 3.20 10.93 -7.21
C LYS A 116 1.93 10.17 -7.48
N ILE A 117 1.14 10.00 -6.48
CA ILE A 117 -0.18 9.47 -6.61
C ILE A 117 -1.06 10.18 -5.59
N THR A 118 -2.22 10.52 -6.00
CA THR A 118 -3.16 11.21 -5.17
C THR A 118 -4.17 10.21 -4.64
N ILE A 119 -4.15 10.01 -3.35
CA ILE A 119 -5.02 9.04 -2.71
C ILE A 119 -5.99 9.73 -1.76
N THR A 120 -7.18 9.99 -2.21
CA THR A 120 -8.23 10.44 -1.35
C THR A 120 -8.54 9.26 -0.42
N ASN A 121 -8.49 9.48 0.90
CA ASN A 121 -8.76 8.42 1.88
C ASN A 121 -10.17 7.91 1.66
N ASP A 122 -10.25 6.83 0.92
CA ASP A 122 -11.49 6.22 0.44
C ASP A 122 -11.07 5.05 -0.41
N LYS A 123 -9.94 5.23 -1.09
CA LYS A 123 -9.32 4.11 -1.79
C LYS A 123 -8.79 3.13 -0.78
N GLY A 124 -9.00 1.87 -1.04
CA GLY A 124 -8.56 0.83 -0.17
C GLY A 124 -9.30 -0.42 -0.47
N ARG A 125 -8.83 -1.52 0.03
CA ARG A 125 -9.47 -2.79 -0.23
C ARG A 125 -10.07 -3.37 1.03
N LEU A 126 -10.09 -2.58 2.08
CA LEU A 126 -10.72 -2.95 3.32
C LEU A 126 -11.66 -1.87 3.76
N SER A 127 -12.62 -2.26 4.54
CA SER A 127 -13.58 -1.33 5.09
C SER A 127 -12.98 -0.72 6.36
N LYS A 128 -13.33 0.53 6.64
CA LYS A 128 -12.73 1.29 7.75
C LYS A 128 -12.86 0.55 9.08
N GLU A 129 -14.03 0.04 9.34
CA GLU A 129 -14.37 -0.70 10.57
C GLU A 129 -13.46 -1.94 10.70
N GLU A 130 -13.26 -2.61 9.60
CA GLU A 130 -12.45 -3.79 9.49
C GLU A 130 -10.98 -3.42 9.75
N ILE A 131 -10.58 -2.29 9.18
CA ILE A 131 -9.24 -1.73 9.38
C ILE A 131 -9.03 -1.43 10.87
N GLU A 132 -10.05 -0.89 11.52
CA GLU A 132 -9.97 -0.59 12.94
C GLU A 132 -9.86 -1.88 13.75
N ARG A 133 -10.55 -2.92 13.32
CA ARG A 133 -10.44 -4.24 13.96
C ARG A 133 -9.03 -4.78 13.79
N MET A 134 -8.51 -4.67 12.57
CA MET A 134 -7.14 -5.06 12.24
C MET A 134 -6.15 -4.36 13.16
N VAL A 135 -6.30 -3.05 13.30
CA VAL A 135 -5.43 -2.26 14.14
C VAL A 135 -5.52 -2.71 15.58
N GLN A 136 -6.72 -3.02 16.05
CA GLN A 136 -6.92 -3.50 17.40
C GLN A 136 -6.20 -4.83 17.65
N GLU A 137 -6.20 -5.70 16.65
CA GLU A 137 -5.46 -6.95 16.77
C GLU A 137 -3.97 -6.71 16.67
N ALA A 138 -3.58 -5.74 15.88
CA ALA A 138 -2.19 -5.35 15.74
C ALA A 138 -1.69 -4.79 17.07
N GLU A 139 -2.50 -3.95 17.72
CA GLU A 139 -2.20 -3.37 19.04
C GLU A 139 -2.04 -4.48 20.07
N LYS A 140 -2.85 -5.49 19.93
CA LYS A 140 -2.88 -6.65 20.80
C LYS A 140 -1.54 -7.40 20.76
N TYR A 141 -0.85 -7.31 19.63
CA TYR A 141 0.44 -8.00 19.48
C TYR A 141 1.52 -7.03 19.03
N LYS A 142 1.35 -5.75 19.30
CA LYS A 142 2.28 -4.74 18.78
C LYS A 142 3.66 -4.88 19.38
N ALA A 143 3.73 -5.38 20.61
CA ALA A 143 5.02 -5.62 21.23
C ALA A 143 5.75 -6.72 20.47
N GLU A 144 5.00 -7.74 20.07
CA GLU A 144 5.56 -8.86 19.34
C GLU A 144 5.96 -8.43 17.93
N ASP A 145 5.03 -7.77 17.24
CA ASP A 145 5.28 -7.26 15.89
C ASP A 145 6.44 -6.29 15.85
N GLU A 146 6.52 -5.39 16.80
CA GLU A 146 7.63 -4.46 16.76
C GLU A 146 8.98 -5.10 17.04
N VAL A 147 9.00 -6.14 17.88
CA VAL A 147 10.26 -6.88 18.07
C VAL A 147 10.68 -7.52 16.73
N GLN A 148 9.70 -8.04 15.99
CA GLN A 148 9.91 -8.64 14.68
C GLN A 148 10.55 -7.66 13.70
N ARG A 149 10.03 -6.43 13.67
CA ARG A 149 10.53 -5.42 12.75
C ARG A 149 11.92 -4.96 13.21
N GLU A 150 12.12 -4.89 14.52
CA GLU A 150 13.41 -4.49 15.08
C GLU A 150 14.46 -5.57 14.89
N ARG A 151 14.02 -6.80 14.71
CA ARG A 151 14.91 -7.91 14.40
C ARG A 151 15.56 -7.67 13.03
N VAL A 152 14.85 -6.95 12.17
CA VAL A 152 15.37 -6.58 10.87
C VAL A 152 16.22 -5.31 11.05
N SER A 153 15.76 -4.46 11.97
CA SER A 153 16.42 -3.22 12.36
C SER A 153 16.33 -2.15 11.27
N ALA A 154 15.21 -1.42 11.30
CA ALA A 154 14.93 -0.28 10.43
C ALA A 154 15.29 -0.49 8.97
N LYS A 155 14.43 -1.16 8.25
CA LYS A 155 14.65 -1.36 6.85
C LYS A 155 14.19 -0.13 6.14
N ASN A 156 15.12 0.61 5.60
CA ASN A 156 14.82 1.89 4.99
C ASN A 156 15.01 1.79 3.47
N ALA A 157 14.73 0.64 2.97
CA ALA A 157 14.78 0.36 1.56
C ALA A 157 13.40 -0.11 1.17
N LEU A 158 12.91 0.27 0.01
CA LEU A 158 11.54 -0.08 -0.35
C LEU A 158 11.48 -1.37 -1.12
N GLU A 159 10.38 -2.08 -0.98
CA GLU A 159 10.22 -3.40 -1.57
C GLU A 159 9.94 -3.32 -3.07
N SER A 160 10.47 -4.27 -3.78
CA SER A 160 10.27 -4.40 -5.18
C SER A 160 9.70 -5.79 -5.44
N TYR A 161 8.39 -5.86 -5.48
CA TYR A 161 7.70 -7.12 -5.63
C TYR A 161 7.70 -7.51 -7.11
N ALA A 162 7.82 -8.79 -7.37
CA ALA A 162 7.86 -9.31 -8.72
C ALA A 162 6.46 -9.38 -9.35
N PHE A 163 6.02 -8.23 -9.87
CA PHE A 163 4.75 -8.06 -10.60
C PHE A 163 3.52 -8.55 -9.84
N ASN A 164 2.90 -7.67 -9.06
CA ASN A 164 1.68 -8.06 -8.31
C ASN A 164 0.52 -8.14 -9.28
N MET A 165 0.69 -7.45 -10.41
CA MET A 165 -0.29 -7.44 -11.49
C MET A 165 -0.49 -8.83 -12.06
N LYS A 166 0.50 -9.68 -11.88
CA LYS A 166 0.41 -11.04 -12.33
C LYS A 166 0.50 -11.94 -11.10
N SER A 167 -0.64 -12.22 -10.53
CA SER A 167 -0.69 -13.02 -9.35
C SER A 167 -1.55 -14.26 -9.58
N ALA A 168 -1.01 -15.40 -9.22
CA ALA A 168 -1.70 -16.67 -9.31
C ALA A 168 -1.06 -17.60 -8.31
N VAL A 169 -1.58 -17.59 -7.12
CA VAL A 169 -1.00 -18.36 -6.06
C VAL A 169 -1.62 -19.74 -6.00
N GLU A 170 -1.14 -20.57 -6.87
CA GLU A 170 -1.48 -21.97 -6.88
C GLU A 170 -0.19 -22.78 -6.80
N ASP A 171 0.30 -23.31 -7.95
CA ASP A 171 1.66 -23.89 -8.06
C ASP A 171 1.93 -25.14 -7.17
N GLU A 172 2.92 -25.94 -7.60
CA GLU A 172 3.49 -27.07 -6.85
C GLU A 172 2.57 -28.29 -6.81
N GLY A 173 1.35 -28.10 -6.37
CA GLY A 173 0.39 -29.17 -6.24
C GLY A 173 -0.10 -29.66 -7.59
N LEU A 174 0.46 -30.74 -8.03
CA LEU A 174 0.11 -31.33 -9.31
C LEU A 174 -0.13 -32.81 -9.06
N LYS A 175 -1.39 -33.18 -8.99
CA LYS A 175 -1.74 -34.56 -8.72
C LYS A 175 -2.72 -35.06 -9.75
N GLY A 176 -3.01 -36.33 -9.70
CA GLY A 176 -3.95 -36.95 -10.59
C GLY A 176 -4.83 -37.88 -9.82
N LYS A 177 -6.05 -37.42 -9.53
CA LYS A 177 -7.07 -38.14 -8.75
C LYS A 177 -6.62 -38.31 -7.30
N ILE A 178 -7.49 -38.92 -6.50
CA ILE A 178 -7.15 -39.25 -5.14
C ILE A 178 -6.02 -40.28 -5.09
N SER A 179 -5.20 -40.20 -4.09
CA SER A 179 -4.08 -41.09 -3.97
C SER A 179 -4.55 -42.45 -3.43
N GLU A 180 -4.97 -43.31 -4.37
CA GLU A 180 -5.45 -44.68 -4.13
C GLU A 180 -6.81 -44.73 -3.41
N ALA A 181 -6.84 -44.22 -2.20
CA ALA A 181 -8.03 -44.30 -1.39
C ALA A 181 -8.36 -42.94 -0.82
N ASP A 182 -9.64 -42.67 -0.71
CA ASP A 182 -10.13 -41.44 -0.13
C ASP A 182 -10.37 -41.67 1.35
N LYS A 183 -10.65 -40.63 2.07
CA LYS A 183 -10.84 -40.69 3.51
C LYS A 183 -12.25 -40.22 3.87
N LYS A 184 -13.15 -40.22 2.91
CA LYS A 184 -14.46 -39.64 3.12
C LYS A 184 -15.59 -40.65 2.99
N LYS A 185 -15.28 -41.94 2.97
CA LYS A 185 -16.35 -42.95 2.84
C LYS A 185 -17.30 -42.90 4.04
N VAL A 186 -18.57 -43.03 3.79
CA VAL A 186 -19.55 -42.98 4.84
C VAL A 186 -20.01 -44.38 5.22
N LEU A 187 -20.68 -44.50 6.34
CA LEU A 187 -21.19 -45.77 6.80
C LEU A 187 -22.51 -46.06 6.14
N ASP A 188 -22.63 -47.24 5.59
CA ASP A 188 -23.83 -47.64 4.86
C ASP A 188 -24.74 -48.50 5.69
N LYS A 189 -24.18 -49.54 6.27
CA LYS A 189 -25.00 -50.53 6.90
C LYS A 189 -24.38 -51.04 8.19
N SMC A 190 -24.99 -50.71 9.28
CA SMC A 190 -24.62 -51.25 10.57
CB SMC A 190 -24.81 -50.20 11.66
SG SMC A 190 -23.89 -48.67 11.38
C SMC A 190 -25.54 -52.45 10.80
O SMC A 190 -26.78 -52.30 10.74
H SMC A 190 -25.72 -50.05 9.25
HA SMC A 190 -23.60 -51.59 10.52
HB2 SMC A 190 -24.46 -50.62 12.60
HB3 SMC A 190 -25.86 -49.96 11.74
N GLN A 191 -24.98 -53.61 11.02
CA GLN A 191 -25.80 -54.82 11.10
C GLN A 191 -26.03 -55.30 12.53
N GLU A 192 -25.74 -54.44 13.48
CA GLU A 192 -25.97 -54.78 14.87
C GLU A 192 -27.43 -54.50 15.18
N VAL A 193 -28.26 -55.47 14.89
CA VAL A 193 -29.70 -55.37 15.00
C VAL A 193 -30.15 -55.36 16.45
N ILE A 194 -29.44 -56.12 17.28
CA ILE A 194 -29.78 -56.27 18.69
C ILE A 194 -29.83 -54.92 19.44
N SER A 195 -31.03 -54.42 19.56
CA SER A 195 -31.28 -53.19 20.29
C SER A 195 -31.85 -53.52 21.67
N TRP A 196 -32.51 -54.66 21.75
CA TRP A 196 -33.12 -55.10 22.99
C TRP A 196 -32.12 -55.75 23.93
N LEU A 197 -31.39 -54.90 24.62
CA LEU A 197 -30.44 -55.29 25.65
C LEU A 197 -30.83 -54.63 26.96
N ASP A 198 -31.11 -53.33 26.88
CA ASP A 198 -31.44 -52.54 28.06
C ASP A 198 -32.81 -52.87 28.60
N ALA A 199 -32.91 -52.89 29.90
CA ALA A 199 -34.17 -53.10 30.58
C ALA A 199 -34.28 -52.10 31.73
N ASN A 200 -33.40 -51.14 31.72
CA ASN A 200 -33.32 -50.14 32.79
C ASN A 200 -34.26 -48.99 32.47
N THR A 201 -34.59 -48.86 31.21
CA THR A 201 -35.51 -47.84 30.75
C THR A 201 -36.96 -48.21 31.15
N LEU A 202 -37.29 -47.96 32.41
CA LEU A 202 -38.60 -48.20 32.99
C LEU A 202 -38.62 -47.63 34.39
N ALA A 203 -39.22 -46.47 34.54
CA ALA A 203 -39.35 -45.84 35.84
C ALA A 203 -40.50 -46.48 36.59
N GLU A 204 -41.67 -46.32 36.05
CA GLU A 204 -42.90 -46.90 36.53
C GLU A 204 -43.79 -47.02 35.34
N LYS A 205 -44.54 -48.06 35.25
CA LYS A 205 -45.38 -48.22 34.12
C LYS A 205 -46.77 -47.67 34.35
N ASP A 206 -47.12 -46.64 33.64
CA ASP A 206 -48.45 -46.13 33.71
C ASP A 206 -49.25 -46.80 32.62
N GLU A 207 -49.67 -48.00 32.92
CA GLU A 207 -50.46 -48.80 32.03
C GLU A 207 -51.63 -49.33 32.81
N PHE A 208 -51.29 -50.05 33.87
CA PHE A 208 -52.24 -50.65 34.79
C PHE A 208 -53.22 -51.51 34.06
N GLU A 209 -52.76 -52.67 33.71
CA GLU A 209 -53.54 -53.60 32.97
C GLU A 209 -54.19 -54.54 33.94
N HIS A 210 -55.47 -54.75 33.77
CA HIS A 210 -56.25 -55.60 34.66
C HIS A 210 -55.69 -57.03 34.62
N LYS A 211 -55.60 -57.58 33.44
CA LYS A 211 -54.96 -58.85 33.24
C LYS A 211 -54.36 -58.81 31.86
N ARG A 212 -53.32 -57.99 31.80
CA ARG A 212 -52.62 -57.57 30.59
C ARG A 212 -53.60 -57.24 29.43
N LYS A 213 -53.70 -58.12 28.46
CA LYS A 213 -54.56 -57.97 27.29
C LYS A 213 -54.85 -59.35 26.73
N GLU A 214 -54.71 -60.34 27.57
CA GLU A 214 -54.86 -61.70 27.14
C GLU A 214 -55.38 -62.50 28.32
N LEU A 215 -55.94 -63.65 28.05
CA LEU A 215 -56.53 -64.48 29.08
C LEU A 215 -56.40 -65.92 28.64
N GLU A 216 -56.34 -66.85 29.62
CA GLU A 216 -56.28 -68.28 29.37
C GLU A 216 -54.95 -68.66 28.71
N GLN A 217 -53.95 -68.85 29.53
CA GLN A 217 -52.64 -69.16 29.04
C GLN A 217 -52.46 -70.66 29.00
N VAL A 218 -52.50 -71.19 27.80
CA VAL A 218 -52.30 -72.60 27.54
C VAL A 218 -51.50 -72.79 26.26
N SMC A 219 -50.20 -73.01 26.40
CA SMC A 219 -49.36 -73.30 25.24
CB SMC A 219 -47.88 -73.14 25.60
SG SMC A 219 -47.29 -74.26 26.88
C SMC A 219 -49.68 -74.72 24.77
O SMC A 219 -49.56 -75.06 23.59
H SMC A 219 -49.81 -72.97 27.30
HA SMC A 219 -49.64 -72.61 24.46
HB2 SMC A 219 -47.71 -72.13 25.93
HB3 SMC A 219 -47.29 -73.31 24.70
N ASN A 220 -50.10 -75.51 25.73
CA ASN A 220 -50.57 -76.86 25.55
C ASN A 220 -51.62 -77.05 26.61
N PRO A 221 -52.89 -77.32 26.23
CA PRO A 221 -54.00 -77.54 27.19
C PRO A 221 -53.62 -78.51 28.30
N ILE A 222 -52.97 -79.58 27.94
CA ILE A 222 -52.53 -80.57 28.89
C ILE A 222 -51.05 -80.39 29.18
N ILE A 223 -50.74 -79.65 30.22
CA ILE A 223 -49.37 -79.52 30.68
C ILE A 223 -49.02 -80.75 31.51
N SER A 224 -50.02 -81.22 32.22
CA SER A 224 -49.96 -82.38 33.04
C SER A 224 -51.40 -82.68 33.44
N GLY A 225 -51.64 -83.81 34.04
CA GLY A 225 -52.96 -84.19 34.43
C GLY A 225 -52.95 -85.54 35.05
N LEU A 226 -54.07 -86.26 34.96
CA LEU A 226 -54.24 -87.61 35.52
C LEU A 226 -54.06 -87.60 37.03
N TYR A 227 -54.51 -86.54 37.64
CA TYR A 227 -54.36 -86.40 39.06
C TYR A 227 -55.54 -87.00 39.79
N GLN A 228 -55.25 -87.61 40.91
CA GLN A 228 -56.25 -88.16 41.77
C GLN A 228 -56.05 -87.52 43.12
N GLY A 229 -56.79 -86.46 43.35
CA GLY A 229 -56.65 -85.72 44.58
C GLY A 229 -55.54 -84.70 44.46
N ALA A 230 -54.32 -85.19 44.48
CA ALA A 230 -53.15 -84.38 44.32
C ALA A 230 -52.28 -85.00 43.23
N GLY A 231 -51.71 -86.15 43.52
CA GLY A 231 -50.90 -86.83 42.55
C GLY A 231 -50.04 -87.91 43.16
N GLY A 232 -50.62 -88.69 44.03
CA GLY A 232 -49.92 -89.77 44.67
C GLY A 232 -50.87 -90.71 45.37
N PRO A 233 -50.38 -91.82 45.97
CA PRO A 233 -51.22 -92.77 46.73
C PRO A 233 -51.91 -92.08 47.92
N GLY A 234 -53.12 -92.50 48.22
CA GLY A 234 -53.92 -91.86 49.24
C GLY A 234 -53.75 -92.49 50.61
N PRO A 235 -53.21 -91.73 51.59
CA PRO A 235 -52.99 -92.21 52.98
C PRO A 235 -54.27 -92.74 53.65
N GLY A 236 -54.11 -93.74 54.46
CA GLY A 236 -55.21 -94.31 55.15
C GLY A 236 -54.78 -94.87 56.48
N GLY A 237 -54.59 -96.16 56.54
CA GLY A 237 -54.22 -96.81 57.78
C GLY A 237 -55.46 -97.21 58.55
N PHE A 238 -56.54 -97.33 57.81
CA PHE A 238 -57.83 -97.65 58.33
C PHE A 238 -58.14 -99.11 58.01
N GLY A 239 -58.79 -99.79 58.93
CA GLY A 239 -59.11 -101.17 58.72
C GLY A 239 -60.59 -101.39 58.91
N ALA A 240 -60.95 -102.59 59.29
CA ALA A 240 -62.34 -102.91 59.52
C ALA A 240 -62.76 -102.34 60.85
N GLN A 241 -63.57 -101.32 60.80
CA GLN A 241 -64.08 -100.70 61.99
C GLN A 241 -65.45 -101.30 62.32
N GLY A 242 -66.11 -101.77 61.30
CA GLY A 242 -67.40 -102.39 61.47
C GLY A 242 -68.50 -101.44 61.05
N PRO A 243 -68.99 -101.55 59.81
CA PRO A 243 -70.03 -100.64 59.28
C PRO A 243 -71.32 -100.65 60.11
N LYS A 244 -71.63 -99.53 60.71
CA LYS A 244 -72.85 -99.39 61.47
C LYS A 244 -73.81 -98.39 60.83
N GLY A 245 -73.32 -97.74 59.79
CA GLY A 245 -74.17 -96.85 59.02
C GLY A 245 -74.52 -97.50 57.70
N GLY A 246 -73.98 -98.67 57.52
CA GLY A 246 -74.19 -99.43 56.33
C GLY A 246 -74.22 -100.89 56.69
N SER A 247 -74.85 -101.69 55.88
CA SER A 247 -74.94 -103.09 56.14
C SER A 247 -73.74 -103.84 55.58
N GLY A 248 -73.25 -104.79 56.37
CA GLY A 248 -72.14 -105.60 55.98
C GLY A 248 -72.58 -106.73 55.08
N SER A 249 -71.80 -107.80 55.05
CA SER A 249 -72.02 -109.02 54.22
C SER A 249 -71.96 -108.78 52.69
N GLY A 250 -72.44 -107.64 52.23
CA GLY A 250 -72.45 -107.35 50.82
C GLY A 250 -72.18 -105.88 50.52
N PRO A 251 -73.12 -104.96 50.86
CA PRO A 251 -72.99 -103.53 50.54
C PRO A 251 -71.70 -102.85 51.07
N THR A 252 -71.53 -102.83 52.37
CA THR A 252 -70.37 -102.19 52.94
C THR A 252 -69.59 -103.20 53.75
N ILE A 253 -68.39 -103.50 53.31
CA ILE A 253 -67.58 -104.49 53.98
C ILE A 253 -66.20 -103.94 54.32
N GLU A 254 -65.44 -103.58 53.30
CA GLU A 254 -64.07 -103.08 53.47
C GLU A 254 -63.80 -102.07 52.39
N GLU A 255 -63.87 -102.53 51.15
CA GLU A 255 -63.61 -101.70 50.02
C GLU A 255 -64.50 -102.15 48.87
N VAL A 256 -65.27 -101.24 48.35
CA VAL A 256 -66.08 -101.50 47.19
C VAL A 256 -65.65 -100.63 46.02
N ASP A 257 -66.08 -99.40 45.97
CA ASP A 257 -65.71 -98.51 44.92
C ASP A 257 -65.57 -97.13 45.46
N SER A 1 -18.89 5.44 33.20
CA SER A 1 -19.98 5.31 32.26
C SER A 1 -19.39 5.23 30.84
N GLU A 2 -20.20 5.45 29.83
CA GLU A 2 -19.75 5.29 28.45
C GLU A 2 -19.19 6.60 27.87
N ASN A 3 -19.04 7.61 28.72
CA ASN A 3 -18.56 8.93 28.25
C ASN A 3 -17.06 8.96 28.19
N VAL A 4 -16.44 7.82 28.41
CA VAL A 4 -15.01 7.68 28.23
C VAL A 4 -14.68 7.93 26.77
N GLN A 5 -15.58 7.51 25.89
CA GLN A 5 -15.48 7.80 24.51
C GLN A 5 -16.38 8.97 24.19
N ASP A 6 -15.90 10.13 24.51
CA ASP A 6 -16.63 11.35 24.26
C ASP A 6 -16.24 11.89 22.91
N LEU A 7 -15.00 12.28 22.77
CA LEU A 7 -14.51 12.76 21.52
C LEU A 7 -13.04 12.40 21.34
N LEU A 8 -12.81 11.21 20.85
CA LEU A 8 -11.46 10.74 20.57
C LEU A 8 -11.26 10.63 19.07
N LEU A 9 -12.36 10.46 18.36
CA LEU A 9 -12.32 10.37 16.93
C LEU A 9 -12.29 11.76 16.32
N LEU A 10 -11.09 12.28 16.22
CA LEU A 10 -10.85 13.59 15.66
C LEU A 10 -10.39 13.45 14.22
N ASP A 11 -10.12 14.56 13.57
CA ASP A 11 -9.63 14.55 12.20
C ASP A 11 -8.15 14.32 12.18
N VAL A 12 -7.81 13.15 12.58
CA VAL A 12 -6.45 12.70 12.62
C VAL A 12 -6.34 11.48 11.73
N ALA A 13 -5.18 10.91 11.71
CA ALA A 13 -4.98 9.66 11.03
C ALA A 13 -5.20 8.57 12.05
N PRO A 14 -6.29 7.78 11.96
CA PRO A 14 -6.58 6.73 12.94
C PRO A 14 -5.55 5.60 12.91
N LEU A 15 -4.98 5.42 11.76
CA LEU A 15 -4.00 4.43 11.53
C LEU A 15 -2.81 5.07 10.84
N SER A 16 -1.67 4.45 10.98
CA SER A 16 -0.46 4.99 10.43
C SER A 16 -0.40 4.74 8.92
N LEU A 17 0.09 5.71 8.19
CA LEU A 17 0.25 5.57 6.77
C LEU A 17 1.69 5.20 6.52
N GLY A 18 1.91 4.19 5.74
CA GLY A 18 3.24 3.75 5.54
C GLY A 18 3.46 2.99 4.28
N LEU A 19 4.67 2.52 4.14
CA LEU A 19 5.11 1.78 3.00
C LEU A 19 5.52 0.41 3.41
N GLU A 20 5.37 -0.51 2.51
CA GLU A 20 5.87 -1.86 2.71
C GLU A 20 7.30 -1.90 2.20
N THR A 21 8.24 -2.01 3.09
CA THR A 21 9.62 -2.06 2.73
C THR A 21 10.08 -3.51 2.49
N ALA A 22 11.29 -3.68 2.00
CA ALA A 22 11.82 -4.98 1.62
C ALA A 22 11.90 -5.91 2.83
N GLY A 23 11.07 -6.92 2.83
CA GLY A 23 11.05 -7.86 3.91
C GLY A 23 9.68 -7.96 4.53
N GLY A 24 8.80 -7.05 4.11
CA GLY A 24 7.45 -7.04 4.60
C GLY A 24 7.31 -6.21 5.84
N VAL A 25 8.26 -5.35 6.06
CA VAL A 25 8.27 -4.50 7.23
C VAL A 25 7.37 -3.30 6.97
N MET A 26 6.55 -2.95 7.92
CA MET A 26 5.73 -1.78 7.75
C MET A 26 6.46 -0.57 8.26
N THR A 27 6.82 0.29 7.36
CA THR A 27 7.49 1.49 7.74
C THR A 27 6.53 2.64 7.52
N ALA A 28 6.08 3.24 8.57
CA ALA A 28 5.09 4.28 8.50
C ALA A 28 5.73 5.63 8.55
N LEU A 29 5.30 6.51 7.70
CA LEU A 29 5.80 7.86 7.70
C LEU A 29 4.93 8.69 8.60
N ILE A 30 3.64 8.58 8.39
CA ILE A 30 2.69 9.29 9.20
C ILE A 30 2.19 8.35 10.26
N LYS A 31 2.51 8.67 11.49
CA LYS A 31 2.11 7.86 12.60
C LYS A 31 0.66 8.19 12.95
N ARG A 32 -0.07 7.17 13.31
CA ARG A 32 -1.45 7.32 13.72
C ARG A 32 -1.58 8.23 14.92
N ASN A 33 -2.75 8.83 15.03
CA ASN A 33 -3.14 9.77 16.10
C ASN A 33 -2.59 11.16 15.84
N SER A 34 -1.94 11.34 14.71
CA SER A 34 -1.46 12.64 14.32
C SER A 34 -2.54 13.31 13.49
N THR A 35 -2.75 14.56 13.76
CA THR A 35 -3.78 15.34 13.14
C THR A 35 -3.43 15.67 11.70
N ILE A 36 -4.44 15.69 10.84
CA ILE A 36 -4.26 16.05 9.47
C ILE A 36 -4.69 17.52 9.31
N PRO A 37 -4.17 18.27 8.33
CA PRO A 37 -3.19 17.80 7.31
C PRO A 37 -1.88 17.35 7.92
N THR A 38 -1.29 16.35 7.35
CA THR A 38 -0.03 15.89 7.79
C THR A 38 0.87 15.79 6.57
N LYS A 39 2.13 16.08 6.76
CA LYS A 39 3.09 16.01 5.71
C LYS A 39 4.39 15.48 6.29
N GLN A 40 4.76 14.30 5.87
CA GLN A 40 5.94 13.67 6.38
C GLN A 40 6.82 13.21 5.23
N THR A 41 8.04 13.64 5.26
CA THR A 41 9.01 13.26 4.30
C THR A 41 10.02 12.33 4.97
N GLN A 42 10.36 11.24 4.32
CA GLN A 42 11.41 10.32 4.77
C GLN A 42 12.20 9.85 3.57
N ILE A 43 13.42 9.44 3.78
CA ILE A 43 14.27 9.01 2.71
C ILE A 43 14.32 7.49 2.65
N PHE A 44 14.08 6.97 1.48
CA PHE A 44 14.13 5.56 1.23
C PHE A 44 15.22 5.26 0.21
N THR A 45 15.58 4.01 0.08
CA THR A 45 16.70 3.60 -0.74
C THR A 45 16.48 2.21 -1.35
N THR A 46 17.34 1.83 -2.25
CA THR A 46 17.35 0.52 -2.84
C THR A 46 18.51 -0.29 -2.21
N TYR A 47 18.53 -1.61 -2.39
CA TYR A 47 19.76 -2.41 -2.09
C TYR A 47 20.51 -2.58 -3.40
N SER A 48 19.82 -2.29 -4.44
CA SER A 48 20.21 -2.53 -5.77
C SER A 48 20.83 -1.31 -6.44
N ASP A 49 21.22 -1.55 -7.67
CA ASP A 49 21.80 -0.59 -8.58
C ASP A 49 21.13 -0.83 -9.93
N ASN A 50 20.72 0.26 -10.58
CA ASN A 50 20.06 0.22 -11.93
C ASN A 50 18.64 -0.35 -11.94
N GLN A 51 18.06 -0.65 -10.79
CA GLN A 51 16.75 -1.23 -10.67
C GLN A 51 15.65 -0.42 -11.44
N PRO A 52 14.86 -1.10 -12.28
CA PRO A 52 13.83 -0.45 -13.06
C PRO A 52 12.55 -0.17 -12.25
N GLY A 53 12.58 0.89 -11.47
CA GLY A 53 11.42 1.27 -10.73
C GLY A 53 11.41 0.76 -9.33
N VAL A 54 11.13 1.63 -8.41
CA VAL A 54 10.95 1.22 -7.04
C VAL A 54 9.48 1.27 -6.70
N LEU A 55 9.01 0.20 -6.16
CA LEU A 55 7.63 0.02 -5.83
C LEU A 55 7.27 0.65 -4.50
N ILE A 56 6.48 1.68 -4.58
CA ILE A 56 6.02 2.40 -3.43
C ILE A 56 4.61 1.90 -3.08
N GLN A 57 4.50 1.11 -2.03
CA GLN A 57 3.22 0.56 -1.61
C GLN A 57 2.71 1.28 -0.39
N VAL A 58 1.58 1.92 -0.53
CA VAL A 58 0.98 2.74 0.50
C VAL A 58 -0.08 1.95 1.27
N TYR A 59 0.11 1.84 2.57
CA TYR A 59 -0.82 1.15 3.43
C TYR A 59 -1.25 2.04 4.57
N GLU A 60 -2.40 1.72 5.11
CA GLU A 60 -2.89 2.35 6.32
C GLU A 60 -3.14 1.26 7.35
N GLY A 61 -2.64 1.47 8.53
CA GLY A 61 -2.80 0.53 9.60
C GLY A 61 -1.58 0.50 10.44
N GLU A 62 -1.38 -0.62 11.11
CA GLU A 62 -0.17 -0.97 11.79
C GLU A 62 -0.12 -2.43 12.08
N ARG A 63 1.02 -2.96 11.79
CA ARG A 63 1.43 -4.30 12.09
C ARG A 63 2.93 -4.28 12.05
N ALA A 64 3.53 -5.32 12.48
CA ALA A 64 4.94 -5.48 12.39
C ALA A 64 5.29 -5.78 10.95
N MET A 65 4.57 -6.72 10.39
CA MET A 65 4.72 -7.08 9.02
C MET A 65 3.46 -6.80 8.27
N THR A 66 3.61 -6.00 7.25
CA THR A 66 2.55 -5.51 6.42
C THR A 66 1.81 -6.67 5.74
N LYS A 67 0.59 -6.93 6.17
CA LYS A 67 -0.22 -7.99 5.59
C LYS A 67 -1.67 -7.84 6.04
N ASP A 68 -1.87 -7.43 7.28
CA ASP A 68 -3.23 -7.31 7.88
C ASP A 68 -3.73 -5.91 7.69
N ASN A 69 -2.96 -5.13 6.99
CA ASN A 69 -3.23 -3.72 6.84
C ASN A 69 -3.86 -3.45 5.50
N ASN A 70 -4.33 -2.25 5.33
CA ASN A 70 -5.11 -1.89 4.18
C ASN A 70 -4.26 -1.16 3.15
N LEU A 71 -4.25 -1.69 1.95
CA LEU A 71 -3.49 -1.11 0.85
C LEU A 71 -4.30 -0.01 0.19
N LEU A 72 -3.72 1.17 0.12
CA LEU A 72 -4.38 2.32 -0.50
C LEU A 72 -3.94 2.47 -1.94
N GLY A 73 -2.80 1.94 -2.27
CA GLY A 73 -2.33 2.01 -3.62
C GLY A 73 -0.86 1.73 -3.73
N ARG A 74 -0.36 1.70 -4.93
CA ARG A 74 1.03 1.46 -5.21
C ARG A 74 1.39 2.10 -6.53
N PHE A 75 2.62 2.49 -6.67
CA PHE A 75 3.13 3.03 -7.89
C PHE A 75 4.62 2.80 -7.92
N GLU A 76 5.21 2.81 -9.08
CA GLU A 76 6.62 2.62 -9.17
C GLU A 76 7.27 3.89 -9.63
N LEU A 77 8.33 4.27 -8.98
CA LEU A 77 9.15 5.38 -9.42
C LEU A 77 10.14 4.79 -10.39
N SER A 78 9.94 5.06 -11.64
CA SER A 78 10.63 4.39 -12.73
C SER A 78 12.13 4.67 -12.85
N GLY A 79 12.88 3.57 -12.86
CA GLY A 79 14.33 3.52 -13.10
C GLY A 79 15.18 4.53 -12.36
N ILE A 80 15.76 4.14 -11.23
CA ILE A 80 16.66 5.02 -10.56
C ILE A 80 18.01 4.93 -11.31
N PRO A 81 18.87 5.96 -11.25
CA PRO A 81 20.15 6.00 -11.96
C PRO A 81 21.10 4.85 -11.56
N PRO A 82 22.12 4.55 -12.40
CA PRO A 82 23.15 3.56 -12.09
C PRO A 82 24.04 3.99 -10.91
N ALA A 83 23.48 3.93 -9.75
CA ALA A 83 24.14 4.24 -8.54
C ALA A 83 23.82 3.14 -7.54
N PRO A 84 24.79 2.73 -6.70
CA PRO A 84 24.59 1.65 -5.74
C PRO A 84 23.71 2.07 -4.56
N ARG A 85 23.27 1.08 -3.80
CA ARG A 85 22.41 1.25 -2.63
C ARG A 85 22.89 2.36 -1.71
N GLY A 86 22.02 3.29 -1.45
CA GLY A 86 22.35 4.38 -0.57
C GLY A 86 22.48 5.68 -1.30
N VAL A 87 22.87 5.61 -2.56
CA VAL A 87 23.02 6.80 -3.36
C VAL A 87 21.66 7.33 -3.89
N PRO A 88 20.79 6.49 -4.55
CA PRO A 88 19.51 6.96 -5.02
C PRO A 88 18.57 7.20 -3.85
N GLN A 89 18.54 8.42 -3.39
CA GLN A 89 17.70 8.81 -2.31
C GLN A 89 16.30 9.00 -2.80
N ILE A 90 15.42 8.16 -2.37
CA ILE A 90 14.06 8.27 -2.73
C ILE A 90 13.38 9.10 -1.66
N GLU A 91 13.03 10.29 -1.99
CA GLU A 91 12.39 11.17 -1.06
C GLU A 91 10.90 10.98 -1.16
N VAL A 92 10.34 10.34 -0.19
CA VAL A 92 8.94 10.06 -0.19
C VAL A 92 8.26 11.00 0.78
N THR A 93 7.21 11.61 0.34
CA THR A 93 6.45 12.47 1.16
C THR A 93 4.98 12.13 1.07
N PHE A 94 4.40 11.94 2.22
CA PHE A 94 2.99 11.72 2.36
C PHE A 94 2.37 13.01 2.85
N ASP A 95 1.57 13.63 2.04
CA ASP A 95 0.87 14.81 2.48
C ASP A 95 -0.61 14.72 2.29
N ILE A 96 -1.31 14.91 3.37
CA ILE A 96 -2.75 14.85 3.44
C ILE A 96 -3.24 16.26 3.58
N ASP A 97 -4.37 16.56 3.00
CA ASP A 97 -4.98 17.88 3.14
C ASP A 97 -6.07 17.78 4.24
N ALA A 98 -7.00 18.74 4.25
CA ALA A 98 -8.09 18.72 5.21
C ALA A 98 -9.19 17.71 4.83
N ASN A 99 -9.36 17.44 3.52
CA ASN A 99 -10.39 16.50 3.03
C ASN A 99 -9.99 15.05 3.24
N GLY A 100 -8.71 14.81 3.23
CA GLY A 100 -8.22 13.47 3.39
C GLY A 100 -7.66 12.95 2.11
N ILE A 101 -7.16 13.84 1.31
CA ILE A 101 -6.52 13.54 0.08
C ILE A 101 -5.06 13.29 0.38
N LEU A 102 -4.63 12.10 0.13
CA LEU A 102 -3.27 11.73 0.39
C LEU A 102 -2.48 11.78 -0.88
N ASN A 103 -1.48 12.62 -0.89
CA ASN A 103 -0.57 12.71 -1.99
C ASN A 103 0.74 12.11 -1.60
N VAL A 104 0.99 10.94 -2.10
CA VAL A 104 2.24 10.28 -1.88
C VAL A 104 3.14 10.60 -3.03
N THR A 105 4.19 11.31 -2.75
CA THR A 105 5.12 11.72 -3.75
C THR A 105 6.47 11.04 -3.51
N ALA A 106 6.95 10.35 -4.52
CA ALA A 106 8.26 9.73 -4.45
C ALA A 106 9.17 10.47 -5.41
N THR A 107 10.19 11.07 -4.89
CA THR A 107 11.12 11.84 -5.68
C THR A 107 12.49 11.16 -5.73
N ASP A 108 12.98 10.98 -6.92
CA ASP A 108 14.31 10.47 -7.16
C ASP A 108 15.24 11.66 -7.02
N LYS A 109 15.89 11.77 -5.90
CA LYS A 109 16.76 12.93 -5.64
C LYS A 109 18.01 12.98 -6.52
N SER A 110 18.32 11.91 -7.18
CA SER A 110 19.51 11.85 -7.98
C SER A 110 19.27 12.50 -9.36
N THR A 111 18.18 12.13 -9.99
CA THR A 111 17.85 12.64 -11.30
C THR A 111 16.79 13.76 -11.27
N GLY A 112 15.95 13.75 -10.26
CA GLY A 112 15.00 14.84 -10.08
C GLY A 112 13.57 14.51 -10.48
N LYS A 113 13.31 13.32 -11.01
CA LYS A 113 11.93 13.01 -11.40
C LYS A 113 11.14 12.52 -10.20
N ALA A 114 9.87 12.82 -10.21
CA ALA A 114 9.01 12.48 -9.10
C ALA A 114 7.65 12.07 -9.59
N ASN A 115 7.05 11.15 -8.90
CA ASN A 115 5.74 10.69 -9.22
C ASN A 115 4.88 10.75 -7.99
N LYS A 116 3.73 11.34 -8.13
CA LYS A 116 2.82 11.49 -7.04
C LYS A 116 1.48 10.86 -7.34
N ILE A 117 0.94 10.15 -6.39
CA ILE A 117 -0.40 9.64 -6.52
C ILE A 117 -1.29 10.42 -5.62
N THR A 118 -2.43 10.75 -6.12
CA THR A 118 -3.38 11.49 -5.39
C THR A 118 -4.54 10.59 -5.01
N ILE A 119 -4.67 10.32 -3.75
CA ILE A 119 -5.71 9.47 -3.24
C ILE A 119 -6.78 10.33 -2.60
N THR A 120 -7.82 10.60 -3.34
CA THR A 120 -8.90 11.42 -2.86
C THR A 120 -9.98 10.55 -2.25
N ASN A 121 -10.00 10.50 -0.92
CA ASN A 121 -11.00 9.74 -0.13
C ASN A 121 -11.27 8.36 -0.70
N ASP A 122 -10.33 7.50 -0.52
CA ASP A 122 -10.43 6.13 -0.99
C ASP A 122 -10.11 5.28 0.19
N LYS A 123 -10.84 4.22 0.40
CA LYS A 123 -10.62 3.45 1.59
C LYS A 123 -9.83 2.18 1.30
N GLY A 124 -9.21 2.12 0.15
CA GLY A 124 -8.32 1.04 -0.15
C GLY A 124 -9.00 -0.25 -0.53
N ARG A 125 -8.65 -1.30 0.19
CA ARG A 125 -9.16 -2.64 -0.09
C ARG A 125 -9.99 -3.18 1.06
N LEU A 126 -9.69 -2.75 2.26
CA LEU A 126 -10.38 -3.25 3.44
C LEU A 126 -11.50 -2.29 3.88
N SER A 127 -12.58 -2.85 4.33
CA SER A 127 -13.73 -2.10 4.75
C SER A 127 -13.56 -1.59 6.18
N LYS A 128 -14.48 -0.72 6.62
CA LYS A 128 -14.40 -0.06 7.92
C LYS A 128 -14.30 -1.05 9.09
N GLU A 129 -14.93 -2.21 8.96
CA GLU A 129 -14.91 -3.22 10.01
C GLU A 129 -13.50 -3.82 10.16
N GLU A 130 -12.86 -4.08 9.03
CA GLU A 130 -11.50 -4.62 9.04
C GLU A 130 -10.55 -3.54 9.56
N ILE A 131 -10.87 -2.30 9.22
CA ILE A 131 -10.11 -1.16 9.66
C ILE A 131 -10.19 -1.00 11.18
N GLU A 132 -11.41 -0.98 11.73
CA GLU A 132 -11.57 -0.86 13.19
C GLU A 132 -10.98 -2.07 13.88
N ARG A 133 -11.02 -3.23 13.22
CA ARG A 133 -10.39 -4.40 13.76
C ARG A 133 -8.90 -4.23 13.89
N MET A 134 -8.25 -3.72 12.86
CA MET A 134 -6.81 -3.54 12.95
C MET A 134 -6.41 -2.41 13.88
N VAL A 135 -7.33 -1.47 14.16
CA VAL A 135 -7.09 -0.46 15.18
C VAL A 135 -6.95 -1.18 16.53
N GLN A 136 -7.91 -2.04 16.80
CA GLN A 136 -7.95 -2.81 18.04
C GLN A 136 -6.80 -3.82 18.09
N GLU A 137 -6.44 -4.37 16.93
CA GLU A 137 -5.30 -5.29 16.83
C GLU A 137 -4.02 -4.58 17.19
N ALA A 138 -3.82 -3.38 16.64
CA ALA A 138 -2.64 -2.60 16.90
C ALA A 138 -2.58 -2.18 18.35
N GLU A 139 -3.75 -2.01 18.94
CA GLU A 139 -3.86 -1.65 20.33
C GLU A 139 -3.57 -2.80 21.26
N LYS A 140 -4.13 -3.94 20.98
CA LYS A 140 -3.92 -5.11 21.80
C LYS A 140 -2.52 -5.67 21.62
N TYR A 141 -2.11 -5.79 20.39
CA TYR A 141 -0.87 -6.48 20.06
C TYR A 141 0.31 -5.53 19.87
N LYS A 142 0.23 -4.32 20.47
CA LYS A 142 1.35 -3.34 20.45
C LYS A 142 2.66 -4.03 20.73
N ALA A 143 2.74 -4.68 21.89
CA ALA A 143 3.93 -5.37 22.36
C ALA A 143 4.44 -6.42 21.37
N GLU A 144 3.54 -7.09 20.73
CA GLU A 144 3.88 -8.13 19.79
C GLU A 144 4.45 -7.56 18.54
N ASP A 145 3.73 -6.65 17.95
CA ASP A 145 4.13 -6.07 16.70
C ASP A 145 5.35 -5.17 16.84
N GLU A 146 5.51 -4.49 17.99
CA GLU A 146 6.68 -3.65 18.19
C GLU A 146 7.94 -4.51 18.28
N VAL A 147 7.85 -5.63 19.01
CA VAL A 147 8.98 -6.53 19.12
C VAL A 147 9.27 -7.19 17.77
N GLN A 148 8.21 -7.60 17.08
CA GLN A 148 8.36 -8.24 15.78
C GLN A 148 9.00 -7.32 14.74
N ARG A 149 8.57 -6.06 14.66
CA ARG A 149 9.16 -5.13 13.68
C ARG A 149 10.62 -4.83 14.00
N GLU A 150 10.97 -4.84 15.28
CA GLU A 150 12.34 -4.59 15.69
C GLU A 150 13.22 -5.85 15.53
N ARG A 151 12.60 -7.03 15.54
CA ARG A 151 13.32 -8.28 15.30
C ARG A 151 13.94 -8.28 13.93
N VAL A 152 13.19 -7.78 12.99
CA VAL A 152 13.64 -7.67 11.64
C VAL A 152 14.44 -6.36 11.54
N SER A 153 15.47 -6.35 10.72
CA SER A 153 16.26 -5.15 10.51
C SER A 153 15.34 -4.01 10.02
N ALA A 154 15.57 -2.79 10.49
CA ALA A 154 14.76 -1.67 10.06
C ALA A 154 15.20 -1.23 8.67
N LYS A 155 14.40 -1.58 7.69
CA LYS A 155 14.66 -1.26 6.30
C LYS A 155 14.12 0.10 5.94
N ASN A 156 14.92 0.85 5.27
CA ASN A 156 14.49 2.05 4.57
C ASN A 156 14.70 1.81 3.11
N ALA A 157 14.75 0.56 2.79
CA ALA A 157 14.95 0.09 1.45
C ALA A 157 13.77 -0.75 1.05
N LEU A 158 13.33 -0.60 -0.17
CA LEU A 158 12.20 -1.37 -0.63
C LEU A 158 12.64 -2.26 -1.76
N GLU A 159 12.01 -3.39 -1.90
CA GLU A 159 12.32 -4.28 -2.99
C GLU A 159 11.32 -4.01 -4.06
N SER A 160 11.60 -4.45 -5.24
CA SER A 160 10.68 -4.36 -6.32
C SER A 160 10.99 -5.47 -7.26
N TYR A 161 10.35 -6.60 -7.03
CA TYR A 161 10.49 -7.79 -7.85
C TYR A 161 11.81 -8.49 -7.53
N ALA A 162 11.73 -9.39 -6.53
CA ALA A 162 12.84 -10.21 -6.01
C ALA A 162 13.66 -9.49 -4.93
N PHE A 163 14.02 -10.22 -3.91
CA PHE A 163 14.72 -9.69 -2.77
C PHE A 163 16.22 -9.77 -2.95
N ASN A 164 16.77 -8.78 -3.67
CA ASN A 164 18.22 -8.61 -3.90
C ASN A 164 18.77 -9.68 -4.88
N MET A 165 19.85 -9.35 -5.58
CA MET A 165 20.43 -10.30 -6.54
C MET A 165 21.86 -10.64 -6.16
N LYS A 166 22.26 -10.27 -4.97
CA LYS A 166 23.59 -10.55 -4.48
C LYS A 166 23.50 -11.35 -3.20
N SER A 167 24.64 -11.72 -2.66
CA SER A 167 24.68 -12.43 -1.42
C SER A 167 24.82 -11.40 -0.30
N ALA A 168 23.73 -11.14 0.39
CA ALA A 168 23.74 -10.19 1.47
C ALA A 168 24.37 -10.81 2.71
N VAL A 169 25.66 -10.67 2.80
CA VAL A 169 26.43 -11.17 3.92
C VAL A 169 26.75 -10.04 4.88
N GLU A 170 27.06 -10.38 6.09
CA GLU A 170 27.35 -9.39 7.10
C GLU A 170 28.65 -9.71 7.84
N ASP A 171 29.72 -9.16 7.31
CA ASP A 171 31.06 -9.35 7.86
C ASP A 171 31.28 -8.43 9.04
N GLU A 172 30.77 -7.19 8.89
CA GLU A 172 30.88 -6.12 9.89
C GLU A 172 32.33 -5.69 10.10
N GLY A 173 33.04 -6.44 10.92
CA GLY A 173 34.43 -6.18 11.20
C GLY A 173 34.63 -4.87 11.94
N LEU A 174 35.64 -4.12 11.49
CA LEU A 174 36.06 -2.81 12.05
C LEU A 174 36.74 -2.96 13.41
N LYS A 175 36.94 -4.20 13.81
CA LYS A 175 37.53 -4.53 15.08
C LYS A 175 38.70 -5.47 14.86
N GLY A 176 39.55 -5.56 15.84
CA GLY A 176 40.67 -6.46 15.75
C GLY A 176 41.89 -5.80 15.17
N LYS A 177 42.21 -4.62 15.68
CA LYS A 177 43.37 -3.87 15.23
C LYS A 177 43.77 -2.88 16.31
N ILE A 178 44.90 -2.24 16.12
CA ILE A 178 45.45 -1.29 17.07
C ILE A 178 46.02 -0.07 16.35
N SER A 179 46.65 0.82 17.15
CA SER A 179 47.31 2.07 16.70
C SER A 179 46.34 3.26 16.59
N GLU A 180 45.11 3.08 17.03
CA GLU A 180 44.14 4.17 17.03
C GLU A 180 44.34 5.04 18.25
N ALA A 181 44.21 4.43 19.40
CA ALA A 181 44.37 5.11 20.65
C ALA A 181 45.38 4.35 21.48
N ASP A 182 46.59 4.84 21.46
CA ASP A 182 47.67 4.21 22.19
C ASP A 182 47.94 5.02 23.43
N LYS A 183 48.63 4.45 24.41
CA LYS A 183 48.96 5.21 25.63
C LYS A 183 49.99 6.28 25.33
N LYS A 184 51.05 5.88 24.67
CA LYS A 184 52.08 6.80 24.31
C LYS A 184 52.60 6.43 22.94
N LYS A 185 52.12 7.10 21.95
CA LYS A 185 52.56 6.85 20.62
C LYS A 185 52.95 8.15 19.96
N VAL A 186 54.19 8.51 20.12
CA VAL A 186 54.76 9.69 19.49
C VAL A 186 55.85 9.26 18.52
N LEU A 187 55.99 7.96 18.43
CA LEU A 187 56.97 7.31 17.60
C LEU A 187 56.17 6.50 16.60
N ASP A 188 56.70 6.28 15.40
CA ASP A 188 55.99 5.49 14.42
C ASP A 188 56.06 4.00 14.73
N LYS A 189 55.28 3.61 15.69
CA LYS A 189 55.15 2.23 16.06
C LYS A 189 53.96 1.68 15.32
N SMC A 190 54.22 1.27 14.13
CA SMC A 190 53.23 0.76 13.24
CB SMC A 190 52.70 1.89 12.34
SG SMC A 190 51.35 1.42 11.23
C SMC A 190 53.88 -0.31 12.43
O SMC A 190 55.14 -0.39 12.42
H SMC A 190 55.15 1.29 13.80
HA SMC A 190 52.41 0.34 13.82
HB2 SMC A 190 53.51 2.26 11.73
HB3 SMC A 190 52.33 2.69 12.97
N GLN A 191 53.09 -1.14 11.76
CA GLN A 191 53.56 -2.27 10.98
C GLN A 191 54.11 -3.37 11.88
N GLU A 192 54.50 -4.49 11.26
CA GLU A 192 54.96 -5.70 11.98
C GLU A 192 53.79 -6.32 12.74
N VAL A 193 52.61 -5.91 12.33
CA VAL A 193 51.37 -6.39 12.86
C VAL A 193 50.81 -7.32 11.83
N ILE A 194 50.74 -8.57 12.14
CA ILE A 194 50.20 -9.49 11.19
C ILE A 194 48.77 -9.86 11.52
N SER A 195 47.88 -9.03 11.06
CA SER A 195 46.49 -9.27 11.25
C SER A 195 46.01 -10.13 10.12
N TRP A 196 45.52 -11.30 10.45
CA TRP A 196 45.04 -12.21 9.46
C TRP A 196 43.59 -11.87 9.13
N LEU A 197 43.42 -10.97 8.20
CA LEU A 197 42.09 -10.54 7.81
C LEU A 197 41.50 -11.50 6.82
N ASP A 198 42.37 -12.27 6.19
CA ASP A 198 41.94 -13.26 5.23
C ASP A 198 41.51 -14.50 5.97
N ALA A 199 40.22 -14.64 6.13
CA ALA A 199 39.68 -15.78 6.79
C ALA A 199 39.39 -16.84 5.75
N ASN A 200 39.23 -18.07 6.18
CA ASN A 200 38.92 -19.14 5.27
C ASN A 200 37.49 -19.00 4.87
N THR A 201 37.25 -19.09 3.57
CA THR A 201 35.96 -18.94 2.98
C THR A 201 34.94 -19.89 3.64
N LEU A 202 33.95 -19.30 4.28
CA LEU A 202 32.98 -20.06 4.97
C LEU A 202 31.86 -20.46 4.03
N ALA A 203 32.13 -21.51 3.32
CA ALA A 203 31.25 -22.15 2.40
C ALA A 203 31.67 -23.59 2.35
N GLU A 204 30.99 -24.38 3.12
CA GLU A 204 31.36 -25.76 3.32
C GLU A 204 30.93 -26.67 2.15
N LYS A 205 29.65 -26.91 1.99
CA LYS A 205 29.19 -27.79 0.92
C LYS A 205 27.94 -27.26 0.28
N ASP A 206 28.03 -26.94 -0.97
CA ASP A 206 26.89 -26.49 -1.73
C ASP A 206 26.49 -27.59 -2.70
N GLU A 207 25.57 -28.41 -2.27
CA GLU A 207 25.07 -29.53 -3.04
C GLU A 207 23.57 -29.49 -3.10
N PHE A 208 23.02 -30.36 -3.91
CA PHE A 208 21.61 -30.56 -4.01
C PHE A 208 21.39 -32.02 -4.38
N GLU A 209 20.84 -32.78 -3.46
CA GLU A 209 20.62 -34.22 -3.62
C GLU A 209 19.86 -34.55 -4.89
N HIS A 210 20.35 -35.52 -5.62
CA HIS A 210 19.73 -35.94 -6.86
C HIS A 210 19.18 -37.35 -6.73
N LYS A 211 17.98 -37.45 -6.23
CA LYS A 211 17.29 -38.74 -6.11
C LYS A 211 16.05 -38.70 -6.98
N ARG A 212 16.20 -39.09 -8.24
CA ARG A 212 15.12 -39.09 -9.22
C ARG A 212 15.58 -39.68 -10.54
N LYS A 213 15.20 -40.92 -10.78
CA LYS A 213 15.46 -41.68 -12.00
C LYS A 213 15.02 -43.10 -11.76
N GLU A 214 13.76 -43.35 -11.94
CA GLU A 214 13.23 -44.66 -11.73
C GLU A 214 13.10 -45.35 -13.08
N LEU A 215 13.32 -46.64 -13.11
CA LEU A 215 13.24 -47.39 -14.36
C LEU A 215 11.78 -47.70 -14.76
N GLU A 216 11.55 -47.87 -16.05
CA GLU A 216 10.22 -48.05 -16.59
C GLU A 216 9.97 -49.48 -17.07
N GLN A 217 8.71 -49.79 -17.30
CA GLN A 217 8.28 -51.08 -17.83
C GLN A 217 6.95 -50.91 -18.57
N VAL A 218 7.02 -50.76 -19.86
CA VAL A 218 5.82 -50.64 -20.65
C VAL A 218 5.53 -51.96 -21.36
N SMC A 219 4.69 -52.76 -20.76
CA SMC A 219 4.34 -54.04 -21.33
CB SMC A 219 4.27 -55.11 -20.24
SG SMC A 219 3.87 -56.77 -20.85
C SMC A 219 3.01 -53.90 -22.05
O SMC A 219 2.11 -53.20 -21.58
H SMC A 219 4.29 -52.50 -19.91
HA SMC A 219 5.11 -54.29 -22.04
HB2 SMC A 219 3.51 -54.83 -19.53
HB3 SMC A 219 5.23 -55.17 -19.74
N ASN A 220 2.90 -54.52 -23.19
CA ASN A 220 1.69 -54.48 -23.98
C ASN A 220 1.19 -55.89 -24.19
N PRO A 221 -0.02 -56.20 -23.73
CA PRO A 221 -0.60 -57.53 -23.91
C PRO A 221 -0.78 -57.87 -25.39
N ILE A 222 -0.16 -58.95 -25.81
CA ILE A 222 -0.28 -59.42 -27.17
C ILE A 222 -1.53 -60.26 -27.25
N ILE A 223 -2.62 -59.64 -27.58
CA ILE A 223 -3.89 -60.30 -27.62
C ILE A 223 -4.54 -60.24 -28.99
N SER A 224 -3.85 -59.67 -29.94
CA SER A 224 -4.38 -59.59 -31.26
C SER A 224 -3.49 -60.35 -32.24
N GLY A 225 -4.08 -61.31 -32.89
CA GLY A 225 -3.43 -62.09 -33.88
C GLY A 225 -4.43 -62.48 -34.93
N LEU A 226 -4.26 -61.97 -36.13
CA LEU A 226 -5.21 -62.22 -37.19
C LEU A 226 -4.73 -63.40 -38.03
N TYR A 227 -5.26 -64.55 -37.71
CA TYR A 227 -5.02 -65.76 -38.46
C TYR A 227 -6.25 -66.62 -38.36
N GLN A 228 -6.90 -66.82 -39.47
CA GLN A 228 -8.18 -67.50 -39.46
C GLN A 228 -8.25 -68.57 -40.54
N GLY A 229 -7.96 -68.18 -41.76
CA GLY A 229 -8.00 -69.11 -42.86
C GLY A 229 -8.50 -68.46 -44.12
N ALA A 230 -7.63 -68.34 -45.09
CA ALA A 230 -7.98 -67.73 -46.34
C ALA A 230 -7.64 -68.68 -47.47
N GLY A 231 -8.32 -68.55 -48.59
CA GLY A 231 -8.07 -69.41 -49.70
C GLY A 231 -8.37 -68.71 -51.01
N GLY A 232 -8.63 -69.49 -52.03
CA GLY A 232 -8.91 -68.94 -53.31
C GLY A 232 -9.58 -69.95 -54.22
N PRO A 233 -10.92 -70.04 -54.19
CA PRO A 233 -11.67 -70.92 -55.08
C PRO A 233 -11.50 -70.48 -56.53
N GLY A 234 -11.12 -71.40 -57.36
CA GLY A 234 -10.90 -71.10 -58.75
C GLY A 234 -11.52 -72.15 -59.64
N PRO A 235 -12.68 -71.87 -60.24
CA PRO A 235 -13.34 -72.80 -61.14
C PRO A 235 -12.58 -72.89 -62.46
N GLY A 236 -12.72 -74.00 -63.13
CA GLY A 236 -12.03 -74.19 -64.37
C GLY A 236 -12.87 -73.81 -65.55
N GLY A 237 -12.53 -74.33 -66.68
CA GLY A 237 -13.24 -74.01 -67.89
C GLY A 237 -14.43 -74.89 -68.07
N PHE A 238 -15.47 -74.62 -67.33
CA PHE A 238 -16.69 -75.37 -67.47
C PHE A 238 -17.45 -74.93 -68.70
N GLY A 239 -18.07 -75.87 -69.35
CA GLY A 239 -18.73 -75.58 -70.58
C GLY A 239 -18.03 -76.26 -71.71
N ALA A 240 -18.32 -77.52 -71.88
CA ALA A 240 -17.70 -78.31 -72.91
C ALA A 240 -18.47 -78.20 -74.20
N GLN A 241 -18.17 -77.19 -74.96
CA GLN A 241 -18.75 -77.00 -76.25
C GLN A 241 -17.75 -76.26 -77.10
N GLY A 242 -17.30 -76.91 -78.12
CA GLY A 242 -16.40 -76.31 -79.05
C GLY A 242 -17.12 -75.98 -80.33
N PRO A 243 -16.41 -75.81 -81.44
CA PRO A 243 -17.03 -75.52 -82.73
C PRO A 243 -17.73 -76.76 -83.28
N LYS A 244 -19.04 -76.75 -83.20
CA LYS A 244 -19.85 -77.84 -83.72
C LYS A 244 -19.96 -77.70 -85.24
N GLY A 245 -19.31 -78.61 -85.95
CA GLY A 245 -19.32 -78.60 -87.38
C GLY A 245 -18.19 -79.44 -87.91
N GLY A 246 -17.77 -79.19 -89.11
CA GLY A 246 -16.68 -79.93 -89.67
C GLY A 246 -16.22 -79.36 -90.99
N SER A 247 -17.18 -79.15 -91.87
CA SER A 247 -16.98 -78.64 -93.21
C SER A 247 -16.14 -79.63 -94.02
N GLY A 248 -16.82 -80.57 -94.62
CA GLY A 248 -16.20 -81.56 -95.42
C GLY A 248 -17.03 -81.88 -96.61
N SER A 249 -17.48 -80.86 -97.26
CA SER A 249 -18.31 -80.98 -98.42
C SER A 249 -17.43 -81.08 -99.69
N GLY A 250 -17.94 -81.69 -100.74
CA GLY A 250 -17.18 -81.89 -101.95
C GLY A 250 -17.03 -80.62 -102.78
N PRO A 251 -16.07 -80.59 -103.72
CA PRO A 251 -15.81 -79.41 -104.55
C PRO A 251 -16.98 -79.10 -105.47
N THR A 252 -17.44 -77.88 -105.44
CA THR A 252 -18.56 -77.50 -106.24
C THR A 252 -18.13 -77.20 -107.68
N ILE A 253 -18.05 -78.24 -108.47
CA ILE A 253 -17.74 -78.10 -109.87
C ILE A 253 -19.02 -78.06 -110.70
N GLU A 254 -19.16 -77.02 -111.45
CA GLU A 254 -20.34 -76.85 -112.29
C GLU A 254 -20.16 -77.66 -113.56
N GLU A 255 -18.92 -77.78 -113.96
CA GLU A 255 -18.50 -78.62 -115.06
C GLU A 255 -16.99 -78.64 -115.04
N VAL A 256 -16.41 -79.73 -115.45
CA VAL A 256 -14.99 -79.85 -115.47
C VAL A 256 -14.55 -80.64 -116.70
N ASP A 257 -14.60 -79.98 -117.83
CA ASP A 257 -14.17 -80.51 -119.11
C ASP A 257 -14.20 -79.40 -120.12
N SER A 1 -3.83 29.67 22.61
CA SER A 1 -2.90 28.70 22.05
C SER A 1 -3.11 27.38 22.78
N GLU A 2 -2.30 26.37 22.46
CA GLU A 2 -2.29 25.05 23.13
C GLU A 2 -3.47 24.14 22.81
N ASN A 3 -4.66 24.71 22.81
CA ASN A 3 -5.93 24.00 22.61
C ASN A 3 -6.23 23.13 23.81
N VAL A 4 -6.72 23.77 24.84
CA VAL A 4 -7.02 23.07 26.08
C VAL A 4 -8.52 23.05 26.34
N GLN A 5 -9.26 23.83 25.59
CA GLN A 5 -10.70 23.91 25.74
C GLN A 5 -11.38 23.20 24.59
N ASP A 6 -10.58 22.51 23.81
CA ASP A 6 -11.03 21.74 22.68
C ASP A 6 -11.39 20.35 23.12
N LEU A 7 -12.22 19.69 22.36
CA LEU A 7 -12.66 18.35 22.73
C LEU A 7 -12.54 17.42 21.56
N LEU A 8 -11.75 16.35 21.77
CA LEU A 8 -11.48 15.31 20.77
C LEU A 8 -10.60 15.83 19.63
N LEU A 9 -9.71 15.00 19.19
CA LEU A 9 -8.82 15.37 18.13
C LEU A 9 -9.39 14.81 16.83
N LEU A 10 -10.07 15.66 16.10
CA LEU A 10 -10.71 15.27 14.87
C LEU A 10 -9.88 15.75 13.69
N ASP A 11 -10.17 15.19 12.51
CA ASP A 11 -9.44 15.48 11.27
C ASP A 11 -7.98 15.13 11.43
N VAL A 12 -7.76 13.86 11.54
CA VAL A 12 -6.46 13.29 11.73
C VAL A 12 -6.37 12.07 10.84
N ALA A 13 -5.26 11.39 10.89
CA ALA A 13 -5.10 10.16 10.17
C ALA A 13 -5.76 9.06 11.00
N PRO A 14 -6.74 8.32 10.42
CA PRO A 14 -7.45 7.27 11.14
C PRO A 14 -6.48 6.19 11.61
N LEU A 15 -5.69 5.69 10.70
CA LEU A 15 -4.67 4.75 11.02
C LEU A 15 -3.38 5.25 10.44
N SER A 16 -2.30 4.66 10.85
CA SER A 16 -1.01 5.02 10.39
C SER A 16 -0.81 4.57 8.95
N LEU A 17 -0.15 5.38 8.18
CA LEU A 17 0.06 5.13 6.78
C LEU A 17 1.53 4.89 6.52
N GLY A 18 1.81 3.85 5.79
CA GLY A 18 3.16 3.49 5.52
C GLY A 18 3.34 2.85 4.17
N LEU A 19 4.56 2.45 3.90
CA LEU A 19 4.91 1.86 2.63
C LEU A 19 5.51 0.49 2.81
N GLU A 20 5.63 -0.20 1.69
CA GLU A 20 6.29 -1.48 1.61
C GLU A 20 7.78 -1.26 1.46
N THR A 21 8.48 -1.58 2.49
CA THR A 21 9.88 -1.47 2.51
C THR A 21 10.53 -2.86 2.50
N ALA A 22 11.79 -2.91 2.07
CA ALA A 22 12.55 -4.14 1.85
C ALA A 22 12.47 -5.11 3.01
N GLY A 23 11.89 -6.26 2.73
CA GLY A 23 11.75 -7.30 3.71
C GLY A 23 10.31 -7.63 3.98
N GLY A 24 9.42 -6.77 3.54
CA GLY A 24 8.01 -6.97 3.77
C GLY A 24 7.62 -6.35 5.08
N VAL A 25 8.13 -5.18 5.28
CA VAL A 25 7.94 -4.42 6.48
C VAL A 25 7.28 -3.11 6.09
N MET A 26 6.29 -2.69 6.86
CA MET A 26 5.64 -1.46 6.54
C MET A 26 6.23 -0.35 7.35
N THR A 27 6.89 0.53 6.69
CA THR A 27 7.46 1.67 7.35
C THR A 27 6.49 2.84 7.25
N ALA A 28 5.94 3.22 8.39
CA ALA A 28 4.91 4.25 8.47
C ALA A 28 5.52 5.62 8.65
N LEU A 29 5.04 6.57 7.88
CA LEU A 29 5.49 7.94 7.96
C LEU A 29 4.47 8.75 8.75
N ILE A 30 3.22 8.47 8.49
CA ILE A 30 2.14 9.14 9.16
C ILE A 30 1.59 8.18 10.19
N LYS A 31 1.44 8.61 11.41
CA LYS A 31 0.94 7.72 12.43
C LYS A 31 -0.53 8.05 12.64
N ARG A 32 -1.25 7.18 13.26
CA ARG A 32 -2.64 7.42 13.51
C ARG A 32 -2.77 8.50 14.59
N ASN A 33 -3.76 9.35 14.42
CA ASN A 33 -4.00 10.57 15.25
C ASN A 33 -3.14 11.74 14.86
N SER A 34 -2.19 11.54 13.94
CA SER A 34 -1.41 12.66 13.44
C SER A 34 -2.36 13.58 12.68
N THR A 35 -2.50 14.76 13.21
CA THR A 35 -3.44 15.72 12.76
C THR A 35 -3.07 16.31 11.41
N ILE A 36 -4.03 16.30 10.53
CA ILE A 36 -3.87 16.80 9.19
C ILE A 36 -4.29 18.26 9.15
N PRO A 37 -3.81 19.08 8.19
CA PRO A 37 -2.85 18.65 7.13
C PRO A 37 -1.49 18.18 7.66
N THR A 38 -0.97 17.16 7.04
CA THR A 38 0.31 16.60 7.35
C THR A 38 1.22 16.67 6.15
N LYS A 39 2.51 16.72 6.38
CA LYS A 39 3.47 16.57 5.32
C LYS A 39 4.75 16.03 5.95
N GLN A 40 4.95 14.74 5.82
CA GLN A 40 6.11 14.08 6.38
C GLN A 40 7.02 13.68 5.25
N THR A 41 8.29 13.91 5.42
CA THR A 41 9.25 13.56 4.42
C THR A 41 10.32 12.66 5.02
N GLN A 42 10.56 11.54 4.37
CA GLN A 42 11.62 10.64 4.78
C GLN A 42 12.42 10.25 3.57
N ILE A 43 13.67 9.98 3.78
CA ILE A 43 14.55 9.57 2.74
C ILE A 43 14.74 8.07 2.87
N PHE A 44 14.56 7.37 1.79
CA PHE A 44 14.76 5.94 1.75
C PHE A 44 15.87 5.66 0.77
N THR A 45 16.53 4.56 0.92
CA THR A 45 17.65 4.21 0.08
C THR A 45 17.47 2.84 -0.51
N THR A 46 18.29 2.47 -1.44
CA THR A 46 18.28 1.12 -1.91
C THR A 46 19.42 0.37 -1.26
N TYR A 47 19.17 -0.86 -0.88
CA TYR A 47 20.23 -1.73 -0.39
C TYR A 47 20.37 -2.92 -1.32
N SER A 48 19.61 -2.88 -2.38
CA SER A 48 19.60 -3.91 -3.37
C SER A 48 19.99 -3.31 -4.72
N ASP A 49 20.96 -3.91 -5.35
CA ASP A 49 21.44 -3.46 -6.65
C ASP A 49 20.52 -4.03 -7.75
N ASN A 50 20.70 -3.55 -8.96
CA ASN A 50 19.98 -4.01 -10.17
C ASN A 50 18.50 -3.67 -10.15
N GLN A 51 18.10 -2.78 -9.28
CA GLN A 51 16.71 -2.36 -9.24
C GLN A 51 16.53 -1.17 -10.17
N PRO A 52 15.76 -1.30 -11.25
CA PRO A 52 15.50 -0.19 -12.17
C PRO A 52 14.27 0.60 -11.76
N GLY A 53 13.63 0.17 -10.72
CA GLY A 53 12.47 0.81 -10.24
C GLY A 53 12.10 0.25 -8.91
N VAL A 54 11.58 1.08 -8.04
CA VAL A 54 11.15 0.65 -6.74
C VAL A 54 9.62 0.68 -6.66
N LEU A 55 9.05 -0.22 -5.90
CA LEU A 55 7.61 -0.33 -5.81
C LEU A 55 7.10 0.36 -4.56
N ILE A 56 6.30 1.37 -4.75
CA ILE A 56 5.74 2.08 -3.64
C ILE A 56 4.30 1.65 -3.44
N GLN A 57 4.09 0.76 -2.51
CA GLN A 57 2.74 0.36 -2.13
C GLN A 57 2.40 1.05 -0.83
N VAL A 58 1.25 1.69 -0.80
CA VAL A 58 0.82 2.42 0.37
C VAL A 58 -0.17 1.57 1.17
N TYR A 59 0.08 1.43 2.44
CA TYR A 59 -0.78 0.66 3.31
C TYR A 59 -1.14 1.44 4.56
N GLU A 60 -2.25 1.05 5.14
CA GLU A 60 -2.78 1.63 6.36
C GLU A 60 -2.85 0.56 7.45
N GLY A 61 -2.43 0.93 8.65
CA GLY A 61 -2.46 0.03 9.78
C GLY A 61 -1.10 -0.55 10.03
N GLU A 62 -0.52 -0.26 11.17
CA GLU A 62 0.83 -0.72 11.47
C GLU A 62 0.89 -2.15 11.91
N ARG A 63 1.39 -2.97 11.04
CA ARG A 63 1.72 -4.33 11.35
C ARG A 63 3.08 -4.58 10.78
N ALA A 64 3.85 -5.38 11.49
CA ALA A 64 5.22 -5.70 11.11
C ALA A 64 5.29 -6.35 9.74
N MET A 65 4.48 -7.34 9.57
CA MET A 65 4.43 -8.06 8.32
C MET A 65 3.34 -7.50 7.47
N THR A 66 3.75 -6.87 6.43
CA THR A 66 2.87 -6.23 5.53
C THR A 66 2.14 -7.27 4.68
N LYS A 67 0.85 -7.40 4.94
CA LYS A 67 -0.04 -8.36 4.28
C LYS A 67 -1.46 -8.13 4.77
N ASP A 68 -1.60 -7.90 6.07
CA ASP A 68 -2.89 -7.61 6.68
C ASP A 68 -2.91 -6.19 7.06
N ASN A 69 -3.07 -5.40 6.08
CA ASN A 69 -3.05 -3.96 6.17
C ASN A 69 -4.00 -3.52 5.09
N ASN A 70 -4.45 -2.29 5.11
CA ASN A 70 -5.37 -1.84 4.07
C ASN A 70 -4.56 -1.26 2.93
N LEU A 71 -4.83 -1.69 1.72
CA LEU A 71 -4.10 -1.22 0.54
C LEU A 71 -4.68 0.10 0.02
N LEU A 72 -3.83 1.09 -0.10
CA LEU A 72 -4.24 2.39 -0.59
C LEU A 72 -3.86 2.61 -2.04
N GLY A 73 -3.07 1.73 -2.57
CA GLY A 73 -2.69 1.84 -3.95
C GLY A 73 -1.21 1.71 -4.10
N ARG A 74 -0.73 1.77 -5.32
CA ARG A 74 0.68 1.65 -5.57
C ARG A 74 1.10 2.33 -6.85
N PHE A 75 2.35 2.67 -6.90
CA PHE A 75 2.96 3.22 -8.09
C PHE A 75 4.42 2.82 -8.08
N GLU A 76 5.00 2.72 -9.24
CA GLU A 76 6.36 2.28 -9.34
C GLU A 76 7.23 3.44 -9.74
N LEU A 77 8.24 3.72 -8.98
CA LEU A 77 9.15 4.76 -9.36
C LEU A 77 10.27 4.10 -10.12
N SER A 78 10.25 4.25 -11.40
CA SER A 78 11.20 3.63 -12.26
C SER A 78 12.24 4.63 -12.78
N GLY A 79 13.32 4.10 -13.28
CA GLY A 79 14.41 4.91 -13.74
C GLY A 79 15.52 4.90 -12.71
N ILE A 80 15.35 4.06 -11.72
CA ILE A 80 16.31 3.93 -10.63
C ILE A 80 17.63 3.38 -11.19
N PRO A 81 18.75 4.06 -10.90
CA PRO A 81 20.05 3.63 -11.36
C PRO A 81 20.45 2.33 -10.68
N PRO A 82 21.13 1.41 -11.39
CA PRO A 82 21.60 0.19 -10.79
C PRO A 82 22.74 0.51 -9.82
N ALA A 83 22.38 0.74 -8.59
CA ALA A 83 23.32 1.04 -7.57
C ALA A 83 23.00 0.20 -6.35
N PRO A 84 24.00 -0.49 -5.79
CA PRO A 84 23.81 -1.40 -4.67
C PRO A 84 23.25 -0.75 -3.43
N ARG A 85 23.94 0.21 -2.88
CA ARG A 85 23.53 0.79 -1.62
C ARG A 85 23.69 2.29 -1.59
N GLY A 86 22.69 2.95 -1.07
CA GLY A 86 22.76 4.38 -0.73
C GLY A 86 22.70 5.39 -1.86
N VAL A 87 23.24 5.07 -3.03
CA VAL A 87 23.30 6.02 -4.15
C VAL A 87 21.94 6.67 -4.51
N PRO A 88 20.88 5.89 -4.84
CA PRO A 88 19.58 6.46 -5.13
C PRO A 88 18.82 6.76 -3.84
N GLN A 89 18.77 8.02 -3.48
CA GLN A 89 18.04 8.41 -2.33
C GLN A 89 16.67 8.86 -2.75
N ILE A 90 15.69 8.16 -2.27
CA ILE A 90 14.34 8.41 -2.62
C ILE A 90 13.70 9.26 -1.56
N GLU A 91 13.21 10.40 -1.95
CA GLU A 91 12.53 11.27 -1.05
C GLU A 91 11.07 10.93 -1.11
N VAL A 92 10.53 10.47 -0.02
CA VAL A 92 9.14 10.12 0.04
C VAL A 92 8.43 11.12 0.93
N THR A 93 7.41 11.71 0.40
CA THR A 93 6.65 12.68 1.11
C THR A 93 5.18 12.23 1.18
N PHE A 94 4.65 12.24 2.37
CA PHE A 94 3.25 11.96 2.62
C PHE A 94 2.57 13.24 3.06
N ASP A 95 1.75 13.78 2.22
CA ASP A 95 1.01 14.96 2.58
C ASP A 95 -0.46 14.80 2.38
N ILE A 96 -1.19 15.10 3.41
CA ILE A 96 -2.63 14.98 3.43
C ILE A 96 -3.19 16.33 3.78
N ASP A 97 -4.17 16.79 3.06
CA ASP A 97 -4.81 18.07 3.36
C ASP A 97 -5.95 17.81 4.36
N ALA A 98 -6.77 18.80 4.65
CA ALA A 98 -7.85 18.61 5.62
C ALA A 98 -9.06 17.88 5.02
N ASN A 99 -9.05 17.64 3.71
CA ASN A 99 -10.16 16.92 3.07
C ASN A 99 -9.88 15.45 3.18
N GLY A 100 -8.63 15.13 3.21
CA GLY A 100 -8.21 13.78 3.25
C GLY A 100 -7.57 13.40 1.94
N ILE A 101 -7.02 14.38 1.24
CA ILE A 101 -6.31 14.12 0.03
C ILE A 101 -4.86 13.86 0.35
N LEU A 102 -4.49 12.62 0.20
CA LEU A 102 -3.17 12.16 0.44
C LEU A 102 -2.41 12.14 -0.85
N ASN A 103 -1.27 12.72 -0.83
CA ASN A 103 -0.35 12.72 -1.92
C ASN A 103 0.91 12.08 -1.47
N VAL A 104 1.16 10.91 -1.94
CA VAL A 104 2.41 10.25 -1.65
C VAL A 104 3.31 10.53 -2.81
N THR A 105 4.34 11.26 -2.57
CA THR A 105 5.25 11.64 -3.60
C THR A 105 6.59 10.97 -3.36
N ALA A 106 7.05 10.20 -4.31
CA ALA A 106 8.35 9.57 -4.24
C ALA A 106 9.22 10.16 -5.31
N THR A 107 10.34 10.71 -4.91
CA THR A 107 11.23 11.33 -5.84
C THR A 107 12.61 10.70 -5.78
N ASP A 108 13.06 10.22 -6.89
CA ASP A 108 14.41 9.71 -7.03
C ASP A 108 15.34 10.85 -7.28
N LYS A 109 16.15 11.19 -6.30
CA LYS A 109 17.08 12.29 -6.42
C LYS A 109 18.20 12.02 -7.44
N SER A 110 18.27 10.81 -7.94
CA SER A 110 19.28 10.45 -8.90
C SER A 110 18.87 10.95 -10.29
N THR A 111 17.75 10.47 -10.79
CA THR A 111 17.25 10.89 -12.09
C THR A 111 16.48 12.19 -11.97
N GLY A 112 15.87 12.39 -10.83
CA GLY A 112 15.14 13.60 -10.57
C GLY A 112 13.67 13.48 -10.90
N LYS A 113 13.19 12.27 -11.11
CA LYS A 113 11.83 12.08 -11.45
C LYS A 113 11.02 11.86 -10.18
N ALA A 114 9.82 12.38 -10.18
CA ALA A 114 8.93 12.23 -9.07
C ALA A 114 7.65 11.59 -9.55
N ASN A 115 7.10 10.73 -8.74
CA ASN A 115 5.81 10.11 -8.99
C ASN A 115 4.98 10.27 -7.76
N LYS A 116 3.75 10.67 -7.92
CA LYS A 116 2.86 10.79 -6.80
C LYS A 116 1.61 9.97 -7.03
N ILE A 117 0.86 9.78 -5.99
CA ILE A 117 -0.46 9.20 -6.08
C ILE A 117 -1.40 10.08 -5.30
N THR A 118 -2.57 10.17 -5.79
CA THR A 118 -3.59 11.00 -5.21
C THR A 118 -4.71 10.14 -4.66
N ILE A 119 -4.89 10.21 -3.38
CA ILE A 119 -5.93 9.47 -2.70
C ILE A 119 -6.81 10.48 -2.01
N THR A 120 -8.08 10.45 -2.28
CA THR A 120 -9.00 11.39 -1.69
C THR A 120 -10.05 10.67 -0.87
N ASN A 121 -10.40 11.27 0.28
CA ASN A 121 -11.47 10.81 1.17
C ASN A 121 -11.00 9.65 2.05
N ASP A 122 -11.05 8.45 1.50
CA ASP A 122 -10.63 7.21 2.15
C ASP A 122 -10.31 6.25 1.04
N LYS A 123 -9.77 5.09 1.38
CA LYS A 123 -9.36 4.11 0.39
C LYS A 123 -9.38 2.74 1.09
N GLY A 124 -9.34 1.67 0.33
CA GLY A 124 -9.37 0.34 0.93
C GLY A 124 -10.75 -0.25 0.91
N ARG A 125 -11.60 0.23 1.81
CA ARG A 125 -13.00 -0.17 1.92
C ARG A 125 -13.26 -1.52 2.55
N LEU A 126 -13.41 -1.47 3.83
CA LEU A 126 -13.83 -2.57 4.67
C LEU A 126 -14.94 -1.98 5.50
N SER A 127 -15.43 -2.67 6.50
CA SER A 127 -16.44 -2.05 7.32
C SER A 127 -15.73 -1.31 8.46
N LYS A 128 -16.40 -0.33 9.06
CA LYS A 128 -15.78 0.54 10.05
C LYS A 128 -15.17 -0.25 11.22
N GLU A 129 -15.87 -1.27 11.68
CA GLU A 129 -15.38 -2.06 12.80
C GLU A 129 -14.22 -2.98 12.43
N GLU A 130 -14.12 -3.31 11.16
CA GLU A 130 -12.97 -4.06 10.68
C GLU A 130 -11.74 -3.18 10.69
N ILE A 131 -11.97 -1.92 10.41
CA ILE A 131 -10.93 -0.92 10.44
C ILE A 131 -10.53 -0.68 11.90
N GLU A 132 -11.53 -0.57 12.76
CA GLU A 132 -11.33 -0.41 14.21
C GLU A 132 -10.53 -1.60 14.79
N ARG A 133 -10.82 -2.83 14.33
CA ARG A 133 -10.04 -4.00 14.77
C ARG A 133 -8.59 -3.84 14.43
N MET A 134 -8.34 -3.36 13.21
CA MET A 134 -6.99 -3.15 12.72
C MET A 134 -6.25 -2.18 13.64
N VAL A 135 -6.96 -1.14 14.10
CA VAL A 135 -6.41 -0.16 15.04
C VAL A 135 -6.00 -0.86 16.34
N GLN A 136 -6.97 -1.53 16.95
CA GLN A 136 -6.79 -2.17 18.25
C GLN A 136 -5.69 -3.23 18.20
N GLU A 137 -5.76 -4.08 17.20
CA GLU A 137 -4.81 -5.16 17.03
C GLU A 137 -3.41 -4.62 16.71
N ALA A 138 -3.33 -3.51 16.02
CA ALA A 138 -2.07 -2.88 15.74
C ALA A 138 -1.45 -2.33 17.01
N GLU A 139 -2.19 -1.48 17.70
CA GLU A 139 -1.72 -0.78 18.88
C GLU A 139 -1.36 -1.70 20.04
N LYS A 140 -2.25 -2.63 20.36
CA LYS A 140 -2.03 -3.55 21.49
C LYS A 140 -0.86 -4.50 21.25
N TYR A 141 -0.46 -4.64 20.00
CA TYR A 141 0.64 -5.52 19.65
C TYR A 141 1.79 -4.76 19.02
N LYS A 142 1.82 -3.43 19.17
CA LYS A 142 2.90 -2.62 18.60
C LYS A 142 4.28 -3.06 19.04
N ALA A 143 4.44 -3.37 20.31
CA ALA A 143 5.72 -3.83 20.84
C ALA A 143 6.16 -5.13 20.15
N GLU A 144 5.19 -5.98 19.86
CA GLU A 144 5.46 -7.23 19.19
C GLU A 144 5.84 -6.98 17.75
N ASP A 145 5.07 -6.10 17.08
CA ASP A 145 5.34 -5.75 15.68
C ASP A 145 6.70 -5.12 15.52
N GLU A 146 7.06 -4.22 16.44
CA GLU A 146 8.35 -3.58 16.39
C GLU A 146 9.47 -4.60 16.40
N VAL A 147 9.36 -5.58 17.28
CA VAL A 147 10.37 -6.62 17.34
C VAL A 147 10.28 -7.52 16.08
N GLN A 148 9.07 -7.86 15.65
CA GLN A 148 8.85 -8.68 14.44
C GLN A 148 9.50 -8.07 13.21
N ARG A 149 9.27 -6.79 12.98
CA ARG A 149 9.80 -6.13 11.80
C ARG A 149 11.33 -6.11 11.79
N GLU A 150 11.93 -5.92 12.94
CA GLU A 150 13.39 -5.90 13.03
C GLU A 150 13.98 -7.31 13.01
N ARG A 151 13.14 -8.30 13.24
CA ARG A 151 13.55 -9.70 13.10
C ARG A 151 13.71 -10.02 11.64
N VAL A 152 12.82 -9.47 10.85
CA VAL A 152 12.83 -9.70 9.43
C VAL A 152 13.83 -8.79 8.72
N SER A 153 13.68 -7.50 8.90
CA SER A 153 14.50 -6.55 8.21
C SER A 153 14.53 -5.20 8.92
N ALA A 154 13.47 -4.39 8.70
CA ALA A 154 13.31 -3.03 9.25
C ALA A 154 14.36 -2.07 8.70
N LYS A 155 14.97 -2.43 7.58
CA LYS A 155 15.97 -1.58 6.95
C LYS A 155 15.27 -0.52 6.12
N ASN A 156 15.82 0.67 6.09
CA ASN A 156 15.19 1.79 5.42
C ASN A 156 15.47 1.81 3.92
N ALA A 157 14.90 0.84 3.25
CA ALA A 157 15.04 0.66 1.83
C ALA A 157 13.75 0.14 1.28
N LEU A 158 13.51 0.30 0.00
CA LEU A 158 12.30 -0.25 -0.59
C LEU A 158 12.71 -1.31 -1.59
N GLU A 159 11.86 -2.27 -1.80
CA GLU A 159 12.15 -3.34 -2.73
C GLU A 159 11.17 -3.29 -3.89
N SER A 160 11.37 -4.14 -4.86
CA SER A 160 10.55 -4.09 -6.03
C SER A 160 10.34 -5.50 -6.57
N TYR A 161 9.66 -5.56 -7.70
CA TYR A 161 9.37 -6.75 -8.44
C TYR A 161 8.39 -7.70 -7.82
N ALA A 162 7.14 -7.37 -8.01
CA ALA A 162 6.04 -8.21 -7.61
C ALA A 162 5.15 -8.38 -8.84
N PHE A 163 5.67 -7.97 -9.97
CA PHE A 163 4.94 -7.97 -11.20
C PHE A 163 5.29 -9.18 -12.01
N ASN A 164 4.56 -10.21 -11.80
CA ASN A 164 4.70 -11.43 -12.53
C ASN A 164 3.31 -11.96 -12.73
N MET A 165 2.86 -12.01 -13.97
CA MET A 165 1.53 -12.50 -14.34
C MET A 165 0.41 -11.53 -13.93
N LYS A 166 0.76 -10.27 -13.75
CA LYS A 166 -0.23 -9.23 -13.49
C LYS A 166 -0.55 -8.51 -14.80
N SER A 167 -1.41 -9.12 -15.57
CA SER A 167 -1.83 -8.56 -16.85
C SER A 167 -3.23 -9.02 -17.22
N ALA A 168 -3.44 -10.33 -17.25
CA ALA A 168 -4.72 -10.91 -17.61
C ALA A 168 -5.56 -11.17 -16.36
N VAL A 169 -5.31 -10.38 -15.34
CA VAL A 169 -6.03 -10.45 -14.08
C VAL A 169 -6.25 -9.05 -13.57
N GLU A 170 -7.36 -8.81 -12.94
CA GLU A 170 -7.60 -7.52 -12.31
C GLU A 170 -7.11 -7.61 -10.88
N ASP A 171 -5.81 -7.53 -10.73
CA ASP A 171 -5.17 -7.69 -9.43
C ASP A 171 -4.82 -6.37 -8.79
N GLU A 172 -5.43 -6.15 -7.65
CA GLU A 172 -5.25 -4.98 -6.79
C GLU A 172 -6.28 -5.12 -5.69
N GLY A 173 -7.53 -5.07 -6.09
CA GLY A 173 -8.64 -5.20 -5.18
C GLY A 173 -9.88 -5.52 -5.96
N LEU A 174 -10.82 -6.16 -5.32
CA LEU A 174 -12.09 -6.52 -5.97
C LEU A 174 -13.26 -5.88 -5.25
N LYS A 175 -12.93 -5.07 -4.23
CA LYS A 175 -13.92 -4.36 -3.38
C LYS A 175 -14.64 -5.30 -2.42
N GLY A 176 -14.85 -4.84 -1.21
CA GLY A 176 -15.51 -5.67 -0.23
C GLY A 176 -16.39 -4.87 0.71
N LYS A 177 -17.41 -4.25 0.18
CA LYS A 177 -18.36 -3.55 1.02
C LYS A 177 -19.34 -4.56 1.60
N ILE A 178 -18.92 -5.18 2.67
CA ILE A 178 -19.73 -6.18 3.34
C ILE A 178 -20.95 -5.53 4.00
N SER A 179 -20.75 -4.40 4.64
CA SER A 179 -21.83 -3.69 5.30
C SER A 179 -21.42 -2.23 5.45
N GLU A 180 -22.36 -1.33 5.26
CA GLU A 180 -22.08 0.09 5.47
C GLU A 180 -22.07 0.38 6.94
N ALA A 181 -22.99 -0.30 7.66
CA ALA A 181 -23.05 -0.34 9.13
C ALA A 181 -22.93 1.04 9.76
N ASP A 182 -23.54 2.02 9.13
CA ASP A 182 -23.50 3.38 9.63
C ASP A 182 -24.40 3.51 10.84
N LYS A 183 -25.71 3.41 10.62
CA LYS A 183 -26.73 3.45 11.67
C LYS A 183 -26.75 4.77 12.44
N LYS A 184 -25.90 4.90 13.44
CA LYS A 184 -25.82 6.10 14.26
C LYS A 184 -24.38 6.52 14.41
N LYS A 185 -24.17 7.66 14.98
CA LYS A 185 -22.85 8.19 15.16
C LYS A 185 -22.45 8.09 16.60
N VAL A 186 -21.25 7.69 16.86
CA VAL A 186 -20.75 7.72 18.20
C VAL A 186 -20.14 9.10 18.45
N LEU A 187 -20.94 9.95 19.05
CA LEU A 187 -20.55 11.33 19.31
C LEU A 187 -19.47 11.33 20.37
N ASP A 188 -19.53 10.36 21.24
CA ASP A 188 -18.47 10.12 22.19
C ASP A 188 -17.60 8.99 21.68
N LYS A 189 -16.89 9.30 20.62
CA LYS A 189 -15.99 8.37 19.99
C LYS A 189 -14.90 7.99 20.97
N SMC A 190 -14.66 6.71 21.11
CA SMC A 190 -13.62 6.23 22.00
CB SMC A 190 -13.72 4.70 22.20
SG SMC A 190 -15.27 4.15 22.97
C SMC A 190 -12.25 6.60 21.46
O SMC A 190 -11.65 5.88 20.66
H SMC A 190 -15.20 6.06 20.62
HA SMC A 190 -13.76 6.71 22.95
HB2 SMC A 190 -12.91 4.38 22.84
HB3 SMC A 190 -13.64 4.21 21.24
N GLN A 191 -11.84 7.78 21.81
CA GLN A 191 -10.56 8.28 21.47
C GLN A 191 -9.85 8.59 22.74
N GLU A 192 -8.89 7.80 23.04
CA GLU A 192 -8.13 7.95 24.22
C GLU A 192 -6.68 8.04 23.80
N VAL A 193 -6.01 9.06 24.27
CA VAL A 193 -4.62 9.28 23.90
C VAL A 193 -3.68 8.41 24.71
N ILE A 194 -4.22 7.87 25.82
CA ILE A 194 -3.52 7.02 26.82
C ILE A 194 -2.20 7.63 27.36
N SER A 195 -1.20 7.68 26.55
CA SER A 195 0.07 8.19 26.96
C SER A 195 0.71 8.90 25.78
N TRP A 196 1.29 10.05 26.01
CA TRP A 196 1.98 10.73 24.96
C TRP A 196 3.44 10.41 25.06
N LEU A 197 3.90 9.64 24.13
CA LEU A 197 5.29 9.33 24.03
C LEU A 197 5.89 10.29 23.04
N ASP A 198 6.35 11.40 23.56
CA ASP A 198 6.93 12.44 22.73
C ASP A 198 8.24 11.99 22.15
N ALA A 199 8.40 12.28 20.90
CA ALA A 199 9.57 11.90 20.15
C ALA A 199 10.51 13.08 20.09
N ASN A 200 10.55 13.84 21.18
CA ASN A 200 11.39 15.02 21.28
C ASN A 200 12.86 14.67 21.12
N THR A 201 13.31 13.63 21.78
CA THR A 201 14.69 13.16 21.63
C THR A 201 14.78 11.66 21.92
N LEU A 202 15.03 10.87 20.90
CA LEU A 202 15.19 9.45 21.07
C LEU A 202 16.60 8.98 20.75
N ALA A 203 17.21 9.57 19.72
CA ALA A 203 18.55 9.22 19.31
C ALA A 203 19.11 10.21 18.31
N GLU A 204 19.74 11.23 18.82
CA GLU A 204 20.38 12.25 18.01
C GLU A 204 21.88 11.99 17.94
N LYS A 205 22.31 11.03 18.72
CA LYS A 205 23.69 10.64 18.76
C LYS A 205 23.83 9.34 17.96
N ASP A 206 24.98 9.14 17.35
CA ASP A 206 25.33 7.93 16.59
C ASP A 206 25.18 6.72 17.47
N GLU A 207 24.92 5.60 16.88
CA GLU A 207 24.80 4.41 17.65
C GLU A 207 25.84 3.38 17.32
N PHE A 208 27.07 3.70 17.69
CA PHE A 208 28.18 2.79 17.57
C PHE A 208 28.52 2.32 18.95
N GLU A 209 28.75 3.28 19.84
CA GLU A 209 29.04 3.02 21.23
C GLU A 209 27.74 3.01 22.02
N HIS A 210 26.78 3.73 21.50
CA HIS A 210 25.46 3.80 22.08
C HIS A 210 24.59 2.79 21.39
N LYS A 211 23.67 2.23 22.10
CA LYS A 211 22.71 1.34 21.57
C LYS A 211 21.46 1.63 22.36
N ARG A 212 20.30 1.39 21.78
CA ARG A 212 19.06 1.57 22.53
C ARG A 212 19.07 0.61 23.71
N LYS A 213 18.81 1.10 24.87
CA LYS A 213 18.71 0.23 26.00
C LYS A 213 17.33 0.28 26.58
N GLU A 214 16.52 -0.57 26.02
CA GLU A 214 15.16 -0.70 26.42
C GLU A 214 15.09 -1.79 27.47
N LEU A 215 14.90 -1.38 28.69
CA LEU A 215 14.81 -2.31 29.79
C LEU A 215 13.57 -2.08 30.62
N GLU A 216 12.81 -1.09 30.23
CA GLU A 216 11.61 -0.74 30.95
C GLU A 216 10.42 -1.35 30.25
N GLN A 217 9.67 -2.13 31.02
CA GLN A 217 8.49 -2.83 30.55
C GLN A 217 8.86 -3.98 29.62
N VAL A 218 9.99 -4.63 29.93
CA VAL A 218 10.42 -5.82 29.19
C VAL A 218 9.61 -7.04 29.64
N SMC A 219 8.87 -6.83 30.71
CA SMC A 219 7.96 -7.79 31.27
CB SMC A 219 8.70 -9.01 31.86
SG SMC A 219 7.61 -10.27 32.57
C SMC A 219 7.16 -7.08 32.34
O SMC A 219 5.99 -6.73 32.14
H SMC A 219 8.95 -5.95 31.15
HA SMC A 219 7.29 -8.11 30.49
HB2 SMC A 219 9.36 -8.67 32.64
HB3 SMC A 219 9.29 -9.48 31.09
N ASN A 220 7.86 -6.76 33.44
CA ASN A 220 7.30 -6.14 34.65
C ASN A 220 6.07 -6.87 35.14
N PRO A 221 6.27 -7.97 35.86
CA PRO A 221 5.19 -8.78 36.35
C PRO A 221 4.63 -8.24 37.66
N ILE A 222 3.48 -7.63 37.58
CA ILE A 222 2.78 -7.16 38.74
C ILE A 222 2.18 -8.37 39.44
N ILE A 223 2.01 -8.29 40.73
CA ILE A 223 1.52 -9.44 41.44
C ILE A 223 -0.01 -9.52 41.39
N SER A 224 -0.49 -10.60 40.83
CA SER A 224 -1.88 -10.91 40.77
C SER A 224 -2.40 -11.13 42.18
N GLY A 225 -3.57 -10.64 42.49
CA GLY A 225 -4.05 -10.79 43.82
C GLY A 225 -5.53 -10.71 43.94
N LEU A 226 -6.11 -11.73 44.51
CA LEU A 226 -7.51 -11.75 44.80
C LEU A 226 -7.67 -11.06 46.15
N TYR A 227 -8.05 -9.82 46.13
CA TYR A 227 -8.10 -9.02 47.31
C TYR A 227 -9.46 -9.07 47.98
N GLN A 228 -9.44 -9.31 49.26
CA GLN A 228 -10.62 -9.31 50.08
C GLN A 228 -10.41 -8.30 51.20
N GLY A 229 -11.43 -7.54 51.50
CA GLY A 229 -11.35 -6.58 52.56
C GLY A 229 -11.61 -7.24 53.88
N ALA A 230 -10.60 -7.23 54.73
CA ALA A 230 -10.71 -7.86 56.03
C ALA A 230 -11.76 -7.16 56.88
N GLY A 231 -12.79 -7.88 57.20
CA GLY A 231 -13.86 -7.38 58.01
C GLY A 231 -15.09 -8.21 57.80
N GLY A 232 -16.23 -7.63 58.05
CA GLY A 232 -17.47 -8.34 57.87
C GLY A 232 -18.60 -7.62 58.58
N PRO A 233 -19.41 -6.87 57.84
CA PRO A 233 -20.54 -6.19 58.43
C PRO A 233 -21.78 -7.09 58.56
N GLY A 234 -22.07 -7.48 59.77
CA GLY A 234 -23.23 -8.30 60.03
C GLY A 234 -23.60 -8.24 61.50
N PRO A 235 -24.42 -7.24 61.91
CA PRO A 235 -24.84 -7.09 63.31
C PRO A 235 -25.66 -8.29 63.79
N GLY A 236 -25.06 -9.08 64.64
CA GLY A 236 -25.70 -10.27 65.17
C GLY A 236 -26.24 -10.04 66.55
N GLY A 237 -26.10 -8.83 67.04
CA GLY A 237 -26.63 -8.48 68.33
C GLY A 237 -28.07 -8.04 68.22
N PHE A 238 -28.62 -7.58 69.34
CA PHE A 238 -30.00 -7.08 69.44
C PHE A 238 -31.00 -8.17 69.16
N GLY A 239 -31.15 -9.06 70.09
CA GLY A 239 -32.07 -10.15 69.93
C GLY A 239 -32.28 -10.91 71.20
N ALA A 240 -31.23 -11.08 71.98
CA ALA A 240 -31.32 -11.77 73.24
C ALA A 240 -31.32 -10.77 74.38
N GLN A 241 -32.49 -10.26 74.69
CA GLN A 241 -32.66 -9.29 75.74
C GLN A 241 -33.89 -9.67 76.54
N GLY A 242 -33.68 -10.35 77.63
CA GLY A 242 -34.76 -10.84 78.42
C GLY A 242 -35.19 -9.88 79.51
N PRO A 243 -36.45 -9.40 79.49
CA PRO A 243 -36.97 -8.50 80.51
C PRO A 243 -37.15 -9.22 81.85
N LYS A 244 -37.33 -8.46 82.90
CA LYS A 244 -37.46 -9.02 84.22
C LYS A 244 -38.93 -9.11 84.63
N GLY A 245 -39.45 -10.31 84.66
CA GLY A 245 -40.80 -10.54 85.06
C GLY A 245 -40.91 -11.81 85.88
N GLY A 246 -41.98 -11.96 86.59
CA GLY A 246 -42.16 -13.11 87.43
C GLY A 246 -43.32 -13.95 86.97
N SER A 247 -43.01 -14.98 86.22
CA SER A 247 -44.02 -15.85 85.67
C SER A 247 -44.26 -17.07 86.56
N GLY A 248 -44.01 -16.91 87.85
CA GLY A 248 -44.20 -18.00 88.77
C GLY A 248 -45.18 -17.62 89.84
N SER A 249 -46.13 -16.80 89.48
CA SER A 249 -47.11 -16.36 90.41
C SER A 249 -48.35 -17.26 90.28
N GLY A 250 -48.75 -17.86 91.38
CA GLY A 250 -49.91 -18.70 91.36
C GLY A 250 -51.18 -17.89 91.25
N PRO A 251 -52.28 -18.48 90.75
CA PRO A 251 -53.56 -17.77 90.59
C PRO A 251 -54.32 -17.66 91.92
N THR A 252 -53.74 -18.25 92.93
CA THR A 252 -54.29 -18.28 94.23
C THR A 252 -53.20 -18.81 95.15
N ILE A 253 -53.27 -18.45 96.40
CA ILE A 253 -52.33 -18.90 97.40
C ILE A 253 -53.10 -19.20 98.68
N GLU A 254 -52.42 -19.64 99.68
CA GLU A 254 -53.05 -19.88 100.95
C GLU A 254 -52.81 -18.66 101.83
N GLU A 255 -53.25 -18.71 103.08
CA GLU A 255 -53.08 -17.58 103.95
C GLU A 255 -51.68 -17.54 104.49
N VAL A 256 -50.90 -16.73 103.87
CA VAL A 256 -49.55 -16.45 104.29
C VAL A 256 -49.38 -14.94 104.29
N ASP A 257 -50.52 -14.27 104.33
CA ASP A 257 -50.61 -12.83 104.30
C ASP A 257 -50.16 -12.27 105.61
N SER A 1 -10.50 16.81 36.49
CA SER A 1 -9.64 15.66 36.24
C SER A 1 -8.73 15.93 35.03
N GLU A 2 -9.26 16.67 34.06
CA GLU A 2 -8.55 17.12 32.89
C GLU A 2 -8.12 16.01 31.94
N ASN A 3 -9.10 15.41 31.32
CA ASN A 3 -8.88 14.45 30.26
C ASN A 3 -9.82 14.86 29.15
N VAL A 4 -9.51 14.47 27.93
CA VAL A 4 -10.20 14.95 26.74
C VAL A 4 -9.91 16.43 26.60
N GLN A 5 -8.75 16.67 26.06
CA GLN A 5 -8.24 18.00 25.82
C GLN A 5 -9.11 18.74 24.81
N ASP A 6 -9.12 20.06 24.91
CA ASP A 6 -9.90 20.90 23.99
C ASP A 6 -9.45 20.70 22.56
N LEU A 7 -10.22 19.95 21.83
CA LEU A 7 -9.90 19.64 20.48
C LEU A 7 -10.86 20.31 19.53
N LEU A 8 -10.32 21.12 18.65
CA LEU A 8 -11.10 21.79 17.65
C LEU A 8 -11.18 20.90 16.41
N LEU A 9 -10.05 20.34 16.05
CA LEU A 9 -9.98 19.47 14.90
C LEU A 9 -9.73 18.05 15.37
N LEU A 10 -10.60 17.15 14.98
CA LEU A 10 -10.42 15.72 15.27
C LEU A 10 -9.93 15.04 14.03
N ASP A 11 -9.45 15.84 13.15
CA ASP A 11 -8.93 15.42 11.89
C ASP A 11 -7.50 15.02 12.03
N VAL A 12 -7.34 13.89 12.60
CA VAL A 12 -6.09 13.27 12.74
C VAL A 12 -6.14 11.98 11.92
N ALA A 13 -5.06 11.29 11.85
CA ALA A 13 -5.02 10.03 11.17
C ALA A 13 -5.55 8.96 12.12
N PRO A 14 -6.52 8.12 11.66
CA PRO A 14 -7.08 7.06 12.48
C PRO A 14 -6.23 5.78 12.45
N LEU A 15 -5.47 5.63 11.38
CA LEU A 15 -4.58 4.51 11.17
C LEU A 15 -3.22 5.06 10.85
N SER A 16 -2.25 4.19 10.77
CA SER A 16 -0.94 4.59 10.41
C SER A 16 -0.75 4.36 8.91
N LEU A 17 -0.28 5.38 8.23
CA LEU A 17 -0.04 5.33 6.80
C LEU A 17 1.41 5.02 6.57
N GLY A 18 1.68 4.07 5.72
CA GLY A 18 3.05 3.71 5.47
C GLY A 18 3.28 2.99 4.17
N LEU A 19 4.42 2.39 4.07
CA LEU A 19 4.85 1.66 2.90
C LEU A 19 5.35 0.32 3.36
N GLU A 20 5.45 -0.62 2.46
CA GLU A 20 6.11 -1.84 2.85
C GLU A 20 7.59 -1.74 2.51
N THR A 21 8.40 -1.87 3.50
CA THR A 21 9.81 -1.78 3.34
C THR A 21 10.44 -3.17 3.25
N ALA A 22 11.76 -3.22 3.16
CA ALA A 22 12.48 -4.46 3.03
C ALA A 22 12.19 -5.42 4.17
N GLY A 23 11.84 -6.64 3.80
CA GLY A 23 11.54 -7.65 4.78
C GLY A 23 10.06 -7.78 5.02
N GLY A 24 9.27 -6.99 4.34
CA GLY A 24 7.83 -7.03 4.53
C GLY A 24 7.43 -6.36 5.81
N VAL A 25 8.18 -5.35 6.17
CA VAL A 25 7.95 -4.60 7.37
C VAL A 25 7.06 -3.42 7.02
N MET A 26 6.14 -3.10 7.88
CA MET A 26 5.27 -1.99 7.65
C MET A 26 5.93 -0.81 8.27
N THR A 27 6.35 0.10 7.49
CA THR A 27 6.96 1.26 8.02
C THR A 27 6.02 2.42 7.82
N ALA A 28 5.49 2.89 8.92
CA ALA A 28 4.55 3.96 8.91
C ALA A 28 5.26 5.27 9.02
N LEU A 29 4.85 6.20 8.23
CA LEU A 29 5.41 7.52 8.31
C LEU A 29 4.46 8.37 9.10
N ILE A 30 3.19 8.33 8.74
CA ILE A 30 2.19 9.06 9.45
C ILE A 30 1.48 8.10 10.35
N LYS A 31 1.79 8.15 11.60
CA LYS A 31 1.13 7.31 12.56
C LYS A 31 -0.20 7.94 12.93
N ARG A 32 -1.09 7.18 13.51
CA ARG A 32 -2.35 7.74 13.92
C ARG A 32 -2.16 8.78 15.01
N ASN A 33 -3.16 9.64 15.16
CA ASN A 33 -3.17 10.79 16.10
C ASN A 33 -2.34 11.95 15.59
N SER A 34 -1.84 11.84 14.39
CA SER A 34 -1.14 12.93 13.78
C SER A 34 -2.16 13.86 13.15
N THR A 35 -2.23 15.05 13.66
CA THR A 35 -3.15 16.04 13.21
C THR A 35 -2.73 16.55 11.84
N ILE A 36 -3.68 16.63 10.96
CA ILE A 36 -3.44 17.10 9.62
C ILE A 36 -3.70 18.62 9.59
N PRO A 37 -3.19 19.37 8.59
CA PRO A 37 -2.41 18.84 7.44
C PRO A 37 -1.03 18.33 7.82
N THR A 38 -0.60 17.33 7.11
CA THR A 38 0.69 16.74 7.28
C THR A 38 1.52 16.88 6.04
N LYS A 39 2.75 17.23 6.22
CA LYS A 39 3.68 17.24 5.16
C LYS A 39 4.93 16.60 5.69
N GLN A 40 5.14 15.38 5.38
CA GLN A 40 6.23 14.64 5.93
C GLN A 40 7.13 14.14 4.82
N THR A 41 8.41 14.34 4.95
CA THR A 41 9.35 13.92 3.96
C THR A 41 10.47 13.11 4.61
N GLN A 42 10.69 11.91 4.12
CA GLN A 42 11.73 11.04 4.64
C GLN A 42 12.48 10.41 3.48
N ILE A 43 13.74 10.08 3.69
CA ILE A 43 14.58 9.53 2.64
C ILE A 43 14.65 8.01 2.77
N PHE A 44 14.26 7.35 1.72
CA PHE A 44 14.28 5.91 1.66
C PHE A 44 15.37 5.46 0.71
N THR A 45 15.75 4.21 0.82
CA THR A 45 16.81 3.64 0.01
C THR A 45 16.39 2.23 -0.46
N THR A 46 17.14 1.63 -1.36
CA THR A 46 16.83 0.28 -1.75
C THR A 46 17.67 -0.73 -0.96
N TYR A 47 17.04 -1.79 -0.53
CA TYR A 47 17.75 -2.95 -0.02
C TYR A 47 17.60 -4.04 -1.03
N SER A 48 17.52 -3.59 -2.24
CA SER A 48 17.38 -4.39 -3.36
C SER A 48 18.38 -3.96 -4.41
N ASP A 49 18.64 -4.84 -5.31
CA ASP A 49 19.50 -4.61 -6.44
C ASP A 49 18.80 -5.22 -7.61
N ASN A 50 19.18 -4.84 -8.82
CA ASN A 50 18.54 -5.31 -10.07
C ASN A 50 17.13 -4.78 -10.18
N GLN A 51 16.84 -3.69 -9.47
CA GLN A 51 15.52 -3.13 -9.52
C GLN A 51 15.35 -2.29 -10.79
N PRO A 52 14.33 -2.56 -11.62
CA PRO A 52 14.04 -1.72 -12.79
C PRO A 52 13.46 -0.39 -12.33
N GLY A 53 12.98 -0.40 -11.12
CA GLY A 53 12.40 0.72 -10.51
C GLY A 53 12.02 0.38 -9.13
N VAL A 54 11.55 1.33 -8.38
CA VAL A 54 11.12 1.06 -7.04
C VAL A 54 9.61 1.03 -6.98
N LEU A 55 9.10 -0.01 -6.39
CA LEU A 55 7.69 -0.18 -6.22
C LEU A 55 7.24 0.50 -4.96
N ILE A 56 6.69 1.67 -5.10
CA ILE A 56 6.17 2.38 -3.97
C ILE A 56 4.77 1.85 -3.72
N GLN A 57 4.68 0.93 -2.81
CA GLN A 57 3.44 0.31 -2.50
C GLN A 57 3.00 0.79 -1.12
N VAL A 58 1.94 1.59 -1.14
CA VAL A 58 1.44 2.30 0.02
C VAL A 58 0.36 1.50 0.73
N TYR A 59 0.45 1.45 2.04
CA TYR A 59 -0.48 0.72 2.87
C TYR A 59 -0.92 1.57 4.03
N GLU A 60 -1.98 1.16 4.64
CA GLU A 60 -2.48 1.78 5.83
C GLU A 60 -2.86 0.70 6.80
N GLY A 61 -3.07 1.05 8.02
CA GLY A 61 -3.64 0.09 8.94
C GLY A 61 -2.78 -0.19 10.13
N GLU A 62 -2.12 -1.34 10.12
CA GLU A 62 -1.35 -1.81 11.25
C GLU A 62 -0.01 -1.10 11.33
N ARG A 63 0.71 -1.34 12.40
CA ARG A 63 1.92 -0.58 12.66
C ARG A 63 3.17 -1.47 12.56
N ALA A 64 3.04 -2.76 12.82
CA ALA A 64 4.21 -3.62 12.92
C ALA A 64 4.65 -4.29 11.62
N MET A 65 3.76 -4.94 10.97
CA MET A 65 4.12 -5.72 9.80
C MET A 65 3.03 -5.60 8.80
N THR A 66 3.40 -5.69 7.55
CA THR A 66 2.48 -5.57 6.48
C THR A 66 1.64 -6.85 6.36
N LYS A 67 0.61 -6.95 7.17
CA LYS A 67 -0.24 -8.10 7.19
C LYS A 67 -1.69 -7.78 6.83
N ASP A 68 -2.44 -7.21 7.75
CA ASP A 68 -3.85 -6.94 7.47
C ASP A 68 -4.04 -5.52 7.01
N ASN A 69 -2.92 -4.90 6.69
CA ASN A 69 -2.86 -3.57 6.13
C ASN A 69 -3.57 -3.54 4.81
N ASN A 70 -4.26 -2.48 4.52
CA ASN A 70 -4.96 -2.39 3.27
C ASN A 70 -4.12 -1.63 2.28
N LEU A 71 -4.17 -2.08 1.05
CA LEU A 71 -3.43 -1.51 -0.02
C LEU A 71 -4.08 -0.21 -0.48
N LEU A 72 -3.33 0.86 -0.46
CA LEU A 72 -3.83 2.11 -0.94
C LEU A 72 -3.55 2.26 -2.42
N GLY A 73 -2.38 1.84 -2.83
CA GLY A 73 -2.02 1.93 -4.22
C GLY A 73 -0.58 1.58 -4.43
N ARG A 74 -0.18 1.44 -5.67
CA ARG A 74 1.19 1.11 -6.01
C ARG A 74 1.62 1.92 -7.23
N PHE A 75 2.79 2.47 -7.18
CA PHE A 75 3.35 3.12 -8.34
C PHE A 75 4.84 2.87 -8.40
N GLU A 76 5.33 2.55 -9.57
CA GLU A 76 6.73 2.25 -9.73
C GLU A 76 7.47 3.41 -10.29
N LEU A 77 8.41 3.88 -9.55
CA LEU A 77 9.27 4.92 -10.03
C LEU A 77 10.42 4.18 -10.67
N SER A 78 10.45 4.15 -11.97
CA SER A 78 11.34 3.28 -12.68
C SER A 78 12.40 4.02 -13.48
N GLY A 79 13.41 3.28 -13.92
CA GLY A 79 14.50 3.85 -14.66
C GLY A 79 15.72 3.95 -13.80
N ILE A 80 15.61 3.44 -12.59
CA ILE A 80 16.70 3.45 -11.63
C ILE A 80 17.62 2.26 -11.90
N PRO A 81 18.87 2.50 -12.33
CA PRO A 81 19.82 1.43 -12.65
C PRO A 81 20.22 0.64 -11.40
N PRO A 82 20.30 -0.71 -11.53
CA PRO A 82 20.70 -1.62 -10.45
C PRO A 82 21.97 -1.16 -9.70
N ALA A 83 21.85 -1.05 -8.41
CA ALA A 83 22.94 -0.58 -7.57
C ALA A 83 23.09 -1.54 -6.40
N PRO A 84 24.30 -1.67 -5.79
CA PRO A 84 24.61 -2.64 -4.70
C PRO A 84 23.93 -2.34 -3.34
N ARG A 85 22.67 -1.89 -3.38
CA ARG A 85 21.83 -1.56 -2.21
C ARG A 85 22.34 -0.33 -1.45
N GLY A 86 21.42 0.46 -0.95
CA GLY A 86 21.75 1.64 -0.17
C GLY A 86 22.37 2.74 -1.00
N VAL A 87 22.16 2.72 -2.29
CA VAL A 87 22.70 3.73 -3.17
C VAL A 87 21.59 4.69 -3.69
N PRO A 88 20.49 4.21 -4.32
CA PRO A 88 19.42 5.09 -4.77
C PRO A 88 18.64 5.66 -3.59
N GLN A 89 18.46 6.96 -3.58
CA GLN A 89 17.78 7.62 -2.51
C GLN A 89 16.46 8.15 -3.01
N ILE A 90 15.41 7.74 -2.37
CA ILE A 90 14.09 8.13 -2.75
C ILE A 90 13.54 9.07 -1.69
N GLU A 91 13.13 10.23 -2.11
CA GLU A 91 12.53 11.18 -1.24
C GLU A 91 11.04 10.93 -1.24
N VAL A 92 10.53 10.46 -0.13
CA VAL A 92 9.14 10.12 -0.04
C VAL A 92 8.43 11.15 0.82
N THR A 93 7.35 11.66 0.32
CA THR A 93 6.59 12.66 0.98
C THR A 93 5.14 12.20 1.15
N PHE A 94 4.72 12.10 2.39
CA PHE A 94 3.36 11.80 2.74
C PHE A 94 2.69 13.09 3.12
N ASP A 95 1.71 13.47 2.36
CA ASP A 95 1.03 14.73 2.54
C ASP A 95 -0.46 14.55 2.60
N ILE A 96 -1.03 14.88 3.71
CA ILE A 96 -2.47 14.87 3.86
C ILE A 96 -2.89 16.31 4.07
N ASP A 97 -3.87 16.77 3.34
CA ASP A 97 -4.34 18.14 3.46
C ASP A 97 -5.41 18.20 4.55
N ALA A 98 -6.06 19.35 4.71
CA ALA A 98 -7.08 19.49 5.74
C ALA A 98 -8.37 18.74 5.40
N ASN A 99 -8.55 18.31 4.15
CA ASN A 99 -9.76 17.58 3.80
C ASN A 99 -9.55 16.13 4.15
N GLY A 100 -8.32 15.70 4.03
CA GLY A 100 -7.98 14.32 4.28
C GLY A 100 -7.44 13.64 3.05
N ILE A 101 -7.08 14.45 2.06
CA ILE A 101 -6.55 13.97 0.82
C ILE A 101 -5.08 13.66 1.00
N LEU A 102 -4.72 12.43 0.78
CA LEU A 102 -3.36 11.99 0.90
C LEU A 102 -2.69 11.94 -0.46
N ASN A 103 -1.68 12.73 -0.59
CA ASN A 103 -0.89 12.80 -1.78
C ASN A 103 0.49 12.26 -1.44
N VAL A 104 0.83 11.13 -1.99
CA VAL A 104 2.11 10.52 -1.71
C VAL A 104 3.03 10.76 -2.88
N THR A 105 4.09 11.48 -2.64
CA THR A 105 5.03 11.79 -3.68
C THR A 105 6.36 11.07 -3.43
N ALA A 106 6.91 10.47 -4.46
CA ALA A 106 8.20 9.84 -4.38
C ALA A 106 9.09 10.46 -5.44
N THR A 107 10.21 10.97 -5.02
CA THR A 107 11.14 11.59 -5.92
C THR A 107 12.52 10.93 -5.82
N ASP A 108 12.97 10.36 -6.90
CA ASP A 108 14.26 9.69 -6.97
C ASP A 108 15.37 10.65 -7.21
N LYS A 109 16.33 10.64 -6.32
CA LYS A 109 17.50 11.49 -6.43
C LYS A 109 18.40 11.09 -7.59
N SER A 110 18.37 9.82 -7.94
CA SER A 110 19.24 9.25 -8.95
C SER A 110 18.87 9.79 -10.35
N THR A 111 17.67 9.51 -10.78
CA THR A 111 17.21 9.92 -12.08
C THR A 111 16.66 11.35 -12.03
N GLY A 112 15.97 11.66 -10.96
CA GLY A 112 15.36 12.96 -10.82
C GLY A 112 13.87 12.89 -11.03
N LYS A 113 13.37 11.68 -11.24
CA LYS A 113 11.96 11.46 -11.47
C LYS A 113 11.13 11.62 -10.23
N ALA A 114 9.92 12.06 -10.43
CA ALA A 114 8.97 12.21 -9.37
C ALA A 114 7.65 11.64 -9.81
N ASN A 115 7.05 10.89 -8.96
CA ASN A 115 5.72 10.31 -9.19
C ASN A 115 4.92 10.47 -7.95
N LYS A 116 3.64 10.67 -8.09
CA LYS A 116 2.79 10.80 -6.96
C LYS A 116 1.45 10.14 -7.17
N ILE A 117 0.78 9.90 -6.08
CA ILE A 117 -0.57 9.38 -6.11
C ILE A 117 -1.43 10.26 -5.23
N THR A 118 -2.63 10.41 -5.61
CA THR A 118 -3.56 11.30 -4.95
C THR A 118 -4.79 10.52 -4.50
N ILE A 119 -5.04 10.46 -3.21
CA ILE A 119 -6.19 9.76 -2.69
C ILE A 119 -7.08 10.74 -1.92
N THR A 120 -8.28 10.89 -2.37
CA THR A 120 -9.26 11.77 -1.75
C THR A 120 -10.09 10.96 -0.76
N ASN A 121 -10.94 11.63 0.01
CA ASN A 121 -11.79 10.95 1.00
C ASN A 121 -12.88 10.22 0.27
N ASP A 122 -13.17 10.71 -0.94
CA ASP A 122 -14.24 10.19 -1.78
C ASP A 122 -14.01 8.72 -2.09
N LYS A 123 -12.82 8.39 -2.54
CA LYS A 123 -12.51 7.03 -2.86
C LYS A 123 -11.25 6.57 -2.17
N GLY A 124 -11.41 6.01 -1.02
CA GLY A 124 -10.30 5.43 -0.33
C GLY A 124 -10.26 3.96 -0.60
N ARG A 125 -10.40 3.17 0.42
CA ARG A 125 -10.44 1.72 0.32
C ARG A 125 -11.42 1.21 1.35
N LEU A 126 -12.17 0.16 1.01
CA LEU A 126 -13.16 -0.47 1.91
C LEU A 126 -14.35 0.48 2.19
N SER A 127 -15.23 0.14 3.11
CA SER A 127 -16.37 0.98 3.36
C SER A 127 -16.16 1.94 4.53
N LYS A 128 -16.28 1.44 5.73
CA LYS A 128 -16.13 2.27 6.91
C LYS A 128 -15.99 1.43 8.12
N GLU A 129 -16.82 0.43 8.22
CA GLU A 129 -16.88 -0.42 9.41
C GLU A 129 -15.57 -1.13 9.63
N GLU A 130 -15.08 -1.75 8.58
CA GLU A 130 -13.83 -2.50 8.58
C GLU A 130 -12.70 -1.59 8.99
N ILE A 131 -12.73 -0.38 8.47
CA ILE A 131 -11.72 0.64 8.69
C ILE A 131 -11.65 0.97 10.19
N GLU A 132 -12.80 1.27 10.78
CA GLU A 132 -12.83 1.60 12.19
C GLU A 132 -12.62 0.37 13.07
N ARG A 133 -12.95 -0.81 12.56
CA ARG A 133 -12.63 -2.06 13.25
C ARG A 133 -11.12 -2.19 13.38
N MET A 134 -10.40 -1.89 12.29
CA MET A 134 -8.93 -1.92 12.28
C MET A 134 -8.39 -0.95 13.28
N VAL A 135 -9.06 0.18 13.40
CA VAL A 135 -8.72 1.20 14.40
C VAL A 135 -8.78 0.60 15.80
N GLN A 136 -9.93 0.01 16.12
CA GLN A 136 -10.18 -0.59 17.44
C GLN A 136 -9.17 -1.69 17.74
N GLU A 137 -9.07 -2.65 16.81
CA GLU A 137 -8.22 -3.82 16.96
C GLU A 137 -6.76 -3.44 17.12
N ALA A 138 -6.25 -2.65 16.17
CA ALA A 138 -4.84 -2.31 16.15
C ALA A 138 -4.44 -1.43 17.32
N GLU A 139 -5.36 -0.66 17.86
CA GLU A 139 -5.08 0.12 19.07
C GLU A 139 -5.04 -0.77 20.30
N LYS A 140 -5.84 -1.82 20.30
CA LYS A 140 -5.82 -2.75 21.40
C LYS A 140 -4.51 -3.55 21.30
N TYR A 141 -4.07 -3.80 20.08
CA TYR A 141 -2.82 -4.48 19.82
C TYR A 141 -1.66 -3.51 19.67
N LYS A 142 -1.87 -2.24 20.02
CA LYS A 142 -0.85 -1.20 19.81
C LYS A 142 0.48 -1.59 20.43
N ALA A 143 0.43 -2.03 21.67
CA ALA A 143 1.61 -2.42 22.39
C ALA A 143 2.27 -3.63 21.74
N GLU A 144 1.45 -4.50 21.17
CA GLU A 144 1.95 -5.70 20.55
C GLU A 144 2.62 -5.35 19.22
N ASP A 145 1.97 -4.50 18.43
CA ASP A 145 2.53 -4.03 17.16
C ASP A 145 3.82 -3.29 17.34
N GLU A 146 3.86 -2.34 18.25
CA GLU A 146 5.08 -1.56 18.42
C GLU A 146 6.25 -2.42 18.89
N VAL A 147 5.98 -3.44 19.68
CA VAL A 147 7.02 -4.37 20.10
C VAL A 147 7.45 -5.26 18.92
N GLN A 148 6.47 -5.85 18.21
CA GLN A 148 6.72 -6.69 17.02
C GLN A 148 7.54 -5.94 15.98
N ARG A 149 7.18 -4.68 15.79
CA ARG A 149 7.87 -3.81 14.85
C ARG A 149 9.33 -3.62 15.25
N GLU A 150 9.53 -3.26 16.51
CA GLU A 150 10.86 -2.94 17.01
C GLU A 150 11.71 -4.16 17.30
N ARG A 151 11.17 -5.32 17.11
CA ARG A 151 11.92 -6.54 17.19
C ARG A 151 12.58 -6.82 15.84
N VAL A 152 12.13 -6.11 14.81
CA VAL A 152 12.66 -6.27 13.48
C VAL A 152 13.40 -4.98 13.10
N SER A 153 14.31 -5.05 12.17
CA SER A 153 15.00 -3.89 11.72
C SER A 153 14.15 -3.09 10.73
N ALA A 154 13.43 -2.12 11.26
CA ALA A 154 12.58 -1.28 10.45
C ALA A 154 13.36 -0.06 10.02
N LYS A 155 13.94 -0.16 8.86
CA LYS A 155 14.74 0.91 8.31
C LYS A 155 14.03 1.47 7.09
N ASN A 156 14.36 2.67 6.71
CA ASN A 156 13.70 3.30 5.58
C ASN A 156 14.33 2.87 4.27
N ALA A 157 14.14 1.62 3.97
CA ALA A 157 14.65 1.03 2.78
C ALA A 157 13.65 0.02 2.28
N LEU A 158 13.41 0.01 1.01
CA LEU A 158 12.41 -0.86 0.45
C LEU A 158 13.06 -1.96 -0.35
N GLU A 159 12.38 -3.06 -0.41
CA GLU A 159 12.78 -4.17 -1.23
C GLU A 159 11.99 -4.03 -2.51
N SER A 160 12.66 -3.90 -3.60
CA SER A 160 12.00 -3.79 -4.86
C SER A 160 12.70 -4.70 -5.85
N TYR A 161 12.09 -5.87 -6.09
CA TYR A 161 12.58 -6.87 -7.04
C TYR A 161 13.92 -7.50 -6.60
N ALA A 162 14.18 -7.49 -5.29
CA ALA A 162 15.48 -7.98 -4.71
C ALA A 162 15.63 -9.48 -4.83
N PHE A 163 14.56 -10.13 -5.17
CA PHE A 163 14.56 -11.57 -5.32
C PHE A 163 15.28 -12.00 -6.61
N ASN A 164 15.48 -11.04 -7.52
CA ASN A 164 16.12 -11.27 -8.83
C ASN A 164 15.38 -12.32 -9.66
N MET A 165 14.39 -11.87 -10.37
CA MET A 165 13.58 -12.72 -11.23
C MET A 165 12.80 -11.79 -12.13
N LYS A 166 13.04 -11.86 -13.42
CA LYS A 166 12.38 -10.96 -14.31
C LYS A 166 11.21 -11.65 -15.00
N SER A 167 10.09 -11.02 -14.97
CA SER A 167 8.94 -11.54 -15.62
C SER A 167 8.65 -10.67 -16.83
N ALA A 168 8.59 -11.28 -18.00
CA ALA A 168 8.32 -10.56 -19.23
C ALA A 168 7.99 -11.54 -20.32
N VAL A 169 7.57 -11.05 -21.44
CA VAL A 169 7.35 -11.85 -22.59
C VAL A 169 8.70 -12.00 -23.27
N GLU A 170 9.35 -13.10 -23.01
CA GLU A 170 10.67 -13.35 -23.53
C GLU A 170 10.67 -14.52 -24.49
N ASP A 171 11.24 -14.29 -25.64
CA ASP A 171 11.29 -15.28 -26.73
C ASP A 171 12.68 -15.30 -27.36
N GLU A 172 13.43 -14.25 -27.12
CA GLU A 172 14.72 -14.02 -27.73
C GLU A 172 15.82 -14.89 -27.12
N GLY A 173 15.84 -14.99 -25.82
CA GLY A 173 16.87 -15.74 -25.16
C GLY A 173 18.05 -14.84 -24.81
N LEU A 174 19.22 -15.42 -24.66
CA LEU A 174 20.42 -14.67 -24.30
C LEU A 174 21.12 -14.13 -25.56
N LYS A 175 20.91 -14.81 -26.67
CA LYS A 175 21.57 -14.43 -27.90
C LYS A 175 20.72 -14.84 -29.09
N GLY A 176 20.64 -13.98 -30.06
CA GLY A 176 19.89 -14.29 -31.25
C GLY A 176 20.73 -15.05 -32.25
N LYS A 177 22.04 -14.89 -32.12
CA LYS A 177 22.98 -15.51 -33.03
C LYS A 177 23.13 -16.98 -32.74
N ILE A 178 22.46 -17.79 -33.52
CA ILE A 178 22.53 -19.24 -33.38
C ILE A 178 23.34 -19.83 -34.53
N SER A 179 23.85 -18.97 -35.35
CA SER A 179 24.63 -19.38 -36.48
C SER A 179 26.11 -19.44 -36.11
N GLU A 180 26.88 -20.18 -36.87
CA GLU A 180 28.30 -20.32 -36.65
C GLU A 180 29.02 -19.02 -36.97
N ALA A 181 29.59 -18.40 -35.96
CA ALA A 181 30.39 -17.23 -36.17
C ALA A 181 31.71 -17.69 -36.74
N ASP A 182 31.90 -17.44 -38.00
CA ASP A 182 33.04 -17.95 -38.71
C ASP A 182 34.28 -17.08 -38.47
N LYS A 183 35.17 -17.57 -37.66
CA LYS A 183 36.47 -16.93 -37.46
C LYS A 183 37.55 -18.00 -37.46
N LYS A 184 38.60 -17.76 -38.18
CA LYS A 184 39.63 -18.77 -38.40
C LYS A 184 40.94 -18.39 -37.77
N LYS A 185 41.87 -19.32 -37.78
CA LYS A 185 43.18 -19.12 -37.22
C LYS A 185 44.02 -18.24 -38.13
N VAL A 186 44.08 -16.98 -37.80
CA VAL A 186 44.83 -16.02 -38.55
C VAL A 186 46.26 -15.95 -38.02
N LEU A 187 46.41 -15.57 -36.77
CA LEU A 187 47.74 -15.44 -36.19
C LEU A 187 47.74 -15.97 -34.75
N ASP A 188 46.81 -16.84 -34.44
CA ASP A 188 46.80 -17.47 -33.12
C ASP A 188 47.57 -18.77 -33.19
N LYS A 189 48.28 -18.94 -34.27
CA LYS A 189 49.13 -20.08 -34.48
C LYS A 189 50.52 -19.69 -34.03
N SMC A 190 51.06 -20.36 -33.04
CA SMC A 190 52.44 -20.11 -32.67
CB SMC A 190 52.74 -20.55 -31.23
SG SMC A 190 54.44 -20.25 -30.70
C SMC A 190 53.31 -20.84 -33.66
O SMC A 190 54.27 -20.30 -34.22
H SMC A 190 50.55 -21.06 -32.57
HA SMC A 190 52.61 -19.04 -32.78
HB2 SMC A 190 52.55 -21.61 -31.16
HB3 SMC A 190 52.08 -20.03 -30.54
N GLN A 191 52.92 -22.06 -33.92
CA GLN A 191 53.53 -22.90 -34.92
C GLN A 191 52.42 -23.57 -35.63
N GLU A 192 52.47 -23.63 -36.93
CA GLU A 192 51.50 -24.40 -37.62
C GLU A 192 52.06 -25.79 -37.72
N VAL A 193 51.83 -26.55 -36.67
CA VAL A 193 52.38 -27.88 -36.55
C VAL A 193 51.67 -28.82 -37.50
N ILE A 194 50.40 -28.58 -37.65
CA ILE A 194 49.60 -29.36 -38.54
C ILE A 194 49.33 -28.54 -39.78
N SER A 195 49.99 -28.88 -40.83
CA SER A 195 49.79 -28.22 -42.09
C SER A 195 48.76 -29.00 -42.91
N TRP A 196 47.55 -28.49 -42.98
CA TRP A 196 46.48 -29.19 -43.67
C TRP A 196 46.21 -28.57 -45.04
N LEU A 197 46.43 -27.28 -45.17
CA LEU A 197 46.13 -26.57 -46.40
C LEU A 197 47.16 -25.46 -46.58
N ASP A 198 48.35 -25.73 -46.10
CA ASP A 198 49.45 -24.77 -46.12
C ASP A 198 49.87 -24.40 -47.55
N ALA A 199 49.80 -25.35 -48.46
CA ALA A 199 50.16 -25.09 -49.84
C ALA A 199 49.21 -25.79 -50.81
N ASN A 200 48.44 -26.75 -50.29
CA ASN A 200 47.44 -27.52 -51.06
C ASN A 200 48.12 -28.51 -52.02
N THR A 201 48.75 -28.00 -53.08
CA THR A 201 49.45 -28.78 -54.09
C THR A 201 48.51 -29.73 -54.88
N LEU A 202 48.13 -30.84 -54.23
CA LEU A 202 47.30 -31.91 -54.79
C LEU A 202 47.91 -32.55 -56.04
N ALA A 203 47.73 -31.91 -57.18
CA ALA A 203 48.22 -32.41 -58.44
C ALA A 203 48.44 -31.26 -59.39
N GLU A 204 49.52 -31.31 -60.11
CA GLU A 204 49.87 -30.27 -61.06
C GLU A 204 50.15 -30.86 -62.43
N LYS A 205 51.06 -31.79 -62.47
CA LYS A 205 51.47 -32.38 -63.71
C LYS A 205 50.70 -33.66 -63.93
N ASP A 206 50.42 -33.97 -65.16
CA ASP A 206 49.72 -35.20 -65.49
C ASP A 206 50.67 -36.34 -65.33
N GLU A 207 50.18 -37.43 -64.84
CA GLU A 207 50.97 -38.61 -64.55
C GLU A 207 51.67 -39.19 -65.78
N PHE A 208 51.09 -39.05 -66.97
CA PHE A 208 51.75 -39.56 -68.16
C PHE A 208 52.13 -38.43 -69.13
N GLU A 209 51.50 -37.27 -68.98
CA GLU A 209 51.68 -36.18 -69.96
C GLU A 209 52.82 -35.24 -69.52
N HIS A 210 53.53 -35.60 -68.44
CA HIS A 210 54.65 -34.75 -67.98
C HIS A 210 55.95 -35.07 -68.71
N LYS A 211 55.96 -36.14 -69.47
CA LYS A 211 57.11 -36.51 -70.26
C LYS A 211 56.68 -36.83 -71.69
N ARG A 212 56.61 -35.81 -72.50
CA ARG A 212 56.15 -35.94 -73.87
C ARG A 212 56.55 -34.74 -74.68
N LYS A 213 56.77 -34.95 -75.99
CA LYS A 213 57.13 -33.88 -76.93
C LYS A 213 58.42 -33.18 -76.54
N GLU A 214 58.72 -32.15 -77.25
CA GLU A 214 59.77 -31.26 -76.88
C GLU A 214 59.00 -30.09 -76.27
N LEU A 215 58.71 -30.24 -74.99
CA LEU A 215 57.84 -29.34 -74.27
C LEU A 215 58.50 -27.99 -74.06
N GLU A 216 57.70 -26.93 -74.17
CA GLU A 216 58.17 -25.57 -73.98
C GLU A 216 58.68 -25.40 -72.57
N GLN A 217 57.90 -25.89 -71.61
CA GLN A 217 58.33 -25.88 -70.24
C GLN A 217 59.27 -27.06 -70.05
N VAL A 218 60.53 -26.78 -70.21
CA VAL A 218 61.54 -27.80 -70.13
C VAL A 218 61.90 -28.14 -68.68
N SMC A 219 61.34 -29.23 -68.21
CA SMC A 219 61.63 -29.78 -66.89
CB SMC A 219 60.34 -30.03 -66.12
SG SMC A 219 59.31 -28.57 -65.92
C SMC A 219 62.41 -31.08 -67.07
O SMC A 219 62.74 -31.79 -66.10
H SMC A 219 60.65 -29.69 -68.75
HA SMC A 219 62.24 -29.07 -66.36
HB2 SMC A 219 60.58 -30.40 -65.13
HB3 SMC A 219 59.76 -30.77 -66.64
N ASN A 220 62.69 -31.38 -68.33
CA ASN A 220 63.47 -32.55 -68.72
C ASN A 220 64.93 -32.30 -68.41
N PRO A 221 65.67 -33.35 -68.08
CA PRO A 221 67.10 -33.24 -67.76
C PRO A 221 67.97 -32.80 -68.95
N ILE A 222 68.36 -31.56 -68.91
CA ILE A 222 69.32 -31.00 -69.84
C ILE A 222 70.52 -30.66 -68.99
N ILE A 223 71.70 -31.02 -69.47
CA ILE A 223 72.97 -30.91 -68.72
C ILE A 223 73.01 -32.03 -67.69
N SER A 224 73.76 -33.03 -68.00
CA SER A 224 73.91 -34.17 -67.13
C SER A 224 75.30 -34.72 -67.28
N GLY A 225 75.72 -35.52 -66.33
CA GLY A 225 76.98 -36.16 -66.44
C GLY A 225 77.49 -36.60 -65.12
N LEU A 226 78.65 -36.11 -64.80
CA LEU A 226 79.35 -36.45 -63.59
C LEU A 226 80.39 -35.36 -63.34
N TYR A 227 81.06 -35.44 -62.20
CA TYR A 227 82.06 -34.47 -61.77
C TYR A 227 81.38 -33.13 -61.47
N GLN A 228 80.69 -33.10 -60.34
CA GLN A 228 79.96 -31.93 -59.86
C GLN A 228 79.91 -31.98 -58.34
N GLY A 229 79.36 -33.06 -57.83
CA GLY A 229 79.25 -33.23 -56.42
C GLY A 229 79.16 -34.70 -56.05
N ALA A 230 78.50 -34.97 -54.96
CA ALA A 230 78.34 -36.32 -54.48
C ALA A 230 76.87 -36.65 -54.36
N GLY A 231 76.53 -37.89 -54.55
CA GLY A 231 75.16 -38.30 -54.43
C GLY A 231 74.97 -39.72 -54.88
N GLY A 232 74.78 -40.59 -53.94
CA GLY A 232 74.55 -41.98 -54.25
C GLY A 232 74.43 -42.80 -52.99
N PRO A 233 73.29 -42.73 -52.29
CA PRO A 233 73.05 -43.53 -51.10
C PRO A 233 72.52 -44.92 -51.46
N GLY A 234 72.51 -45.79 -50.49
CA GLY A 234 71.98 -47.11 -50.68
C GLY A 234 71.27 -47.53 -49.42
N PRO A 235 69.98 -47.87 -49.49
CA PRO A 235 69.21 -48.25 -48.31
C PRO A 235 69.61 -49.63 -47.79
N GLY A 236 70.14 -49.66 -46.60
CA GLY A 236 70.59 -50.90 -46.03
C GLY A 236 72.01 -51.18 -46.42
N GLY A 237 72.39 -52.42 -46.36
CA GLY A 237 73.71 -52.79 -46.74
C GLY A 237 73.73 -54.11 -47.41
N PHE A 238 74.02 -55.13 -46.67
CA PHE A 238 74.08 -56.46 -47.20
C PHE A 238 73.38 -57.39 -46.26
N GLY A 239 72.31 -57.99 -46.75
CA GLY A 239 71.56 -58.94 -45.99
C GLY A 239 72.29 -60.24 -45.86
N ALA A 240 72.95 -60.42 -44.76
CA ALA A 240 73.66 -61.63 -44.46
C ALA A 240 73.43 -61.99 -43.02
N GLN A 241 73.01 -63.19 -42.78
CA GLN A 241 72.77 -63.62 -41.43
C GLN A 241 73.86 -64.52 -40.91
N GLY A 242 74.44 -65.31 -41.78
CA GLY A 242 75.48 -66.22 -41.38
C GLY A 242 74.92 -67.47 -40.70
N PRO A 243 75.19 -68.66 -41.24
CA PRO A 243 74.73 -69.93 -40.65
C PRO A 243 75.18 -70.07 -39.20
N LYS A 244 74.24 -70.37 -38.33
CA LYS A 244 74.50 -70.56 -36.91
C LYS A 244 75.37 -71.78 -36.70
N GLY A 245 74.99 -72.83 -37.33
CA GLY A 245 75.67 -74.06 -37.20
C GLY A 245 74.70 -75.19 -37.31
N GLY A 246 74.87 -76.18 -36.48
CA GLY A 246 74.01 -77.32 -36.50
C GLY A 246 74.70 -78.49 -35.87
N SER A 247 75.18 -78.28 -34.65
CA SER A 247 75.86 -79.29 -33.91
C SER A 247 74.88 -80.41 -33.55
N GLY A 248 73.73 -80.02 -33.01
CA GLY A 248 72.72 -80.96 -32.61
C GLY A 248 73.06 -81.61 -31.29
N SER A 249 74.01 -81.03 -30.62
CA SER A 249 74.47 -81.55 -29.38
C SER A 249 74.68 -80.40 -28.41
N GLY A 250 74.12 -80.52 -27.25
CA GLY A 250 74.24 -79.52 -26.25
C GLY A 250 74.10 -80.13 -24.89
N PRO A 251 74.85 -79.64 -23.88
CA PRO A 251 74.81 -80.17 -22.52
C PRO A 251 73.40 -80.18 -21.94
N THR A 252 72.82 -81.34 -21.88
CA THR A 252 71.50 -81.51 -21.35
C THR A 252 71.56 -82.59 -20.27
N ILE A 253 72.58 -82.48 -19.45
CA ILE A 253 72.78 -83.37 -18.34
C ILE A 253 73.08 -82.53 -17.12
N GLU A 254 72.60 -82.95 -15.98
CA GLU A 254 72.76 -82.20 -14.78
C GLU A 254 73.37 -83.03 -13.67
N GLU A 255 74.57 -82.69 -13.30
CA GLU A 255 75.25 -83.37 -12.24
C GLU A 255 74.72 -82.78 -10.93
N VAL A 256 73.81 -83.48 -10.30
CA VAL A 256 73.16 -82.99 -9.09
C VAL A 256 73.96 -83.35 -7.86
N ASP A 257 73.50 -82.89 -6.71
CA ASP A 257 74.20 -83.16 -5.46
C ASP A 257 73.78 -84.49 -4.92
N SER A 1 -16.99 9.48 1.39
CA SER A 1 -18.19 9.77 2.17
C SER A 1 -17.84 10.69 3.32
N GLU A 2 -18.25 11.92 3.20
CA GLU A 2 -18.01 12.92 4.20
C GLU A 2 -19.17 12.96 5.17
N ASN A 3 -18.86 13.00 6.43
CA ASN A 3 -19.87 13.02 7.49
C ASN A 3 -20.31 14.44 7.76
N VAL A 4 -19.36 15.36 7.64
CA VAL A 4 -19.51 16.77 7.95
C VAL A 4 -19.62 16.92 9.47
N GLN A 5 -20.83 16.74 10.01
CA GLN A 5 -21.12 16.79 11.44
C GLN A 5 -20.79 18.16 12.07
N ASP A 6 -19.54 18.42 12.30
CA ASP A 6 -19.09 19.67 12.90
C ASP A 6 -17.92 20.21 12.07
N LEU A 7 -17.76 19.59 10.91
CA LEU A 7 -16.67 19.83 9.98
C LEU A 7 -15.38 19.30 10.54
N LEU A 8 -15.16 18.00 10.30
CA LEU A 8 -14.00 17.25 10.77
C LEU A 8 -14.02 17.06 12.27
N LEU A 9 -14.68 15.99 12.70
CA LEU A 9 -14.73 15.64 14.10
C LEU A 9 -13.32 15.31 14.57
N LEU A 10 -12.63 14.56 13.74
CA LEU A 10 -11.26 14.20 13.96
C LEU A 10 -10.42 14.85 12.89
N ASP A 11 -9.45 15.63 13.30
CA ASP A 11 -8.53 16.33 12.36
C ASP A 11 -7.30 15.50 12.20
N VAL A 12 -7.44 14.25 12.41
CA VAL A 12 -6.30 13.39 12.44
C VAL A 12 -6.46 12.24 11.49
N ALA A 13 -5.39 11.52 11.33
CA ALA A 13 -5.38 10.32 10.56
C ALA A 13 -5.94 9.21 11.45
N PRO A 14 -7.02 8.56 11.03
CA PRO A 14 -7.66 7.51 11.85
C PRO A 14 -6.82 6.24 11.88
N LEU A 15 -5.97 6.10 10.91
CA LEU A 15 -5.13 4.96 10.75
C LEU A 15 -3.73 5.46 10.42
N SER A 16 -2.80 4.56 10.34
CA SER A 16 -1.43 4.92 10.07
C SER A 16 -1.10 4.63 8.62
N LEU A 17 -0.67 5.64 7.93
CA LEU A 17 -0.32 5.55 6.54
C LEU A 17 1.15 5.24 6.42
N GLY A 18 1.48 4.27 5.62
CA GLY A 18 2.85 3.87 5.54
C GLY A 18 3.20 3.13 4.29
N LEU A 19 4.38 2.55 4.31
CA LEU A 19 4.95 1.86 3.17
C LEU A 19 5.51 0.56 3.63
N GLU A 20 5.74 -0.32 2.69
CA GLU A 20 6.44 -1.53 2.96
C GLU A 20 7.92 -1.32 2.63
N THR A 21 8.72 -1.28 3.65
CA THR A 21 10.12 -1.07 3.55
C THR A 21 10.85 -2.39 3.26
N ALA A 22 12.15 -2.30 3.05
CA ALA A 22 12.99 -3.46 2.76
C ALA A 22 12.94 -4.47 3.89
N GLY A 23 12.42 -5.63 3.59
CA GLY A 23 12.27 -6.66 4.57
C GLY A 23 10.83 -7.02 4.71
N GLY A 24 9.97 -6.20 4.14
CA GLY A 24 8.56 -6.43 4.22
C GLY A 24 8.03 -5.92 5.54
N VAL A 25 8.36 -4.68 5.84
CA VAL A 25 7.98 -4.08 7.10
C VAL A 25 7.03 -2.91 6.87
N MET A 26 5.91 -2.94 7.55
CA MET A 26 4.96 -1.85 7.49
C MET A 26 5.49 -0.67 8.29
N THR A 27 5.99 0.30 7.60
CA THR A 27 6.55 1.47 8.21
C THR A 27 5.61 2.65 8.00
N ALA A 28 5.02 3.12 9.05
CA ALA A 28 4.06 4.19 8.98
C ALA A 28 4.72 5.54 9.20
N LEU A 29 4.51 6.45 8.29
CA LEU A 29 5.05 7.78 8.40
C LEU A 29 4.00 8.67 9.02
N ILE A 30 2.81 8.63 8.47
CA ILE A 30 1.73 9.40 9.04
C ILE A 30 1.02 8.46 9.96
N LYS A 31 1.40 8.47 11.19
CA LYS A 31 0.85 7.55 12.14
C LYS A 31 -0.52 8.02 12.59
N ARG A 32 -1.31 7.08 13.02
CA ARG A 32 -2.64 7.32 13.53
C ARG A 32 -2.63 8.35 14.66
N ASN A 33 -3.64 9.20 14.63
CA ASN A 33 -3.88 10.28 15.59
C ASN A 33 -3.03 11.53 15.31
N SER A 34 -2.24 11.48 14.26
CA SER A 34 -1.48 12.64 13.85
C SER A 34 -2.40 13.59 13.13
N THR A 35 -2.40 14.82 13.57
CA THR A 35 -3.24 15.84 13.05
C THR A 35 -2.80 16.24 11.64
N ILE A 36 -3.75 16.36 10.76
CA ILE A 36 -3.53 16.76 9.39
C ILE A 36 -3.99 18.22 9.27
N PRO A 37 -3.57 19.00 8.23
CA PRO A 37 -2.68 18.55 7.14
C PRO A 37 -1.26 18.18 7.60
N THR A 38 -0.74 17.14 7.00
CA THR A 38 0.57 16.63 7.33
C THR A 38 1.55 16.88 6.21
N LYS A 39 2.82 16.74 6.54
CA LYS A 39 3.88 16.86 5.60
C LYS A 39 5.10 16.15 6.18
N GLN A 40 5.36 14.95 5.73
CA GLN A 40 6.53 14.22 6.22
C GLN A 40 7.32 13.64 5.07
N THR A 41 8.60 13.91 5.07
CA THR A 41 9.47 13.44 4.02
C THR A 41 10.57 12.55 4.60
N GLN A 42 10.67 11.34 4.10
CA GLN A 42 11.74 10.45 4.47
C GLN A 42 12.48 10.01 3.23
N ILE A 43 13.76 9.82 3.36
CA ILE A 43 14.59 9.42 2.26
C ILE A 43 14.79 7.93 2.31
N PHE A 44 14.28 7.23 1.35
CA PHE A 44 14.41 5.81 1.28
C PHE A 44 15.39 5.44 0.20
N THR A 45 16.27 4.57 0.50
CA THR A 45 17.27 4.12 -0.42
C THR A 45 16.96 2.71 -0.87
N THR A 46 17.65 2.23 -1.85
CA THR A 46 17.45 0.89 -2.26
C THR A 46 18.49 -0.03 -1.60
N TYR A 47 18.07 -1.18 -1.11
CA TYR A 47 19.02 -2.19 -0.61
C TYR A 47 19.23 -3.22 -1.70
N SER A 48 18.75 -2.86 -2.83
CA SER A 48 18.90 -3.55 -4.04
C SER A 48 19.68 -2.62 -4.97
N ASP A 49 20.52 -3.17 -5.81
CA ASP A 49 21.33 -2.32 -6.65
C ASP A 49 20.99 -2.51 -8.11
N ASN A 50 21.37 -1.51 -8.90
CA ASN A 50 21.16 -1.48 -10.37
C ASN A 50 19.71 -1.62 -10.77
N GLN A 51 18.83 -1.19 -9.90
CA GLN A 51 17.40 -1.28 -10.13
C GLN A 51 16.94 -0.19 -11.09
N PRO A 52 16.17 -0.54 -12.14
CA PRO A 52 15.66 0.44 -13.10
C PRO A 52 14.45 1.19 -12.54
N GLY A 53 13.88 0.67 -11.49
CA GLY A 53 12.75 1.27 -10.87
C GLY A 53 12.46 0.62 -9.55
N VAL A 54 11.65 1.26 -8.75
CA VAL A 54 11.29 0.77 -7.45
C VAL A 54 9.78 0.77 -7.31
N LEU A 55 9.29 -0.03 -6.40
CA LEU A 55 7.88 -0.15 -6.19
C LEU A 55 7.56 0.31 -4.78
N ILE A 56 6.93 1.45 -4.69
CA ILE A 56 6.57 1.99 -3.40
C ILE A 56 5.18 1.46 -3.06
N GLN A 57 5.12 0.54 -2.15
CA GLN A 57 3.85 -0.08 -1.80
C GLN A 57 3.25 0.66 -0.62
N VAL A 58 2.07 1.23 -0.83
CA VAL A 58 1.44 2.08 0.17
C VAL A 58 0.33 1.34 0.91
N TYR A 59 0.46 1.26 2.20
CA TYR A 59 -0.48 0.58 3.05
C TYR A 59 -0.95 1.49 4.16
N GLU A 60 -2.02 1.10 4.78
CA GLU A 60 -2.58 1.81 5.89
C GLU A 60 -2.96 0.82 6.98
N GLY A 61 -2.58 1.12 8.20
CA GLY A 61 -2.86 0.28 9.34
C GLY A 61 -1.58 -0.06 10.05
N GLU A 62 -1.65 -0.70 11.19
CA GLU A 62 -0.46 -1.06 11.94
C GLU A 62 -0.48 -2.45 12.46
N ARG A 63 0.50 -3.21 12.04
CA ARG A 63 0.77 -4.57 12.44
C ARG A 63 2.27 -4.76 12.22
N ALA A 64 2.84 -5.81 12.76
CA ALA A 64 4.26 -6.13 12.54
C ALA A 64 4.44 -6.91 11.26
N MET A 65 3.33 -7.15 10.62
CA MET A 65 3.26 -7.91 9.39
C MET A 65 2.39 -7.18 8.42
N THR A 66 2.96 -6.87 7.30
CA THR A 66 2.28 -6.19 6.27
C THR A 66 1.33 -7.16 5.55
N LYS A 67 0.08 -7.15 5.94
CA LYS A 67 -0.94 -8.04 5.39
C LYS A 67 -2.32 -7.59 5.82
N ASP A 68 -2.46 -7.28 7.11
CA ASP A 68 -3.71 -6.81 7.63
C ASP A 68 -3.66 -5.33 7.63
N ASN A 69 -3.72 -4.82 6.46
CA ASN A 69 -3.59 -3.42 6.19
C ASN A 69 -4.49 -3.11 5.03
N ASN A 70 -4.81 -1.86 4.89
CA ASN A 70 -5.61 -1.38 3.81
C ASN A 70 -4.67 -1.01 2.68
N LEU A 71 -4.97 -1.48 1.49
CA LEU A 71 -4.13 -1.25 0.35
C LEU A 71 -4.57 0.00 -0.36
N LEU A 72 -3.77 1.03 -0.23
CA LEU A 72 -4.07 2.30 -0.85
C LEU A 72 -3.59 2.32 -2.28
N GLY A 73 -2.62 1.50 -2.55
CA GLY A 73 -2.13 1.38 -3.88
C GLY A 73 -0.68 1.07 -3.89
N ARG A 74 -0.06 1.28 -5.00
CA ARG A 74 1.32 1.01 -5.16
C ARG A 74 1.83 2.07 -6.09
N PHE A 75 3.10 2.24 -6.13
CA PHE A 75 3.66 3.28 -6.89
C PHE A 75 4.72 2.70 -7.77
N GLU A 76 4.68 3.03 -9.03
CA GLU A 76 5.71 2.64 -9.92
C GLU A 76 6.59 3.82 -10.22
N LEU A 77 7.75 3.83 -9.63
CA LEU A 77 8.72 4.87 -9.87
C LEU A 77 9.86 4.25 -10.60
N SER A 78 10.00 4.58 -11.82
CA SER A 78 11.00 3.98 -12.64
C SER A 78 11.81 5.03 -13.38
N GLY A 79 12.90 4.62 -13.95
CA GLY A 79 13.76 5.54 -14.61
C GLY A 79 14.94 5.86 -13.74
N ILE A 80 15.18 5.01 -12.77
CA ILE A 80 16.27 5.14 -11.84
C ILE A 80 17.52 4.58 -12.50
N PRO A 81 18.61 5.34 -12.50
CA PRO A 81 19.85 4.91 -13.08
C PRO A 81 20.51 3.81 -12.24
N PRO A 82 21.05 2.76 -12.87
CA PRO A 82 21.70 1.66 -12.17
C PRO A 82 22.86 2.15 -11.29
N ALA A 83 22.63 2.11 -10.01
CA ALA A 83 23.61 2.52 -9.02
C ALA A 83 23.67 1.47 -7.92
N PRO A 84 24.80 1.40 -7.16
CA PRO A 84 24.95 0.48 -6.02
C PRO A 84 23.89 0.71 -4.94
N ARG A 85 23.69 -0.27 -4.08
CA ARG A 85 22.69 -0.14 -3.02
C ARG A 85 23.05 0.94 -2.01
N GLY A 86 22.05 1.65 -1.55
CA GLY A 86 22.26 2.74 -0.62
C GLY A 86 22.52 4.05 -1.35
N VAL A 87 22.68 3.98 -2.65
CA VAL A 87 22.95 5.16 -3.44
C VAL A 87 21.67 5.86 -3.95
N PRO A 88 20.73 5.15 -4.66
CA PRO A 88 19.49 5.79 -5.14
C PRO A 88 18.63 6.27 -3.98
N GLN A 89 18.52 7.56 -3.85
CA GLN A 89 17.75 8.16 -2.79
C GLN A 89 16.40 8.57 -3.30
N ILE A 90 15.39 7.92 -2.81
CA ILE A 90 14.06 8.24 -3.16
C ILE A 90 13.46 9.07 -2.04
N GLU A 91 13.04 10.24 -2.38
CA GLU A 91 12.44 11.13 -1.44
C GLU A 91 10.96 10.88 -1.45
N VAL A 92 10.45 10.29 -0.40
CA VAL A 92 9.04 10.01 -0.32
C VAL A 92 8.39 10.92 0.69
N THR A 93 7.50 11.72 0.22
CA THR A 93 6.78 12.64 1.03
C THR A 93 5.33 12.20 1.18
N PHE A 94 4.91 12.07 2.41
CA PHE A 94 3.56 11.79 2.77
C PHE A 94 2.92 13.08 3.16
N ASP A 95 2.00 13.50 2.36
CA ASP A 95 1.30 14.73 2.55
C ASP A 95 -0.19 14.49 2.49
N ILE A 96 -0.85 14.67 3.60
CA ILE A 96 -2.29 14.51 3.66
C ILE A 96 -2.92 15.81 4.08
N ASP A 97 -3.78 16.37 3.24
CA ASP A 97 -4.47 17.58 3.62
C ASP A 97 -5.71 17.23 4.44
N ALA A 98 -6.40 18.25 4.92
CA ALA A 98 -7.54 18.10 5.83
C ALA A 98 -8.72 17.28 5.25
N ASN A 99 -8.77 17.11 3.93
CA ASN A 99 -9.88 16.37 3.32
C ASN A 99 -9.62 14.88 3.40
N GLY A 100 -8.39 14.55 3.70
CA GLY A 100 -8.00 13.17 3.71
C GLY A 100 -7.44 12.78 2.38
N ILE A 101 -6.77 13.72 1.75
CA ILE A 101 -6.12 13.47 0.49
C ILE A 101 -4.67 13.19 0.78
N LEU A 102 -4.26 12.01 0.52
CA LEU A 102 -2.91 11.64 0.69
C LEU A 102 -2.22 11.67 -0.64
N ASN A 103 -1.26 12.50 -0.74
CA ASN A 103 -0.42 12.55 -1.88
C ASN A 103 0.90 11.96 -1.54
N VAL A 104 1.14 10.80 -2.05
CA VAL A 104 2.42 10.17 -1.85
C VAL A 104 3.29 10.65 -2.99
N THR A 105 4.29 11.41 -2.65
CA THR A 105 5.18 11.94 -3.64
C THR A 105 6.50 11.23 -3.53
N ALA A 106 6.88 10.54 -4.57
CA ALA A 106 8.14 9.85 -4.60
C ALA A 106 9.03 10.50 -5.63
N THR A 107 10.16 10.92 -5.22
CA THR A 107 11.07 11.61 -6.10
C THR A 107 12.45 10.95 -6.11
N ASP A 108 12.86 10.52 -7.27
CA ASP A 108 14.19 9.99 -7.47
C ASP A 108 15.20 11.10 -7.53
N LYS A 109 15.98 11.24 -6.49
CA LYS A 109 17.01 12.27 -6.43
C LYS A 109 18.14 12.02 -7.42
N SER A 110 18.26 10.80 -7.88
CA SER A 110 19.33 10.43 -8.78
C SER A 110 19.23 11.21 -10.10
N THR A 111 18.05 11.21 -10.70
CA THR A 111 17.84 11.90 -11.95
C THR A 111 16.97 13.15 -11.78
N GLY A 112 16.17 13.17 -10.74
CA GLY A 112 15.27 14.26 -10.50
C GLY A 112 13.92 13.99 -11.13
N LYS A 113 13.34 12.87 -10.80
CA LYS A 113 12.02 12.54 -11.30
C LYS A 113 11.04 12.35 -10.19
N ALA A 114 9.96 13.05 -10.28
CA ALA A 114 8.94 13.01 -9.26
C ALA A 114 7.62 12.57 -9.80
N ASN A 115 6.97 11.74 -9.06
CA ASN A 115 5.62 11.28 -9.37
C ASN A 115 4.84 11.34 -8.08
N LYS A 116 3.55 11.57 -8.15
CA LYS A 116 2.73 11.58 -6.99
C LYS A 116 1.42 10.85 -7.24
N ILE A 117 0.90 10.22 -6.22
CA ILE A 117 -0.41 9.63 -6.31
C ILE A 117 -1.35 10.31 -5.35
N THR A 118 -2.46 10.73 -5.87
CA THR A 118 -3.45 11.45 -5.10
C THR A 118 -4.54 10.49 -4.66
N ILE A 119 -4.63 10.28 -3.37
CA ILE A 119 -5.58 9.34 -2.83
C ILE A 119 -6.53 10.01 -1.82
N THR A 120 -7.78 10.14 -2.20
CA THR A 120 -8.82 10.54 -1.27
C THR A 120 -9.10 9.26 -0.49
N ASN A 121 -8.82 9.23 0.81
CA ASN A 121 -8.99 7.94 1.50
C ASN A 121 -10.43 7.61 1.82
N ASP A 122 -11.03 7.09 0.80
CA ASP A 122 -12.35 6.54 0.73
C ASP A 122 -12.39 6.03 -0.68
N LYS A 123 -11.69 4.93 -0.89
CA LYS A 123 -11.46 4.38 -2.22
C LYS A 123 -12.55 3.42 -2.63
N GLY A 124 -13.37 3.01 -1.69
CA GLY A 124 -14.37 2.01 -1.98
C GLY A 124 -13.75 0.63 -1.95
N ARG A 125 -12.78 0.51 -1.08
CA ARG A 125 -12.07 -0.73 -0.85
C ARG A 125 -12.31 -1.04 0.60
N LEU A 126 -12.52 -2.32 0.91
CA LEU A 126 -12.85 -2.77 2.27
C LEU A 126 -14.23 -2.24 2.70
N SER A 127 -14.66 -2.62 3.85
CA SER A 127 -15.91 -2.15 4.37
C SER A 127 -15.66 -1.11 5.47
N LYS A 128 -15.62 -1.58 6.69
CA LYS A 128 -15.30 -0.78 7.84
C LYS A 128 -14.89 -1.71 8.97
N GLU A 129 -15.48 -2.93 8.99
CA GLU A 129 -15.10 -3.94 9.98
C GLU A 129 -13.66 -4.33 9.85
N GLU A 130 -13.15 -4.30 8.64
CA GLU A 130 -11.75 -4.63 8.41
C GLU A 130 -10.86 -3.57 9.01
N ILE A 131 -11.37 -2.35 9.02
CA ILE A 131 -10.66 -1.24 9.58
C ILE A 131 -10.66 -1.36 11.10
N GLU A 132 -11.85 -1.51 11.69
CA GLU A 132 -11.96 -1.59 13.14
C GLU A 132 -11.31 -2.85 13.72
N ARG A 133 -11.31 -3.95 12.96
CA ARG A 133 -10.62 -5.15 13.39
C ARG A 133 -9.11 -4.98 13.45
N MET A 134 -8.53 -4.33 12.44
CA MET A 134 -7.08 -4.12 12.47
C MET A 134 -6.70 -3.07 13.50
N VAL A 135 -7.63 -2.16 13.81
CA VAL A 135 -7.41 -1.19 14.89
C VAL A 135 -7.39 -1.93 16.21
N GLN A 136 -8.26 -2.92 16.35
CA GLN A 136 -8.31 -3.71 17.58
C GLN A 136 -6.99 -4.40 17.82
N GLU A 137 -6.46 -5.02 16.80
CA GLU A 137 -5.18 -5.69 16.93
C GLU A 137 -4.08 -4.66 17.18
N ALA A 138 -4.18 -3.51 16.54
CA ALA A 138 -3.21 -2.44 16.72
C ALA A 138 -3.22 -1.91 18.15
N GLU A 139 -4.37 -1.94 18.79
CA GLU A 139 -4.47 -1.57 20.19
C GLU A 139 -4.03 -2.70 21.12
N LYS A 140 -4.54 -3.87 20.88
CA LYS A 140 -4.32 -5.00 21.76
C LYS A 140 -2.93 -5.56 21.66
N TYR A 141 -2.43 -5.69 20.46
CA TYR A 141 -1.10 -6.24 20.22
C TYR A 141 -0.17 -5.12 19.78
N LYS A 142 -0.46 -3.94 20.30
CA LYS A 142 0.26 -2.73 20.08
C LYS A 142 1.74 -2.92 20.38
N ALA A 143 2.02 -3.37 21.59
CA ALA A 143 3.37 -3.53 22.08
C ALA A 143 4.11 -4.63 21.34
N GLU A 144 3.50 -5.79 21.27
CA GLU A 144 4.07 -6.97 20.66
C GLU A 144 4.47 -6.69 19.22
N ASP A 145 3.55 -6.15 18.45
CA ASP A 145 3.80 -5.87 17.06
C ASP A 145 4.71 -4.71 16.82
N GLU A 146 4.65 -3.67 17.67
CA GLU A 146 5.51 -2.52 17.43
C GLU A 146 6.96 -2.92 17.64
N VAL A 147 7.19 -3.78 18.61
CA VAL A 147 8.52 -4.27 18.88
C VAL A 147 8.97 -5.19 17.76
N GLN A 148 8.10 -6.15 17.36
CA GLN A 148 8.43 -7.06 16.25
C GLN A 148 8.74 -6.31 14.98
N ARG A 149 7.99 -5.27 14.71
CA ARG A 149 8.21 -4.40 13.57
C ARG A 149 9.64 -3.83 13.57
N GLU A 150 10.11 -3.38 14.72
CA GLU A 150 11.46 -2.84 14.80
C GLU A 150 12.51 -3.92 15.08
N ARG A 151 12.06 -5.14 15.36
CA ARG A 151 12.97 -6.28 15.48
C ARG A 151 13.40 -6.71 14.09
N VAL A 152 12.49 -6.56 13.14
CA VAL A 152 12.84 -6.79 11.75
C VAL A 152 13.52 -5.52 11.24
N SER A 153 13.08 -4.39 11.81
CA SER A 153 13.64 -3.05 11.59
C SER A 153 13.12 -2.48 10.26
N ALA A 154 12.81 -1.23 10.26
CA ALA A 154 12.25 -0.57 9.08
C ALA A 154 13.35 -0.02 8.19
N LYS A 155 14.36 0.61 8.83
CA LYS A 155 15.46 1.28 8.12
C LYS A 155 14.89 2.42 7.25
N ASN A 156 15.68 2.91 6.33
CA ASN A 156 15.21 3.89 5.37
C ASN A 156 15.45 3.37 3.97
N ALA A 157 14.85 2.23 3.71
CA ALA A 157 14.98 1.59 2.43
C ALA A 157 13.70 0.88 2.07
N LEU A 158 13.40 0.79 0.79
CA LEU A 158 12.23 0.08 0.33
C LEU A 158 12.70 -1.05 -0.56
N GLU A 159 11.94 -2.11 -0.63
CA GLU A 159 12.31 -3.21 -1.49
C GLU A 159 11.60 -3.13 -2.84
N SER A 160 12.38 -3.27 -3.87
CA SER A 160 11.91 -3.21 -5.24
C SER A 160 11.67 -4.62 -5.79
N TYR A 161 11.40 -5.55 -4.90
CA TYR A 161 11.22 -6.91 -5.29
C TYR A 161 9.75 -7.25 -5.38
N ALA A 162 9.23 -7.22 -6.57
CA ALA A 162 7.85 -7.61 -6.80
C ALA A 162 7.83 -9.04 -7.27
N PHE A 163 9.00 -9.50 -7.73
CA PHE A 163 9.25 -10.83 -8.26
C PHE A 163 8.59 -10.98 -9.64
N ASN A 164 7.27 -11.07 -9.66
CA ASN A 164 6.59 -11.18 -10.93
C ASN A 164 6.22 -9.82 -11.44
N MET A 165 6.99 -9.40 -12.38
CA MET A 165 6.80 -8.16 -13.08
C MET A 165 7.09 -8.42 -14.55
N LYS A 166 7.11 -9.70 -14.89
CA LYS A 166 7.50 -10.13 -16.22
C LYS A 166 6.29 -10.36 -17.10
N SER A 167 5.20 -10.82 -16.51
CA SER A 167 4.03 -11.17 -17.27
C SER A 167 3.17 -9.95 -17.65
N ALA A 168 3.52 -9.33 -18.76
CA ALA A 168 2.74 -8.24 -19.28
C ALA A 168 1.87 -8.76 -20.41
N VAL A 169 0.73 -9.30 -20.02
CA VAL A 169 -0.18 -9.89 -20.97
C VAL A 169 -0.97 -8.80 -21.68
N GLU A 170 -1.08 -8.92 -22.97
CA GLU A 170 -1.74 -7.94 -23.80
C GLU A 170 -3.09 -8.50 -24.26
N ASP A 171 -4.11 -7.67 -24.23
CA ASP A 171 -5.46 -8.06 -24.68
C ASP A 171 -5.56 -7.93 -26.20
N GLU A 172 -4.68 -7.08 -26.74
CA GLU A 172 -4.51 -6.82 -28.18
C GLU A 172 -5.60 -5.89 -28.73
N GLY A 173 -5.21 -5.00 -29.60
CA GLY A 173 -6.10 -3.99 -30.08
C GLY A 173 -6.44 -4.13 -31.54
N LEU A 174 -7.11 -5.21 -31.90
CA LEU A 174 -7.64 -5.34 -33.24
C LEU A 174 -9.15 -5.31 -33.17
N LYS A 175 -9.74 -6.32 -32.50
CA LYS A 175 -11.20 -6.45 -32.25
C LYS A 175 -12.00 -6.63 -33.54
N GLY A 176 -12.02 -5.61 -34.33
CA GLY A 176 -12.77 -5.50 -35.53
C GLY A 176 -12.69 -4.08 -35.95
N LYS A 177 -11.47 -3.64 -36.13
CA LYS A 177 -11.16 -2.27 -36.48
C LYS A 177 -11.29 -2.09 -37.98
N ILE A 178 -10.91 -3.12 -38.70
CA ILE A 178 -10.99 -3.08 -40.13
C ILE A 178 -12.41 -3.42 -40.55
N SER A 179 -13.21 -2.41 -40.68
CA SER A 179 -14.53 -2.58 -41.20
C SER A 179 -14.58 -2.14 -42.66
N GLU A 180 -13.65 -1.25 -43.01
CA GLU A 180 -13.55 -0.74 -44.36
C GLU A 180 -12.28 -1.31 -45.00
N ALA A 181 -12.44 -2.35 -45.75
CA ALA A 181 -11.32 -2.99 -46.41
C ALA A 181 -11.28 -2.59 -47.87
N ASP A 182 -12.32 -2.95 -48.60
CA ASP A 182 -12.40 -2.62 -50.02
C ASP A 182 -13.86 -2.58 -50.41
N LYS A 183 -14.17 -1.85 -51.44
CA LYS A 183 -15.51 -1.72 -51.96
C LYS A 183 -15.44 -1.19 -53.38
N LYS A 184 -14.45 -1.68 -54.12
CA LYS A 184 -14.21 -1.23 -55.49
C LYS A 184 -15.06 -2.02 -56.48
N LYS A 185 -16.36 -2.14 -56.16
CA LYS A 185 -17.35 -2.91 -56.93
C LYS A 185 -16.82 -4.24 -57.40
N VAL A 186 -16.58 -5.11 -56.46
CA VAL A 186 -16.01 -6.40 -56.73
C VAL A 186 -17.08 -7.47 -56.66
N LEU A 187 -16.84 -8.52 -57.37
CA LEU A 187 -17.74 -9.62 -57.42
C LEU A 187 -16.99 -10.90 -57.12
N ASP A 188 -17.66 -11.85 -56.54
CA ASP A 188 -17.07 -13.12 -56.22
C ASP A 188 -18.20 -14.14 -56.20
N LYS A 189 -17.87 -15.40 -56.16
CA LYS A 189 -18.86 -16.44 -56.22
C LYS A 189 -19.36 -16.81 -54.83
N SMC A 190 -18.54 -16.59 -53.81
CA SMC A 190 -18.94 -17.01 -52.50
CB SMC A 190 -18.28 -18.35 -52.13
SG SMC A 190 -16.47 -18.37 -52.21
C SMC A 190 -18.69 -15.96 -51.44
O SMC A 190 -17.56 -15.75 -50.99
H SMC A 190 -17.68 -16.15 -53.93
HA SMC A 190 -20.00 -17.18 -52.55
HB2 SMC A 190 -18.65 -19.11 -52.80
HB3 SMC A 190 -18.55 -18.61 -51.12
N GLN A 191 -19.74 -15.26 -51.05
CA GLN A 191 -19.65 -14.34 -49.96
C GLN A 191 -19.65 -15.14 -48.66
N GLU A 192 -18.48 -15.58 -48.28
CA GLU A 192 -18.28 -16.41 -47.10
C GLU A 192 -18.33 -15.51 -45.85
N VAL A 193 -18.26 -14.24 -46.08
CA VAL A 193 -18.27 -13.28 -45.04
C VAL A 193 -19.60 -12.54 -44.99
N ILE A 194 -20.48 -12.99 -44.14
CA ILE A 194 -21.74 -12.32 -43.94
C ILE A 194 -21.47 -11.05 -43.14
N SER A 195 -22.05 -9.96 -43.55
CA SER A 195 -21.79 -8.70 -42.90
C SER A 195 -22.94 -7.73 -43.04
N TRP A 196 -22.99 -6.84 -42.10
CA TRP A 196 -23.91 -5.77 -42.05
C TRP A 196 -23.11 -4.57 -41.65
N LEU A 197 -23.49 -3.41 -42.08
CA LEU A 197 -22.75 -2.22 -41.76
C LEU A 197 -23.74 -1.12 -41.45
N ASP A 198 -23.99 -0.93 -40.19
CA ASP A 198 -24.94 0.06 -39.71
C ASP A 198 -24.27 0.87 -38.63
N ALA A 199 -25.05 1.44 -37.72
CA ALA A 199 -24.51 2.17 -36.59
C ALA A 199 -23.67 1.23 -35.74
N ASN A 200 -22.54 1.71 -35.30
CA ASN A 200 -21.59 0.92 -34.52
C ASN A 200 -22.01 0.85 -33.08
N THR A 201 -22.79 -0.15 -32.80
CA THR A 201 -23.27 -0.40 -31.48
C THR A 201 -24.05 -1.72 -31.51
N LEU A 202 -23.93 -2.51 -30.48
CA LEU A 202 -24.67 -3.74 -30.41
C LEU A 202 -25.90 -3.53 -29.57
N ALA A 203 -27.00 -4.09 -29.99
CA ALA A 203 -28.23 -3.88 -29.30
C ALA A 203 -28.42 -4.90 -28.21
N GLU A 204 -27.81 -4.66 -27.08
CA GLU A 204 -28.03 -5.50 -25.96
C GLU A 204 -28.42 -4.68 -24.76
N LYS A 205 -29.68 -4.49 -24.65
CA LYS A 205 -30.26 -3.87 -23.53
C LYS A 205 -31.46 -4.75 -23.24
N ASP A 206 -31.23 -5.77 -22.48
CA ASP A 206 -32.21 -6.85 -22.26
C ASP A 206 -33.58 -6.37 -21.78
N GLU A 207 -33.60 -5.35 -20.95
CA GLU A 207 -34.88 -4.84 -20.44
C GLU A 207 -35.48 -3.77 -21.37
N PHE A 208 -34.75 -3.42 -22.42
CA PHE A 208 -35.23 -2.43 -23.35
C PHE A 208 -34.71 -2.72 -24.73
N GLU A 209 -35.32 -3.67 -25.38
CA GLU A 209 -35.00 -3.96 -26.71
C GLU A 209 -36.21 -3.99 -27.61
N HIS A 210 -36.78 -5.17 -27.83
CA HIS A 210 -37.93 -5.38 -28.73
C HIS A 210 -37.62 -4.90 -30.14
N LYS A 211 -36.35 -4.80 -30.41
CA LYS A 211 -35.84 -4.39 -31.66
C LYS A 211 -35.71 -5.62 -32.51
N ARG A 212 -35.89 -5.47 -33.80
CA ARG A 212 -35.74 -6.59 -34.69
C ARG A 212 -34.26 -6.94 -34.66
N LYS A 213 -33.95 -8.04 -34.04
CA LYS A 213 -32.59 -8.42 -33.79
C LYS A 213 -32.18 -9.69 -34.54
N GLU A 214 -31.51 -9.48 -35.63
CA GLU A 214 -30.83 -10.52 -36.36
C GLU A 214 -29.34 -10.24 -36.27
N LEU A 215 -29.00 -9.38 -35.34
CA LEU A 215 -27.65 -8.94 -35.14
C LEU A 215 -26.93 -9.89 -34.21
N GLU A 216 -26.12 -10.75 -34.77
CA GLU A 216 -25.29 -11.61 -33.97
C GLU A 216 -24.19 -10.76 -33.33
N GLN A 217 -24.19 -10.71 -32.02
CA GLN A 217 -23.32 -9.83 -31.24
C GLN A 217 -21.95 -10.44 -31.00
N VAL A 218 -21.52 -11.26 -31.92
CA VAL A 218 -20.23 -11.93 -31.85
C VAL A 218 -19.12 -10.99 -32.40
N SMC A 219 -19.56 -9.82 -32.88
CA SMC A 219 -18.70 -8.79 -33.52
CB SMC A 219 -17.45 -8.44 -32.64
SG SMC A 219 -16.35 -7.19 -33.32
C SMC A 219 -18.31 -9.23 -34.93
O SMC A 219 -18.27 -10.42 -35.23
H SMC A 219 -20.52 -9.64 -32.81
HA SMC A 219 -19.32 -7.91 -33.62
HB2 SMC A 219 -16.89 -9.35 -32.50
HB3 SMC A 219 -17.79 -8.09 -31.68
N ASN A 220 -18.05 -8.29 -35.80
CA ASN A 220 -17.70 -8.62 -37.16
C ASN A 220 -16.34 -8.04 -37.52
N PRO A 221 -15.27 -8.80 -37.32
CA PRO A 221 -13.96 -8.38 -37.73
C PRO A 221 -13.75 -8.72 -39.18
N ILE A 222 -14.23 -7.86 -40.04
CA ILE A 222 -14.15 -8.10 -41.45
C ILE A 222 -12.78 -7.70 -42.02
N ILE A 223 -11.80 -8.49 -41.66
CA ILE A 223 -10.47 -8.31 -42.15
C ILE A 223 -10.34 -9.18 -43.39
N SER A 224 -10.93 -8.72 -44.45
CA SER A 224 -10.91 -9.43 -45.69
C SER A 224 -9.60 -9.18 -46.43
N GLY A 225 -8.82 -10.23 -46.56
CA GLY A 225 -7.54 -10.11 -47.21
C GLY A 225 -7.65 -10.15 -48.72
N LEU A 226 -8.19 -11.25 -49.23
CA LEU A 226 -8.32 -11.51 -50.67
C LEU A 226 -6.96 -11.64 -51.36
N TYR A 227 -6.99 -11.87 -52.63
CA TYR A 227 -5.82 -11.99 -53.43
C TYR A 227 -6.03 -11.12 -54.63
N GLN A 228 -5.01 -10.90 -55.40
CA GLN A 228 -5.14 -10.03 -56.54
C GLN A 228 -5.58 -10.83 -57.73
N GLY A 229 -6.86 -10.76 -58.01
CA GLY A 229 -7.41 -11.40 -59.17
C GLY A 229 -7.11 -10.60 -60.38
N ALA A 230 -6.44 -11.20 -61.33
CA ALA A 230 -6.05 -10.51 -62.53
C ALA A 230 -6.35 -11.38 -63.73
N GLY A 231 -7.02 -10.81 -64.70
CA GLY A 231 -7.34 -11.51 -65.90
C GLY A 231 -6.43 -11.08 -67.02
N GLY A 232 -6.95 -11.07 -68.22
CA GLY A 232 -6.19 -10.63 -69.36
C GLY A 232 -6.14 -9.12 -69.44
N PRO A 233 -4.95 -8.50 -69.35
CA PRO A 233 -4.82 -7.06 -69.42
C PRO A 233 -4.98 -6.56 -70.85
N GLY A 234 -6.05 -5.84 -71.09
CA GLY A 234 -6.29 -5.29 -72.39
C GLY A 234 -7.75 -5.08 -72.63
N PRO A 235 -8.13 -4.41 -73.72
CA PRO A 235 -9.54 -4.14 -74.05
C PRO A 235 -10.27 -5.42 -74.44
N GLY A 236 -9.56 -6.34 -75.04
CA GLY A 236 -10.13 -7.58 -75.49
C GLY A 236 -10.24 -7.62 -76.99
N GLY A 237 -11.05 -6.75 -77.53
CA GLY A 237 -11.26 -6.75 -78.96
C GLY A 237 -12.61 -7.32 -79.27
N PHE A 238 -13.41 -6.59 -80.00
CA PHE A 238 -14.75 -7.04 -80.32
C PHE A 238 -14.91 -7.39 -81.78
N GLY A 239 -14.01 -6.92 -82.61
CA GLY A 239 -14.05 -7.21 -84.03
C GLY A 239 -15.18 -6.49 -84.74
N ALA A 240 -16.35 -7.12 -84.77
CA ALA A 240 -17.56 -6.61 -85.43
C ALA A 240 -17.39 -6.50 -86.95
N GLN A 241 -17.49 -7.62 -87.60
CA GLN A 241 -17.40 -7.72 -89.04
C GLN A 241 -17.96 -9.07 -89.43
N GLY A 242 -18.93 -9.10 -90.29
CA GLY A 242 -19.53 -10.34 -90.67
C GLY A 242 -19.83 -10.41 -92.14
N PRO A 243 -18.85 -10.80 -92.97
CA PRO A 243 -19.06 -10.94 -94.41
C PRO A 243 -20.08 -12.02 -94.71
N LYS A 244 -21.06 -11.70 -95.54
CA LYS A 244 -22.08 -12.67 -95.89
C LYS A 244 -21.72 -13.35 -97.21
N GLY A 245 -20.69 -12.82 -97.84
CA GLY A 245 -20.25 -13.33 -99.09
C GLY A 245 -21.06 -12.72 -100.20
N GLY A 246 -21.60 -13.55 -101.04
CA GLY A 246 -22.41 -13.09 -102.11
C GLY A 246 -23.58 -14.00 -102.34
N SER A 247 -24.56 -13.51 -103.03
CA SER A 247 -25.74 -14.26 -103.36
C SER A 247 -25.44 -15.18 -104.55
N GLY A 248 -24.50 -14.75 -105.37
CA GLY A 248 -24.11 -15.51 -106.53
C GLY A 248 -23.55 -14.60 -107.60
N SER A 249 -24.33 -14.36 -108.62
CA SER A 249 -23.96 -13.51 -109.73
C SER A 249 -25.20 -13.26 -110.58
N GLY A 250 -25.36 -12.06 -111.07
CA GLY A 250 -26.54 -11.74 -111.84
C GLY A 250 -26.22 -11.15 -113.18
N PRO A 251 -27.14 -10.39 -113.77
CA PRO A 251 -26.93 -9.76 -115.04
C PRO A 251 -26.24 -8.43 -114.88
N THR A 252 -24.99 -8.38 -115.25
CA THR A 252 -24.25 -7.17 -115.23
C THR A 252 -24.79 -6.29 -116.34
N ILE A 253 -25.40 -5.19 -115.96
CA ILE A 253 -26.11 -4.38 -116.92
C ILE A 253 -25.21 -3.56 -117.82
N GLU A 254 -24.92 -4.13 -118.97
CA GLU A 254 -24.20 -3.45 -120.00
C GLU A 254 -25.24 -2.69 -120.79
N GLU A 255 -25.43 -1.45 -120.46
CA GLU A 255 -26.44 -0.63 -121.08
C GLU A 255 -26.15 0.81 -120.83
N VAL A 256 -26.97 1.68 -121.42
CA VAL A 256 -26.81 3.13 -121.39
C VAL A 256 -25.58 3.52 -122.20
N ASP A 257 -24.43 3.36 -121.60
CA ASP A 257 -23.16 3.70 -122.19
C ASP A 257 -22.08 3.27 -121.23
N SER A 1 -27.77 7.09 18.54
CA SER A 1 -27.87 8.49 18.85
C SER A 1 -26.49 9.08 18.92
N GLU A 2 -25.98 9.46 17.79
CA GLU A 2 -24.65 10.00 17.70
C GLU A 2 -24.75 11.49 17.65
N ASN A 3 -24.02 12.18 18.50
CA ASN A 3 -24.09 13.62 18.48
C ASN A 3 -23.21 14.18 17.40
N VAL A 4 -23.68 14.08 16.18
CA VAL A 4 -23.02 14.68 15.04
C VAL A 4 -23.56 16.13 14.90
N GLN A 5 -23.47 16.81 16.00
CA GLN A 5 -23.95 18.17 16.21
C GLN A 5 -22.94 18.80 17.12
N ASP A 6 -22.64 18.05 18.15
CA ASP A 6 -21.60 18.34 19.10
C ASP A 6 -20.39 17.56 18.64
N LEU A 7 -19.43 17.34 19.54
CA LEU A 7 -18.22 16.53 19.28
C LEU A 7 -17.26 17.23 18.34
N LEU A 8 -16.03 17.32 18.74
CA LEU A 8 -15.03 17.93 17.91
C LEU A 8 -14.66 16.96 16.80
N LEU A 9 -15.07 17.28 15.58
CA LEU A 9 -14.77 16.47 14.43
C LEU A 9 -13.31 16.62 14.08
N LEU A 10 -12.53 15.66 14.52
CA LEU A 10 -11.10 15.67 14.33
C LEU A 10 -10.73 15.43 12.89
N ASP A 11 -9.75 16.16 12.45
CA ASP A 11 -9.21 16.00 11.14
C ASP A 11 -7.87 15.37 11.33
N VAL A 12 -7.88 14.12 11.57
CA VAL A 12 -6.67 13.40 11.83
C VAL A 12 -6.57 12.20 10.91
N ALA A 13 -5.47 11.51 11.01
CA ALA A 13 -5.25 10.30 10.26
C ALA A 13 -6.04 9.17 10.90
N PRO A 14 -6.95 8.52 10.16
CA PRO A 14 -7.76 7.42 10.68
C PRO A 14 -6.89 6.23 11.10
N LEU A 15 -5.95 5.87 10.25
CA LEU A 15 -5.01 4.82 10.53
C LEU A 15 -3.63 5.35 10.26
N SER A 16 -2.64 4.57 10.58
CA SER A 16 -1.28 4.95 10.35
C SER A 16 -0.91 4.66 8.91
N LEU A 17 -0.39 5.65 8.24
CA LEU A 17 -0.01 5.52 6.87
C LEU A 17 1.42 5.10 6.79
N GLY A 18 1.69 4.11 6.02
CA GLY A 18 3.01 3.63 5.90
C GLY A 18 3.28 3.02 4.57
N LEU A 19 4.46 2.52 4.43
CA LEU A 19 4.91 1.91 3.23
C LEU A 19 5.44 0.54 3.53
N GLU A 20 5.32 -0.34 2.57
CA GLU A 20 6.04 -1.58 2.68
C GLU A 20 7.40 -1.24 2.13
N THR A 21 8.34 -1.20 3.00
CA THR A 21 9.63 -0.75 2.70
C THR A 21 10.54 -1.89 2.29
N ALA A 22 11.18 -2.48 3.27
CA ALA A 22 12.04 -3.60 3.01
C ALA A 22 11.21 -4.87 2.96
N GLY A 23 11.84 -5.98 2.57
CA GLY A 23 11.20 -7.27 2.31
C GLY A 23 10.07 -7.66 3.26
N GLY A 24 8.88 -7.22 2.90
CA GLY A 24 7.68 -7.54 3.64
C GLY A 24 7.58 -6.86 5.00
N VAL A 25 8.19 -5.71 5.14
CA VAL A 25 8.18 -4.96 6.39
C VAL A 25 7.41 -3.66 6.21
N MET A 26 6.56 -3.32 7.16
CA MET A 26 5.84 -2.07 7.09
C MET A 26 6.50 -1.01 7.98
N THR A 27 6.73 0.12 7.41
CA THR A 27 7.22 1.26 8.13
C THR A 27 6.13 2.32 8.11
N ALA A 28 5.59 2.66 9.26
CA ALA A 28 4.54 3.65 9.34
C ALA A 28 5.15 5.02 9.52
N LEU A 29 4.78 5.95 8.67
CA LEU A 29 5.34 7.29 8.72
C LEU A 29 4.44 8.22 9.52
N ILE A 30 3.17 8.22 9.18
CA ILE A 30 2.22 9.06 9.86
C ILE A 30 1.31 8.17 10.67
N LYS A 31 1.48 8.18 11.96
CA LYS A 31 0.68 7.36 12.85
C LYS A 31 -0.74 7.92 12.99
N ARG A 32 -1.69 7.02 13.20
CA ARG A 32 -3.10 7.36 13.41
C ARG A 32 -3.29 8.39 14.51
N ASN A 33 -4.31 9.20 14.32
CA ASN A 33 -4.71 10.28 15.23
C ASN A 33 -3.82 11.52 15.13
N SER A 34 -2.87 11.50 14.22
CA SER A 34 -2.07 12.68 13.95
C SER A 34 -2.90 13.60 13.08
N THR A 35 -2.95 14.84 13.47
CA THR A 35 -3.77 15.81 12.85
C THR A 35 -3.24 16.20 11.46
N ILE A 36 -4.15 16.37 10.55
CA ILE A 36 -3.85 16.74 9.19
C ILE A 36 -4.34 18.19 8.97
N PRO A 37 -3.86 18.92 7.94
CA PRO A 37 -2.88 18.46 6.93
C PRO A 37 -1.51 18.08 7.51
N THR A 38 -1.00 16.98 7.02
CA THR A 38 0.29 16.46 7.38
C THR A 38 1.24 16.65 6.24
N LYS A 39 2.51 16.49 6.51
CA LYS A 39 3.52 16.61 5.51
C LYS A 39 4.81 16.06 6.11
N GLN A 40 5.16 14.86 5.74
CA GLN A 40 6.36 14.24 6.26
C GLN A 40 7.17 13.70 5.11
N THR A 41 8.43 14.01 5.08
CA THR A 41 9.30 13.59 4.01
C THR A 41 10.38 12.63 4.55
N GLN A 42 10.50 11.46 3.95
CA GLN A 42 11.53 10.51 4.32
C GLN A 42 12.29 10.08 3.08
N ILE A 43 13.59 9.93 3.20
CA ILE A 43 14.43 9.53 2.09
C ILE A 43 14.83 8.07 2.24
N PHE A 44 14.35 7.25 1.34
CA PHE A 44 14.60 5.83 1.37
C PHE A 44 15.60 5.45 0.30
N THR A 45 16.49 4.57 0.66
CA THR A 45 17.45 4.01 -0.26
C THR A 45 17.02 2.58 -0.58
N THR A 46 17.64 1.92 -1.52
CA THR A 46 17.25 0.54 -1.78
C THR A 46 18.32 -0.44 -1.27
N TYR A 47 17.92 -1.64 -0.78
CA TYR A 47 18.93 -2.65 -0.49
C TYR A 47 19.15 -3.45 -1.78
N SER A 48 18.12 -3.52 -2.58
CA SER A 48 18.21 -4.09 -3.91
C SER A 48 19.00 -3.16 -4.86
N ASP A 49 19.85 -3.77 -5.69
CA ASP A 49 20.78 -3.02 -6.54
C ASP A 49 20.31 -2.99 -7.99
N ASN A 50 20.75 -1.95 -8.72
CA ASN A 50 20.59 -1.81 -10.19
C ASN A 50 19.13 -1.77 -10.68
N GLN A 51 18.23 -1.35 -9.82
CA GLN A 51 16.82 -1.23 -10.16
C GLN A 51 16.55 -0.18 -11.25
N PRO A 52 15.73 -0.51 -12.27
CA PRO A 52 15.27 0.49 -13.24
C PRO A 52 14.10 1.30 -12.67
N GLY A 53 13.48 0.74 -11.67
CA GLY A 53 12.35 1.36 -11.05
C GLY A 53 12.09 0.75 -9.70
N VAL A 54 11.50 1.52 -8.83
CA VAL A 54 11.15 1.09 -7.50
C VAL A 54 9.65 1.12 -7.34
N LEU A 55 9.14 0.41 -6.37
CA LEU A 55 7.71 0.32 -6.15
C LEU A 55 7.35 0.87 -4.78
N ILE A 56 6.62 1.95 -4.78
CA ILE A 56 6.20 2.59 -3.54
C ILE A 56 4.82 2.04 -3.19
N GLN A 57 4.76 1.25 -2.13
CA GLN A 57 3.52 0.60 -1.75
C GLN A 57 2.95 1.22 -0.48
N VAL A 58 1.81 1.86 -0.61
CA VAL A 58 1.18 2.55 0.50
C VAL A 58 0.14 1.66 1.19
N TYR A 59 0.35 1.42 2.46
CA TYR A 59 -0.56 0.61 3.26
C TYR A 59 -0.88 1.35 4.52
N GLU A 60 -2.07 1.18 5.02
CA GLU A 60 -2.43 1.78 6.27
C GLU A 60 -2.83 0.72 7.27
N GLY A 61 -2.59 1.04 8.50
CA GLY A 61 -2.86 0.19 9.60
C GLY A 61 -1.62 0.14 10.43
N GLU A 62 -1.60 -0.68 11.44
CA GLU A 62 -0.40 -0.81 12.22
C GLU A 62 -0.10 -2.26 12.42
N ARG A 63 0.74 -2.78 11.56
CA ARG A 63 1.12 -4.17 11.58
C ARG A 63 2.58 -4.29 11.23
N ALA A 64 3.16 -5.35 11.70
CA ALA A 64 4.53 -5.65 11.46
C ALA A 64 4.69 -6.30 10.11
N MET A 65 3.87 -7.31 9.89
CA MET A 65 3.90 -8.06 8.68
C MET A 65 2.81 -7.56 7.77
N THR A 66 3.23 -6.84 6.78
CA THR A 66 2.36 -6.23 5.82
C THR A 66 1.61 -7.30 5.00
N LYS A 67 0.38 -7.62 5.41
CA LYS A 67 -0.39 -8.62 4.69
C LYS A 67 -1.90 -8.38 4.83
N ASP A 68 -2.36 -8.09 6.05
CA ASP A 68 -3.79 -7.87 6.33
C ASP A 68 -4.09 -6.39 6.31
N ASN A 69 -3.12 -5.65 5.85
CA ASN A 69 -3.13 -4.21 5.87
C ASN A 69 -3.98 -3.68 4.72
N ASN A 70 -4.38 -2.43 4.80
CA ASN A 70 -5.21 -1.82 3.76
C ASN A 70 -4.32 -1.17 2.72
N LEU A 71 -4.35 -1.68 1.52
CA LEU A 71 -3.57 -1.14 0.43
C LEU A 71 -4.33 0.05 -0.15
N LEU A 72 -3.75 1.23 0.00
CA LEU A 72 -4.36 2.45 -0.50
C LEU A 72 -3.96 2.68 -1.94
N GLY A 73 -2.76 2.28 -2.27
CA GLY A 73 -2.27 2.43 -3.61
C GLY A 73 -0.81 2.13 -3.66
N ARG A 74 -0.30 1.87 -4.84
CA ARG A 74 1.11 1.64 -5.03
C ARG A 74 1.51 2.02 -6.44
N PHE A 75 2.64 2.65 -6.58
CA PHE A 75 3.07 3.09 -7.89
C PHE A 75 4.54 2.84 -8.09
N GLU A 76 4.90 2.66 -9.34
CA GLU A 76 6.26 2.41 -9.73
C GLU A 76 6.91 3.72 -10.13
N LEU A 77 8.08 3.95 -9.64
CA LEU A 77 8.86 5.09 -10.00
C LEU A 77 10.03 4.58 -10.79
N SER A 78 9.99 4.78 -12.08
CA SER A 78 11.05 4.32 -12.94
C SER A 78 12.05 5.44 -13.23
N GLY A 79 13.28 5.05 -13.48
CA GLY A 79 14.31 6.02 -13.77
C GLY A 79 15.44 5.95 -12.77
N ILE A 80 15.29 5.06 -11.79
CA ILE A 80 16.28 4.86 -10.75
C ILE A 80 17.62 4.43 -11.35
N PRO A 81 18.72 5.07 -10.88
CA PRO A 81 20.06 4.81 -11.40
C PRO A 81 20.47 3.35 -11.25
N PRO A 82 21.06 2.76 -12.31
CA PRO A 82 21.60 1.40 -12.25
C PRO A 82 22.87 1.35 -11.39
N ALA A 83 22.68 1.57 -10.13
CA ALA A 83 23.73 1.60 -9.18
C ALA A 83 23.32 0.77 -7.97
N PRO A 84 24.29 0.31 -7.17
CA PRO A 84 24.01 -0.47 -5.98
C PRO A 84 23.52 0.37 -4.77
N ARG A 85 23.24 -0.35 -3.69
CA ARG A 85 22.81 0.13 -2.36
C ARG A 85 23.32 1.48 -1.98
N GLY A 86 22.42 2.42 -1.82
CA GLY A 86 22.79 3.71 -1.33
C GLY A 86 22.67 4.80 -2.36
N VAL A 87 22.87 4.45 -3.61
CA VAL A 87 22.80 5.45 -4.67
C VAL A 87 21.35 5.89 -4.98
N PRO A 88 20.38 4.94 -5.22
CA PRO A 88 18.97 5.31 -5.38
C PRO A 88 18.47 5.95 -4.09
N GLN A 89 17.95 7.14 -4.20
CA GLN A 89 17.54 7.87 -3.03
C GLN A 89 16.17 8.49 -3.25
N ILE A 90 15.19 7.79 -2.78
CA ILE A 90 13.84 8.15 -3.02
C ILE A 90 13.32 8.99 -1.87
N GLU A 91 13.05 10.21 -2.15
CA GLU A 91 12.50 11.12 -1.20
C GLU A 91 10.99 11.01 -1.34
N VAL A 92 10.36 10.49 -0.32
CA VAL A 92 8.93 10.28 -0.32
C VAL A 92 8.28 11.21 0.68
N THR A 93 7.32 11.96 0.21
CA THR A 93 6.59 12.86 1.05
C THR A 93 5.14 12.41 1.19
N PHE A 94 4.72 12.23 2.41
CA PHE A 94 3.36 11.94 2.76
C PHE A 94 2.70 13.22 3.16
N ASP A 95 1.84 13.68 2.33
CA ASP A 95 1.16 14.94 2.52
C ASP A 95 -0.34 14.72 2.36
N ILE A 96 -1.05 14.90 3.43
CA ILE A 96 -2.48 14.70 3.44
C ILE A 96 -3.12 16.04 3.74
N ASP A 97 -4.21 16.35 3.09
CA ASP A 97 -4.90 17.62 3.34
C ASP A 97 -5.99 17.41 4.39
N ALA A 98 -6.76 18.45 4.68
CA ALA A 98 -7.82 18.37 5.69
C ALA A 98 -9.02 17.50 5.26
N ASN A 99 -9.12 17.18 3.96
CA ASN A 99 -10.21 16.30 3.50
C ASN A 99 -9.81 14.87 3.72
N GLY A 100 -8.53 14.62 3.69
CA GLY A 100 -8.04 13.29 3.86
C GLY A 100 -7.45 12.80 2.56
N ILE A 101 -7.11 13.72 1.70
CA ILE A 101 -6.51 13.41 0.44
C ILE A 101 -5.02 13.23 0.62
N LEU A 102 -4.58 12.03 0.42
CA LEU A 102 -3.20 11.67 0.58
C LEU A 102 -2.48 11.73 -0.75
N ASN A 103 -1.50 12.58 -0.82
CA ASN A 103 -0.67 12.65 -1.98
C ASN A 103 0.69 12.13 -1.60
N VAL A 104 1.05 11.02 -2.16
CA VAL A 104 2.34 10.44 -1.92
C VAL A 104 3.24 10.84 -3.07
N THR A 105 4.22 11.63 -2.77
CA THR A 105 5.17 12.08 -3.75
C THR A 105 6.48 11.28 -3.58
N ALA A 106 6.96 10.67 -4.64
CA ALA A 106 8.22 9.97 -4.59
C ALA A 106 9.17 10.58 -5.61
N THR A 107 10.33 10.98 -5.16
CA THR A 107 11.31 11.60 -6.02
C THR A 107 12.68 10.97 -5.84
N ASP A 108 13.24 10.38 -6.88
CA ASP A 108 14.62 9.94 -6.81
C ASP A 108 15.48 11.14 -7.00
N LYS A 109 16.09 11.56 -5.94
CA LYS A 109 16.89 12.77 -5.92
C LYS A 109 18.15 12.62 -6.77
N SER A 110 18.55 11.38 -7.03
CA SER A 110 19.74 11.08 -7.76
C SER A 110 19.58 11.49 -9.23
N THR A 111 18.53 11.02 -9.86
CA THR A 111 18.25 11.36 -11.23
C THR A 111 17.39 12.61 -11.37
N GLY A 112 16.52 12.82 -10.40
CA GLY A 112 15.64 13.96 -10.45
C GLY A 112 14.31 13.58 -11.06
N LYS A 113 13.79 12.45 -10.65
CA LYS A 113 12.54 11.95 -11.16
C LYS A 113 11.49 11.86 -10.10
N ALA A 114 10.31 12.34 -10.41
CA ALA A 114 9.25 12.39 -9.43
C ALA A 114 7.92 11.93 -9.99
N ASN A 115 7.25 11.15 -9.20
CA ASN A 115 5.90 10.66 -9.48
C ASN A 115 5.11 10.71 -8.22
N LYS A 116 3.83 11.00 -8.33
CA LYS A 116 2.99 11.15 -7.19
C LYS A 116 1.60 10.59 -7.46
N ILE A 117 0.95 10.13 -6.42
CA ILE A 117 -0.42 9.65 -6.51
C ILE A 117 -1.30 10.44 -5.58
N THR A 118 -2.48 10.73 -6.03
CA THR A 118 -3.43 11.48 -5.25
C THR A 118 -4.58 10.57 -4.85
N ILE A 119 -4.69 10.30 -3.59
CA ILE A 119 -5.71 9.42 -3.08
C ILE A 119 -6.80 10.22 -2.39
N THR A 120 -7.90 10.36 -3.06
CA THR A 120 -9.05 11.05 -2.53
C THR A 120 -9.99 10.04 -1.89
N ASN A 121 -10.36 10.29 -0.64
CA ASN A 121 -11.26 9.42 0.16
C ASN A 121 -10.57 8.13 0.59
N ASP A 122 -10.38 7.98 1.86
CA ASP A 122 -9.70 6.83 2.41
C ASP A 122 -10.70 5.75 2.80
N LYS A 123 -10.26 4.50 2.65
CA LYS A 123 -11.02 3.30 3.05
C LYS A 123 -12.25 3.06 2.21
N GLY A 124 -12.06 2.47 1.07
CA GLY A 124 -13.17 2.09 0.24
C GLY A 124 -13.28 0.59 0.18
N ARG A 125 -12.17 -0.06 0.47
CA ARG A 125 -12.09 -1.51 0.43
C ARG A 125 -12.58 -2.09 1.74
N LEU A 126 -12.68 -1.26 2.73
CA LEU A 126 -13.13 -1.68 4.03
C LEU A 126 -14.37 -0.96 4.41
N SER A 127 -15.14 -1.58 5.22
CA SER A 127 -16.36 -1.02 5.70
C SER A 127 -16.17 -0.61 7.18
N LYS A 128 -17.18 0.04 7.77
CA LYS A 128 -17.12 0.61 9.15
C LYS A 128 -16.50 -0.33 10.20
N GLU A 129 -17.01 -1.54 10.29
CA GLU A 129 -16.55 -2.49 11.30
C GLU A 129 -15.13 -2.93 11.03
N GLU A 130 -14.78 -3.05 9.77
CA GLU A 130 -13.45 -3.47 9.37
C GLU A 130 -12.44 -2.38 9.69
N ILE A 131 -12.88 -1.15 9.53
CA ILE A 131 -12.06 0.02 9.82
C ILE A 131 -11.68 0.02 11.31
N GLU A 132 -12.68 -0.12 12.16
CA GLU A 132 -12.42 -0.16 13.58
C GLU A 132 -11.72 -1.45 14.00
N ARG A 133 -11.91 -2.53 13.23
CA ARG A 133 -11.19 -3.77 13.46
C ARG A 133 -9.69 -3.51 13.34
N MET A 134 -9.31 -2.74 12.32
CA MET A 134 -7.91 -2.40 12.07
C MET A 134 -7.36 -1.68 13.27
N VAL A 135 -8.16 -0.77 13.80
CA VAL A 135 -7.81 -0.04 15.00
C VAL A 135 -7.69 -1.00 16.19
N GLN A 136 -8.68 -1.87 16.35
CA GLN A 136 -8.71 -2.84 17.43
C GLN A 136 -7.48 -3.73 17.43
N GLU A 137 -7.12 -4.24 16.27
CA GLU A 137 -5.96 -5.09 16.12
C GLU A 137 -4.67 -4.30 16.31
N ALA A 138 -4.68 -3.06 15.83
CA ALA A 138 -3.54 -2.16 15.98
C ALA A 138 -3.24 -1.92 17.45
N GLU A 139 -4.30 -1.85 18.26
CA GLU A 139 -4.17 -1.69 19.71
C GLU A 139 -3.80 -3.02 20.37
N LYS A 140 -4.52 -4.05 20.01
CA LYS A 140 -4.41 -5.37 20.62
C LYS A 140 -3.03 -6.01 20.41
N TYR A 141 -2.50 -5.84 19.23
CA TYR A 141 -1.22 -6.45 18.90
C TYR A 141 -0.16 -5.36 18.73
N LYS A 142 -0.47 -4.19 19.25
CA LYS A 142 0.34 -3.00 19.16
C LYS A 142 1.79 -3.25 19.54
N ALA A 143 2.00 -3.72 20.76
CA ALA A 143 3.34 -3.96 21.26
C ALA A 143 3.97 -5.16 20.59
N GLU A 144 3.13 -6.14 20.27
CA GLU A 144 3.54 -7.40 19.69
C GLU A 144 4.15 -7.16 18.30
N ASP A 145 3.39 -6.46 17.45
CA ASP A 145 3.81 -6.15 16.10
C ASP A 145 5.03 -5.25 16.07
N GLU A 146 5.12 -4.32 17.01
CA GLU A 146 6.30 -3.45 17.10
C GLU A 146 7.57 -4.26 17.27
N VAL A 147 7.54 -5.24 18.17
CA VAL A 147 8.70 -6.10 18.41
C VAL A 147 9.03 -6.91 17.15
N GLN A 148 7.98 -7.40 16.48
CA GLN A 148 8.08 -8.17 15.26
C GLN A 148 8.78 -7.39 14.16
N ARG A 149 8.30 -6.20 13.86
CA ARG A 149 8.88 -5.37 12.80
C ARG A 149 10.26 -4.86 13.16
N GLU A 150 10.49 -4.61 14.43
CA GLU A 150 11.81 -4.15 14.89
C GLU A 150 12.81 -5.31 14.97
N ARG A 151 12.32 -6.54 14.83
CA ARG A 151 13.18 -7.71 14.73
C ARG A 151 13.94 -7.67 13.42
N VAL A 152 13.34 -7.03 12.45
CA VAL A 152 13.95 -6.88 11.15
C VAL A 152 14.62 -5.52 11.11
N SER A 153 15.88 -5.50 10.79
CA SER A 153 16.63 -4.29 10.75
C SER A 153 16.40 -3.52 9.44
N ALA A 154 15.25 -2.91 9.36
CA ALA A 154 14.87 -2.15 8.22
C ALA A 154 15.06 -0.67 8.49
N LYS A 155 15.87 -0.05 7.70
CA LYS A 155 16.12 1.36 7.80
C LYS A 155 15.19 2.06 6.83
N ASN A 156 15.47 3.29 6.51
CA ASN A 156 14.71 3.97 5.48
C ASN A 156 15.17 3.47 4.12
N ALA A 157 14.66 2.33 3.76
CA ALA A 157 14.99 1.67 2.55
C ALA A 157 13.77 0.96 2.01
N LEU A 158 13.70 0.78 0.71
CA LEU A 158 12.60 0.06 0.10
C LEU A 158 13.16 -1.07 -0.74
N GLU A 159 12.55 -2.21 -0.64
CA GLU A 159 12.90 -3.37 -1.42
C GLU A 159 11.85 -3.56 -2.46
N SER A 160 12.24 -3.52 -3.67
CA SER A 160 11.33 -3.69 -4.74
C SER A 160 12.06 -4.19 -5.94
N TYR A 161 11.34 -4.68 -6.90
CA TYR A 161 11.90 -5.14 -8.11
C TYR A 161 10.95 -4.73 -9.18
N ALA A 162 11.48 -4.35 -10.32
CA ALA A 162 10.65 -3.99 -11.44
C ALA A 162 10.17 -5.26 -12.07
N PHE A 163 9.03 -5.73 -11.58
CA PHE A 163 8.41 -7.00 -11.95
C PHE A 163 9.16 -8.18 -11.35
N ASN A 164 8.44 -8.96 -10.57
CA ASN A 164 9.01 -10.11 -9.90
C ASN A 164 9.28 -11.23 -10.90
N MET A 165 9.98 -12.26 -10.42
CA MET A 165 10.39 -13.40 -11.23
C MET A 165 11.34 -13.01 -12.34
N LYS A 166 12.55 -12.72 -11.99
CA LYS A 166 13.57 -12.43 -12.96
C LYS A 166 14.86 -13.03 -12.45
N SER A 167 15.47 -13.81 -13.27
CA SER A 167 16.70 -14.46 -12.93
C SER A 167 17.60 -14.57 -14.15
N ALA A 168 18.24 -13.50 -14.48
CA ALA A 168 19.17 -13.45 -15.56
C ALA A 168 20.45 -12.90 -15.01
N VAL A 169 21.47 -13.69 -14.96
CA VAL A 169 22.69 -13.25 -14.35
C VAL A 169 23.54 -12.45 -15.29
N GLU A 170 23.85 -11.25 -14.89
CA GLU A 170 24.77 -10.41 -15.61
C GLU A 170 26.13 -10.86 -15.18
N ASP A 171 26.77 -11.61 -16.01
CA ASP A 171 28.02 -12.22 -15.62
C ASP A 171 29.18 -11.76 -16.44
N GLU A 172 30.22 -11.34 -15.74
CA GLU A 172 31.52 -11.00 -16.28
C GLU A 172 31.45 -9.81 -17.25
N GLY A 173 31.61 -8.62 -16.70
CA GLY A 173 31.56 -7.43 -17.50
C GLY A 173 32.89 -6.74 -17.55
N LEU A 174 33.57 -6.87 -18.66
CA LEU A 174 34.85 -6.24 -18.86
C LEU A 174 34.67 -4.79 -19.28
N LYS A 175 35.51 -3.93 -18.80
CA LYS A 175 35.45 -2.54 -19.14
C LYS A 175 36.81 -2.07 -19.61
N GLY A 176 36.87 -0.88 -20.15
CA GLY A 176 38.12 -0.35 -20.66
C GLY A 176 38.23 -0.66 -22.13
N LYS A 177 37.12 -1.03 -22.73
CA LYS A 177 37.04 -1.39 -24.11
C LYS A 177 35.89 -0.67 -24.76
N ILE A 178 36.20 0.38 -25.48
CA ILE A 178 35.18 1.10 -26.20
C ILE A 178 34.84 0.31 -27.45
N SER A 179 33.57 0.03 -27.63
CA SER A 179 33.06 -0.75 -28.76
C SER A 179 33.59 -0.20 -30.09
N GLU A 180 34.26 -1.03 -30.85
CA GLU A 180 34.75 -0.64 -32.16
C GLU A 180 33.70 -0.89 -33.23
N ALA A 181 32.55 -0.29 -33.04
CA ALA A 181 31.49 -0.41 -33.99
C ALA A 181 31.48 0.80 -34.87
N ASP A 182 32.24 0.75 -35.92
CA ASP A 182 32.35 1.86 -36.84
C ASP A 182 31.33 1.76 -37.90
N LYS A 183 30.94 2.90 -38.39
CA LYS A 183 29.92 2.97 -39.39
C LYS A 183 30.54 2.74 -40.77
N LYS A 184 30.44 1.52 -41.23
CA LYS A 184 30.92 1.17 -42.54
C LYS A 184 29.94 1.66 -43.57
N LYS A 185 30.38 2.60 -44.33
CA LYS A 185 29.55 3.26 -45.29
C LYS A 185 29.88 2.72 -46.65
N VAL A 186 29.16 3.12 -47.64
CA VAL A 186 29.45 2.74 -48.99
C VAL A 186 30.21 3.88 -49.64
N LEU A 187 29.62 5.06 -49.58
CA LEU A 187 30.20 6.24 -50.14
C LEU A 187 30.83 7.08 -49.07
N ASP A 188 32.11 7.02 -48.99
CA ASP A 188 32.87 7.86 -48.12
C ASP A 188 34.18 8.04 -48.78
N LYS A 189 34.61 9.25 -48.87
CA LYS A 189 35.83 9.52 -49.56
C LYS A 189 37.02 9.25 -48.67
N SMC A 190 37.43 7.98 -48.64
CA SMC A 190 38.55 7.52 -47.85
CB SMC A 190 38.71 6.01 -47.96
SG SMC A 190 37.28 5.07 -47.36
C SMC A 190 39.82 8.22 -48.29
O SMC A 190 40.39 7.93 -49.34
H SMC A 190 36.91 7.33 -49.17
HA SMC A 190 38.35 7.78 -46.82
HB2 SMC A 190 39.57 5.69 -47.38
HB3 SMC A 190 38.86 5.74 -48.99
N GLN A 191 40.22 9.17 -47.51
CA GLN A 191 41.39 9.96 -47.80
C GLN A 191 42.29 9.96 -46.60
N GLU A 192 41.99 9.05 -45.70
CA GLU A 192 42.72 8.82 -44.47
C GLU A 192 43.95 7.94 -44.77
N VAL A 193 44.47 8.10 -45.97
CA VAL A 193 45.59 7.31 -46.48
C VAL A 193 46.91 7.87 -46.00
N ILE A 194 46.85 9.02 -45.41
CA ILE A 194 48.01 9.71 -44.90
C ILE A 194 47.95 9.69 -43.37
N SER A 195 46.92 9.07 -42.87
CA SER A 195 46.64 9.03 -41.48
C SER A 195 46.58 7.58 -41.00
N TRP A 196 46.85 7.37 -39.75
CA TRP A 196 46.80 6.05 -39.18
C TRP A 196 45.56 5.92 -38.33
N LEU A 197 44.83 4.84 -38.52
CA LEU A 197 43.65 4.57 -37.69
C LEU A 197 44.10 3.95 -36.36
N ASP A 198 45.38 3.69 -36.30
CA ASP A 198 46.05 3.13 -35.16
C ASP A 198 46.89 4.23 -34.53
N ALA A 199 46.47 4.69 -33.37
CA ALA A 199 47.17 5.81 -32.72
C ALA A 199 47.07 5.73 -31.20
N ASN A 200 45.90 5.37 -30.68
CA ASN A 200 45.69 5.32 -29.21
C ASN A 200 46.18 3.99 -28.65
N THR A 201 46.74 3.20 -29.51
CA THR A 201 47.28 1.93 -29.18
C THR A 201 48.71 2.08 -28.63
N LEU A 202 49.30 3.21 -28.92
CA LEU A 202 50.58 3.55 -28.38
C LEU A 202 50.37 4.30 -27.10
N ALA A 203 51.14 3.97 -26.08
CA ALA A 203 51.00 4.60 -24.80
C ALA A 203 51.57 5.99 -24.83
N GLU A 204 50.77 6.90 -25.25
CA GLU A 204 51.13 8.26 -25.30
C GLU A 204 50.48 8.95 -24.13
N LYS A 205 51.23 9.06 -23.08
CA LYS A 205 50.76 9.65 -21.85
C LYS A 205 51.54 10.93 -21.60
N ASP A 206 52.85 10.79 -21.65
CA ASP A 206 53.81 11.87 -21.48
C ASP A 206 53.77 12.52 -20.12
N GLU A 207 54.27 11.80 -19.15
CA GLU A 207 54.41 12.29 -17.81
C GLU A 207 55.83 12.74 -17.60
N PHE A 208 56.00 13.81 -16.89
CA PHE A 208 57.30 14.37 -16.67
C PHE A 208 57.54 14.38 -15.19
N GLU A 209 58.63 13.81 -14.76
CA GLU A 209 58.89 13.65 -13.36
C GLU A 209 60.13 14.38 -12.93
N HIS A 210 59.92 15.46 -12.23
CA HIS A 210 61.02 16.25 -11.65
C HIS A 210 60.60 16.82 -10.31
N LYS A 211 59.34 17.16 -10.20
CA LYS A 211 58.79 17.65 -8.95
C LYS A 211 57.29 17.45 -8.93
N ARG A 212 56.77 17.01 -7.81
CA ARG A 212 55.34 16.89 -7.61
C ARG A 212 55.02 17.46 -6.23
N LYS A 213 56.03 18.11 -5.66
CA LYS A 213 55.96 18.70 -4.33
C LYS A 213 56.46 20.13 -4.53
N GLU A 214 55.59 21.11 -4.40
CA GLU A 214 55.98 22.47 -4.67
C GLU A 214 56.69 23.11 -3.49
N LEU A 215 57.34 24.21 -3.74
CA LEU A 215 57.91 25.02 -2.71
C LEU A 215 57.40 26.43 -2.87
N GLU A 216 57.17 27.08 -1.79
CA GLU A 216 56.57 28.38 -1.81
C GLU A 216 57.56 29.43 -1.33
N GLN A 217 57.45 30.62 -1.88
CA GLN A 217 58.42 31.69 -1.65
C GLN A 217 58.24 32.39 -0.31
N VAL A 218 57.06 32.17 0.30
CA VAL A 218 56.63 32.79 1.58
C VAL A 218 56.75 34.32 1.61
N SMC A 219 55.62 34.98 1.57
CA SMC A 219 55.56 36.42 1.62
CB SMC A 219 54.20 36.92 1.18
SG SMC A 219 53.73 36.45 -0.50
C SMC A 219 55.88 36.88 3.03
O SMC A 219 55.06 36.72 3.95
H SMC A 219 54.78 34.47 1.53
HA SMC A 219 56.32 36.80 0.95
HB2 SMC A 219 54.19 38.01 1.23
HB3 SMC A 219 53.44 36.53 1.85
N ASN A 220 57.07 37.42 3.21
CA ASN A 220 57.52 37.86 4.52
C ASN A 220 56.81 39.15 4.88
N PRO A 221 56.12 39.19 6.03
CA PRO A 221 55.45 40.37 6.49
C PRO A 221 56.42 41.36 7.15
N ILE A 222 57.01 42.21 6.34
CA ILE A 222 57.94 43.21 6.83
C ILE A 222 57.48 44.59 6.43
N ILE A 223 57.66 45.52 7.33
CA ILE A 223 57.38 46.90 7.08
C ILE A 223 58.60 47.69 7.46
N SER A 224 58.79 48.82 6.85
CA SER A 224 59.90 49.66 7.13
C SER A 224 59.46 51.12 7.06
N GLY A 225 60.17 51.98 7.71
CA GLY A 225 59.83 53.38 7.71
C GLY A 225 60.85 54.16 8.46
N LEU A 226 60.52 55.36 8.83
CA LEU A 226 61.41 56.22 9.58
C LEU A 226 61.54 55.64 10.99
N TYR A 227 62.69 55.09 11.29
CA TYR A 227 62.91 54.50 12.60
C TYR A 227 63.55 55.50 13.55
N GLN A 228 64.63 56.08 13.14
CA GLN A 228 65.27 57.06 13.98
C GLN A 228 64.85 58.45 13.55
N GLY A 229 64.12 59.09 14.43
CA GLY A 229 63.69 60.43 14.19
C GLY A 229 64.09 61.29 15.34
N ALA A 230 65.34 61.60 15.42
CA ALA A 230 65.89 62.35 16.53
C ALA A 230 65.63 63.84 16.35
N GLY A 231 65.56 64.53 17.44
CA GLY A 231 65.33 65.95 17.42
C GLY A 231 66.35 66.68 18.25
N GLY A 232 66.20 67.96 18.36
CA GLY A 232 67.12 68.74 19.14
C GLY A 232 66.41 69.50 20.23
N PRO A 233 66.19 68.88 21.40
CA PRO A 233 65.52 69.52 22.49
C PRO A 233 66.50 70.34 23.33
N GLY A 234 66.63 71.60 23.00
CA GLY A 234 67.50 72.47 23.70
C GLY A 234 66.89 73.83 23.84
N PRO A 235 66.52 74.24 25.07
CA PRO A 235 65.94 75.58 25.34
C PRO A 235 66.86 76.70 24.87
N GLY A 236 66.29 77.77 24.38
CA GLY A 236 67.07 78.87 23.87
C GLY A 236 66.55 80.20 24.34
N GLY A 237 67.01 81.27 23.71
CA GLY A 237 66.59 82.59 24.08
C GLY A 237 67.68 83.33 24.81
N PHE A 238 68.80 83.48 24.16
CA PHE A 238 69.93 84.17 24.73
C PHE A 238 70.06 85.55 24.10
N GLY A 239 70.19 86.55 24.93
CA GLY A 239 70.30 87.90 24.47
C GLY A 239 71.02 88.75 25.47
N ALA A 240 71.31 89.98 25.12
CA ALA A 240 71.99 90.89 26.01
C ALA A 240 71.32 92.24 25.99
N GLN A 241 71.37 92.90 24.82
CA GLN A 241 70.75 94.22 24.57
C GLN A 241 71.48 95.35 25.32
N GLY A 242 71.22 96.56 24.92
CA GLY A 242 71.83 97.70 25.54
C GLY A 242 72.91 98.32 24.67
N PRO A 243 73.88 99.02 25.27
CA PRO A 243 74.97 99.65 24.53
C PRO A 243 75.94 98.63 23.90
N LYS A 244 76.37 98.92 22.70
CA LYS A 244 77.29 98.08 21.97
C LYS A 244 78.60 98.83 21.82
N GLY A 245 79.61 98.40 22.55
CA GLY A 245 80.90 99.06 22.51
C GLY A 245 80.93 100.27 23.42
N GLY A 246 79.94 101.10 23.26
CA GLY A 246 79.75 102.28 24.02
C GLY A 246 78.43 102.88 23.65
N SER A 247 78.35 104.16 23.68
CA SER A 247 77.14 104.84 23.32
C SER A 247 77.31 105.40 21.91
N GLY A 248 76.48 104.96 20.98
CA GLY A 248 76.55 105.43 19.61
C GLY A 248 75.96 106.81 19.46
N SER A 249 76.60 107.77 20.05
CA SER A 249 76.18 109.12 20.04
C SER A 249 77.42 110.00 19.99
N GLY A 250 77.77 110.39 18.80
CA GLY A 250 78.93 111.23 18.60
C GLY A 250 78.55 112.48 17.85
N PRO A 251 78.30 113.60 18.55
CA PRO A 251 77.87 114.86 17.92
C PRO A 251 78.86 115.36 16.85
N THR A 252 80.00 115.86 17.28
CA THR A 252 81.00 116.30 16.36
C THR A 252 82.35 115.74 16.78
N ILE A 253 82.73 114.65 16.17
CA ILE A 253 84.01 114.04 16.44
C ILE A 253 84.84 114.07 15.16
N GLU A 254 86.13 113.80 15.30
CA GLU A 254 87.09 113.79 14.20
C GLU A 254 87.42 115.22 13.74
N GLU A 255 88.26 115.87 14.50
CA GLU A 255 88.81 117.19 14.21
C GLU A 255 90.02 117.40 15.09
N VAL A 256 91.00 118.10 14.59
CA VAL A 256 92.24 118.25 15.31
C VAL A 256 92.69 119.71 15.38
N ASP A 257 92.74 120.23 16.58
CA ASP A 257 93.14 121.60 16.81
C ASP A 257 94.63 121.67 17.09
N SER A 1 -16.23 -0.30 26.92
CA SER A 1 -16.69 0.16 25.63
C SER A 1 -15.95 1.43 25.30
N GLU A 2 -14.94 1.31 24.48
CA GLU A 2 -14.12 2.43 24.14
C GLU A 2 -14.35 2.84 22.71
N ASN A 3 -15.06 3.92 22.51
CA ASN A 3 -15.22 4.45 21.18
C ASN A 3 -14.04 5.34 20.89
N VAL A 4 -13.01 4.73 20.37
CA VAL A 4 -11.76 5.40 20.12
C VAL A 4 -11.78 6.20 18.83
N GLN A 5 -11.39 7.48 18.97
CA GLN A 5 -11.27 8.40 17.85
C GLN A 5 -12.63 8.64 17.15
N ASP A 6 -13.30 9.70 17.55
CA ASP A 6 -14.58 10.03 16.96
C ASP A 6 -14.37 10.84 15.70
N LEU A 7 -15.27 10.71 14.76
CA LEU A 7 -15.15 11.34 13.47
C LEU A 7 -15.89 12.71 13.46
N LEU A 8 -15.70 13.49 14.50
CA LEU A 8 -16.33 14.80 14.61
C LEU A 8 -15.53 15.84 13.83
N LEU A 9 -14.30 16.07 14.24
CA LEU A 9 -13.46 17.08 13.60
C LEU A 9 -12.64 16.44 12.50
N LEU A 10 -11.85 15.44 12.89
CA LEU A 10 -10.90 14.76 12.03
C LEU A 10 -9.83 15.73 11.55
N ASP A 11 -8.94 16.08 12.47
CA ASP A 11 -7.90 17.04 12.19
C ASP A 11 -6.55 16.40 12.48
N VAL A 12 -6.60 15.12 12.52
CA VAL A 12 -5.44 14.31 12.75
C VAL A 12 -5.51 13.15 11.77
N ALA A 13 -4.47 12.40 11.68
CA ALA A 13 -4.44 11.23 10.85
C ALA A 13 -5.23 10.15 11.55
N PRO A 14 -6.32 9.65 10.93
CA PRO A 14 -7.18 8.66 11.54
C PRO A 14 -6.51 7.28 11.63
N LEU A 15 -5.68 6.99 10.67
CA LEU A 15 -4.93 5.76 10.63
C LEU A 15 -3.50 6.10 10.32
N SER A 16 -2.63 5.14 10.46
CA SER A 16 -1.25 5.34 10.14
C SER A 16 -1.01 4.94 8.70
N LEU A 17 -0.33 5.79 7.98
CA LEU A 17 -0.04 5.58 6.59
C LEU A 17 1.39 5.17 6.45
N GLY A 18 1.64 4.14 5.70
CA GLY A 18 2.98 3.66 5.59
C GLY A 18 3.28 2.97 4.28
N LEU A 19 4.50 2.53 4.17
CA LEU A 19 4.98 1.85 3.00
C LEU A 19 5.42 0.47 3.36
N GLU A 20 5.41 -0.39 2.39
CA GLU A 20 5.96 -1.71 2.52
C GLU A 20 7.43 -1.60 2.14
N THR A 21 8.28 -1.72 3.11
CA THR A 21 9.68 -1.53 2.95
C THR A 21 10.43 -2.86 2.96
N ALA A 22 11.77 -2.79 3.10
CA ALA A 22 12.65 -3.97 3.10
C ALA A 22 12.16 -5.07 4.03
N GLY A 23 12.16 -6.28 3.54
CA GLY A 23 11.71 -7.41 4.32
C GLY A 23 10.23 -7.69 4.15
N GLY A 24 9.49 -6.72 3.62
CA GLY A 24 8.05 -6.86 3.51
C GLY A 24 7.40 -6.38 4.78
N VAL A 25 8.13 -5.50 5.43
CA VAL A 25 7.79 -4.94 6.70
C VAL A 25 7.28 -3.51 6.51
N MET A 26 6.35 -3.10 7.33
CA MET A 26 5.70 -1.81 7.20
C MET A 26 6.47 -0.71 7.92
N THR A 27 6.61 0.40 7.28
CA THR A 27 7.16 1.59 7.87
C THR A 27 6.14 2.71 7.71
N ALA A 28 5.59 3.16 8.82
CA ALA A 28 4.57 4.17 8.82
C ALA A 28 5.16 5.54 8.98
N LEU A 29 5.00 6.37 7.96
CA LEU A 29 5.53 7.72 7.98
C LEU A 29 4.61 8.60 8.79
N ILE A 30 3.33 8.49 8.52
CA ILE A 30 2.35 9.22 9.25
C ILE A 30 1.70 8.26 10.19
N LYS A 31 1.91 8.44 11.45
CA LYS A 31 1.28 7.61 12.42
C LYS A 31 0.03 8.30 12.90
N ARG A 32 -0.99 7.53 13.13
CA ARG A 32 -2.28 8.04 13.52
C ARG A 32 -2.24 8.89 14.77
N ASN A 33 -3.23 9.75 14.87
CA ASN A 33 -3.42 10.70 15.97
C ASN A 33 -2.51 11.91 15.84
N SER A 34 -1.70 11.95 14.79
CA SER A 34 -0.85 13.08 14.50
C SER A 34 -1.66 14.09 13.72
N THR A 35 -1.63 15.30 14.18
CA THR A 35 -2.37 16.39 13.62
C THR A 35 -1.99 16.66 12.16
N ILE A 36 -2.96 17.05 11.38
CA ILE A 36 -2.77 17.39 10.01
C ILE A 36 -2.86 18.94 9.90
N PRO A 37 -2.52 19.58 8.75
CA PRO A 37 -2.07 18.92 7.53
C PRO A 37 -0.69 18.30 7.68
N THR A 38 -0.62 17.05 7.40
CA THR A 38 0.58 16.29 7.51
C THR A 38 1.41 16.36 6.26
N LYS A 39 2.69 16.42 6.44
CA LYS A 39 3.62 16.34 5.36
C LYS A 39 4.86 15.70 5.90
N GLN A 40 4.99 14.43 5.65
CA GLN A 40 6.13 13.68 6.12
C GLN A 40 7.01 13.39 4.96
N THR A 41 8.20 13.88 4.99
CA THR A 41 9.13 13.61 3.95
C THR A 41 10.31 12.86 4.55
N GLN A 42 10.49 11.66 4.11
CA GLN A 42 11.57 10.85 4.59
C GLN A 42 12.44 10.46 3.42
N ILE A 43 13.70 10.25 3.67
CA ILE A 43 14.60 9.85 2.62
C ILE A 43 14.87 8.36 2.75
N PHE A 44 14.41 7.64 1.79
CA PHE A 44 14.55 6.23 1.73
C PHE A 44 15.67 5.88 0.78
N THR A 45 16.11 4.67 0.83
CA THR A 45 17.16 4.17 -0.02
C THR A 45 16.85 2.73 -0.34
N THR A 46 17.56 2.13 -1.23
CA THR A 46 17.36 0.75 -1.48
C THR A 46 18.45 -0.09 -0.79
N TYR A 47 18.05 -1.22 -0.20
CA TYR A 47 19.03 -2.24 0.19
C TYR A 47 19.29 -3.13 -0.98
N SER A 48 18.37 -3.07 -1.90
CA SER A 48 18.50 -3.73 -3.13
C SER A 48 19.56 -3.02 -3.98
N ASP A 49 20.67 -3.68 -4.15
CA ASP A 49 21.83 -3.14 -4.84
C ASP A 49 21.60 -3.34 -6.33
N ASN A 50 21.70 -2.25 -7.10
CA ASN A 50 21.37 -2.26 -8.54
C ASN A 50 19.90 -2.60 -8.76
N GLN A 51 19.05 -1.68 -8.35
CA GLN A 51 17.66 -1.81 -8.48
C GLN A 51 17.21 -0.97 -9.68
N PRO A 52 16.64 -1.58 -10.74
CA PRO A 52 16.20 -0.83 -11.92
C PRO A 52 14.98 0.07 -11.67
N GLY A 53 14.12 -0.35 -10.77
CA GLY A 53 12.94 0.41 -10.49
C GLY A 53 12.40 0.06 -9.14
N VAL A 54 11.95 1.05 -8.43
CA VAL A 54 11.42 0.86 -7.11
C VAL A 54 9.92 0.92 -7.13
N LEU A 55 9.31 0.17 -6.28
CA LEU A 55 7.88 0.06 -6.20
C LEU A 55 7.38 0.62 -4.88
N ILE A 56 6.69 1.72 -4.96
CA ILE A 56 6.16 2.38 -3.79
C ILE A 56 4.77 1.85 -3.51
N GLN A 57 4.69 1.02 -2.51
CA GLN A 57 3.45 0.39 -2.10
C GLN A 57 2.94 1.08 -0.83
N VAL A 58 1.80 1.73 -0.95
CA VAL A 58 1.23 2.52 0.14
C VAL A 58 0.10 1.76 0.82
N TYR A 59 0.23 1.60 2.12
CA TYR A 59 -0.74 0.90 2.90
C TYR A 59 -1.15 1.71 4.10
N GLU A 60 -2.32 1.45 4.56
CA GLU A 60 -2.87 2.08 5.72
C GLU A 60 -3.23 0.98 6.71
N GLY A 61 -3.12 1.28 7.97
CA GLY A 61 -3.41 0.32 8.99
C GLY A 61 -2.12 -0.25 9.52
N GLU A 62 -1.95 -0.18 10.81
CA GLU A 62 -0.70 -0.56 11.44
C GLU A 62 -0.57 -2.07 11.59
N ARG A 63 0.53 -2.61 11.09
CA ARG A 63 0.86 -4.03 11.22
C ARG A 63 2.35 -4.24 11.18
N ALA A 64 2.77 -5.43 11.52
CA ALA A 64 4.16 -5.81 11.41
C ALA A 64 4.45 -6.28 10.00
N MET A 65 3.62 -7.17 9.54
CA MET A 65 3.72 -7.74 8.21
C MET A 65 2.77 -7.03 7.31
N THR A 66 3.27 -6.57 6.22
CA THR A 66 2.48 -5.86 5.31
C THR A 66 1.86 -6.83 4.30
N LYS A 67 0.53 -6.88 4.29
CA LYS A 67 -0.27 -7.74 3.41
C LYS A 67 -1.75 -7.49 3.65
N ASP A 68 -2.17 -7.59 4.89
CA ASP A 68 -3.54 -7.34 5.26
C ASP A 68 -3.61 -6.00 5.87
N ASN A 69 -3.62 -5.07 5.02
CA ASN A 69 -3.67 -3.68 5.35
C ASN A 69 -4.66 -3.06 4.39
N ASN A 70 -4.91 -1.80 4.53
CA ASN A 70 -5.79 -1.12 3.61
C ASN A 70 -4.93 -0.60 2.48
N LEU A 71 -5.08 -1.22 1.32
CA LEU A 71 -4.28 -0.92 0.16
C LEU A 71 -4.76 0.38 -0.46
N LEU A 72 -3.99 1.42 -0.30
CA LEU A 72 -4.35 2.70 -0.84
C LEU A 72 -3.89 2.82 -2.27
N GLY A 73 -2.69 2.36 -2.55
CA GLY A 73 -2.19 2.40 -3.89
C GLY A 73 -0.77 1.95 -3.98
N ARG A 74 -0.30 1.80 -5.19
CA ARG A 74 1.06 1.41 -5.46
C ARG A 74 1.46 1.98 -6.81
N PHE A 75 2.67 2.44 -6.93
CA PHE A 75 3.17 2.98 -8.18
C PHE A 75 4.66 2.69 -8.31
N GLU A 76 5.11 2.53 -9.53
CA GLU A 76 6.49 2.23 -9.78
C GLU A 76 7.23 3.50 -10.13
N LEU A 77 8.41 3.61 -9.62
CA LEU A 77 9.31 4.63 -10.02
C LEU A 77 10.50 3.90 -10.61
N SER A 78 10.58 3.89 -11.90
CA SER A 78 11.58 3.12 -12.58
C SER A 78 12.59 4.01 -13.25
N GLY A 79 13.73 3.45 -13.58
CA GLY A 79 14.77 4.22 -14.19
C GLY A 79 15.74 4.68 -13.15
N ILE A 80 16.05 3.80 -12.24
CA ILE A 80 17.02 4.06 -11.20
C ILE A 80 18.40 3.72 -11.78
N PRO A 81 19.39 4.62 -11.65
CA PRO A 81 20.74 4.41 -12.20
C PRO A 81 21.42 3.16 -11.61
N PRO A 82 22.27 2.46 -12.41
CA PRO A 82 23.02 1.29 -11.93
C PRO A 82 24.08 1.69 -10.92
N ALA A 83 23.66 1.80 -9.69
CA ALA A 83 24.50 2.21 -8.62
C ALA A 83 24.29 1.26 -7.45
N PRO A 84 25.28 1.18 -6.54
CA PRO A 84 25.16 0.35 -5.34
C PRO A 84 24.00 0.77 -4.43
N ARG A 85 23.71 -0.05 -3.47
CA ARG A 85 22.65 0.17 -2.51
C ARG A 85 22.97 1.43 -1.69
N GLY A 86 21.93 2.11 -1.25
CA GLY A 86 22.13 3.30 -0.43
C GLY A 86 22.38 4.55 -1.24
N VAL A 87 22.70 4.40 -2.50
CA VAL A 87 22.96 5.54 -3.38
C VAL A 87 21.66 6.22 -3.85
N PRO A 88 20.69 5.49 -4.47
CA PRO A 88 19.42 6.10 -4.87
C PRO A 88 18.61 6.53 -3.65
N GLN A 89 18.51 7.82 -3.47
CA GLN A 89 17.75 8.37 -2.39
C GLN A 89 16.37 8.67 -2.88
N ILE A 90 15.42 7.99 -2.33
CA ILE A 90 14.07 8.17 -2.71
C ILE A 90 13.39 9.01 -1.65
N GLU A 91 12.95 10.13 -2.03
CA GLU A 91 12.28 11.04 -1.15
C GLU A 91 10.81 10.73 -1.21
N VAL A 92 10.25 10.32 -0.13
CA VAL A 92 8.85 10.02 -0.13
C VAL A 92 8.12 10.94 0.83
N THR A 93 7.18 11.66 0.29
CA THR A 93 6.39 12.58 1.03
C THR A 93 4.95 12.09 1.13
N PHE A 94 4.50 11.96 2.35
CA PHE A 94 3.13 11.65 2.66
C PHE A 94 2.48 12.92 3.17
N ASP A 95 1.62 13.47 2.38
CA ASP A 95 0.97 14.73 2.68
C ASP A 95 -0.54 14.56 2.71
N ILE A 96 -1.18 15.06 3.74
CA ILE A 96 -2.63 15.00 3.86
C ILE A 96 -3.16 16.41 4.10
N ASP A 97 -4.22 16.76 3.40
CA ASP A 97 -4.84 18.08 3.53
C ASP A 97 -6.00 17.97 4.53
N ALA A 98 -6.81 19.01 4.63
CA ALA A 98 -7.94 19.03 5.54
C ALA A 98 -9.07 18.06 5.12
N ASN A 99 -9.13 17.72 3.83
CA ASN A 99 -10.15 16.76 3.33
C ASN A 99 -9.76 15.35 3.69
N GLY A 100 -8.48 15.13 3.76
CA GLY A 100 -7.98 13.82 4.06
C GLY A 100 -7.38 13.20 2.83
N ILE A 101 -6.99 14.02 1.89
CA ILE A 101 -6.39 13.56 0.68
C ILE A 101 -4.91 13.32 0.91
N LEU A 102 -4.51 12.09 0.76
CA LEU A 102 -3.15 11.71 0.92
C LEU A 102 -2.45 11.73 -0.42
N ASN A 103 -1.49 12.56 -0.53
CA ASN A 103 -0.71 12.65 -1.71
C ASN A 103 0.67 12.10 -1.44
N VAL A 104 0.91 10.90 -1.89
CA VAL A 104 2.20 10.28 -1.72
C VAL A 104 3.08 10.62 -2.92
N THR A 105 4.17 11.29 -2.66
CA THR A 105 5.12 11.65 -3.70
C THR A 105 6.44 10.89 -3.48
N ALA A 106 7.02 10.37 -4.54
CA ALA A 106 8.31 9.73 -4.46
C ALA A 106 9.24 10.34 -5.49
N THR A 107 10.34 10.88 -5.02
CA THR A 107 11.29 11.54 -5.87
C THR A 107 12.66 10.83 -5.81
N ASP A 108 13.16 10.41 -6.94
CA ASP A 108 14.51 9.90 -7.04
C ASP A 108 15.47 11.04 -7.13
N LYS A 109 16.22 11.23 -6.09
CA LYS A 109 17.19 12.30 -5.98
C LYS A 109 18.35 12.12 -6.96
N SER A 110 18.50 10.92 -7.47
CA SER A 110 19.60 10.59 -8.34
C SER A 110 19.39 11.18 -9.75
N THR A 111 18.35 10.74 -10.43
CA THR A 111 18.08 11.19 -11.78
C THR A 111 17.11 12.38 -11.81
N GLY A 112 16.36 12.55 -10.75
CA GLY A 112 15.42 13.63 -10.70
C GLY A 112 14.06 13.23 -11.21
N LYS A 113 13.60 12.10 -10.74
CA LYS A 113 12.29 11.60 -11.13
C LYS A 113 11.33 11.76 -10.01
N ALA A 114 10.10 11.99 -10.33
CA ALA A 114 9.09 12.19 -9.30
C ALA A 114 7.74 11.73 -9.77
N ASN A 115 7.10 10.97 -8.95
CA ASN A 115 5.76 10.47 -9.19
C ASN A 115 4.96 10.60 -7.94
N LYS A 116 3.74 11.01 -8.06
CA LYS A 116 2.89 11.14 -6.93
C LYS A 116 1.52 10.56 -7.21
N ILE A 117 0.88 10.05 -6.19
CA ILE A 117 -0.47 9.54 -6.28
C ILE A 117 -1.37 10.31 -5.36
N THR A 118 -2.54 10.59 -5.83
CA THR A 118 -3.51 11.32 -5.06
C THR A 118 -4.56 10.34 -4.54
N ILE A 119 -4.59 10.15 -3.26
CA ILE A 119 -5.53 9.26 -2.63
C ILE A 119 -6.52 10.10 -1.87
N THR A 120 -7.71 10.19 -2.35
CA THR A 120 -8.72 10.99 -1.72
C THR A 120 -9.40 10.21 -0.61
N ASN A 121 -10.11 10.92 0.26
CA ASN A 121 -10.90 10.29 1.31
C ASN A 121 -12.05 9.60 0.61
N ASP A 122 -12.57 10.30 -0.41
CA ASP A 122 -13.63 9.86 -1.33
C ASP A 122 -14.98 9.70 -0.67
N LYS A 123 -15.06 8.76 0.23
CA LYS A 123 -16.30 8.40 0.88
C LYS A 123 -15.98 7.38 1.94
N GLY A 124 -15.45 6.27 1.50
CA GLY A 124 -15.10 5.21 2.37
C GLY A 124 -14.20 4.24 1.71
N ARG A 125 -13.21 3.78 2.42
CA ARG A 125 -12.29 2.83 1.88
C ARG A 125 -12.68 1.48 2.41
N LEU A 126 -12.90 0.55 1.49
CA LEU A 126 -13.36 -0.80 1.78
C LEU A 126 -14.73 -0.75 2.45
N SER A 127 -14.75 -0.79 3.75
CA SER A 127 -15.97 -0.71 4.48
C SER A 127 -15.79 0.13 5.74
N LYS A 128 -14.56 0.68 5.92
CA LYS A 128 -14.16 1.43 7.14
C LYS A 128 -14.05 0.51 8.39
N GLU A 129 -15.09 -0.24 8.63
CA GLU A 129 -15.22 -1.17 9.76
C GLU A 129 -14.06 -2.17 9.82
N GLU A 130 -13.68 -2.71 8.65
CA GLU A 130 -12.56 -3.66 8.55
C GLU A 130 -11.25 -3.03 8.99
N ILE A 131 -11.12 -1.75 8.73
CA ILE A 131 -9.92 -1.02 9.06
C ILE A 131 -9.87 -0.83 10.58
N GLU A 132 -11.01 -0.46 11.16
CA GLU A 132 -11.12 -0.26 12.61
C GLU A 132 -10.91 -1.56 13.36
N ARG A 133 -11.45 -2.65 12.82
CA ARG A 133 -11.24 -3.99 13.39
C ARG A 133 -9.76 -4.32 13.39
N MET A 134 -9.12 -4.06 12.26
CA MET A 134 -7.68 -4.28 12.08
C MET A 134 -6.86 -3.53 13.13
N VAL A 135 -7.21 -2.27 13.33
CA VAL A 135 -6.54 -1.41 14.30
C VAL A 135 -6.63 -2.00 15.71
N GLN A 136 -7.80 -2.45 16.09
CA GLN A 136 -8.00 -2.99 17.40
C GLN A 136 -7.28 -4.34 17.57
N GLU A 137 -7.17 -5.10 16.48
CA GLU A 137 -6.40 -6.35 16.51
C GLU A 137 -4.95 -6.00 16.76
N ALA A 138 -4.46 -5.03 15.99
CA ALA A 138 -3.08 -4.58 16.04
C ALA A 138 -2.68 -4.07 17.42
N GLU A 139 -3.64 -3.51 18.15
CA GLU A 139 -3.38 -3.07 19.51
C GLU A 139 -3.36 -4.19 20.52
N LYS A 140 -4.14 -5.21 20.28
CA LYS A 140 -4.12 -6.40 21.12
C LYS A 140 -2.79 -7.17 20.89
N TYR A 141 -2.17 -6.88 19.77
CA TYR A 141 -0.90 -7.47 19.40
C TYR A 141 0.16 -6.37 19.29
N LYS A 142 -0.06 -5.29 20.05
CA LYS A 142 0.81 -4.09 20.03
C LYS A 142 2.29 -4.43 20.17
N ALA A 143 2.62 -5.20 21.18
CA ALA A 143 4.00 -5.52 21.44
C ALA A 143 4.53 -6.47 20.40
N GLU A 144 3.83 -7.56 20.17
CA GLU A 144 4.30 -8.55 19.22
C GLU A 144 4.46 -8.02 17.81
N ASP A 145 3.49 -7.27 17.29
CA ASP A 145 3.62 -6.70 15.94
C ASP A 145 4.77 -5.72 15.84
N GLU A 146 4.91 -4.82 16.79
CA GLU A 146 6.00 -3.86 16.67
C GLU A 146 7.37 -4.50 16.88
N VAL A 147 7.44 -5.52 17.74
CA VAL A 147 8.69 -6.26 17.90
C VAL A 147 9.03 -6.99 16.60
N GLN A 148 8.03 -7.66 16.01
CA GLN A 148 8.21 -8.35 14.72
C GLN A 148 8.66 -7.37 13.65
N ARG A 149 8.03 -6.22 13.64
CA ARG A 149 8.32 -5.18 12.68
C ARG A 149 9.76 -4.69 12.83
N GLU A 150 10.23 -4.56 14.05
CA GLU A 150 11.57 -4.05 14.26
C GLU A 150 12.64 -5.13 14.29
N ARG A 151 12.25 -6.39 14.37
CA ARG A 151 13.21 -7.50 14.29
C ARG A 151 13.90 -7.48 12.97
N VAL A 152 13.14 -7.30 11.93
CA VAL A 152 13.68 -7.21 10.60
C VAL A 152 14.25 -5.83 10.43
N SER A 153 15.54 -5.75 10.30
CA SER A 153 16.19 -4.47 10.16
C SER A 153 16.02 -3.93 8.75
N ALA A 154 15.03 -3.09 8.60
CA ALA A 154 14.71 -2.49 7.34
C ALA A 154 15.30 -1.09 7.26
N LYS A 155 15.59 -0.54 8.45
CA LYS A 155 16.18 0.80 8.63
C LYS A 155 15.23 1.90 8.12
N ASN A 156 15.21 2.06 6.82
CA ASN A 156 14.39 3.03 6.12
C ASN A 156 14.66 2.82 4.63
N ALA A 157 14.76 1.56 4.25
CA ALA A 157 15.08 1.20 2.89
C ALA A 157 14.00 0.29 2.32
N LEU A 158 13.89 0.26 1.00
CA LEU A 158 12.88 -0.55 0.36
C LEU A 158 13.52 -1.53 -0.62
N GLU A 159 12.84 -2.61 -0.81
CA GLU A 159 13.16 -3.54 -1.85
C GLU A 159 11.89 -3.64 -2.68
N SER A 160 11.97 -4.05 -3.90
CA SER A 160 10.79 -4.04 -4.74
C SER A 160 10.66 -5.32 -5.53
N TYR A 161 9.49 -5.90 -5.47
CA TYR A 161 9.16 -7.11 -6.17
C TYR A 161 7.66 -7.20 -6.24
N ALA A 162 7.15 -8.19 -6.96
CA ALA A 162 5.72 -8.42 -7.14
C ALA A 162 5.06 -7.27 -7.88
N PHE A 163 5.23 -7.28 -9.17
CA PHE A 163 4.69 -6.25 -10.02
C PHE A 163 3.23 -6.54 -10.26
N ASN A 164 2.40 -5.61 -9.89
CA ASN A 164 0.98 -5.76 -10.00
C ASN A 164 0.53 -5.48 -11.40
N MET A 165 0.47 -6.52 -12.18
CA MET A 165 0.02 -6.45 -13.55
C MET A 165 -1.07 -7.48 -13.72
N LYS A 166 -1.85 -7.65 -12.66
CA LYS A 166 -2.92 -8.63 -12.59
C LYS A 166 -3.88 -8.50 -13.77
N SER A 167 -4.06 -9.58 -14.47
CA SER A 167 -4.83 -9.64 -15.67
C SER A 167 -6.31 -9.37 -15.42
N ALA A 168 -6.73 -8.21 -15.86
CA ALA A 168 -8.09 -7.81 -15.79
C ALA A 168 -8.66 -7.91 -17.19
N VAL A 169 -9.17 -9.06 -17.49
CA VAL A 169 -9.69 -9.35 -18.80
C VAL A 169 -11.18 -9.67 -18.78
N GLU A 170 -11.69 -10.03 -17.62
CA GLU A 170 -13.12 -10.30 -17.49
C GLU A 170 -13.65 -9.65 -16.21
N ASP A 171 -12.86 -8.73 -15.67
CA ASP A 171 -13.20 -8.07 -14.40
C ASP A 171 -14.47 -7.27 -14.57
N GLU A 172 -15.26 -7.23 -13.54
CA GLU A 172 -16.51 -6.59 -13.64
C GLU A 172 -16.69 -5.53 -12.57
N GLY A 173 -16.30 -4.34 -12.92
CA GLY A 173 -16.53 -3.17 -12.11
C GLY A 173 -17.35 -2.20 -12.91
N LEU A 174 -18.09 -2.76 -13.86
CA LEU A 174 -18.87 -2.01 -14.83
C LEU A 174 -20.22 -1.56 -14.27
N LYS A 175 -20.42 -1.75 -13.00
CA LYS A 175 -21.61 -1.24 -12.34
C LYS A 175 -21.31 0.19 -11.93
N GLY A 176 -21.65 1.10 -12.79
CA GLY A 176 -21.31 2.47 -12.60
C GLY A 176 -22.36 3.24 -11.86
N LYS A 177 -22.01 3.72 -10.70
CA LYS A 177 -22.88 4.57 -9.96
C LYS A 177 -22.56 6.01 -10.30
N ILE A 178 -23.07 6.44 -11.41
CA ILE A 178 -22.81 7.76 -11.93
C ILE A 178 -23.91 8.74 -11.54
N SER A 179 -25.12 8.25 -11.51
CA SER A 179 -26.26 9.08 -11.18
C SER A 179 -26.68 8.83 -9.74
N GLU A 180 -26.23 7.72 -9.19
CA GLU A 180 -26.50 7.41 -7.81
C GLU A 180 -25.34 7.89 -6.97
N ALA A 181 -25.42 9.12 -6.55
CA ALA A 181 -24.42 9.67 -5.68
C ALA A 181 -24.95 9.62 -4.29
N ASP A 182 -24.41 8.76 -3.49
CA ASP A 182 -24.88 8.55 -2.16
C ASP A 182 -24.26 9.55 -1.19
N LYS A 183 -25.14 10.40 -0.69
CA LYS A 183 -24.88 11.46 0.26
C LYS A 183 -26.21 12.13 0.52
N LYS A 184 -26.28 12.98 1.52
CA LYS A 184 -27.56 13.60 1.90
C LYS A 184 -28.04 14.59 0.84
N LYS A 185 -27.09 15.32 0.25
CA LYS A 185 -27.34 16.26 -0.86
C LYS A 185 -28.08 17.53 -0.43
N VAL A 186 -29.26 17.39 0.11
CA VAL A 186 -30.06 18.51 0.52
C VAL A 186 -30.57 18.28 1.94
N LEU A 187 -30.42 19.27 2.78
CA LEU A 187 -30.86 19.16 4.15
C LEU A 187 -32.24 19.76 4.29
N ASP A 188 -33.21 19.00 3.87
CA ASP A 188 -34.60 19.33 3.95
C ASP A 188 -35.34 18.03 3.69
N LYS A 189 -36.58 17.93 4.11
CA LYS A 189 -37.37 16.70 4.07
C LYS A 189 -36.91 15.72 5.13
N SMC A 190 -37.83 15.36 6.00
CA SMC A 190 -37.54 14.48 7.11
CB SMC A 190 -36.68 15.19 8.18
SG SMC A 190 -36.28 14.18 9.62
C SMC A 190 -38.84 14.01 7.73
O SMC A 190 -39.16 12.82 7.74
H SMC A 190 -38.75 15.67 5.87
HA SMC A 190 -37.01 13.62 6.75
HB2 SMC A 190 -37.20 16.07 8.52
HB3 SMC A 190 -35.74 15.50 7.72
N GLN A 191 -39.61 14.95 8.21
CA GLN A 191 -40.88 14.64 8.81
C GLN A 191 -41.97 15.05 7.87
N GLU A 192 -42.28 14.14 6.99
CA GLU A 192 -43.22 14.38 5.94
C GLU A 192 -44.63 14.27 6.47
N VAL A 193 -44.94 13.17 7.11
CA VAL A 193 -46.22 13.02 7.74
C VAL A 193 -46.13 13.66 9.13
N ILE A 194 -47.11 14.41 9.51
CA ILE A 194 -47.01 15.15 10.76
C ILE A 194 -48.13 14.75 11.71
N SER A 195 -49.34 14.93 11.28
CA SER A 195 -50.47 14.64 12.12
C SER A 195 -50.81 13.16 12.03
N TRP A 196 -50.37 12.40 13.02
CA TRP A 196 -50.68 11.00 13.10
C TRP A 196 -52.04 10.87 13.78
N LEU A 197 -53.08 10.99 13.01
CA LEU A 197 -54.41 10.93 13.56
C LEU A 197 -54.86 9.49 13.58
N ASP A 198 -54.73 8.88 14.72
CA ASP A 198 -55.17 7.51 14.93
C ASP A 198 -55.89 7.41 16.26
N ALA A 199 -56.12 8.56 16.87
CA ALA A 199 -56.75 8.62 18.17
C ALA A 199 -58.26 8.43 18.06
N ASN A 200 -58.65 7.19 17.96
CA ASN A 200 -60.05 6.80 17.87
C ASN A 200 -60.18 5.36 18.29
N THR A 201 -60.81 5.12 19.39
CA THR A 201 -60.99 3.77 19.87
C THR A 201 -62.44 3.36 19.66
N LEU A 202 -63.35 4.14 20.20
CA LEU A 202 -64.75 3.88 20.07
C LEU A 202 -65.17 4.28 18.65
N ALA A 203 -65.62 3.31 17.92
CA ALA A 203 -66.13 3.49 16.58
C ALA A 203 -67.43 2.73 16.47
N GLU A 204 -67.39 1.49 16.97
CA GLU A 204 -68.52 0.57 17.03
C GLU A 204 -69.03 0.11 15.66
N LYS A 205 -68.88 -1.15 15.42
CA LYS A 205 -69.44 -1.78 14.26
C LYS A 205 -69.97 -3.13 14.66
N ASP A 206 -71.26 -3.19 14.83
CA ASP A 206 -71.92 -4.37 15.30
C ASP A 206 -73.05 -4.71 14.35
N GLU A 207 -73.21 -5.98 14.03
CA GLU A 207 -74.20 -6.39 13.04
C GLU A 207 -75.53 -6.75 13.69
N PHE A 208 -76.52 -6.99 12.84
CA PHE A 208 -77.84 -7.40 13.28
C PHE A 208 -77.80 -8.88 13.67
N GLU A 209 -78.67 -9.29 14.56
CA GLU A 209 -78.71 -10.67 14.99
C GLU A 209 -80.13 -11.07 15.35
N HIS A 210 -80.76 -10.25 16.18
CA HIS A 210 -82.10 -10.53 16.73
C HIS A 210 -83.18 -10.65 15.64
N LYS A 211 -82.92 -10.06 14.48
CA LYS A 211 -83.84 -10.16 13.36
C LYS A 211 -83.94 -11.61 12.91
N ARG A 212 -82.82 -12.28 12.85
CA ARG A 212 -82.81 -13.64 12.41
C ARG A 212 -83.15 -14.56 13.55
N LYS A 213 -84.00 -15.50 13.24
CA LYS A 213 -84.52 -16.42 14.23
C LYS A 213 -84.80 -17.73 13.53
N GLU A 214 -85.79 -17.70 12.63
CA GLU A 214 -86.19 -18.84 11.79
C GLU A 214 -86.59 -20.07 12.60
N LEU A 215 -87.88 -20.27 12.74
CA LEU A 215 -88.38 -21.36 13.54
C LEU A 215 -88.31 -22.72 12.84
N GLU A 216 -88.50 -23.78 13.59
CA GLU A 216 -88.30 -25.14 13.11
C GLU A 216 -89.60 -25.82 12.75
N GLN A 217 -90.72 -25.19 13.11
CA GLN A 217 -92.07 -25.75 12.96
C GLN A 217 -92.16 -27.05 13.77
N VAL A 218 -91.41 -27.11 14.86
CA VAL A 218 -91.33 -28.31 15.67
C VAL A 218 -92.55 -28.50 16.57
N SMC A 219 -93.60 -28.94 15.95
CA SMC A 219 -94.81 -29.30 16.60
CB SMC A 219 -95.88 -28.20 16.41
SG SMC A 219 -96.18 -27.71 14.69
C SMC A 219 -95.23 -30.63 16.02
O SMC A 219 -95.47 -30.75 14.81
H SMC A 219 -93.55 -29.01 14.98
HA SMC A 219 -94.59 -29.43 17.65
HB2 SMC A 219 -95.59 -27.33 16.97
HB3 SMC A 219 -96.82 -28.57 16.80
N ASN A 220 -95.22 -31.64 16.83
CA ASN A 220 -95.51 -32.99 16.38
C ASN A 220 -96.97 -33.30 16.54
N PRO A 221 -97.66 -33.59 15.42
CA PRO A 221 -99.08 -33.90 15.43
C PRO A 221 -99.32 -35.33 15.94
N ILE A 222 -100.46 -35.55 16.53
CA ILE A 222 -100.79 -36.84 17.04
C ILE A 222 -101.28 -37.77 15.93
N ILE A 223 -100.45 -38.70 15.54
CA ILE A 223 -100.80 -39.65 14.49
C ILE A 223 -101.42 -40.90 15.08
N SER A 224 -101.47 -40.94 16.37
CA SER A 224 -101.96 -42.06 17.10
C SER A 224 -102.60 -41.58 18.40
N GLY A 225 -103.12 -42.49 19.17
CA GLY A 225 -103.68 -42.18 20.45
C GLY A 225 -103.50 -43.35 21.36
N LEU A 226 -103.39 -43.09 22.63
CA LEU A 226 -103.19 -44.16 23.56
C LEU A 226 -104.54 -44.81 23.86
N TYR A 227 -104.85 -45.88 23.15
CA TYR A 227 -106.09 -46.62 23.35
C TYR A 227 -105.82 -48.12 23.32
N GLN A 228 -105.72 -48.67 22.10
CA GLN A 228 -105.59 -50.12 21.84
C GLN A 228 -106.82 -50.89 22.31
N GLY A 229 -106.87 -52.14 21.97
CA GLY A 229 -107.91 -53.00 22.38
C GLY A 229 -107.33 -54.27 22.90
N ALA A 230 -108.07 -55.33 22.82
CA ALA A 230 -107.57 -56.61 23.28
C ALA A 230 -107.59 -57.61 22.14
N GLY A 231 -108.50 -57.40 21.20
CA GLY A 231 -108.67 -58.33 20.11
C GLY A 231 -109.20 -59.64 20.63
N GLY A 232 -110.16 -59.54 21.52
CA GLY A 232 -110.68 -60.71 22.19
C GLY A 232 -110.23 -60.71 23.64
N PRO A 233 -110.94 -59.98 24.55
CA PRO A 233 -110.56 -59.88 25.97
C PRO A 233 -110.60 -61.22 26.71
N GLY A 234 -111.42 -62.14 26.21
CA GLY A 234 -111.49 -63.44 26.81
C GLY A 234 -112.88 -64.01 26.81
N PRO A 235 -113.25 -64.82 25.80
CA PRO A 235 -114.58 -65.42 25.73
C PRO A 235 -114.72 -66.62 26.66
N GLY A 236 -113.61 -67.24 26.99
CA GLY A 236 -113.63 -68.42 27.83
C GLY A 236 -113.13 -69.63 27.08
N GLY A 237 -113.14 -70.77 27.72
CA GLY A 237 -112.67 -71.99 27.08
C GLY A 237 -113.82 -72.85 26.59
N PHE A 238 -114.82 -73.02 27.45
CA PHE A 238 -116.06 -73.78 27.17
C PHE A 238 -115.86 -75.30 27.15
N GLY A 239 -116.89 -76.00 27.54
CA GLY A 239 -116.90 -77.44 27.56
C GLY A 239 -116.98 -77.94 28.97
N ALA A 240 -115.98 -77.57 29.73
CA ALA A 240 -115.87 -77.90 31.13
C ALA A 240 -115.03 -76.84 31.78
N GLN A 241 -115.01 -76.81 33.08
CA GLN A 241 -114.24 -75.82 33.82
C GLN A 241 -112.83 -76.27 34.21
N GLY A 242 -112.35 -77.31 33.58
CA GLY A 242 -111.03 -77.83 33.89
C GLY A 242 -110.89 -79.27 33.45
N PRO A 243 -111.48 -80.23 34.19
CA PRO A 243 -111.48 -81.62 33.77
C PRO A 243 -112.57 -81.85 32.73
N LYS A 244 -112.16 -82.22 31.54
CA LYS A 244 -113.07 -82.49 30.43
C LYS A 244 -114.03 -83.62 30.80
N GLY A 245 -113.51 -84.62 31.44
CA GLY A 245 -114.29 -85.74 31.85
C GLY A 245 -113.66 -86.43 33.01
N GLY A 246 -114.43 -86.63 34.05
CA GLY A 246 -113.95 -87.30 35.22
C GLY A 246 -113.78 -88.78 34.96
N SER A 247 -113.23 -89.47 35.92
CA SER A 247 -112.97 -90.87 35.78
C SER A 247 -114.25 -91.67 36.10
N GLY A 248 -115.13 -91.06 36.88
CA GLY A 248 -116.35 -91.70 37.24
C GLY A 248 -117.20 -90.84 38.13
N SER A 249 -117.88 -89.89 37.54
CA SER A 249 -118.75 -89.02 38.27
C SER A 249 -120.08 -88.87 37.54
N GLY A 250 -121.17 -89.03 38.27
CA GLY A 250 -122.48 -88.84 37.71
C GLY A 250 -122.93 -87.42 37.95
N PRO A 251 -124.24 -87.18 38.17
CA PRO A 251 -124.73 -85.84 38.47
C PRO A 251 -124.22 -85.40 39.84
N THR A 252 -123.15 -84.66 39.83
CA THR A 252 -122.49 -84.28 41.04
C THR A 252 -123.07 -82.98 41.57
N ILE A 253 -124.24 -83.12 42.10
CA ILE A 253 -124.98 -82.08 42.73
C ILE A 253 -125.55 -82.65 44.01
N GLU A 254 -125.45 -81.95 45.08
CA GLU A 254 -126.01 -82.40 46.31
C GLU A 254 -127.44 -81.92 46.40
N GLU A 255 -128.35 -82.85 46.38
CA GLU A 255 -129.74 -82.52 46.34
C GLU A 255 -130.53 -83.35 47.34
N VAL A 256 -130.50 -82.91 48.55
CA VAL A 256 -131.24 -83.50 49.63
C VAL A 256 -132.00 -82.38 50.37
N ASP A 257 -131.76 -81.18 49.90
CA ASP A 257 -132.32 -79.95 50.42
C ASP A 257 -132.06 -78.88 49.39
N SER A 1 -14.38 25.29 -7.35
CA SER A 1 -14.67 26.07 -6.18
C SER A 1 -13.73 25.67 -5.06
N GLU A 2 -13.17 26.63 -4.37
CA GLU A 2 -12.35 26.33 -3.24
C GLU A 2 -13.23 26.21 -2.00
N ASN A 3 -13.02 25.18 -1.25
CA ASN A 3 -13.83 24.92 -0.08
C ASN A 3 -13.31 25.70 1.09
N VAL A 4 -13.96 26.80 1.36
CA VAL A 4 -13.56 27.73 2.39
C VAL A 4 -14.21 27.42 3.73
N GLN A 5 -14.78 26.26 3.81
CA GLN A 5 -15.32 25.74 5.02
C GLN A 5 -14.47 24.56 5.43
N ASP A 6 -13.61 24.78 6.39
CA ASP A 6 -12.67 23.78 6.84
C ASP A 6 -13.35 22.89 7.83
N LEU A 7 -13.55 21.65 7.46
CA LEU A 7 -14.18 20.71 8.35
C LEU A 7 -13.11 20.00 9.16
N LEU A 8 -12.83 20.50 10.33
CA LEU A 8 -11.84 19.89 11.17
C LEU A 8 -12.44 19.38 12.46
N LEU A 9 -13.12 18.27 12.33
CA LEU A 9 -13.72 17.59 13.46
C LEU A 9 -12.88 16.36 13.73
N LEU A 10 -12.76 15.53 12.71
CA LEU A 10 -11.88 14.42 12.74
C LEU A 10 -10.77 14.76 11.81
N ASP A 11 -9.93 15.61 12.32
CA ASP A 11 -8.81 16.18 11.60
C ASP A 11 -7.55 15.44 11.93
N VAL A 12 -7.69 14.17 12.07
CA VAL A 12 -6.58 13.36 12.38
C VAL A 12 -6.46 12.24 11.39
N ALA A 13 -5.25 11.85 11.13
CA ALA A 13 -4.94 10.69 10.33
C ALA A 13 -5.62 9.47 10.97
N PRO A 14 -6.49 8.76 10.23
CA PRO A 14 -7.23 7.63 10.78
C PRO A 14 -6.31 6.54 11.33
N LEU A 15 -5.47 6.02 10.47
CA LEU A 15 -4.55 4.97 10.82
C LEU A 15 -3.15 5.39 10.43
N SER A 16 -2.19 4.57 10.76
CA SER A 16 -0.82 4.86 10.44
C SER A 16 -0.53 4.51 8.98
N LEU A 17 -0.14 5.51 8.20
CA LEU A 17 0.13 5.35 6.78
C LEU A 17 1.58 5.04 6.58
N GLY A 18 1.86 4.05 5.79
CA GLY A 18 3.22 3.66 5.57
C GLY A 18 3.43 2.98 4.26
N LEU A 19 4.60 2.42 4.08
CA LEU A 19 4.98 1.76 2.85
C LEU A 19 5.56 0.43 3.19
N GLU A 20 5.65 -0.45 2.22
CA GLU A 20 6.29 -1.72 2.45
C GLU A 20 7.80 -1.60 2.19
N THR A 21 8.51 -1.64 3.25
CA THR A 21 9.92 -1.57 3.28
C THR A 21 10.56 -2.95 3.06
N ALA A 22 11.83 -2.93 2.67
CA ALA A 22 12.63 -4.12 2.28
C ALA A 22 12.48 -5.30 3.23
N GLY A 23 11.97 -6.39 2.70
CA GLY A 23 11.77 -7.58 3.49
C GLY A 23 10.33 -7.81 3.80
N GLY A 24 9.47 -6.96 3.24
CA GLY A 24 8.05 -7.08 3.45
C GLY A 24 7.65 -6.57 4.81
N VAL A 25 8.27 -5.48 5.22
CA VAL A 25 8.03 -4.88 6.52
C VAL A 25 7.26 -3.59 6.30
N MET A 26 6.40 -3.22 7.19
CA MET A 26 5.62 -2.02 7.00
C MET A 26 6.20 -0.91 7.85
N THR A 27 6.46 0.20 7.24
CA THR A 27 7.00 1.32 7.94
C THR A 27 6.10 2.53 7.74
N ALA A 28 5.52 3.00 8.82
CA ALA A 28 4.61 4.12 8.78
C ALA A 28 5.35 5.43 8.87
N LEU A 29 4.89 6.41 8.12
CA LEU A 29 5.46 7.73 8.15
C LEU A 29 4.54 8.66 8.90
N ILE A 30 3.25 8.50 8.68
CA ILE A 30 2.27 9.28 9.39
C ILE A 30 1.57 8.37 10.36
N LYS A 31 1.79 8.62 11.63
CA LYS A 31 1.18 7.80 12.64
C LYS A 31 -0.29 8.22 12.85
N ARG A 32 -1.07 7.28 13.32
CA ARG A 32 -2.51 7.43 13.52
C ARG A 32 -2.80 8.47 14.59
N ASN A 33 -3.93 9.13 14.43
CA ASN A 33 -4.43 10.15 15.35
C ASN A 33 -3.55 11.39 15.35
N SER A 34 -2.79 11.56 14.29
CA SER A 34 -1.97 12.72 14.13
C SER A 34 -2.78 13.76 13.38
N THR A 35 -2.85 14.93 13.95
CA THR A 35 -3.55 16.05 13.40
C THR A 35 -3.04 16.45 12.00
N ILE A 36 -3.93 16.39 11.04
CA ILE A 36 -3.67 16.73 9.66
C ILE A 36 -4.24 18.13 9.40
N PRO A 37 -3.85 18.86 8.33
CA PRO A 37 -2.90 18.43 7.26
C PRO A 37 -1.50 18.03 7.76
N THR A 38 -1.01 16.96 7.21
CA THR A 38 0.30 16.43 7.51
C THR A 38 1.27 16.65 6.39
N LYS A 39 2.52 16.68 6.74
CA LYS A 39 3.57 16.81 5.79
C LYS A 39 4.74 16.01 6.35
N GLN A 40 4.99 14.85 5.83
CA GLN A 40 6.08 14.06 6.34
C GLN A 40 6.86 13.51 5.15
N THR A 41 8.14 13.82 5.08
CA THR A 41 8.97 13.36 4.00
C THR A 41 10.23 12.68 4.53
N GLN A 42 10.35 11.40 4.25
CA GLN A 42 11.55 10.67 4.62
C GLN A 42 12.25 10.22 3.36
N ILE A 43 13.55 10.03 3.45
CA ILE A 43 14.31 9.55 2.34
C ILE A 43 14.64 8.10 2.56
N PHE A 44 14.10 7.27 1.72
CA PHE A 44 14.33 5.86 1.75
C PHE A 44 15.45 5.56 0.81
N THR A 45 16.18 4.55 1.08
CA THR A 45 17.25 4.17 0.22
C THR A 45 17.03 2.76 -0.24
N THR A 46 17.78 2.30 -1.18
CA THR A 46 17.66 0.95 -1.60
C THR A 46 18.69 0.08 -0.86
N TYR A 47 18.27 -1.09 -0.40
CA TYR A 47 19.18 -2.03 0.25
C TYR A 47 19.46 -3.21 -0.65
N SER A 48 18.85 -3.22 -1.78
CA SER A 48 19.16 -4.15 -2.79
C SER A 48 20.04 -3.45 -3.81
N ASP A 49 21.04 -4.12 -4.29
CA ASP A 49 22.00 -3.50 -5.16
C ASP A 49 21.51 -3.46 -6.58
N ASN A 50 21.77 -2.33 -7.24
CA ASN A 50 21.46 -2.11 -8.64
C ASN A 50 19.97 -2.15 -8.95
N GLN A 51 19.13 -1.98 -7.92
CA GLN A 51 17.71 -1.99 -8.06
C GLN A 51 17.25 -0.86 -9.01
N PRO A 52 16.69 -1.22 -10.18
CA PRO A 52 16.32 -0.25 -11.21
C PRO A 52 14.94 0.39 -10.98
N GLY A 53 14.22 -0.07 -10.00
CA GLY A 53 12.93 0.46 -9.75
C GLY A 53 12.37 -0.02 -8.46
N VAL A 54 11.55 0.78 -7.86
CA VAL A 54 10.93 0.44 -6.60
C VAL A 54 9.43 0.59 -6.74
N LEU A 55 8.71 0.05 -5.81
CA LEU A 55 7.29 0.13 -5.80
C LEU A 55 6.89 0.87 -4.56
N ILE A 56 6.09 1.88 -4.71
CA ILE A 56 5.59 2.58 -3.58
C ILE A 56 4.22 2.05 -3.31
N GLN A 57 4.15 1.16 -2.39
CA GLN A 57 2.94 0.53 -1.99
C GLN A 57 2.55 1.02 -0.61
N VAL A 58 1.50 1.80 -0.57
CA VAL A 58 1.04 2.45 0.62
C VAL A 58 0.12 1.54 1.41
N TYR A 59 0.57 1.18 2.57
CA TYR A 59 -0.20 0.37 3.48
C TYR A 59 -0.66 1.21 4.63
N GLU A 60 -1.69 0.79 5.25
CA GLU A 60 -2.24 1.44 6.39
C GLU A 60 -2.57 0.40 7.45
N GLY A 61 -2.27 0.69 8.70
CA GLY A 61 -2.65 -0.21 9.78
C GLY A 61 -1.49 -0.72 10.63
N GLU A 62 -1.15 -1.98 10.44
CA GLU A 62 -0.13 -2.69 11.21
C GLU A 62 1.27 -2.30 10.68
N ARG A 63 2.31 -2.47 11.48
CA ARG A 63 3.66 -2.05 11.07
C ARG A 63 4.67 -3.18 11.08
N ALA A 64 4.67 -3.95 12.13
CA ALA A 64 5.67 -4.98 12.33
C ALA A 64 5.43 -6.14 11.38
N MET A 65 4.21 -6.31 11.03
CA MET A 65 3.80 -7.34 10.12
C MET A 65 2.85 -6.79 9.11
N THR A 66 3.31 -6.72 7.90
CA THR A 66 2.54 -6.30 6.81
C THR A 66 1.63 -7.46 6.41
N LYS A 67 0.45 -7.51 6.95
CA LYS A 67 -0.40 -8.65 6.73
C LYS A 67 -1.89 -8.30 6.65
N ASP A 68 -2.45 -7.69 7.69
CA ASP A 68 -3.90 -7.41 7.74
C ASP A 68 -4.12 -5.95 7.52
N ASN A 69 -3.19 -5.37 6.84
CA ASN A 69 -3.17 -3.95 6.50
C ASN A 69 -4.15 -3.60 5.41
N ASN A 70 -4.47 -2.34 5.34
CA ASN A 70 -5.28 -1.78 4.27
C ASN A 70 -4.32 -1.27 3.20
N LEU A 71 -4.55 -1.64 1.97
CA LEU A 71 -3.68 -1.24 0.88
C LEU A 71 -4.33 -0.10 0.12
N LEU A 72 -3.76 1.08 0.23
CA LEU A 72 -4.36 2.28 -0.35
C LEU A 72 -4.01 2.46 -1.81
N GLY A 73 -2.75 2.40 -2.15
CA GLY A 73 -2.37 2.60 -3.52
C GLY A 73 -0.96 2.15 -3.78
N ARG A 74 -0.66 1.90 -5.03
CA ARG A 74 0.65 1.44 -5.46
C ARG A 74 1.04 2.18 -6.73
N PHE A 75 2.27 2.60 -6.81
CA PHE A 75 2.80 3.18 -8.03
C PHE A 75 4.26 2.81 -8.15
N GLU A 76 4.71 2.59 -9.35
CA GLU A 76 6.07 2.18 -9.60
C GLU A 76 6.95 3.36 -9.93
N LEU A 77 8.09 3.40 -9.32
CA LEU A 77 9.07 4.39 -9.66
C LEU A 77 10.20 3.60 -10.25
N SER A 78 10.32 3.64 -11.52
CA SER A 78 11.33 2.90 -12.20
C SER A 78 12.22 3.84 -12.98
N GLY A 79 13.42 3.42 -13.24
CA GLY A 79 14.37 4.28 -13.87
C GLY A 79 15.39 4.75 -12.87
N ILE A 80 15.54 3.99 -11.82
CA ILE A 80 16.52 4.26 -10.81
C ILE A 80 17.87 3.79 -11.33
N PRO A 81 18.91 4.61 -11.21
CA PRO A 81 20.25 4.25 -11.67
C PRO A 81 20.83 3.11 -10.83
N PRO A 82 21.25 2.02 -11.49
CA PRO A 82 21.86 0.88 -10.81
C PRO A 82 23.14 1.26 -10.07
N ALA A 83 23.02 1.41 -8.79
CA ALA A 83 24.11 1.76 -7.93
C ALA A 83 24.24 0.67 -6.86
N PRO A 84 25.42 0.51 -6.23
CA PRO A 84 25.67 -0.52 -5.19
C PRO A 84 24.94 -0.23 -3.85
N ARG A 85 23.62 0.04 -3.95
CA ARG A 85 22.68 0.33 -2.84
C ARG A 85 23.10 1.50 -1.95
N GLY A 86 22.18 2.00 -1.16
CA GLY A 86 22.45 3.13 -0.29
C GLY A 86 22.48 4.48 -1.01
N VAL A 87 23.13 4.50 -2.17
CA VAL A 87 23.25 5.68 -3.01
C VAL A 87 21.89 6.19 -3.56
N PRO A 88 21.01 5.33 -4.17
CA PRO A 88 19.69 5.78 -4.65
C PRO A 88 18.80 6.21 -3.49
N GLN A 89 18.35 7.43 -3.55
CA GLN A 89 17.57 8.02 -2.49
C GLN A 89 16.18 8.36 -2.98
N ILE A 90 15.21 7.70 -2.43
CA ILE A 90 13.84 7.92 -2.77
C ILE A 90 13.19 8.72 -1.65
N GLU A 91 12.97 9.96 -1.93
CA GLU A 91 12.40 10.88 -0.98
C GLU A 91 10.90 10.87 -1.12
N VAL A 92 10.22 10.28 -0.16
CA VAL A 92 8.79 10.11 -0.26
C VAL A 92 8.07 11.06 0.69
N THR A 93 7.18 11.83 0.14
CA THR A 93 6.39 12.77 0.86
C THR A 93 4.96 12.26 1.04
N PHE A 94 4.55 12.15 2.27
CA PHE A 94 3.20 11.85 2.65
C PHE A 94 2.56 13.12 3.13
N ASP A 95 1.68 13.63 2.33
CA ASP A 95 1.00 14.89 2.56
C ASP A 95 -0.49 14.71 2.47
N ILE A 96 -1.19 15.10 3.50
CA ILE A 96 -2.63 14.97 3.53
C ILE A 96 -3.22 16.35 3.72
N ASP A 97 -4.20 16.69 2.90
CA ASP A 97 -4.88 17.97 3.03
C ASP A 97 -6.08 17.86 3.98
N ALA A 98 -6.90 18.89 4.02
CA ALA A 98 -8.05 18.89 4.92
C ALA A 98 -9.27 18.20 4.29
N ASN A 99 -9.11 17.66 3.09
CA ASN A 99 -10.20 16.96 2.42
C ASN A 99 -10.03 15.49 2.67
N GLY A 100 -8.86 15.13 3.16
CA GLY A 100 -8.56 13.76 3.40
C GLY A 100 -7.92 13.16 2.18
N ILE A 101 -7.22 13.97 1.43
CA ILE A 101 -6.52 13.52 0.29
C ILE A 101 -5.04 13.39 0.60
N LEU A 102 -4.57 12.18 0.53
CA LEU A 102 -3.21 11.86 0.74
C LEU A 102 -2.48 11.86 -0.59
N ASN A 103 -1.65 12.80 -0.77
CA ASN A 103 -0.85 12.91 -1.94
C ASN A 103 0.51 12.37 -1.63
N VAL A 104 0.85 11.29 -2.28
CA VAL A 104 2.12 10.66 -2.06
C VAL A 104 3.01 10.98 -3.23
N THR A 105 4.17 11.49 -2.95
CA THR A 105 5.11 11.81 -3.98
C THR A 105 6.46 11.18 -3.65
N ALA A 106 6.95 10.37 -4.54
CA ALA A 106 8.24 9.76 -4.37
C ALA A 106 9.19 10.38 -5.36
N THR A 107 10.20 11.01 -4.85
CA THR A 107 11.17 11.70 -5.66
C THR A 107 12.53 11.02 -5.58
N ASP A 108 13.02 10.52 -6.69
CA ASP A 108 14.34 9.95 -6.76
C ASP A 108 15.36 11.04 -6.83
N LYS A 109 16.07 11.23 -5.76
CA LYS A 109 17.08 12.28 -5.63
C LYS A 109 18.26 12.02 -6.56
N SER A 110 18.40 10.79 -6.99
CA SER A 110 19.52 10.37 -7.81
C SER A 110 19.40 10.99 -9.22
N THR A 111 18.28 10.77 -9.87
CA THR A 111 18.05 11.31 -11.19
C THR A 111 17.22 12.60 -11.17
N GLY A 112 16.57 12.84 -10.05
CA GLY A 112 15.82 14.06 -9.88
C GLY A 112 14.45 14.02 -10.51
N LYS A 113 13.84 12.85 -10.56
CA LYS A 113 12.50 12.74 -11.07
C LYS A 113 11.58 12.28 -9.95
N ALA A 114 10.31 12.52 -10.10
CA ALA A 114 9.37 12.24 -9.06
C ALA A 114 8.12 11.61 -9.62
N ASN A 115 7.43 10.90 -8.78
CA ASN A 115 6.18 10.29 -9.13
C ASN A 115 5.17 10.64 -8.06
N LYS A 116 4.05 11.16 -8.47
CA LYS A 116 3.01 11.61 -7.57
C LYS A 116 1.74 10.83 -7.82
N ILE A 117 1.01 10.57 -6.77
CA ILE A 117 -0.26 9.90 -6.83
C ILE A 117 -1.23 10.64 -5.90
N THR A 118 -2.49 10.64 -6.24
CA THR A 118 -3.48 11.33 -5.45
C THR A 118 -4.45 10.29 -4.83
N ILE A 119 -4.42 10.16 -3.52
CA ILE A 119 -5.32 9.25 -2.84
C ILE A 119 -6.37 10.07 -2.10
N THR A 120 -7.48 10.28 -2.74
CA THR A 120 -8.55 11.03 -2.16
C THR A 120 -9.46 10.08 -1.33
N ASN A 121 -9.60 10.41 -0.03
CA ASN A 121 -10.40 9.63 0.95
C ASN A 121 -9.69 8.34 1.27
N ASP A 122 -9.92 7.34 0.46
CA ASP A 122 -9.26 6.08 0.54
C ASP A 122 -9.44 5.45 -0.81
N LYS A 123 -8.64 4.49 -1.11
CA LYS A 123 -8.72 3.76 -2.35
C LYS A 123 -8.41 2.31 -2.06
N GLY A 124 -8.63 1.95 -0.79
CA GLY A 124 -8.29 0.64 -0.31
C GLY A 124 -9.33 -0.38 -0.66
N ARG A 125 -10.57 0.10 -0.82
CA ARG A 125 -11.73 -0.73 -1.21
C ARG A 125 -12.17 -1.71 -0.12
N LEU A 126 -11.52 -1.65 1.02
CA LEU A 126 -11.90 -2.47 2.14
C LEU A 126 -13.00 -1.79 2.90
N SER A 127 -13.88 -2.57 3.47
CA SER A 127 -14.96 -2.05 4.26
C SER A 127 -14.43 -1.31 5.49
N LYS A 128 -15.13 -0.26 5.90
CA LYS A 128 -14.69 0.62 6.98
C LYS A 128 -14.42 -0.17 8.25
N GLU A 129 -15.25 -1.18 8.51
CA GLU A 129 -15.12 -1.99 9.73
C GLU A 129 -13.75 -2.63 9.85
N GLU A 130 -13.21 -3.11 8.76
CA GLU A 130 -11.92 -3.77 8.78
C GLU A 130 -10.86 -2.77 9.13
N ILE A 131 -10.98 -1.60 8.54
CA ILE A 131 -10.07 -0.50 8.75
C ILE A 131 -10.17 -0.04 10.23
N GLU A 132 -11.39 0.02 10.74
CA GLU A 132 -11.67 0.35 12.14
C GLU A 132 -11.06 -0.69 13.09
N ARG A 133 -11.13 -1.96 12.71
CA ARG A 133 -10.52 -3.02 13.51
C ARG A 133 -9.03 -2.82 13.57
N MET A 134 -8.44 -2.45 12.42
CA MET A 134 -7.00 -2.23 12.31
C MET A 134 -6.56 -1.11 13.24
N VAL A 135 -7.43 -0.11 13.40
CA VAL A 135 -7.18 1.02 14.33
C VAL A 135 -6.96 0.47 15.72
N GLN A 136 -7.90 -0.34 16.16
CA GLN A 136 -7.86 -0.94 17.48
C GLN A 136 -6.67 -1.85 17.63
N GLU A 137 -6.41 -2.64 16.62
CA GLU A 137 -5.29 -3.56 16.63
C GLU A 137 -3.97 -2.81 16.68
N ALA A 138 -3.88 -1.71 15.94
CA ALA A 138 -2.68 -0.88 15.89
C ALA A 138 -2.34 -0.33 17.26
N GLU A 139 -3.36 0.05 18.00
CA GLU A 139 -3.20 0.53 19.36
C GLU A 139 -2.97 -0.58 20.36
N LYS A 140 -3.66 -1.68 20.17
CA LYS A 140 -3.54 -2.82 21.05
C LYS A 140 -2.15 -3.41 20.97
N TYR A 141 -1.62 -3.43 19.77
CA TYR A 141 -0.32 -4.00 19.53
C TYR A 141 0.70 -2.93 19.15
N LYS A 142 0.51 -1.70 19.64
CA LYS A 142 1.43 -0.60 19.31
C LYS A 142 2.84 -0.85 19.80
N ALA A 143 2.97 -1.30 21.03
CA ALA A 143 4.28 -1.57 21.60
C ALA A 143 4.87 -2.80 20.92
N GLU A 144 4.01 -3.69 20.50
CA GLU A 144 4.42 -4.91 19.88
C GLU A 144 4.95 -4.61 18.48
N ASP A 145 4.16 -3.92 17.69
CA ASP A 145 4.53 -3.59 16.31
C ASP A 145 5.67 -2.64 16.24
N GLU A 146 5.53 -1.51 16.88
CA GLU A 146 6.47 -0.44 16.76
C GLU A 146 7.83 -0.77 17.34
N VAL A 147 7.88 -1.57 18.40
CA VAL A 147 9.16 -1.99 18.91
C VAL A 147 9.80 -3.06 17.99
N GLN A 148 9.02 -4.09 17.61
CA GLN A 148 9.54 -5.16 16.74
C GLN A 148 9.99 -4.62 15.40
N ARG A 149 9.21 -3.70 14.82
CA ARG A 149 9.58 -3.01 13.58
C ARG A 149 10.95 -2.34 13.74
N GLU A 150 11.15 -1.64 14.83
CA GLU A 150 12.43 -0.96 15.09
C GLU A 150 13.58 -1.93 15.39
N ARG A 151 13.26 -3.20 15.58
CA ARG A 151 14.26 -4.22 15.80
C ARG A 151 14.56 -4.96 14.49
N VAL A 152 13.90 -4.54 13.41
CA VAL A 152 14.14 -5.11 12.10
C VAL A 152 15.12 -4.19 11.37
N SER A 153 16.13 -4.77 10.75
CA SER A 153 17.22 -4.02 10.14
C SER A 153 16.86 -3.52 8.72
N ALA A 154 15.56 -3.42 8.44
CA ALA A 154 15.09 -2.88 7.17
C ALA A 154 15.28 -1.37 7.18
N LYS A 155 15.37 -0.84 8.40
CA LYS A 155 15.55 0.58 8.69
C LYS A 155 14.57 1.49 7.95
N ASN A 156 14.96 1.93 6.79
CA ASN A 156 14.18 2.85 6.01
C ASN A 156 14.58 2.69 4.55
N ALA A 157 14.24 1.53 4.02
CA ALA A 157 14.52 1.15 2.65
C ALA A 157 13.30 0.48 2.08
N LEU A 158 12.97 0.74 0.83
CA LEU A 158 11.71 0.22 0.27
C LEU A 158 11.85 -1.10 -0.45
N GLU A 159 10.76 -1.83 -0.44
CA GLU A 159 10.64 -3.11 -1.09
C GLU A 159 10.10 -2.94 -2.51
N SER A 160 10.52 -3.78 -3.42
CA SER A 160 10.05 -3.74 -4.77
C SER A 160 8.80 -4.61 -4.90
N TYR A 161 8.72 -5.62 -4.01
CA TYR A 161 7.59 -6.56 -3.90
C TYR A 161 7.54 -7.51 -5.09
N ALA A 162 7.79 -8.74 -4.83
CA ALA A 162 7.75 -9.75 -5.85
C ALA A 162 6.32 -10.26 -6.00
N PHE A 163 5.88 -10.40 -7.21
CA PHE A 163 4.55 -10.90 -7.50
C PHE A 163 4.48 -11.30 -8.95
N ASN A 164 4.75 -10.34 -9.80
CA ASN A 164 4.72 -10.57 -11.23
C ASN A 164 6.10 -10.93 -11.68
N MET A 165 6.27 -12.15 -12.13
CA MET A 165 7.56 -12.61 -12.63
C MET A 165 7.84 -12.04 -14.00
N LYS A 166 6.79 -11.57 -14.64
CA LYS A 166 6.91 -10.88 -15.88
C LYS A 166 7.29 -9.45 -15.58
N SER A 167 8.19 -8.91 -16.34
CA SER A 167 8.69 -7.59 -16.13
C SER A 167 7.66 -6.54 -16.55
N ALA A 168 7.80 -5.33 -16.00
CA ALA A 168 6.96 -4.21 -16.38
C ALA A 168 7.11 -3.94 -17.86
N VAL A 169 6.05 -4.11 -18.59
CA VAL A 169 6.07 -4.02 -20.02
C VAL A 169 6.04 -2.58 -20.47
N GLU A 170 4.99 -1.89 -20.11
CA GLU A 170 4.74 -0.55 -20.59
C GLU A 170 4.08 0.28 -19.50
N ASP A 171 4.29 1.58 -19.52
CA ASP A 171 3.58 2.47 -18.61
C ASP A 171 2.25 2.82 -19.23
N GLU A 172 1.19 2.43 -18.57
CA GLU A 172 -0.15 2.59 -19.09
C GLU A 172 -0.73 3.94 -18.68
N GLY A 173 -0.26 4.46 -17.57
CA GLY A 173 -0.77 5.70 -17.03
C GLY A 173 -0.17 6.92 -17.69
N LEU A 174 -0.40 7.03 -18.98
CA LEU A 174 0.07 8.17 -19.75
C LEU A 174 -0.97 9.27 -19.68
N LYS A 175 -2.19 8.94 -20.08
CA LYS A 175 -3.27 9.87 -19.94
C LYS A 175 -3.65 9.88 -18.48
N GLY A 176 -3.35 10.98 -17.83
CA GLY A 176 -3.55 11.08 -16.41
C GLY A 176 -2.24 11.44 -15.73
N LYS A 177 -1.12 11.26 -16.46
CA LYS A 177 0.23 11.60 -15.95
C LYS A 177 0.33 13.09 -15.63
N ILE A 178 -0.22 13.89 -16.52
CA ILE A 178 -0.22 15.33 -16.35
C ILE A 178 -1.16 15.70 -15.21
N SER A 179 -2.19 14.88 -15.05
CA SER A 179 -3.22 15.03 -14.03
C SER A 179 -4.14 16.21 -14.33
N GLU A 180 -3.56 17.44 -14.37
CA GLU A 180 -4.28 18.70 -14.65
C GLU A 180 -5.24 19.03 -13.51
N ALA A 181 -6.27 18.26 -13.40
CA ALA A 181 -7.24 18.33 -12.36
C ALA A 181 -7.69 16.92 -12.08
N ASP A 182 -6.90 16.22 -11.31
CA ASP A 182 -7.16 14.83 -11.02
C ASP A 182 -8.12 14.75 -9.85
N LYS A 183 -9.30 14.31 -10.14
CA LYS A 183 -10.38 14.23 -9.20
C LYS A 183 -10.97 12.84 -9.27
N LYS A 184 -11.23 12.24 -8.09
CA LYS A 184 -11.77 10.87 -7.99
C LYS A 184 -10.87 9.91 -8.80
N LYS A 185 -11.42 8.77 -9.18
CA LYS A 185 -10.82 7.84 -10.13
C LYS A 185 -11.85 7.21 -11.00
N VAL A 186 -13.04 7.05 -10.47
CA VAL A 186 -14.11 6.55 -11.26
C VAL A 186 -14.85 7.72 -11.90
N LEU A 187 -14.31 8.19 -13.01
CA LEU A 187 -14.94 9.27 -13.76
C LEU A 187 -16.12 8.69 -14.48
N ASP A 188 -15.85 7.59 -15.15
CA ASP A 188 -16.82 6.79 -15.89
C ASP A 188 -17.46 7.56 -17.06
N LYS A 189 -18.47 8.33 -16.79
CA LYS A 189 -19.15 9.07 -17.83
C LYS A 189 -18.99 10.55 -17.65
N SMC A 190 -18.15 11.08 -18.48
CA SMC A 190 -17.85 12.50 -18.56
CB SMC A 190 -16.88 12.88 -17.44
SG SMC A 190 -15.35 11.90 -17.42
C SMC A 190 -17.21 12.72 -19.94
O SMC A 190 -16.52 13.70 -20.17
H SMC A 190 -17.66 10.49 -19.09
HA SMC A 190 -18.77 13.05 -18.49
HB2 SMC A 190 -17.37 12.75 -16.49
HB3 SMC A 190 -16.60 13.92 -17.55
N GLN A 191 -17.54 11.81 -20.85
CA GLN A 191 -16.93 11.76 -22.15
C GLN A 191 -17.95 12.02 -23.27
N GLU A 192 -17.50 11.86 -24.51
CA GLU A 192 -18.24 12.14 -25.75
C GLU A 192 -19.62 11.45 -25.84
N VAL A 193 -20.64 12.17 -25.44
CA VAL A 193 -22.00 11.73 -25.64
C VAL A 193 -22.70 12.76 -26.49
N ILE A 194 -23.54 12.33 -27.37
CA ILE A 194 -24.19 13.21 -28.31
C ILE A 194 -25.58 13.54 -27.80
N SER A 195 -26.21 12.53 -27.20
CA SER A 195 -27.57 12.58 -26.67
C SER A 195 -28.59 12.43 -27.80
N TRP A 196 -29.55 11.52 -27.58
CA TRP A 196 -30.61 11.16 -28.55
C TRP A 196 -30.06 10.33 -29.69
N LEU A 197 -29.06 10.85 -30.37
CA LEU A 197 -28.41 10.17 -31.48
C LEU A 197 -27.58 8.98 -30.99
N ASP A 198 -27.32 8.95 -29.69
CA ASP A 198 -26.60 7.85 -29.08
C ASP A 198 -27.46 6.61 -29.11
N ALA A 199 -28.67 6.74 -28.54
CA ALA A 199 -29.59 5.63 -28.33
C ALA A 199 -28.97 4.67 -27.35
N ASN A 200 -29.41 4.76 -26.09
CA ASN A 200 -28.81 4.05 -24.94
C ASN A 200 -28.37 2.65 -25.28
N THR A 201 -29.34 1.78 -25.53
CA THR A 201 -29.11 0.39 -25.96
C THR A 201 -28.24 -0.35 -24.91
N LEU A 202 -28.44 0.02 -23.67
CA LEU A 202 -27.74 -0.53 -22.53
C LEU A 202 -28.73 -0.63 -21.41
N ALA A 203 -28.26 -0.96 -20.22
CA ALA A 203 -29.14 -1.10 -19.06
C ALA A 203 -29.56 0.27 -18.51
N GLU A 204 -29.09 1.32 -19.15
CA GLU A 204 -29.45 2.70 -18.81
C GLU A 204 -30.75 3.08 -19.51
N LYS A 205 -31.53 2.09 -19.86
CA LYS A 205 -32.79 2.30 -20.53
C LYS A 205 -33.88 2.55 -19.48
N ASP A 206 -35.13 2.58 -19.93
CA ASP A 206 -36.31 2.83 -19.10
C ASP A 206 -36.43 4.26 -18.72
N GLU A 207 -37.37 4.93 -19.33
CA GLU A 207 -37.60 6.31 -19.03
C GLU A 207 -38.32 6.40 -17.70
N PHE A 208 -37.76 7.14 -16.80
CA PHE A 208 -38.40 7.40 -15.54
C PHE A 208 -38.87 8.83 -15.52
N GLU A 209 -39.97 9.08 -14.85
CA GLU A 209 -40.56 10.41 -14.83
C GLU A 209 -39.71 11.34 -13.99
N HIS A 210 -39.16 12.34 -14.62
CA HIS A 210 -38.39 13.33 -13.91
C HIS A 210 -39.12 14.62 -13.89
N LYS A 211 -38.88 15.40 -12.89
CA LYS A 211 -39.59 16.62 -12.71
C LYS A 211 -38.97 17.76 -13.50
N ARG A 212 -39.62 18.12 -14.56
CA ARG A 212 -39.27 19.30 -15.32
C ARG A 212 -40.50 20.13 -15.46
N LYS A 213 -40.70 21.00 -14.51
CA LYS A 213 -41.85 21.86 -14.46
C LYS A 213 -41.49 23.25 -14.88
N GLU A 214 -42.24 23.76 -15.81
CA GLU A 214 -41.99 25.05 -16.34
C GLU A 214 -43.24 25.90 -16.16
N LEU A 215 -43.12 26.89 -15.33
CA LEU A 215 -44.20 27.79 -15.07
C LEU A 215 -44.02 29.06 -15.86
N GLU A 216 -44.85 29.23 -16.85
CA GLU A 216 -44.88 30.43 -17.65
C GLU A 216 -46.04 31.31 -17.19
N GLN A 217 -45.81 32.59 -17.13
CA GLN A 217 -46.81 33.52 -16.64
C GLN A 217 -46.65 34.87 -17.30
N VAL A 218 -47.72 35.63 -17.34
CA VAL A 218 -47.71 36.95 -17.94
C VAL A 218 -48.30 37.99 -17.00
N SMC A 219 -47.99 39.23 -17.27
CA SMC A 219 -48.52 40.36 -16.53
CB SMC A 219 -47.82 40.56 -15.18
SG SMC A 219 -46.03 40.75 -15.26
C SMC A 219 -48.40 41.60 -17.42
O SMC A 219 -47.47 41.69 -18.25
H SMC A 219 -47.38 39.43 -18.01
HA SMC A 219 -49.57 40.17 -16.38
HB2 SMC A 219 -48.03 39.70 -14.55
HB3 SMC A 219 -48.21 41.44 -14.70
N ASN A 220 -49.32 42.51 -17.30
CA ASN A 220 -49.35 43.67 -18.18
C ASN A 220 -49.34 44.95 -17.38
N PRO A 221 -48.17 45.61 -17.25
CA PRO A 221 -48.09 46.93 -16.63
C PRO A 221 -48.81 47.93 -17.52
N ILE A 222 -49.72 48.65 -16.96
CA ILE A 222 -50.52 49.56 -17.70
C ILE A 222 -50.20 51.02 -17.35
N ILE A 223 -49.67 51.73 -18.31
CA ILE A 223 -49.38 53.13 -18.15
C ILE A 223 -50.47 53.95 -18.83
N SER A 224 -50.86 55.03 -18.20
CA SER A 224 -51.86 55.91 -18.75
C SER A 224 -51.49 57.34 -18.38
N GLY A 225 -51.02 58.07 -19.34
CA GLY A 225 -50.64 59.45 -19.12
C GLY A 225 -50.83 60.26 -20.38
N LEU A 226 -52.06 60.52 -20.70
CA LEU A 226 -52.40 61.22 -21.93
C LEU A 226 -53.09 62.55 -21.66
N TYR A 227 -53.41 62.82 -20.42
CA TYR A 227 -54.10 64.03 -20.08
C TYR A 227 -53.19 65.12 -19.59
N GLN A 228 -53.05 66.11 -20.43
CA GLN A 228 -52.23 67.26 -20.21
C GLN A 228 -53.11 68.50 -20.36
N GLY A 229 -52.70 69.62 -19.79
CA GLY A 229 -53.45 70.85 -19.92
C GLY A 229 -53.30 71.46 -21.29
N ALA A 230 -54.13 71.02 -22.20
CA ALA A 230 -54.10 71.47 -23.57
C ALA A 230 -55.10 72.60 -23.75
N GLY A 231 -54.61 73.76 -24.08
CA GLY A 231 -55.45 74.90 -24.29
C GLY A 231 -55.30 75.40 -25.70
N GLY A 232 -56.32 76.06 -26.21
CA GLY A 232 -56.29 76.62 -27.53
C GLY A 232 -56.76 78.06 -27.52
N PRO A 233 -55.88 79.03 -27.84
CA PRO A 233 -56.23 80.43 -27.84
C PRO A 233 -56.80 80.89 -29.20
N GLY A 234 -57.99 81.42 -29.18
CA GLY A 234 -58.61 81.85 -30.40
C GLY A 234 -59.13 83.27 -30.28
N PRO A 235 -58.53 84.23 -30.99
CA PRO A 235 -58.97 85.63 -30.96
C PRO A 235 -60.36 85.79 -31.57
N GLY A 236 -61.10 86.76 -31.07
CA GLY A 236 -62.42 87.02 -31.58
C GLY A 236 -62.35 87.71 -32.91
N GLY A 237 -61.47 88.68 -33.00
CA GLY A 237 -61.28 89.41 -34.22
C GLY A 237 -61.05 90.86 -33.95
N PHE A 238 -60.43 91.53 -34.89
CA PHE A 238 -60.17 92.94 -34.80
C PHE A 238 -60.30 93.55 -36.17
N GLY A 239 -61.29 94.37 -36.35
CA GLY A 239 -61.50 95.04 -37.60
C GLY A 239 -62.04 96.42 -37.35
N ALA A 240 -62.06 97.24 -38.37
CA ALA A 240 -62.56 98.59 -38.23
C ALA A 240 -63.00 99.10 -39.58
N GLN A 241 -64.28 99.24 -39.75
CA GLN A 241 -64.84 99.69 -40.98
C GLN A 241 -66.00 100.64 -40.72
N GLY A 242 -66.39 101.38 -41.72
CA GLY A 242 -67.46 102.31 -41.56
C GLY A 242 -67.36 103.40 -42.59
N PRO A 243 -68.03 104.54 -42.36
CA PRO A 243 -68.00 105.69 -43.28
C PRO A 243 -66.59 106.22 -43.51
N LYS A 244 -66.33 106.65 -44.74
CA LYS A 244 -65.03 107.17 -45.10
C LYS A 244 -64.88 108.59 -44.58
N GLY A 245 -63.70 109.15 -44.71
CA GLY A 245 -63.43 110.48 -44.23
C GLY A 245 -63.80 111.52 -45.26
N GLY A 246 -65.01 111.46 -45.72
CA GLY A 246 -65.47 112.37 -46.72
C GLY A 246 -66.91 112.71 -46.54
N SER A 247 -67.31 112.89 -45.31
CA SER A 247 -68.66 113.24 -44.99
C SER A 247 -68.95 114.67 -45.45
N GLY A 248 -69.80 114.80 -46.45
CA GLY A 248 -70.12 116.09 -47.00
C GLY A 248 -71.31 116.72 -46.34
N SER A 249 -72.16 117.34 -47.14
CA SER A 249 -73.38 118.03 -46.70
C SER A 249 -73.03 119.35 -45.97
N GLY A 250 -73.79 120.37 -46.18
CA GLY A 250 -73.51 121.64 -45.57
C GLY A 250 -73.14 122.67 -46.63
N PRO A 251 -71.83 122.85 -46.93
CA PRO A 251 -71.39 123.80 -47.93
C PRO A 251 -71.54 123.22 -49.35
N THR A 252 -72.76 122.92 -49.69
CA THR A 252 -73.10 122.39 -50.97
C THR A 252 -74.18 123.26 -51.60
N ILE A 253 -74.52 124.34 -50.91
CA ILE A 253 -75.56 125.25 -51.36
C ILE A 253 -75.02 126.68 -51.35
N GLU A 254 -75.40 127.44 -52.35
CA GLU A 254 -75.03 128.83 -52.47
C GLU A 254 -75.83 129.51 -53.55
N GLU A 255 -76.34 130.67 -53.23
CA GLU A 255 -77.06 131.47 -54.16
C GLU A 255 -76.21 132.68 -54.46
N VAL A 256 -75.90 132.87 -55.71
CA VAL A 256 -75.03 133.95 -56.11
C VAL A 256 -75.74 135.30 -56.14
N ASP A 257 -74.95 136.33 -56.20
CA ASP A 257 -75.42 137.69 -56.28
C ASP A 257 -74.97 138.28 -57.58
N SER A 1 -15.58 21.44 -5.35
CA SER A 1 -16.71 20.67 -5.84
C SER A 1 -17.75 20.55 -4.74
N GLU A 2 -18.99 20.27 -5.10
CA GLU A 2 -20.03 20.06 -4.11
C GLU A 2 -19.94 18.63 -3.62
N ASN A 3 -19.38 18.45 -2.46
CA ASN A 3 -19.21 17.12 -1.89
C ASN A 3 -20.11 16.92 -0.69
N VAL A 4 -20.33 15.67 -0.34
CA VAL A 4 -21.08 15.30 0.84
C VAL A 4 -20.07 15.05 1.94
N GLN A 5 -20.15 15.79 3.01
CA GLN A 5 -19.19 15.66 4.07
C GLN A 5 -19.54 14.54 5.02
N ASP A 6 -18.66 13.60 5.12
CA ASP A 6 -18.75 12.57 6.12
C ASP A 6 -17.77 12.91 7.20
N LEU A 7 -18.26 13.54 8.24
CA LEU A 7 -17.42 14.01 9.30
C LEU A 7 -16.81 12.88 10.09
N LEU A 8 -15.54 12.97 10.27
CA LEU A 8 -14.72 11.96 10.91
C LEU A 8 -14.50 12.33 12.38
N LEU A 9 -15.13 13.43 12.80
CA LEU A 9 -14.98 14.04 14.15
C LEU A 9 -13.61 14.66 14.29
N LEU A 10 -12.60 13.83 14.33
CA LEU A 10 -11.25 14.29 14.37
C LEU A 10 -10.67 14.11 13.00
N ASP A 11 -10.19 15.19 12.44
CA ASP A 11 -9.58 15.16 11.14
C ASP A 11 -8.15 14.77 11.34
N VAL A 12 -7.97 13.51 11.60
CA VAL A 12 -6.68 12.92 11.86
C VAL A 12 -6.49 11.66 11.01
N ALA A 13 -5.34 11.05 11.16
CA ALA A 13 -5.03 9.81 10.47
C ALA A 13 -5.61 8.63 11.26
N PRO A 14 -6.34 7.72 10.58
CA PRO A 14 -6.97 6.55 11.24
C PRO A 14 -5.94 5.66 11.95
N LEU A 15 -5.04 5.12 11.18
CA LEU A 15 -3.97 4.27 11.66
C LEU A 15 -2.67 4.95 11.33
N SER A 16 -1.59 4.41 11.80
CA SER A 16 -0.31 4.85 11.37
C SER A 16 -0.14 4.45 9.90
N LEU A 17 0.20 5.43 9.09
CA LEU A 17 0.28 5.26 7.66
C LEU A 17 1.70 4.97 7.28
N GLY A 18 1.87 4.09 6.34
CA GLY A 18 3.20 3.72 5.97
C GLY A 18 3.31 3.20 4.57
N LEU A 19 4.46 2.69 4.26
CA LEU A 19 4.77 2.22 2.94
C LEU A 19 5.43 0.87 3.06
N GLU A 20 5.35 0.10 2.00
CA GLU A 20 6.09 -1.12 1.91
C GLU A 20 7.27 -0.83 1.02
N THR A 21 8.42 -0.79 1.62
CA THR A 21 9.63 -0.50 0.97
C THR A 21 10.36 -1.79 0.65
N ALA A 22 10.72 -2.47 1.68
CA ALA A 22 11.32 -3.73 1.61
C ALA A 22 10.24 -4.75 1.90
N GLY A 23 10.40 -5.96 1.42
CA GLY A 23 9.29 -6.91 1.47
C GLY A 23 9.15 -7.65 2.79
N GLY A 24 9.57 -7.05 3.86
CA GLY A 24 9.49 -7.72 5.14
C GLY A 24 8.73 -6.96 6.20
N VAL A 25 9.22 -5.78 6.53
CA VAL A 25 8.67 -4.99 7.63
C VAL A 25 7.93 -3.76 7.12
N MET A 26 6.88 -3.39 7.82
CA MET A 26 6.05 -2.26 7.49
C MET A 26 6.71 -0.99 8.04
N THR A 27 6.89 0.00 7.19
CA THR A 27 7.50 1.23 7.62
C THR A 27 6.45 2.33 7.71
N ALA A 28 6.14 2.76 8.91
CA ALA A 28 5.14 3.79 9.13
C ALA A 28 5.80 5.16 9.25
N LEU A 29 5.20 6.14 8.59
CA LEU A 29 5.72 7.50 8.59
C LEU A 29 4.81 8.41 9.39
N ILE A 30 3.53 8.35 9.11
CA ILE A 30 2.56 9.14 9.83
C ILE A 30 1.96 8.28 10.91
N LYS A 31 1.96 8.75 12.13
CA LYS A 31 1.41 7.98 13.22
C LYS A 31 -0.11 8.20 13.31
N ARG A 32 -0.79 7.26 13.93
CA ARG A 32 -2.23 7.37 14.10
C ARG A 32 -2.60 8.58 14.93
N ASN A 33 -3.78 9.14 14.65
CA ASN A 33 -4.34 10.29 15.38
C ASN A 33 -3.56 11.58 15.11
N SER A 34 -2.68 11.55 14.13
CA SER A 34 -1.95 12.73 13.73
C SER A 34 -2.91 13.61 12.92
N THR A 35 -3.10 14.83 13.37
CA THR A 35 -3.98 15.79 12.78
C THR A 35 -3.58 16.17 11.35
N ILE A 36 -4.52 16.05 10.45
CA ILE A 36 -4.29 16.44 9.07
C ILE A 36 -4.63 17.93 8.95
N PRO A 37 -4.03 18.68 8.02
CA PRO A 37 -3.10 18.18 7.01
C PRO A 37 -1.75 17.68 7.56
N THR A 38 -1.46 16.45 7.22
CA THR A 38 -0.22 15.82 7.57
C THR A 38 0.73 15.93 6.40
N LYS A 39 2.02 15.81 6.65
CA LYS A 39 3.02 15.79 5.59
C LYS A 39 4.32 15.30 6.17
N GLN A 40 4.72 14.10 5.82
CA GLN A 40 5.93 13.51 6.34
C GLN A 40 6.89 13.15 5.22
N THR A 41 8.15 13.44 5.43
CA THR A 41 9.20 13.19 4.47
C THR A 41 10.25 12.28 5.07
N GLN A 42 10.42 11.12 4.51
CA GLN A 42 11.47 10.23 4.95
C GLN A 42 12.34 9.84 3.79
N ILE A 43 13.60 9.62 4.06
CA ILE A 43 14.55 9.32 3.03
C ILE A 43 14.73 7.83 2.91
N PHE A 44 14.39 7.34 1.78
CA PHE A 44 14.49 5.94 1.53
C PHE A 44 15.67 5.66 0.64
N THR A 45 16.18 4.48 0.76
CA THR A 45 17.36 4.04 0.04
C THR A 45 17.09 2.66 -0.51
N THR A 46 17.94 2.15 -1.34
CA THR A 46 17.77 0.79 -1.81
C THR A 46 18.74 -0.14 -1.05
N TYR A 47 18.35 -1.41 -0.84
CA TYR A 47 19.30 -2.39 -0.29
C TYR A 47 20.21 -2.93 -1.38
N SER A 48 19.62 -3.63 -2.30
CA SER A 48 20.36 -4.27 -3.35
C SER A 48 20.84 -3.29 -4.43
N ASP A 49 22.00 -3.59 -4.94
CA ASP A 49 22.62 -2.85 -6.02
C ASP A 49 21.91 -3.17 -7.33
N ASN A 50 21.82 -2.18 -8.21
CA ASN A 50 21.22 -2.35 -9.55
C ASN A 50 19.72 -2.59 -9.53
N GLN A 51 19.03 -1.97 -8.61
CA GLN A 51 17.57 -1.99 -8.63
C GLN A 51 17.09 -1.10 -9.75
N PRO A 52 16.37 -1.64 -10.75
CA PRO A 52 15.91 -0.85 -11.89
C PRO A 52 14.70 0.02 -11.53
N GLY A 53 13.98 -0.41 -10.52
CA GLY A 53 12.83 0.29 -10.11
C GLY A 53 12.28 -0.29 -8.86
N VAL A 54 11.52 0.48 -8.17
CA VAL A 54 10.93 0.08 -6.92
C VAL A 54 9.43 0.28 -6.97
N LEU A 55 8.73 -0.50 -6.20
CA LEU A 55 7.30 -0.41 -6.12
C LEU A 55 6.94 0.24 -4.81
N ILE A 56 6.33 1.39 -4.87
CA ILE A 56 5.93 2.07 -3.67
C ILE A 56 4.47 1.74 -3.42
N GLN A 57 4.23 0.92 -2.43
CA GLN A 57 2.91 0.52 -2.10
C GLN A 57 2.54 1.09 -0.73
N VAL A 58 1.49 1.87 -0.72
CA VAL A 58 1.05 2.61 0.45
C VAL A 58 0.07 1.79 1.29
N TYR A 59 0.28 1.79 2.58
CA TYR A 59 -0.54 1.04 3.50
C TYR A 59 -0.89 1.86 4.73
N GLU A 60 -1.82 1.35 5.46
CA GLU A 60 -2.18 1.83 6.76
C GLU A 60 -2.34 0.61 7.62
N GLY A 61 -2.12 0.74 8.87
CA GLY A 61 -2.23 -0.38 9.75
C GLY A 61 -1.03 -0.45 10.60
N GLU A 62 -1.23 -0.69 11.84
CA GLU A 62 -0.14 -0.67 12.77
C GLU A 62 0.30 -2.08 13.07
N ARG A 63 1.31 -2.51 12.36
CA ARG A 63 1.86 -3.85 12.46
C ARG A 63 3.35 -3.82 12.23
N ALA A 64 3.96 -4.95 12.48
CA ALA A 64 5.37 -5.14 12.24
C ALA A 64 5.58 -5.59 10.81
N MET A 65 4.82 -6.58 10.44
CA MET A 65 4.90 -7.16 9.12
C MET A 65 3.80 -6.60 8.26
N THR A 66 4.13 -6.27 7.05
CA THR A 66 3.19 -5.72 6.13
C THR A 66 2.24 -6.81 5.62
N LYS A 67 1.19 -7.06 6.37
CA LYS A 67 0.23 -8.09 6.04
C LYS A 67 -1.16 -7.68 6.49
N ASP A 68 -1.28 -7.30 7.73
CA ASP A 68 -2.55 -6.85 8.26
C ASP A 68 -2.60 -5.37 8.15
N ASN A 69 -2.69 -4.96 6.93
CA ASN A 69 -2.64 -3.58 6.55
C ASN A 69 -3.56 -3.37 5.37
N ASN A 70 -4.11 -2.19 5.27
CA ASN A 70 -4.96 -1.83 4.15
C ASN A 70 -4.10 -1.23 3.06
N LEU A 71 -4.29 -1.69 1.86
CA LEU A 71 -3.56 -1.20 0.71
C LEU A 71 -4.34 -0.03 0.12
N LEU A 72 -3.72 1.15 0.10
CA LEU A 72 -4.38 2.33 -0.45
C LEU A 72 -4.05 2.52 -1.92
N GLY A 73 -2.78 2.61 -2.22
CA GLY A 73 -2.36 2.83 -3.58
C GLY A 73 -0.98 2.29 -3.81
N ARG A 74 -0.61 2.13 -5.05
CA ARG A 74 0.69 1.59 -5.42
C ARG A 74 1.14 2.07 -6.78
N PHE A 75 2.40 2.47 -6.88
CA PHE A 75 2.95 2.96 -8.13
C PHE A 75 4.39 2.49 -8.31
N GLU A 76 4.79 2.31 -9.54
CA GLU A 76 6.11 1.86 -9.88
C GLU A 76 6.98 3.07 -10.16
N LEU A 77 8.13 3.13 -9.55
CA LEU A 77 9.07 4.17 -9.87
C LEU A 77 10.32 3.46 -10.36
N SER A 78 10.53 3.50 -11.63
CA SER A 78 11.65 2.83 -12.22
C SER A 78 12.50 3.83 -12.99
N GLY A 79 13.70 3.42 -13.32
CA GLY A 79 14.60 4.29 -14.03
C GLY A 79 15.86 4.53 -13.23
N ILE A 80 15.92 3.93 -12.05
CA ILE A 80 17.04 4.05 -11.14
C ILE A 80 18.29 3.41 -11.78
N PRO A 81 19.40 4.17 -11.87
CA PRO A 81 20.65 3.69 -12.49
C PRO A 81 21.35 2.63 -11.61
N PRO A 82 22.38 1.92 -12.16
CA PRO A 82 23.14 0.93 -11.40
C PRO A 82 23.86 1.57 -10.20
N ALA A 83 23.19 1.58 -9.08
CA ALA A 83 23.71 2.13 -7.87
C ALA A 83 23.51 1.14 -6.73
N PRO A 84 24.44 1.13 -5.75
CA PRO A 84 24.37 0.24 -4.60
C PRO A 84 23.54 0.80 -3.43
N ARG A 85 23.60 0.12 -2.29
CA ARG A 85 22.85 0.45 -1.08
C ARG A 85 23.18 1.84 -0.59
N GLY A 86 22.16 2.61 -0.30
CA GLY A 86 22.35 3.92 0.29
C GLY A 86 22.65 5.02 -0.70
N VAL A 87 22.87 4.67 -1.95
CA VAL A 87 23.18 5.66 -2.94
C VAL A 87 21.91 6.35 -3.52
N PRO A 88 20.91 5.58 -4.06
CA PRO A 88 19.69 6.19 -4.53
C PRO A 88 18.82 6.61 -3.36
N GLN A 89 18.74 7.88 -3.12
CA GLN A 89 17.93 8.40 -2.09
C GLN A 89 16.60 8.77 -2.66
N ILE A 90 15.60 8.07 -2.26
CA ILE A 90 14.29 8.33 -2.72
C ILE A 90 13.62 9.16 -1.65
N GLU A 91 13.28 10.36 -1.97
CA GLU A 91 12.64 11.22 -1.05
C GLU A 91 11.15 11.05 -1.23
N VAL A 92 10.51 10.52 -0.23
CA VAL A 92 9.10 10.27 -0.31
C VAL A 92 8.39 11.11 0.71
N THR A 93 7.47 11.89 0.25
CA THR A 93 6.69 12.71 1.10
C THR A 93 5.23 12.52 0.77
N PHE A 94 4.45 12.16 1.74
CA PHE A 94 3.05 12.07 1.53
C PHE A 94 2.32 12.94 2.50
N ASP A 95 1.33 13.60 1.98
CA ASP A 95 0.55 14.54 2.73
C ASP A 95 -0.90 14.31 2.47
N ILE A 96 -1.69 14.67 3.41
CA ILE A 96 -3.13 14.54 3.33
C ILE A 96 -3.70 15.87 3.74
N ASP A 97 -4.67 16.36 3.01
CA ASP A 97 -5.31 17.64 3.34
C ASP A 97 -6.41 17.38 4.39
N ALA A 98 -7.20 18.37 4.73
CA ALA A 98 -8.24 18.18 5.73
C ALA A 98 -9.47 17.40 5.19
N ASN A 99 -9.59 17.22 3.87
CA ASN A 99 -10.72 16.43 3.32
C ASN A 99 -10.37 14.97 3.32
N GLY A 100 -9.11 14.68 3.20
CA GLY A 100 -8.67 13.32 3.17
C GLY A 100 -8.07 12.95 1.83
N ILE A 101 -7.50 13.94 1.18
CA ILE A 101 -6.83 13.73 -0.07
C ILE A 101 -5.37 13.39 0.22
N LEU A 102 -4.98 12.22 -0.16
CA LEU A 102 -3.63 11.74 0.04
C LEU A 102 -2.82 11.97 -1.22
N ASN A 103 -1.76 12.71 -1.09
CA ASN A 103 -0.88 12.95 -2.19
C ASN A 103 0.50 12.46 -1.84
N VAL A 104 0.86 11.33 -2.40
CA VAL A 104 2.17 10.74 -2.19
C VAL A 104 3.07 11.20 -3.32
N THR A 105 4.20 11.78 -2.98
CA THR A 105 5.17 12.21 -3.95
C THR A 105 6.52 11.54 -3.64
N ALA A 106 7.06 10.83 -4.59
CA ALA A 106 8.34 10.17 -4.43
C ALA A 106 9.30 10.69 -5.50
N THR A 107 10.48 11.09 -5.10
CA THR A 107 11.46 11.60 -6.02
C THR A 107 12.83 10.94 -5.80
N ASP A 108 13.37 10.40 -6.87
CA ASP A 108 14.72 9.84 -6.87
C ASP A 108 15.72 10.92 -7.08
N LYS A 109 16.56 11.13 -6.10
CA LYS A 109 17.59 12.14 -6.16
C LYS A 109 18.66 11.83 -7.20
N SER A 110 18.76 10.58 -7.61
CA SER A 110 19.77 10.15 -8.54
C SER A 110 19.44 10.63 -9.97
N THR A 111 18.26 10.30 -10.44
CA THR A 111 17.82 10.67 -11.77
C THR A 111 17.08 12.00 -11.80
N GLY A 112 16.30 12.25 -10.77
CA GLY A 112 15.46 13.42 -10.74
C GLY A 112 14.04 13.07 -11.13
N LYS A 113 13.75 11.77 -11.14
CA LYS A 113 12.43 11.30 -11.48
C LYS A 113 11.51 11.37 -10.30
N ALA A 114 10.32 11.82 -10.56
CA ALA A 114 9.32 11.98 -9.54
C ALA A 114 8.00 11.43 -10.00
N ASN A 115 7.35 10.74 -9.11
CA ASN A 115 6.05 10.14 -9.37
C ASN A 115 5.14 10.47 -8.22
N LYS A 116 3.90 10.79 -8.51
CA LYS A 116 2.97 11.10 -7.47
C LYS A 116 1.66 10.35 -7.67
N ILE A 117 0.91 10.20 -6.61
CA ILE A 117 -0.44 9.68 -6.65
C ILE A 117 -1.31 10.54 -5.79
N THR A 118 -2.51 10.79 -6.23
CA THR A 118 -3.41 11.64 -5.51
C THR A 118 -4.75 10.92 -5.33
N ILE A 119 -5.06 10.61 -4.10
CA ILE A 119 -6.27 9.89 -3.76
C ILE A 119 -7.19 10.81 -2.96
N THR A 120 -8.29 11.21 -3.54
CA THR A 120 -9.21 12.10 -2.87
C THR A 120 -10.30 11.30 -2.13
N ASN A 121 -10.12 11.19 -0.80
CA ASN A 121 -11.06 10.45 0.11
C ASN A 121 -11.13 8.96 -0.36
N ASP A 122 -12.15 8.22 0.10
CA ASP A 122 -12.35 6.80 -0.27
C ASP A 122 -11.16 5.99 0.29
N LYS A 123 -10.92 4.81 -0.23
CA LYS A 123 -9.81 3.98 0.21
C LYS A 123 -9.64 2.83 -0.76
N GLY A 124 -10.73 2.45 -1.37
CA GLY A 124 -10.71 1.38 -2.30
C GLY A 124 -11.82 0.41 -2.00
N ARG A 125 -11.44 -0.82 -1.77
CA ARG A 125 -12.40 -1.89 -1.48
C ARG A 125 -12.48 -2.10 0.03
N LEU A 126 -12.06 -1.10 0.75
CA LEU A 126 -11.89 -1.21 2.19
C LEU A 126 -12.69 -0.14 2.91
N SER A 127 -13.28 -0.50 4.02
CA SER A 127 -14.13 0.39 4.77
C SER A 127 -13.60 0.64 6.20
N LYS A 128 -14.36 1.44 6.96
CA LYS A 128 -14.10 1.76 8.37
C LYS A 128 -14.05 0.50 9.23
N GLU A 129 -14.79 -0.52 8.81
CA GLU A 129 -14.83 -1.79 9.51
C GLU A 129 -13.46 -2.45 9.51
N GLU A 130 -12.79 -2.37 8.37
CA GLU A 130 -11.44 -2.93 8.25
C GLU A 130 -10.49 -2.12 9.09
N ILE A 131 -10.71 -0.80 9.10
CA ILE A 131 -9.94 0.12 9.91
C ILE A 131 -9.99 -0.31 11.38
N GLU A 132 -11.21 -0.47 11.89
CA GLU A 132 -11.40 -0.82 13.30
C GLU A 132 -10.88 -2.19 13.64
N ARG A 133 -11.02 -3.13 12.71
CA ARG A 133 -10.47 -4.48 12.88
C ARG A 133 -8.98 -4.41 13.07
N MET A 134 -8.31 -3.61 12.27
CA MET A 134 -6.88 -3.46 12.36
C MET A 134 -6.51 -2.68 13.59
N VAL A 135 -7.37 -1.78 14.00
CA VAL A 135 -7.16 -1.05 15.27
C VAL A 135 -7.18 -2.05 16.43
N GLN A 136 -8.21 -2.89 16.47
CA GLN A 136 -8.37 -3.93 17.50
C GLN A 136 -7.13 -4.81 17.53
N GLU A 137 -6.70 -5.26 16.36
CA GLU A 137 -5.54 -6.10 16.25
C GLU A 137 -4.26 -5.36 16.63
N ALA A 138 -4.14 -4.11 16.20
CA ALA A 138 -2.98 -3.29 16.48
C ALA A 138 -2.80 -3.10 17.96
N GLU A 139 -3.87 -2.71 18.65
CA GLU A 139 -3.79 -2.47 20.09
C GLU A 139 -3.50 -3.75 20.85
N LYS A 140 -3.99 -4.86 20.33
CA LYS A 140 -3.87 -6.15 20.99
C LYS A 140 -2.44 -6.69 20.84
N TYR A 141 -1.87 -6.54 19.67
CA TYR A 141 -0.55 -7.14 19.37
C TYR A 141 0.55 -6.08 19.27
N LYS A 142 0.23 -4.86 19.68
CA LYS A 142 1.13 -3.71 19.60
C LYS A 142 2.48 -4.00 20.20
N ALA A 143 2.50 -4.65 21.36
CA ALA A 143 3.73 -4.93 22.05
C ALA A 143 4.61 -5.93 21.29
N GLU A 144 3.99 -6.98 20.76
CA GLU A 144 4.76 -7.99 20.07
C GLU A 144 5.16 -7.56 18.67
N ASP A 145 4.28 -6.85 17.96
CA ASP A 145 4.64 -6.29 16.65
C ASP A 145 5.73 -5.27 16.80
N GLU A 146 5.71 -4.55 17.90
CA GLU A 146 6.71 -3.58 18.22
C GLU A 146 8.09 -4.23 18.29
N VAL A 147 8.19 -5.31 19.04
CA VAL A 147 9.46 -6.03 19.18
C VAL A 147 9.91 -6.56 17.83
N GLN A 148 8.98 -7.17 17.10
CA GLN A 148 9.23 -7.73 15.76
C GLN A 148 9.78 -6.67 14.82
N ARG A 149 9.14 -5.51 14.81
CA ARG A 149 9.55 -4.40 13.96
C ARG A 149 10.91 -3.86 14.42
N GLU A 150 11.06 -3.63 15.73
CA GLU A 150 12.29 -3.06 16.29
C GLU A 150 13.48 -4.01 16.21
N ARG A 151 13.22 -5.26 15.87
CA ARG A 151 14.26 -6.23 15.62
C ARG A 151 14.95 -5.92 14.29
N VAL A 152 14.34 -5.03 13.54
CA VAL A 152 14.91 -4.49 12.34
C VAL A 152 15.07 -3.00 12.60
N SER A 153 16.32 -2.55 12.60
CA SER A 153 16.67 -1.19 12.98
C SER A 153 15.93 -0.13 12.16
N ALA A 154 15.87 -0.33 10.88
CA ALA A 154 15.20 0.56 10.00
C ALA A 154 14.73 -0.21 8.82
N LYS A 155 13.77 0.29 8.12
CA LYS A 155 13.29 -0.38 6.96
C LYS A 155 13.09 0.68 5.90
N ASN A 156 13.94 1.69 5.98
CA ASN A 156 13.93 2.86 5.12
C ASN A 156 14.72 2.58 3.85
N ALA A 157 14.68 1.36 3.43
CA ALA A 157 15.35 0.91 2.26
C ALA A 157 14.43 -0.05 1.54
N LEU A 158 14.31 0.12 0.25
CA LEU A 158 13.41 -0.68 -0.53
C LEU A 158 14.13 -1.85 -1.17
N GLU A 159 13.39 -2.90 -1.40
CA GLU A 159 13.87 -4.08 -2.07
C GLU A 159 13.09 -4.23 -3.35
N SER A 160 13.78 -4.24 -4.44
CA SER A 160 13.16 -4.32 -5.73
C SER A 160 12.68 -5.73 -6.01
N TYR A 161 11.38 -5.88 -6.04
CA TYR A 161 10.78 -7.13 -6.43
C TYR A 161 10.28 -7.00 -7.85
N ALA A 162 9.99 -8.12 -8.46
CA ALA A 162 9.52 -8.14 -9.82
C ALA A 162 8.10 -7.62 -9.90
N PHE A 163 7.98 -6.35 -10.20
CA PHE A 163 6.70 -5.71 -10.40
C PHE A 163 6.22 -5.98 -11.82
N ASN A 164 4.93 -5.88 -12.04
CA ASN A 164 4.37 -6.12 -13.35
C ASN A 164 4.61 -4.94 -14.27
N MET A 165 4.99 -5.24 -15.48
CA MET A 165 5.24 -4.21 -16.47
C MET A 165 3.97 -3.97 -17.26
N LYS A 166 4.01 -3.01 -18.15
CA LYS A 166 2.85 -2.64 -18.92
C LYS A 166 2.65 -3.57 -20.10
N SER A 167 1.43 -4.02 -20.23
CA SER A 167 1.00 -4.87 -21.30
C SER A 167 -0.37 -4.38 -21.75
N ALA A 168 -0.42 -3.64 -22.86
CA ALA A 168 -1.67 -3.07 -23.33
C ALA A 168 -1.58 -2.59 -24.77
N VAL A 169 -2.17 -3.35 -25.66
CA VAL A 169 -2.30 -2.99 -27.07
C VAL A 169 -3.72 -3.32 -27.47
N GLU A 170 -4.51 -2.31 -27.66
CA GLU A 170 -5.93 -2.46 -27.93
C GLU A 170 -6.15 -2.79 -29.40
N ASP A 171 -5.89 -1.81 -30.24
CA ASP A 171 -6.05 -1.91 -31.68
C ASP A 171 -5.31 -0.76 -32.28
N GLU A 172 -4.53 -1.02 -33.27
CA GLU A 172 -3.75 0.01 -33.90
C GLU A 172 -4.48 0.53 -35.13
N GLY A 173 -5.41 -0.26 -35.63
CA GLY A 173 -6.09 0.08 -36.84
C GLY A 173 -7.37 0.81 -36.59
N LEU A 174 -7.29 1.83 -35.77
CA LEU A 174 -8.42 2.67 -35.45
C LEU A 174 -8.60 3.68 -36.55
N LYS A 175 -9.82 4.19 -36.69
CA LYS A 175 -10.19 5.19 -37.69
C LYS A 175 -10.11 4.66 -39.12
N GLY A 176 -10.28 5.55 -40.04
CA GLY A 176 -10.17 5.29 -41.43
C GLY A 176 -9.82 6.58 -42.09
N LYS A 177 -9.53 6.57 -43.35
CA LYS A 177 -9.15 7.79 -44.03
C LYS A 177 -10.33 8.36 -44.82
N ILE A 178 -11.48 7.77 -44.62
CA ILE A 178 -12.72 8.20 -45.25
C ILE A 178 -13.37 9.37 -44.52
N SER A 179 -14.44 9.87 -45.09
CA SER A 179 -15.27 10.86 -44.48
C SER A 179 -16.71 10.63 -44.92
N GLU A 180 -17.43 9.91 -44.10
CA GLU A 180 -18.79 9.53 -44.42
C GLU A 180 -19.77 10.34 -43.62
N ALA A 181 -20.49 11.17 -44.28
CA ALA A 181 -21.53 11.96 -43.67
C ALA A 181 -22.75 11.85 -44.54
N ASP A 182 -23.90 12.00 -43.98
CA ASP A 182 -25.10 11.90 -44.76
C ASP A 182 -25.70 13.26 -44.99
N LYS A 183 -25.34 13.86 -46.09
CA LYS A 183 -25.84 15.14 -46.47
C LYS A 183 -26.72 14.93 -47.70
N LYS A 184 -28.00 15.02 -47.52
CA LYS A 184 -28.96 14.85 -48.60
C LYS A 184 -29.98 15.94 -48.52
N LYS A 185 -30.71 16.13 -49.58
CA LYS A 185 -31.76 17.13 -49.59
C LYS A 185 -32.97 16.54 -48.90
N VAL A 186 -33.51 17.24 -47.95
CA VAL A 186 -34.64 16.73 -47.25
C VAL A 186 -35.87 17.58 -47.51
N LEU A 187 -36.40 17.39 -48.69
CA LEU A 187 -37.61 18.07 -49.14
C LEU A 187 -38.26 17.10 -50.11
N ASP A 188 -38.90 16.11 -49.58
CA ASP A 188 -39.52 15.05 -50.36
C ASP A 188 -40.38 14.22 -49.45
N LYS A 189 -41.64 14.21 -49.74
CA LYS A 189 -42.60 13.43 -48.98
C LYS A 189 -42.77 12.07 -49.66
N SMC A 190 -42.38 12.02 -50.94
CA SMC A 190 -42.47 10.83 -51.78
CB SMC A 190 -41.66 9.65 -51.22
SG SMC A 190 -41.68 8.16 -52.26
C SMC A 190 -43.94 10.46 -52.02
O SMC A 190 -44.56 9.71 -51.24
H SMC A 190 -41.98 12.82 -51.33
HA SMC A 190 -42.06 11.12 -52.74
HB2 SMC A 190 -42.06 9.38 -50.25
HB3 SMC A 190 -40.63 9.95 -51.10
N GLN A 191 -44.50 10.99 -53.08
CA GLN A 191 -45.88 10.78 -53.40
C GLN A 191 -46.03 10.30 -54.82
N GLU A 192 -46.13 9.01 -54.99
CA GLU A 192 -46.33 8.45 -56.30
C GLU A 192 -47.82 8.23 -56.51
N VAL A 193 -48.43 7.58 -55.55
CA VAL A 193 -49.85 7.30 -55.59
C VAL A 193 -50.48 7.94 -54.38
N ILE A 194 -51.52 8.71 -54.58
CA ILE A 194 -52.21 9.36 -53.47
C ILE A 194 -53.61 8.79 -53.31
N SER A 195 -54.02 8.01 -54.28
CA SER A 195 -55.33 7.43 -54.31
C SER A 195 -55.35 6.27 -55.30
N TRP A 196 -55.96 5.17 -54.92
CA TRP A 196 -56.12 4.05 -55.81
C TRP A 196 -57.53 4.01 -56.34
N LEU A 197 -57.67 4.30 -57.60
CA LEU A 197 -58.94 4.23 -58.24
C LEU A 197 -58.96 2.98 -59.10
N ASP A 198 -59.39 1.90 -58.52
CA ASP A 198 -59.44 0.62 -59.20
C ASP A 198 -60.87 0.22 -59.42
N ALA A 199 -61.20 -0.08 -60.63
CA ALA A 199 -62.54 -0.49 -60.99
C ALA A 199 -62.58 -1.96 -61.41
N ASN A 200 -61.46 -2.43 -61.98
CA ASN A 200 -61.28 -3.83 -62.46
C ASN A 200 -62.28 -4.13 -63.61
N THR A 201 -62.77 -3.09 -64.22
CA THR A 201 -63.71 -3.19 -65.31
C THR A 201 -62.99 -3.47 -66.62
N LEU A 202 -61.74 -3.16 -66.64
CA LEU A 202 -60.88 -3.41 -67.75
C LEU A 202 -60.09 -4.64 -67.44
N ALA A 203 -59.97 -5.52 -68.38
CA ALA A 203 -59.23 -6.73 -68.16
C ALA A 203 -58.30 -7.00 -69.31
N GLU A 204 -57.11 -6.49 -69.19
CA GLU A 204 -56.12 -6.69 -70.19
C GLU A 204 -55.32 -7.92 -69.87
N LYS A 205 -54.50 -8.35 -70.83
CA LYS A 205 -53.62 -9.50 -70.70
C LYS A 205 -54.41 -10.78 -70.71
N ASP A 206 -54.54 -11.36 -71.88
CA ASP A 206 -55.36 -12.55 -72.09
C ASP A 206 -54.47 -13.78 -72.03
N GLU A 207 -53.36 -13.64 -71.32
CA GLU A 207 -52.32 -14.66 -71.14
C GLU A 207 -51.53 -14.78 -72.45
N PHE A 208 -52.13 -15.37 -73.46
CA PHE A 208 -51.49 -15.52 -74.74
C PHE A 208 -52.42 -14.95 -75.81
N GLU A 209 -52.08 -13.76 -76.28
CA GLU A 209 -52.85 -13.02 -77.27
C GLU A 209 -51.99 -11.78 -77.56
N HIS A 210 -52.36 -10.94 -78.51
CA HIS A 210 -51.54 -9.77 -78.78
C HIS A 210 -51.79 -8.64 -77.79
N LYS A 211 -51.19 -8.77 -76.66
CA LYS A 211 -51.22 -7.79 -75.62
C LYS A 211 -49.83 -7.62 -75.10
N ARG A 212 -49.15 -6.64 -75.61
CA ARG A 212 -47.82 -6.31 -75.17
C ARG A 212 -47.67 -4.82 -75.11
N LYS A 213 -47.59 -4.19 -76.25
CA LYS A 213 -47.39 -2.76 -76.33
C LYS A 213 -48.46 -2.12 -77.21
N GLU A 214 -48.95 -2.86 -78.20
CA GLU A 214 -50.02 -2.43 -79.12
C GLU A 214 -49.60 -1.44 -80.19
N LEU A 215 -48.66 -0.53 -79.88
CA LEU A 215 -48.13 0.39 -80.92
C LEU A 215 -47.22 -0.38 -81.88
N GLU A 216 -47.14 -1.68 -81.62
CA GLU A 216 -46.46 -2.68 -82.43
C GLU A 216 -47.10 -2.69 -83.82
N GLN A 217 -48.35 -2.28 -83.87
CA GLN A 217 -49.07 -2.07 -85.09
C GLN A 217 -49.51 -0.62 -85.08
N VAL A 218 -48.61 0.25 -85.47
CA VAL A 218 -48.85 1.70 -85.41
C VAL A 218 -49.62 2.19 -86.64
N SMC A 219 -49.49 1.48 -87.72
CA SMC A 219 -50.14 1.83 -88.93
CB SMC A 219 -49.30 2.85 -89.72
SG SMC A 219 -50.10 3.48 -91.21
C SMC A 219 -50.31 0.58 -89.75
O SMC A 219 -49.47 -0.33 -89.66
H SMC A 219 -48.95 0.66 -87.71
HA SMC A 219 -51.11 2.25 -88.70
HB2 SMC A 219 -48.37 2.39 -90.02
HB3 SMC A 219 -49.09 3.70 -89.08
N ASN A 220 -51.37 0.50 -90.47
CA ASN A 220 -51.65 -0.62 -91.31
C ASN A 220 -52.31 -0.12 -92.57
N PRO A 221 -51.81 -0.51 -93.74
CA PRO A 221 -52.28 0.01 -95.03
C PRO A 221 -53.70 -0.40 -95.46
N ILE A 222 -54.33 -1.35 -94.79
CA ILE A 222 -55.66 -1.77 -95.24
C ILE A 222 -56.76 -0.98 -94.54
N ILE A 223 -56.42 -0.37 -93.43
CA ILE A 223 -57.39 0.42 -92.69
C ILE A 223 -57.09 1.89 -92.80
N SER A 224 -58.12 2.68 -92.92
CA SER A 224 -57.96 4.11 -93.04
C SER A 224 -59.20 4.81 -92.50
N GLY A 225 -60.35 4.26 -92.81
CA GLY A 225 -61.59 4.81 -92.36
C GLY A 225 -62.45 5.20 -93.53
N LEU A 226 -61.80 5.79 -94.53
CA LEU A 226 -62.44 6.28 -95.76
C LEU A 226 -63.57 7.26 -95.49
N TYR A 227 -64.79 6.79 -95.52
CA TYR A 227 -65.90 7.65 -95.27
C TYR A 227 -66.35 7.45 -93.85
N GLN A 228 -65.76 8.19 -92.97
CA GLN A 228 -66.03 8.09 -91.57
C GLN A 228 -66.97 9.20 -91.15
N GLY A 229 -67.88 8.89 -90.27
CA GLY A 229 -68.82 9.85 -89.77
C GLY A 229 -70.17 9.25 -89.59
N ALA A 230 -70.94 9.75 -88.65
CA ALA A 230 -72.27 9.22 -88.39
C ALA A 230 -73.29 9.86 -89.34
N GLY A 231 -72.91 10.96 -89.93
CA GLY A 231 -73.78 11.62 -90.89
C GLY A 231 -74.44 12.86 -90.34
N GLY A 232 -74.27 13.08 -89.06
CA GLY A 232 -74.89 14.23 -88.43
C GLY A 232 -76.28 13.90 -87.90
N PRO A 233 -76.50 13.96 -86.58
CA PRO A 233 -77.79 13.69 -85.96
C PRO A 233 -78.86 14.67 -86.46
N GLY A 234 -79.95 14.11 -86.96
CA GLY A 234 -81.03 14.92 -87.47
C GLY A 234 -80.68 15.58 -88.80
N PRO A 235 -80.82 14.86 -89.93
CA PRO A 235 -80.50 15.41 -91.25
C PRO A 235 -81.41 16.60 -91.60
N GLY A 236 -82.70 16.42 -91.39
CA GLY A 236 -83.64 17.46 -91.67
C GLY A 236 -85.01 17.08 -91.20
N GLY A 237 -85.85 18.06 -91.03
CA GLY A 237 -87.20 17.82 -90.60
C GLY A 237 -88.17 18.24 -91.66
N PHE A 238 -88.51 17.32 -92.51
CA PHE A 238 -89.40 17.58 -93.62
C PHE A 238 -90.85 17.45 -93.19
N GLY A 239 -91.04 16.84 -92.05
CA GLY A 239 -92.36 16.69 -91.49
C GLY A 239 -92.70 17.83 -90.55
N ALA A 240 -92.12 18.98 -90.78
CA ALA A 240 -92.37 20.15 -89.99
C ALA A 240 -93.55 20.89 -90.57
N GLN A 241 -94.67 20.81 -89.85
CA GLN A 241 -95.93 21.44 -90.24
C GLN A 241 -96.51 20.85 -91.51
N GLY A 242 -97.17 19.74 -91.35
CA GLY A 242 -97.76 19.05 -92.44
C GLY A 242 -97.16 17.67 -92.61
N PRO A 243 -97.65 16.65 -91.88
CA PRO A 243 -97.15 15.29 -91.99
C PRO A 243 -97.82 14.52 -93.13
N LYS A 244 -98.84 15.14 -93.74
CA LYS A 244 -99.61 14.57 -94.85
C LYS A 244 -100.32 13.28 -94.47
N GLY A 245 -101.54 13.38 -94.04
CA GLY A 245 -102.33 12.20 -93.84
C GLY A 245 -102.77 11.72 -95.19
N GLY A 246 -103.48 12.60 -95.89
CA GLY A 246 -103.93 12.38 -97.25
C GLY A 246 -104.68 11.09 -97.41
N SER A 247 -105.50 10.79 -96.44
CA SER A 247 -106.22 9.56 -96.39
C SER A 247 -107.56 9.82 -95.77
N GLY A 248 -108.52 8.97 -96.04
CA GLY A 248 -109.82 9.15 -95.48
C GLY A 248 -110.82 8.21 -96.07
N SER A 249 -111.44 7.43 -95.23
CA SER A 249 -112.49 6.53 -95.60
C SER A 249 -113.34 6.27 -94.37
N GLY A 250 -114.22 7.23 -94.10
CA GLY A 250 -115.15 7.17 -92.98
C GLY A 250 -114.46 6.96 -91.63
N PRO A 251 -115.14 6.34 -90.66
CA PRO A 251 -114.56 6.04 -89.35
C PRO A 251 -113.52 4.90 -89.41
N THR A 252 -113.45 4.23 -90.55
CA THR A 252 -112.51 3.14 -90.75
C THR A 252 -111.06 3.68 -90.70
N ILE A 253 -110.75 4.61 -91.58
CA ILE A 253 -109.42 5.18 -91.63
C ILE A 253 -109.25 6.28 -90.61
N GLU A 254 -110.34 7.02 -90.40
CA GLU A 254 -110.42 8.15 -89.47
C GLU A 254 -109.25 9.16 -89.57
N GLU A 255 -109.29 9.97 -90.58
CA GLU A 255 -108.28 10.99 -90.78
C GLU A 255 -108.97 12.34 -91.02
N VAL A 256 -110.23 12.40 -90.65
CA VAL A 256 -110.97 13.63 -90.76
C VAL A 256 -110.74 14.40 -89.47
N ASP A 257 -109.62 15.05 -89.42
CA ASP A 257 -109.18 15.75 -88.26
C ASP A 257 -108.52 17.02 -88.69
N SER A 1 -30.42 11.53 12.66
CA SER A 1 -31.02 10.65 13.64
C SER A 1 -29.96 9.83 14.40
N GLU A 2 -29.59 10.31 15.62
CA GLU A 2 -28.69 9.60 16.56
C GLU A 2 -27.29 9.29 16.05
N ASN A 3 -26.91 9.91 14.96
CA ASN A 3 -25.61 9.70 14.33
C ASN A 3 -25.40 8.26 13.92
N VAL A 4 -25.88 7.94 12.75
CA VAL A 4 -25.72 6.61 12.20
C VAL A 4 -24.36 6.47 11.53
N GLN A 5 -23.75 7.60 11.27
CA GLN A 5 -22.42 7.64 10.73
C GLN A 5 -21.41 7.43 11.84
N ASP A 6 -20.25 6.98 11.48
CA ASP A 6 -19.21 6.78 12.46
C ASP A 6 -18.34 7.99 12.47
N LEU A 7 -18.33 8.70 13.56
CA LEU A 7 -17.57 9.90 13.66
C LEU A 7 -16.34 9.70 14.52
N LEU A 8 -15.30 10.34 14.12
CA LEU A 8 -14.10 10.46 14.88
C LEU A 8 -13.85 11.93 14.94
N LEU A 9 -13.94 12.49 16.11
CA LEU A 9 -13.82 13.92 16.28
C LEU A 9 -12.39 14.38 16.08
N LEU A 10 -12.25 15.66 15.74
CA LEU A 10 -10.99 16.31 15.43
C LEU A 10 -10.50 15.95 14.04
N ASP A 11 -9.46 16.57 13.61
CA ASP A 11 -8.90 16.30 12.32
C ASP A 11 -7.63 15.54 12.46
N VAL A 12 -7.79 14.29 12.65
CA VAL A 12 -6.69 13.38 12.73
C VAL A 12 -6.89 12.27 11.70
N ALA A 13 -5.95 11.40 11.63
CA ALA A 13 -6.01 10.28 10.74
C ALA A 13 -6.63 9.09 11.47
N PRO A 14 -7.80 8.59 11.02
CA PRO A 14 -8.45 7.43 11.65
C PRO A 14 -7.60 6.17 11.43
N LEU A 15 -7.02 6.11 10.27
CA LEU A 15 -6.20 5.02 9.83
C LEU A 15 -4.75 5.44 9.82
N SER A 16 -3.88 4.51 9.53
CA SER A 16 -2.46 4.78 9.55
C SER A 16 -1.97 4.93 8.13
N LEU A 17 -0.68 5.11 7.95
CA LEU A 17 -0.05 5.07 6.66
C LEU A 17 1.39 4.62 6.81
N GLY A 18 1.77 3.65 6.04
CA GLY A 18 3.11 3.19 6.05
C GLY A 18 3.50 2.57 4.74
N LEU A 19 4.77 2.38 4.55
CA LEU A 19 5.29 1.75 3.34
C LEU A 19 5.85 0.42 3.67
N GLU A 20 5.75 -0.48 2.73
CA GLU A 20 6.35 -1.77 2.86
C GLU A 20 7.79 -1.69 2.40
N THR A 21 8.70 -1.83 3.31
CA THR A 21 10.07 -1.82 2.99
C THR A 21 10.60 -3.27 2.94
N ALA A 22 11.83 -3.42 2.50
CA ALA A 22 12.42 -4.73 2.28
C ALA A 22 12.48 -5.55 3.56
N GLY A 23 11.90 -6.73 3.52
CA GLY A 23 11.87 -7.59 4.67
C GLY A 23 10.48 -7.74 5.23
N GLY A 24 9.56 -6.93 4.71
CA GLY A 24 8.20 -6.97 5.21
C GLY A 24 8.06 -6.07 6.40
N VAL A 25 8.79 -4.97 6.34
CA VAL A 25 8.83 -4.00 7.40
C VAL A 25 7.90 -2.87 7.05
N MET A 26 7.10 -2.47 7.99
CA MET A 26 6.22 -1.36 7.76
C MET A 26 6.85 -0.12 8.33
N THR A 27 7.29 0.73 7.47
CA THR A 27 7.81 1.98 7.89
C THR A 27 6.63 2.94 7.96
N ALA A 28 6.28 3.35 9.15
CA ALA A 28 5.13 4.19 9.36
C ALA A 28 5.50 5.64 9.20
N LEU A 29 4.94 6.28 8.21
CA LEU A 29 5.20 7.68 7.96
C LEU A 29 4.22 8.54 8.72
N ILE A 30 2.96 8.17 8.63
CA ILE A 30 1.92 8.87 9.34
C ILE A 30 1.11 7.85 10.12
N LYS A 31 1.37 7.76 11.40
CA LYS A 31 0.67 6.82 12.27
C LYS A 31 -0.78 7.28 12.51
N ARG A 32 -1.59 6.40 13.07
CA ARG A 32 -2.99 6.69 13.38
C ARG A 32 -3.11 7.83 14.37
N ASN A 33 -4.20 8.56 14.27
CA ASN A 33 -4.57 9.65 15.16
C ASN A 33 -3.61 10.83 15.03
N SER A 34 -2.87 10.84 13.95
CA SER A 34 -1.96 11.91 13.66
C SER A 34 -2.75 13.14 13.24
N THR A 35 -2.45 14.25 13.87
CA THR A 35 -3.07 15.51 13.60
C THR A 35 -2.69 16.05 12.22
N ILE A 36 -3.67 16.15 11.36
CA ILE A 36 -3.48 16.68 10.02
C ILE A 36 -3.82 18.18 10.04
N PRO A 37 -3.44 18.99 9.01
CA PRO A 37 -2.68 18.56 7.81
C PRO A 37 -1.23 18.17 8.12
N THR A 38 -0.82 17.06 7.55
CA THR A 38 0.49 16.52 7.72
C THR A 38 1.29 16.63 6.43
N LYS A 39 2.58 16.52 6.55
CA LYS A 39 3.46 16.40 5.43
C LYS A 39 4.73 15.74 5.93
N GLN A 40 4.83 14.47 5.71
CA GLN A 40 5.94 13.69 6.15
C GLN A 40 6.84 13.43 4.99
N THR A 41 8.12 13.59 5.19
CA THR A 41 9.06 13.35 4.14
C THR A 41 10.19 12.50 4.68
N GLN A 42 10.33 11.32 4.16
CA GLN A 42 11.38 10.43 4.57
C GLN A 42 12.12 9.95 3.33
N ILE A 43 13.33 9.49 3.53
CA ILE A 43 14.16 9.08 2.43
C ILE A 43 14.38 7.59 2.49
N PHE A 44 14.07 6.94 1.41
CA PHE A 44 14.18 5.53 1.29
C PHE A 44 15.26 5.19 0.28
N THR A 45 15.76 4.00 0.34
CA THR A 45 16.84 3.56 -0.50
C THR A 45 16.58 2.16 -1.02
N THR A 46 17.41 1.71 -1.93
CA THR A 46 17.36 0.34 -2.35
C THR A 46 18.46 -0.40 -1.59
N TYR A 47 18.39 -1.72 -1.55
CA TYR A 47 19.51 -2.50 -0.99
C TYR A 47 20.29 -3.13 -2.11
N SER A 48 19.81 -2.94 -3.31
CA SER A 48 20.39 -3.55 -4.44
C SER A 48 20.43 -2.61 -5.63
N ASP A 49 21.22 -2.99 -6.59
CA ASP A 49 21.42 -2.23 -7.80
C ASP A 49 20.64 -2.86 -8.93
N ASN A 50 20.37 -2.06 -9.96
CA ASN A 50 19.73 -2.52 -11.21
C ASN A 50 18.26 -2.87 -11.09
N GLN A 51 17.59 -2.49 -10.00
CA GLN A 51 16.16 -2.73 -9.89
C GLN A 51 15.43 -1.95 -10.98
N PRO A 52 14.54 -2.60 -11.75
CA PRO A 52 13.80 -1.95 -12.84
C PRO A 52 12.97 -0.77 -12.32
N GLY A 53 12.30 -1.00 -11.23
CA GLY A 53 11.52 -0.01 -10.63
C GLY A 53 11.13 -0.42 -9.27
N VAL A 54 10.88 0.54 -8.43
CA VAL A 54 10.45 0.27 -7.10
C VAL A 54 8.97 0.54 -6.99
N LEU A 55 8.30 -0.32 -6.32
CA LEU A 55 6.89 -0.21 -6.16
C LEU A 55 6.66 0.35 -4.77
N ILE A 56 6.21 1.57 -4.72
CA ILE A 56 5.88 2.18 -3.47
C ILE A 56 4.47 1.76 -3.13
N GLN A 57 4.36 0.72 -2.36
CA GLN A 57 3.10 0.27 -1.93
C GLN A 57 2.81 0.71 -0.53
N VAL A 58 1.80 1.54 -0.47
CA VAL A 58 1.35 2.16 0.72
C VAL A 58 0.35 1.25 1.38
N TYR A 59 0.58 0.95 2.60
CA TYR A 59 -0.32 0.13 3.35
C TYR A 59 -0.69 0.89 4.57
N GLU A 60 -1.79 0.58 5.10
CA GLU A 60 -2.16 1.13 6.33
C GLU A 60 -2.51 0.01 7.25
N GLY A 61 -2.60 0.33 8.47
CA GLY A 61 -2.95 -0.62 9.45
C GLY A 61 -1.85 -0.80 10.40
N GLU A 62 -2.12 -0.61 11.65
CA GLU A 62 -1.10 -0.75 12.65
C GLU A 62 -0.88 -2.20 12.94
N ARG A 63 0.00 -2.76 12.16
CA ARG A 63 0.37 -4.14 12.23
C ARG A 63 1.85 -4.19 12.32
N ALA A 64 2.35 -5.10 13.10
CA ALA A 64 3.76 -5.24 13.28
C ALA A 64 4.48 -5.69 12.02
N MET A 65 3.98 -6.73 11.40
CA MET A 65 4.58 -7.24 10.19
C MET A 65 3.66 -7.00 9.03
N THR A 66 4.24 -6.59 7.93
CA THR A 66 3.54 -6.23 6.75
C THR A 66 3.34 -7.46 5.85
N LYS A 67 2.12 -7.94 5.78
CA LYS A 67 1.81 -9.10 4.96
C LYS A 67 0.47 -8.95 4.26
N ASP A 68 -0.53 -8.70 5.03
CA ASP A 68 -1.84 -8.52 4.50
C ASP A 68 -2.07 -7.05 4.42
N ASN A 69 -2.04 -6.44 5.59
CA ASN A 69 -2.37 -5.02 5.84
C ASN A 69 -3.57 -4.52 5.04
N ASN A 70 -3.78 -3.25 5.05
CA ASN A 70 -4.81 -2.65 4.27
C ASN A 70 -4.12 -1.82 3.19
N LEU A 71 -4.07 -2.37 1.99
CA LEU A 71 -3.39 -1.72 0.87
C LEU A 71 -4.07 -0.42 0.53
N LEU A 72 -3.34 0.64 0.73
CA LEU A 72 -3.86 1.96 0.60
C LEU A 72 -3.63 2.44 -0.85
N GLY A 73 -2.50 2.05 -1.44
CA GLY A 73 -2.24 2.44 -2.81
C GLY A 73 -0.95 1.87 -3.34
N ARG A 74 -0.88 1.72 -4.65
CA ARG A 74 0.31 1.23 -5.33
C ARG A 74 0.79 2.27 -6.27
N PHE A 75 2.05 2.39 -6.30
CA PHE A 75 2.73 3.38 -7.02
C PHE A 75 4.01 2.76 -7.57
N GLU A 76 4.40 3.10 -8.77
CA GLU A 76 5.61 2.55 -9.33
C GLU A 76 6.56 3.65 -9.78
N LEU A 77 7.79 3.53 -9.38
CA LEU A 77 8.83 4.45 -9.79
C LEU A 77 9.96 3.65 -10.42
N SER A 78 10.05 3.74 -11.71
CA SER A 78 11.04 3.01 -12.45
C SER A 78 12.25 3.90 -12.75
N GLY A 79 13.37 3.28 -13.02
CA GLY A 79 14.54 4.06 -13.35
C GLY A 79 15.61 4.04 -12.28
N ILE A 80 15.71 2.93 -11.55
CA ILE A 80 16.74 2.82 -10.51
C ILE A 80 18.09 2.52 -11.16
N PRO A 81 19.06 3.44 -11.03
CA PRO A 81 20.38 3.28 -11.60
C PRO A 81 21.16 2.10 -10.96
N PRO A 82 22.12 1.52 -11.67
CA PRO A 82 22.96 0.47 -11.14
C PRO A 82 23.98 0.99 -10.14
N ALA A 83 23.55 1.17 -8.93
CA ALA A 83 24.39 1.59 -7.85
C ALA A 83 24.13 0.68 -6.66
N PRO A 84 25.19 0.08 -6.08
CA PRO A 84 25.13 -0.91 -4.99
C PRO A 84 24.04 -0.68 -3.94
N ARG A 85 24.15 0.42 -3.22
CA ARG A 85 23.22 0.75 -2.17
C ARG A 85 23.57 2.12 -1.64
N GLY A 86 22.64 3.05 -1.73
CA GLY A 86 22.88 4.34 -1.13
C GLY A 86 22.74 5.48 -2.08
N VAL A 87 23.13 5.28 -3.33
CA VAL A 87 22.99 6.33 -4.32
C VAL A 87 21.51 6.58 -4.68
N PRO A 88 20.74 5.55 -5.15
CA PRO A 88 19.30 5.72 -5.39
C PRO A 88 18.57 6.01 -4.08
N GLN A 89 18.21 7.24 -3.91
CA GLN A 89 17.57 7.71 -2.71
C GLN A 89 16.24 8.27 -3.09
N ILE A 90 15.21 7.65 -2.63
CA ILE A 90 13.90 8.06 -2.98
C ILE A 90 13.35 8.90 -1.85
N GLU A 91 13.07 10.13 -2.14
CA GLU A 91 12.47 11.03 -1.19
C GLU A 91 10.99 10.92 -1.35
N VAL A 92 10.33 10.43 -0.35
CA VAL A 92 8.91 10.20 -0.43
C VAL A 92 8.19 11.13 0.51
N THR A 93 7.28 11.87 -0.03
CA THR A 93 6.51 12.81 0.73
C THR A 93 5.05 12.36 0.80
N PHE A 94 4.51 12.38 2.00
CA PHE A 94 3.12 12.07 2.29
C PHE A 94 2.47 13.28 2.92
N ASP A 95 1.60 13.94 2.23
CA ASP A 95 0.87 15.06 2.81
C ASP A 95 -0.60 14.86 2.71
N ILE A 96 -1.27 15.17 3.78
CA ILE A 96 -2.71 15.04 3.89
C ILE A 96 -3.26 16.41 4.23
N ASP A 97 -4.33 16.78 3.61
CA ASP A 97 -4.99 18.06 3.89
C ASP A 97 -6.19 17.78 4.79
N ALA A 98 -7.05 18.75 5.00
CA ALA A 98 -8.22 18.58 5.84
C ALA A 98 -9.31 17.70 5.18
N ASN A 99 -9.21 17.47 3.88
CA ASN A 99 -10.16 16.60 3.16
C ASN A 99 -9.69 15.17 3.14
N GLY A 100 -8.51 14.96 3.65
CA GLY A 100 -7.98 13.63 3.70
C GLY A 100 -7.35 13.23 2.39
N ILE A 101 -6.91 14.22 1.64
CA ILE A 101 -6.26 13.97 0.39
C ILE A 101 -4.80 13.71 0.68
N LEU A 102 -4.40 12.52 0.43
CA LEU A 102 -3.07 12.10 0.62
C LEU A 102 -2.34 12.19 -0.69
N ASN A 103 -1.37 13.01 -0.73
CA ASN A 103 -0.56 13.13 -1.91
C ASN A 103 0.79 12.51 -1.62
N VAL A 104 1.13 11.52 -2.40
CA VAL A 104 2.38 10.83 -2.25
C VAL A 104 3.26 11.15 -3.44
N THR A 105 4.35 11.80 -3.19
CA THR A 105 5.30 12.12 -4.22
C THR A 105 6.62 11.43 -3.90
N ALA A 106 7.14 10.69 -4.85
CA ALA A 106 8.39 10.00 -4.68
C ALA A 106 9.39 10.53 -5.69
N THR A 107 10.46 11.10 -5.19
CA THR A 107 11.48 11.68 -6.01
C THR A 107 12.76 10.86 -5.92
N ASP A 108 13.27 10.45 -7.05
CA ASP A 108 14.56 9.79 -7.11
C ASP A 108 15.66 10.80 -7.18
N LYS A 109 16.47 10.83 -6.16
CA LYS A 109 17.58 11.76 -6.09
C LYS A 109 18.68 11.48 -7.12
N SER A 110 18.67 10.30 -7.71
CA SER A 110 19.65 9.97 -8.70
C SER A 110 19.33 10.58 -10.06
N THR A 111 18.11 10.38 -10.52
CA THR A 111 17.68 10.94 -11.78
C THR A 111 17.20 12.38 -11.60
N GLY A 112 16.52 12.63 -10.51
CA GLY A 112 16.00 13.95 -10.25
C GLY A 112 14.56 14.09 -10.66
N LYS A 113 13.91 12.96 -10.94
CA LYS A 113 12.51 12.98 -11.36
C LYS A 113 11.62 12.56 -10.20
N ALA A 114 10.39 12.97 -10.25
CA ALA A 114 9.43 12.65 -9.23
C ALA A 114 8.14 12.18 -9.85
N ASN A 115 7.49 11.29 -9.17
CA ASN A 115 6.21 10.74 -9.58
C ASN A 115 5.28 10.87 -8.43
N LYS A 116 4.00 10.97 -8.71
CA LYS A 116 3.04 11.19 -7.66
C LYS A 116 1.80 10.32 -7.82
N ILE A 117 1.04 10.28 -6.78
CA ILE A 117 -0.27 9.69 -6.75
C ILE A 117 -1.09 10.53 -5.78
N THR A 118 -2.34 10.73 -6.08
CA THR A 118 -3.19 11.55 -5.26
C THR A 118 -4.37 10.71 -4.79
N ILE A 119 -4.43 10.47 -3.52
CA ILE A 119 -5.43 9.64 -2.94
C ILE A 119 -6.41 10.51 -2.15
N THR A 120 -7.58 10.67 -2.70
CA THR A 120 -8.65 11.42 -2.06
C THR A 120 -9.49 10.44 -1.22
N ASN A 121 -10.24 10.92 -0.22
CA ASN A 121 -11.05 10.01 0.61
C ASN A 121 -12.13 9.33 -0.22
N ASP A 122 -11.89 8.09 -0.52
CA ASP A 122 -12.77 7.28 -1.30
C ASP A 122 -12.46 5.87 -0.95
N LYS A 123 -13.43 4.99 -0.95
CA LYS A 123 -13.16 3.66 -0.55
C LYS A 123 -13.09 2.72 -1.72
N GLY A 124 -11.93 2.61 -2.27
CA GLY A 124 -11.64 1.62 -3.26
C GLY A 124 -10.47 0.82 -2.80
N ARG A 125 -10.39 0.71 -1.49
CA ARG A 125 -9.32 0.02 -0.81
C ARG A 125 -9.95 -0.93 0.18
N LEU A 126 -10.09 -2.18 -0.25
CA LEU A 126 -10.60 -3.27 0.59
C LEU A 126 -12.08 -3.07 0.98
N SER A 127 -12.58 -3.73 2.01
CA SER A 127 -14.01 -3.72 2.25
C SER A 127 -14.49 -2.74 3.33
N LYS A 128 -14.22 -3.08 4.57
CA LYS A 128 -14.75 -2.35 5.73
C LYS A 128 -14.21 -2.99 6.97
N GLU A 129 -14.28 -4.30 6.95
CA GLU A 129 -13.85 -5.12 8.08
C GLU A 129 -12.43 -4.84 8.44
N GLU A 130 -11.57 -4.85 7.44
CA GLU A 130 -10.14 -4.65 7.63
C GLU A 130 -9.88 -3.33 8.31
N ILE A 131 -10.55 -2.31 7.79
CA ILE A 131 -10.44 -0.94 8.27
C ILE A 131 -10.70 -0.86 9.77
N GLU A 132 -11.81 -1.43 10.20
CA GLU A 132 -12.15 -1.37 11.61
C GLU A 132 -11.30 -2.29 12.45
N ARG A 133 -10.91 -3.42 11.88
CA ARG A 133 -10.09 -4.37 12.61
C ARG A 133 -8.72 -3.80 12.89
N MET A 134 -8.20 -3.02 11.93
CA MET A 134 -6.91 -2.34 12.12
C MET A 134 -7.02 -1.44 13.30
N VAL A 135 -8.04 -0.59 13.28
CA VAL A 135 -8.30 0.37 14.37
C VAL A 135 -8.43 -0.34 15.74
N GLN A 136 -9.30 -1.34 15.81
CA GLN A 136 -9.59 -2.01 17.08
C GLN A 136 -8.37 -2.75 17.64
N GLU A 137 -7.68 -3.47 16.78
CA GLU A 137 -6.50 -4.21 17.20
C GLU A 137 -5.34 -3.28 17.48
N ALA A 138 -5.27 -2.18 16.74
CA ALA A 138 -4.23 -1.19 16.96
C ALA A 138 -4.34 -0.64 18.37
N GLU A 139 -5.55 -0.25 18.74
CA GLU A 139 -5.76 0.30 20.07
C GLU A 139 -5.43 -0.70 21.16
N LYS A 140 -5.94 -1.88 21.03
CA LYS A 140 -5.79 -2.88 22.05
C LYS A 140 -4.41 -3.56 22.10
N TYR A 141 -3.67 -3.59 21.00
CA TYR A 141 -2.39 -4.30 20.99
C TYR A 141 -1.20 -3.45 20.51
N LYS A 142 -1.38 -2.12 20.42
CA LYS A 142 -0.34 -1.22 19.89
C LYS A 142 1.02 -1.42 20.50
N ALA A 143 1.09 -1.58 21.82
CA ALA A 143 2.36 -1.75 22.51
C ALA A 143 3.18 -2.92 21.96
N GLU A 144 2.51 -4.03 21.70
CA GLU A 144 3.18 -5.20 21.21
C GLU A 144 3.64 -5.01 19.78
N ASP A 145 2.70 -4.61 18.93
CA ASP A 145 2.99 -4.43 17.52
C ASP A 145 3.99 -3.30 17.27
N GLU A 146 3.94 -2.24 18.09
CA GLU A 146 4.90 -1.13 17.98
C GLU A 146 6.31 -1.62 18.15
N VAL A 147 6.55 -2.36 19.23
CA VAL A 147 7.88 -2.87 19.51
C VAL A 147 8.33 -3.79 18.40
N GLN A 148 7.47 -4.74 18.05
CA GLN A 148 7.74 -5.73 17.02
C GLN A 148 8.08 -5.09 15.68
N ARG A 149 7.29 -4.08 15.29
CA ARG A 149 7.46 -3.37 14.02
C ARG A 149 8.80 -2.63 13.98
N GLU A 150 9.25 -2.16 15.12
CA GLU A 150 10.52 -1.44 15.20
C GLU A 150 11.69 -2.40 15.35
N ARG A 151 11.42 -3.63 15.74
CA ARG A 151 12.50 -4.58 15.98
C ARG A 151 13.03 -5.18 14.71
N VAL A 152 12.37 -4.90 13.60
CA VAL A 152 12.82 -5.41 12.34
C VAL A 152 13.51 -4.28 11.58
N SER A 153 14.70 -3.92 12.07
CA SER A 153 15.53 -2.85 11.51
C SER A 153 14.91 -1.44 11.67
N ALA A 154 15.73 -0.44 11.41
CA ALA A 154 15.32 0.95 11.46
C ALA A 154 15.78 1.65 10.19
N LYS A 155 15.93 0.85 9.16
CA LYS A 155 16.41 1.34 7.88
C LYS A 155 15.24 1.57 6.96
N ASN A 156 15.41 2.42 6.01
CA ASN A 156 14.36 2.73 5.06
C ASN A 156 14.82 2.32 3.68
N ALA A 157 14.58 1.08 3.32
CA ALA A 157 14.97 0.60 2.00
C ALA A 157 13.95 -0.39 1.50
N LEU A 158 13.72 -0.40 0.19
CA LEU A 158 12.67 -1.25 -0.35
C LEU A 158 13.20 -2.18 -1.44
N GLU A 159 12.53 -3.28 -1.57
CA GLU A 159 12.68 -4.21 -2.67
C GLU A 159 11.25 -4.42 -3.16
N SER A 160 11.04 -4.61 -4.43
CA SER A 160 9.66 -4.67 -4.88
C SER A 160 9.46 -5.39 -6.22
N TYR A 161 8.20 -5.49 -6.59
CA TYR A 161 7.74 -6.17 -7.78
C TYR A 161 7.26 -5.12 -8.79
N ALA A 162 8.02 -4.87 -9.81
CA ALA A 162 7.70 -3.84 -10.77
C ALA A 162 7.16 -4.42 -12.05
N PHE A 163 6.21 -3.71 -12.63
CA PHE A 163 5.55 -4.00 -13.91
C PHE A 163 4.84 -5.35 -13.91
N ASN A 164 3.58 -5.33 -13.58
CA ASN A 164 2.78 -6.54 -13.60
C ASN A 164 2.38 -6.86 -15.03
N MET A 165 2.62 -8.08 -15.44
CA MET A 165 2.23 -8.53 -16.74
C MET A 165 0.74 -8.77 -16.74
N LYS A 166 0.02 -7.89 -17.37
CA LYS A 166 -1.42 -7.97 -17.39
C LYS A 166 -1.94 -7.72 -18.80
N SER A 167 -2.70 -8.67 -19.33
CA SER A 167 -3.29 -8.56 -20.65
C SER A 167 -4.52 -9.48 -20.73
N ALA A 168 -5.69 -8.88 -20.62
CA ALA A 168 -6.95 -9.59 -20.71
C ALA A 168 -7.91 -8.75 -21.56
N VAL A 169 -9.19 -9.04 -21.53
CA VAL A 169 -10.15 -8.23 -22.23
C VAL A 169 -11.39 -7.99 -21.36
N GLU A 170 -11.68 -6.74 -21.10
CA GLU A 170 -12.85 -6.40 -20.34
C GLU A 170 -14.04 -6.22 -21.26
N ASP A 171 -14.90 -7.23 -21.27
CA ASP A 171 -16.13 -7.31 -22.08
C ASP A 171 -15.85 -7.64 -23.54
N GLU A 172 -16.60 -8.56 -24.07
CA GLU A 172 -16.43 -9.01 -25.42
C GLU A 172 -17.81 -9.37 -25.97
N GLY A 173 -18.41 -8.47 -26.69
CA GLY A 173 -19.73 -8.70 -27.21
C GLY A 173 -19.73 -9.02 -28.67
N LEU A 174 -19.61 -10.28 -28.99
CA LEU A 174 -19.59 -10.71 -30.37
C LEU A 174 -20.98 -11.10 -30.84
N LYS A 175 -21.62 -11.95 -30.08
CA LYS A 175 -22.90 -12.48 -30.47
C LYS A 175 -24.01 -11.83 -29.65
N GLY A 176 -25.10 -11.46 -30.30
CA GLY A 176 -26.19 -10.88 -29.57
C GLY A 176 -27.16 -10.10 -30.43
N LYS A 177 -26.66 -9.35 -31.39
CA LYS A 177 -27.52 -8.48 -32.18
C LYS A 177 -28.29 -9.21 -33.27
N ILE A 178 -29.53 -9.55 -32.96
CA ILE A 178 -30.45 -10.18 -33.89
C ILE A 178 -31.84 -9.57 -33.75
N SER A 179 -32.12 -8.58 -34.58
CA SER A 179 -33.40 -7.91 -34.55
C SER A 179 -33.55 -7.07 -35.83
N GLU A 180 -34.72 -7.12 -36.41
CA GLU A 180 -35.02 -6.34 -37.59
C GLU A 180 -36.33 -5.62 -37.35
N ALA A 181 -36.47 -4.46 -37.93
CA ALA A 181 -37.70 -3.73 -37.85
C ALA A 181 -38.69 -4.29 -38.86
N ASP A 182 -39.41 -5.31 -38.44
CA ASP A 182 -40.40 -5.96 -39.29
C ASP A 182 -41.66 -5.14 -39.32
N LYS A 183 -41.85 -4.34 -38.28
CA LYS A 183 -43.00 -3.48 -38.20
C LYS A 183 -42.71 -2.18 -38.88
N LYS A 184 -43.63 -1.80 -39.75
CA LYS A 184 -43.59 -0.57 -40.52
C LYS A 184 -42.63 -0.64 -41.71
N LYS A 185 -43.14 -1.22 -42.76
CA LYS A 185 -42.49 -1.27 -44.04
C LYS A 185 -43.52 -0.71 -45.01
N VAL A 186 -43.04 -0.17 -46.14
CA VAL A 186 -43.83 0.57 -47.19
C VAL A 186 -44.08 2.00 -46.73
N LEU A 187 -43.85 2.22 -45.44
CA LEU A 187 -43.94 3.49 -44.76
C LEU A 187 -45.36 4.02 -44.61
N ASP A 188 -45.89 4.65 -45.63
CA ASP A 188 -47.18 5.29 -45.49
C ASP A 188 -47.81 5.42 -46.89
N LYS A 189 -48.81 6.27 -47.00
CA LYS A 189 -49.64 6.44 -48.18
C LYS A 189 -48.98 7.31 -49.26
N SMC A 190 -47.67 7.29 -49.31
CA SMC A 190 -46.95 7.97 -50.39
CB SMC A 190 -45.48 8.16 -50.00
SG SMC A 190 -44.48 9.05 -51.23
C SMC A 190 -47.07 7.11 -51.64
O SMC A 190 -46.79 7.54 -52.77
H SMC A 190 -47.18 6.78 -48.64
HA SMC A 190 -47.42 8.93 -50.55
HB2 SMC A 190 -45.04 7.19 -49.85
HB3 SMC A 190 -45.42 8.71 -49.07
N GLN A 191 -47.50 5.91 -51.41
CA GLN A 191 -47.79 4.94 -52.40
C GLN A 191 -49.23 4.54 -52.15
N GLU A 192 -50.00 4.35 -53.22
CA GLU A 192 -51.42 3.99 -53.17
C GLU A 192 -52.29 5.20 -52.73
N VAL A 193 -53.58 4.94 -52.54
CA VAL A 193 -54.60 5.91 -52.12
C VAL A 193 -54.83 7.01 -53.18
N ILE A 194 -53.93 8.02 -53.19
CA ILE A 194 -54.00 9.23 -54.03
C ILE A 194 -55.41 9.85 -54.13
N SER A 195 -55.68 10.79 -53.25
CA SER A 195 -56.94 11.48 -53.27
C SER A 195 -56.95 12.52 -54.38
N TRP A 196 -58.02 12.58 -55.14
CA TRP A 196 -58.11 13.54 -56.21
C TRP A 196 -59.53 14.13 -56.25
N LEU A 197 -59.61 15.43 -56.10
CA LEU A 197 -60.86 16.14 -56.16
C LEU A 197 -60.81 17.07 -57.35
N ASP A 198 -61.94 17.36 -57.95
CA ASP A 198 -61.96 18.26 -59.10
C ASP A 198 -61.76 19.67 -58.63
N ALA A 199 -60.63 20.23 -58.93
CA ALA A 199 -60.34 21.57 -58.57
C ALA A 199 -60.51 22.44 -59.78
N ASN A 200 -61.69 22.96 -59.94
CA ASN A 200 -61.99 23.81 -61.06
C ASN A 200 -61.89 25.23 -60.57
N THR A 201 -61.22 26.07 -61.30
CA THR A 201 -61.04 27.43 -60.88
C THR A 201 -62.16 28.33 -61.41
N LEU A 202 -62.81 29.02 -60.50
CA LEU A 202 -63.87 29.94 -60.84
C LEU A 202 -63.22 31.29 -61.14
N ALA A 203 -63.37 31.74 -62.35
CA ALA A 203 -62.79 33.00 -62.75
C ALA A 203 -63.87 34.01 -63.04
N GLU A 204 -63.81 35.12 -62.34
CA GLU A 204 -64.71 36.21 -62.56
C GLU A 204 -64.15 37.15 -63.63
N LYS A 205 -63.30 38.05 -63.18
CA LYS A 205 -62.71 39.07 -64.00
C LYS A 205 -61.71 39.78 -63.08
N ASP A 206 -60.49 39.98 -63.53
CA ASP A 206 -59.44 40.54 -62.66
C ASP A 206 -59.51 42.08 -62.67
N GLU A 207 -58.85 42.71 -61.75
CA GLU A 207 -58.95 44.14 -61.60
C GLU A 207 -57.84 44.89 -62.35
N PHE A 208 -58.08 45.18 -63.60
CA PHE A 208 -57.14 45.94 -64.40
C PHE A 208 -57.59 47.39 -64.50
N GLU A 209 -58.89 47.60 -64.27
CA GLU A 209 -59.56 48.90 -64.38
C GLU A 209 -59.48 49.45 -65.79
N HIS A 210 -58.38 50.05 -66.08
CA HIS A 210 -58.03 50.61 -67.38
C HIS A 210 -56.52 50.64 -67.42
N LYS A 211 -55.96 51.17 -66.35
CA LYS A 211 -54.51 51.25 -66.17
C LYS A 211 -54.19 51.06 -64.66
N ARG A 212 -55.24 50.78 -63.88
CA ARG A 212 -55.24 50.69 -62.40
C ARG A 212 -55.01 52.05 -61.76
N LYS A 213 -53.93 52.69 -62.10
CA LYS A 213 -53.61 54.00 -61.59
C LYS A 213 -52.93 54.79 -62.69
N GLU A 214 -53.09 56.08 -62.63
CA GLU A 214 -52.57 56.96 -63.65
C GLU A 214 -51.82 58.10 -62.96
N LEU A 215 -51.00 58.82 -63.70
CA LEU A 215 -50.36 60.01 -63.18
C LEU A 215 -51.31 61.17 -63.38
N GLU A 216 -52.19 61.30 -62.45
CA GLU A 216 -53.25 62.27 -62.46
C GLU A 216 -52.78 63.53 -61.77
N GLN A 217 -52.01 63.35 -60.74
CA GLN A 217 -51.58 64.44 -59.92
C GLN A 217 -50.18 64.87 -60.33
N VAL A 218 -50.05 66.11 -60.74
CA VAL A 218 -48.75 66.65 -61.09
C VAL A 218 -48.10 67.22 -59.84
N SMC A 219 -46.86 67.69 -59.95
CA SMC A 219 -46.15 68.22 -58.80
CB SMC A 219 -44.67 68.46 -59.10
SG SMC A 219 -44.33 69.53 -60.52
C SMC A 219 -46.84 69.46 -58.21
O SMC A 219 -47.21 69.45 -57.04
H SMC A 219 -46.41 67.68 -60.83
HA SMC A 219 -46.22 67.45 -58.04
HB2 SMC A 219 -44.19 67.51 -59.30
HB3 SMC A 219 -44.18 68.91 -58.24
N ASN A 220 -47.04 70.49 -59.04
CA ASN A 220 -47.71 71.77 -58.65
C ASN A 220 -47.02 72.44 -57.45
N PRO A 221 -46.11 73.38 -57.70
CA PRO A 221 -45.35 74.04 -56.64
C PRO A 221 -46.22 74.99 -55.80
N ILE A 222 -46.48 74.60 -54.57
CA ILE A 222 -47.20 75.44 -53.64
C ILE A 222 -46.32 75.72 -52.43
N ILE A 223 -46.10 76.99 -52.17
CA ILE A 223 -45.20 77.39 -51.09
C ILE A 223 -45.81 78.46 -50.21
N SER A 224 -45.16 78.72 -49.11
CA SER A 224 -45.55 79.73 -48.17
C SER A 224 -44.30 80.50 -47.75
N GLY A 225 -44.40 81.36 -46.77
CA GLY A 225 -43.24 82.08 -46.30
C GLY A 225 -43.41 83.57 -46.46
N LEU A 226 -44.53 83.96 -47.03
CA LEU A 226 -44.79 85.34 -47.25
C LEU A 226 -46.26 85.61 -47.07
N TYR A 227 -46.59 86.41 -46.09
CA TYR A 227 -47.95 86.78 -45.84
C TYR A 227 -47.96 88.16 -45.24
N GLN A 228 -47.46 88.25 -44.00
CA GLN A 228 -47.34 89.49 -43.24
C GLN A 228 -46.80 89.13 -41.86
N GLY A 229 -47.43 88.13 -41.27
CA GLY A 229 -47.05 87.70 -39.96
C GLY A 229 -48.24 87.84 -39.06
N ALA A 230 -47.99 88.07 -37.81
CA ALA A 230 -49.06 88.29 -36.87
C ALA A 230 -49.36 89.78 -36.80
N GLY A 231 -50.54 90.11 -36.38
CA GLY A 231 -50.93 91.48 -36.26
C GLY A 231 -51.89 91.68 -35.13
N GLY A 232 -51.50 91.23 -33.97
CA GLY A 232 -52.33 91.34 -32.81
C GLY A 232 -51.52 91.39 -31.54
N PRO A 233 -51.04 92.58 -31.12
CA PRO A 233 -50.25 92.75 -29.90
C PRO A 233 -51.02 92.29 -28.66
N GLY A 234 -52.21 92.80 -28.49
CA GLY A 234 -53.01 92.43 -27.36
C GLY A 234 -54.48 92.60 -27.67
N PRO A 235 -55.37 92.07 -26.83
CA PRO A 235 -56.81 92.17 -27.05
C PRO A 235 -57.38 93.54 -26.66
N GLY A 236 -57.08 94.00 -25.46
CA GLY A 236 -57.58 95.27 -25.00
C GLY A 236 -57.83 95.23 -23.53
N GLY A 237 -58.57 96.20 -23.02
CA GLY A 237 -58.89 96.25 -21.61
C GLY A 237 -57.69 96.60 -20.75
N PHE A 238 -56.75 97.30 -21.33
CA PHE A 238 -55.55 97.68 -20.62
C PHE A 238 -55.66 99.12 -20.18
N GLY A 239 -54.86 99.49 -19.20
CA GLY A 239 -54.85 100.85 -18.73
C GLY A 239 -56.05 101.17 -17.87
N ALA A 240 -56.47 100.21 -17.09
CA ALA A 240 -57.58 100.40 -16.20
C ALA A 240 -57.12 101.09 -14.94
N GLN A 241 -57.63 102.25 -14.71
CA GLN A 241 -57.28 103.04 -13.56
C GLN A 241 -58.54 103.42 -12.82
N GLY A 242 -58.81 102.73 -11.76
CA GLY A 242 -59.97 103.00 -10.97
C GLY A 242 -59.94 102.19 -9.71
N PRO A 243 -59.51 102.76 -8.58
CA PRO A 243 -59.43 102.04 -7.30
C PRO A 243 -60.83 101.75 -6.74
N LYS A 244 -61.77 102.58 -7.16
CA LYS A 244 -63.16 102.50 -6.80
C LYS A 244 -63.40 102.79 -5.34
N GLY A 245 -63.56 104.05 -5.07
CA GLY A 245 -63.84 104.50 -3.75
C GLY A 245 -65.03 105.40 -3.74
N GLY A 246 -65.76 105.41 -2.66
CA GLY A 246 -66.91 106.28 -2.56
C GLY A 246 -67.96 105.73 -1.64
N SER A 247 -68.12 104.43 -1.63
CA SER A 247 -69.13 103.80 -0.80
C SER A 247 -68.62 103.62 0.63
N GLY A 248 -69.44 104.00 1.59
CA GLY A 248 -69.08 103.85 2.98
C GLY A 248 -68.20 104.98 3.47
N SER A 249 -67.91 104.96 4.75
CA SER A 249 -67.10 105.96 5.39
C SER A 249 -66.71 105.42 6.77
N GLY A 250 -66.09 106.24 7.58
CA GLY A 250 -65.71 105.85 8.90
C GLY A 250 -66.43 106.69 9.93
N PRO A 251 -67.58 106.23 10.46
CA PRO A 251 -68.33 106.97 11.44
C PRO A 251 -67.76 106.76 12.84
N THR A 252 -66.92 107.66 13.27
CA THR A 252 -66.32 107.57 14.55
C THR A 252 -67.23 108.19 15.60
N ILE A 253 -68.19 107.40 16.04
CA ILE A 253 -69.13 107.86 17.03
C ILE A 253 -68.48 107.74 18.39
N GLU A 254 -68.99 108.47 19.32
CA GLU A 254 -68.40 108.53 20.62
C GLU A 254 -68.60 107.24 21.40
N GLU A 255 -67.54 106.82 22.06
CA GLU A 255 -67.56 105.70 22.93
C GLU A 255 -67.43 106.21 24.34
N VAL A 256 -68.56 106.44 24.95
CA VAL A 256 -68.64 107.05 26.25
C VAL A 256 -68.61 105.97 27.33
N ASP A 257 -68.00 106.30 28.44
CA ASP A 257 -67.92 105.43 29.59
C ASP A 257 -69.23 105.46 30.37
N SER A 1 -31.08 -2.03 15.78
CA SER A 1 -31.12 -1.10 14.68
C SER A 1 -29.70 -0.71 14.30
N GLU A 2 -29.38 -0.81 13.04
CA GLU A 2 -28.10 -0.43 12.54
C GLU A 2 -28.03 1.06 12.39
N ASN A 3 -27.06 1.66 12.99
CA ASN A 3 -26.95 3.10 13.01
C ASN A 3 -25.54 3.49 13.39
N VAL A 4 -24.87 4.20 12.53
CA VAL A 4 -23.59 4.75 12.87
C VAL A 4 -23.82 6.09 13.60
N GLN A 5 -24.04 5.98 14.89
CA GLN A 5 -24.38 7.10 15.71
C GLN A 5 -23.09 7.83 16.12
N ASP A 6 -23.15 9.15 16.10
CA ASP A 6 -22.03 10.04 16.41
C ASP A 6 -20.97 10.04 15.36
N LEU A 7 -21.25 10.69 14.28
CA LEU A 7 -20.33 10.84 13.19
C LEU A 7 -19.36 11.97 13.43
N LEU A 8 -18.57 11.82 14.45
CA LEU A 8 -17.52 12.76 14.74
C LEU A 8 -16.26 12.23 14.18
N LEU A 9 -15.96 12.61 12.98
CA LEU A 9 -14.77 12.16 12.35
C LEU A 9 -13.63 13.06 12.71
N LEU A 10 -12.81 12.58 13.61
CA LEU A 10 -11.65 13.28 14.02
C LEU A 10 -10.66 13.24 12.90
N ASP A 11 -9.98 14.33 12.68
CA ASP A 11 -9.06 14.46 11.58
C ASP A 11 -7.73 13.91 11.95
N VAL A 12 -7.72 12.64 12.13
CA VAL A 12 -6.55 11.90 12.46
C VAL A 12 -6.52 10.69 11.56
N ALA A 13 -5.52 9.90 11.69
CA ALA A 13 -5.47 8.66 10.98
C ALA A 13 -5.98 7.57 11.92
N PRO A 14 -6.88 6.67 11.45
CA PRO A 14 -7.42 5.58 12.28
C PRO A 14 -6.33 4.56 12.59
N LEU A 15 -5.51 4.32 11.58
CA LEU A 15 -4.33 3.51 11.63
C LEU A 15 -3.27 4.30 10.94
N SER A 16 -2.03 3.98 11.15
CA SER A 16 -0.97 4.69 10.53
C SER A 16 -0.84 4.29 9.07
N LEU A 17 -0.41 5.21 8.24
CA LEU A 17 -0.18 4.93 6.85
C LEU A 17 1.26 4.97 6.53
N GLY A 18 1.67 4.08 5.68
CA GLY A 18 3.06 3.93 5.42
C GLY A 18 3.36 3.14 4.18
N LEU A 19 4.62 2.81 4.04
CA LEU A 19 5.14 2.13 2.88
C LEU A 19 5.59 0.74 3.26
N GLU A 20 5.62 -0.15 2.31
CA GLU A 20 6.14 -1.47 2.53
C GLU A 20 7.67 -1.44 2.35
N THR A 21 8.36 -1.57 3.44
CA THR A 21 9.79 -1.57 3.46
C THR A 21 10.38 -2.98 3.40
N ALA A 22 11.71 -3.06 3.24
CA ALA A 22 12.46 -4.31 3.10
C ALA A 22 12.15 -5.28 4.21
N GLY A 23 11.75 -6.48 3.81
CA GLY A 23 11.41 -7.49 4.77
C GLY A 23 9.92 -7.57 4.97
N GLY A 24 9.20 -6.71 4.31
CA GLY A 24 7.77 -6.66 4.48
C GLY A 24 7.46 -5.96 5.77
N VAL A 25 8.21 -4.93 6.03
CA VAL A 25 8.10 -4.14 7.23
C VAL A 25 7.24 -2.92 6.95
N MET A 26 6.43 -2.54 7.89
CA MET A 26 5.53 -1.42 7.72
C MET A 26 6.17 -0.17 8.31
N THR A 27 6.61 0.73 7.47
CA THR A 27 7.17 1.98 7.94
C THR A 27 6.18 3.10 7.66
N ALA A 28 5.61 3.65 8.72
CA ALA A 28 4.56 4.65 8.62
C ALA A 28 5.11 6.07 8.61
N LEU A 29 4.43 6.94 7.91
CA LEU A 29 4.80 8.35 7.86
C LEU A 29 3.72 9.24 8.49
N ILE A 30 2.51 8.76 8.50
CA ILE A 30 1.46 9.44 9.25
C ILE A 30 1.00 8.47 10.29
N LYS A 31 1.18 8.84 11.54
CA LYS A 31 0.88 7.97 12.64
C LYS A 31 -0.60 8.11 12.99
N ARG A 32 -1.19 7.06 13.49
CA ARG A 32 -2.58 7.10 13.86
C ARG A 32 -2.77 7.98 15.08
N ASN A 33 -3.97 8.57 15.19
CA ASN A 33 -4.33 9.53 16.26
C ASN A 33 -3.62 10.87 16.09
N SER A 34 -2.82 10.98 15.07
CA SER A 34 -2.12 12.20 14.80
C SER A 34 -3.01 13.05 13.90
N THR A 35 -3.32 14.23 14.35
CA THR A 35 -4.16 15.16 13.66
C THR A 35 -3.55 15.65 12.35
N ILE A 36 -4.26 15.41 11.29
CA ILE A 36 -3.86 15.83 9.97
C ILE A 36 -4.32 17.27 9.75
N PRO A 37 -3.83 18.02 8.74
CA PRO A 37 -2.85 17.55 7.73
C PRO A 37 -1.52 17.13 8.31
N THR A 38 -0.92 16.14 7.72
CA THR A 38 0.36 15.70 8.12
C THR A 38 1.16 15.32 6.89
N LYS A 39 2.42 15.61 6.94
CA LYS A 39 3.32 15.37 5.88
C LYS A 39 4.72 15.01 6.38
N GLN A 40 5.17 13.85 6.02
CA GLN A 40 6.53 13.46 6.31
C GLN A 40 7.27 13.11 5.05
N THR A 41 8.42 13.67 4.94
CA THR A 41 9.31 13.40 3.86
C THR A 41 10.53 12.73 4.43
N GLN A 42 10.79 11.52 4.02
CA GLN A 42 11.92 10.79 4.51
C GLN A 42 12.70 10.23 3.35
N ILE A 43 13.97 9.98 3.56
CA ILE A 43 14.81 9.38 2.55
C ILE A 43 14.69 7.88 2.63
N PHE A 44 14.37 7.28 1.52
CA PHE A 44 14.27 5.87 1.41
C PHE A 44 15.30 5.35 0.42
N THR A 45 15.79 4.19 0.70
CA THR A 45 16.78 3.51 -0.09
C THR A 45 16.20 2.15 -0.46
N THR A 46 16.83 1.42 -1.31
CA THR A 46 16.35 0.13 -1.64
C THR A 46 17.28 -0.98 -1.15
N TYR A 47 16.72 -2.03 -0.58
CA TYR A 47 17.51 -3.24 -0.33
C TYR A 47 17.23 -4.21 -1.43
N SER A 48 16.32 -3.81 -2.27
CA SER A 48 15.98 -4.51 -3.43
C SER A 48 17.04 -4.21 -4.51
N ASP A 49 17.85 -5.20 -4.74
CA ASP A 49 19.00 -5.09 -5.61
C ASP A 49 18.65 -5.01 -7.07
N ASN A 50 19.28 -4.04 -7.73
CA ASN A 50 19.24 -3.86 -9.18
C ASN A 50 17.86 -3.52 -9.70
N GLN A 51 17.08 -2.86 -8.88
CA GLN A 51 15.76 -2.44 -9.26
C GLN A 51 15.85 -1.10 -9.99
N PRO A 52 15.40 -1.04 -11.26
CA PRO A 52 15.37 0.22 -12.02
C PRO A 52 14.12 1.04 -11.69
N GLY A 53 13.32 0.49 -10.81
CA GLY A 53 12.12 1.09 -10.40
C GLY A 53 11.53 0.31 -9.29
N VAL A 54 10.86 0.97 -8.40
CA VAL A 54 10.26 0.34 -7.25
C VAL A 54 8.78 0.65 -7.19
N LEU A 55 8.07 -0.09 -6.38
CA LEU A 55 6.66 0.07 -6.22
C LEU A 55 6.37 0.59 -4.84
N ILE A 56 5.84 1.78 -4.78
CA ILE A 56 5.51 2.37 -3.52
C ILE A 56 4.11 1.95 -3.19
N GLN A 57 4.02 0.90 -2.43
CA GLN A 57 2.76 0.44 -1.97
C GLN A 57 2.47 0.88 -0.57
N VAL A 58 1.41 1.64 -0.48
CA VAL A 58 0.98 2.29 0.75
C VAL A 58 0.00 1.38 1.47
N TYR A 59 0.19 1.26 2.75
CA TYR A 59 -0.68 0.47 3.57
C TYR A 59 -1.21 1.28 4.73
N GLU A 60 -2.35 0.87 5.19
CA GLU A 60 -3.03 1.41 6.35
C GLU A 60 -3.06 0.32 7.39
N GLY A 61 -2.45 0.58 8.50
CA GLY A 61 -2.43 -0.38 9.55
C GLY A 61 -1.25 -0.18 10.43
N GLU A 62 -1.17 -0.93 11.49
CA GLU A 62 -0.05 -0.85 12.39
C GLU A 62 0.36 -2.23 12.88
N ARG A 63 1.42 -2.71 12.34
CA ARG A 63 2.10 -3.91 12.74
C ARG A 63 3.52 -3.73 12.29
N ALA A 64 4.41 -4.59 12.72
CA ALA A 64 5.79 -4.54 12.30
C ALA A 64 5.90 -4.96 10.85
N MET A 65 5.02 -5.85 10.46
CA MET A 65 4.98 -6.41 9.13
C MET A 65 3.75 -5.93 8.39
N THR A 66 3.93 -5.54 7.16
CA THR A 66 2.90 -4.89 6.35
C THR A 66 1.84 -5.86 5.79
N LYS A 67 2.10 -7.16 5.85
CA LYS A 67 1.22 -8.14 5.18
C LYS A 67 -0.19 -8.16 5.79
N ASP A 68 -0.29 -7.81 7.04
CA ASP A 68 -1.56 -7.84 7.76
C ASP A 68 -2.26 -6.49 7.74
N ASN A 69 -1.82 -5.60 6.88
CA ASN A 69 -2.39 -4.28 6.81
C ASN A 69 -3.26 -4.11 5.57
N ASN A 70 -3.91 -2.98 5.43
CA ASN A 70 -4.78 -2.73 4.29
C ASN A 70 -3.99 -2.07 3.19
N LEU A 71 -4.07 -2.60 1.99
CA LEU A 71 -3.40 -1.99 0.87
C LEU A 71 -4.20 -0.77 0.44
N LEU A 72 -3.64 0.38 0.69
CA LEU A 72 -4.32 1.63 0.47
C LEU A 72 -4.21 2.04 -1.00
N GLY A 73 -3.02 1.99 -1.54
CA GLY A 73 -2.81 2.36 -2.92
C GLY A 73 -1.38 2.13 -3.31
N ARG A 74 -1.09 2.12 -4.59
CA ARG A 74 0.26 1.87 -5.07
C ARG A 74 0.56 2.74 -6.27
N PHE A 75 1.81 3.03 -6.49
CA PHE A 75 2.28 3.68 -7.69
C PHE A 75 3.73 3.30 -7.87
N GLU A 76 4.22 3.40 -9.06
CA GLU A 76 5.57 2.97 -9.33
C GLU A 76 6.47 4.17 -9.52
N LEU A 77 7.69 4.04 -9.14
CA LEU A 77 8.68 5.03 -9.44
C LEU A 77 9.80 4.34 -10.16
N SER A 78 9.86 4.54 -11.43
CA SER A 78 10.84 3.93 -12.23
C SER A 78 11.76 4.97 -12.85
N GLY A 79 12.97 4.57 -13.14
CA GLY A 79 13.97 5.48 -13.65
C GLY A 79 15.11 5.59 -12.68
N ILE A 80 15.03 4.79 -11.63
CA ILE A 80 16.01 4.77 -10.57
C ILE A 80 17.22 3.95 -11.02
N PRO A 81 18.45 4.47 -10.87
CA PRO A 81 19.68 3.73 -11.18
C PRO A 81 19.76 2.41 -10.39
N PRO A 82 19.79 1.26 -11.10
CA PRO A 82 19.81 -0.06 -10.46
C PRO A 82 21.09 -0.30 -9.66
N ALA A 83 20.96 -0.37 -8.37
CA ALA A 83 22.07 -0.60 -7.49
C ALA A 83 21.69 -1.70 -6.48
N PRO A 84 22.69 -2.36 -5.82
CA PRO A 84 22.40 -3.41 -4.80
C PRO A 84 21.80 -2.83 -3.54
N ARG A 85 22.04 -1.57 -3.34
CA ARG A 85 21.52 -0.84 -2.24
C ARG A 85 21.13 0.52 -2.72
N GLY A 86 20.40 1.24 -1.92
CA GLY A 86 19.91 2.53 -2.31
C GLY A 86 20.96 3.61 -2.32
N VAL A 87 21.72 3.65 -3.38
CA VAL A 87 22.61 4.76 -3.62
C VAL A 87 21.74 6.00 -3.98
N PRO A 88 20.68 5.87 -4.86
CA PRO A 88 19.73 6.96 -5.08
C PRO A 88 18.88 7.15 -3.82
N GLN A 89 18.91 8.33 -3.28
CA GLN A 89 18.10 8.65 -2.15
C GLN A 89 16.72 9.02 -2.64
N ILE A 90 15.75 8.23 -2.29
CA ILE A 90 14.42 8.49 -2.73
C ILE A 90 13.73 9.35 -1.69
N GLU A 91 13.32 10.50 -2.10
CA GLU A 91 12.68 11.45 -1.26
C GLU A 91 11.18 11.18 -1.34
N VAL A 92 10.62 10.57 -0.33
CA VAL A 92 9.21 10.26 -0.36
C VAL A 92 8.46 11.13 0.62
N THR A 93 7.57 11.92 0.10
CA THR A 93 6.74 12.76 0.88
C THR A 93 5.33 12.18 0.95
N PHE A 94 4.91 11.83 2.14
CA PHE A 94 3.55 11.44 2.41
C PHE A 94 2.84 12.66 2.94
N ASP A 95 1.99 13.23 2.13
CA ASP A 95 1.29 14.44 2.48
C ASP A 95 -0.20 14.22 2.45
N ILE A 96 -0.80 14.30 3.61
CA ILE A 96 -2.23 14.17 3.76
C ILE A 96 -2.80 15.52 4.10
N ASP A 97 -3.67 16.06 3.26
CA ASP A 97 -4.29 17.36 3.52
C ASP A 97 -5.53 17.18 4.40
N ALA A 98 -6.23 18.29 4.67
CA ALA A 98 -7.39 18.31 5.56
C ALA A 98 -8.57 17.43 5.09
N ASN A 99 -8.60 17.08 3.82
CA ASN A 99 -9.66 16.21 3.31
C ASN A 99 -9.34 14.77 3.61
N GLY A 100 -8.07 14.49 3.79
CA GLY A 100 -7.63 13.13 3.98
C GLY A 100 -7.07 12.56 2.70
N ILE A 101 -6.77 13.45 1.78
CA ILE A 101 -6.21 13.06 0.52
C ILE A 101 -4.73 12.83 0.68
N LEU A 102 -4.32 11.62 0.40
CA LEU A 102 -2.95 11.25 0.51
C LEU A 102 -2.24 11.48 -0.80
N ASN A 103 -1.32 12.37 -0.77
CA ASN A 103 -0.51 12.67 -1.91
C ASN A 103 0.86 12.14 -1.64
N VAL A 104 1.17 11.02 -2.21
CA VAL A 104 2.47 10.44 -2.02
C VAL A 104 3.35 10.90 -3.16
N THR A 105 4.33 11.67 -2.83
CA THR A 105 5.21 12.21 -3.82
C THR A 105 6.60 11.59 -3.65
N ALA A 106 7.01 10.77 -4.59
CA ALA A 106 8.31 10.16 -4.53
C ALA A 106 9.21 10.79 -5.56
N THR A 107 10.26 11.40 -5.09
CA THR A 107 11.19 12.07 -5.95
C THR A 107 12.59 11.47 -5.82
N ASP A 108 13.15 11.14 -6.94
CA ASP A 108 14.49 10.63 -7.04
C ASP A 108 15.51 11.74 -6.92
N LYS A 109 16.28 11.69 -5.87
CA LYS A 109 17.36 12.62 -5.68
C LYS A 109 18.52 12.44 -6.68
N SER A 110 18.64 11.25 -7.29
CA SER A 110 19.82 10.98 -8.12
C SER A 110 19.73 11.59 -9.54
N THR A 111 18.76 11.18 -10.32
CA THR A 111 18.61 11.69 -11.66
C THR A 111 17.59 12.83 -11.68
N GLY A 112 16.63 12.74 -10.79
CA GLY A 112 15.66 13.81 -10.65
C GLY A 112 14.30 13.48 -11.22
N LYS A 113 13.90 12.25 -11.13
CA LYS A 113 12.58 11.85 -11.59
C LYS A 113 11.60 11.78 -10.46
N ALA A 114 10.35 11.99 -10.74
CA ALA A 114 9.35 12.02 -9.71
C ALA A 114 8.02 11.51 -10.19
N ASN A 115 7.36 10.77 -9.36
CA ASN A 115 6.01 10.30 -9.59
C ASN A 115 5.26 10.50 -8.33
N LYS A 116 4.05 10.92 -8.42
CA LYS A 116 3.25 11.12 -7.28
C LYS A 116 1.84 10.65 -7.55
N ILE A 117 1.19 10.20 -6.54
CA ILE A 117 -0.17 9.75 -6.69
C ILE A 117 -1.05 10.57 -5.77
N THR A 118 -2.25 10.76 -6.18
CA THR A 118 -3.22 11.47 -5.42
C THR A 118 -4.32 10.51 -5.02
N ILE A 119 -4.43 10.22 -3.77
CA ILE A 119 -5.41 9.28 -3.32
C ILE A 119 -6.48 9.98 -2.49
N THR A 120 -7.57 10.28 -3.12
CA THR A 120 -8.72 10.79 -2.43
C THR A 120 -9.56 9.58 -2.07
N ASN A 121 -9.48 9.18 -0.83
CA ASN A 121 -10.17 7.99 -0.36
C ASN A 121 -10.30 8.06 1.13
N ASP A 122 -11.50 7.88 1.63
CA ASP A 122 -11.71 7.93 3.05
C ASP A 122 -11.46 6.59 3.69
N LYS A 123 -10.20 6.40 4.06
CA LYS A 123 -9.67 5.23 4.77
C LYS A 123 -9.64 3.98 3.85
N GLY A 124 -8.83 3.00 4.24
CA GLY A 124 -8.71 1.77 3.48
C GLY A 124 -9.99 0.98 3.55
N ARG A 125 -10.55 0.90 4.75
CA ARG A 125 -11.85 0.28 5.03
C ARG A 125 -11.84 -1.25 4.84
N LEU A 126 -11.91 -1.68 3.59
CA LEU A 126 -11.97 -3.09 3.16
C LEU A 126 -13.14 -3.85 3.78
N SER A 127 -12.93 -4.40 4.94
CA SER A 127 -13.92 -5.20 5.60
C SER A 127 -14.37 -4.54 6.88
N LYS A 128 -13.59 -3.51 7.31
CA LYS A 128 -13.71 -2.85 8.63
C LYS A 128 -13.14 -3.76 9.75
N GLU A 129 -13.10 -5.06 9.48
CA GLU A 129 -12.65 -6.04 10.44
C GLU A 129 -11.13 -5.97 10.56
N GLU A 130 -10.44 -5.79 9.44
CA GLU A 130 -8.99 -5.62 9.47
C GLU A 130 -8.62 -4.38 10.24
N ILE A 131 -9.42 -3.32 10.06
CA ILE A 131 -9.23 -2.08 10.79
C ILE A 131 -9.27 -2.35 12.29
N GLU A 132 -10.33 -3.05 12.72
CA GLU A 132 -10.53 -3.40 14.07
C GLU A 132 -9.35 -4.21 14.62
N ARG A 133 -8.91 -5.20 13.82
CA ARG A 133 -7.78 -6.04 14.21
C ARG A 133 -6.54 -5.23 14.41
N MET A 134 -6.25 -4.35 13.46
CA MET A 134 -5.02 -3.58 13.50
C MET A 134 -5.02 -2.62 14.65
N VAL A 135 -6.16 -2.06 14.95
CA VAL A 135 -6.31 -1.17 16.10
C VAL A 135 -5.96 -1.93 17.37
N GLN A 136 -6.64 -3.05 17.58
CA GLN A 136 -6.47 -3.85 18.78
C GLN A 136 -5.06 -4.41 18.89
N GLU A 137 -4.57 -4.95 17.78
CA GLU A 137 -3.24 -5.55 17.73
C GLU A 137 -2.17 -4.51 17.95
N ALA A 138 -2.34 -3.32 17.36
CA ALA A 138 -1.38 -2.24 17.53
C ALA A 138 -1.26 -1.86 18.98
N GLU A 139 -2.39 -1.75 19.66
CA GLU A 139 -2.44 -1.39 21.08
C GLU A 139 -1.65 -2.39 21.92
N LYS A 140 -1.77 -3.64 21.56
CA LYS A 140 -1.10 -4.72 22.25
C LYS A 140 0.39 -4.73 21.94
N TYR A 141 0.70 -4.66 20.67
CA TYR A 141 2.05 -4.81 20.18
C TYR A 141 2.76 -3.47 19.91
N LYS A 142 2.28 -2.39 20.54
CA LYS A 142 2.91 -1.04 20.43
C LYS A 142 4.42 -1.04 20.53
N ALA A 143 4.95 -1.52 21.62
CA ALA A 143 6.37 -1.54 21.80
C ALA A 143 7.00 -2.62 20.94
N GLU A 144 6.40 -3.81 20.99
CA GLU A 144 6.93 -4.98 20.30
C GLU A 144 7.10 -4.76 18.81
N ASP A 145 6.05 -4.38 18.15
CA ASP A 145 6.06 -4.28 16.70
C ASP A 145 6.73 -3.05 16.21
N GLU A 146 6.54 -1.94 16.90
CA GLU A 146 7.15 -0.71 16.42
C GLU A 146 8.67 -0.72 16.59
N VAL A 147 9.18 -1.37 17.64
CA VAL A 147 10.63 -1.52 17.82
C VAL A 147 11.15 -2.54 16.79
N GLN A 148 10.42 -3.66 16.62
CA GLN A 148 10.76 -4.69 15.60
C GLN A 148 10.91 -4.05 14.23
N ARG A 149 9.90 -3.28 13.86
CA ARG A 149 9.89 -2.54 12.61
C ARG A 149 11.13 -1.66 12.45
N GLU A 150 11.39 -0.85 13.47
CA GLU A 150 12.43 0.14 13.44
C GLU A 150 13.80 -0.52 13.32
N ARG A 151 13.98 -1.63 14.01
CA ARG A 151 15.22 -2.39 13.98
C ARG A 151 15.53 -2.95 12.59
N VAL A 152 14.51 -3.16 11.79
CA VAL A 152 14.72 -3.69 10.45
C VAL A 152 14.96 -2.56 9.48
N SER A 153 14.22 -1.48 9.67
CA SER A 153 14.34 -0.31 8.83
C SER A 153 15.65 0.44 9.11
N ALA A 154 16.70 -0.04 8.54
CA ALA A 154 17.98 0.59 8.62
C ALA A 154 18.19 1.34 7.33
N LYS A 155 18.44 2.65 7.45
CA LYS A 155 18.65 3.53 6.29
C LYS A 155 17.33 3.68 5.48
N ASN A 156 16.22 3.20 6.08
CA ASN A 156 14.87 3.15 5.47
C ASN A 156 14.88 2.60 4.07
N ALA A 157 14.80 1.30 3.96
CA ALA A 157 14.91 0.68 2.68
C ALA A 157 13.62 0.01 2.28
N LEU A 158 13.22 0.24 1.07
CA LEU A 158 12.00 -0.31 0.52
C LEU A 158 12.25 -1.61 -0.18
N GLU A 159 11.22 -2.43 -0.22
CA GLU A 159 11.24 -3.66 -0.94
C GLU A 159 10.55 -3.37 -2.27
N SER A 160 10.55 -4.28 -3.19
CA SER A 160 9.99 -3.99 -4.46
C SER A 160 8.85 -4.98 -4.79
N TYR A 161 8.41 -4.92 -6.03
CA TYR A 161 7.32 -5.74 -6.55
C TYR A 161 7.67 -7.23 -6.64
N ALA A 162 7.44 -7.92 -5.58
CA ALA A 162 7.69 -9.33 -5.54
C ALA A 162 6.49 -10.08 -6.03
N PHE A 163 6.49 -10.44 -7.29
CA PHE A 163 5.41 -11.17 -7.86
C PHE A 163 5.68 -12.66 -7.72
N ASN A 164 6.89 -13.04 -8.15
CA ASN A 164 7.38 -14.44 -8.15
C ASN A 164 6.59 -15.29 -9.14
N MET A 165 5.35 -15.60 -8.77
CA MET A 165 4.38 -16.30 -9.60
C MET A 165 4.83 -17.70 -10.03
N LYS A 166 5.61 -18.35 -9.20
CA LYS A 166 5.97 -19.72 -9.48
C LYS A 166 5.09 -20.61 -8.65
N SER A 167 3.98 -21.01 -9.18
CA SER A 167 3.10 -21.90 -8.45
C SER A 167 3.72 -23.31 -8.41
N ALA A 168 3.91 -23.88 -9.60
CA ALA A 168 4.47 -25.23 -9.80
C ALA A 168 3.63 -26.31 -9.12
N VAL A 169 3.83 -26.46 -7.80
CA VAL A 169 3.15 -27.41 -6.93
C VAL A 169 2.97 -28.79 -7.57
N GLU A 170 4.05 -29.54 -7.56
CA GLU A 170 4.08 -30.86 -8.18
C GLU A 170 3.23 -31.86 -7.41
N ASP A 171 3.51 -32.01 -6.13
CA ASP A 171 2.78 -32.98 -5.31
C ASP A 171 1.92 -32.27 -4.32
N GLU A 172 0.78 -32.87 -4.03
CA GLU A 172 -0.11 -32.36 -3.01
C GLU A 172 -0.58 -33.49 -2.10
N GLY A 173 -0.95 -34.62 -2.68
CA GLY A 173 -1.43 -35.72 -1.88
C GLY A 173 -1.53 -36.99 -2.68
N LEU A 174 -2.06 -38.05 -2.05
CA LEU A 174 -2.25 -39.39 -2.67
C LEU A 174 -0.92 -39.99 -3.11
N LYS A 175 0.16 -39.55 -2.50
CA LYS A 175 1.48 -39.97 -2.92
C LYS A 175 2.07 -41.00 -1.97
N GLY A 176 1.82 -42.27 -2.27
CA GLY A 176 2.40 -43.40 -1.54
C GLY A 176 1.84 -43.64 -0.15
N LYS A 177 1.93 -42.63 0.68
CA LYS A 177 1.50 -42.67 2.05
C LYS A 177 0.01 -42.84 2.16
N ILE A 178 -0.41 -43.60 3.13
CA ILE A 178 -1.80 -43.74 3.44
C ILE A 178 -2.09 -42.78 4.57
N SER A 179 -1.38 -42.98 5.68
CA SER A 179 -1.46 -42.15 6.88
C SER A 179 -2.92 -41.92 7.30
N GLU A 180 -3.51 -42.91 7.93
CA GLU A 180 -4.89 -42.80 8.31
C GLU A 180 -5.16 -43.65 9.53
N ALA A 181 -5.71 -43.01 10.55
CA ALA A 181 -6.11 -43.62 11.81
C ALA A 181 -4.91 -44.05 12.65
N ASP A 182 -4.35 -45.22 12.34
CA ASP A 182 -3.20 -45.83 13.06
C ASP A 182 -3.55 -46.15 14.51
N LYS A 183 -3.70 -47.43 14.80
CA LYS A 183 -4.04 -47.92 16.13
C LYS A 183 -2.95 -47.51 17.13
N LYS A 184 -3.35 -46.78 18.15
CA LYS A 184 -2.41 -46.30 19.14
C LYS A 184 -2.84 -46.77 20.51
N LYS A 185 -1.86 -47.23 21.28
CA LYS A 185 -2.04 -47.75 22.66
C LYS A 185 -2.87 -49.03 22.72
N VAL A 186 -2.96 -49.56 23.91
CA VAL A 186 -3.83 -50.67 24.23
C VAL A 186 -4.84 -50.14 25.19
N LEU A 187 -5.98 -50.74 25.27
CA LEU A 187 -7.03 -50.18 26.09
C LEU A 187 -7.45 -51.07 27.23
N ASP A 188 -6.90 -52.26 27.30
CA ASP A 188 -7.35 -53.16 28.35
C ASP A 188 -6.29 -54.12 28.87
N LYS A 189 -5.71 -54.94 27.99
CA LYS A 189 -4.80 -56.03 28.39
C LYS A 189 -5.52 -57.01 29.31
N SMC A 190 -6.83 -57.08 29.15
CA SMC A 190 -7.66 -57.93 29.95
CB SMC A 190 -9.06 -57.35 30.14
SG SMC A 190 -9.12 -55.74 30.94
C SMC A 190 -7.74 -59.28 29.29
O SMC A 190 -8.57 -59.52 28.42
H SMC A 190 -7.25 -56.56 28.42
HA SMC A 190 -7.19 -58.04 30.92
HB2 SMC A 190 -9.65 -58.04 30.74
HB3 SMC A 190 -9.53 -57.26 29.17
N GLN A 191 -6.82 -60.12 29.65
CA GLN A 191 -6.79 -61.44 29.10
C GLN A 191 -7.69 -62.32 29.95
N GLU A 192 -9.00 -62.23 29.65
CA GLU A 192 -10.07 -62.93 30.37
C GLU A 192 -10.25 -62.37 31.79
N VAL A 193 -11.44 -62.49 32.33
CA VAL A 193 -11.61 -62.12 33.71
C VAL A 193 -11.33 -63.36 34.57
N ILE A 194 -10.06 -63.63 34.70
CA ILE A 194 -9.61 -64.80 35.38
C ILE A 194 -9.76 -64.70 36.86
N SER A 195 -10.16 -65.79 37.43
CA SER A 195 -10.22 -65.93 38.85
C SER A 195 -8.89 -66.55 39.25
N TRP A 196 -8.27 -66.05 40.28
CA TRP A 196 -6.96 -66.53 40.62
C TRP A 196 -7.06 -67.85 41.38
N LEU A 197 -6.50 -68.87 40.79
CA LEU A 197 -6.60 -70.23 41.29
C LEU A 197 -5.24 -70.72 41.79
N ASP A 198 -5.14 -72.03 41.95
CA ASP A 198 -3.93 -72.78 42.36
C ASP A 198 -3.55 -72.57 43.80
N ALA A 199 -3.18 -71.36 44.15
CA ALA A 199 -2.74 -71.07 45.50
C ALA A 199 -3.89 -71.16 46.47
N ASN A 200 -5.04 -70.69 46.04
CA ASN A 200 -6.22 -70.76 46.85
C ASN A 200 -6.93 -72.06 46.60
N THR A 201 -6.79 -72.96 47.52
CA THR A 201 -7.45 -74.23 47.47
C THR A 201 -7.96 -74.53 48.87
N LEU A 202 -9.04 -73.87 49.24
CA LEU A 202 -9.57 -73.98 50.57
C LEU A 202 -10.65 -75.02 50.70
N ALA A 203 -10.44 -75.85 51.69
CA ALA A 203 -11.28 -76.95 52.12
C ALA A 203 -10.51 -77.53 53.28
N GLU A 204 -9.93 -76.61 54.05
CA GLU A 204 -8.93 -76.96 55.01
C GLU A 204 -9.21 -76.30 56.35
N LYS A 205 -8.72 -76.93 57.38
CA LYS A 205 -8.83 -76.55 58.77
C LYS A 205 -7.82 -77.45 59.42
N ASP A 206 -7.54 -77.35 60.70
CA ASP A 206 -6.62 -78.29 61.31
C ASP A 206 -7.25 -79.66 61.39
N GLU A 207 -6.91 -80.42 60.41
CA GLU A 207 -7.38 -81.74 60.21
C GLU A 207 -6.44 -82.29 59.18
N PHE A 208 -5.56 -83.17 59.59
CA PHE A 208 -4.55 -83.66 58.71
C PHE A 208 -5.15 -84.49 57.60
N GLU A 209 -6.02 -85.37 57.96
CA GLU A 209 -6.61 -86.27 57.01
C GLU A 209 -7.91 -85.75 56.45
N HIS A 210 -7.82 -85.12 55.31
CA HIS A 210 -9.00 -84.79 54.54
C HIS A 210 -9.05 -85.72 53.38
N LYS A 211 -7.98 -85.72 52.63
CA LYS A 211 -7.89 -86.51 51.46
C LYS A 211 -7.14 -87.80 51.72
N ARG A 212 -7.77 -88.66 52.48
CA ARG A 212 -7.26 -90.00 52.72
C ARG A 212 -7.82 -90.86 51.62
N LYS A 213 -7.09 -90.97 50.55
CA LYS A 213 -7.55 -91.69 49.41
C LYS A 213 -6.69 -92.87 49.06
N GLU A 214 -6.90 -93.93 49.79
CA GLU A 214 -6.18 -95.15 49.57
C GLU A 214 -7.15 -96.28 49.25
N LEU A 215 -7.85 -96.76 50.25
CA LEU A 215 -8.76 -97.87 50.03
C LEU A 215 -10.18 -97.41 49.81
N GLU A 216 -10.46 -96.99 48.61
CA GLU A 216 -11.81 -96.67 48.21
C GLU A 216 -12.05 -97.41 46.92
N GLN A 217 -11.32 -97.03 45.91
CA GLN A 217 -11.38 -97.67 44.62
C GLN A 217 -10.49 -98.91 44.65
N VAL A 218 -11.10 -100.05 44.51
CA VAL A 218 -10.36 -101.28 44.50
C VAL A 218 -9.90 -101.56 43.08
N SMC A 219 -8.75 -101.05 42.75
CA SMC A 219 -8.18 -101.22 41.42
CB SMC A 219 -7.44 -99.94 41.03
SG SMC A 219 -6.17 -99.41 42.22
C SMC A 219 -7.25 -102.41 41.41
O SMC A 219 -6.72 -102.79 40.36
H SMC A 219 -8.26 -100.53 43.42
HA SMC A 219 -8.98 -101.38 40.73
HB2 SMC A 219 -8.15 -99.13 40.93
HB3 SMC A 219 -6.94 -100.10 40.07
N ASN A 220 -7.08 -103.00 42.56
CA ASN A 220 -6.21 -104.13 42.76
C ASN A 220 -6.92 -105.41 42.31
N PRO A 221 -6.20 -106.43 41.83
CA PRO A 221 -6.82 -107.68 41.38
C PRO A 221 -7.12 -108.62 42.54
N ILE A 222 -6.66 -108.23 43.74
CA ILE A 222 -6.80 -109.00 44.98
C ILE A 222 -5.88 -110.22 44.95
N ILE A 223 -6.15 -111.14 44.03
CA ILE A 223 -5.34 -112.32 43.79
C ILE A 223 -5.33 -112.52 42.28
N SER A 224 -4.17 -112.42 41.68
CA SER A 224 -4.03 -112.52 40.25
C SER A 224 -4.31 -113.95 39.75
N GLY A 225 -5.43 -114.11 39.07
CA GLY A 225 -5.82 -115.39 38.52
C GLY A 225 -6.84 -116.07 39.40
N LEU A 226 -6.84 -115.70 40.66
CA LEU A 226 -7.70 -116.22 41.71
C LEU A 226 -7.51 -117.72 41.96
N TYR A 227 -8.10 -118.54 41.11
CA TYR A 227 -8.20 -119.98 41.29
C TYR A 227 -8.98 -120.26 42.57
N GLN A 228 -10.26 -120.40 42.38
CA GLN A 228 -11.26 -120.46 43.44
C GLN A 228 -11.05 -121.65 44.38
N GLY A 229 -10.59 -122.74 43.84
CA GLY A 229 -10.35 -123.91 44.62
C GLY A 229 -10.06 -125.06 43.73
N ALA A 230 -10.05 -126.26 44.28
CA ALA A 230 -9.75 -127.46 43.51
C ALA A 230 -10.98 -127.96 42.77
N GLY A 231 -12.12 -127.42 43.14
CA GLY A 231 -13.36 -127.78 42.51
C GLY A 231 -14.50 -127.25 43.32
N GLY A 232 -15.70 -127.41 42.82
CA GLY A 232 -16.85 -126.94 43.55
C GLY A 232 -18.02 -127.93 43.57
N PRO A 233 -17.87 -129.12 44.18
CA PRO A 233 -18.95 -130.09 44.30
C PRO A 233 -19.56 -130.08 45.71
N GLY A 234 -19.31 -129.02 46.46
CA GLY A 234 -19.79 -128.92 47.81
C GLY A 234 -21.22 -128.44 47.85
N PRO A 235 -21.92 -128.59 49.00
CA PRO A 235 -23.35 -128.21 49.15
C PRO A 235 -23.62 -126.71 48.99
N GLY A 236 -22.57 -125.89 48.98
CA GLY A 236 -22.74 -124.46 48.82
C GLY A 236 -23.24 -124.11 47.43
N GLY A 237 -24.54 -123.94 47.31
CA GLY A 237 -25.15 -123.62 46.03
C GLY A 237 -25.61 -124.87 45.30
N PHE A 238 -24.80 -125.90 45.37
CA PHE A 238 -25.08 -127.18 44.74
C PHE A 238 -26.05 -127.98 45.61
N GLY A 239 -26.17 -127.59 46.85
CA GLY A 239 -27.04 -128.24 47.78
C GLY A 239 -28.06 -127.29 48.33
N ALA A 240 -29.30 -127.48 47.96
CA ALA A 240 -30.37 -126.64 48.45
C ALA A 240 -30.69 -127.02 49.89
N GLN A 241 -30.52 -126.09 50.79
CA GLN A 241 -30.78 -126.35 52.18
C GLN A 241 -31.87 -125.45 52.69
N GLY A 242 -33.04 -126.00 52.89
CA GLY A 242 -34.13 -125.25 53.44
C GLY A 242 -33.91 -125.01 54.92
N PRO A 243 -34.15 -123.80 55.42
CA PRO A 243 -33.97 -123.47 56.84
C PRO A 243 -34.81 -124.38 57.75
N LYS A 244 -34.15 -124.94 58.73
CA LYS A 244 -34.82 -125.74 59.71
C LYS A 244 -34.98 -124.94 60.98
N GLY A 245 -35.99 -125.24 61.72
CA GLY A 245 -36.23 -124.55 62.95
C GLY A 245 -37.61 -124.03 63.03
N GLY A 246 -37.81 -123.07 63.88
CA GLY A 246 -39.10 -122.48 64.06
C GLY A 246 -39.57 -122.62 65.47
N SER A 247 -39.45 -121.56 66.23
CA SER A 247 -39.91 -121.54 67.60
C SER A 247 -41.41 -121.27 67.64
N GLY A 248 -41.88 -120.64 66.59
CA GLY A 248 -43.27 -120.35 66.45
C GLY A 248 -43.44 -118.99 65.82
N SER A 249 -44.60 -118.74 65.32
CA SER A 249 -44.91 -117.45 64.72
C SER A 249 -46.38 -117.15 64.95
N GLY A 250 -46.92 -117.73 65.99
CA GLY A 250 -48.31 -117.56 66.28
C GLY A 250 -48.60 -117.74 67.74
N PRO A 251 -48.56 -116.65 68.54
CA PRO A 251 -48.93 -116.69 69.96
C PRO A 251 -50.46 -116.71 70.14
N THR A 252 -51.14 -116.86 69.03
CA THR A 252 -52.57 -116.94 68.96
C THR A 252 -53.05 -118.32 69.37
N ILE A 253 -52.19 -119.30 69.22
CA ILE A 253 -52.51 -120.64 69.62
C ILE A 253 -52.26 -120.81 71.09
N GLU A 254 -53.28 -121.17 71.81
CA GLU A 254 -53.17 -121.32 73.23
C GLU A 254 -53.80 -122.63 73.62
N GLU A 255 -52.97 -123.65 73.66
CA GLU A 255 -53.42 -124.97 73.94
C GLU A 255 -53.58 -125.12 75.45
N VAL A 256 -54.68 -124.62 75.91
CA VAL A 256 -55.11 -124.67 77.27
C VAL A 256 -56.57 -125.00 77.19
N ASP A 257 -56.87 -126.25 77.28
CA ASP A 257 -58.22 -126.70 77.10
C ASP A 257 -58.43 -127.92 77.95
N SER A 1 1.68 20.14 13.17
CA SER A 1 1.43 19.91 14.58
C SER A 1 1.28 21.26 15.25
N GLU A 2 0.08 21.56 15.65
CA GLU A 2 -0.27 22.85 16.17
C GLU A 2 -0.51 22.78 17.67
N ASN A 3 -0.70 23.93 18.27
CA ASN A 3 -0.99 24.01 19.70
C ASN A 3 -2.33 23.34 19.96
N VAL A 4 -3.35 23.86 19.33
CA VAL A 4 -4.67 23.32 19.45
C VAL A 4 -5.54 23.91 18.33
N GLN A 5 -6.14 23.05 17.56
CA GLN A 5 -7.04 23.49 16.52
C GLN A 5 -8.46 23.24 17.01
N ASP A 6 -8.96 24.20 17.79
CA ASP A 6 -10.28 24.12 18.47
C ASP A 6 -10.27 22.99 19.49
N LEU A 7 -10.57 21.81 19.03
CA LEU A 7 -10.48 20.59 19.76
C LEU A 7 -10.33 19.52 18.75
N LEU A 8 -9.46 18.58 18.98
CA LEU A 8 -9.21 17.57 17.99
C LEU A 8 -10.26 16.48 18.02
N LEU A 9 -11.40 16.79 17.44
CA LEU A 9 -12.48 15.82 17.32
C LEU A 9 -12.54 15.31 15.88
N LEU A 10 -11.82 15.99 15.02
CA LEU A 10 -11.75 15.68 13.62
C LEU A 10 -10.49 16.36 13.10
N ASP A 11 -10.19 16.19 11.82
CA ASP A 11 -8.99 16.78 11.16
C ASP A 11 -7.73 16.07 11.58
N VAL A 12 -7.86 14.81 11.89
CA VAL A 12 -6.73 14.00 12.23
C VAL A 12 -6.72 12.75 11.37
N ALA A 13 -5.64 12.04 11.41
CA ALA A 13 -5.49 10.81 10.68
C ALA A 13 -6.09 9.67 11.49
N PRO A 14 -7.11 8.99 10.96
CA PRO A 14 -7.77 7.90 11.67
C PRO A 14 -6.91 6.62 11.73
N LEU A 15 -6.01 6.46 10.78
CA LEU A 15 -5.12 5.31 10.75
C LEU A 15 -3.71 5.76 10.45
N SER A 16 -2.81 4.84 10.55
CA SER A 16 -1.44 5.06 10.26
C SER A 16 -1.15 4.50 8.90
N LEU A 17 -0.54 5.28 8.08
CA LEU A 17 -0.30 4.90 6.72
C LEU A 17 1.17 4.82 6.47
N GLY A 18 1.57 3.74 5.87
CA GLY A 18 2.96 3.54 5.62
C GLY A 18 3.24 2.77 4.36
N LEU A 19 4.50 2.50 4.14
CA LEU A 19 4.95 1.78 2.99
C LEU A 19 5.49 0.45 3.41
N GLU A 20 5.38 -0.52 2.52
CA GLU A 20 5.96 -1.82 2.77
C GLU A 20 7.42 -1.73 2.33
N THR A 21 8.28 -1.71 3.31
CA THR A 21 9.68 -1.48 3.12
C THR A 21 10.53 -2.74 3.28
N ALA A 22 11.85 -2.58 3.18
CA ALA A 22 12.82 -3.68 3.22
C ALA A 22 12.70 -4.54 4.48
N GLY A 23 12.41 -5.79 4.25
CA GLY A 23 12.29 -6.75 5.30
C GLY A 23 10.89 -7.25 5.40
N GLY A 24 9.99 -6.61 4.68
CA GLY A 24 8.58 -6.91 4.80
C GLY A 24 8.07 -6.25 6.04
N VAL A 25 8.71 -5.16 6.38
CA VAL A 25 8.40 -4.40 7.55
C VAL A 25 7.80 -3.08 7.08
N MET A 26 6.93 -2.52 7.86
CA MET A 26 6.23 -1.31 7.52
C MET A 26 6.95 -0.10 8.05
N THR A 27 7.02 0.92 7.25
CA THR A 27 7.51 2.19 7.69
C THR A 27 6.38 3.19 7.52
N ALA A 28 5.87 3.67 8.63
CA ALA A 28 4.75 4.58 8.64
C ALA A 28 5.22 6.00 8.80
N LEU A 29 4.80 6.85 7.90
CA LEU A 29 5.14 8.26 7.97
C LEU A 29 4.00 8.99 8.62
N ILE A 30 2.80 8.52 8.36
CA ILE A 30 1.62 9.09 8.94
C ILE A 30 1.12 8.14 9.99
N LYS A 31 0.93 8.60 11.18
CA LYS A 31 0.46 7.74 12.23
C LYS A 31 -0.85 8.30 12.75
N ARG A 32 -1.75 7.42 13.14
CA ARG A 32 -3.07 7.79 13.64
C ARG A 32 -3.03 8.75 14.82
N ASN A 33 -4.09 9.55 14.93
CA ASN A 33 -4.29 10.54 15.99
C ASN A 33 -3.42 11.77 15.80
N SER A 34 -2.87 11.91 14.62
CA SER A 34 -2.07 13.06 14.27
C SER A 34 -2.91 13.96 13.38
N THR A 35 -2.91 15.22 13.70
CA THR A 35 -3.67 16.21 12.99
C THR A 35 -3.13 16.44 11.56
N ILE A 36 -4.03 16.70 10.65
CA ILE A 36 -3.69 16.98 9.26
C ILE A 36 -4.00 18.46 8.96
N PRO A 37 -3.34 19.09 7.96
CA PRO A 37 -2.29 18.49 7.11
C PRO A 37 -1.05 18.06 7.90
N THR A 38 -0.37 17.07 7.38
CA THR A 38 0.80 16.52 8.00
C THR A 38 2.07 16.91 7.27
N LYS A 39 2.30 16.18 6.20
CA LYS A 39 3.44 16.22 5.34
C LYS A 39 4.71 15.81 6.07
N GLN A 40 5.08 14.57 5.87
CA GLN A 40 6.25 13.97 6.48
C GLN A 40 7.16 13.49 5.38
N THR A 41 8.42 13.82 5.48
CA THR A 41 9.36 13.48 4.45
C THR A 41 10.46 12.56 5.00
N GLN A 42 10.62 11.41 4.39
CA GLN A 42 11.67 10.48 4.77
C GLN A 42 12.42 10.06 3.52
N ILE A 43 13.70 9.82 3.67
CA ILE A 43 14.54 9.40 2.57
C ILE A 43 14.60 7.88 2.56
N PHE A 44 14.42 7.29 1.41
CA PHE A 44 14.55 5.87 1.26
C PHE A 44 15.53 5.58 0.15
N THR A 45 16.43 4.70 0.41
CA THR A 45 17.46 4.35 -0.53
C THR A 45 17.36 2.88 -0.86
N THR A 46 17.79 2.48 -2.01
CA THR A 46 17.75 1.08 -2.31
C THR A 46 18.94 0.37 -1.68
N TYR A 47 18.68 -0.77 -1.08
CA TYR A 47 19.73 -1.64 -0.60
C TYR A 47 19.69 -2.92 -1.40
N SER A 48 18.79 -2.89 -2.35
CA SER A 48 18.54 -3.93 -3.29
C SER A 48 19.30 -3.62 -4.59
N ASP A 49 19.19 -4.47 -5.59
CA ASP A 49 19.90 -4.26 -6.85
C ASP A 49 19.05 -4.68 -8.02
N ASN A 50 19.48 -4.28 -9.23
CA ASN A 50 18.82 -4.63 -10.52
C ASN A 50 17.37 -4.16 -10.63
N GLN A 51 16.98 -3.20 -9.84
CA GLN A 51 15.63 -2.70 -9.92
C GLN A 51 15.62 -1.40 -10.68
N PRO A 52 14.97 -1.38 -11.88
CA PRO A 52 14.87 -0.18 -12.72
C PRO A 52 13.69 0.69 -12.32
N GLY A 53 12.95 0.20 -11.37
CA GLY A 53 11.82 0.85 -10.87
C GLY A 53 11.45 0.25 -9.56
N VAL A 54 10.90 1.05 -8.69
CA VAL A 54 10.49 0.59 -7.38
C VAL A 54 8.99 0.61 -7.27
N LEU A 55 8.46 -0.28 -6.48
CA LEU A 55 7.06 -0.41 -6.31
C LEU A 55 6.72 0.21 -4.97
N ILE A 56 6.21 1.40 -5.02
CA ILE A 56 5.87 2.11 -3.84
C ILE A 56 4.45 1.79 -3.50
N GLN A 57 4.31 1.20 -2.36
CA GLN A 57 3.06 0.62 -1.96
C GLN A 57 2.64 1.07 -0.57
N VAL A 58 1.49 1.69 -0.52
CA VAL A 58 0.93 2.23 0.69
C VAL A 58 0.03 1.21 1.34
N TYR A 59 0.39 0.81 2.52
CA TYR A 59 -0.37 -0.13 3.28
C TYR A 59 -0.79 0.48 4.59
N GLU A 60 -1.98 0.12 5.02
CA GLU A 60 -2.47 0.57 6.28
C GLU A 60 -2.56 -0.57 7.25
N GLY A 61 -2.48 -0.22 8.51
CA GLY A 61 -2.54 -1.18 9.58
C GLY A 61 -1.23 -1.23 10.28
N GLU A 62 -1.19 -0.90 11.56
CA GLU A 62 0.08 -0.78 12.26
C GLU A 62 0.61 -2.14 12.62
N ARG A 63 1.46 -2.65 11.78
CA ARG A 63 2.13 -3.89 12.00
C ARG A 63 3.57 -3.77 11.62
N ALA A 64 4.35 -4.63 12.17
CA ALA A 64 5.74 -4.67 11.94
C ALA A 64 5.98 -5.59 10.82
N MET A 65 5.42 -6.75 10.95
CA MET A 65 5.55 -7.77 9.96
C MET A 65 4.42 -7.63 9.03
N THR A 66 4.70 -6.90 8.01
CA THR A 66 3.77 -6.45 7.08
C THR A 66 3.49 -7.48 6.02
N LYS A 67 2.32 -8.04 6.09
CA LYS A 67 1.77 -8.91 5.11
C LYS A 67 0.31 -8.99 5.40
N ASP A 68 -0.46 -9.07 4.36
CA ASP A 68 -1.93 -9.10 4.44
C ASP A 68 -2.49 -7.78 4.90
N ASN A 69 -1.69 -6.74 4.86
CA ASN A 69 -2.15 -5.41 5.23
C ASN A 69 -3.04 -4.86 4.14
N ASN A 70 -3.66 -3.73 4.37
CA ASN A 70 -4.54 -3.19 3.36
C ASN A 70 -3.82 -2.27 2.42
N LEU A 71 -3.96 -2.54 1.15
CA LEU A 71 -3.31 -1.79 0.12
C LEU A 71 -4.20 -0.64 -0.30
N LEU A 72 -3.72 0.57 -0.11
CA LEU A 72 -4.47 1.73 -0.51
C LEU A 72 -4.06 2.15 -1.90
N GLY A 73 -2.79 2.33 -2.11
CA GLY A 73 -2.28 2.74 -3.38
C GLY A 73 -0.93 2.18 -3.63
N ARG A 74 -0.57 2.07 -4.87
CA ARG A 74 0.71 1.55 -5.30
C ARG A 74 1.08 2.18 -6.63
N PHE A 75 2.32 2.52 -6.78
CA PHE A 75 2.80 3.08 -8.01
C PHE A 75 4.21 2.63 -8.31
N GLU A 76 4.49 2.45 -9.58
CA GLU A 76 5.79 2.03 -10.01
C GLU A 76 6.59 3.24 -10.41
N LEU A 77 7.59 3.56 -9.64
CA LEU A 77 8.45 4.65 -9.97
C LEU A 77 9.64 4.10 -10.72
N SER A 78 9.65 4.30 -12.01
CA SER A 78 10.72 3.79 -12.82
C SER A 78 11.76 4.88 -13.05
N GLY A 79 12.97 4.47 -13.26
CA GLY A 79 14.03 5.41 -13.47
C GLY A 79 15.24 4.99 -12.72
N ILE A 80 14.99 4.42 -11.55
CA ILE A 80 16.02 3.96 -10.63
C ILE A 80 17.04 3.07 -11.35
N PRO A 81 18.30 3.46 -11.36
CA PRO A 81 19.33 2.69 -11.98
C PRO A 81 19.87 1.61 -11.04
N PRO A 82 20.27 0.44 -11.59
CA PRO A 82 20.94 -0.59 -10.80
C PRO A 82 22.19 0.02 -10.22
N ALA A 83 22.25 0.05 -8.94
CA ALA A 83 23.28 0.76 -8.27
C ALA A 83 23.88 -0.09 -7.18
N PRO A 84 25.13 0.20 -6.78
CA PRO A 84 25.81 -0.49 -5.67
C PRO A 84 25.26 -0.04 -4.29
N ARG A 85 23.93 0.07 -4.21
CA ARG A 85 23.18 0.48 -3.02
C ARG A 85 23.39 1.95 -2.65
N GLY A 86 22.37 2.55 -2.08
CA GLY A 86 22.47 3.91 -1.52
C GLY A 86 22.43 5.06 -2.55
N VAL A 87 22.85 4.80 -3.78
CA VAL A 87 22.90 5.82 -4.84
C VAL A 87 21.50 6.46 -5.12
N PRO A 88 20.42 5.66 -5.38
CA PRO A 88 19.10 6.21 -5.59
C PRO A 88 18.47 6.61 -4.25
N GLN A 89 18.41 7.90 -4.03
CA GLN A 89 17.85 8.43 -2.82
C GLN A 89 16.46 8.93 -3.13
N ILE A 90 15.48 8.17 -2.75
CA ILE A 90 14.12 8.51 -3.02
C ILE A 90 13.60 9.32 -1.86
N GLU A 91 13.18 10.51 -2.12
CA GLU A 91 12.62 11.32 -1.11
C GLU A 91 11.12 11.16 -1.15
N VAL A 92 10.59 10.56 -0.13
CA VAL A 92 9.18 10.26 -0.08
C VAL A 92 8.50 11.18 0.89
N THR A 93 7.46 11.82 0.45
CA THR A 93 6.72 12.72 1.24
C THR A 93 5.25 12.27 1.30
N PHE A 94 4.78 12.02 2.48
CA PHE A 94 3.38 11.69 2.72
C PHE A 94 2.68 12.92 3.22
N ASP A 95 1.86 13.50 2.38
CA ASP A 95 1.11 14.66 2.77
C ASP A 95 -0.36 14.51 2.56
N ILE A 96 -1.05 14.48 3.67
CA ILE A 96 -2.48 14.44 3.68
C ILE A 96 -2.96 15.84 3.93
N ASP A 97 -3.76 16.35 3.04
CA ASP A 97 -4.24 17.73 3.16
C ASP A 97 -5.50 17.74 4.03
N ALA A 98 -6.12 18.91 4.17
CA ALA A 98 -7.30 19.05 5.01
C ALA A 98 -8.55 18.39 4.38
N ASN A 99 -8.47 18.03 3.10
CA ASN A 99 -9.61 17.38 2.42
C ASN A 99 -9.58 15.92 2.76
N GLY A 100 -8.39 15.43 3.01
CA GLY A 100 -8.22 14.05 3.33
C GLY A 100 -7.46 13.37 2.24
N ILE A 101 -6.89 14.16 1.35
CA ILE A 101 -6.15 13.65 0.25
C ILE A 101 -4.75 13.30 0.67
N LEU A 102 -4.43 12.05 0.59
CA LEU A 102 -3.10 11.61 0.84
C LEU A 102 -2.36 11.66 -0.45
N ASN A 103 -1.46 12.57 -0.56
CA ASN A 103 -0.70 12.61 -1.75
C ASN A 103 0.64 12.02 -1.45
N VAL A 104 0.91 10.87 -1.99
CA VAL A 104 2.19 10.25 -1.81
C VAL A 104 3.09 10.73 -2.90
N THR A 105 4.08 11.45 -2.50
CA THR A 105 5.00 12.08 -3.41
C THR A 105 6.36 11.37 -3.29
N ALA A 106 6.89 10.87 -4.38
CA ALA A 106 8.19 10.23 -4.35
C ALA A 106 9.06 10.74 -5.49
N THR A 107 10.18 11.33 -5.13
CA THR A 107 11.10 11.89 -6.08
C THR A 107 12.47 11.22 -5.95
N ASP A 108 12.98 10.72 -7.07
CA ASP A 108 14.30 10.10 -7.12
C ASP A 108 15.39 11.10 -7.37
N LYS A 109 16.19 11.30 -6.38
CA LYS A 109 17.33 12.18 -6.44
C LYS A 109 18.46 11.68 -7.37
N SER A 110 18.42 10.43 -7.82
CA SER A 110 19.48 9.96 -8.68
C SER A 110 19.25 10.28 -10.17
N THR A 111 18.06 10.00 -10.68
CA THR A 111 17.76 10.31 -12.06
C THR A 111 17.01 11.63 -12.19
N GLY A 112 16.19 11.94 -11.21
CA GLY A 112 15.42 13.16 -11.26
C GLY A 112 14.00 12.91 -11.71
N LYS A 113 13.53 11.70 -11.52
CA LYS A 113 12.16 11.36 -11.85
C LYS A 113 11.30 11.38 -10.61
N ALA A 114 10.02 11.54 -10.81
CA ALA A 114 9.10 11.61 -9.70
C ALA A 114 7.72 11.13 -10.10
N ASN A 115 7.07 10.47 -9.19
CA ASN A 115 5.69 10.05 -9.33
C ASN A 115 4.97 10.50 -8.10
N LYS A 116 3.77 10.96 -8.26
CA LYS A 116 2.99 11.42 -7.15
C LYS A 116 1.60 10.87 -7.33
N ILE A 117 1.03 10.31 -6.30
CA ILE A 117 -0.32 9.84 -6.40
C ILE A 117 -1.22 10.59 -5.48
N THR A 118 -2.25 11.13 -6.04
CA THR A 118 -3.23 11.86 -5.30
C THR A 118 -4.29 10.88 -4.82
N ILE A 119 -4.37 10.68 -3.52
CA ILE A 119 -5.34 9.79 -3.01
C ILE A 119 -6.52 10.58 -2.44
N THR A 120 -7.51 10.77 -3.26
CA THR A 120 -8.74 11.43 -2.93
C THR A 120 -9.59 10.46 -2.06
N ASN A 121 -10.55 10.99 -1.29
CA ASN A 121 -11.41 10.16 -0.41
C ASN A 121 -12.19 9.10 -1.19
N ASP A 122 -12.45 9.40 -2.44
CA ASP A 122 -13.21 8.49 -3.30
C ASP A 122 -12.34 7.44 -3.95
N LYS A 123 -11.11 7.32 -3.49
CA LYS A 123 -10.23 6.29 -3.95
C LYS A 123 -10.11 5.22 -2.87
N GLY A 124 -10.61 4.05 -3.15
CA GLY A 124 -10.54 2.99 -2.19
C GLY A 124 -11.32 1.78 -2.64
N ARG A 125 -10.70 0.63 -2.55
CA ARG A 125 -11.32 -0.64 -2.94
C ARG A 125 -11.75 -1.41 -1.70
N LEU A 126 -11.85 -0.70 -0.62
CA LEU A 126 -12.26 -1.25 0.65
C LEU A 126 -13.58 -0.61 1.01
N SER A 127 -14.16 -0.99 2.10
CA SER A 127 -15.39 -0.39 2.51
C SER A 127 -15.18 0.41 3.78
N LYS A 128 -14.75 -0.28 4.83
CA LYS A 128 -14.55 0.30 6.15
C LYS A 128 -14.21 -0.80 7.13
N GLU A 129 -14.88 -1.93 6.95
CA GLU A 129 -14.73 -3.09 7.83
C GLU A 129 -13.29 -3.59 7.79
N GLU A 130 -12.73 -3.66 6.59
CA GLU A 130 -11.39 -4.16 6.37
C GLU A 130 -10.41 -3.23 7.05
N ILE A 131 -10.68 -1.96 6.92
CA ILE A 131 -9.88 -0.89 7.48
C ILE A 131 -9.88 -0.98 9.01
N GLU A 132 -11.07 -1.09 9.59
CA GLU A 132 -11.18 -1.16 11.04
C GLU A 132 -10.66 -2.48 11.58
N ARG A 133 -10.70 -3.51 10.76
CA ARG A 133 -10.18 -4.78 11.14
C ARG A 133 -8.67 -4.65 11.35
N MET A 134 -8.01 -3.88 10.49
CA MET A 134 -6.58 -3.66 10.60
C MET A 134 -6.25 -2.84 11.82
N VAL A 135 -7.18 -1.99 12.20
CA VAL A 135 -7.06 -1.22 13.44
C VAL A 135 -7.04 -2.20 14.61
N GLN A 136 -7.97 -3.16 14.57
CA GLN A 136 -8.05 -4.19 15.60
C GLN A 136 -6.78 -5.07 15.59
N GLU A 137 -6.24 -5.32 14.40
CA GLU A 137 -4.99 -6.06 14.24
C GLU A 137 -3.87 -5.31 14.94
N ALA A 138 -3.82 -4.01 14.72
CA ALA A 138 -2.82 -3.13 15.31
C ALA A 138 -2.91 -3.13 16.84
N GLU A 139 -4.12 -3.15 17.36
CA GLU A 139 -4.34 -3.17 18.79
C GLU A 139 -3.93 -4.53 19.37
N LYS A 140 -4.19 -5.58 18.62
CA LYS A 140 -3.89 -6.94 19.04
C LYS A 140 -2.37 -7.22 19.02
N TYR A 141 -1.73 -6.76 17.99
CA TYR A 141 -0.29 -6.97 17.84
C TYR A 141 0.51 -5.75 18.29
N LYS A 142 -0.15 -4.87 19.04
CA LYS A 142 0.42 -3.58 19.45
C LYS A 142 1.84 -3.70 20.03
N ALA A 143 1.98 -4.35 21.17
CA ALA A 143 3.29 -4.44 21.82
C ALA A 143 4.29 -5.26 20.98
N GLU A 144 3.80 -6.32 20.36
CA GLU A 144 4.65 -7.19 19.56
C GLU A 144 5.21 -6.44 18.36
N ASP A 145 4.33 -5.86 17.59
CA ASP A 145 4.71 -5.24 16.35
C ASP A 145 5.36 -3.89 16.52
N GLU A 146 5.02 -3.16 17.58
CA GLU A 146 5.71 -1.91 17.84
C GLU A 146 7.18 -2.20 18.09
N VAL A 147 7.46 -3.25 18.84
CA VAL A 147 8.83 -3.60 19.10
C VAL A 147 9.48 -4.20 17.84
N GLN A 148 8.81 -5.17 17.19
CA GLN A 148 9.32 -5.84 15.97
C GLN A 148 9.69 -4.84 14.87
N ARG A 149 8.86 -3.84 14.68
CA ARG A 149 9.06 -2.86 13.62
C ARG A 149 10.35 -2.09 13.85
N GLU A 150 10.59 -1.75 15.10
CA GLU A 150 11.76 -1.02 15.46
C GLU A 150 12.96 -1.93 15.80
N ARG A 151 12.75 -3.25 15.70
CA ARG A 151 13.85 -4.22 15.84
C ARG A 151 14.76 -4.07 14.65
N VAL A 152 14.15 -3.80 13.52
CA VAL A 152 14.87 -3.50 12.32
C VAL A 152 14.98 -1.97 12.27
N SER A 153 15.98 -1.46 12.96
CA SER A 153 16.16 -0.05 13.15
C SER A 153 16.77 0.62 11.92
N ALA A 154 16.29 1.85 11.65
CA ALA A 154 16.74 2.70 10.53
C ALA A 154 16.85 1.95 9.22
N LYS A 155 15.74 1.46 8.74
CA LYS A 155 15.72 0.79 7.50
C LYS A 155 15.08 1.66 6.43
N ASN A 156 15.86 2.59 5.98
CA ASN A 156 15.43 3.55 4.99
C ASN A 156 15.58 2.98 3.60
N ALA A 157 14.85 1.91 3.37
CA ALA A 157 14.88 1.22 2.12
C ALA A 157 13.52 0.65 1.82
N LEU A 158 13.10 0.74 0.59
CA LEU A 158 11.87 0.09 0.20
C LEU A 158 12.31 -1.14 -0.57
N GLU A 159 11.53 -2.18 -0.57
CA GLU A 159 11.91 -3.33 -1.34
C GLU A 159 10.89 -3.57 -2.42
N SER A 160 11.37 -4.00 -3.55
CA SER A 160 10.56 -4.30 -4.68
C SER A 160 11.34 -5.29 -5.52
N TYR A 161 10.82 -5.61 -6.68
CA TYR A 161 11.51 -6.40 -7.67
C TYR A 161 10.79 -6.18 -8.96
N ALA A 162 11.46 -6.38 -10.05
CA ALA A 162 10.88 -6.19 -11.34
C ALA A 162 11.37 -7.27 -12.25
N PHE A 163 10.70 -7.46 -13.36
CA PHE A 163 11.12 -8.41 -14.33
C PHE A 163 12.24 -7.80 -15.14
N ASN A 164 13.44 -8.20 -14.84
CA ASN A 164 14.59 -7.66 -15.51
C ASN A 164 15.39 -8.75 -16.16
N MET A 165 15.45 -8.68 -17.45
CA MET A 165 16.24 -9.58 -18.26
C MET A 165 16.90 -8.76 -19.32
N LYS A 166 18.13 -8.33 -19.02
CA LYS A 166 18.95 -7.45 -19.88
C LYS A 166 18.27 -6.08 -20.01
N SER A 167 17.32 -5.83 -19.14
CA SER A 167 16.54 -4.62 -19.14
C SER A 167 17.37 -3.46 -18.59
N ALA A 168 18.36 -3.79 -17.79
CA ALA A 168 19.21 -2.83 -17.18
C ALA A 168 20.57 -3.46 -16.99
N VAL A 169 21.49 -2.72 -16.37
CA VAL A 169 22.87 -3.17 -16.13
C VAL A 169 23.64 -3.30 -17.45
N GLU A 170 24.26 -2.23 -17.83
CA GLU A 170 25.08 -2.19 -19.02
C GLU A 170 26.44 -1.72 -18.60
N ASP A 171 27.47 -2.38 -19.07
CA ASP A 171 28.82 -2.12 -18.61
C ASP A 171 29.42 -0.91 -19.29
N GLU A 172 29.52 0.15 -18.54
CA GLU A 172 30.18 1.36 -18.96
C GLU A 172 31.32 1.65 -18.01
N GLY A 173 31.41 0.81 -17.02
CA GLY A 173 32.36 0.92 -15.98
C GLY A 173 31.92 -0.03 -14.92
N LEU A 174 32.58 -0.07 -13.80
CA LEU A 174 32.15 -0.96 -12.78
C LEU A 174 30.98 -0.34 -12.03
N LYS A 175 29.83 -1.00 -12.14
CA LYS A 175 28.55 -0.59 -11.53
C LYS A 175 27.89 0.54 -12.32
N GLY A 176 28.57 1.63 -12.44
CA GLY A 176 28.05 2.76 -13.15
C GLY A 176 29.05 3.88 -13.09
N LYS A 177 28.68 5.04 -13.57
CA LYS A 177 29.57 6.17 -13.54
C LYS A 177 29.48 6.83 -12.17
N ILE A 178 30.21 6.30 -11.24
CA ILE A 178 30.27 6.84 -9.90
C ILE A 178 31.51 6.31 -9.18
N SER A 179 32.48 7.15 -9.10
CA SER A 179 33.69 6.82 -8.44
C SER A 179 34.01 7.96 -7.49
N GLU A 180 33.41 7.89 -6.34
CA GLU A 180 33.52 8.92 -5.33
C GLU A 180 34.22 8.36 -4.09
N ALA A 181 34.32 7.03 -4.05
CA ALA A 181 34.89 6.27 -2.94
C ALA A 181 34.01 6.35 -1.69
N ASP A 182 34.34 5.55 -0.72
CA ASP A 182 33.58 5.50 0.50
C ASP A 182 34.41 6.07 1.66
N LYS A 183 33.94 7.14 2.22
CA LYS A 183 34.60 7.76 3.34
C LYS A 183 33.78 7.48 4.58
N LYS A 184 34.04 6.31 5.20
CA LYS A 184 33.26 5.79 6.35
C LYS A 184 31.79 5.68 5.93
N LYS A 185 31.57 5.43 4.66
CA LYS A 185 30.24 5.42 4.09
C LYS A 185 29.53 4.14 4.42
N VAL A 186 28.97 4.15 5.59
CA VAL A 186 28.19 3.09 6.18
C VAL A 186 27.69 3.59 7.53
N LEU A 187 28.62 4.13 8.33
CA LEU A 187 28.35 4.71 9.62
C LEU A 187 29.62 5.25 10.25
N ASP A 188 29.46 6.17 11.16
CA ASP A 188 30.53 6.67 12.01
C ASP A 188 29.94 6.86 13.38
N LYS A 189 30.19 5.91 14.23
CA LYS A 189 29.58 5.88 15.53
C LYS A 189 30.70 5.87 16.57
N SMC A 190 30.43 6.43 17.73
CA SMC A 190 31.46 6.47 18.76
CB SMC A 190 32.08 7.85 18.81
SG SMC A 190 30.90 9.17 19.14
C SMC A 190 30.93 6.07 20.14
O SMC A 190 31.67 6.07 21.11
H SMC A 190 29.56 6.86 17.89
HA SMC A 190 32.23 5.77 18.46
HB2 SMC A 190 32.57 8.06 17.87
HB3 SMC A 190 32.81 7.86 19.61
N GLN A 191 29.63 5.76 20.20
CA GLN A 191 28.95 5.34 21.46
C GLN A 191 29.00 6.41 22.54
N GLU A 192 29.22 7.64 22.14
CA GLU A 192 29.31 8.71 23.10
C GLU A 192 27.90 9.23 23.41
N VAL A 193 27.17 8.38 24.09
CA VAL A 193 25.82 8.62 24.51
C VAL A 193 25.74 8.21 25.96
N ILE A 194 25.27 9.08 26.81
CA ILE A 194 25.14 8.75 28.21
C ILE A 194 23.80 7.99 28.44
N SER A 195 23.84 6.70 28.22
CA SER A 195 22.66 5.87 28.29
C SER A 195 22.55 5.07 29.60
N TRP A 196 23.28 3.97 29.67
CA TRP A 196 23.20 3.04 30.80
C TRP A 196 23.77 3.64 32.07
N LEU A 197 24.77 4.47 31.91
CA LEU A 197 25.44 5.11 33.00
C LEU A 197 24.76 6.44 33.24
N ASP A 198 24.69 6.86 34.49
CA ASP A 198 24.08 8.16 34.80
C ASP A 198 25.15 9.13 35.22
N ALA A 199 26.36 8.60 35.45
CA ALA A 199 27.57 9.34 35.79
C ALA A 199 27.55 9.92 37.21
N ASN A 200 26.63 10.78 37.49
CA ASN A 200 26.56 11.43 38.78
C ASN A 200 25.18 11.22 39.39
N THR A 201 25.16 10.67 40.59
CA THR A 201 23.92 10.31 41.26
C THR A 201 23.30 11.52 42.00
N LEU A 202 24.09 12.15 42.87
CA LEU A 202 23.67 13.30 43.69
C LEU A 202 22.61 12.94 44.74
N ALA A 203 22.16 13.97 45.45
CA ALA A 203 21.11 13.91 46.47
C ALA A 203 21.55 13.13 47.71
N GLU A 204 22.80 13.29 48.11
CA GLU A 204 23.28 12.61 49.30
C GLU A 204 22.72 13.26 50.56
N LYS A 205 21.68 12.64 51.07
CA LYS A 205 20.98 12.95 52.30
C LYS A 205 19.69 12.13 52.20
N ASP A 206 18.82 12.24 53.15
CA ASP A 206 17.56 11.52 53.10
C ASP A 206 16.54 12.34 53.83
N GLU A 207 15.32 11.94 53.69
CA GLU A 207 14.20 12.57 54.34
C GLU A 207 13.27 11.45 54.80
N PHE A 208 13.89 10.38 55.27
CA PHE A 208 13.15 9.19 55.70
C PHE A 208 13.60 8.80 57.11
N GLU A 209 14.90 8.71 57.28
CA GLU A 209 15.51 8.45 58.57
C GLU A 209 15.60 9.80 59.24
N HIS A 210 15.90 10.81 58.44
CA HIS A 210 15.78 12.17 58.88
C HIS A 210 14.31 12.49 58.80
N LYS A 211 13.68 12.43 59.92
CA LYS A 211 12.26 12.52 60.00
C LYS A 211 11.80 13.95 59.78
N ARG A 212 11.23 14.18 58.63
CA ARG A 212 10.77 15.49 58.28
C ARG A 212 9.29 15.45 57.88
N LYS A 213 8.82 14.31 57.35
CA LYS A 213 7.43 14.21 56.88
C LYS A 213 6.46 14.21 58.06
N GLU A 214 6.96 13.87 59.21
CA GLU A 214 6.22 13.98 60.43
C GLU A 214 6.88 15.07 61.23
N LEU A 215 6.12 16.08 61.57
CA LEU A 215 6.66 17.23 62.23
C LEU A 215 6.65 17.07 63.74
N GLU A 216 7.83 17.12 64.35
CA GLU A 216 7.91 17.16 65.78
C GLU A 216 7.47 18.55 66.20
N GLN A 217 6.68 18.62 67.22
CA GLN A 217 6.00 19.82 67.57
C GLN A 217 6.76 20.66 68.58
N VAL A 218 7.34 20.02 69.56
CA VAL A 218 8.00 20.78 70.60
C VAL A 218 9.50 20.68 70.50
N SMC A 219 10.14 21.65 71.06
CA SMC A 219 11.55 21.72 71.19
CB SMC A 219 12.19 22.58 70.10
SG SMC A 219 11.88 22.02 68.41
C SMC A 219 11.83 22.32 72.55
O SMC A 219 12.01 23.52 72.70
H SMC A 219 9.63 22.41 71.43
HA SMC A 219 11.96 20.72 71.15
HB2 SMC A 219 13.26 22.60 70.24
HB3 SMC A 219 11.82 23.60 70.18
N ASN A 220 11.71 21.49 73.56
CA ASN A 220 11.87 21.93 74.94
C ASN A 220 13.31 22.34 75.19
N PRO A 221 13.54 23.35 76.05
CA PRO A 221 14.88 23.83 76.38
C PRO A 221 15.75 22.71 76.98
N ILE A 222 16.55 22.11 76.13
CA ILE A 222 17.44 21.06 76.53
C ILE A 222 18.89 21.53 76.34
N ILE A 223 19.07 22.43 75.38
CA ILE A 223 20.36 23.01 75.11
C ILE A 223 20.53 24.17 76.07
N SER A 224 21.68 24.26 76.70
CA SER A 224 21.93 25.31 77.62
C SER A 224 22.43 26.53 76.82
N GLY A 225 21.48 27.28 76.33
CA GLY A 225 21.78 28.43 75.54
C GLY A 225 21.38 28.18 74.10
N LEU A 226 22.14 28.75 73.20
CA LEU A 226 21.98 28.62 71.76
C LEU A 226 23.09 29.44 71.15
N TYR A 227 23.09 30.71 71.48
CA TYR A 227 24.14 31.59 71.10
C TYR A 227 24.60 32.35 72.29
N GLN A 228 25.77 32.03 72.71
CA GLN A 228 26.39 32.70 73.79
C GLN A 228 27.79 33.11 73.36
N GLY A 229 27.96 34.38 73.15
CA GLY A 229 29.21 34.91 72.72
C GLY A 229 29.28 36.39 72.96
N ALA A 230 28.99 37.15 71.92
CA ALA A 230 29.06 38.61 72.02
C ALA A 230 28.13 39.29 71.01
N GLY A 231 27.98 38.67 69.87
CA GLY A 231 27.21 39.27 68.80
C GLY A 231 28.14 39.78 67.74
N GLY A 232 27.60 40.33 66.69
CA GLY A 232 28.44 40.83 65.64
C GLY A 232 27.92 42.10 65.04
N PRO A 233 28.75 42.85 64.31
CA PRO A 233 28.31 44.06 63.60
C PRO A 233 27.37 43.71 62.45
N GLY A 234 26.40 44.55 62.21
CA GLY A 234 25.43 44.28 61.19
C GLY A 234 24.02 44.68 61.60
N PRO A 235 23.43 44.03 62.66
CA PRO A 235 22.04 44.28 63.11
C PRO A 235 21.70 45.74 63.44
N GLY A 236 22.72 46.54 63.74
CA GLY A 236 22.52 47.94 64.04
C GLY A 236 22.30 48.74 62.78
N GLY A 237 21.06 48.92 62.42
CA GLY A 237 20.72 49.59 61.19
C GLY A 237 19.44 49.03 60.62
N PHE A 238 18.96 47.97 61.22
CA PHE A 238 17.72 47.36 60.83
C PHE A 238 16.59 47.87 61.70
N GLY A 239 15.44 47.23 61.65
CA GLY A 239 14.28 47.72 62.37
C GLY A 239 13.60 48.75 61.54
N ALA A 240 14.10 49.95 61.59
CA ALA A 240 13.66 50.99 60.73
C ALA A 240 14.56 50.98 59.51
N GLN A 241 14.29 50.04 58.63
CA GLN A 241 15.12 49.84 57.46
C GLN A 241 14.71 50.74 56.31
N GLY A 242 15.69 51.39 55.73
CA GLY A 242 15.43 52.28 54.62
C GLY A 242 15.04 53.67 55.11
N PRO A 243 15.96 54.67 55.02
CA PRO A 243 15.71 56.04 55.51
C PRO A 243 14.42 56.67 54.97
N LYS A 244 14.07 56.35 53.74
CA LYS A 244 12.85 56.87 53.15
C LYS A 244 12.04 55.75 52.52
N GLY A 245 12.42 54.54 52.86
CA GLY A 245 11.77 53.38 52.34
C GLY A 245 10.55 53.06 53.15
N GLY A 246 9.63 52.39 52.55
CA GLY A 246 8.42 52.05 53.20
C GLY A 246 7.27 52.73 52.57
N SER A 247 6.97 53.91 53.05
CA SER A 247 5.88 54.69 52.52
C SER A 247 6.37 55.69 51.50
N GLY A 248 6.28 55.32 50.24
CA GLY A 248 6.72 56.18 49.18
C GLY A 248 5.94 55.94 47.92
N SER A 249 4.69 55.60 48.07
CA SER A 249 3.84 55.33 46.94
C SER A 249 3.21 56.62 46.39
N GLY A 250 3.14 57.63 47.23
CA GLY A 250 2.59 58.89 46.81
C GLY A 250 1.09 58.83 46.74
N PRO A 251 0.47 59.49 45.76
CA PRO A 251 -0.99 59.56 45.64
C PRO A 251 -1.59 58.23 45.15
N THR A 252 -0.80 57.47 44.40
CA THR A 252 -1.20 56.21 43.82
C THR A 252 -2.38 56.38 42.83
N ILE A 253 -2.07 56.42 41.55
CA ILE A 253 -3.06 56.65 40.51
C ILE A 253 -3.89 55.41 40.21
N GLU A 254 -3.60 54.34 40.90
CA GLU A 254 -4.41 53.14 40.85
C GLU A 254 -5.66 53.49 41.63
N GLU A 255 -6.71 53.81 40.93
CA GLU A 255 -7.87 54.36 41.55
C GLU A 255 -8.82 53.27 42.04
N VAL A 256 -9.79 52.90 41.25
CA VAL A 256 -10.75 51.89 41.66
C VAL A 256 -10.32 50.54 41.10
N ASP A 257 -9.27 50.58 40.35
CA ASP A 257 -8.65 49.42 39.80
C ASP A 257 -7.17 49.63 39.88
N SER A 1 -20.30 27.14 7.03
CA SER A 1 -19.77 26.52 5.83
C SER A 1 -18.77 25.43 6.22
N GLU A 2 -19.24 24.18 6.22
CA GLU A 2 -18.42 23.00 6.55
C GLU A 2 -17.85 23.03 7.96
N ASN A 3 -18.50 23.75 8.83
CA ASN A 3 -18.10 23.80 10.21
C ASN A 3 -18.60 22.56 10.90
N VAL A 4 -17.69 21.82 11.48
CA VAL A 4 -18.04 20.59 12.13
C VAL A 4 -18.79 20.88 13.43
N GLN A 5 -19.89 20.21 13.62
CA GLN A 5 -20.67 20.36 14.82
C GLN A 5 -20.07 19.45 15.86
N ASP A 6 -19.65 18.30 15.41
CA ASP A 6 -19.07 17.30 16.27
C ASP A 6 -17.82 16.79 15.58
N LEU A 7 -16.84 16.43 16.34
CA LEU A 7 -15.62 15.92 15.79
C LEU A 7 -15.49 14.48 16.23
N LEU A 8 -15.78 13.57 15.35
CA LEU A 8 -15.86 12.15 15.73
C LEU A 8 -14.59 11.35 15.45
N LEU A 9 -13.69 11.90 14.68
CA LEU A 9 -12.47 11.17 14.34
C LEU A 9 -11.25 12.10 14.45
N LEU A 10 -11.45 13.22 15.16
CA LEU A 10 -10.44 14.28 15.27
C LEU A 10 -10.02 14.79 13.87
N ASP A 11 -8.93 15.49 13.80
CA ASP A 11 -8.35 15.88 12.53
C ASP A 11 -6.95 15.39 12.48
N VAL A 12 -6.85 14.09 12.57
CA VAL A 12 -5.60 13.39 12.62
C VAL A 12 -5.65 12.23 11.66
N ALA A 13 -4.59 11.47 11.65
CA ALA A 13 -4.56 10.25 10.91
C ALA A 13 -5.17 9.18 11.81
N PRO A 14 -6.28 8.55 11.37
CA PRO A 14 -6.97 7.53 12.16
C PRO A 14 -6.10 6.29 12.37
N LEU A 15 -5.56 5.76 11.30
CA LEU A 15 -4.63 4.66 11.35
C LEU A 15 -3.30 5.17 10.86
N SER A 16 -2.26 4.38 10.98
CA SER A 16 -0.97 4.86 10.55
C SER A 16 -0.72 4.47 9.10
N LEU A 17 0.07 5.27 8.42
CA LEU A 17 0.36 5.08 7.02
C LEU A 17 1.80 4.69 6.85
N GLY A 18 2.02 3.65 6.08
CA GLY A 18 3.34 3.16 5.86
C GLY A 18 3.52 2.56 4.50
N LEU A 19 4.76 2.51 4.05
CA LEU A 19 5.06 1.97 2.76
C LEU A 19 5.58 0.58 2.89
N GLU A 20 5.37 -0.18 1.88
CA GLU A 20 5.94 -1.48 1.74
C GLU A 20 7.28 -1.22 1.10
N THR A 21 8.33 -1.38 1.86
CA THR A 21 9.65 -1.04 1.41
C THR A 21 10.48 -2.29 1.14
N ALA A 22 10.82 -2.97 2.18
CA ALA A 22 11.49 -4.23 2.06
C ALA A 22 10.48 -5.34 2.26
N GLY A 23 10.86 -6.57 1.90
CA GLY A 23 9.95 -7.72 1.85
C GLY A 23 9.11 -8.00 3.10
N GLY A 24 9.51 -7.50 4.24
CA GLY A 24 8.72 -7.66 5.42
C GLY A 24 8.70 -6.42 6.23
N VAL A 25 8.75 -5.28 5.56
CA VAL A 25 8.82 -4.02 6.26
C VAL A 25 7.75 -3.05 5.78
N MET A 26 6.93 -2.63 6.71
CA MET A 26 6.01 -1.56 6.49
C MET A 26 6.55 -0.37 7.24
N THR A 27 7.22 0.51 6.55
CA THR A 27 7.80 1.65 7.20
C THR A 27 6.71 2.71 7.40
N ALA A 28 6.33 2.93 8.64
CA ALA A 28 5.24 3.85 8.96
C ALA A 28 5.76 5.25 9.17
N LEU A 29 5.28 6.17 8.37
CA LEU A 29 5.75 7.54 8.41
C LEU A 29 4.73 8.47 9.06
N ILE A 30 3.45 8.24 8.78
CA ILE A 30 2.43 8.99 9.45
C ILE A 30 1.80 8.07 10.46
N LYS A 31 1.67 8.52 11.68
CA LYS A 31 1.20 7.67 12.74
C LYS A 31 -0.19 8.06 13.10
N ARG A 32 -0.88 7.16 13.79
CA ARG A 32 -2.19 7.46 14.35
C ARG A 32 -2.09 8.66 15.25
N ASN A 33 -3.08 9.52 15.17
CA ASN A 33 -3.21 10.71 16.01
C ASN A 33 -2.27 11.83 15.60
N SER A 34 -1.64 11.68 14.46
CA SER A 34 -0.85 12.77 13.91
C SER A 34 -1.79 13.74 13.20
N THR A 35 -1.87 14.95 13.74
CA THR A 35 -2.75 16.00 13.25
C THR A 35 -2.49 16.42 11.80
N ILE A 36 -3.54 16.48 11.03
CA ILE A 36 -3.46 16.92 9.66
C ILE A 36 -3.81 18.43 9.62
N PRO A 37 -3.44 19.18 8.55
CA PRO A 37 -2.72 18.67 7.35
C PRO A 37 -1.31 18.19 7.64
N THR A 38 -1.03 16.97 7.25
CA THR A 38 0.24 16.35 7.46
C THR A 38 1.09 16.50 6.24
N LYS A 39 2.39 16.57 6.43
CA LYS A 39 3.30 16.54 5.34
C LYS A 39 4.61 15.99 5.87
N GLN A 40 4.83 14.74 5.63
CA GLN A 40 5.99 14.03 6.14
C GLN A 40 6.93 13.78 5.00
N THR A 41 8.21 13.92 5.25
CA THR A 41 9.20 13.69 4.24
C THR A 41 10.39 12.98 4.86
N GLN A 42 10.65 11.77 4.40
CA GLN A 42 11.76 10.99 4.89
C GLN A 42 12.58 10.49 3.72
N ILE A 43 13.87 10.43 3.92
CA ILE A 43 14.78 10.00 2.88
C ILE A 43 15.05 8.52 3.03
N PHE A 44 14.70 7.80 2.02
CA PHE A 44 14.89 6.38 1.96
C PHE A 44 16.06 6.07 1.05
N THR A 45 16.47 4.85 1.08
CA THR A 45 17.57 4.35 0.31
C THR A 45 17.13 3.03 -0.30
N THR A 46 17.88 2.47 -1.18
CA THR A 46 17.52 1.20 -1.70
C THR A 46 18.30 0.04 -1.03
N TYR A 47 17.61 -1.08 -0.76
CA TYR A 47 18.26 -2.34 -0.37
C TYR A 47 18.66 -3.07 -1.64
N SER A 48 18.15 -2.58 -2.74
CA SER A 48 18.44 -3.10 -4.03
C SER A 48 19.73 -2.51 -4.55
N ASP A 49 20.51 -3.31 -5.23
CA ASP A 49 21.77 -2.86 -5.77
C ASP A 49 21.60 -2.87 -7.28
N ASN A 50 21.83 -1.73 -7.93
CA ASN A 50 21.64 -1.58 -9.39
C ASN A 50 20.17 -1.71 -9.75
N GLN A 51 19.38 -0.82 -9.22
CA GLN A 51 17.95 -0.83 -9.47
C GLN A 51 17.57 0.20 -10.52
N PRO A 52 16.93 -0.23 -11.60
CA PRO A 52 16.42 0.69 -12.59
C PRO A 52 15.02 1.21 -12.20
N GLY A 53 14.40 0.52 -11.28
CA GLY A 53 13.10 0.86 -10.81
C GLY A 53 12.72 0.03 -9.63
N VAL A 54 11.70 0.44 -8.92
CA VAL A 54 11.20 -0.23 -7.72
C VAL A 54 9.68 -0.11 -7.70
N LEU A 55 9.06 -0.68 -6.69
CA LEU A 55 7.62 -0.73 -6.62
C LEU A 55 7.18 -0.29 -5.24
N ILE A 56 6.20 0.61 -5.17
CA ILE A 56 5.75 1.13 -3.89
C ILE A 56 4.28 0.80 -3.64
N GLN A 57 4.04 0.14 -2.53
CA GLN A 57 2.69 -0.12 -2.05
C GLN A 57 2.50 0.62 -0.73
N VAL A 58 1.44 1.37 -0.60
CA VAL A 58 1.16 2.14 0.60
C VAL A 58 -0.01 1.51 1.37
N TYR A 59 0.21 1.16 2.62
CA TYR A 59 -0.80 0.53 3.41
C TYR A 59 -1.28 1.43 4.51
N GLU A 60 -2.54 1.35 4.76
CA GLU A 60 -3.23 2.07 5.76
C GLU A 60 -3.65 1.02 6.78
N GLY A 61 -3.21 1.22 7.99
CA GLY A 61 -3.40 0.24 9.01
C GLY A 61 -2.11 -0.50 9.22
N GLU A 62 -1.64 -0.53 10.44
CA GLU A 62 -0.34 -1.07 10.74
C GLU A 62 -0.29 -2.58 10.80
N ARG A 63 0.78 -3.11 10.25
CA ARG A 63 1.13 -4.50 10.32
C ARG A 63 2.60 -4.57 10.52
N ALA A 64 3.03 -5.66 11.06
CA ALA A 64 4.43 -5.93 11.23
C ALA A 64 5.01 -6.37 9.91
N MET A 65 4.35 -7.32 9.31
CA MET A 65 4.70 -7.83 8.01
C MET A 65 3.67 -7.27 7.06
N THR A 66 4.12 -6.55 6.08
CA THR A 66 3.28 -5.85 5.15
C THR A 66 2.28 -6.77 4.38
N LYS A 67 1.02 -6.75 4.83
CA LYS A 67 -0.11 -7.48 4.23
C LYS A 67 -1.35 -7.17 5.06
N ASP A 68 -2.50 -7.79 4.71
CA ASP A 68 -3.77 -7.77 5.47
C ASP A 68 -4.51 -6.48 5.40
N ASN A 69 -3.83 -5.39 5.55
CA ASN A 69 -4.50 -4.14 5.68
C ASN A 69 -4.85 -3.45 4.36
N ASN A 70 -5.20 -2.19 4.44
CA ASN A 70 -5.79 -1.49 3.34
C ASN A 70 -4.74 -0.85 2.46
N LEU A 71 -4.65 -1.37 1.26
CA LEU A 71 -3.76 -0.84 0.28
C LEU A 71 -4.40 0.38 -0.33
N LEU A 72 -3.87 1.53 -0.01
CA LEU A 72 -4.39 2.78 -0.52
C LEU A 72 -4.03 2.94 -1.96
N GLY A 73 -2.76 2.84 -2.23
CA GLY A 73 -2.28 3.02 -3.54
C GLY A 73 -1.03 2.24 -3.76
N ARG A 74 -0.74 1.99 -4.99
CA ARG A 74 0.42 1.27 -5.40
C ARG A 74 0.84 1.83 -6.74
N PHE A 75 2.11 2.07 -6.91
CA PHE A 75 2.59 2.68 -8.13
C PHE A 75 4.00 2.24 -8.45
N GLU A 76 4.41 2.56 -9.66
CA GLU A 76 5.72 2.22 -10.16
C GLU A 76 6.63 3.39 -9.90
N LEU A 77 7.86 3.13 -9.60
CA LEU A 77 8.84 4.16 -9.55
C LEU A 77 10.01 3.65 -10.35
N SER A 78 10.16 4.15 -11.52
CA SER A 78 11.17 3.66 -12.41
C SER A 78 11.94 4.80 -13.04
N GLY A 79 13.06 4.48 -13.63
CA GLY A 79 13.89 5.50 -14.22
C GLY A 79 15.01 5.85 -13.30
N ILE A 80 15.08 5.10 -12.20
CA ILE A 80 16.11 5.27 -11.20
C ILE A 80 17.41 4.77 -11.82
N PRO A 81 18.50 5.52 -11.67
CA PRO A 81 19.79 5.09 -12.18
C PRO A 81 20.19 3.76 -11.51
N PRO A 82 20.67 2.77 -12.30
CA PRO A 82 21.12 1.48 -11.77
C PRO A 82 22.40 1.62 -10.92
N ALA A 83 22.27 2.34 -9.84
CA ALA A 83 23.30 2.57 -8.90
C ALA A 83 23.17 1.56 -7.77
N PRO A 84 24.27 1.22 -7.09
CA PRO A 84 24.28 0.26 -5.97
C PRO A 84 23.40 0.66 -4.76
N ARG A 85 23.37 -0.24 -3.79
CA ARG A 85 22.64 -0.08 -2.54
C ARG A 85 23.06 1.16 -1.78
N GLY A 86 22.07 1.90 -1.36
CA GLY A 86 22.29 3.07 -0.57
C GLY A 86 22.82 4.24 -1.34
N VAL A 87 22.63 4.24 -2.63
CA VAL A 87 23.07 5.35 -3.45
C VAL A 87 21.88 6.26 -3.89
N PRO A 88 20.75 5.70 -4.43
CA PRO A 88 19.60 6.52 -4.78
C PRO A 88 18.84 6.98 -3.54
N GLN A 89 18.82 8.27 -3.32
CA GLN A 89 18.12 8.84 -2.19
C GLN A 89 16.69 9.07 -2.61
N ILE A 90 15.79 8.34 -2.03
CA ILE A 90 14.40 8.43 -2.38
C ILE A 90 13.68 9.30 -1.37
N GLU A 91 13.19 10.40 -1.81
CA GLU A 91 12.49 11.31 -0.97
C GLU A 91 11.01 10.95 -0.99
N VAL A 92 10.51 10.48 0.12
CA VAL A 92 9.13 10.09 0.22
C VAL A 92 8.36 11.12 1.00
N THR A 93 7.33 11.62 0.42
CA THR A 93 6.50 12.61 1.02
C THR A 93 5.04 12.16 1.05
N PHE A 94 4.46 12.22 2.23
CA PHE A 94 3.05 11.99 2.42
C PHE A 94 2.41 13.29 2.82
N ASP A 95 1.29 13.58 2.26
CA ASP A 95 0.59 14.82 2.55
C ASP A 95 -0.89 14.55 2.57
N ILE A 96 -1.54 14.94 3.64
CA ILE A 96 -2.98 14.79 3.76
C ILE A 96 -3.55 16.16 4.05
N ASP A 97 -4.50 16.58 3.25
CA ASP A 97 -5.10 17.89 3.42
C ASP A 97 -6.30 17.79 4.39
N ALA A 98 -7.08 18.86 4.50
CA ALA A 98 -8.23 18.89 5.38
C ALA A 98 -9.39 17.99 4.88
N ASN A 99 -9.40 17.66 3.59
CA ASN A 99 -10.43 16.80 3.01
C ASN A 99 -10.07 15.33 3.21
N GLY A 100 -8.79 15.07 3.25
CA GLY A 100 -8.32 13.73 3.39
C GLY A 100 -7.73 13.23 2.11
N ILE A 101 -7.20 14.14 1.33
CA ILE A 101 -6.53 13.81 0.12
C ILE A 101 -5.08 13.52 0.44
N LEU A 102 -4.69 12.30 0.20
CA LEU A 102 -3.35 11.87 0.43
C LEU A 102 -2.53 11.94 -0.84
N ASN A 103 -1.51 12.71 -0.79
CA ASN A 103 -0.58 12.81 -1.86
C ASN A 103 0.67 12.06 -1.49
N VAL A 104 0.83 10.91 -2.09
CA VAL A 104 2.04 10.14 -1.91
C VAL A 104 2.99 10.53 -3.02
N THR A 105 4.14 11.02 -2.67
CA THR A 105 5.13 11.43 -3.64
C THR A 105 6.48 10.76 -3.33
N ALA A 106 7.00 10.03 -4.30
CA ALA A 106 8.30 9.42 -4.18
C ALA A 106 9.21 10.02 -5.24
N THR A 107 10.24 10.69 -4.79
CA THR A 107 11.15 11.38 -5.70
C THR A 107 12.55 10.77 -5.63
N ASP A 108 13.09 10.42 -6.78
CA ASP A 108 14.47 9.99 -6.88
C ASP A 108 15.36 11.18 -6.96
N LYS A 109 16.06 11.45 -5.88
CA LYS A 109 16.94 12.61 -5.84
C LYS A 109 18.15 12.49 -6.75
N SER A 110 18.39 11.30 -7.28
CA SER A 110 19.51 11.08 -8.18
C SER A 110 19.22 11.77 -9.53
N THR A 111 18.10 11.45 -10.12
CA THR A 111 17.65 12.05 -11.36
C THR A 111 16.89 13.34 -11.10
N GLY A 112 15.96 13.27 -10.20
CA GLY A 112 15.08 14.38 -9.94
C GLY A 112 13.68 14.06 -10.42
N LYS A 113 13.48 12.83 -10.88
CA LYS A 113 12.17 12.43 -11.39
C LYS A 113 11.36 11.79 -10.26
N ALA A 114 10.05 11.88 -10.34
CA ALA A 114 9.22 11.42 -9.27
C ALA A 114 7.91 10.87 -9.76
N ASN A 115 7.28 10.13 -8.90
CA ASN A 115 5.95 9.62 -9.12
C ASN A 115 5.12 9.95 -7.92
N LYS A 116 4.01 10.55 -8.16
CA LYS A 116 3.13 10.97 -7.14
C LYS A 116 1.73 10.56 -7.47
N ILE A 117 0.94 10.29 -6.46
CA ILE A 117 -0.45 9.94 -6.64
C ILE A 117 -1.30 10.80 -5.74
N THR A 118 -2.51 11.04 -6.16
CA THR A 118 -3.42 11.84 -5.40
C THR A 118 -4.63 10.96 -5.02
N ILE A 119 -4.78 10.70 -3.75
CA ILE A 119 -5.85 9.86 -3.26
C ILE A 119 -6.84 10.68 -2.44
N THR A 120 -7.97 11.01 -3.02
CA THR A 120 -8.97 11.75 -2.30
C THR A 120 -9.83 10.75 -1.49
N ASN A 121 -9.66 10.80 -0.16
CA ASN A 121 -10.34 9.93 0.81
C ASN A 121 -9.69 8.55 0.88
N ASP A 122 -9.21 8.23 2.06
CA ASP A 122 -8.53 6.97 2.36
C ASP A 122 -9.51 5.81 2.24
N LYS A 123 -10.75 6.09 2.46
CA LYS A 123 -11.81 5.11 2.41
C LYS A 123 -12.37 4.94 1.00
N GLY A 124 -11.55 5.31 0.03
CA GLY A 124 -11.88 5.08 -1.35
C GLY A 124 -11.36 3.71 -1.77
N ARG A 125 -10.93 2.96 -0.78
CA ARG A 125 -10.46 1.62 -0.93
C ARG A 125 -11.20 0.75 0.07
N LEU A 126 -11.43 -0.51 -0.31
CA LEU A 126 -12.10 -1.50 0.54
C LEU A 126 -13.47 -1.01 1.06
N SER A 127 -13.64 -1.04 2.37
CA SER A 127 -14.84 -0.62 3.02
C SER A 127 -14.45 -0.12 4.40
N LYS A 128 -15.29 0.69 4.99
CA LYS A 128 -15.03 1.23 6.32
C LYS A 128 -15.08 0.09 7.33
N GLU A 129 -15.89 -0.92 7.03
CA GLU A 129 -16.06 -2.09 7.89
C GLU A 129 -14.71 -2.83 8.03
N GLU A 130 -14.02 -3.02 6.90
CA GLU A 130 -12.68 -3.62 6.90
C GLU A 130 -11.71 -2.77 7.70
N ILE A 131 -11.74 -1.48 7.47
CA ILE A 131 -10.85 -0.54 8.15
C ILE A 131 -11.06 -0.58 9.67
N GLU A 132 -12.32 -0.61 10.11
CA GLU A 132 -12.65 -0.67 11.53
C GLU A 132 -12.12 -1.95 12.17
N ARG A 133 -12.09 -3.03 11.38
CA ARG A 133 -11.50 -4.29 11.84
C ARG A 133 -10.00 -4.10 12.07
N MET A 134 -9.36 -3.41 11.15
CA MET A 134 -7.91 -3.17 11.19
C MET A 134 -7.57 -2.31 12.37
N VAL A 135 -8.46 -1.39 12.69
CA VAL A 135 -8.34 -0.56 13.89
C VAL A 135 -8.21 -1.47 15.12
N GLN A 136 -9.14 -2.39 15.24
CA GLN A 136 -9.18 -3.30 16.39
C GLN A 136 -7.96 -4.22 16.39
N GLU A 137 -7.71 -4.88 15.27
CA GLU A 137 -6.60 -5.83 15.14
C GLU A 137 -5.25 -5.16 15.40
N ALA A 138 -4.98 -4.05 14.75
CA ALA A 138 -3.68 -3.39 14.86
C ALA A 138 -3.44 -2.80 16.24
N GLU A 139 -4.49 -2.37 16.94
CA GLU A 139 -4.33 -1.86 18.28
C GLU A 139 -4.14 -2.96 19.28
N LYS A 140 -4.81 -4.07 19.05
CA LYS A 140 -4.72 -5.21 19.93
C LYS A 140 -3.33 -5.80 19.80
N TYR A 141 -2.86 -5.92 18.59
CA TYR A 141 -1.55 -6.48 18.30
C TYR A 141 -0.47 -5.42 18.20
N LYS A 142 -0.71 -4.23 18.79
CA LYS A 142 0.29 -3.14 18.74
C LYS A 142 1.64 -3.58 19.24
N ALA A 143 1.69 -4.06 20.47
CA ALA A 143 2.95 -4.48 21.08
C ALA A 143 3.65 -5.55 20.24
N GLU A 144 2.87 -6.51 19.79
CA GLU A 144 3.39 -7.62 19.01
C GLU A 144 3.92 -7.15 17.65
N ASP A 145 3.14 -6.35 16.95
CA ASP A 145 3.53 -5.88 15.63
C ASP A 145 4.63 -4.84 15.67
N GLU A 146 4.61 -3.95 16.68
CA GLU A 146 5.66 -2.93 16.81
C GLU A 146 7.02 -3.57 16.97
N VAL A 147 7.09 -4.63 17.78
CA VAL A 147 8.35 -5.32 17.99
C VAL A 147 8.79 -6.02 16.71
N GLN A 148 7.88 -6.78 16.11
CA GLN A 148 8.20 -7.56 14.92
C GLN A 148 8.57 -6.71 13.71
N ARG A 149 7.83 -5.65 13.48
CA ARG A 149 8.07 -4.77 12.33
C ARG A 149 9.43 -4.13 12.43
N GLU A 150 9.74 -3.59 13.59
CA GLU A 150 10.97 -2.87 13.77
C GLU A 150 12.15 -3.82 13.99
N ARG A 151 11.88 -5.13 13.97
CA ARG A 151 12.95 -6.13 14.00
C ARG A 151 13.44 -6.36 12.58
N VAL A 152 12.52 -6.29 11.64
CA VAL A 152 12.84 -6.49 10.24
C VAL A 152 13.33 -5.16 9.66
N SER A 153 12.69 -4.09 10.08
CA SER A 153 13.06 -2.75 9.68
C SER A 153 14.42 -2.41 10.27
N ALA A 154 15.44 -2.46 9.44
CA ALA A 154 16.78 -2.17 9.88
C ALA A 154 17.20 -0.77 9.45
N LYS A 155 16.63 -0.31 8.36
CA LYS A 155 16.96 0.96 7.80
C LYS A 155 15.82 1.37 6.88
N ASN A 156 15.65 2.66 6.66
CA ASN A 156 14.65 3.15 5.73
C ASN A 156 15.13 2.92 4.31
N ALA A 157 14.85 1.75 3.80
CA ALA A 157 15.27 1.39 2.49
C ALA A 157 14.22 0.52 1.84
N LEU A 158 14.10 0.60 0.54
CA LEU A 158 13.15 -0.20 -0.20
C LEU A 158 13.89 -1.24 -0.99
N GLU A 159 13.30 -2.36 -1.20
CA GLU A 159 13.91 -3.41 -1.96
C GLU A 159 13.20 -3.53 -3.32
N SER A 160 13.87 -4.07 -4.29
CA SER A 160 13.33 -4.18 -5.62
C SER A 160 12.37 -5.37 -5.73
N TYR A 161 11.12 -5.06 -5.96
CA TYR A 161 10.11 -6.05 -6.15
C TYR A 161 9.93 -6.34 -7.59
N ALA A 162 9.56 -7.56 -7.88
CA ALA A 162 9.22 -7.94 -9.21
C ALA A 162 7.75 -7.62 -9.41
N PHE A 163 7.35 -7.42 -10.63
CA PHE A 163 6.00 -7.05 -10.91
C PHE A 163 5.20 -8.30 -11.22
N ASN A 164 4.03 -8.43 -10.62
CA ASN A 164 3.22 -9.60 -10.83
C ASN A 164 2.45 -9.50 -12.13
N MET A 165 2.03 -10.60 -12.63
CA MET A 165 1.28 -10.65 -13.85
C MET A 165 0.08 -11.55 -13.66
N LYS A 166 -0.71 -11.63 -14.67
CA LYS A 166 -1.87 -12.48 -14.70
C LYS A 166 -1.62 -13.48 -15.82
N SER A 167 -2.57 -14.38 -16.04
CA SER A 167 -2.46 -15.37 -17.09
C SER A 167 -2.19 -14.68 -18.44
N ALA A 168 -1.12 -15.09 -19.09
CA ALA A 168 -0.65 -14.43 -20.29
C ALA A 168 -1.38 -14.89 -21.53
N VAL A 169 -2.25 -15.88 -21.38
CA VAL A 169 -3.01 -16.49 -22.48
C VAL A 169 -2.09 -17.42 -23.27
N GLU A 170 -2.35 -18.68 -23.14
CA GLU A 170 -1.48 -19.71 -23.65
C GLU A 170 -1.94 -20.21 -25.01
N ASP A 171 -3.23 -20.27 -25.19
CA ASP A 171 -3.80 -20.86 -26.39
C ASP A 171 -4.66 -19.88 -27.16
N GLU A 172 -4.29 -19.64 -28.40
CA GLU A 172 -5.08 -18.80 -29.29
C GLU A 172 -5.15 -19.43 -30.67
N GLY A 173 -6.19 -20.17 -30.93
CA GLY A 173 -6.40 -20.75 -32.24
C GLY A 173 -6.04 -22.22 -32.29
N LEU A 174 -6.85 -22.99 -33.00
CA LEU A 174 -6.63 -24.41 -33.17
C LEU A 174 -6.58 -24.73 -34.66
N LYS A 175 -5.39 -24.88 -35.17
CA LYS A 175 -5.19 -25.07 -36.60
C LYS A 175 -5.03 -26.55 -36.92
N GLY A 176 -3.97 -27.12 -36.41
CA GLY A 176 -3.62 -28.47 -36.72
C GLY A 176 -2.46 -28.48 -37.69
N LYS A 177 -1.68 -29.51 -37.68
CA LYS A 177 -0.54 -29.56 -38.57
C LYS A 177 -0.84 -30.34 -39.82
N ILE A 178 -1.53 -29.70 -40.75
CA ILE A 178 -1.85 -30.31 -42.02
C ILE A 178 -0.64 -30.19 -42.92
N SER A 179 0.16 -31.20 -42.91
CA SER A 179 1.32 -31.26 -43.74
C SER A 179 1.17 -32.47 -44.68
N GLU A 180 0.59 -33.52 -44.11
CA GLU A 180 0.20 -34.75 -44.77
C GLU A 180 1.35 -35.35 -45.57
N ALA A 181 2.51 -35.42 -44.93
CA ALA A 181 3.69 -35.96 -45.56
C ALA A 181 3.67 -37.48 -45.48
N ASP A 182 2.92 -38.08 -46.38
CA ASP A 182 2.68 -39.53 -46.37
C ASP A 182 3.86 -40.35 -46.90
N LYS A 183 4.35 -40.06 -48.06
CA LYS A 183 5.44 -40.83 -48.65
C LYS A 183 6.77 -40.16 -48.49
N LYS A 184 6.83 -39.17 -47.62
CA LYS A 184 8.08 -38.44 -47.41
C LYS A 184 9.03 -39.21 -46.51
N LYS A 185 8.60 -40.37 -46.09
CA LYS A 185 9.46 -41.28 -45.38
C LYS A 185 10.24 -42.10 -46.44
N VAL A 186 11.11 -41.42 -47.11
CA VAL A 186 11.80 -41.94 -48.26
C VAL A 186 12.92 -42.92 -47.94
N LEU A 187 12.62 -44.18 -48.10
CA LEU A 187 13.63 -45.21 -48.10
C LEU A 187 13.61 -45.85 -49.48
N ASP A 188 14.13 -45.13 -50.46
CA ASP A 188 14.13 -45.64 -51.82
C ASP A 188 15.44 -46.34 -52.06
N LYS A 189 15.36 -47.62 -52.36
CA LYS A 189 16.52 -48.49 -52.52
C LYS A 189 17.37 -48.46 -51.26
N SMC A 190 16.88 -49.12 -50.25
CA SMC A 190 17.53 -49.13 -48.99
CB SMC A 190 16.77 -48.26 -47.98
SG SMC A 190 17.54 -48.16 -46.34
C SMC A 190 17.64 -50.56 -48.48
O SMC A 190 16.61 -51.17 -48.15
H SMC A 190 16.06 -49.65 -50.38
HA SMC A 190 18.53 -48.73 -49.11
HB2 SMC A 190 15.78 -48.67 -47.85
HB3 SMC A 190 16.70 -47.25 -48.37
N GLN A 191 18.83 -51.10 -48.51
CA GLN A 191 19.07 -52.41 -47.97
C GLN A 191 19.08 -52.31 -46.46
N GLU A 192 17.94 -52.62 -45.86
CA GLU A 192 17.75 -52.53 -44.44
C GLU A 192 18.63 -53.52 -43.73
N VAL A 193 18.32 -54.82 -43.94
CA VAL A 193 18.97 -55.99 -43.31
C VAL A 193 18.98 -55.84 -41.76
N ILE A 194 18.01 -55.09 -41.26
CA ILE A 194 17.85 -54.85 -39.85
C ILE A 194 17.09 -56.02 -39.26
N SER A 195 17.81 -57.03 -38.90
CA SER A 195 17.25 -58.19 -38.33
C SER A 195 18.14 -58.74 -37.25
N TRP A 196 17.88 -58.29 -36.05
CA TRP A 196 18.56 -58.74 -34.87
C TRP A 196 17.52 -59.15 -33.87
N LEU A 197 17.13 -60.40 -33.95
CA LEU A 197 16.13 -60.95 -33.11
C LEU A 197 16.37 -62.45 -33.11
N ASP A 198 17.19 -62.90 -32.21
CA ASP A 198 17.52 -64.29 -32.16
C ASP A 198 16.71 -64.99 -31.12
N ALA A 199 15.64 -65.54 -31.58
CA ALA A 199 14.83 -66.41 -30.78
C ALA A 199 15.20 -67.83 -31.16
N ASN A 200 15.70 -67.93 -32.38
CA ASN A 200 16.17 -69.17 -33.01
C ASN A 200 15.04 -70.15 -33.26
N THR A 201 14.58 -70.81 -32.21
CA THR A 201 13.49 -71.75 -32.29
C THR A 201 12.66 -71.64 -31.01
N LEU A 202 11.60 -70.87 -31.06
CA LEU A 202 10.76 -70.69 -29.89
C LEU A 202 9.32 -70.98 -30.18
N ALA A 203 8.96 -72.23 -30.07
CA ALA A 203 7.60 -72.64 -30.10
C ALA A 203 7.11 -72.43 -28.70
N GLU A 204 6.27 -71.46 -28.52
CA GLU A 204 5.88 -71.08 -27.20
C GLU A 204 4.41 -70.75 -27.15
N LYS A 205 3.67 -71.50 -26.40
CA LYS A 205 2.34 -71.13 -26.11
C LYS A 205 2.24 -70.93 -24.62
N ASP A 206 2.36 -69.67 -24.25
CA ASP A 206 2.37 -69.20 -22.86
C ASP A 206 1.05 -69.48 -22.20
N GLU A 207 0.02 -69.60 -23.02
CA GLU A 207 -1.31 -69.91 -22.57
C GLU A 207 -1.45 -71.33 -22.04
N PHE A 208 -0.99 -71.52 -20.83
CA PHE A 208 -1.24 -72.72 -20.11
C PHE A 208 -2.59 -72.50 -19.48
N GLU A 209 -3.61 -73.11 -20.06
CA GLU A 209 -4.97 -72.94 -19.63
C GLU A 209 -5.13 -73.16 -18.15
N HIS A 210 -5.54 -72.13 -17.48
CA HIS A 210 -5.69 -72.16 -16.07
C HIS A 210 -7.11 -72.51 -15.71
N LYS A 211 -7.30 -73.73 -15.27
CA LYS A 211 -8.61 -74.15 -14.80
C LYS A 211 -8.84 -73.46 -13.49
N ARG A 212 -10.02 -72.93 -13.30
CA ARG A 212 -10.27 -72.16 -12.13
C ARG A 212 -11.73 -72.12 -11.80
N LYS A 213 -12.05 -72.37 -10.56
CA LYS A 213 -13.40 -72.19 -10.09
C LYS A 213 -13.37 -71.10 -9.04
N GLU A 214 -14.00 -70.00 -9.35
CA GLU A 214 -13.97 -68.85 -8.50
C GLU A 214 -15.17 -68.81 -7.59
N LEU A 215 -14.92 -68.95 -6.33
CA LEU A 215 -15.96 -68.91 -5.35
C LEU A 215 -15.96 -67.56 -4.70
N GLU A 216 -16.99 -66.79 -4.93
CA GLU A 216 -17.12 -65.48 -4.34
C GLU A 216 -17.70 -65.64 -2.95
N GLN A 217 -18.88 -66.25 -2.91
CA GLN A 217 -19.67 -66.48 -1.69
C GLN A 217 -20.13 -65.17 -1.06
N VAL A 218 -21.12 -65.25 -0.22
CA VAL A 218 -21.60 -64.07 0.46
C VAL A 218 -21.17 -64.12 1.91
N SMC A 219 -21.22 -62.99 2.53
CA SMC A 219 -20.88 -62.85 3.91
CB SMC A 219 -19.42 -62.38 4.07
SG SMC A 219 -19.00 -60.92 3.09
C SMC A 219 -21.86 -61.88 4.54
O SMC A 219 -21.95 -60.73 4.12
H SMC A 219 -21.51 -62.19 2.05
HA SMC A 219 -21.00 -63.82 4.38
HB2 SMC A 219 -18.77 -63.18 3.76
HB3 SMC A 219 -19.23 -62.16 5.10
N ASN A 220 -22.62 -62.35 5.48
CA ASN A 220 -23.62 -61.53 6.14
C ASN A 220 -23.19 -61.24 7.56
N PRO A 221 -22.55 -60.09 7.80
CA PRO A 221 -22.13 -59.69 9.12
C PRO A 221 -23.30 -59.13 9.92
N ILE A 222 -23.60 -59.74 11.04
CA ILE A 222 -24.67 -59.28 11.89
C ILE A 222 -24.14 -58.17 12.80
N ILE A 223 -22.86 -58.30 13.16
CA ILE A 223 -22.06 -57.37 14.01
C ILE A 223 -22.71 -56.98 15.35
N SER A 224 -21.95 -56.20 16.13
CA SER A 224 -22.34 -55.69 17.44
C SER A 224 -22.47 -56.84 18.46
N GLY A 225 -21.35 -57.20 19.04
CA GLY A 225 -21.32 -58.23 20.03
C GLY A 225 -21.02 -57.68 21.39
N LEU A 226 -20.94 -56.37 21.46
CA LEU A 226 -20.70 -55.72 22.72
C LEU A 226 -22.02 -55.44 23.40
N TYR A 227 -22.21 -56.04 24.54
CA TYR A 227 -23.40 -55.81 25.33
C TYR A 227 -23.02 -55.06 26.59
N GLN A 228 -21.71 -54.96 26.79
CA GLN A 228 -21.07 -54.23 27.89
C GLN A 228 -21.26 -54.91 29.26
N GLY A 229 -22.48 -55.03 29.70
CA GLY A 229 -22.75 -55.63 30.98
C GLY A 229 -23.30 -54.61 31.95
N ALA A 230 -23.86 -55.08 33.03
CA ALA A 230 -24.44 -54.21 34.03
C ALA A 230 -23.66 -54.29 35.33
N GLY A 231 -23.74 -53.25 36.13
CA GLY A 231 -23.05 -53.22 37.39
C GLY A 231 -22.89 -51.82 37.90
N GLY A 232 -22.14 -51.67 38.95
CA GLY A 232 -21.88 -50.37 39.53
C GLY A 232 -20.54 -50.35 40.22
N PRO A 233 -19.95 -49.18 40.44
CA PRO A 233 -18.64 -49.06 41.10
C PRO A 233 -18.74 -49.17 42.62
N GLY A 234 -17.63 -49.44 43.26
CA GLY A 234 -17.59 -49.53 44.71
C GLY A 234 -17.25 -48.17 45.31
N PRO A 235 -18.08 -47.61 46.21
CA PRO A 235 -17.83 -46.30 46.82
C PRO A 235 -16.95 -46.37 48.07
N GLY A 236 -16.59 -47.56 48.48
CA GLY A 236 -15.79 -47.74 49.66
C GLY A 236 -16.41 -48.74 50.59
N GLY A 237 -15.80 -48.96 51.72
CA GLY A 237 -16.32 -49.92 52.65
C GLY A 237 -17.18 -49.28 53.71
N PHE A 238 -17.14 -49.82 54.90
CA PHE A 238 -17.90 -49.32 56.01
C PHE A 238 -17.23 -48.08 56.59
N GLY A 239 -15.92 -48.13 56.64
CA GLY A 239 -15.17 -47.03 57.13
C GLY A 239 -14.52 -47.34 58.46
N ALA A 240 -13.21 -47.48 58.45
CA ALA A 240 -12.47 -47.69 59.67
C ALA A 240 -12.15 -46.34 60.27
N GLN A 241 -13.00 -45.91 61.15
CA GLN A 241 -12.93 -44.59 61.71
C GLN A 241 -13.49 -44.58 63.14
N GLY A 242 -12.61 -44.38 64.06
CA GLY A 242 -12.97 -44.35 65.45
C GLY A 242 -11.96 -43.56 66.24
N PRO A 243 -12.35 -42.39 66.76
CA PRO A 243 -11.46 -41.50 67.53
C PRO A 243 -10.70 -42.22 68.64
N LYS A 244 -9.45 -41.90 68.79
CA LYS A 244 -8.63 -42.49 69.80
C LYS A 244 -8.41 -41.49 70.92
N GLY A 245 -9.01 -41.77 72.05
CA GLY A 245 -8.85 -40.90 73.20
C GLY A 245 -7.65 -41.29 74.03
N GLY A 246 -7.27 -42.54 73.93
CA GLY A 246 -6.12 -43.02 74.65
C GLY A 246 -6.51 -43.75 75.90
N SER A 247 -5.57 -44.40 76.53
CA SER A 247 -5.83 -45.12 77.75
C SER A 247 -5.89 -44.10 78.89
N GLY A 248 -7.10 -43.65 79.23
CA GLY A 248 -7.27 -42.66 80.25
C GLY A 248 -7.09 -43.23 81.62
N SER A 249 -6.01 -42.90 82.25
CA SER A 249 -5.70 -43.40 83.55
C SER A 249 -4.84 -42.37 84.25
N GLY A 250 -5.04 -42.22 85.53
CA GLY A 250 -4.28 -41.29 86.29
C GLY A 250 -3.87 -41.86 87.61
N PRO A 251 -2.73 -42.58 87.66
CA PRO A 251 -2.27 -43.21 88.89
C PRO A 251 -1.84 -42.19 89.93
N THR A 252 -2.72 -41.92 90.85
CA THR A 252 -2.44 -41.02 91.92
C THR A 252 -1.79 -41.81 93.05
N ILE A 253 -2.22 -43.07 93.18
CA ILE A 253 -1.72 -44.01 94.18
C ILE A 253 -2.14 -43.61 95.58
N GLU A 254 -3.17 -44.25 96.04
CA GLU A 254 -3.74 -43.95 97.34
C GLU A 254 -3.58 -45.15 98.27
N GLU A 255 -3.05 -46.22 97.74
CA GLU A 255 -2.80 -47.41 98.52
C GLU A 255 -1.31 -47.67 98.56
N VAL A 256 -0.81 -48.07 99.70
CA VAL A 256 0.59 -48.42 99.84
C VAL A 256 0.84 -49.86 99.37
N ASP A 257 1.09 -49.98 98.09
CA ASP A 257 1.29 -51.28 97.47
C ASP A 257 2.76 -51.61 97.42
#